data_4V8K
#
_entry.id   4V8K
#
_cell.length_a   167.159
_cell.length_b   145.429
_cell.length_c   210.528
_cell.angle_alpha   90.00
_cell.angle_beta   108.50
_cell.angle_gamma   90.00
#
_symmetry.space_group_name_H-M   'P 1 21 1'
#
loop_
_entity.id
_entity.type
_entity.pdbx_description
1 polymer 'Photosynthetic reaction center cytochrome c subunit'
2 polymer 'Photosynthetic reaction center L subunit'
3 polymer 'Photosynthetic reaction center M subunit'
4 polymer 'Photosynthetic reaction center H subunit'
5 polymer 'LH1 alpha polypeptide'
6 polymer 'LH1 beta polypeptide'
7 non-polymer 'PROTOPORPHYRIN IX CONTAINING FE'
8 non-polymer 'CALCIUM ION'
9 non-polymer 'BACTERIOCHLOROPHYLL A'
10 non-polymer 'BACTERIOPHEOPHYTIN A'
11 non-polymer Ubiquinone-8
12 non-polymer 'FE (III) ION'
13 non-polymer 'MENAQUINONE 8'
14 non-polymer SPIRILLOXANTHIN
15 non-polymer DI-PALMITOYL-3-SN-PHOSPHATIDYLETHANOLAMINE
16 non-polymer 'PHOSPHATE ION'
17 water water
#
loop_
_entity_poly.entity_id
_entity_poly.type
_entity_poly.pdbx_seq_one_letter_code
_entity_poly.pdbx_strand_id
1 'polypeptide(L)'
;MSPAQQLTLPAVIVVASVMLLGCEGPPPGTEQIGYRGVGMENYYNKRQRALSIQANQPVESLPAADSTGPKASEVYQNVQ
VLKDLSVGEFTRTMVAVTTWVSPKEGCNYCHVPGNWASDDIYTKVVSRRMFELVRAANSDWKAHVAETGVTCYTCHRGNP
VPKYAWVTDPGPKYPSGLKPTGQNYGSKTVAYASLPFDPLTPFLDQANEIRITGNAALAGSNPASLKQAEWTFGLMMNIS
DSLGVGCTFCHNTRAFNDWTQSTPKRTTAWYAIRHVRDINQNYIWPLNDVLPASRKGPYGDPLRVSCMTCHQAVNKPLYG
AQMAKDYPGLYKTAVTQEALAGSAPASEAAPAAATEAAPEAPAQEVPAAEAVPAAAEPGAAEAAGSVEPAPVEEVAPAPA
AQRL
;
AC,BC
2 'polypeptide(L)'
;MAMLSFEKKYRVRGGTLIGGDLFDFWVGPFYVGFFGVVGFCFTLLGVLLIVWGATIGPTGPTSDLQTYNLWRISIAPPDL
SYGLRMAPLTEGGLWQIITICAAGAFISWALREVEICRKLGIGFHVPFAFSFAIGAYLVLVFVRPLLMGAWGHGFPYGIL
SHLDWVSNVGYQFLHFHYNPAHMLAISFFFTNCLALSMHGSLILSVTNPQKGEPVKTSEHENTFFRDIVGYSIGALAIHR
LGLFLALSAAFWSAVCILISGPFWTRGWPEWWNWWLELPLW
;
AL,BL
3 'polypeptide(L)'
;MPEYQNIFTAVQVRAPAYPGVPLPKGNLPRIGRPIFSYWLGKIGDAQIGPIYLGLTGTLSIFFGLVAISIIGFNMLASVH
WDVFQFLKHFFWLGLEPPPPQYGLRIPPLSEGGWWLMAGLFLTLSILLWWVRTYKRAEALGMSQHLSWAFAAAIFFYLVL
GFIRPVMMGSWAKAVPFGIFPHLDWTAAFSIRYGNLYYNPFHMLSIAFLYGSALLFAMHGATILSVSRFGGDREIDQITH
RGTAAERAALFWRWTMGFNVTMESIHRWAWWCAVLTVITAGIGILLSGTVVDNWYLWAVKHGMAPAYPEVVTAVNPYETA
AEVMQ
;
AM,BM
4 'polypeptide(L)'
;MSAGITHYIDAAQITIWAFWLFFFGLIIYLRREDKREGYPLDSDRTERSGGRVKVVGFPDLPDPKTFVLPHNGGTVVAPR
VEAPVAVNATPFSPAPGSPLVPNGDPMLSGFGPAASPDRPKHCDLTFEGLPKIVPMRVAKEFSIAEGDPDPRGMTVVGLD
GEVAGTVSDVWVDRSEPQIRYLEVEVAANKKKVLLPIGFSRFDKKARKVKVDAIKAAHFANVPTLSNPDQVTLYEEDKVC
AYYAGGKLYATAERAGPLL
;
AH,BH
5 'polypeptide(L)' MFTMNANLYKIWLILDPRRVLVSIVAFQIVLGLLIHMIVLSTDLNWLDDNIPVSYQALGKK AA,AD,AF,AI,AK,AO,AQ,AS,AU,AW,AY,A1,A3,A5,A7,A9,BA,BD,BF,BI,BK,BO,BQ,BS,BU,BW,BY,B1,B3,B5,B7,B9
6 'polypeptide(L)' MAEQKSLTGLTDDEAKEFHAIFMQSMYAWFGLVVIAHLLAWLYRPWL AB,AE,AG,AJ,AN,AP,AR,AT,AV,AX,AZ,A2,A4,A6,A8,A0,BB,BE,BG,BJ,BN,BP,BR,BT,BV,BX,BZ,B2,B4,B6,B8,B0
#
# COMPACT_ATOMS: atom_id res chain seq x y z
N SER A 17 -35.76 16.37 -44.14
CA SER A 17 -34.57 15.74 -43.52
C SER A 17 -34.19 16.37 -42.19
N VAL A 18 -35.20 16.73 -41.38
CA VAL A 18 -34.97 17.36 -40.09
C VAL A 18 -36.06 16.97 -39.09
N MET A 19 -35.72 16.96 -37.81
CA MET A 19 -36.64 16.62 -36.72
C MET A 19 -37.75 17.67 -36.56
N LEU A 20 -38.96 17.22 -36.21
CA LEU A 20 -40.09 18.15 -36.07
C LEU A 20 -41.07 17.86 -34.96
N LEU A 21 -41.75 18.93 -34.55
CA LEU A 21 -42.78 18.93 -33.53
C LEU A 21 -44.06 19.40 -34.23
N GLY A 22 -45.11 18.58 -34.13
CA GLY A 22 -46.40 18.90 -34.73
C GLY A 22 -46.68 20.32 -35.19
N CYS A 23 -47.21 20.47 -36.39
CA CYS A 23 -47.51 21.79 -36.93
C CYS A 23 -48.98 22.16 -36.73
N GLU A 24 -49.66 21.47 -35.79
CA GLU A 24 -51.06 21.77 -35.49
C GLU A 24 -51.26 22.03 -34.00
N GLY A 25 -51.83 23.19 -33.67
CA GLY A 25 -52.06 23.52 -32.28
C GLY A 25 -53.22 22.69 -31.74
N PRO A 26 -53.20 22.27 -30.48
CA PRO A 26 -54.26 21.46 -29.85
C PRO A 26 -55.46 22.32 -29.48
N PRO A 27 -56.53 21.71 -28.93
CA PRO A 27 -56.72 20.28 -28.76
C PRO A 27 -57.40 19.72 -29.95
N PRO A 28 -57.14 18.47 -30.28
CA PRO A 28 -57.84 17.98 -31.48
C PRO A 28 -59.16 17.22 -31.23
N GLY A 29 -59.57 16.47 -32.26
CA GLY A 29 -60.79 15.66 -32.22
C GLY A 29 -60.70 14.53 -31.21
N THR A 30 -61.78 13.77 -31.00
CA THR A 30 -61.72 12.74 -29.98
C THR A 30 -62.81 11.71 -30.07
N GLU A 31 -62.64 10.74 -30.95
CA GLU A 31 -63.64 9.70 -31.12
C GLU A 31 -63.18 8.38 -30.47
N GLN A 32 -63.92 7.88 -29.50
CA GLN A 32 -63.55 6.62 -28.86
C GLN A 32 -64.20 5.46 -29.58
N ILE A 33 -63.51 4.95 -30.59
CA ILE A 33 -64.02 3.83 -31.34
C ILE A 33 -64.05 2.56 -30.50
N GLY A 34 -63.03 2.37 -29.65
CA GLY A 34 -62.93 1.17 -28.82
C GLY A 34 -63.23 1.26 -27.31
N TYR A 35 -63.29 0.10 -26.64
CA TYR A 35 -63.57 0.02 -25.20
C TYR A 35 -62.70 0.96 -24.38
N ARG A 36 -63.21 1.51 -23.28
CA ARG A 36 -62.40 2.44 -22.45
C ARG A 36 -60.97 1.95 -22.27
N GLY A 37 -60.04 2.68 -22.90
CA GLY A 37 -58.63 2.33 -22.82
C GLY A 37 -58.22 1.04 -23.49
N VAL A 38 -58.28 1.00 -24.81
CA VAL A 38 -57.84 -0.20 -25.48
C VAL A 38 -57.03 0.12 -26.69
N GLY A 39 -57.32 1.26 -27.31
CA GLY A 39 -56.55 1.66 -28.48
C GLY A 39 -57.23 2.52 -29.51
N MET A 40 -57.98 1.85 -30.41
CA MET A 40 -58.70 2.50 -31.49
C MET A 40 -59.29 3.80 -31.05
N GLU A 41 -58.69 4.90 -31.48
CA GLU A 41 -59.20 6.22 -31.13
C GLU A 41 -59.07 7.05 -32.40
N ASN A 42 -59.65 8.25 -32.40
CA ASN A 42 -59.58 9.10 -33.58
C ASN A 42 -59.43 10.57 -33.30
N TYR A 43 -58.39 11.16 -33.89
CA TYR A 43 -58.08 12.56 -33.66
C TYR A 43 -58.10 13.41 -34.93
N TYR A 44 -58.85 14.51 -34.86
CA TYR A 44 -59.02 15.46 -35.98
C TYR A 44 -58.92 16.93 -35.59
N ASN A 45 -58.26 17.71 -36.43
CA ASN A 45 -58.11 19.13 -36.18
C ASN A 45 -59.43 19.88 -36.42
N LYS A 46 -60.05 20.37 -35.35
CA LYS A 46 -61.31 21.10 -35.48
C LYS A 46 -61.21 22.16 -36.57
N ARG A 47 -60.17 22.99 -36.48
CA ARG A 47 -59.96 24.05 -37.46
C ARG A 47 -60.01 23.54 -38.89
N GLN A 48 -60.06 22.22 -39.08
CA GLN A 48 -60.14 21.74 -40.44
C GLN A 48 -61.50 21.12 -40.61
N ARG A 49 -61.86 20.25 -39.67
CA ARG A 49 -63.16 19.57 -39.67
C ARG A 49 -64.20 20.63 -39.96
N ALA A 50 -63.83 21.86 -39.63
CA ALA A 50 -64.71 22.98 -39.85
C ALA A 50 -64.81 23.29 -41.33
N LEU A 51 -63.79 23.98 -41.83
CA LEU A 51 -63.72 24.34 -43.23
C LEU A 51 -64.27 23.23 -44.09
N SER A 52 -63.66 22.06 -43.97
CA SER A 52 -64.01 20.88 -44.74
C SER A 52 -65.50 20.62 -44.79
N ILE A 53 -66.23 21.13 -43.81
CA ILE A 53 -67.68 20.98 -43.82
C ILE A 53 -68.22 22.22 -44.53
N GLN A 54 -67.92 23.38 -43.98
CA GLN A 54 -68.35 24.65 -44.55
C GLN A 54 -68.01 24.72 -46.03
N ALA A 55 -67.24 23.76 -46.53
CA ALA A 55 -66.88 23.75 -47.93
C ALA A 55 -67.51 22.56 -48.66
N ASN A 56 -67.57 21.42 -48.00
CA ASN A 56 -68.17 20.24 -48.61
C ASN A 56 -69.67 20.32 -48.36
N GLN A 57 -70.30 21.41 -48.82
CA GLN A 57 -71.74 21.60 -48.62
C GLN A 57 -72.57 21.20 -49.83
N PRO A 58 -73.72 20.56 -49.58
CA PRO A 58 -74.67 20.11 -50.60
C PRO A 58 -75.52 21.28 -51.11
N VAL A 59 -75.91 21.22 -52.38
CA VAL A 59 -76.74 22.28 -52.97
C VAL A 59 -78.21 21.87 -52.89
N GLU A 60 -78.96 22.62 -52.10
CA GLU A 60 -80.37 22.38 -51.88
C GLU A 60 -81.09 21.89 -53.14
N SER A 61 -81.90 20.85 -52.99
CA SER A 61 -82.64 20.25 -54.08
C SER A 61 -83.65 21.23 -54.69
N LEU A 62 -84.19 20.86 -55.85
CA LEU A 62 -85.17 21.68 -56.56
C LEU A 62 -86.52 21.69 -55.86
N PRO A 63 -87.35 22.71 -56.14
CA PRO A 63 -88.67 22.79 -55.52
C PRO A 63 -89.51 21.53 -55.77
N ALA A 64 -90.55 21.34 -54.95
CA ALA A 64 -91.42 20.18 -55.06
C ALA A 64 -91.68 19.68 -56.48
N ALA A 65 -92.07 18.42 -56.57
CA ALA A 65 -92.37 17.79 -57.86
C ALA A 65 -93.79 18.10 -58.33
N ASP A 66 -94.08 17.80 -59.58
CA ASP A 66 -95.42 18.06 -60.11
C ASP A 66 -96.40 16.98 -59.67
N SER A 67 -95.97 15.72 -59.73
CA SER A 67 -96.80 14.57 -59.37
C SER A 67 -97.84 14.32 -60.47
N THR A 68 -98.21 15.39 -61.17
CA THR A 68 -99.20 15.36 -62.26
C THR A 68 -98.59 14.94 -63.59
N GLY A 69 -99.44 14.87 -64.62
CA GLY A 69 -98.95 14.48 -65.93
C GLY A 69 -98.94 12.98 -66.19
N PRO A 70 -98.68 12.57 -67.44
CA PRO A 70 -98.63 11.16 -67.83
C PRO A 70 -97.29 10.55 -67.47
N LYS A 71 -96.37 10.53 -68.44
CA LYS A 71 -95.04 9.98 -68.27
C LYS A 71 -94.04 10.82 -69.07
N ALA A 72 -93.09 10.15 -69.71
CA ALA A 72 -92.10 10.85 -70.50
C ALA A 72 -91.65 9.97 -71.65
N SER A 73 -91.79 8.66 -71.48
CA SER A 73 -91.42 7.75 -72.55
C SER A 73 -92.45 8.04 -73.60
N GLU A 74 -93.61 8.51 -73.12
CA GLU A 74 -94.77 8.86 -73.93
C GLU A 74 -94.47 10.09 -74.78
N VAL A 75 -94.60 11.25 -74.14
CA VAL A 75 -94.39 12.52 -74.78
C VAL A 75 -93.05 12.74 -75.50
N TYR A 76 -91.97 12.21 -74.93
CA TYR A 76 -90.63 12.38 -75.52
C TYR A 76 -90.16 11.29 -76.46
N GLN A 77 -89.64 11.73 -77.61
CA GLN A 77 -89.18 10.82 -78.64
C GLN A 77 -88.38 9.66 -78.10
N ASN A 78 -87.40 9.96 -77.25
CA ASN A 78 -86.52 8.95 -76.67
C ASN A 78 -86.04 9.21 -75.25
N VAL A 79 -86.62 8.52 -74.28
CA VAL A 79 -86.28 8.66 -72.88
C VAL A 79 -86.41 7.30 -72.17
N GLN A 80 -85.31 6.54 -72.19
CA GLN A 80 -85.24 5.20 -71.60
C GLN A 80 -84.96 5.17 -70.09
N VAL A 81 -84.05 6.00 -69.63
CA VAL A 81 -83.74 5.96 -68.22
C VAL A 81 -84.85 6.53 -67.37
N LEU A 82 -85.37 7.68 -67.76
CA LEU A 82 -86.43 8.32 -67.00
C LEU A 82 -87.74 8.32 -67.78
N LYS A 83 -88.28 7.13 -68.01
CA LYS A 83 -89.50 6.99 -68.76
C LYS A 83 -90.75 7.09 -67.90
N ASP A 84 -90.70 6.56 -66.69
CA ASP A 84 -91.84 6.58 -65.80
C ASP A 84 -92.15 7.94 -65.16
N LEU A 85 -91.20 8.85 -65.25
CA LEU A 85 -91.38 10.17 -64.65
C LEU A 85 -92.35 11.12 -65.35
N SER A 86 -93.11 11.88 -64.55
CA SER A 86 -94.01 12.86 -65.12
C SER A 86 -93.15 13.93 -65.76
N VAL A 87 -93.59 14.54 -66.85
CA VAL A 87 -92.82 15.59 -67.52
C VAL A 87 -92.10 16.48 -66.50
N GLY A 88 -92.88 17.18 -65.68
CA GLY A 88 -92.28 18.07 -64.67
C GLY A 88 -91.12 17.46 -63.91
N GLU A 89 -91.42 16.40 -63.15
CA GLU A 89 -90.42 15.70 -62.36
C GLU A 89 -89.26 15.44 -63.28
N PHE A 90 -89.54 14.85 -64.43
CA PHE A 90 -88.49 14.57 -65.38
C PHE A 90 -87.67 15.83 -65.65
N THR A 91 -88.31 16.96 -65.85
CA THR A 91 -87.54 18.17 -66.12
C THR A 91 -86.68 18.55 -64.92
N ARG A 92 -87.21 18.40 -63.71
CA ARG A 92 -86.43 18.74 -62.53
C ARG A 92 -85.09 18.09 -62.78
N THR A 93 -85.15 16.80 -63.06
CA THR A 93 -83.98 16.02 -63.33
C THR A 93 -83.03 16.76 -64.27
N MET A 94 -83.45 17.11 -65.47
CA MET A 94 -82.56 17.84 -66.40
C MET A 94 -81.90 19.05 -65.75
N VAL A 95 -82.69 19.82 -65.03
CA VAL A 95 -82.15 21.00 -64.37
C VAL A 95 -81.05 20.56 -63.43
N ALA A 96 -81.41 19.67 -62.51
CA ALA A 96 -80.48 19.12 -61.54
C ALA A 96 -79.29 18.61 -62.29
N VAL A 97 -79.54 17.62 -63.13
CA VAL A 97 -78.51 17.00 -63.93
C VAL A 97 -77.76 18.03 -64.78
N THR A 98 -77.82 19.29 -64.35
CA THR A 98 -77.14 20.38 -65.04
C THR A 98 -76.26 21.11 -64.04
N THR A 99 -76.92 21.59 -63.00
CA THR A 99 -76.26 22.31 -61.92
C THR A 99 -75.29 21.34 -61.20
N TRP A 100 -75.71 20.08 -61.08
CA TRP A 100 -74.88 19.07 -60.49
C TRP A 100 -73.79 18.80 -61.47
N VAL A 101 -74.04 19.02 -62.73
CA VAL A 101 -72.98 18.73 -63.64
C VAL A 101 -72.36 19.93 -64.31
N SER A 102 -72.85 20.44 -65.42
CA SER A 102 -72.12 21.58 -66.01
C SER A 102 -72.83 22.92 -66.11
N PRO A 103 -73.28 23.43 -64.98
CA PRO A 103 -73.99 24.70 -64.95
C PRO A 103 -73.11 25.87 -65.40
N LYS A 104 -72.10 25.59 -66.22
CA LYS A 104 -71.23 26.63 -66.73
C LYS A 104 -71.50 26.69 -68.22
N GLU A 105 -71.77 25.51 -68.77
CA GLU A 105 -72.02 25.32 -70.17
C GLU A 105 -73.50 25.24 -70.52
N GLY A 106 -74.36 25.15 -69.50
CA GLY A 106 -75.79 25.09 -69.73
C GLY A 106 -76.31 23.74 -70.18
N CYS A 107 -77.51 23.71 -70.74
CA CYS A 107 -78.12 22.45 -71.19
C CYS A 107 -77.32 21.87 -72.35
N ASN A 108 -76.96 22.72 -73.29
CA ASN A 108 -76.21 22.29 -74.47
C ASN A 108 -75.07 21.35 -74.17
N TYR A 109 -74.64 21.28 -72.93
CA TYR A 109 -73.52 20.41 -72.60
C TYR A 109 -73.82 18.95 -72.94
N CYS A 110 -75.02 18.50 -72.60
CA CYS A 110 -75.39 17.13 -72.90
C CYS A 110 -76.35 17.10 -74.09
N HIS A 111 -76.65 18.25 -74.69
CA HIS A 111 -77.58 18.28 -75.81
C HIS A 111 -77.06 19.03 -77.03
N VAL A 112 -77.80 18.91 -78.14
CA VAL A 112 -77.48 19.59 -79.41
C VAL A 112 -78.35 20.85 -79.51
N PRO A 113 -77.84 21.90 -80.16
CA PRO A 113 -78.63 23.13 -80.29
C PRO A 113 -80.05 22.88 -80.87
N GLY A 114 -81.03 22.75 -79.97
CA GLY A 114 -82.40 22.48 -80.39
C GLY A 114 -82.70 21.01 -80.14
N ASN A 115 -82.82 20.24 -81.23
CA ASN A 115 -83.09 18.79 -81.20
C ASN A 115 -82.54 18.13 -79.92
N TRP A 116 -83.45 17.85 -79.00
CA TRP A 116 -83.09 17.26 -77.73
C TRP A 116 -83.14 15.73 -77.68
N ALA A 117 -83.68 15.09 -78.70
CA ALA A 117 -83.71 13.65 -78.60
C ALA A 117 -82.45 13.05 -79.17
N SER A 118 -81.57 13.91 -79.67
CA SER A 118 -80.31 13.46 -80.25
C SER A 118 -79.39 12.73 -79.28
N ASP A 119 -78.74 11.69 -79.78
CA ASP A 119 -77.78 10.94 -79.00
C ASP A 119 -76.50 11.04 -79.82
N ASP A 120 -76.23 12.25 -80.32
CA ASP A 120 -75.04 12.55 -81.08
C ASP A 120 -73.99 13.20 -80.17
N ILE A 121 -74.20 13.09 -78.85
CA ILE A 121 -73.24 13.65 -77.91
C ILE A 121 -72.82 12.67 -76.82
N TYR A 122 -71.57 12.20 -76.96
CA TYR A 122 -70.95 11.25 -76.03
C TYR A 122 -71.20 11.65 -74.59
N THR A 123 -71.41 12.95 -74.38
CA THR A 123 -71.66 13.42 -73.04
C THR A 123 -72.97 12.78 -72.66
N LYS A 124 -73.97 12.95 -73.52
CA LYS A 124 -75.28 12.37 -73.23
C LYS A 124 -75.18 10.84 -73.11
N VAL A 125 -74.67 10.18 -74.14
CA VAL A 125 -74.54 8.72 -74.12
C VAL A 125 -74.25 8.24 -72.72
N VAL A 126 -73.13 8.74 -72.20
CA VAL A 126 -72.66 8.39 -70.88
C VAL A 126 -73.63 8.95 -69.87
N SER A 127 -73.94 10.24 -69.94
CA SER A 127 -74.85 10.83 -68.98
C SER A 127 -75.90 9.78 -68.73
N ARG A 128 -76.40 9.25 -69.84
CA ARG A 128 -77.40 8.20 -69.81
C ARG A 128 -76.92 7.17 -68.80
N ARG A 129 -75.80 6.53 -69.14
CA ARG A 129 -75.22 5.51 -68.29
C ARG A 129 -75.08 6.01 -66.86
N MET A 130 -74.60 7.25 -66.68
CA MET A 130 -74.40 7.82 -65.34
C MET A 130 -75.68 7.70 -64.53
N PHE A 131 -76.79 7.68 -65.25
CA PHE A 131 -78.08 7.54 -64.62
C PHE A 131 -78.25 6.09 -64.19
N GLU A 132 -77.92 5.16 -65.07
CA GLU A 132 -78.04 3.76 -64.74
C GLU A 132 -77.06 3.46 -63.63
N LEU A 133 -76.12 4.38 -63.45
CA LEU A 133 -75.10 4.26 -62.44
C LEU A 133 -75.72 4.59 -61.10
N VAL A 134 -75.99 5.87 -60.92
CA VAL A 134 -76.56 6.37 -59.69
C VAL A 134 -77.67 5.53 -59.13
N ARG A 135 -78.78 5.49 -59.84
CA ARG A 135 -79.93 4.72 -59.40
C ARG A 135 -79.49 3.30 -59.00
N ALA A 136 -79.10 2.50 -59.99
CA ALA A 136 -78.65 1.13 -59.76
C ALA A 136 -77.98 1.08 -58.39
N ALA A 137 -77.11 2.06 -58.17
CA ALA A 137 -76.40 2.20 -56.92
C ALA A 137 -77.43 2.48 -55.85
N ASN A 138 -77.90 3.72 -55.81
CA ASN A 138 -78.87 4.14 -54.81
C ASN A 138 -79.88 3.13 -54.39
N SER A 139 -80.13 2.12 -55.21
CA SER A 139 -81.11 1.10 -54.85
C SER A 139 -80.54 -0.27 -54.51
N ASP A 140 -79.58 -0.74 -55.32
CA ASP A 140 -78.99 -2.05 -55.08
C ASP A 140 -77.80 -2.18 -54.12
N TRP A 141 -77.07 -1.10 -53.87
CA TRP A 141 -75.94 -1.17 -52.96
C TRP A 141 -76.23 -0.27 -51.77
N LYS A 142 -77.50 -0.09 -51.43
CA LYS A 142 -77.84 0.76 -50.30
C LYS A 142 -77.11 0.31 -49.03
N ALA A 143 -76.50 -0.87 -49.10
CA ALA A 143 -75.75 -1.40 -47.97
C ALA A 143 -74.47 -0.59 -47.75
N HIS A 144 -74.01 0.11 -48.78
CA HIS A 144 -72.84 0.99 -48.70
C HIS A 144 -73.29 2.44 -48.83
N VAL A 145 -74.12 2.71 -49.84
CA VAL A 145 -74.63 4.05 -50.14
C VAL A 145 -75.76 4.46 -49.21
N ALA A 146 -76.37 3.45 -48.59
CA ALA A 146 -77.48 3.63 -47.67
C ALA A 146 -78.55 4.60 -48.14
N GLU A 147 -79.08 5.36 -47.19
CA GLU A 147 -80.14 6.31 -47.50
C GLU A 147 -79.68 7.64 -48.06
N THR A 148 -78.39 7.92 -47.96
CA THR A 148 -77.91 9.18 -48.50
C THR A 148 -77.79 9.03 -50.00
N GLY A 149 -77.58 7.79 -50.45
CA GLY A 149 -77.43 7.53 -51.87
C GLY A 149 -76.48 8.51 -52.50
N VAL A 150 -76.43 8.56 -53.82
CA VAL A 150 -75.55 9.54 -54.46
C VAL A 150 -76.22 10.31 -55.59
N THR A 151 -75.64 11.44 -55.93
CA THR A 151 -76.14 12.30 -56.97
C THR A 151 -75.01 12.58 -57.92
N CYS A 152 -75.24 13.51 -58.83
CA CYS A 152 -74.25 13.88 -59.80
C CYS A 152 -73.31 14.84 -59.10
N TYR A 153 -73.84 15.55 -58.10
CA TYR A 153 -73.06 16.54 -57.36
C TYR A 153 -71.86 15.91 -56.70
N THR A 154 -72.06 14.67 -56.31
CA THR A 154 -71.04 13.88 -55.67
C THR A 154 -69.76 13.96 -56.49
N CYS A 155 -69.60 13.06 -57.45
CA CYS A 155 -68.37 13.07 -58.21
C CYS A 155 -68.10 14.31 -59.01
N HIS A 156 -69.17 14.99 -59.42
CA HIS A 156 -69.03 16.17 -60.27
C HIS A 156 -69.03 17.49 -59.54
N ARG A 157 -69.40 17.47 -58.27
CA ARG A 157 -69.43 18.67 -57.45
C ARG A 157 -69.27 19.99 -58.21
N GLY A 158 -70.26 20.32 -59.04
CA GLY A 158 -70.21 21.56 -59.80
C GLY A 158 -69.17 21.59 -60.90
N ASN A 159 -68.79 20.41 -61.36
CA ASN A 159 -67.80 20.27 -62.39
C ASN A 159 -68.15 19.12 -63.31
N PRO A 160 -68.04 19.35 -64.62
CA PRO A 160 -68.35 18.34 -65.65
C PRO A 160 -67.50 17.12 -65.46
N VAL A 161 -66.20 17.32 -65.27
CA VAL A 161 -65.24 16.22 -65.08
C VAL A 161 -64.85 16.14 -63.60
N PRO A 162 -65.09 14.98 -62.98
CA PRO A 162 -64.79 14.77 -61.57
C PRO A 162 -63.29 14.88 -61.34
N LYS A 163 -62.91 15.88 -60.55
CA LYS A 163 -61.52 16.16 -60.21
C LYS A 163 -60.90 14.95 -59.50
N TYR A 164 -61.76 13.99 -59.16
CA TYR A 164 -61.33 12.82 -58.42
C TYR A 164 -61.37 11.47 -59.15
N ALA A 165 -60.88 11.42 -60.39
CA ALA A 165 -60.84 10.19 -61.19
C ALA A 165 -59.48 9.52 -61.02
N TRP A 166 -59.16 8.50 -61.81
CA TRP A 166 -57.86 7.85 -61.61
C TRP A 166 -57.36 6.87 -62.64
N VAL A 167 -56.61 7.39 -63.60
CA VAL A 167 -56.05 6.56 -64.64
C VAL A 167 -54.83 5.83 -64.11
N THR A 168 -54.79 4.53 -64.32
CA THR A 168 -53.67 3.69 -63.90
C THR A 168 -52.37 4.50 -63.99
N ASP A 169 -51.79 4.85 -62.84
CA ASP A 169 -50.55 5.63 -62.80
C ASP A 169 -49.41 4.93 -63.55
N PRO A 170 -48.84 5.61 -64.54
CA PRO A 170 -47.75 5.06 -65.34
C PRO A 170 -46.58 4.74 -64.44
N GLY A 171 -46.32 5.67 -63.53
CA GLY A 171 -45.22 5.52 -62.59
C GLY A 171 -44.21 6.60 -62.90
N PRO A 172 -43.11 6.69 -62.14
CA PRO A 172 -42.11 7.72 -62.41
C PRO A 172 -41.22 7.31 -63.58
N LYS A 173 -40.62 8.31 -64.21
CA LYS A 173 -39.77 8.11 -65.37
C LYS A 173 -39.08 6.76 -65.45
N TYR A 174 -38.73 6.36 -66.66
CA TYR A 174 -38.07 5.09 -66.91
C TYR A 174 -36.58 5.19 -67.29
N PRO A 175 -35.70 4.53 -66.52
CA PRO A 175 -34.25 4.56 -66.79
C PRO A 175 -33.82 3.61 -67.90
N SER A 176 -33.60 4.16 -69.09
CA SER A 176 -33.19 3.41 -70.27
C SER A 176 -33.89 2.05 -70.43
N GLY A 177 -35.21 2.08 -70.36
CA GLY A 177 -35.97 0.86 -70.49
C GLY A 177 -35.97 0.04 -69.21
N LEU A 178 -35.41 0.59 -68.16
CA LEU A 178 -35.29 -0.13 -66.90
C LEU A 178 -35.73 0.37 -65.52
N LYS A 179 -37.02 0.27 -65.22
CA LYS A 179 -37.60 0.65 -63.93
C LYS A 179 -38.86 -0.18 -63.59
N PRO A 180 -38.70 -1.49 -63.38
CA PRO A 180 -39.87 -2.29 -63.07
C PRO A 180 -40.56 -2.08 -61.73
N THR A 181 -39.80 -1.91 -60.65
CA THR A 181 -40.40 -1.74 -59.31
C THR A 181 -41.46 -0.65 -59.25
N GLY A 182 -42.57 -0.94 -58.59
CA GLY A 182 -43.64 0.03 -58.47
C GLY A 182 -43.97 0.36 -57.04
N GLN A 183 -42.96 0.37 -56.16
CA GLN A 183 -43.19 0.65 -54.75
C GLN A 183 -42.55 1.99 -54.31
N ASN A 184 -41.24 2.08 -54.49
CA ASN A 184 -40.51 3.25 -54.06
C ASN A 184 -40.72 4.51 -54.86
N TYR A 185 -41.36 5.50 -54.23
CA TYR A 185 -41.57 6.83 -54.82
C TYR A 185 -42.13 7.88 -53.91
N GLY A 186 -43.30 7.66 -53.39
CA GLY A 186 -43.87 8.66 -52.54
C GLY A 186 -44.77 9.38 -53.50
N SER A 187 -46.07 9.24 -53.28
CA SER A 187 -47.10 9.83 -54.11
C SER A 187 -48.41 9.90 -53.32
N LYS A 188 -48.90 11.12 -53.15
CA LYS A 188 -50.12 11.41 -52.42
C LYS A 188 -51.14 10.30 -52.50
N THR A 189 -51.05 9.53 -53.56
CA THR A 189 -51.94 8.41 -53.76
C THR A 189 -52.10 7.64 -52.43
N VAL A 190 -51.00 7.57 -51.69
CA VAL A 190 -50.97 6.82 -50.44
C VAL A 190 -50.63 7.61 -49.16
N ALA A 191 -51.37 8.67 -48.90
CA ALA A 191 -51.12 9.47 -47.72
C ALA A 191 -49.63 9.81 -47.67
N TYR A 192 -48.93 9.47 -48.75
CA TYR A 192 -47.51 9.77 -48.86
C TYR A 192 -46.58 8.75 -48.21
N ALA A 193 -46.01 7.88 -49.05
CA ALA A 193 -45.14 6.83 -48.58
C ALA A 193 -44.63 5.96 -49.71
N SER A 194 -43.46 5.39 -49.53
CA SER A 194 -42.89 4.54 -50.56
C SER A 194 -43.72 3.26 -50.62
N LEU A 195 -44.69 3.26 -51.51
CA LEU A 195 -45.59 2.13 -51.64
C LEU A 195 -45.96 1.88 -53.11
N PRO A 196 -46.86 0.92 -53.37
CA PRO A 196 -47.19 0.69 -54.77
C PRO A 196 -47.52 1.94 -55.57
N PHE A 197 -47.96 2.99 -54.86
CA PHE A 197 -48.40 4.27 -55.45
C PHE A 197 -49.49 4.08 -56.51
N ASP A 198 -50.21 2.97 -56.44
CA ASP A 198 -51.28 2.63 -57.37
C ASP A 198 -51.82 1.25 -57.03
N PRO A 199 -52.39 1.11 -55.84
CA PRO A 199 -52.95 -0.16 -55.41
C PRO A 199 -54.31 -0.30 -56.04
N LEU A 200 -54.84 0.85 -56.49
CA LEU A 200 -56.17 0.99 -57.12
C LEU A 200 -56.40 0.11 -58.32
N THR A 201 -55.70 0.43 -59.39
CA THR A 201 -55.84 -0.32 -60.61
C THR A 201 -55.83 -1.83 -60.40
N PRO A 202 -54.95 -2.34 -59.55
CA PRO A 202 -54.96 -3.80 -59.39
C PRO A 202 -55.95 -4.21 -58.31
N PHE A 203 -56.65 -3.23 -57.76
CA PHE A 203 -57.61 -3.54 -56.73
C PHE A 203 -58.97 -2.97 -57.02
N LEU A 204 -59.08 -1.64 -56.95
CA LEU A 204 -60.33 -0.98 -57.22
C LEU A 204 -60.84 -1.30 -58.63
N ASP A 205 -59.96 -1.27 -59.63
CA ASP A 205 -60.40 -1.61 -60.97
C ASP A 205 -60.57 -3.13 -61.04
N GLN A 206 -59.48 -3.89 -61.11
CA GLN A 206 -59.58 -5.35 -61.12
C GLN A 206 -60.06 -5.79 -59.74
N ALA A 207 -59.65 -6.97 -59.27
CA ALA A 207 -60.12 -7.43 -57.96
C ALA A 207 -59.21 -8.41 -57.22
N ASN A 208 -57.90 -8.12 -57.20
CA ASN A 208 -56.90 -8.96 -56.53
C ASN A 208 -57.22 -9.16 -55.06
N GLU A 209 -57.11 -10.40 -54.59
CA GLU A 209 -57.41 -10.70 -53.19
C GLU A 209 -56.80 -9.67 -52.23
N ILE A 210 -57.48 -9.40 -51.13
CA ILE A 210 -56.96 -8.41 -50.19
C ILE A 210 -56.55 -8.97 -48.85
N ARG A 211 -56.98 -10.19 -48.55
CA ARG A 211 -56.63 -10.77 -47.26
C ARG A 211 -55.21 -11.33 -47.28
N ILE A 212 -54.55 -11.32 -46.12
CA ILE A 212 -53.19 -11.85 -45.99
C ILE A 212 -52.92 -12.49 -44.64
N THR A 213 -53.75 -12.19 -43.64
CA THR A 213 -53.61 -12.76 -42.31
C THR A 213 -53.62 -14.27 -42.43
N GLY A 214 -52.75 -14.94 -41.72
CA GLY A 214 -52.74 -16.39 -41.75
C GLY A 214 -53.93 -16.82 -40.91
N ASN A 215 -54.76 -17.69 -41.47
CA ASN A 215 -55.96 -18.17 -40.76
C ASN A 215 -55.65 -18.93 -39.47
N ALA A 216 -54.56 -19.72 -39.50
CA ALA A 216 -54.15 -20.51 -38.34
C ALA A 216 -52.85 -19.94 -37.75
N ALA A 217 -52.68 -20.12 -36.43
CA ALA A 217 -51.51 -19.63 -35.70
C ALA A 217 -50.19 -20.04 -36.34
N LEU A 218 -50.00 -21.35 -36.46
CA LEU A 218 -48.79 -21.93 -37.03
C LEU A 218 -48.75 -21.76 -38.55
N ALA A 219 -47.71 -22.30 -39.16
CA ALA A 219 -47.55 -22.21 -40.61
C ALA A 219 -48.39 -23.31 -41.25
N GLY A 220 -48.24 -23.45 -42.56
CA GLY A 220 -48.97 -24.47 -43.31
C GLY A 220 -50.35 -24.00 -43.71
N SER A 221 -50.44 -22.73 -44.08
CA SER A 221 -51.70 -22.13 -44.47
C SER A 221 -51.47 -21.01 -45.50
N ASN A 222 -51.53 -19.79 -45.01
CA ASN A 222 -51.36 -18.59 -45.82
C ASN A 222 -49.96 -18.52 -46.43
N PRO A 223 -49.84 -18.76 -47.74
CA PRO A 223 -48.52 -18.70 -48.37
C PRO A 223 -48.34 -17.38 -49.09
N ALA A 224 -49.18 -16.42 -48.75
CA ALA A 224 -49.14 -15.12 -49.40
C ALA A 224 -47.80 -14.39 -49.27
N SER A 225 -47.25 -13.95 -50.40
CA SER A 225 -45.99 -13.21 -50.37
C SER A 225 -46.19 -12.00 -49.47
N LEU A 226 -45.20 -11.71 -48.64
CA LEU A 226 -45.32 -10.55 -47.79
C LEU A 226 -45.68 -9.45 -48.78
N LYS A 227 -44.88 -9.34 -49.86
CA LYS A 227 -45.09 -8.34 -50.90
C LYS A 227 -46.57 -8.12 -51.20
N GLN A 228 -47.34 -9.19 -51.06
CA GLN A 228 -48.78 -9.16 -51.30
C GLN A 228 -49.47 -8.30 -50.26
N ALA A 229 -49.20 -8.57 -48.99
CA ALA A 229 -49.80 -7.74 -47.97
C ALA A 229 -49.14 -6.36 -48.12
N GLU A 230 -47.93 -6.35 -48.68
CA GLU A 230 -47.21 -5.10 -48.89
C GLU A 230 -48.07 -4.20 -49.78
N TRP A 231 -48.91 -4.83 -50.60
CA TRP A 231 -49.79 -4.05 -51.49
C TRP A 231 -51.07 -3.71 -50.79
N THR A 232 -51.65 -4.70 -50.13
CA THR A 232 -52.87 -4.42 -49.39
C THR A 232 -52.66 -3.08 -48.66
N PHE A 233 -51.50 -2.97 -48.01
CA PHE A 233 -51.22 -1.74 -47.27
C PHE A 233 -51.65 -0.54 -48.11
N GLY A 234 -50.79 -0.22 -49.08
CA GLY A 234 -51.01 0.91 -49.97
C GLY A 234 -52.49 1.10 -50.14
N LEU A 235 -53.13 0.10 -50.72
CA LEU A 235 -54.58 0.12 -50.95
C LEU A 235 -55.23 0.75 -49.72
N MET A 236 -55.15 -0.03 -48.66
CA MET A 236 -55.63 0.28 -47.34
C MET A 236 -55.29 1.71 -46.95
N MET A 237 -54.10 2.13 -47.36
CA MET A 237 -53.69 3.46 -47.04
C MET A 237 -54.72 4.35 -47.66
N ASN A 238 -54.70 4.33 -48.99
CA ASN A 238 -55.57 5.13 -49.83
C ASN A 238 -56.99 5.20 -49.30
N ILE A 239 -57.55 4.02 -49.09
CA ILE A 239 -58.88 3.84 -48.55
C ILE A 239 -58.96 4.78 -47.36
N SER A 240 -58.28 4.37 -46.31
CA SER A 240 -58.19 5.08 -45.06
C SER A 240 -58.06 6.57 -45.24
N ASP A 241 -57.38 6.98 -46.30
CA ASP A 241 -57.15 8.38 -46.60
C ASP A 241 -58.35 8.94 -47.27
N SER A 242 -58.83 8.22 -48.29
CA SER A 242 -60.01 8.66 -49.03
C SER A 242 -61.06 9.11 -48.03
N LEU A 243 -61.53 8.20 -47.20
CA LEU A 243 -62.52 8.61 -46.21
C LEU A 243 -61.94 9.57 -45.21
N GLY A 244 -60.65 9.43 -44.93
CA GLY A 244 -59.97 10.28 -43.95
C GLY A 244 -60.10 9.82 -42.50
N VAL A 245 -59.86 8.53 -42.26
CA VAL A 245 -59.94 8.02 -40.91
C VAL A 245 -58.89 6.95 -40.76
N GLY A 246 -58.16 7.00 -39.64
CA GLY A 246 -57.11 6.05 -39.35
C GLY A 246 -57.60 4.62 -39.32
N CYS A 247 -56.71 3.70 -39.67
CA CYS A 247 -57.09 2.30 -39.71
C CYS A 247 -57.79 1.86 -38.44
N THR A 248 -57.73 2.67 -37.40
CA THR A 248 -58.41 2.29 -36.17
C THR A 248 -59.87 2.16 -36.51
N PHE A 249 -60.36 3.19 -37.18
CA PHE A 249 -61.77 3.33 -37.62
C PHE A 249 -62.52 2.05 -38.06
N CYS A 250 -61.93 1.31 -38.99
CA CYS A 250 -62.51 0.08 -39.47
C CYS A 250 -61.81 -1.13 -38.79
N HIS A 251 -60.57 -0.92 -38.34
CA HIS A 251 -59.82 -1.99 -37.72
C HIS A 251 -59.54 -1.91 -36.21
N ASN A 252 -59.14 -3.07 -35.67
CA ASN A 252 -58.79 -3.21 -34.26
C ASN A 252 -57.29 -3.59 -34.29
N THR A 253 -56.57 -2.93 -35.19
CA THR A 253 -55.13 -3.08 -35.34
C THR A 253 -54.58 -4.49 -35.11
N ARG A 254 -54.37 -4.86 -33.84
CA ARG A 254 -53.88 -6.18 -33.50
C ARG A 254 -54.67 -7.21 -34.28
N ALA A 255 -55.92 -6.84 -34.56
CA ALA A 255 -56.87 -7.68 -35.30
C ALA A 255 -57.26 -7.04 -36.65
N PHE A 256 -56.30 -6.95 -37.56
CA PHE A 256 -56.60 -6.37 -38.87
C PHE A 256 -57.51 -7.33 -39.58
N ASN A 257 -57.54 -8.56 -39.10
CA ASN A 257 -58.37 -9.52 -39.74
C ASN A 257 -59.55 -10.03 -38.93
N ASP A 258 -59.37 -10.14 -37.61
CA ASP A 258 -60.46 -10.61 -36.77
C ASP A 258 -61.68 -9.70 -36.87
N TRP A 259 -62.58 -10.04 -37.77
CA TRP A 259 -63.79 -9.24 -37.96
C TRP A 259 -64.50 -9.14 -36.64
N THR A 260 -64.72 -10.28 -36.03
CA THR A 260 -65.39 -10.35 -34.75
C THR A 260 -64.81 -9.26 -33.87
N GLN A 261 -63.68 -8.74 -34.29
CA GLN A 261 -63.03 -7.71 -33.53
C GLN A 261 -63.14 -6.34 -34.19
N SER A 262 -63.23 -6.32 -35.52
CA SER A 262 -63.30 -5.05 -36.24
C SER A 262 -64.49 -4.21 -35.78
N THR A 263 -64.89 -3.26 -36.61
CA THR A 263 -66.03 -2.44 -36.24
C THR A 263 -67.09 -2.52 -37.34
N PRO A 264 -68.31 -2.02 -37.08
CA PRO A 264 -69.31 -2.12 -38.14
C PRO A 264 -68.73 -1.66 -39.46
N LYS A 265 -68.27 -0.42 -39.42
CA LYS A 265 -67.71 0.22 -40.57
C LYS A 265 -67.00 -0.73 -41.51
N ARG A 266 -66.10 -1.54 -41.00
CA ARG A 266 -65.40 -2.44 -41.90
C ARG A 266 -66.29 -3.02 -43.00
N THR A 267 -67.05 -4.07 -42.68
CA THR A 267 -67.95 -4.70 -43.65
C THR A 267 -68.56 -3.64 -44.57
N THR A 268 -69.02 -2.55 -43.97
CA THR A 268 -69.64 -1.47 -44.72
C THR A 268 -68.66 -0.90 -45.73
N ALA A 269 -67.43 -1.37 -45.68
CA ALA A 269 -66.44 -0.90 -46.61
C ALA A 269 -66.19 -2.03 -47.55
N TRP A 270 -66.33 -3.25 -47.04
CA TRP A 270 -66.12 -4.44 -47.83
C TRP A 270 -66.79 -4.26 -49.18
N TYR A 271 -68.12 -4.29 -49.12
CA TYR A 271 -68.98 -4.15 -50.30
C TYR A 271 -68.45 -3.03 -51.16
N ALA A 272 -68.44 -1.83 -50.58
CA ALA A 272 -67.96 -0.65 -51.26
C ALA A 272 -66.79 -0.95 -52.21
N ILE A 273 -65.88 -1.78 -51.73
CA ILE A 273 -64.71 -2.15 -52.50
C ILE A 273 -65.13 -3.13 -53.57
N ARG A 274 -66.40 -3.10 -53.96
CA ARG A 274 -66.89 -4.04 -54.96
C ARG A 274 -67.95 -3.36 -55.76
N HIS A 275 -68.58 -2.40 -55.13
CA HIS A 275 -69.61 -1.63 -55.78
C HIS A 275 -68.82 -0.80 -56.75
N VAL A 276 -67.54 -0.62 -56.41
CA VAL A 276 -66.62 0.14 -57.24
C VAL A 276 -66.14 -0.80 -58.31
N ARG A 277 -65.78 -2.00 -57.90
CA ARG A 277 -65.35 -3.01 -58.85
C ARG A 277 -66.36 -2.84 -59.99
N ASP A 278 -67.62 -2.91 -59.59
CA ASP A 278 -68.79 -2.76 -60.44
C ASP A 278 -68.59 -1.52 -61.28
N ILE A 279 -68.95 -0.39 -60.68
CA ILE A 279 -68.86 0.92 -61.30
C ILE A 279 -67.74 1.10 -62.31
N ASN A 280 -66.58 0.53 -62.01
CA ASN A 280 -65.46 0.70 -62.93
C ASN A 280 -65.55 -0.37 -64.00
N GLN A 281 -65.41 -1.64 -63.60
CA GLN A 281 -65.45 -2.76 -64.55
C GLN A 281 -66.80 -2.96 -65.25
N ASN A 282 -67.75 -2.06 -65.02
CA ASN A 282 -69.05 -2.21 -65.68
C ASN A 282 -69.56 -0.94 -66.33
N TYR A 283 -69.22 0.21 -65.79
CA TYR A 283 -69.74 1.45 -66.35
C TYR A 283 -68.68 2.38 -66.93
N ILE A 284 -67.98 3.10 -66.07
CA ILE A 284 -66.97 4.03 -66.53
C ILE A 284 -65.97 3.40 -67.45
N TRP A 285 -65.87 2.09 -67.38
CA TRP A 285 -64.91 1.41 -68.21
C TRP A 285 -65.38 1.31 -69.66
N PRO A 286 -66.48 0.60 -69.91
CA PRO A 286 -67.01 0.45 -71.27
C PRO A 286 -67.10 1.78 -72.04
N LEU A 287 -67.69 2.77 -71.40
CA LEU A 287 -67.87 4.08 -72.01
C LEU A 287 -66.56 4.76 -72.43
N ASN A 288 -65.47 4.01 -72.54
CA ASN A 288 -64.22 4.64 -72.93
C ASN A 288 -64.26 4.99 -74.42
N ASP A 289 -64.93 4.15 -75.21
CA ASP A 289 -65.04 4.35 -76.64
C ASP A 289 -65.59 5.72 -77.02
N VAL A 290 -66.76 6.05 -76.48
CA VAL A 290 -67.39 7.32 -76.74
C VAL A 290 -66.57 8.47 -76.15
N LEU A 291 -65.71 8.13 -75.18
CA LEU A 291 -64.85 9.11 -74.51
C LEU A 291 -63.61 9.44 -75.31
N PRO A 292 -63.36 10.74 -75.51
CA PRO A 292 -62.20 11.23 -76.26
C PRO A 292 -60.90 10.85 -75.59
N ALA A 293 -59.82 11.54 -75.96
CA ALA A 293 -58.49 11.29 -75.37
C ALA A 293 -58.38 12.02 -74.05
N SER A 294 -58.76 13.29 -74.08
CA SER A 294 -58.71 14.18 -72.92
C SER A 294 -59.32 13.60 -71.68
N ARG A 295 -59.84 12.39 -71.79
CA ARG A 295 -60.43 11.75 -70.63
C ARG A 295 -59.84 10.33 -70.54
N LYS A 296 -58.99 10.03 -71.51
CA LYS A 296 -58.30 8.78 -71.56
C LYS A 296 -56.94 8.94 -70.89
N GLY A 297 -56.40 7.84 -70.38
CA GLY A 297 -55.09 7.89 -69.73
C GLY A 297 -53.97 7.42 -70.65
N PRO A 298 -52.70 7.60 -70.25
CA PRO A 298 -51.55 7.19 -71.05
C PRO A 298 -51.60 5.69 -71.43
N TYR A 299 -51.76 4.81 -70.45
CA TYR A 299 -51.86 3.38 -70.76
C TYR A 299 -53.18 3.15 -71.44
N GLY A 300 -53.76 4.24 -71.94
CA GLY A 300 -55.05 4.18 -72.61
C GLY A 300 -56.14 3.76 -71.65
N ASP A 301 -56.80 4.73 -71.03
CA ASP A 301 -57.84 4.35 -70.12
C ASP A 301 -58.85 5.42 -69.71
N PRO A 302 -59.90 4.99 -68.99
CA PRO A 302 -60.95 5.87 -68.53
C PRO A 302 -60.84 6.26 -67.08
N LEU A 303 -60.83 7.55 -66.80
CA LEU A 303 -60.76 7.96 -65.42
C LEU A 303 -61.85 7.25 -64.63
N ARG A 304 -61.57 6.10 -64.03
CA ARG A 304 -62.57 5.38 -63.26
C ARG A 304 -62.96 6.06 -61.96
N VAL A 305 -63.25 5.24 -60.96
CA VAL A 305 -63.68 5.77 -59.67
C VAL A 305 -63.00 5.35 -58.35
N SER A 306 -62.32 6.28 -57.68
CA SER A 306 -61.74 5.95 -56.38
C SER A 306 -62.73 6.26 -55.28
N CYS A 307 -62.46 5.74 -54.10
CA CYS A 307 -63.34 5.98 -52.98
C CYS A 307 -63.21 7.47 -52.71
N MET A 308 -62.07 8.00 -53.11
CA MET A 308 -61.78 9.40 -52.91
C MET A 308 -62.70 10.21 -53.82
N THR A 309 -62.91 9.70 -55.03
CA THR A 309 -63.71 10.39 -56.01
C THR A 309 -64.98 10.98 -55.40
N CYS A 310 -65.66 10.21 -54.56
CA CYS A 310 -66.87 10.69 -53.92
C CYS A 310 -66.48 11.22 -52.56
N HIS A 311 -66.00 10.32 -51.73
CA HIS A 311 -65.66 10.65 -50.37
C HIS A 311 -64.88 11.93 -50.22
N GLN A 312 -63.86 12.09 -51.04
CA GLN A 312 -63.04 13.30 -51.00
C GLN A 312 -62.56 13.63 -49.56
N ALA A 313 -62.09 12.59 -48.86
CA ALA A 313 -61.61 12.74 -47.51
C ALA A 313 -62.73 13.03 -46.54
N VAL A 314 -63.76 12.18 -46.58
CA VAL A 314 -64.88 12.30 -45.65
C VAL A 314 -65.58 10.97 -45.50
N ASN A 315 -66.34 10.79 -44.43
CA ASN A 315 -66.94 9.49 -44.23
C ASN A 315 -68.24 9.22 -44.91
N LYS A 316 -68.98 10.28 -45.20
CA LYS A 316 -70.30 10.24 -45.89
C LYS A 316 -70.38 11.50 -46.76
N PRO A 317 -69.67 11.50 -47.93
CA PRO A 317 -69.63 12.64 -48.85
C PRO A 317 -70.59 13.74 -48.46
N LEU A 318 -70.01 14.89 -48.15
CA LEU A 318 -70.78 16.03 -47.70
C LEU A 318 -71.35 15.64 -46.34
N TYR A 319 -70.55 14.87 -45.64
CA TYR A 319 -70.88 14.40 -44.31
C TYR A 319 -72.34 14.06 -44.14
N GLY A 320 -72.73 12.96 -44.73
CA GLY A 320 -74.09 12.49 -44.58
C GLY A 320 -75.24 13.21 -45.26
N ALA A 321 -75.05 14.43 -45.74
CA ALA A 321 -76.17 15.10 -46.41
C ALA A 321 -76.64 14.13 -47.48
N GLN A 322 -77.95 13.88 -47.53
CA GLN A 322 -78.52 12.97 -48.53
C GLN A 322 -79.28 13.74 -49.63
N MET A 323 -78.60 14.12 -50.70
CA MET A 323 -79.25 14.83 -51.77
C MET A 323 -80.10 13.86 -52.56
N ALA A 324 -79.48 12.79 -53.05
CA ALA A 324 -80.20 11.81 -53.85
C ALA A 324 -81.61 11.40 -53.36
N LYS A 325 -81.90 11.56 -52.07
CA LYS A 325 -83.21 11.17 -51.57
C LYS A 325 -84.31 12.01 -52.15
N ASP A 326 -84.00 13.25 -52.51
CA ASP A 326 -85.01 14.14 -53.09
C ASP A 326 -85.14 14.02 -54.61
N TYR A 327 -84.84 12.86 -55.16
CA TYR A 327 -84.95 12.64 -56.59
C TYR A 327 -85.32 11.21 -56.90
N PRO A 328 -86.62 10.94 -57.08
CA PRO A 328 -87.22 9.63 -57.37
C PRO A 328 -86.71 8.94 -58.62
N GLY A 329 -86.31 9.72 -59.61
CA GLY A 329 -85.81 9.12 -60.83
C GLY A 329 -84.40 8.58 -60.65
N LEU A 330 -83.89 8.65 -59.43
CA LEU A 330 -82.55 8.16 -59.15
C LEU A 330 -82.57 6.88 -58.35
N TYR A 331 -83.45 5.96 -58.69
CA TYR A 331 -83.55 4.69 -57.97
C TYR A 331 -84.18 3.64 -58.87
N LYS A 332 -83.45 2.56 -59.09
CA LYS A 332 -83.86 1.45 -59.94
C LYS A 332 -85.32 1.01 -59.74
N THR A 333 -86.08 0.99 -60.83
CA THR A 333 -87.50 0.59 -60.78
C THR A 333 -87.83 -0.52 -61.76
N ALA B 2 -27.25 -4.32 7.23
CA ALA B 2 -25.90 -4.77 6.80
C ALA B 2 -25.20 -3.71 5.95
N MET B 3 -23.92 -3.91 5.69
CA MET B 3 -23.15 -2.95 4.89
C MET B 3 -22.13 -3.63 4.00
N LEU B 4 -21.70 -2.92 2.96
CA LEU B 4 -20.71 -3.44 2.04
C LEU B 4 -19.36 -3.50 2.75
N SER B 5 -18.40 -4.17 2.13
CA SER B 5 -17.06 -4.28 2.69
C SER B 5 -16.55 -2.94 3.16
N PHE B 6 -16.86 -1.90 2.40
CA PHE B 6 -16.39 -0.54 2.72
C PHE B 6 -17.50 0.48 2.91
N GLU B 7 -18.74 0.05 2.82
CA GLU B 7 -19.87 0.98 2.99
C GLU B 7 -19.89 1.55 4.41
N LYS B 8 -19.60 0.68 5.36
CA LYS B 8 -19.58 1.02 6.78
C LYS B 8 -18.98 2.40 7.10
N LYS B 9 -18.21 2.95 6.16
CA LYS B 9 -17.55 4.23 6.41
C LYS B 9 -18.07 5.47 5.69
N TYR B 10 -19.23 5.38 5.05
CA TYR B 10 -19.80 6.52 4.32
C TYR B 10 -21.13 7.03 4.86
N ARG B 11 -21.85 6.16 5.53
CA ARG B 11 -23.15 6.47 6.10
C ARG B 11 -23.18 7.66 7.07
N VAL B 12 -22.75 8.82 6.59
CA VAL B 12 -22.73 10.04 7.40
C VAL B 12 -24.12 10.32 7.97
N ARG B 13 -24.30 11.45 8.66
CA ARG B 13 -25.60 11.77 9.22
C ARG B 13 -26.20 12.93 8.41
N GLY B 14 -27.48 12.80 8.06
CA GLY B 14 -28.16 13.83 7.32
C GLY B 14 -27.81 13.90 5.84
N GLY B 15 -27.92 15.11 5.30
CA GLY B 15 -27.65 15.35 3.88
C GLY B 15 -28.96 15.44 3.14
N THR B 16 -30.04 15.19 3.87
CA THR B 16 -31.41 15.20 3.36
C THR B 16 -31.79 16.44 2.57
N LEU B 17 -32.90 16.35 1.84
CA LEU B 17 -33.43 17.44 1.03
C LEU B 17 -34.50 18.21 1.79
N ILE B 18 -35.78 18.00 1.45
CA ILE B 18 -36.85 18.68 2.16
C ILE B 18 -37.09 17.90 3.44
N GLY B 19 -36.27 18.20 4.45
CA GLY B 19 -36.39 17.49 5.71
C GLY B 19 -36.05 16.03 5.48
N GLY B 20 -35.99 15.26 6.56
CA GLY B 20 -35.67 13.85 6.44
C GLY B 20 -34.62 13.45 7.46
N ASP B 21 -34.14 14.42 8.22
CA ASP B 21 -33.13 14.15 9.24
C ASP B 21 -33.79 13.26 10.31
N LEU B 22 -35.05 12.92 10.09
CA LEU B 22 -35.79 12.07 11.00
C LEU B 22 -35.58 10.61 10.66
N PHE B 23 -36.13 10.23 9.51
CA PHE B 23 -36.03 8.86 9.04
C PHE B 23 -34.71 8.68 8.30
N ASP B 24 -33.78 9.59 8.57
CA ASP B 24 -32.45 9.56 7.95
C ASP B 24 -31.67 8.35 8.44
N PHE B 25 -32.01 7.18 7.90
CA PHE B 25 -31.34 5.94 8.27
C PHE B 25 -31.47 4.95 7.14
N TRP B 26 -30.97 3.74 7.36
CA TRP B 26 -31.05 2.71 6.35
C TRP B 26 -31.90 1.54 6.81
N VAL B 27 -32.06 0.58 5.91
CA VAL B 27 -32.80 -0.65 6.14
C VAL B 27 -32.24 -1.56 5.06
N GLY B 28 -31.70 -2.71 5.47
CA GLY B 28 -31.09 -3.57 4.47
C GLY B 28 -30.07 -2.66 3.83
N PRO B 29 -29.91 -2.70 2.52
CA PRO B 29 -28.92 -1.80 1.92
C PRO B 29 -29.51 -0.49 1.37
N PHE B 30 -30.75 -0.18 1.72
CA PHE B 30 -31.41 1.05 1.22
C PHE B 30 -31.51 2.21 2.21
N TYR B 31 -31.22 3.42 1.74
CA TYR B 31 -31.34 4.59 2.58
C TYR B 31 -32.81 4.99 2.50
N VAL B 32 -33.40 5.39 3.61
CA VAL B 32 -34.79 5.80 3.57
C VAL B 32 -34.88 7.30 3.34
N GLY B 33 -34.95 8.08 4.42
CA GLY B 33 -35.04 9.52 4.30
C GLY B 33 -36.47 9.99 4.17
N PHE B 34 -36.65 11.12 3.51
CA PHE B 34 -37.98 11.70 3.30
C PHE B 34 -38.70 11.18 2.04
N PHE B 35 -37.98 10.41 1.24
CA PHE B 35 -38.55 9.89 0.01
C PHE B 35 -38.60 8.37 -0.05
N GLY B 36 -37.68 7.69 0.61
CA GLY B 36 -37.74 6.25 0.59
C GLY B 36 -39.02 5.88 1.30
N VAL B 37 -39.43 6.75 2.21
CA VAL B 37 -40.62 6.55 3.01
C VAL B 37 -41.88 6.57 2.17
N VAL B 38 -42.17 7.75 1.60
CA VAL B 38 -43.35 7.96 0.77
C VAL B 38 -43.48 6.98 -0.38
N GLY B 39 -42.50 6.99 -1.28
CA GLY B 39 -42.53 6.07 -2.42
C GLY B 39 -43.09 4.72 -2.02
N PHE B 40 -42.66 4.22 -0.87
CA PHE B 40 -43.13 2.94 -0.37
C PHE B 40 -44.65 2.94 -0.34
N CYS B 41 -45.21 3.91 0.39
CA CYS B 41 -46.64 4.06 0.52
C CYS B 41 -47.31 3.70 -0.81
N PHE B 42 -47.13 4.58 -1.79
CA PHE B 42 -47.70 4.41 -3.13
C PHE B 42 -47.46 2.99 -3.65
N THR B 43 -46.25 2.50 -3.45
CA THR B 43 -45.89 1.16 -3.90
C THR B 43 -46.96 0.13 -3.57
N LEU B 44 -47.25 -0.07 -2.29
CA LEU B 44 -48.27 -1.05 -1.92
C LEU B 44 -49.66 -0.54 -2.29
N LEU B 45 -49.90 0.75 -2.07
CA LEU B 45 -51.17 1.38 -2.43
C LEU B 45 -51.18 1.49 -3.95
N GLY B 46 -50.65 0.45 -4.58
CA GLY B 46 -50.54 0.39 -6.02
C GLY B 46 -50.26 -1.07 -6.32
N VAL B 47 -49.00 -1.48 -6.15
CA VAL B 47 -48.60 -2.88 -6.38
C VAL B 47 -49.71 -3.81 -5.87
N LEU B 48 -50.43 -3.34 -4.87
CA LEU B 48 -51.51 -4.12 -4.29
C LEU B 48 -52.85 -3.49 -4.65
N LEU B 49 -52.89 -2.16 -4.68
CA LEU B 49 -54.12 -1.47 -5.04
C LEU B 49 -54.52 -2.03 -6.40
N ILE B 50 -53.51 -2.30 -7.22
CA ILE B 50 -53.69 -2.85 -8.55
C ILE B 50 -54.22 -4.27 -8.41
N VAL B 51 -53.74 -4.98 -7.40
CA VAL B 51 -54.19 -6.35 -7.16
C VAL B 51 -55.71 -6.37 -7.15
N TRP B 52 -56.29 -5.36 -6.50
CA TRP B 52 -57.74 -5.22 -6.41
C TRP B 52 -58.23 -5.30 -7.84
N GLY B 53 -57.57 -4.54 -8.71
CA GLY B 53 -57.92 -4.54 -10.11
C GLY B 53 -57.82 -5.94 -10.67
N ALA B 54 -56.68 -6.58 -10.49
CA ALA B 54 -56.49 -7.94 -10.97
C ALA B 54 -57.71 -8.74 -10.53
N THR B 55 -58.13 -8.49 -9.28
CA THR B 55 -59.28 -9.17 -8.70
C THR B 55 -60.55 -8.83 -9.47
N ILE B 56 -60.87 -7.55 -9.53
CA ILE B 56 -62.06 -7.05 -10.21
C ILE B 56 -62.14 -7.50 -11.66
N GLY B 57 -61.17 -7.07 -12.48
CA GLY B 57 -61.18 -7.45 -13.88
C GLY B 57 -62.08 -6.62 -14.76
N PRO B 58 -62.42 -7.10 -15.96
CA PRO B 58 -63.29 -6.42 -16.93
C PRO B 58 -64.69 -6.16 -16.39
N THR B 59 -65.60 -7.08 -16.67
CA THR B 59 -66.98 -6.96 -16.20
C THR B 59 -66.95 -6.80 -14.69
N GLY B 60 -66.68 -7.91 -14.01
CA GLY B 60 -66.61 -7.91 -12.56
C GLY B 60 -65.65 -9.00 -12.12
N PRO B 61 -65.44 -9.18 -10.80
CA PRO B 61 -64.52 -10.21 -10.32
C PRO B 61 -65.03 -11.61 -10.64
N THR B 62 -66.23 -11.67 -11.21
CA THR B 62 -66.86 -12.94 -11.57
C THR B 62 -66.78 -13.27 -13.07
N SER B 63 -66.91 -12.26 -13.91
CA SER B 63 -66.87 -12.44 -15.35
C SER B 63 -65.78 -13.41 -15.78
N ASP B 64 -66.12 -14.35 -16.65
CA ASP B 64 -65.15 -15.31 -17.16
C ASP B 64 -64.01 -14.53 -17.82
N LEU B 65 -64.28 -13.25 -18.06
CA LEU B 65 -63.30 -12.36 -18.68
C LEU B 65 -62.19 -12.05 -17.69
N GLN B 66 -62.58 -11.85 -16.44
CA GLN B 66 -61.64 -11.55 -15.35
C GLN B 66 -60.72 -12.73 -15.06
N THR B 67 -59.42 -12.53 -15.23
CA THR B 67 -58.43 -13.58 -15.00
C THR B 67 -57.27 -13.13 -14.10
N TYR B 68 -56.31 -14.04 -13.91
CA TYR B 68 -55.14 -13.78 -13.07
C TYR B 68 -53.85 -14.23 -13.75
N ASN B 69 -53.71 -13.88 -15.02
CA ASN B 69 -52.53 -14.22 -15.80
C ASN B 69 -51.88 -12.92 -16.26
N LEU B 70 -50.72 -12.61 -15.70
CA LEU B 70 -50.01 -11.39 -16.06
C LEU B 70 -50.24 -11.08 -17.53
N TRP B 71 -50.01 -12.09 -18.36
CA TRP B 71 -50.17 -11.94 -19.80
C TRP B 71 -51.47 -11.22 -20.20
N ARG B 72 -52.51 -11.39 -19.39
CA ARG B 72 -53.78 -10.75 -19.68
C ARG B 72 -54.14 -9.63 -18.72
N ILE B 73 -54.02 -9.89 -17.41
CA ILE B 73 -54.35 -8.87 -16.42
C ILE B 73 -53.88 -7.49 -16.88
N SER B 74 -54.77 -6.51 -16.73
CA SER B 74 -54.49 -5.14 -17.13
C SER B 74 -55.56 -4.19 -16.59
N ILE B 75 -55.14 -3.05 -16.07
CA ILE B 75 -56.07 -2.05 -15.55
C ILE B 75 -56.30 -1.07 -16.69
N ALA B 76 -57.56 -0.93 -17.09
CA ALA B 76 -57.94 -0.03 -18.20
C ALA B 76 -58.36 1.35 -17.72
N PRO B 77 -57.89 2.38 -18.41
CA PRO B 77 -58.21 3.77 -18.07
C PRO B 77 -59.69 4.05 -18.32
N PRO B 78 -60.21 5.14 -17.74
CA PRO B 78 -61.62 5.44 -17.97
C PRO B 78 -61.92 5.83 -19.42
N ASP B 79 -63.20 5.82 -19.78
CA ASP B 79 -63.63 6.18 -21.12
C ASP B 79 -63.35 7.67 -21.35
N LEU B 80 -63.16 8.04 -22.61
CA LEU B 80 -62.88 9.43 -22.95
C LEU B 80 -63.99 10.29 -22.37
N SER B 81 -65.12 9.66 -22.07
CA SER B 81 -66.28 10.31 -21.49
C SER B 81 -65.81 11.31 -20.42
N TYR B 82 -65.57 10.79 -19.22
CA TYR B 82 -65.08 11.64 -18.13
C TYR B 82 -63.76 12.18 -18.67
N GLY B 83 -63.79 13.42 -19.16
CA GLY B 83 -62.59 14.02 -19.72
C GLY B 83 -61.42 14.20 -18.78
N LEU B 84 -61.44 15.29 -18.02
CA LEU B 84 -60.39 15.59 -17.07
C LEU B 84 -61.04 15.55 -15.69
N ARG B 85 -61.59 14.40 -15.35
CA ARG B 85 -62.27 14.25 -14.07
C ARG B 85 -62.11 12.84 -13.49
N MET B 86 -62.17 12.75 -12.17
CA MET B 86 -62.06 11.48 -11.48
C MET B 86 -63.17 10.54 -11.93
N ALA B 87 -62.77 9.42 -12.53
CA ALA B 87 -63.72 8.42 -12.99
C ALA B 87 -63.97 7.40 -11.90
N PRO B 88 -65.08 6.63 -12.01
CA PRO B 88 -65.40 5.62 -11.01
C PRO B 88 -64.36 4.52 -11.08
N LEU B 89 -63.63 4.33 -9.98
CA LEU B 89 -62.58 3.32 -9.89
C LEU B 89 -62.88 2.15 -10.82
N THR B 90 -64.06 1.57 -10.65
CA THR B 90 -64.52 0.45 -11.44
C THR B 90 -64.48 0.73 -12.95
N GLU B 91 -64.88 1.94 -13.31
CA GLU B 91 -64.94 2.39 -14.70
C GLU B 91 -63.67 3.08 -15.19
N GLY B 92 -62.91 3.66 -14.26
CA GLY B 92 -61.70 4.35 -14.65
C GLY B 92 -60.81 4.82 -13.51
N GLY B 93 -61.41 5.61 -12.60
CA GLY B 93 -60.68 6.12 -11.44
C GLY B 93 -59.58 5.23 -10.90
N LEU B 94 -59.93 4.01 -10.52
CA LEU B 94 -58.93 3.08 -9.98
C LEU B 94 -57.66 3.20 -10.80
N TRP B 95 -57.80 3.07 -12.12
CA TRP B 95 -56.66 3.20 -13.02
C TRP B 95 -55.96 4.51 -12.65
N GLN B 96 -56.73 5.60 -12.67
CA GLN B 96 -56.21 6.91 -12.33
C GLN B 96 -55.47 6.83 -11.00
N ILE B 97 -56.16 6.28 -10.00
CA ILE B 97 -55.59 6.14 -8.67
C ILE B 97 -54.19 5.55 -8.75
N ILE B 98 -54.09 4.33 -9.28
CA ILE B 98 -52.79 3.72 -9.43
C ILE B 98 -51.86 4.78 -10.02
N THR B 99 -52.14 5.17 -11.26
CA THR B 99 -51.32 6.18 -11.94
C THR B 99 -51.02 7.34 -11.00
N ILE B 100 -52.01 7.72 -10.21
CA ILE B 100 -51.82 8.81 -9.27
C ILE B 100 -50.55 8.50 -8.52
N CYS B 101 -50.56 7.36 -7.83
CA CYS B 101 -49.42 6.89 -7.04
C CYS B 101 -48.13 6.84 -7.84
N ALA B 102 -48.03 5.86 -8.73
CA ALA B 102 -46.86 5.67 -9.59
C ALA B 102 -46.13 6.97 -9.90
N ALA B 103 -46.89 8.05 -10.04
CA ALA B 103 -46.28 9.34 -10.33
C ALA B 103 -45.30 9.66 -9.21
N GLY B 104 -45.83 9.76 -7.99
CA GLY B 104 -45.01 10.07 -6.83
C GLY B 104 -43.93 9.03 -6.58
N ALA B 105 -44.29 7.76 -6.67
CA ALA B 105 -43.34 6.68 -6.46
C ALA B 105 -42.08 6.87 -7.31
N PHE B 106 -42.18 7.63 -8.39
CA PHE B 106 -41.02 7.87 -9.24
C PHE B 106 -40.49 9.26 -8.95
N ILE B 107 -41.32 10.05 -8.28
CA ILE B 107 -40.94 11.40 -7.91
C ILE B 107 -40.20 11.35 -6.58
N SER B 108 -40.56 10.35 -5.78
CA SER B 108 -39.92 10.15 -4.48
C SER B 108 -38.57 9.51 -4.77
N TRP B 109 -38.60 8.24 -5.15
CA TRP B 109 -37.40 7.50 -5.47
C TRP B 109 -36.46 8.38 -6.29
N ALA B 110 -37.03 9.25 -7.10
CA ALA B 110 -36.23 10.16 -7.89
C ALA B 110 -35.50 11.08 -6.93
N LEU B 111 -36.27 11.76 -6.09
CA LEU B 111 -35.69 12.67 -5.13
C LEU B 111 -34.79 11.92 -4.15
N ARG B 112 -35.31 10.82 -3.62
CA ARG B 112 -34.54 10.02 -2.68
C ARG B 112 -33.15 9.85 -3.27
N GLU B 113 -33.10 9.60 -4.57
CA GLU B 113 -31.82 9.44 -5.26
C GLU B 113 -30.95 10.63 -4.93
N VAL B 114 -31.56 11.82 -5.01
CA VAL B 114 -30.86 13.06 -4.73
C VAL B 114 -30.24 13.09 -3.34
N GLU B 115 -31.06 12.88 -2.30
CA GLU B 115 -30.54 12.88 -0.93
C GLU B 115 -29.29 12.01 -0.93
N ILE B 116 -29.41 10.80 -1.47
CA ILE B 116 -28.28 9.90 -1.57
C ILE B 116 -27.13 10.63 -2.26
N CYS B 117 -27.32 10.94 -3.54
CA CYS B 117 -26.30 11.65 -4.30
C CYS B 117 -25.58 12.66 -3.41
N ARG B 118 -26.31 13.20 -2.43
CA ARG B 118 -25.72 14.16 -1.51
C ARG B 118 -24.84 13.44 -0.49
N LYS B 119 -25.46 12.55 0.29
CA LYS B 119 -24.71 11.79 1.29
C LYS B 119 -23.37 11.38 0.71
N LEU B 120 -23.41 10.48 -0.26
CA LEU B 120 -22.19 10.00 -0.90
C LEU B 120 -21.41 11.09 -1.63
N GLY B 121 -21.65 12.35 -1.25
CA GLY B 121 -20.95 13.48 -1.86
C GLY B 121 -20.46 13.18 -3.27
N ILE B 122 -21.40 12.91 -4.16
CA ILE B 122 -21.10 12.59 -5.56
C ILE B 122 -21.70 13.59 -6.54
N GLY B 123 -21.73 13.19 -7.81
CA GLY B 123 -22.31 14.02 -8.84
C GLY B 123 -23.78 13.61 -8.92
N PHE B 124 -24.62 14.43 -9.54
CA PHE B 124 -26.03 14.10 -9.62
C PHE B 124 -26.53 13.64 -11.00
N HIS B 125 -25.61 13.49 -11.95
CA HIS B 125 -25.97 13.06 -13.29
C HIS B 125 -27.04 11.97 -13.28
N VAL B 126 -26.97 11.06 -12.30
CA VAL B 126 -27.93 9.97 -12.22
C VAL B 126 -29.38 10.46 -12.17
N PRO B 127 -29.83 11.04 -11.03
CA PRO B 127 -31.22 11.50 -10.99
C PRO B 127 -31.63 12.35 -12.21
N PHE B 128 -30.94 13.47 -12.40
CA PHE B 128 -31.20 14.36 -13.53
C PHE B 128 -31.52 13.50 -14.75
N ALA B 129 -30.75 12.44 -14.95
CA ALA B 129 -31.02 11.56 -16.06
C ALA B 129 -32.38 10.96 -15.81
N PHE B 130 -32.48 10.14 -14.77
CA PHE B 130 -33.73 9.48 -14.41
C PHE B 130 -34.96 10.36 -14.63
N SER B 131 -34.85 11.65 -14.32
CA SER B 131 -35.97 12.54 -14.53
C SER B 131 -36.52 12.45 -15.94
N PHE B 132 -35.65 12.63 -16.94
CA PHE B 132 -36.13 12.53 -18.31
C PHE B 132 -37.04 11.32 -18.34
N ALA B 133 -36.45 10.15 -18.14
CA ALA B 133 -37.21 8.90 -18.12
C ALA B 133 -38.49 9.07 -17.31
N ILE B 134 -38.41 9.81 -16.22
CA ILE B 134 -39.59 10.06 -15.42
C ILE B 134 -40.56 10.81 -16.31
N GLY B 135 -40.14 12.01 -16.71
CA GLY B 135 -40.95 12.86 -17.58
C GLY B 135 -41.62 12.17 -18.75
N ALA B 136 -40.84 11.48 -19.57
CA ALA B 136 -41.37 10.77 -20.70
C ALA B 136 -42.57 9.93 -20.30
N TYR B 137 -42.72 9.67 -19.00
CA TYR B 137 -43.84 8.88 -18.53
C TYR B 137 -45.03 9.77 -18.28
N LEU B 138 -44.78 11.05 -18.06
CA LEU B 138 -45.83 12.02 -17.82
C LEU B 138 -46.35 12.50 -19.19
N VAL B 139 -45.44 12.93 -20.04
CA VAL B 139 -45.80 13.40 -21.37
C VAL B 139 -46.23 12.19 -22.20
N LEU B 140 -46.79 11.19 -21.55
CA LEU B 140 -47.26 10.00 -22.23
C LEU B 140 -48.29 9.36 -21.33
N VAL B 141 -49.03 10.23 -20.66
CA VAL B 141 -50.11 9.84 -19.76
C VAL B 141 -50.53 11.08 -18.99
N PHE B 142 -50.04 12.23 -19.43
CA PHE B 142 -50.38 13.51 -18.82
C PHE B 142 -50.30 14.69 -19.78
N VAL B 143 -49.08 15.11 -20.12
CA VAL B 143 -48.92 16.24 -21.03
C VAL B 143 -49.77 16.07 -22.28
N ARG B 144 -49.89 14.83 -22.75
CA ARG B 144 -50.68 14.55 -23.93
C ARG B 144 -52.17 14.53 -23.55
N PRO B 145 -52.62 13.49 -22.84
CA PRO B 145 -54.04 13.44 -22.46
C PRO B 145 -54.68 14.76 -22.04
N LEU B 146 -53.89 15.72 -21.56
CA LEU B 146 -54.45 17.01 -21.18
C LEU B 146 -54.88 17.70 -22.47
N LEU B 147 -53.94 17.82 -23.40
CA LEU B 147 -54.21 18.43 -24.70
C LEU B 147 -55.03 17.44 -25.52
N MET B 148 -55.96 16.79 -24.85
CA MET B 148 -56.86 15.80 -25.43
C MET B 148 -58.02 15.73 -24.45
N GLY B 149 -58.01 16.66 -23.51
CA GLY B 149 -59.04 16.77 -22.50
C GLY B 149 -59.46 15.46 -21.84
N ALA B 150 -58.65 14.42 -21.93
CA ALA B 150 -59.06 13.16 -21.32
C ALA B 150 -57.98 12.37 -20.58
N TRP B 151 -58.21 12.11 -19.30
CA TRP B 151 -57.33 11.30 -18.48
C TRP B 151 -57.39 9.87 -19.00
N GLY B 152 -58.61 9.35 -19.10
CA GLY B 152 -58.84 8.02 -19.67
C GLY B 152 -58.28 7.96 -21.06
N HIS B 153 -57.78 9.08 -21.56
CA HIS B 153 -57.24 9.13 -22.93
C HIS B 153 -55.77 8.68 -22.98
N GLY B 154 -55.19 8.42 -21.79
CA GLY B 154 -53.83 7.89 -21.66
C GLY B 154 -53.69 6.46 -22.10
N PHE B 155 -52.92 5.66 -21.36
CA PHE B 155 -52.73 4.26 -21.73
C PHE B 155 -53.04 3.36 -20.54
N PRO B 156 -53.05 2.04 -20.75
CA PRO B 156 -53.36 1.07 -19.68
C PRO B 156 -52.16 0.69 -18.83
N TYR B 157 -52.35 -0.40 -18.11
CA TYR B 157 -51.33 -0.99 -17.25
C TYR B 157 -51.49 -2.49 -17.45
N GLY B 158 -51.12 -2.95 -18.64
CA GLY B 158 -51.22 -4.36 -18.95
C GLY B 158 -49.89 -4.97 -19.34
N ILE B 159 -49.54 -6.03 -18.63
CA ILE B 159 -48.30 -6.77 -18.84
C ILE B 159 -47.88 -6.80 -20.30
N LEU B 160 -48.87 -6.90 -21.18
CA LEU B 160 -48.62 -6.91 -22.62
C LEU B 160 -49.79 -6.15 -23.23
N SER B 161 -50.85 -6.06 -22.43
CA SER B 161 -52.05 -5.37 -22.83
C SER B 161 -51.71 -3.94 -23.29
N HIS B 162 -50.84 -3.28 -22.54
CA HIS B 162 -50.44 -1.93 -22.89
C HIS B 162 -49.79 -1.89 -24.28
N LEU B 163 -49.52 -3.06 -24.85
CA LEU B 163 -48.91 -3.13 -26.18
C LEU B 163 -49.84 -2.56 -27.23
N ASP B 164 -51.02 -3.18 -27.35
CA ASP B 164 -52.01 -2.77 -28.32
C ASP B 164 -52.26 -1.27 -28.22
N TRP B 165 -52.51 -0.79 -27.00
CA TRP B 165 -52.76 0.62 -26.78
C TRP B 165 -51.88 1.45 -27.67
N VAL B 166 -50.69 0.94 -27.95
CA VAL B 166 -49.78 1.65 -28.83
C VAL B 166 -50.17 1.27 -30.24
N SER B 167 -50.34 -0.03 -30.48
CA SER B 167 -50.70 -0.57 -31.78
C SER B 167 -51.72 0.33 -32.46
N ASN B 168 -52.76 0.68 -31.71
CA ASN B 168 -53.81 1.54 -32.20
C ASN B 168 -53.32 2.97 -32.37
N VAL B 169 -53.25 3.70 -31.27
CA VAL B 169 -52.79 5.08 -31.29
C VAL B 169 -51.65 5.27 -32.26
N GLY B 170 -50.96 4.18 -32.56
CA GLY B 170 -49.87 4.26 -33.49
C GLY B 170 -50.35 4.28 -34.91
N TYR B 171 -51.29 3.39 -35.23
CA TYR B 171 -51.86 3.30 -36.58
C TYR B 171 -52.78 4.46 -36.86
N GLN B 172 -53.25 5.11 -35.79
CA GLN B 172 -54.13 6.26 -35.90
C GLN B 172 -53.54 7.27 -36.86
N PHE B 173 -52.34 6.99 -37.36
CA PHE B 173 -51.66 7.86 -38.29
C PHE B 173 -51.07 7.01 -39.39
N LEU B 174 -51.59 5.78 -39.47
CA LEU B 174 -51.18 4.79 -40.48
C LEU B 174 -49.74 4.27 -40.34
N HIS B 175 -48.80 4.90 -41.02
CA HIS B 175 -47.41 4.47 -40.97
C HIS B 175 -46.65 5.31 -39.94
N PHE B 176 -47.01 5.16 -38.66
CA PHE B 176 -46.40 5.91 -37.55
C PHE B 176 -44.90 6.10 -37.76
N HIS B 177 -44.31 5.10 -38.40
CA HIS B 177 -42.91 5.04 -38.72
C HIS B 177 -42.30 6.31 -39.32
N TYR B 178 -43.08 7.04 -40.11
CA TYR B 178 -42.53 8.24 -40.74
C TYR B 178 -42.53 9.47 -39.84
N ASN B 179 -43.01 9.29 -38.61
CA ASN B 179 -43.01 10.40 -37.67
C ASN B 179 -41.55 10.84 -37.58
N PRO B 180 -41.27 12.10 -37.87
CA PRO B 180 -39.88 12.58 -37.81
C PRO B 180 -39.19 12.18 -36.50
N ALA B 181 -39.84 12.45 -35.38
CA ALA B 181 -39.29 12.09 -34.08
C ALA B 181 -39.02 10.60 -34.02
N HIS B 182 -40.10 9.81 -33.95
CA HIS B 182 -39.99 8.36 -33.87
C HIS B 182 -38.83 7.84 -34.65
N MET B 183 -38.49 8.51 -35.74
CA MET B 183 -37.35 8.07 -36.53
C MET B 183 -36.09 8.28 -35.70
N LEU B 184 -35.78 9.53 -35.38
CA LEU B 184 -34.61 9.85 -34.55
C LEU B 184 -34.68 9.12 -33.22
N ALA B 185 -35.67 9.48 -32.40
CA ALA B 185 -35.84 8.84 -31.11
C ALA B 185 -35.55 7.36 -31.26
N ILE B 186 -35.97 6.75 -32.36
CA ILE B 186 -35.67 5.33 -32.53
C ILE B 186 -34.16 5.21 -32.72
N SER B 187 -33.66 5.92 -33.72
CA SER B 187 -32.24 5.91 -34.03
C SER B 187 -31.36 5.93 -32.79
N PHE B 188 -31.72 6.77 -31.82
CA PHE B 188 -30.96 6.86 -30.58
C PHE B 188 -31.03 5.53 -29.84
N PHE B 189 -32.24 5.12 -29.44
CA PHE B 189 -32.41 3.86 -28.74
C PHE B 189 -31.67 2.73 -29.44
N PHE B 190 -31.02 3.07 -30.55
CA PHE B 190 -30.23 2.14 -31.32
C PHE B 190 -28.76 2.47 -31.13
N THR B 191 -28.38 3.68 -31.54
CA THR B 191 -27.01 4.11 -31.39
C THR B 191 -26.57 3.76 -29.98
N ASN B 192 -27.40 4.07 -28.99
CA ASN B 192 -27.10 3.73 -27.60
C ASN B 192 -26.76 2.26 -27.54
N CYS B 193 -27.68 1.43 -28.01
CA CYS B 193 -27.47 -0.01 -27.99
C CYS B 193 -26.37 -0.48 -28.94
N LEU B 194 -25.47 0.43 -29.30
CA LEU B 194 -24.34 0.07 -30.16
C LEU B 194 -23.11 0.49 -29.37
N ALA B 195 -23.00 1.78 -29.08
CA ALA B 195 -21.87 2.29 -28.30
C ALA B 195 -21.79 1.43 -27.05
N LEU B 196 -22.90 1.32 -26.33
CA LEU B 196 -22.91 0.49 -25.13
C LEU B 196 -22.31 -0.87 -25.47
N SER B 197 -22.81 -1.51 -26.53
CA SER B 197 -22.29 -2.81 -26.92
C SER B 197 -20.85 -2.69 -27.39
N MET B 198 -20.22 -1.57 -27.08
CA MET B 198 -18.83 -1.37 -27.44
C MET B 198 -18.04 -1.07 -26.18
N HIS B 199 -18.41 0.01 -25.49
CA HIS B 199 -17.71 0.37 -24.26
C HIS B 199 -17.71 -0.86 -23.39
N GLY B 200 -18.83 -1.12 -22.72
CA GLY B 200 -18.94 -2.29 -21.86
C GLY B 200 -18.25 -3.52 -22.42
N SER B 201 -17.96 -3.52 -23.71
CA SER B 201 -17.27 -4.63 -24.35
C SER B 201 -15.78 -4.37 -24.20
N LEU B 202 -15.30 -3.32 -24.87
CA LEU B 202 -13.89 -2.94 -24.83
C LEU B 202 -13.28 -3.12 -23.45
N ILE B 203 -13.80 -2.39 -22.48
CA ILE B 203 -13.34 -2.48 -21.11
C ILE B 203 -13.14 -3.95 -20.77
N LEU B 204 -14.24 -4.70 -20.74
CA LEU B 204 -14.20 -6.12 -20.43
C LEU B 204 -13.30 -6.88 -21.40
N SER B 205 -12.47 -6.14 -22.13
CA SER B 205 -11.55 -6.73 -23.09
C SER B 205 -10.16 -6.18 -22.87
N VAL B 206 -10.03 -5.23 -21.94
CA VAL B 206 -8.74 -4.63 -21.60
C VAL B 206 -8.35 -5.03 -20.19
N THR B 207 -9.32 -5.00 -19.28
CA THR B 207 -9.04 -5.35 -17.90
C THR B 207 -8.89 -6.85 -17.79
N ASN B 208 -9.46 -7.58 -18.75
CA ASN B 208 -9.37 -9.04 -18.74
C ASN B 208 -8.93 -9.48 -20.13
N PRO B 209 -7.82 -8.92 -20.64
CA PRO B 209 -7.25 -9.22 -21.96
C PRO B 209 -6.68 -10.61 -22.17
N GLN B 210 -6.01 -10.79 -23.31
CA GLN B 210 -5.41 -12.06 -23.70
C GLN B 210 -4.76 -12.83 -22.55
N LYS B 211 -4.52 -14.12 -22.78
CA LYS B 211 -3.90 -14.97 -21.77
C LYS B 211 -2.47 -14.51 -21.53
N GLY B 212 -2.09 -14.45 -20.25
CA GLY B 212 -0.75 -14.02 -19.90
C GLY B 212 -0.50 -12.65 -20.51
N GLU B 213 -1.32 -11.69 -20.12
CA GLU B 213 -1.19 -10.34 -20.63
C GLU B 213 -1.56 -9.34 -19.54
N PRO B 214 -0.94 -8.15 -19.58
CA PRO B 214 -1.17 -7.08 -18.61
C PRO B 214 -2.47 -6.33 -18.78
N VAL B 215 -3.05 -5.89 -17.67
CA VAL B 215 -4.27 -5.12 -17.71
C VAL B 215 -3.99 -3.88 -18.57
N LYS B 216 -4.18 -4.03 -19.88
CA LYS B 216 -3.94 -2.97 -20.86
C LYS B 216 -4.28 -1.57 -20.36
N THR B 217 -3.76 -0.56 -21.04
CA THR B 217 -4.01 0.82 -20.65
C THR B 217 -4.64 1.61 -21.78
N SER B 218 -5.16 2.79 -21.45
CA SER B 218 -5.78 3.66 -22.42
C SER B 218 -4.92 3.71 -23.67
N GLU B 219 -3.61 3.63 -23.46
CA GLU B 219 -2.64 3.64 -24.54
C GLU B 219 -2.95 2.55 -25.58
N HIS B 220 -4.04 1.82 -25.36
CA HIS B 220 -4.48 0.77 -26.28
C HIS B 220 -5.86 1.21 -26.75
N GLU B 221 -6.77 1.30 -25.77
CA GLU B 221 -8.15 1.72 -25.98
C GLU B 221 -8.19 2.85 -27.00
N ASN B 222 -7.60 3.99 -26.63
CA ASN B 222 -7.55 5.17 -27.47
C ASN B 222 -6.93 4.91 -28.84
N THR B 223 -6.71 3.64 -29.16
CA THR B 223 -6.14 3.26 -30.45
C THR B 223 -6.93 2.09 -31.02
N PHE B 224 -7.54 1.31 -30.14
CA PHE B 224 -8.33 0.16 -30.54
C PHE B 224 -9.24 0.53 -31.72
N PHE B 225 -9.92 1.66 -31.59
CA PHE B 225 -10.82 2.15 -32.63
C PHE B 225 -10.09 3.14 -33.51
N ARG B 226 -8.93 3.58 -33.05
CA ARG B 226 -8.11 4.51 -33.81
C ARG B 226 -7.51 3.71 -34.96
N ASP B 227 -7.84 2.41 -34.98
CA ASP B 227 -7.35 1.51 -36.00
C ASP B 227 -8.51 1.00 -36.84
N ILE B 228 -9.45 0.30 -36.20
CA ILE B 228 -10.60 -0.24 -36.91
C ILE B 228 -11.33 0.89 -37.64
N VAL B 229 -11.96 1.76 -36.87
CA VAL B 229 -12.73 2.88 -37.43
C VAL B 229 -11.91 4.12 -37.74
N GLY B 230 -10.66 4.14 -37.29
CA GLY B 230 -9.82 5.30 -37.56
C GLY B 230 -9.74 6.32 -36.43
N TYR B 231 -10.88 6.64 -35.82
CA TYR B 231 -10.90 7.60 -34.74
C TYR B 231 -11.53 7.06 -33.47
N SER B 232 -11.16 7.65 -32.33
CA SER B 232 -11.67 7.25 -31.04
C SER B 232 -12.23 8.41 -30.22
N ILE B 233 -13.56 8.42 -30.04
CA ILE B 233 -14.25 9.45 -29.29
C ILE B 233 -13.52 9.81 -27.99
N GLY B 234 -12.72 8.88 -27.50
CA GLY B 234 -12.01 9.11 -26.25
C GLY B 234 -12.64 8.23 -25.19
N ALA B 235 -11.98 8.12 -24.03
CA ALA B 235 -12.51 7.29 -22.96
C ALA B 235 -13.50 8.01 -22.07
N LEU B 236 -13.13 9.19 -21.60
CA LEU B 236 -14.00 9.98 -20.77
C LEU B 236 -15.30 10.12 -21.52
N ALA B 237 -15.13 10.45 -22.80
CA ALA B 237 -16.24 10.67 -23.74
C ALA B 237 -17.31 9.60 -23.73
N ILE B 238 -16.94 8.36 -24.03
CA ILE B 238 -17.95 7.31 -24.03
C ILE B 238 -18.97 7.51 -22.93
N HIS B 239 -18.51 7.78 -21.73
CA HIS B 239 -19.45 7.95 -20.63
C HIS B 239 -20.19 9.26 -20.73
N ARG B 240 -20.09 9.87 -21.89
CA ARG B 240 -20.78 11.11 -22.17
C ARG B 240 -21.81 10.75 -23.25
N LEU B 241 -21.28 10.43 -24.43
CA LEU B 241 -22.09 10.03 -25.58
C LEU B 241 -23.24 9.18 -25.08
N GLY B 242 -22.93 8.32 -24.13
CA GLY B 242 -23.93 7.46 -23.56
C GLY B 242 -25.11 8.28 -23.07
N LEU B 243 -25.03 8.75 -21.83
CA LEU B 243 -26.08 9.55 -21.23
C LEU B 243 -26.75 10.37 -22.32
N PHE B 244 -25.92 10.99 -23.15
CA PHE B 244 -26.37 11.80 -24.27
C PHE B 244 -27.43 11.01 -25.00
N LEU B 245 -26.99 10.07 -25.84
CA LEU B 245 -27.88 9.22 -26.59
C LEU B 245 -29.14 8.96 -25.77
N ALA B 246 -29.04 8.11 -24.77
CA ALA B 246 -30.20 7.77 -23.96
C ALA B 246 -30.99 8.94 -23.41
N LEU B 247 -30.36 9.84 -22.68
CA LEU B 247 -31.10 10.97 -22.13
C LEU B 247 -31.76 11.83 -23.22
N SER B 248 -31.45 11.51 -24.47
CA SER B 248 -32.00 12.22 -25.60
C SER B 248 -33.08 11.30 -26.15
N ALA B 249 -32.68 10.12 -26.57
CA ALA B 249 -33.63 9.14 -27.08
C ALA B 249 -34.94 9.30 -26.31
N ALA B 250 -34.87 9.26 -24.99
CA ALA B 250 -36.07 9.40 -24.18
C ALA B 250 -36.76 10.70 -24.53
N PHE B 251 -36.19 11.82 -24.07
CA PHE B 251 -36.75 13.13 -24.35
C PHE B 251 -37.29 13.25 -25.78
N TRP B 252 -36.65 12.55 -26.70
CA TRP B 252 -37.11 12.56 -28.09
C TRP B 252 -38.44 11.85 -28.09
N SER B 253 -38.40 10.53 -28.01
CA SER B 253 -39.62 9.77 -27.98
C SER B 253 -40.69 10.58 -27.25
N ALA B 254 -40.32 11.21 -26.15
CA ALA B 254 -41.27 12.01 -25.37
C ALA B 254 -42.03 12.96 -26.29
N VAL B 255 -41.28 13.67 -27.11
CA VAL B 255 -41.83 14.58 -28.09
C VAL B 255 -42.70 13.71 -28.99
N CYS B 256 -42.02 12.75 -29.60
CA CYS B 256 -42.63 11.77 -30.49
C CYS B 256 -44.11 11.48 -30.27
N ILE B 257 -44.54 11.34 -29.02
CA ILE B 257 -45.94 11.01 -28.79
C ILE B 257 -46.70 12.14 -28.11
N LEU B 258 -46.04 13.27 -27.88
CA LEU B 258 -46.75 14.40 -27.28
C LEU B 258 -47.35 15.18 -28.44
N ILE B 259 -46.64 15.17 -29.55
CA ILE B 259 -47.10 15.87 -30.74
C ILE B 259 -48.03 14.99 -31.56
N SER B 260 -47.83 13.68 -31.51
CA SER B 260 -48.71 12.79 -32.25
C SER B 260 -50.12 12.87 -31.68
N GLY B 261 -50.93 13.71 -32.33
CA GLY B 261 -52.30 13.92 -31.89
C GLY B 261 -52.47 15.42 -31.70
N PRO B 262 -52.46 15.87 -30.44
CA PRO B 262 -52.61 17.28 -30.05
C PRO B 262 -51.78 18.28 -30.85
N PHE B 263 -50.94 17.78 -31.74
CA PHE B 263 -50.11 18.66 -32.54
C PHE B 263 -50.06 18.21 -34.00
N TRP B 264 -50.74 17.11 -34.27
CA TRP B 264 -50.81 16.59 -35.62
C TRP B 264 -51.86 15.51 -35.71
N THR B 265 -52.80 15.70 -36.65
CA THR B 265 -53.91 14.77 -36.83
C THR B 265 -53.85 13.93 -38.09
N ARG B 266 -53.16 14.40 -39.11
CA ARG B 266 -53.05 13.63 -40.34
C ARG B 266 -52.11 12.47 -40.12
N GLY B 267 -52.05 11.56 -41.09
CA GLY B 267 -51.14 10.44 -40.97
C GLY B 267 -49.75 11.01 -41.16
N TRP B 268 -48.84 10.64 -40.27
CA TRP B 268 -47.46 11.13 -40.36
C TRP B 268 -46.93 11.12 -41.78
N PRO B 269 -46.98 9.97 -42.45
CA PRO B 269 -46.49 9.89 -43.82
C PRO B 269 -46.69 11.22 -44.55
N GLU B 270 -47.86 11.81 -44.31
CA GLU B 270 -48.18 13.10 -44.92
C GLU B 270 -47.24 14.20 -44.43
N TRP B 271 -47.16 14.41 -43.12
CA TRP B 271 -46.29 15.45 -42.60
C TRP B 271 -45.08 15.58 -43.52
N TRP B 272 -44.52 14.43 -43.88
CA TRP B 272 -43.37 14.36 -44.74
C TRP B 272 -43.56 15.01 -46.10
N ASN B 273 -44.72 15.63 -46.29
CA ASN B 273 -45.01 16.27 -47.56
C ASN B 273 -44.38 17.66 -47.66
N TRP B 274 -44.41 18.43 -46.57
CA TRP B 274 -43.84 19.77 -46.60
C TRP B 274 -42.55 19.70 -47.38
N TRP B 275 -41.93 18.53 -47.32
CA TRP B 275 -40.69 18.29 -48.04
C TRP B 275 -41.01 18.46 -49.53
N LEU B 276 -41.57 17.43 -50.13
CA LEU B 276 -41.93 17.41 -51.55
C LEU B 276 -42.25 18.80 -52.11
N GLU B 277 -43.38 19.33 -51.66
CA GLU B 277 -43.93 20.62 -52.06
C GLU B 277 -42.96 21.81 -52.06
N LEU B 278 -41.68 21.56 -51.82
CA LEU B 278 -40.71 22.63 -51.81
C LEU B 278 -40.58 23.20 -53.22
N PRO B 279 -40.80 24.51 -53.37
CA PRO B 279 -40.71 25.21 -54.66
C PRO B 279 -39.33 25.06 -55.29
N LEU B 280 -38.93 23.83 -55.56
CA LEU B 280 -37.61 23.58 -56.12
C LEU B 280 -37.52 22.34 -56.99
N TRP B 281 -38.07 21.22 -56.50
CA TRP B 281 -38.00 19.96 -57.22
C TRP B 281 -39.33 19.32 -57.56
N PRO C 2 -23.55 23.98 -8.56
CA PRO C 2 -22.80 24.94 -9.41
C PRO C 2 -21.40 24.43 -9.71
N GLU C 3 -21.26 23.11 -9.77
CA GLU C 3 -19.97 22.48 -10.03
C GLU C 3 -19.83 22.03 -11.47
N TYR C 4 -18.68 22.31 -12.07
CA TYR C 4 -18.38 21.92 -13.44
C TYR C 4 -18.86 20.51 -13.70
N GLN C 5 -20.06 20.38 -14.26
CA GLN C 5 -20.62 19.07 -14.58
C GLN C 5 -20.03 18.65 -15.91
N ASN C 6 -19.05 17.76 -15.85
CA ASN C 6 -18.38 17.27 -17.06
C ASN C 6 -19.29 17.14 -18.26
N ILE C 7 -19.48 18.26 -18.93
CA ILE C 7 -20.32 18.35 -20.12
C ILE C 7 -19.42 18.36 -21.34
N PHE C 8 -18.73 19.47 -21.56
CA PHE C 8 -17.81 19.57 -22.69
C PHE C 8 -16.49 19.97 -22.08
N THR C 9 -15.45 19.17 -22.33
CA THR C 9 -14.12 19.47 -21.82
C THR C 9 -13.86 20.97 -21.96
N ALA C 10 -14.01 21.70 -20.86
CA ALA C 10 -13.79 23.14 -20.86
C ALA C 10 -12.51 23.50 -21.60
N VAL C 11 -11.40 23.58 -20.87
CA VAL C 11 -10.11 23.90 -21.48
C VAL C 11 -9.43 22.62 -21.94
N GLN C 12 -8.96 22.63 -23.19
CA GLN C 12 -8.30 21.48 -23.76
C GLN C 12 -6.80 21.70 -23.85
N VAL C 13 -6.08 20.69 -24.35
CA VAL C 13 -4.64 20.72 -24.51
C VAL C 13 -4.25 19.70 -25.56
N ARG C 14 -3.05 19.82 -26.12
CA ARG C 14 -2.62 18.88 -27.15
C ARG C 14 -1.14 18.51 -27.18
N ALA C 15 -0.88 17.32 -27.70
CA ALA C 15 0.45 16.77 -27.85
C ALA C 15 0.48 16.01 -29.17
N PRO C 16 1.66 15.82 -29.75
CA PRO C 16 1.85 15.12 -31.02
C PRO C 16 0.93 13.93 -31.28
N ALA C 17 0.88 13.52 -32.55
CA ALA C 17 0.04 12.42 -32.99
C ALA C 17 0.57 11.08 -32.52
N TYR C 18 -0.16 10.46 -31.59
CA TYR C 18 0.22 9.15 -31.05
C TYR C 18 -0.33 8.02 -31.92
N PRO C 19 0.50 7.47 -32.82
CA PRO C 19 0.08 6.38 -33.70
C PRO C 19 -0.08 5.03 -33.00
N GLY C 20 -0.62 5.07 -31.78
CA GLY C 20 -0.86 3.86 -31.00
C GLY C 20 0.33 2.94 -30.79
N VAL C 21 0.13 1.92 -29.95
CA VAL C 21 1.18 0.96 -29.67
C VAL C 21 1.54 0.24 -30.97
N PRO C 22 2.84 0.10 -31.26
CA PRO C 22 3.25 -0.58 -32.50
C PRO C 22 2.72 -2.02 -32.56
N LEU C 23 2.61 -2.55 -33.78
CA LEU C 23 2.10 -3.90 -33.95
C LEU C 23 3.14 -4.88 -34.47
N PRO C 24 3.00 -6.16 -34.10
CA PRO C 24 3.86 -7.30 -34.45
C PRO C 24 4.32 -7.42 -35.90
N LYS C 25 4.67 -8.65 -36.28
CA LYS C 25 5.15 -8.96 -37.61
C LYS C 25 3.97 -9.47 -38.46
N GLY C 26 3.39 -8.55 -39.23
CA GLY C 26 2.25 -8.89 -40.07
C GLY C 26 1.29 -7.72 -40.22
N ASN C 27 1.12 -6.96 -39.15
CA ASN C 27 0.24 -5.82 -39.16
C ASN C 27 0.89 -4.68 -39.93
N LEU C 28 0.53 -4.55 -41.20
CA LEU C 28 1.06 -3.51 -42.06
C LEU C 28 1.11 -2.15 -41.37
N PRO C 29 1.83 -1.18 -41.97
CA PRO C 29 1.92 0.14 -41.35
C PRO C 29 0.59 0.85 -41.18
N ARG C 30 0.45 1.59 -40.09
CA ARG C 30 -0.76 2.36 -39.88
C ARG C 30 -0.66 3.43 -40.95
N ILE C 31 -1.75 4.13 -41.21
CA ILE C 31 -1.71 5.18 -42.22
C ILE C 31 -2.53 6.39 -41.81
N GLY C 32 -2.09 7.56 -42.27
CA GLY C 32 -2.77 8.80 -41.97
C GLY C 32 -1.93 9.79 -41.19
N ARG C 33 -2.17 11.07 -41.42
CA ARG C 33 -1.46 12.13 -40.72
C ARG C 33 -2.45 12.77 -39.75
N PRO C 34 -2.81 12.04 -38.69
CA PRO C 34 -3.74 12.47 -37.64
C PRO C 34 -3.98 13.98 -37.54
N ILE C 35 -5.25 14.36 -37.41
CA ILE C 35 -5.61 15.76 -37.33
C ILE C 35 -6.36 16.09 -36.03
N PHE C 36 -6.53 17.39 -35.79
CA PHE C 36 -7.21 17.88 -34.60
C PHE C 36 -8.39 18.77 -34.96
N SER C 37 -9.46 18.69 -34.17
CA SER C 37 -10.65 19.51 -34.37
C SER C 37 -11.11 20.00 -33.01
N TYR C 38 -10.87 21.28 -32.74
CA TYR C 38 -11.26 21.86 -31.47
C TYR C 38 -12.68 21.47 -31.08
N TRP C 39 -13.60 21.59 -32.02
CA TRP C 39 -15.01 21.27 -31.78
C TRP C 39 -15.24 19.81 -31.40
N LEU C 40 -14.95 18.92 -32.33
CA LEU C 40 -15.12 17.50 -32.08
C LEU C 40 -14.51 17.25 -30.71
N GLY C 41 -13.33 17.84 -30.51
CA GLY C 41 -12.60 17.69 -29.27
C GLY C 41 -13.20 18.33 -28.04
N LYS C 42 -14.24 19.14 -28.22
CA LYS C 42 -14.86 19.77 -27.07
C LYS C 42 -15.86 18.78 -26.49
N ILE C 43 -15.71 17.53 -26.92
CA ILE C 43 -16.55 16.45 -26.44
C ILE C 43 -15.68 15.23 -26.14
N GLY C 44 -14.72 14.96 -27.03
CA GLY C 44 -13.83 13.82 -26.85
C GLY C 44 -12.42 14.03 -27.38
N ASP C 45 -11.67 12.94 -27.53
CA ASP C 45 -10.30 13.02 -28.01
C ASP C 45 -10.24 13.74 -29.34
N ALA C 46 -9.94 15.03 -29.28
CA ALA C 46 -9.86 15.89 -30.46
C ALA C 46 -8.96 15.38 -31.59
N GLN C 47 -8.03 14.48 -31.29
CA GLN C 47 -7.16 13.98 -32.33
C GLN C 47 -7.98 13.12 -33.28
N ILE C 48 -7.56 13.08 -34.54
CA ILE C 48 -8.26 12.29 -35.55
C ILE C 48 -7.30 11.34 -36.25
N GLY C 49 -7.59 10.04 -36.18
CA GLY C 49 -6.74 9.05 -36.81
C GLY C 49 -5.43 8.82 -36.08
N PRO C 50 -4.45 8.16 -36.72
CA PRO C 50 -4.54 7.64 -38.07
C PRO C 50 -5.27 6.31 -37.96
N ILE C 51 -5.54 5.67 -39.09
CA ILE C 51 -6.28 4.42 -39.07
C ILE C 51 -5.52 3.29 -39.74
N TYR C 52 -5.83 2.07 -39.31
CA TYR C 52 -5.20 0.87 -39.86
C TYR C 52 -5.92 0.49 -41.14
N LEU C 53 -5.32 -0.43 -41.90
CA LEU C 53 -5.91 -0.92 -43.13
C LEU C 53 -5.14 -2.13 -43.61
N GLY C 54 -5.58 -3.29 -43.18
CA GLY C 54 -4.91 -4.52 -43.56
C GLY C 54 -5.33 -5.07 -44.91
N LEU C 55 -5.75 -6.34 -44.90
CA LEU C 55 -6.21 -7.00 -46.11
C LEU C 55 -7.72 -6.94 -46.01
N THR C 56 -8.27 -7.61 -45.01
CA THR C 56 -9.72 -7.57 -44.84
C THR C 56 -10.06 -6.09 -44.71
N GLY C 57 -9.16 -5.34 -44.09
CA GLY C 57 -9.37 -3.90 -43.95
C GLY C 57 -9.77 -3.31 -45.29
N THR C 58 -8.92 -3.48 -46.29
CA THR C 58 -9.23 -2.98 -47.63
C THR C 58 -10.29 -3.90 -48.21
N LEU C 59 -9.96 -5.18 -48.30
CA LEU C 59 -10.87 -6.18 -48.84
C LEU C 59 -12.31 -5.95 -48.39
N SER C 60 -12.49 -5.61 -47.11
CA SER C 60 -13.83 -5.39 -46.57
C SER C 60 -14.37 -4.04 -47.02
N ILE C 61 -13.56 -2.99 -46.85
CA ILE C 61 -14.00 -1.66 -47.24
C ILE C 61 -14.43 -1.68 -48.71
N PHE C 62 -13.64 -2.35 -49.55
CA PHE C 62 -13.96 -2.44 -50.97
C PHE C 62 -15.32 -3.11 -51.16
N PHE C 63 -15.49 -4.29 -50.58
CA PHE C 63 -16.75 -4.99 -50.68
C PHE C 63 -17.84 -4.12 -50.07
N GLY C 64 -17.44 -3.00 -49.50
CA GLY C 64 -18.40 -2.10 -48.90
C GLY C 64 -18.92 -1.08 -49.90
N LEU C 65 -18.07 -0.16 -50.31
CA LEU C 65 -18.45 0.88 -51.26
C LEU C 65 -18.70 0.30 -52.65
N VAL C 66 -19.43 -0.81 -52.67
CA VAL C 66 -19.79 -1.49 -53.90
C VAL C 66 -21.31 -1.57 -53.86
N ALA C 67 -21.83 -2.24 -52.84
CA ALA C 67 -23.26 -2.38 -52.66
C ALA C 67 -23.78 -0.94 -52.70
N ILE C 68 -23.09 -0.06 -51.99
CA ILE C 68 -23.46 1.35 -51.98
C ILE C 68 -23.49 1.85 -53.42
N SER C 69 -22.50 1.46 -54.20
CA SER C 69 -22.43 1.88 -55.60
C SER C 69 -23.42 1.11 -56.47
N ILE C 70 -24.27 0.31 -55.83
CA ILE C 70 -25.31 -0.44 -56.53
C ILE C 70 -26.60 0.11 -55.93
N ILE C 71 -26.86 -0.28 -54.69
CA ILE C 71 -28.05 0.18 -53.97
C ILE C 71 -28.12 1.69 -54.11
N GLY C 72 -26.98 2.28 -54.48
CA GLY C 72 -26.93 3.72 -54.67
C GLY C 72 -27.32 4.03 -56.09
N PHE C 73 -26.70 3.34 -57.03
CA PHE C 73 -26.99 3.54 -58.45
C PHE C 73 -28.44 3.26 -58.79
N ASN C 74 -28.80 1.98 -58.83
CA ASN C 74 -30.18 1.57 -59.13
C ASN C 74 -31.19 2.55 -58.57
N MET C 75 -30.93 3.03 -57.36
CA MET C 75 -31.81 3.98 -56.70
C MET C 75 -31.91 5.26 -57.53
N LEU C 76 -30.76 5.89 -57.82
CA LEU C 76 -30.77 7.10 -58.61
C LEU C 76 -31.47 6.88 -59.93
N ALA C 77 -31.16 5.75 -60.58
CA ALA C 77 -31.77 5.42 -61.86
C ALA C 77 -33.26 5.66 -61.74
N SER C 78 -33.88 5.03 -60.75
CA SER C 78 -35.31 5.17 -60.49
C SER C 78 -35.85 6.49 -60.98
N VAL C 79 -35.62 7.55 -60.23
CA VAL C 79 -36.06 8.88 -60.61
C VAL C 79 -35.26 9.29 -61.83
N HIS C 80 -35.34 8.46 -62.87
CA HIS C 80 -34.64 8.66 -64.13
C HIS C 80 -33.48 9.63 -64.05
N TRP C 81 -32.39 9.16 -63.44
CA TRP C 81 -31.17 9.95 -63.28
C TRP C 81 -31.36 11.45 -63.09
N ASP C 82 -32.53 11.83 -62.61
CA ASP C 82 -32.81 13.25 -62.37
C ASP C 82 -32.63 13.51 -60.89
N VAL C 83 -31.41 13.83 -60.52
CA VAL C 83 -31.03 14.10 -59.15
C VAL C 83 -32.00 14.99 -58.39
N PHE C 84 -32.34 16.13 -58.98
CA PHE C 84 -33.26 17.09 -58.36
C PHE C 84 -34.35 16.39 -57.56
N GLN C 85 -35.00 15.42 -58.20
CA GLN C 85 -36.07 14.67 -57.57
C GLN C 85 -35.43 13.60 -56.68
N PHE C 86 -34.31 13.05 -57.14
CA PHE C 86 -33.58 12.06 -56.38
C PHE C 86 -33.42 12.66 -54.99
N LEU C 87 -33.12 13.96 -54.98
CA LEU C 87 -32.95 14.73 -53.77
C LEU C 87 -34.30 14.87 -53.05
N LYS C 88 -35.35 15.02 -53.84
CA LYS C 88 -36.70 15.15 -53.31
C LYS C 88 -37.20 13.83 -52.75
N HIS C 89 -37.39 12.87 -53.64
CA HIS C 89 -37.88 11.55 -53.29
C HIS C 89 -36.81 10.66 -52.66
N PHE C 90 -35.80 11.28 -52.06
CA PHE C 90 -34.72 10.54 -51.41
C PHE C 90 -35.26 9.55 -50.38
N PHE C 91 -35.69 10.07 -49.25
CA PHE C 91 -36.20 9.24 -48.16
C PHE C 91 -37.26 8.24 -48.60
N TRP C 92 -37.69 8.33 -49.85
CA TRP C 92 -38.71 7.42 -50.36
C TRP C 92 -38.08 6.33 -51.23
N LEU C 93 -37.17 6.74 -52.09
CA LEU C 93 -36.49 5.85 -53.03
C LEU C 93 -35.98 4.52 -52.42
N GLY C 94 -35.15 3.82 -53.19
CA GLY C 94 -34.60 2.56 -52.72
C GLY C 94 -34.32 1.56 -53.82
N LEU C 95 -34.20 0.29 -53.45
CA LEU C 95 -33.96 -0.81 -54.39
C LEU C 95 -34.57 -2.07 -53.83
N GLU C 96 -35.64 -2.53 -54.47
CA GLU C 96 -36.37 -3.71 -54.02
C GLU C 96 -35.72 -5.03 -54.46
N PRO C 97 -36.02 -6.12 -53.73
CA PRO C 97 -35.52 -7.48 -53.97
C PRO C 97 -36.15 -8.12 -55.20
N PRO C 98 -35.81 -9.39 -55.46
CA PRO C 98 -36.37 -10.09 -56.63
C PRO C 98 -37.83 -10.46 -56.44
N PRO C 99 -38.60 -10.55 -57.54
CA PRO C 99 -40.02 -10.90 -57.51
C PRO C 99 -40.21 -12.36 -57.07
N PRO C 100 -41.28 -12.62 -56.28
CA PRO C 100 -41.63 -13.95 -55.74
C PRO C 100 -41.39 -15.15 -56.65
N GLN C 101 -41.23 -14.91 -57.95
CA GLN C 101 -40.99 -16.00 -58.89
C GLN C 101 -39.65 -16.67 -58.62
N TYR C 102 -38.57 -15.94 -58.89
CA TYR C 102 -37.20 -16.41 -58.70
C TYR C 102 -36.89 -16.52 -57.21
N GLY C 103 -37.88 -16.99 -56.45
CA GLY C 103 -37.77 -17.15 -55.01
C GLY C 103 -36.36 -17.16 -54.44
N LEU C 104 -35.48 -17.91 -55.10
CA LEU C 104 -34.09 -18.01 -54.67
C LEU C 104 -33.17 -17.89 -55.87
N ARG C 105 -33.69 -18.20 -57.04
CA ARG C 105 -32.91 -18.12 -58.27
C ARG C 105 -32.34 -16.73 -58.47
N ILE C 106 -31.20 -16.66 -59.15
CA ILE C 106 -30.55 -15.39 -59.43
C ILE C 106 -31.50 -14.54 -60.24
N PRO C 107 -32.00 -13.43 -59.67
CA PRO C 107 -32.93 -12.56 -60.39
C PRO C 107 -32.26 -11.91 -61.60
N PRO C 108 -33.03 -11.66 -62.66
CA PRO C 108 -32.47 -11.04 -63.87
C PRO C 108 -31.77 -9.72 -63.57
N LEU C 109 -30.95 -9.28 -64.50
CA LEU C 109 -30.20 -8.03 -64.35
C LEU C 109 -31.10 -6.87 -63.92
N SER C 110 -32.41 -7.03 -64.11
CA SER C 110 -33.37 -5.98 -63.75
C SER C 110 -34.21 -6.30 -62.52
N GLU C 111 -35.30 -7.03 -62.73
CA GLU C 111 -36.21 -7.41 -61.65
C GLU C 111 -35.52 -7.90 -60.37
N GLY C 112 -35.31 -6.98 -59.43
CA GLY C 112 -34.70 -7.31 -58.15
C GLY C 112 -33.30 -7.90 -58.19
N GLY C 113 -32.65 -7.84 -59.35
CA GLY C 113 -31.30 -8.38 -59.49
C GLY C 113 -30.22 -7.62 -58.74
N TRP C 114 -30.09 -6.34 -59.06
CA TRP C 114 -29.08 -5.49 -58.40
C TRP C 114 -29.12 -5.65 -56.89
N TRP C 115 -30.30 -5.86 -56.33
CA TRP C 115 -30.46 -6.01 -54.89
C TRP C 115 -29.80 -7.27 -54.36
N LEU C 116 -29.94 -8.38 -55.07
CA LEU C 116 -29.32 -9.62 -54.63
C LEU C 116 -27.82 -9.43 -54.82
N MET C 117 -27.45 -8.78 -55.91
CA MET C 117 -26.04 -8.50 -56.19
C MET C 117 -25.53 -7.67 -55.01
N ALA C 118 -25.99 -6.43 -54.96
CA ALA C 118 -25.60 -5.50 -53.90
C ALA C 118 -25.72 -6.12 -52.51
N GLY C 119 -26.78 -6.88 -52.29
CA GLY C 119 -27.00 -7.52 -51.00
C GLY C 119 -25.82 -8.34 -50.54
N LEU C 120 -25.44 -9.33 -51.34
CA LEU C 120 -24.31 -10.19 -51.04
C LEU C 120 -23.04 -9.40 -50.75
N PHE C 121 -22.97 -8.18 -51.27
CA PHE C 121 -21.80 -7.33 -51.08
C PHE C 121 -21.94 -6.46 -49.83
N LEU C 122 -23.00 -6.71 -49.09
CA LEU C 122 -23.25 -6.01 -47.85
C LEU C 122 -23.57 -7.18 -46.94
N THR C 123 -23.11 -8.33 -47.41
CA THR C 123 -23.28 -9.58 -46.70
C THR C 123 -21.86 -10.02 -46.34
N LEU C 124 -20.94 -9.80 -47.27
CA LEU C 124 -19.55 -10.14 -47.05
C LEU C 124 -18.87 -9.00 -46.31
N SER C 125 -18.70 -7.87 -46.98
CA SER C 125 -18.07 -6.70 -46.35
C SER C 125 -18.50 -6.52 -44.90
N ILE C 126 -19.76 -6.82 -44.60
CA ILE C 126 -20.26 -6.71 -43.23
C ILE C 126 -19.63 -7.80 -42.39
N LEU C 127 -19.58 -9.01 -42.95
CA LEU C 127 -19.02 -10.17 -42.28
C LEU C 127 -17.49 -10.06 -42.27
N LEU C 128 -16.95 -9.42 -43.30
CA LEU C 128 -15.52 -9.23 -43.43
C LEU C 128 -15.01 -8.20 -42.44
N TRP C 129 -15.87 -7.23 -42.12
CA TRP C 129 -15.49 -6.19 -41.17
C TRP C 129 -15.46 -6.71 -39.75
N TRP C 130 -16.14 -7.84 -39.52
CA TRP C 130 -16.14 -8.45 -38.20
C TRP C 130 -14.76 -9.06 -38.06
N VAL C 131 -14.15 -9.32 -39.20
CA VAL C 131 -12.80 -9.86 -39.25
C VAL C 131 -11.87 -8.70 -38.96
N ARG C 132 -12.15 -7.56 -39.58
CA ARG C 132 -11.36 -6.34 -39.39
C ARG C 132 -11.48 -5.92 -37.91
N THR C 133 -11.95 -6.83 -37.08
CA THR C 133 -12.07 -6.58 -35.65
C THR C 133 -11.25 -7.62 -34.93
N TYR C 134 -11.81 -8.82 -34.77
CA TYR C 134 -11.13 -9.92 -34.09
C TYR C 134 -9.65 -9.88 -34.45
N LYS C 135 -9.37 -9.59 -35.72
CA LYS C 135 -8.00 -9.47 -36.21
C LYS C 135 -7.31 -8.31 -35.50
N ARG C 136 -7.60 -7.08 -35.92
CA ARG C 136 -6.99 -5.92 -35.32
C ARG C 136 -7.26 -5.85 -33.83
N ALA C 137 -8.14 -6.73 -33.35
CA ALA C 137 -8.51 -6.77 -31.94
C ALA C 137 -7.45 -7.41 -31.05
N GLU C 138 -7.20 -8.70 -31.24
CA GLU C 138 -6.22 -9.41 -30.42
C GLU C 138 -4.80 -9.07 -30.80
N ALA C 139 -4.58 -8.62 -32.03
CA ALA C 139 -3.23 -8.24 -32.46
C ALA C 139 -2.87 -6.97 -31.70
N LEU C 140 -3.62 -6.72 -30.64
CA LEU C 140 -3.43 -5.59 -29.76
C LEU C 140 -3.22 -6.22 -28.39
N GLY C 141 -3.23 -7.54 -28.37
CA GLY C 141 -3.08 -8.28 -27.13
C GLY C 141 -4.42 -8.26 -26.43
N MET C 142 -5.42 -7.79 -27.16
CA MET C 142 -6.78 -7.67 -26.65
C MET C 142 -7.61 -8.93 -26.84
N SER C 143 -8.42 -9.25 -25.84
CA SER C 143 -9.30 -10.40 -25.90
C SER C 143 -10.38 -10.06 -26.92
N GLN C 144 -11.43 -10.86 -26.98
CA GLN C 144 -12.51 -10.60 -27.94
C GLN C 144 -13.89 -10.54 -27.29
N HIS C 145 -14.51 -9.37 -27.37
CA HIS C 145 -15.84 -9.17 -26.79
C HIS C 145 -16.64 -8.31 -27.75
N LEU C 146 -15.92 -7.58 -28.59
CA LEU C 146 -16.55 -6.77 -29.61
C LEU C 146 -16.86 -7.86 -30.61
N SER C 147 -15.81 -8.34 -31.28
CA SER C 147 -15.91 -9.42 -32.25
C SER C 147 -17.08 -10.32 -31.90
N TRP C 148 -17.21 -10.65 -30.62
CA TRP C 148 -18.30 -11.47 -30.16
C TRP C 148 -19.61 -10.79 -30.49
N ALA C 149 -19.96 -9.78 -29.70
CA ALA C 149 -21.20 -9.04 -29.93
C ALA C 149 -21.45 -8.81 -31.40
N PHE C 150 -20.49 -8.19 -32.09
CA PHE C 150 -20.60 -7.91 -33.52
C PHE C 150 -21.34 -9.06 -34.17
N ALA C 151 -21.02 -10.28 -33.76
CA ALA C 151 -21.69 -11.45 -34.30
C ALA C 151 -23.15 -11.33 -33.91
N ALA C 152 -23.43 -11.42 -32.62
CA ALA C 152 -24.80 -11.31 -32.13
C ALA C 152 -25.62 -10.36 -33.00
N ALA C 153 -25.04 -9.21 -33.31
CA ALA C 153 -25.69 -8.24 -34.16
C ALA C 153 -25.69 -8.82 -35.57
N ILE C 154 -24.51 -9.10 -36.10
CA ILE C 154 -24.38 -9.68 -37.45
C ILE C 154 -25.24 -10.93 -37.58
N PHE C 155 -25.63 -11.51 -36.46
CA PHE C 155 -26.48 -12.68 -36.47
C PHE C 155 -27.81 -12.22 -36.99
N PHE C 156 -28.42 -11.31 -36.22
CA PHE C 156 -29.73 -10.74 -36.55
C PHE C 156 -29.80 -10.27 -38.00
N TYR C 157 -28.74 -9.61 -38.48
CA TYR C 157 -28.70 -9.17 -39.85
C TYR C 157 -28.93 -10.36 -40.76
N LEU C 158 -28.29 -11.49 -40.48
CA LEU C 158 -28.50 -12.66 -41.32
C LEU C 158 -29.87 -13.28 -41.09
N VAL C 159 -30.51 -12.95 -39.96
CA VAL C 159 -31.83 -13.49 -39.71
C VAL C 159 -32.80 -12.69 -40.56
N LEU C 160 -32.23 -11.68 -41.22
CA LEU C 160 -32.99 -10.81 -42.12
C LEU C 160 -32.42 -11.03 -43.51
N GLY C 161 -32.05 -12.27 -43.78
CA GLY C 161 -31.49 -12.63 -45.07
C GLY C 161 -31.10 -14.09 -45.16
N PHE C 162 -29.85 -14.34 -45.55
CA PHE C 162 -29.35 -15.70 -45.70
C PHE C 162 -30.11 -16.76 -44.90
N ILE C 163 -30.21 -16.57 -43.59
CA ILE C 163 -30.86 -17.56 -42.74
C ILE C 163 -32.37 -17.72 -42.77
N ARG C 164 -33.13 -16.68 -43.10
CA ARG C 164 -34.59 -16.81 -43.14
C ARG C 164 -35.20 -16.48 -44.50
N PRO C 165 -34.92 -15.30 -45.04
CA PRO C 165 -35.48 -14.97 -46.35
C PRO C 165 -35.16 -16.11 -47.32
N VAL C 166 -33.93 -16.60 -47.27
CA VAL C 166 -33.52 -17.70 -48.15
C VAL C 166 -34.06 -19.00 -47.55
N MET C 167 -34.54 -18.91 -46.33
CA MET C 167 -35.05 -20.08 -45.63
C MET C 167 -36.52 -20.34 -45.95
N MET C 168 -37.16 -19.36 -46.57
CA MET C 168 -38.57 -19.50 -46.95
C MET C 168 -38.71 -19.45 -48.47
N GLY C 169 -37.59 -19.56 -49.16
CA GLY C 169 -37.59 -19.51 -50.61
C GLY C 169 -38.31 -18.27 -51.08
N SER C 170 -37.70 -17.10 -50.85
CA SER C 170 -38.34 -15.85 -51.27
C SER C 170 -37.39 -14.66 -51.37
N TRP C 171 -36.95 -14.37 -52.58
CA TRP C 171 -36.07 -13.22 -52.79
C TRP C 171 -36.91 -11.97 -52.61
N ALA C 172 -37.87 -12.07 -51.69
CA ALA C 172 -38.77 -10.98 -51.36
C ALA C 172 -38.81 -10.85 -49.85
N LYS C 173 -38.96 -12.00 -49.17
CA LYS C 173 -39.01 -12.05 -47.71
C LYS C 173 -37.79 -11.41 -47.05
N ALA C 174 -36.94 -10.80 -47.87
CA ALA C 174 -35.72 -10.15 -47.41
C ALA C 174 -35.83 -8.63 -47.57
N VAL C 175 -35.86 -7.93 -46.44
CA VAL C 175 -35.94 -6.47 -46.37
C VAL C 175 -35.47 -5.73 -47.63
N PRO C 176 -36.13 -4.60 -47.97
CA PRO C 176 -35.77 -3.83 -49.15
C PRO C 176 -34.39 -3.18 -49.01
N PHE C 177 -34.29 -1.93 -49.46
CA PHE C 177 -33.03 -1.22 -49.36
C PHE C 177 -33.16 0.28 -49.45
N GLY C 178 -33.92 0.84 -48.52
CA GLY C 178 -34.14 2.27 -48.47
C GLY C 178 -34.79 2.65 -47.17
N ILE C 179 -34.38 3.78 -46.60
CA ILE C 179 -34.92 4.26 -45.34
C ILE C 179 -36.42 4.01 -45.22
N PHE C 180 -37.22 4.70 -46.03
CA PHE C 180 -38.66 4.49 -45.97
C PHE C 180 -39.01 3.05 -46.29
N PRO C 181 -38.82 2.61 -47.54
CA PRO C 181 -39.17 1.22 -47.82
C PRO C 181 -38.70 0.23 -46.75
N HIS C 182 -37.49 0.41 -46.23
CA HIS C 182 -36.96 -0.46 -45.18
C HIS C 182 -37.81 -0.20 -43.94
N LEU C 183 -38.24 1.05 -43.82
CA LEU C 183 -39.07 1.48 -42.73
C LEU C 183 -40.43 0.81 -42.89
N ASP C 184 -40.71 0.39 -44.13
CA ASP C 184 -41.97 -0.26 -44.46
C ASP C 184 -41.90 -1.75 -44.24
N TRP C 185 -40.76 -2.34 -44.55
CA TRP C 185 -40.57 -3.77 -44.40
C TRP C 185 -40.94 -4.21 -42.99
N THR C 186 -40.43 -3.50 -41.99
CA THR C 186 -40.75 -3.80 -40.61
C THR C 186 -42.26 -3.70 -40.45
N ALA C 187 -42.83 -2.68 -41.09
CA ALA C 187 -44.28 -2.47 -41.04
C ALA C 187 -44.96 -3.67 -41.69
N ALA C 188 -44.64 -3.91 -42.95
CA ALA C 188 -45.21 -5.01 -43.72
C ALA C 188 -45.15 -6.32 -42.93
N PHE C 189 -43.96 -6.64 -42.42
CA PHE C 189 -43.73 -7.86 -41.65
C PHE C 189 -44.74 -8.02 -40.52
N SER C 190 -44.74 -7.08 -39.60
CA SER C 190 -45.65 -7.11 -38.46
C SER C 190 -47.01 -7.68 -38.86
N ILE C 191 -47.44 -7.31 -40.06
CA ILE C 191 -48.72 -7.71 -40.61
C ILE C 191 -48.75 -9.11 -41.19
N ARG C 192 -48.10 -9.28 -42.34
CA ARG C 192 -48.06 -10.56 -43.04
C ARG C 192 -48.14 -11.73 -42.09
N TYR C 193 -47.55 -11.57 -40.91
CA TYR C 193 -47.58 -12.61 -39.89
C TYR C 193 -48.19 -11.96 -38.66
N GLY C 194 -49.25 -12.56 -38.12
CA GLY C 194 -49.90 -12.01 -36.94
C GLY C 194 -49.61 -10.54 -36.74
N ASN C 195 -49.05 -10.21 -35.58
CA ASN C 195 -48.68 -8.84 -35.21
C ASN C 195 -47.57 -8.94 -34.16
N LEU C 196 -46.33 -8.86 -34.62
CA LEU C 196 -45.14 -8.97 -33.76
C LEU C 196 -45.29 -8.69 -32.27
N TYR C 197 -46.09 -7.69 -31.90
CA TYR C 197 -46.29 -7.39 -30.49
C TYR C 197 -46.67 -8.66 -29.75
N TYR C 198 -46.91 -9.73 -30.49
CA TYR C 198 -47.30 -10.99 -29.89
C TYR C 198 -46.26 -12.11 -29.95
N ASN C 199 -45.18 -11.86 -30.68
CA ASN C 199 -44.09 -12.84 -30.76
C ASN C 199 -43.17 -12.46 -29.61
N PRO C 200 -43.20 -13.25 -28.53
CA PRO C 200 -42.34 -12.97 -27.37
C PRO C 200 -40.93 -12.50 -27.71
N PHE C 201 -40.21 -13.28 -28.50
CA PHE C 201 -38.84 -12.93 -28.85
C PHE C 201 -38.60 -11.51 -29.37
N HIS C 202 -39.68 -10.76 -29.60
CA HIS C 202 -39.58 -9.36 -30.05
C HIS C 202 -39.95 -8.55 -28.81
N MET C 203 -41.10 -8.86 -28.22
CA MET C 203 -41.56 -8.17 -27.03
C MET C 203 -40.49 -8.34 -25.97
N LEU C 204 -39.55 -9.23 -26.27
CA LEU C 204 -38.41 -9.56 -25.43
C LEU C 204 -37.26 -8.67 -25.87
N SER C 205 -36.78 -8.92 -27.08
CA SER C 205 -35.68 -8.17 -27.68
C SER C 205 -35.90 -6.68 -27.46
N ILE C 206 -37.10 -6.32 -27.03
CA ILE C 206 -37.42 -4.93 -26.78
C ILE C 206 -36.85 -4.54 -25.43
N ALA C 207 -37.34 -5.21 -24.40
CA ALA C 207 -36.91 -4.95 -23.02
C ALA C 207 -35.42 -4.68 -22.97
N PHE C 208 -34.68 -5.37 -23.85
CA PHE C 208 -33.22 -5.23 -23.96
C PHE C 208 -32.88 -3.90 -24.59
N LEU C 209 -33.36 -3.69 -25.80
CA LEU C 209 -33.13 -2.44 -26.52
C LEU C 209 -33.51 -1.31 -25.59
N TYR C 210 -34.18 -1.69 -24.51
CA TYR C 210 -34.58 -0.74 -23.48
C TYR C 210 -33.48 -0.71 -22.44
N GLY C 211 -33.25 -1.85 -21.82
CA GLY C 211 -32.21 -1.94 -20.81
C GLY C 211 -30.97 -1.20 -21.25
N SER C 212 -30.51 -1.45 -22.47
CA SER C 212 -29.33 -0.77 -22.95
C SER C 212 -29.68 0.71 -22.93
N ALA C 213 -30.83 1.01 -23.49
CA ALA C 213 -31.28 2.39 -23.51
C ALA C 213 -31.40 2.88 -22.07
N LEU C 214 -31.34 1.93 -21.13
CA LEU C 214 -31.46 2.19 -19.69
C LEU C 214 -30.11 2.30 -18.96
N LEU C 215 -29.44 1.16 -18.90
CA LEU C 215 -28.15 1.02 -18.24
C LEU C 215 -27.02 1.89 -18.77
N PHE C 216 -26.53 1.61 -19.98
CA PHE C 216 -25.44 2.40 -20.57
C PHE C 216 -25.80 3.87 -20.48
N ALA C 217 -27.02 4.10 -20.01
CA ALA C 217 -27.56 5.43 -19.82
C ALA C 217 -27.41 5.82 -18.37
N MET C 218 -27.28 4.81 -17.50
CA MET C 218 -27.09 5.05 -16.07
C MET C 218 -25.60 5.18 -15.81
N HIS C 219 -24.91 4.06 -16.04
CA HIS C 219 -23.48 3.95 -15.86
C HIS C 219 -22.76 5.05 -16.61
N GLY C 220 -23.45 5.67 -17.56
CA GLY C 220 -22.83 6.76 -18.29
C GLY C 220 -22.85 7.94 -17.37
N ALA C 221 -23.95 8.07 -16.64
CA ALA C 221 -24.13 9.15 -15.67
C ALA C 221 -23.25 8.82 -14.49
N THR C 222 -23.61 7.74 -13.79
CA THR C 222 -22.85 7.29 -12.63
C THR C 222 -21.37 7.65 -12.81
N ILE C 223 -20.73 7.04 -13.79
CA ILE C 223 -19.34 7.35 -14.07
C ILE C 223 -19.14 8.86 -13.93
N LEU C 224 -19.86 9.62 -14.74
CA LEU C 224 -19.78 11.07 -14.71
C LEU C 224 -19.91 11.58 -13.28
N SER C 225 -20.99 11.21 -12.61
CA SER C 225 -21.23 11.67 -11.25
C SER C 225 -19.98 11.56 -10.41
N VAL C 226 -19.31 10.42 -10.54
CA VAL C 226 -18.07 10.16 -9.80
C VAL C 226 -16.88 10.14 -10.77
N SER C 227 -16.90 11.08 -11.71
CA SER C 227 -15.85 11.20 -12.72
C SER C 227 -14.77 12.12 -12.17
N ARG C 228 -15.11 12.79 -11.09
CA ARG C 228 -14.19 13.69 -10.40
C ARG C 228 -13.19 12.77 -9.72
N PHE C 229 -13.73 11.73 -9.11
CA PHE C 229 -12.97 10.72 -8.42
C PHE C 229 -12.50 9.67 -9.43
N GLY C 230 -11.94 10.16 -10.53
CA GLY C 230 -11.44 9.29 -11.58
C GLY C 230 -12.33 8.16 -12.06
N GLY C 231 -13.62 8.21 -11.75
CA GLY C 231 -14.52 7.15 -12.19
C GLY C 231 -14.29 6.81 -13.64
N ASP C 232 -14.11 7.84 -14.46
CA ASP C 232 -13.90 7.64 -15.88
C ASP C 232 -12.71 6.75 -16.15
N ARG C 233 -11.80 6.73 -15.18
CA ARG C 233 -10.60 5.94 -15.29
C ARG C 233 -10.84 4.47 -15.03
N GLU C 234 -12.11 4.08 -14.95
CA GLU C 234 -12.50 2.68 -14.70
C GLU C 234 -11.33 1.68 -14.83
N ILE C 235 -10.66 1.71 -15.98
CA ILE C 235 -9.53 0.85 -16.25
C ILE C 235 -8.91 0.41 -14.94
N ASP C 236 -8.20 1.33 -14.31
CA ASP C 236 -7.56 1.02 -13.06
C ASP C 236 -8.55 0.69 -11.96
N GLN C 237 -9.64 1.44 -11.88
CA GLN C 237 -10.64 1.17 -10.87
C GLN C 237 -10.98 -0.30 -10.92
N ILE C 238 -10.90 -0.87 -12.12
CA ILE C 238 -11.18 -2.29 -12.29
C ILE C 238 -10.15 -3.03 -11.44
N THR C 239 -8.88 -2.65 -11.62
CA THR C 239 -7.78 -3.24 -10.86
C THR C 239 -7.78 -2.60 -9.48
N HIS C 240 -7.00 -1.54 -9.31
CA HIS C 240 -6.94 -0.86 -8.02
C HIS C 240 -8.20 0.00 -7.85
N ARG C 241 -9.08 -0.43 -6.97
CA ARG C 241 -10.33 0.29 -6.72
C ARG C 241 -10.08 1.75 -6.37
N GLY C 242 -10.86 2.29 -5.44
CA GLY C 242 -10.71 3.68 -5.06
C GLY C 242 -12.03 4.26 -4.58
N THR C 243 -12.06 5.59 -4.38
CA THR C 243 -13.26 6.25 -3.91
C THR C 243 -14.32 6.28 -5.01
N ALA C 244 -13.87 6.18 -6.26
CA ALA C 244 -14.79 6.17 -7.38
C ALA C 244 -15.78 5.04 -7.13
N ALA C 245 -15.38 3.83 -7.51
CA ALA C 245 -16.20 2.64 -7.34
C ALA C 245 -16.70 2.51 -5.90
N GLU C 246 -16.21 3.40 -5.05
CA GLU C 246 -16.59 3.40 -3.65
C GLU C 246 -17.92 4.13 -3.56
N ARG C 247 -17.87 5.40 -3.94
CA ARG C 247 -19.03 6.26 -3.93
C ARG C 247 -20.12 5.75 -4.87
N ALA C 248 -19.72 5.37 -6.07
CA ALA C 248 -20.65 4.86 -7.08
C ALA C 248 -21.49 3.72 -6.52
N ALA C 249 -21.15 2.50 -6.87
CA ALA C 249 -21.88 1.32 -6.39
C ALA C 249 -22.64 1.55 -5.09
N LEU C 250 -22.01 2.26 -4.16
CA LEU C 250 -22.66 2.53 -2.89
C LEU C 250 -24.02 3.14 -3.17
N PHE C 251 -24.03 4.13 -4.05
CA PHE C 251 -25.25 4.81 -4.45
C PHE C 251 -26.33 3.76 -4.64
N TRP C 252 -26.19 3.00 -5.73
CA TRP C 252 -27.12 1.95 -6.08
C TRP C 252 -27.37 0.98 -4.93
N ARG C 253 -26.44 0.92 -3.99
CA ARG C 253 -26.61 0.04 -2.86
C ARG C 253 -27.76 0.58 -2.00
N TRP C 254 -27.67 1.86 -1.64
CA TRP C 254 -28.71 2.45 -0.80
C TRP C 254 -29.87 2.97 -1.65
N THR C 255 -29.93 2.51 -2.90
CA THR C 255 -31.00 2.92 -3.82
C THR C 255 -31.86 1.70 -4.15
N MET C 256 -31.42 0.92 -5.14
CA MET C 256 -32.15 -0.27 -5.54
C MET C 256 -31.72 -1.47 -4.72
N GLY C 257 -30.97 -1.19 -3.65
CA GLY C 257 -30.46 -2.26 -2.78
C GLY C 257 -29.18 -2.84 -3.32
N PHE C 258 -29.23 -4.06 -3.81
CA PHE C 258 -28.05 -4.71 -4.37
C PHE C 258 -27.31 -3.72 -5.28
N ASN C 259 -26.10 -4.12 -5.70
CA ASN C 259 -25.27 -3.31 -6.58
C ASN C 259 -24.11 -4.14 -7.05
N VAL C 260 -23.17 -3.54 -7.76
CA VAL C 260 -22.04 -4.33 -8.25
C VAL C 260 -20.68 -3.64 -8.27
N THR C 261 -19.91 -3.91 -9.34
CA THR C 261 -18.56 -3.38 -9.45
C THR C 261 -18.24 -2.69 -10.77
N MET C 262 -17.32 -1.74 -10.68
CA MET C 262 -16.86 -1.00 -11.83
C MET C 262 -16.53 -2.00 -12.92
N GLU C 263 -16.49 -3.27 -12.56
CA GLU C 263 -16.24 -4.29 -13.57
C GLU C 263 -17.60 -4.79 -13.99
N SER C 264 -18.20 -5.62 -13.13
CA SER C 264 -19.52 -6.21 -13.38
C SER C 264 -20.43 -5.42 -14.34
N ILE C 265 -20.84 -4.22 -13.93
CA ILE C 265 -21.67 -3.38 -14.75
C ILE C 265 -21.27 -3.58 -16.22
N HIS C 266 -20.07 -3.13 -16.58
CA HIS C 266 -19.57 -3.27 -17.94
C HIS C 266 -19.88 -4.63 -18.58
N ARG C 267 -20.24 -5.58 -17.72
CA ARG C 267 -20.59 -6.94 -18.11
C ARG C 267 -22.02 -6.86 -18.62
N TRP C 268 -22.96 -6.66 -17.68
CA TRP C 268 -24.37 -6.56 -18.03
C TRP C 268 -24.46 -5.69 -19.29
N ALA C 269 -23.66 -4.65 -19.33
CA ALA C 269 -23.62 -3.78 -20.48
C ALA C 269 -23.46 -4.72 -21.66
N TRP C 270 -22.23 -5.12 -21.95
CA TRP C 270 -21.97 -6.03 -23.06
C TRP C 270 -23.04 -7.12 -23.19
N TRP C 271 -23.72 -7.46 -22.10
CA TRP C 271 -24.75 -8.48 -22.20
C TRP C 271 -26.08 -8.00 -22.76
N CYS C 272 -26.79 -7.18 -21.99
CA CYS C 272 -28.07 -6.65 -22.45
C CYS C 272 -27.94 -6.42 -23.96
N ALA C 273 -26.91 -5.67 -24.33
CA ALA C 273 -26.63 -5.36 -25.72
C ALA C 273 -26.70 -6.62 -26.59
N VAL C 274 -25.77 -7.54 -26.38
CA VAL C 274 -25.74 -8.77 -27.16
C VAL C 274 -27.06 -9.51 -27.00
N LEU C 275 -27.56 -9.55 -25.78
CA LEU C 275 -28.81 -10.25 -25.54
C LEU C 275 -30.00 -9.51 -26.17
N THR C 276 -29.68 -8.56 -27.05
CA THR C 276 -30.69 -7.79 -27.77
C THR C 276 -30.78 -8.43 -29.15
N VAL C 277 -29.89 -8.04 -30.07
CA VAL C 277 -29.89 -8.59 -31.42
C VAL C 277 -30.06 -10.12 -31.39
N ILE C 278 -29.78 -10.70 -30.24
CA ILE C 278 -29.91 -12.15 -30.06
C ILE C 278 -31.38 -12.46 -30.15
N THR C 279 -32.14 -11.84 -29.27
CA THR C 279 -33.59 -12.02 -29.22
C THR C 279 -34.24 -11.44 -30.47
N ALA C 280 -33.57 -10.50 -31.09
CA ALA C 280 -34.07 -9.91 -32.31
C ALA C 280 -34.14 -11.09 -33.26
N GLY C 281 -33.05 -11.38 -33.95
CA GLY C 281 -33.04 -12.50 -34.88
C GLY C 281 -33.78 -13.74 -34.42
N ILE C 282 -34.11 -13.84 -33.14
CA ILE C 282 -34.83 -15.03 -32.70
C ILE C 282 -36.22 -14.97 -33.30
N GLY C 283 -37.05 -14.10 -32.74
CA GLY C 283 -38.42 -13.95 -33.24
C GLY C 283 -38.44 -13.91 -34.76
N ILE C 284 -37.70 -12.98 -35.33
CA ILE C 284 -37.61 -12.84 -36.77
C ILE C 284 -37.31 -14.15 -37.47
N LEU C 285 -36.72 -15.11 -36.76
CA LEU C 285 -36.43 -16.39 -37.37
C LEU C 285 -37.62 -17.30 -37.19
N LEU C 286 -38.21 -17.26 -36.00
CA LEU C 286 -39.39 -18.08 -35.75
C LEU C 286 -40.50 -17.56 -36.66
N SER C 287 -40.75 -16.25 -36.59
CA SER C 287 -41.78 -15.61 -37.39
C SER C 287 -41.46 -15.77 -38.88
N GLY C 288 -42.13 -16.71 -39.52
CA GLY C 288 -41.91 -16.96 -40.93
C GLY C 288 -42.10 -18.45 -41.18
N THR C 289 -41.04 -19.21 -40.93
CA THR C 289 -41.07 -20.66 -41.13
C THR C 289 -41.68 -21.37 -39.94
N VAL C 290 -42.03 -20.61 -38.90
CA VAL C 290 -42.63 -21.22 -37.72
C VAL C 290 -44.06 -20.72 -37.57
N VAL C 291 -44.38 -20.10 -36.45
CA VAL C 291 -45.71 -19.58 -36.25
C VAL C 291 -45.93 -18.59 -37.39
N ASP C 292 -47.16 -18.49 -37.89
CA ASP C 292 -47.45 -17.57 -38.99
C ASP C 292 -48.18 -16.33 -38.48
N ASN C 293 -48.95 -16.50 -37.41
CA ASN C 293 -49.67 -15.41 -36.80
C ASN C 293 -49.39 -15.48 -35.31
N TRP C 294 -48.56 -14.57 -34.82
CA TRP C 294 -48.22 -14.59 -33.41
C TRP C 294 -49.38 -14.18 -32.52
N TYR C 295 -50.35 -13.45 -33.06
CA TYR C 295 -51.50 -13.06 -32.25
C TYR C 295 -52.26 -14.33 -31.89
N LEU C 296 -52.46 -15.18 -32.89
CA LEU C 296 -53.16 -16.44 -32.68
C LEU C 296 -52.32 -17.26 -31.71
N TRP C 297 -51.04 -17.39 -32.02
CA TRP C 297 -50.11 -18.13 -31.17
C TRP C 297 -50.43 -17.73 -29.73
N ALA C 298 -50.10 -16.49 -29.41
CA ALA C 298 -50.32 -15.91 -28.10
C ALA C 298 -51.56 -16.43 -27.37
N VAL C 299 -52.72 -15.98 -27.81
CA VAL C 299 -53.98 -16.38 -27.21
C VAL C 299 -54.14 -17.89 -27.15
N LYS C 300 -53.70 -18.57 -28.21
CA LYS C 300 -53.80 -20.02 -28.25
C LYS C 300 -53.00 -20.65 -27.13
N HIS C 301 -52.08 -19.89 -26.55
CA HIS C 301 -51.24 -20.33 -25.45
C HIS C 301 -51.79 -19.79 -24.13
N GLY C 302 -52.83 -18.98 -24.24
CA GLY C 302 -53.45 -18.38 -23.07
C GLY C 302 -52.79 -17.06 -22.77
N MET C 303 -52.01 -16.57 -23.74
CA MET C 303 -51.30 -15.32 -23.60
C MET C 303 -52.16 -14.10 -23.87
N ALA C 304 -52.44 -13.85 -25.16
CA ALA C 304 -53.24 -12.71 -25.61
C ALA C 304 -54.43 -12.41 -24.70
N PRO C 305 -54.53 -11.15 -24.24
CA PRO C 305 -55.59 -10.68 -23.34
C PRO C 305 -56.99 -10.79 -23.92
N ALA C 306 -57.96 -10.31 -23.16
CA ALA C 306 -59.35 -10.33 -23.58
C ALA C 306 -60.07 -9.15 -22.94
N TYR C 307 -60.66 -8.30 -23.78
CA TYR C 307 -61.37 -7.13 -23.30
C TYR C 307 -62.85 -7.29 -23.62
N PRO C 308 -63.69 -6.35 -23.17
CA PRO C 308 -65.12 -6.46 -23.46
C PRO C 308 -65.32 -6.33 -24.97
N GLU C 309 -66.47 -5.79 -25.39
CA GLU C 309 -66.72 -5.62 -26.81
C GLU C 309 -67.81 -4.60 -27.05
N VAL C 310 -67.40 -3.37 -27.34
CA VAL C 310 -68.32 -2.28 -27.60
C VAL C 310 -68.54 -2.16 -29.11
N VAL C 311 -67.72 -2.87 -29.87
CA VAL C 311 -67.83 -2.86 -31.32
C VAL C 311 -67.38 -4.19 -31.89
N THR C 312 -68.09 -4.61 -32.94
CA THR C 312 -67.81 -5.85 -33.64
C THR C 312 -68.38 -5.64 -35.03
N ALA C 313 -68.06 -6.53 -35.97
CA ALA C 313 -68.56 -6.36 -37.32
C ALA C 313 -69.33 -7.56 -37.86
N VAL C 314 -69.26 -7.72 -39.18
CA VAL C 314 -69.94 -8.81 -39.85
C VAL C 314 -68.89 -9.55 -40.68
N ASN C 315 -69.30 -10.58 -41.40
CA ASN C 315 -68.37 -11.33 -42.22
C ASN C 315 -69.01 -11.74 -43.54
N PRO C 316 -68.68 -11.04 -44.62
CA PRO C 316 -69.24 -11.34 -45.94
C PRO C 316 -69.03 -12.79 -46.37
N TYR C 317 -67.79 -13.26 -46.27
CA TYR C 317 -67.46 -14.63 -46.66
C TYR C 317 -68.35 -15.69 -46.04
N GLU C 318 -69.10 -15.32 -45.00
CA GLU C 318 -70.00 -16.27 -44.34
C GLU C 318 -71.47 -16.08 -44.64
N THR C 319 -72.00 -14.87 -44.38
CA THR C 319 -73.41 -14.58 -44.64
C THR C 319 -73.68 -14.48 -46.14
N ALA C 320 -72.64 -14.12 -46.89
CA ALA C 320 -72.75 -13.99 -48.34
C ALA C 320 -71.95 -15.08 -49.04
N SER D 2 -49.98 -19.25 -19.41
CA SER D 2 -48.57 -19.10 -18.95
C SER D 2 -48.53 -18.92 -17.44
N ALA D 3 -49.62 -18.39 -16.89
CA ALA D 3 -49.72 -18.15 -15.46
C ALA D 3 -50.58 -19.23 -14.82
N GLY D 4 -51.54 -19.73 -15.59
CA GLY D 4 -52.41 -20.77 -15.10
C GLY D 4 -51.66 -22.07 -14.89
N ILE D 5 -51.05 -22.58 -15.96
CA ILE D 5 -50.31 -23.84 -15.90
C ILE D 5 -49.87 -24.34 -17.27
N THR D 6 -50.66 -25.22 -17.87
CA THR D 6 -50.37 -25.79 -19.18
C THR D 6 -51.59 -25.69 -20.09
N HIS D 7 -51.39 -25.12 -21.28
CA HIS D 7 -52.48 -24.97 -22.23
C HIS D 7 -52.09 -25.46 -23.63
N TYR D 8 -51.58 -24.55 -24.45
CA TYR D 8 -51.19 -24.88 -25.83
C TYR D 8 -49.90 -25.70 -25.86
N ILE D 9 -49.57 -26.24 -27.04
CA ILE D 9 -48.37 -27.05 -27.21
C ILE D 9 -47.86 -27.02 -28.65
N ASP D 10 -46.65 -26.50 -28.83
CA ASP D 10 -46.04 -26.41 -30.16
C ASP D 10 -44.52 -26.39 -30.05
N ALA D 11 -43.86 -25.96 -31.12
CA ALA D 11 -42.40 -25.90 -31.15
C ALA D 11 -41.79 -24.61 -30.59
N ALA D 12 -41.88 -23.52 -31.35
CA ALA D 12 -41.33 -22.24 -30.93
C ALA D 12 -41.51 -21.94 -29.44
N GLN D 13 -42.68 -22.26 -28.90
CA GLN D 13 -42.93 -21.99 -27.49
C GLN D 13 -41.94 -22.73 -26.60
N ILE D 14 -41.24 -23.71 -27.16
CA ILE D 14 -40.23 -24.43 -26.41
C ILE D 14 -39.15 -23.39 -26.17
N THR D 15 -38.51 -23.02 -27.28
CA THR D 15 -37.43 -22.05 -27.29
C THR D 15 -37.64 -20.85 -26.38
N ILE D 16 -38.83 -20.26 -26.39
CA ILE D 16 -39.06 -19.11 -25.52
C ILE D 16 -38.66 -19.51 -24.11
N TRP D 17 -38.87 -20.78 -23.77
CA TRP D 17 -38.47 -21.30 -22.46
C TRP D 17 -36.95 -21.27 -22.41
N ALA D 18 -36.33 -21.78 -23.48
CA ALA D 18 -34.88 -21.82 -23.59
C ALA D 18 -34.31 -20.47 -23.16
N PHE D 19 -34.06 -19.57 -24.10
CA PHE D 19 -33.51 -18.27 -23.72
C PHE D 19 -33.99 -17.84 -22.34
N TRP D 20 -35.30 -17.83 -22.15
CA TRP D 20 -35.85 -17.40 -20.87
C TRP D 20 -35.63 -18.47 -19.80
N LEU D 21 -34.39 -18.97 -19.77
CA LEU D 21 -33.91 -19.98 -18.84
C LEU D 21 -32.43 -19.65 -18.69
N PHE D 22 -31.73 -19.71 -19.82
CA PHE D 22 -30.31 -19.40 -19.89
C PHE D 22 -30.11 -17.98 -19.37
N PHE D 23 -31.20 -17.22 -19.39
CA PHE D 23 -31.17 -15.85 -18.89
C PHE D 23 -31.00 -15.98 -17.39
N PHE D 24 -31.94 -16.69 -16.77
CA PHE D 24 -31.89 -16.89 -15.33
C PHE D 24 -30.63 -17.60 -14.88
N GLY D 25 -29.85 -18.05 -15.85
CA GLY D 25 -28.60 -18.71 -15.54
C GLY D 25 -27.57 -17.59 -15.57
N LEU D 26 -27.37 -17.05 -16.76
CA LEU D 26 -26.44 -15.94 -16.96
C LEU D 26 -26.68 -14.85 -15.93
N ILE D 27 -27.93 -14.70 -15.50
CA ILE D 27 -28.25 -13.68 -14.50
C ILE D 27 -27.35 -13.92 -13.30
N ILE D 28 -27.28 -15.16 -12.86
CA ILE D 28 -26.46 -15.52 -11.71
C ILE D 28 -25.00 -15.25 -12.05
N TYR D 29 -24.55 -15.77 -13.18
CA TYR D 29 -23.18 -15.55 -13.60
C TYR D 29 -22.80 -14.13 -13.23
N LEU D 30 -23.60 -13.20 -13.69
CA LEU D 30 -23.33 -11.81 -13.39
C LEU D 30 -23.28 -11.65 -11.88
N ARG D 31 -24.39 -11.98 -11.21
CA ARG D 31 -24.46 -11.88 -9.76
C ARG D 31 -23.09 -12.16 -9.17
N ARG D 32 -22.56 -13.35 -9.44
CA ARG D 32 -21.24 -13.71 -8.93
C ARG D 32 -20.25 -12.63 -9.37
N GLU D 33 -20.00 -12.53 -10.66
CA GLU D 33 -19.08 -11.53 -11.19
C GLU D 33 -19.34 -10.16 -10.59
N ASP D 34 -20.55 -9.96 -10.08
CA ASP D 34 -20.91 -8.68 -9.48
C ASP D 34 -20.22 -8.54 -8.14
N LYS D 35 -20.15 -9.67 -7.43
CA LYS D 35 -19.58 -9.73 -6.09
C LYS D 35 -18.07 -9.64 -5.86
N ARG D 36 -17.27 -9.90 -6.89
CA ARG D 36 -15.83 -9.83 -6.79
C ARG D 36 -15.41 -8.97 -5.60
N GLU D 37 -15.18 -7.70 -5.84
CA GLU D 37 -14.76 -6.77 -4.80
C GLU D 37 -15.82 -6.51 -3.74
N GLY D 38 -15.47 -5.68 -2.77
CA GLY D 38 -16.39 -5.28 -1.71
C GLY D 38 -17.07 -6.40 -0.93
N TYR D 39 -16.82 -7.65 -1.30
CA TYR D 39 -17.44 -8.79 -0.63
C TYR D 39 -16.44 -9.57 0.23
N PRO D 40 -16.92 -10.19 1.32
CA PRO D 40 -18.32 -10.20 1.78
C PRO D 40 -18.71 -8.94 2.52
N LEU D 41 -19.96 -8.88 2.96
CA LEU D 41 -20.44 -7.72 3.71
C LEU D 41 -19.82 -7.65 5.09
N ASP D 42 -19.99 -6.52 5.75
CA ASP D 42 -19.43 -6.30 7.06
C ASP D 42 -20.25 -6.60 8.31
N SER D 43 -21.20 -5.73 8.63
CA SER D 43 -22.01 -5.84 9.84
C SER D 43 -23.33 -6.61 9.73
N ASP D 44 -24.06 -6.63 10.83
CA ASP D 44 -25.37 -7.30 10.91
C ASP D 44 -26.47 -6.27 11.17
N ARG D 45 -26.20 -5.00 10.86
CA ARG D 45 -27.19 -3.93 11.06
C ARG D 45 -28.54 -4.33 10.47
N THR D 46 -28.52 -5.27 9.53
CA THR D 46 -29.74 -5.76 8.92
C THR D 46 -29.40 -7.01 8.13
N GLU D 47 -30.41 -7.76 7.72
CA GLU D 47 -30.17 -8.99 6.96
C GLU D 47 -30.39 -8.78 5.47
N ARG D 48 -30.12 -9.82 4.69
CA ARG D 48 -30.29 -9.73 3.25
C ARG D 48 -31.75 -9.67 2.81
N SER D 49 -32.17 -8.53 2.29
CA SER D 49 -33.54 -8.34 1.84
C SER D 49 -33.75 -9.02 0.49
N GLY D 50 -34.82 -9.81 0.38
CA GLY D 50 -35.11 -10.50 -0.86
C GLY D 50 -36.00 -11.71 -0.64
N GLY D 51 -36.07 -12.61 -1.62
CA GLY D 51 -36.90 -13.79 -1.47
C GLY D 51 -36.25 -14.82 -0.57
N ARG D 52 -35.11 -15.35 -1.01
CA ARG D 52 -34.37 -16.34 -0.25
C ARG D 52 -33.15 -15.71 0.43
N VAL D 53 -33.32 -15.35 1.71
CA VAL D 53 -32.24 -14.75 2.48
C VAL D 53 -31.11 -15.75 2.73
N LYS D 54 -30.22 -15.87 1.75
CA LYS D 54 -29.09 -16.78 1.85
C LYS D 54 -28.01 -16.23 2.77
N VAL D 55 -27.13 -17.11 3.23
CA VAL D 55 -26.03 -16.69 4.10
C VAL D 55 -25.52 -15.33 3.64
N VAL D 56 -24.72 -15.31 2.56
CA VAL D 56 -24.19 -14.07 1.99
C VAL D 56 -24.33 -14.12 0.46
N GLY D 57 -25.47 -13.67 -0.04
CA GLY D 57 -25.72 -13.65 -1.47
C GLY D 57 -26.02 -15.05 -1.98
N PHE D 58 -27.06 -15.19 -2.80
CA PHE D 58 -27.40 -16.50 -3.33
C PHE D 58 -26.29 -17.12 -4.16
N PRO D 59 -25.67 -16.33 -5.05
CA PRO D 59 -24.59 -16.88 -5.87
C PRO D 59 -23.28 -17.01 -5.07
N ASP D 60 -22.91 -18.25 -4.73
CA ASP D 60 -21.67 -18.49 -3.98
C ASP D 60 -20.57 -17.58 -4.51
N LEU D 61 -19.95 -16.78 -3.64
CA LEU D 61 -18.90 -15.89 -4.11
C LEU D 61 -18.00 -16.60 -5.09
N PRO D 62 -17.65 -15.93 -6.20
CA PRO D 62 -16.80 -16.56 -7.20
C PRO D 62 -15.42 -16.82 -6.63
N ASP D 63 -14.50 -17.22 -7.49
CA ASP D 63 -13.15 -17.49 -7.04
C ASP D 63 -12.24 -16.30 -7.26
N PRO D 64 -11.00 -16.41 -6.81
CA PRO D 64 -10.05 -15.32 -6.99
C PRO D 64 -9.74 -15.11 -8.47
N LYS D 65 -9.65 -13.86 -8.86
CA LYS D 65 -9.34 -13.51 -10.23
C LYS D 65 -7.93 -12.95 -10.13
N THR D 66 -7.09 -13.22 -11.12
CA THR D 66 -5.72 -12.74 -11.06
C THR D 66 -5.40 -11.64 -12.08
N PHE D 67 -5.29 -10.42 -11.59
CA PHE D 67 -5.00 -9.28 -12.43
C PHE D 67 -3.53 -9.01 -12.66
N VAL D 68 -3.04 -9.41 -13.83
CA VAL D 68 -1.65 -9.21 -14.19
C VAL D 68 -1.42 -7.76 -14.58
N LEU D 69 -1.02 -6.94 -13.60
CA LEU D 69 -0.76 -5.53 -13.83
C LEU D 69 0.28 -5.27 -14.91
N PRO D 70 0.47 -3.99 -15.29
CA PRO D 70 1.44 -3.61 -16.31
C PRO D 70 2.87 -3.76 -15.85
N HIS D 71 3.80 -3.54 -16.77
CA HIS D 71 5.23 -3.65 -16.47
C HIS D 71 5.58 -3.04 -15.12
N ASN D 72 6.49 -3.70 -14.39
CA ASN D 72 6.92 -3.23 -13.08
C ASN D 72 5.73 -3.01 -12.15
N GLY D 73 4.82 -3.97 -12.15
CA GLY D 73 3.66 -3.84 -11.31
C GLY D 73 3.26 -5.13 -10.63
N GLY D 74 2.97 -5.03 -9.34
CA GLY D 74 2.56 -6.21 -8.59
C GLY D 74 1.36 -6.82 -9.26
N THR D 75 0.80 -7.85 -8.65
CA THR D 75 -0.35 -8.52 -9.22
C THR D 75 -1.55 -8.42 -8.28
N VAL D 76 -2.71 -8.10 -8.85
CA VAL D 76 -3.93 -7.98 -8.05
C VAL D 76 -4.89 -9.10 -8.34
N VAL D 77 -5.69 -9.45 -7.33
CA VAL D 77 -6.65 -10.51 -7.49
C VAL D 77 -7.98 -10.13 -6.88
N ALA D 78 -9.00 -10.92 -7.18
CA ALA D 78 -10.35 -10.69 -6.67
C ALA D 78 -11.19 -11.95 -6.83
N PRO D 79 -11.92 -12.32 -5.78
CA PRO D 79 -11.92 -11.59 -4.51
C PRO D 79 -10.53 -11.55 -3.90
N ARG D 80 -10.40 -10.80 -2.81
CA ARG D 80 -9.13 -10.67 -2.11
C ARG D 80 -9.43 -10.05 -0.77
N VAL D 81 -9.39 -10.88 0.28
CA VAL D 81 -9.69 -10.40 1.61
C VAL D 81 -9.05 -9.04 1.86
N GLU D 82 -9.77 -8.18 2.57
CA GLU D 82 -9.27 -6.84 2.87
C GLU D 82 -9.21 -6.58 4.36
N ALA D 83 -8.22 -5.77 4.75
CA ALA D 83 -8.00 -5.44 6.14
C ALA D 83 -8.94 -4.34 6.60
N PRO D 84 -9.77 -4.63 7.62
CA PRO D 84 -10.72 -3.67 8.18
C PRO D 84 -10.12 -2.28 8.35
N VAL D 85 -10.94 -1.27 8.10
CA VAL D 85 -10.48 0.11 8.23
C VAL D 85 -11.02 0.73 9.50
N ALA D 86 -10.67 1.99 9.72
CA ALA D 86 -11.12 2.71 10.90
C ALA D 86 -12.42 3.43 10.58
N VAL D 87 -13.13 3.82 11.62
CA VAL D 87 -14.39 4.53 11.45
C VAL D 87 -14.36 5.81 12.28
N ASN D 88 -13.67 6.84 11.78
CA ASN D 88 -13.58 8.09 12.52
C ASN D 88 -14.93 8.77 12.63
N ALA D 89 -15.84 8.14 13.36
CA ALA D 89 -17.17 8.68 13.54
C ALA D 89 -17.93 7.94 14.63
N THR D 90 -18.97 8.58 15.17
CA THR D 90 -19.79 7.96 16.20
C THR D 90 -21.24 7.88 15.73
N PRO D 91 -21.87 6.71 15.92
CA PRO D 91 -23.27 6.53 15.50
C PRO D 91 -24.22 7.46 16.23
N PHE D 92 -24.94 8.29 15.47
CA PHE D 92 -25.90 9.21 16.05
C PHE D 92 -26.86 8.37 16.90
N SER D 93 -27.11 7.15 16.45
CA SER D 93 -27.97 6.24 17.16
C SER D 93 -27.43 4.82 17.03
N PRO D 94 -27.62 4.00 18.06
CA PRO D 94 -27.16 2.61 18.08
C PRO D 94 -27.99 1.73 17.15
N ALA D 95 -29.13 2.27 16.73
CA ALA D 95 -30.05 1.58 15.84
C ALA D 95 -29.38 1.14 14.54
N PRO D 96 -29.57 -0.13 14.15
CA PRO D 96 -28.95 -0.58 12.91
C PRO D 96 -29.42 0.33 11.76
N GLY D 97 -28.47 0.80 10.96
CA GLY D 97 -28.83 1.65 9.86
C GLY D 97 -28.79 3.14 10.20
N SER D 98 -28.40 3.48 11.42
CA SER D 98 -28.31 4.87 11.81
C SER D 98 -26.99 5.44 11.32
N PRO D 99 -26.93 6.76 11.07
CA PRO D 99 -25.72 7.43 10.59
C PRO D 99 -24.57 7.53 11.61
N LEU D 100 -23.38 7.87 11.12
CA LEU D 100 -22.21 8.02 11.97
C LEU D 100 -21.65 9.44 11.84
N VAL D 101 -21.64 10.19 12.94
CA VAL D 101 -21.14 11.56 12.91
C VAL D 101 -19.61 11.60 12.82
N PRO D 102 -19.07 12.47 11.95
CA PRO D 102 -17.63 12.64 11.73
C PRO D 102 -16.88 13.34 12.87
N ASN D 103 -16.47 12.57 13.87
CA ASN D 103 -15.74 13.10 15.02
C ASN D 103 -14.79 14.22 14.65
N GLY D 104 -14.69 15.20 15.54
CA GLY D 104 -13.82 16.34 15.33
C GLY D 104 -14.15 17.12 14.08
N ASP D 105 -13.11 17.56 13.37
CA ASP D 105 -13.33 18.32 12.15
C ASP D 105 -13.61 17.32 11.04
N PRO D 106 -14.85 17.32 10.54
CA PRO D 106 -15.29 16.42 9.47
C PRO D 106 -14.56 16.72 8.16
N MET D 107 -14.36 18.00 7.88
CA MET D 107 -13.68 18.43 6.67
C MET D 107 -12.49 17.53 6.34
N LEU D 108 -11.84 16.99 7.37
CA LEU D 108 -10.70 16.08 7.19
C LEU D 108 -10.89 14.82 8.00
N SER D 109 -11.96 14.76 8.79
CA SER D 109 -12.24 13.59 9.61
C SER D 109 -12.19 12.36 8.72
N GLY D 110 -12.10 12.61 7.42
CA GLY D 110 -12.05 11.51 6.46
C GLY D 110 -13.22 10.57 6.65
N PHE D 111 -14.43 11.04 6.35
CA PHE D 111 -15.61 10.21 6.49
C PHE D 111 -16.66 10.50 5.43
N GLY D 112 -17.37 9.45 5.01
CA GLY D 112 -18.41 9.55 4.01
C GLY D 112 -18.22 10.61 2.95
N PRO D 113 -18.82 11.80 3.14
CA PRO D 113 -18.73 12.94 2.23
C PRO D 113 -17.32 13.29 1.77
N ALA D 114 -16.33 12.85 2.54
CA ALA D 114 -14.94 13.13 2.21
C ALA D 114 -14.03 12.00 2.63
N ALA D 115 -14.57 10.78 2.60
CA ALA D 115 -13.81 9.58 2.96
C ALA D 115 -13.17 9.05 1.69
N SER D 116 -12.38 7.98 1.81
CA SER D 116 -11.72 7.41 0.65
C SER D 116 -10.89 6.18 1.03
N PRO D 117 -10.57 5.35 0.04
CA PRO D 117 -9.75 4.15 0.31
C PRO D 117 -8.28 4.51 0.14
N ASP D 118 -7.39 3.57 0.48
CA ASP D 118 -5.96 3.81 0.37
C ASP D 118 -5.36 3.15 -0.87
N ARG D 119 -5.62 3.75 -2.02
CA ARG D 119 -5.08 3.19 -3.25
C ARG D 119 -3.57 3.13 -3.22
N PRO D 120 -2.98 2.25 -4.03
CA PRO D 120 -1.53 2.10 -4.09
C PRO D 120 -0.80 3.44 -4.14
N LYS D 121 0.29 3.53 -3.41
CA LYS D 121 1.08 4.75 -3.35
C LYS D 121 2.15 4.72 -4.42
N HIS D 122 1.72 4.55 -5.67
CA HIS D 122 2.63 4.52 -6.81
C HIS D 122 1.97 5.17 -8.01
N CYS D 123 2.50 6.32 -8.40
CA CYS D 123 2.01 7.12 -9.52
C CYS D 123 1.69 6.24 -10.72
N ASP D 124 0.45 6.28 -11.21
CA ASP D 124 0.10 5.46 -12.36
C ASP D 124 0.81 6.01 -13.58
N LEU D 125 1.60 5.16 -14.20
CA LEU D 125 2.38 5.57 -15.36
C LEU D 125 1.67 5.46 -16.71
N THR D 126 2.39 5.84 -17.76
CA THR D 126 1.88 5.80 -19.12
C THR D 126 2.12 4.44 -19.75
N PHE D 127 2.10 4.40 -21.07
CA PHE D 127 2.30 3.16 -21.79
C PHE D 127 3.61 2.48 -21.50
N GLU D 128 4.71 3.13 -21.86
CA GLU D 128 6.04 2.57 -21.67
C GLU D 128 6.61 2.67 -20.25
N GLY D 129 6.59 3.86 -19.65
CA GLY D 129 7.14 4.00 -18.32
C GLY D 129 6.72 5.24 -17.56
N LEU D 130 7.13 6.42 -18.03
CA LEU D 130 6.81 7.67 -17.36
C LEU D 130 5.37 7.68 -16.84
N PRO D 131 5.12 8.39 -15.73
CA PRO D 131 3.78 8.47 -15.13
C PRO D 131 2.79 9.38 -15.88
N LYS D 132 1.61 8.81 -16.14
CA LYS D 132 0.52 9.48 -16.84
C LYS D 132 0.29 10.93 -16.39
N ILE D 133 -0.44 11.07 -15.28
CA ILE D 133 -0.76 12.37 -14.72
C ILE D 133 0.45 13.10 -14.12
N VAL D 134 0.88 14.17 -14.80
CA VAL D 134 2.01 14.96 -14.36
C VAL D 134 1.68 16.43 -14.51
N PRO D 135 2.42 17.32 -13.84
CA PRO D 135 2.11 18.74 -14.00
C PRO D 135 2.74 19.23 -15.32
N MET D 136 2.25 20.36 -15.81
CA MET D 136 2.75 20.90 -17.07
C MET D 136 4.23 21.25 -17.03
N ARG D 137 4.88 20.86 -15.94
CA ARG D 137 6.31 21.09 -15.75
C ARG D 137 7.04 20.14 -16.69
N VAL D 138 6.90 18.84 -16.41
CA VAL D 138 7.50 17.80 -17.24
C VAL D 138 6.64 17.75 -18.48
N ALA D 139 5.38 18.14 -18.30
CA ALA D 139 4.42 18.17 -19.38
C ALA D 139 4.75 19.42 -20.18
N LYS D 140 6.02 19.56 -20.53
CA LYS D 140 6.49 20.69 -21.29
C LYS D 140 6.21 20.48 -22.78
N GLU D 141 6.14 19.21 -23.19
CA GLU D 141 5.90 18.87 -24.59
C GLU D 141 4.44 19.08 -24.98
N PHE D 142 3.68 19.73 -24.10
CA PHE D 142 2.28 20.01 -24.34
C PHE D 142 2.00 21.47 -24.72
N SER D 143 0.74 21.77 -24.98
CA SER D 143 0.34 23.10 -25.37
C SER D 143 -1.17 23.29 -25.19
N ILE D 144 -1.55 24.40 -24.58
CA ILE D 144 -2.95 24.71 -24.36
C ILE D 144 -3.69 24.57 -25.69
N ALA D 145 -4.95 24.14 -25.64
CA ALA D 145 -5.74 23.99 -26.84
C ALA D 145 -5.81 25.31 -27.57
N GLU D 146 -5.23 25.37 -28.77
CA GLU D 146 -5.22 26.58 -29.57
C GLU D 146 -6.61 27.21 -29.56
N GLY D 147 -6.81 28.20 -28.69
CA GLY D 147 -8.10 28.85 -28.60
C GLY D 147 -8.57 28.96 -27.17
N ASP D 148 -8.76 27.83 -26.51
CA ASP D 148 -9.21 27.84 -25.12
C ASP D 148 -8.27 28.72 -24.29
N PRO D 149 -8.85 29.66 -23.53
CA PRO D 149 -8.07 30.56 -22.69
C PRO D 149 -7.24 29.83 -21.63
N ASP D 150 -5.92 29.93 -21.79
CA ASP D 150 -4.96 29.30 -20.88
C ASP D 150 -5.27 29.54 -19.41
N PRO D 151 -5.45 28.47 -18.63
CA PRO D 151 -5.76 28.58 -17.21
C PRO D 151 -4.58 28.99 -16.31
N ARG D 152 -3.36 28.89 -16.84
CA ARG D 152 -2.18 29.25 -16.07
C ARG D 152 -2.14 30.74 -15.73
N GLY D 153 -2.54 31.07 -14.51
CA GLY D 153 -2.56 32.46 -14.08
C GLY D 153 -3.93 32.86 -13.58
N MET D 154 -4.86 31.92 -13.65
CA MET D 154 -6.22 32.16 -13.21
C MET D 154 -6.30 32.05 -11.69
N THR D 155 -6.87 33.07 -11.07
CA THR D 155 -6.98 33.09 -9.63
C THR D 155 -8.20 32.32 -9.13
N VAL D 156 -7.95 31.22 -8.43
CA VAL D 156 -9.03 30.41 -7.89
C VAL D 156 -9.83 31.28 -6.91
N VAL D 157 -11.07 30.88 -6.65
CA VAL D 157 -11.91 31.65 -5.75
C VAL D 157 -12.85 30.77 -4.95
N GLY D 158 -12.70 30.82 -3.64
CA GLY D 158 -13.52 30.01 -2.77
C GLY D 158 -14.99 30.06 -3.11
N LEU D 159 -15.72 29.05 -2.64
CA LEU D 159 -17.15 28.98 -2.86
C LEU D 159 -17.79 30.08 -2.04
N ASP D 160 -16.99 30.68 -1.17
CA ASP D 160 -17.48 31.78 -0.35
C ASP D 160 -17.29 33.02 -1.20
N GLY D 161 -16.59 32.85 -2.32
CA GLY D 161 -16.35 33.96 -3.23
C GLY D 161 -14.95 34.52 -3.11
N GLU D 162 -14.62 34.98 -1.90
CA GLU D 162 -13.32 35.56 -1.60
C GLU D 162 -12.21 34.68 -2.17
N VAL D 163 -11.19 35.30 -2.73
CA VAL D 163 -10.08 34.58 -3.32
C VAL D 163 -9.53 33.48 -2.39
N ALA D 164 -8.69 32.62 -2.94
CA ALA D 164 -8.09 31.52 -2.18
C ALA D 164 -6.94 31.00 -3.00
N GLY D 165 -5.89 31.80 -3.07
CA GLY D 165 -4.72 31.41 -3.83
C GLY D 165 -4.96 31.58 -5.31
N THR D 166 -4.14 30.96 -6.13
CA THR D 166 -4.29 31.03 -7.57
C THR D 166 -3.90 29.69 -8.15
N VAL D 167 -3.40 29.70 -9.38
CA VAL D 167 -3.00 28.47 -10.03
C VAL D 167 -1.53 28.45 -10.43
N SER D 168 -1.11 27.33 -11.02
CA SER D 168 0.25 27.13 -11.50
C SER D 168 0.21 26.23 -12.72
N ASP D 169 0.74 25.02 -12.59
CA ASP D 169 0.74 24.06 -13.69
C ASP D 169 -0.55 23.27 -13.73
N VAL D 170 -1.08 23.07 -14.93
CA VAL D 170 -2.31 22.31 -15.08
C VAL D 170 -1.96 20.90 -15.52
N TRP D 171 -1.88 20.01 -14.53
CA TRP D 171 -1.55 18.61 -14.75
C TRP D 171 -2.29 17.90 -15.90
N VAL D 172 -1.63 17.85 -17.06
CA VAL D 172 -2.16 17.22 -18.25
C VAL D 172 -1.97 15.72 -18.16
N ASP D 173 -1.82 15.07 -19.31
CA ASP D 173 -1.65 13.63 -19.36
C ASP D 173 -1.09 13.19 -20.72
N ARG D 174 -0.18 12.23 -20.70
CA ARG D 174 0.44 11.72 -21.94
C ARG D 174 -0.51 10.78 -22.68
N SER D 175 -1.47 10.23 -21.96
CA SER D 175 -2.44 9.29 -22.53
C SER D 175 -3.54 9.97 -23.35
N GLU D 176 -4.13 11.02 -22.78
CA GLU D 176 -5.19 11.76 -23.44
C GLU D 176 -5.04 13.25 -23.16
N PRO D 177 -4.70 14.03 -24.19
CA PRO D 177 -4.51 15.49 -24.09
C PRO D 177 -5.69 16.20 -23.42
N GLN D 178 -5.93 15.84 -22.16
CA GLN D 178 -7.02 16.42 -21.38
C GLN D 178 -6.49 16.88 -20.04
N ILE D 179 -6.86 18.08 -19.63
CA ILE D 179 -6.42 18.60 -18.34
C ILE D 179 -7.13 17.86 -17.21
N ARG D 180 -6.37 17.36 -16.25
CA ARG D 180 -6.93 16.62 -15.13
C ARG D 180 -6.73 17.29 -13.78
N TYR D 181 -5.74 18.19 -13.70
CA TYR D 181 -5.47 18.90 -12.46
C TYR D 181 -4.81 20.25 -12.68
N LEU D 182 -5.00 21.15 -11.72
CA LEU D 182 -4.39 22.48 -11.81
C LEU D 182 -3.68 22.79 -10.50
N GLU D 183 -2.40 23.16 -10.60
CA GLU D 183 -1.62 23.50 -9.40
C GLU D 183 -2.18 24.79 -8.83
N VAL D 184 -2.47 24.76 -7.53
CA VAL D 184 -3.03 25.92 -6.87
C VAL D 184 -2.16 26.43 -5.72
N GLU D 185 -1.25 27.34 -6.04
CA GLU D 185 -0.38 27.94 -5.04
C GLU D 185 -1.31 28.75 -4.13
N VAL D 186 -1.79 28.11 -3.06
CA VAL D 186 -2.70 28.76 -2.13
C VAL D 186 -2.21 30.13 -1.68
N ALA D 187 -3.02 30.79 -0.86
CA ALA D 187 -2.70 32.13 -0.37
C ALA D 187 -2.06 32.16 1.02
N ALA D 188 -2.64 31.42 1.95
CA ALA D 188 -2.11 31.39 3.31
C ALA D 188 -0.94 30.42 3.46
N ASN D 189 -1.07 29.23 2.87
CA ASN D 189 -0.03 28.22 2.95
C ASN D 189 1.16 28.51 2.05
N LYS D 190 0.94 29.29 1.00
CA LYS D 190 2.01 29.61 0.07
C LYS D 190 2.58 28.29 -0.45
N LYS D 191 1.75 27.26 -0.36
CA LYS D 191 2.10 25.92 -0.78
C LYS D 191 1.53 25.59 -2.16
N LYS D 192 1.36 24.29 -2.40
CA LYS D 192 0.81 23.82 -3.65
C LYS D 192 -0.25 22.76 -3.33
N VAL D 193 -1.48 23.02 -3.77
CA VAL D 193 -2.58 22.10 -3.57
C VAL D 193 -3.19 21.80 -4.92
N LEU D 194 -3.12 20.52 -5.31
CA LEU D 194 -3.66 20.10 -6.59
C LEU D 194 -5.15 20.37 -6.73
N LEU D 195 -5.53 21.02 -7.81
CA LEU D 195 -6.93 21.30 -8.06
C LEU D 195 -7.47 20.27 -9.04
N PRO D 196 -8.51 19.54 -8.62
CA PRO D 196 -9.19 18.51 -9.42
C PRO D 196 -10.18 19.17 -10.40
N ILE D 197 -9.73 19.40 -11.64
CA ILE D 197 -10.55 20.04 -12.66
C ILE D 197 -12.02 19.62 -12.52
N GLY D 198 -12.24 18.33 -12.30
CA GLY D 198 -13.60 17.84 -12.14
C GLY D 198 -14.39 18.70 -11.17
N PHE D 199 -13.69 19.31 -10.23
CA PHE D 199 -14.35 20.16 -9.24
C PHE D 199 -14.15 21.63 -9.58
N SER D 200 -13.37 21.92 -10.60
CA SER D 200 -13.11 23.30 -10.98
C SER D 200 -14.01 23.85 -12.08
N ARG D 201 -14.79 24.86 -11.73
CA ARG D 201 -15.69 25.51 -12.69
C ARG D 201 -15.01 26.70 -13.36
N PHE D 202 -14.83 26.63 -14.67
CA PHE D 202 -14.18 27.70 -15.40
C PHE D 202 -15.06 28.94 -15.60
N ASP D 203 -14.43 30.11 -15.50
CA ASP D 203 -15.09 31.40 -15.67
C ASP D 203 -14.20 32.25 -16.57
N LYS D 204 -13.95 31.76 -17.77
CA LYS D 204 -13.08 32.42 -18.74
C LYS D 204 -13.34 33.91 -18.95
N LYS D 205 -14.40 34.43 -18.34
CA LYS D 205 -14.73 35.85 -18.48
C LYS D 205 -13.88 36.74 -17.58
N ALA D 206 -13.61 36.29 -16.36
CA ALA D 206 -12.83 37.08 -15.40
C ALA D 206 -11.54 36.40 -14.95
N ARG D 207 -10.99 35.52 -15.80
CA ARG D 207 -9.77 34.82 -15.47
C ARG D 207 -9.92 33.98 -14.20
N LYS D 208 -11.09 34.00 -13.58
CA LYS D 208 -11.30 33.23 -12.36
C LYS D 208 -11.62 31.77 -12.62
N VAL D 209 -11.67 31.01 -11.54
CA VAL D 209 -11.98 29.58 -11.55
C VAL D 209 -12.61 29.27 -10.21
N LYS D 210 -13.91 29.49 -10.11
CA LYS D 210 -14.63 29.24 -8.87
C LYS D 210 -14.87 27.76 -8.61
N VAL D 211 -14.75 27.37 -7.35
CA VAL D 211 -14.97 25.98 -6.95
C VAL D 211 -15.95 25.91 -5.78
N ASP D 212 -17.23 25.74 -6.08
CA ASP D 212 -18.24 25.64 -5.03
C ASP D 212 -18.08 24.29 -4.35
N ALA D 213 -16.97 24.10 -3.65
CA ALA D 213 -16.72 22.83 -2.97
C ALA D 213 -16.25 23.04 -1.54
N ILE D 214 -15.29 23.93 -1.35
CA ILE D 214 -14.73 24.21 -0.03
C ILE D 214 -14.42 25.70 0.11
N LYS D 215 -14.58 26.23 1.31
CA LYS D 215 -14.29 27.65 1.52
C LYS D 215 -12.83 27.93 1.15
N ALA D 216 -12.52 29.20 0.91
CA ALA D 216 -11.17 29.60 0.53
C ALA D 216 -10.10 29.06 1.49
N ALA D 217 -10.42 29.08 2.78
CA ALA D 217 -9.51 28.62 3.82
C ALA D 217 -9.13 27.15 3.69
N HIS D 218 -10.13 26.31 3.42
CA HIS D 218 -9.93 24.87 3.29
C HIS D 218 -8.80 24.47 2.35
N PHE D 219 -8.35 25.41 1.52
CA PHE D 219 -7.25 25.11 0.60
C PHE D 219 -5.96 24.88 1.37
N ALA D 220 -6.01 25.14 2.68
CA ALA D 220 -4.86 24.97 3.54
C ALA D 220 -4.83 23.56 4.10
N ASN D 221 -6.01 23.01 4.37
CA ASN D 221 -6.13 21.66 4.92
C ASN D 221 -6.14 20.62 3.80
N VAL D 222 -6.05 21.10 2.56
CA VAL D 222 -6.03 20.21 1.41
C VAL D 222 -4.84 19.27 1.48
N PRO D 223 -5.08 17.94 1.49
CA PRO D 223 -3.99 16.98 1.55
C PRO D 223 -2.85 17.42 0.64
N THR D 224 -1.68 17.60 1.23
CA THR D 224 -0.51 18.05 0.50
C THR D 224 0.13 16.97 -0.35
N LEU D 225 0.63 17.35 -1.50
CA LEU D 225 1.26 16.40 -2.41
C LEU D 225 2.67 16.05 -1.95
N SER D 226 2.98 14.75 -1.91
CA SER D 226 4.31 14.32 -1.49
C SER D 226 5.35 14.92 -2.42
N ASN D 227 5.19 14.66 -3.71
CA ASN D 227 6.10 15.17 -4.73
C ASN D 227 5.29 16.01 -5.71
N PRO D 228 5.85 17.15 -6.16
CA PRO D 228 5.10 17.99 -7.10
C PRO D 228 5.22 17.59 -8.56
N ASP D 229 6.21 16.77 -8.89
CA ASP D 229 6.38 16.37 -10.28
C ASP D 229 5.55 15.19 -10.73
N GLN D 230 4.74 14.62 -9.83
CA GLN D 230 3.88 13.49 -10.16
C GLN D 230 3.08 12.99 -8.96
N VAL D 231 1.88 12.47 -9.21
CA VAL D 231 1.01 12.00 -8.13
C VAL D 231 0.61 10.55 -8.27
N THR D 232 0.68 9.82 -7.15
CA THR D 232 0.34 8.39 -7.11
C THR D 232 -1.12 8.11 -6.84
N LEU D 233 -1.60 7.00 -7.40
CA LEU D 233 -3.00 6.58 -7.24
C LEU D 233 -3.49 6.83 -5.82
N TYR D 234 -2.72 6.38 -4.84
CA TYR D 234 -3.06 6.56 -3.44
C TYR D 234 -3.58 7.97 -3.22
N GLU D 235 -2.77 8.96 -3.59
CA GLU D 235 -3.12 10.36 -3.43
C GLU D 235 -4.08 10.89 -4.47
N GLU D 236 -4.09 10.23 -5.63
CA GLU D 236 -4.99 10.60 -6.72
C GLU D 236 -6.39 10.63 -6.12
N ASP D 237 -6.66 9.68 -5.23
CA ASP D 237 -7.95 9.60 -4.56
C ASP D 237 -7.91 10.53 -3.37
N LYS D 238 -6.72 10.69 -2.79
CA LYS D 238 -6.56 11.51 -1.62
C LYS D 238 -6.92 12.98 -1.71
N VAL D 239 -6.42 13.66 -2.74
CA VAL D 239 -6.71 15.08 -2.91
C VAL D 239 -8.21 15.28 -3.15
N CYS D 240 -8.73 14.52 -4.11
CA CYS D 240 -10.13 14.56 -4.49
C CYS D 240 -11.06 14.48 -3.28
N ALA D 241 -11.12 13.29 -2.69
CA ALA D 241 -11.97 13.04 -1.53
C ALA D 241 -12.18 14.24 -0.61
N TYR D 242 -11.15 15.06 -0.45
CA TYR D 242 -11.24 16.24 0.42
C TYR D 242 -12.32 17.17 -0.08
N TYR D 243 -12.04 17.87 -1.18
CA TYR D 243 -13.01 18.79 -1.75
C TYR D 243 -14.39 18.16 -1.66
N ALA D 244 -14.44 16.88 -2.00
CA ALA D 244 -15.69 16.13 -1.95
C ALA D 244 -16.44 16.46 -0.67
N GLY D 245 -15.78 16.29 0.46
CA GLY D 245 -16.41 16.58 1.73
C GLY D 245 -17.08 17.93 1.72
N GLY D 246 -16.36 18.94 1.22
CA GLY D 246 -16.88 20.29 1.16
C GLY D 246 -18.33 20.33 0.72
N LYS D 247 -18.66 19.41 -0.19
CA LYS D 247 -20.02 19.29 -0.71
C LYS D 247 -21.03 19.12 0.43
N LEU D 248 -20.59 18.52 1.53
CA LEU D 248 -21.49 18.34 2.67
C LEU D 248 -20.85 18.81 3.98
N TYR D 249 -19.88 19.71 3.89
CA TYR D 249 -19.21 20.21 5.08
C TYR D 249 -18.97 21.71 5.08
N ALA D 250 -18.35 22.21 4.00
CA ALA D 250 -18.01 23.63 3.86
C ALA D 250 -18.99 24.63 4.49
N THR D 251 -20.20 24.18 4.81
CA THR D 251 -21.20 25.04 5.42
C THR D 251 -22.20 24.20 6.21
N ALA D 252 -22.60 24.71 7.38
CA ALA D 252 -23.57 24.00 8.21
C ALA D 252 -24.82 23.81 7.38
N GLU D 253 -25.11 24.82 6.54
CA GLU D 253 -26.27 24.80 5.67
C GLU D 253 -26.32 23.46 4.90
N ARG D 254 -25.50 23.37 3.86
CA ARG D 254 -25.43 22.18 3.03
C ARG D 254 -25.92 20.90 3.72
N ALA D 255 -25.07 20.32 4.55
CA ALA D 255 -25.39 19.07 5.25
C ALA D 255 -26.82 18.93 5.78
N GLY D 256 -27.30 19.93 6.50
CA GLY D 256 -28.64 19.87 7.06
C GLY D 256 -29.77 20.13 6.06
N PRO D 257 -30.94 19.48 6.24
CA PRO D 257 -32.10 19.64 5.34
C PRO D 257 -32.59 21.09 5.22
N LEU D 258 -33.28 21.36 4.10
CA LEU D 258 -33.81 22.70 3.80
C LEU D 258 -35.27 22.87 4.22
N LEU D 259 -36.03 21.78 4.18
CA LEU D 259 -37.43 21.83 4.56
C LEU D 259 -37.93 20.49 5.10
N LEU E 8 -35.39 -29.64 19.01
CA LEU E 8 -34.64 -28.89 17.95
C LEU E 8 -34.41 -27.45 18.36
N TYR E 9 -34.83 -27.11 19.58
CA TYR E 9 -34.68 -25.74 20.07
C TYR E 9 -33.31 -25.17 19.85
N LYS E 10 -32.32 -26.05 19.85
CA LYS E 10 -30.93 -25.66 19.67
C LYS E 10 -30.71 -25.10 18.25
N ILE E 11 -31.79 -24.94 17.51
CA ILE E 11 -31.73 -24.45 16.12
C ILE E 11 -31.50 -22.95 15.97
N TRP E 12 -31.82 -22.19 17.01
CA TRP E 12 -31.61 -20.75 16.97
C TRP E 12 -30.13 -20.43 17.06
N LEU E 13 -29.30 -21.48 17.09
CA LEU E 13 -27.86 -21.32 17.16
C LEU E 13 -27.30 -20.99 15.79
N ILE E 14 -28.02 -21.35 14.74
CA ILE E 14 -27.52 -21.03 13.41
C ILE E 14 -28.22 -19.83 12.79
N LEU E 15 -29.28 -19.35 13.43
CA LEU E 15 -30.02 -18.20 12.92
C LEU E 15 -30.18 -17.10 13.95
N ASP E 16 -29.74 -15.89 13.61
CA ASP E 16 -29.90 -14.77 14.52
C ASP E 16 -31.40 -14.51 14.50
N PRO E 17 -31.98 -14.08 15.63
CA PRO E 17 -33.42 -13.84 15.66
C PRO E 17 -33.92 -12.94 14.52
N ARG E 18 -33.45 -11.70 14.50
CA ARG E 18 -33.86 -10.72 13.50
C ARG E 18 -33.94 -11.27 12.07
N ARG E 19 -32.91 -11.99 11.65
CA ARG E 19 -32.84 -12.55 10.31
C ARG E 19 -34.08 -13.34 9.86
N VAL E 20 -34.52 -14.29 10.67
CA VAL E 20 -35.67 -15.11 10.35
C VAL E 20 -36.90 -14.75 11.21
N LEU E 21 -36.70 -13.85 12.16
CA LEU E 21 -37.80 -13.41 13.02
C LEU E 21 -38.74 -12.55 12.18
N VAL E 22 -38.16 -11.64 11.40
CA VAL E 22 -38.92 -10.74 10.55
C VAL E 22 -39.18 -11.38 9.18
N SER E 23 -38.33 -12.33 8.81
CA SER E 23 -38.47 -13.03 7.54
C SER E 23 -39.79 -13.80 7.52
N ILE E 24 -40.51 -13.72 8.63
CA ILE E 24 -41.80 -14.38 8.78
C ILE E 24 -42.83 -13.34 9.23
N VAL E 25 -42.34 -12.17 9.61
CA VAL E 25 -43.21 -11.07 10.03
C VAL E 25 -43.86 -10.52 8.77
N ALA E 26 -43.03 -10.29 7.75
CA ALA E 26 -43.51 -9.78 6.48
C ALA E 26 -44.14 -10.92 5.69
N PHE E 27 -43.44 -12.06 5.64
CA PHE E 27 -43.96 -13.21 4.92
C PHE E 27 -45.41 -13.47 5.27
N GLN E 28 -45.79 -13.14 6.49
CA GLN E 28 -47.17 -13.32 6.91
C GLN E 28 -48.03 -12.31 6.17
N ILE E 29 -47.62 -11.06 6.21
CA ILE E 29 -48.35 -10.00 5.54
C ILE E 29 -48.35 -10.17 4.02
N VAL E 30 -47.27 -10.72 3.48
CA VAL E 30 -47.17 -10.95 2.04
C VAL E 30 -47.99 -12.17 1.67
N LEU E 31 -48.78 -12.65 2.62
CA LEU E 31 -49.64 -13.80 2.42
C LEU E 31 -51.04 -13.44 2.87
N GLY E 32 -51.12 -12.66 3.95
CA GLY E 32 -52.41 -12.24 4.46
C GLY E 32 -53.21 -11.53 3.40
N LEU E 33 -52.61 -10.49 2.82
CA LEU E 33 -53.27 -9.75 1.77
C LEU E 33 -53.54 -10.66 0.59
N LEU E 34 -52.55 -11.47 0.24
CA LEU E 34 -52.66 -12.41 -0.87
C LEU E 34 -53.83 -13.36 -0.64
N ILE E 35 -53.89 -13.94 0.55
CA ILE E 35 -54.95 -14.89 0.88
C ILE E 35 -56.34 -14.26 0.77
N HIS E 36 -56.57 -13.17 1.48
CA HIS E 36 -57.87 -12.51 1.41
C HIS E 36 -58.20 -12.15 -0.05
N MET E 37 -57.16 -11.81 -0.81
CA MET E 37 -57.33 -11.40 -2.20
C MET E 37 -57.65 -12.53 -3.18
N ILE E 38 -57.07 -13.70 -3.00
CA ILE E 38 -57.35 -14.81 -3.91
C ILE E 38 -58.69 -15.43 -3.54
N VAL E 39 -59.00 -15.40 -2.25
CA VAL E 39 -60.26 -15.93 -1.75
C VAL E 39 -61.37 -14.96 -2.15
N LEU E 40 -61.30 -13.74 -1.61
CA LEU E 40 -62.28 -12.71 -1.92
C LEU E 40 -62.40 -12.58 -3.43
N SER E 41 -61.43 -13.14 -4.14
CA SER E 41 -61.39 -13.10 -5.60
C SER E 41 -62.40 -14.01 -6.27
N THR E 42 -62.07 -15.29 -6.36
CA THR E 42 -62.92 -16.27 -7.00
C THR E 42 -63.91 -16.99 -6.09
N ASP E 43 -63.42 -17.53 -4.98
CA ASP E 43 -64.28 -18.26 -4.04
C ASP E 43 -65.62 -17.58 -3.83
N LEU E 44 -65.63 -16.54 -3.01
CA LEU E 44 -66.84 -15.81 -2.71
C LEU E 44 -66.48 -14.34 -2.62
N ASN E 45 -67.44 -13.47 -2.86
CA ASN E 45 -67.21 -12.05 -2.75
C ASN E 45 -68.15 -11.59 -1.66
N TRP E 46 -67.78 -11.89 -0.43
CA TRP E 46 -68.63 -11.53 0.68
C TRP E 46 -69.25 -10.11 0.58
N LEU E 47 -68.65 -9.23 -0.20
CA LEU E 47 -69.09 -7.85 -0.34
C LEU E 47 -70.50 -7.69 -0.94
N ASP E 48 -70.68 -8.19 -2.16
CA ASP E 48 -71.98 -8.08 -2.80
C ASP E 48 -72.47 -9.45 -3.27
N ASP E 49 -71.65 -10.47 -3.05
CA ASP E 49 -71.97 -11.83 -3.48
C ASP E 49 -73.17 -12.48 -2.81
N ASN E 50 -73.76 -11.82 -1.81
CA ASN E 50 -74.93 -12.39 -1.15
C ASN E 50 -75.90 -11.33 -0.66
N ILE E 51 -75.41 -10.39 0.14
CA ILE E 51 -76.27 -9.34 0.66
C ILE E 51 -75.50 -8.05 0.93
N PRO E 52 -76.12 -6.89 0.68
CA PRO E 52 -77.48 -6.82 0.14
C PRO E 52 -77.49 -7.03 -1.37
N VAL E 53 -78.67 -7.03 -1.98
CA VAL E 53 -78.78 -7.20 -3.42
C VAL E 53 -78.39 -5.89 -4.08
N SER E 54 -77.72 -5.97 -5.22
CA SER E 54 -77.29 -4.79 -5.96
C SER E 54 -78.34 -3.69 -5.91
N TYR E 55 -77.90 -2.46 -5.66
CA TYR E 55 -78.81 -1.33 -5.59
C TYR E 55 -79.41 -1.06 -6.97
N THR F 8 -22.78 -10.74 17.89
CA THR F 8 -23.04 -12.08 17.28
C THR F 8 -22.70 -13.20 18.27
N GLY F 9 -23.18 -14.41 17.99
CA GLY F 9 -22.88 -15.50 18.90
C GLY F 9 -24.17 -15.96 19.57
N LEU F 10 -24.23 -17.24 19.90
CA LEU F 10 -25.42 -17.80 20.53
C LEU F 10 -25.09 -18.97 21.44
N THR F 11 -25.69 -18.99 22.62
CA THR F 11 -25.46 -20.05 23.60
C THR F 11 -26.75 -20.54 24.23
N ASP F 12 -26.88 -21.86 24.35
CA ASP F 12 -28.07 -22.49 24.92
C ASP F 12 -28.69 -21.69 26.06
N ASP F 13 -27.86 -21.16 26.95
CA ASP F 13 -28.34 -20.38 28.08
C ASP F 13 -29.26 -19.27 27.58
N GLU F 14 -28.69 -18.37 26.79
CA GLU F 14 -29.45 -17.25 26.23
C GLU F 14 -30.38 -17.74 25.12
N ALA F 15 -29.93 -18.73 24.37
CA ALA F 15 -30.71 -19.30 23.28
C ALA F 15 -32.05 -19.83 23.77
N LYS F 16 -32.00 -20.79 24.69
CA LYS F 16 -33.23 -21.37 25.23
C LYS F 16 -34.20 -20.28 25.66
N GLU F 17 -33.75 -19.39 26.52
CA GLU F 17 -34.58 -18.29 27.02
C GLU F 17 -35.54 -17.78 25.96
N PHE F 18 -34.97 -17.33 24.84
CA PHE F 18 -35.76 -16.81 23.73
C PHE F 18 -36.72 -17.84 23.12
N HIS F 19 -36.24 -19.05 22.87
CA HIS F 19 -37.12 -20.03 22.28
C HIS F 19 -38.43 -20.15 23.05
N ALA F 20 -38.29 -20.19 24.37
CA ALA F 20 -39.48 -20.31 25.21
C ALA F 20 -40.49 -19.22 24.89
N ILE F 21 -40.08 -17.96 25.03
CA ILE F 21 -40.96 -16.83 24.76
C ILE F 21 -41.50 -16.86 23.33
N PHE F 22 -40.63 -17.19 22.38
CA PHE F 22 -41.02 -17.25 20.97
C PHE F 22 -42.05 -18.33 20.68
N MET F 23 -41.70 -19.57 20.96
CA MET F 23 -42.58 -20.71 20.72
C MET F 23 -44.01 -20.50 21.22
N GLN F 24 -44.14 -20.07 22.49
CA GLN F 24 -45.45 -19.79 23.14
C GLN F 24 -46.21 -18.68 22.44
N SER F 25 -45.48 -17.88 21.67
CA SER F 25 -46.09 -16.84 20.86
C SER F 25 -46.52 -17.39 19.50
N MET F 26 -45.83 -18.44 19.06
CA MET F 26 -46.13 -19.07 17.77
C MET F 26 -47.53 -19.68 17.78
N TYR F 27 -47.80 -20.52 18.78
CA TYR F 27 -49.12 -21.13 18.88
C TYR F 27 -50.14 -20.00 19.00
N ALA F 28 -49.76 -18.96 19.74
CA ALA F 28 -50.63 -17.81 19.95
C ALA F 28 -51.33 -17.45 18.64
N TRP F 29 -50.54 -17.30 17.57
CA TRP F 29 -51.10 -16.94 16.27
C TRP F 29 -51.92 -18.11 15.75
N PHE F 30 -51.30 -19.28 15.80
CA PHE F 30 -51.97 -20.49 15.30
C PHE F 30 -53.37 -20.59 15.89
N GLY F 31 -53.49 -20.25 17.17
CA GLY F 31 -54.78 -20.30 17.83
C GLY F 31 -55.70 -19.25 17.24
N LEU F 32 -55.10 -18.21 16.68
CA LEU F 32 -55.84 -17.12 16.06
C LEU F 32 -56.26 -17.56 14.66
N VAL F 33 -55.56 -18.54 14.12
CA VAL F 33 -55.87 -19.03 12.78
C VAL F 33 -56.93 -20.14 12.83
N VAL F 34 -56.95 -20.92 13.91
CA VAL F 34 -57.93 -21.98 14.02
C VAL F 34 -59.30 -21.32 14.26
N ILE F 35 -59.32 -20.33 15.13
CA ILE F 35 -60.54 -19.60 15.45
C ILE F 35 -61.04 -18.83 14.24
N ALA F 36 -60.09 -18.39 13.41
CA ALA F 36 -60.41 -17.64 12.21
C ALA F 36 -61.18 -18.46 11.19
N HIS F 37 -60.52 -19.44 10.58
CA HIS F 37 -61.16 -20.28 9.57
C HIS F 37 -62.34 -21.08 10.13
N LEU F 38 -62.15 -21.74 11.26
CA LEU F 38 -63.21 -22.52 11.88
C LEU F 38 -64.49 -21.70 11.97
N LEU F 39 -64.36 -20.47 12.45
CA LEU F 39 -65.51 -19.59 12.59
C LEU F 39 -66.11 -19.32 11.21
N ALA F 40 -65.23 -19.26 10.20
CA ALA F 40 -65.68 -19.02 8.83
C ALA F 40 -66.37 -20.26 8.30
N TRP F 41 -65.96 -21.43 8.78
CA TRP F 41 -66.56 -22.68 8.36
C TRP F 41 -68.05 -22.64 8.73
N LEU F 42 -68.35 -21.86 9.76
CA LEU F 42 -69.73 -21.70 10.25
C LEU F 42 -70.56 -20.68 9.45
N TYR F 43 -69.99 -19.49 9.24
CA TYR F 43 -70.67 -18.42 8.49
C TYR F 43 -70.94 -18.82 7.05
N ARG F 44 -69.87 -19.05 6.30
CA ARG F 44 -69.98 -19.45 4.91
C ARG F 44 -69.06 -20.61 4.67
N PRO F 45 -69.62 -21.71 4.14
CA PRO F 45 -68.75 -22.86 3.90
C PRO F 45 -67.90 -22.62 2.65
N TRP F 46 -66.96 -23.54 2.41
CA TRP F 46 -66.12 -23.43 1.25
C TRP F 46 -65.85 -24.80 0.67
N LEU F 47 -65.05 -24.82 -0.37
CA LEU F 47 -64.69 -26.03 -1.09
C LEU F 47 -65.61 -26.05 -2.31
N ASN G 5 -29.61 -42.31 7.86
CA ASN G 5 -29.18 -41.29 8.82
C ASN G 5 -27.87 -41.68 9.50
N ALA G 6 -27.77 -42.93 9.90
CA ALA G 6 -26.58 -43.45 10.58
C ALA G 6 -25.27 -42.76 10.19
N ASN G 7 -24.94 -42.79 8.90
CA ASN G 7 -23.68 -42.20 8.44
C ASN G 7 -23.79 -40.91 7.62
N LEU G 8 -25.01 -40.55 7.23
CA LEU G 8 -25.21 -39.34 6.42
C LEU G 8 -24.93 -38.02 7.11
N TYR G 9 -24.33 -38.05 8.30
CA TYR G 9 -24.04 -36.81 9.01
C TYR G 9 -22.80 -36.16 8.40
N LYS G 10 -22.09 -36.94 7.59
CA LYS G 10 -20.88 -36.48 6.92
C LYS G 10 -21.14 -35.32 5.95
N ILE G 11 -22.28 -35.35 5.28
CA ILE G 11 -22.65 -34.31 4.32
C ILE G 11 -22.64 -32.91 4.90
N TRP G 12 -22.85 -32.78 6.20
CA TRP G 12 -22.87 -31.47 6.85
C TRP G 12 -21.52 -30.80 6.91
N LEU G 13 -20.57 -31.35 6.15
CA LEU G 13 -19.22 -30.79 6.11
C LEU G 13 -18.98 -30.13 4.76
N ILE G 14 -19.89 -30.38 3.81
CA ILE G 14 -19.78 -29.80 2.48
C ILE G 14 -20.85 -28.73 2.29
N LEU G 15 -21.92 -28.84 3.07
CA LEU G 15 -23.01 -27.88 2.97
C LEU G 15 -23.25 -27.19 4.31
N ASP G 16 -23.23 -25.86 4.29
CA ASP G 16 -23.43 -25.06 5.48
C ASP G 16 -24.83 -25.31 6.05
N PRO G 17 -24.94 -25.55 7.36
CA PRO G 17 -26.23 -25.81 7.99
C PRO G 17 -27.22 -24.66 7.82
N ARG G 18 -26.78 -23.42 8.08
CA ARG G 18 -27.68 -22.27 7.94
C ARG G 18 -28.05 -22.02 6.48
N ARG G 19 -27.07 -22.10 5.59
CA ARG G 19 -27.32 -21.86 4.17
C ARG G 19 -28.24 -22.92 3.59
N VAL G 20 -27.99 -24.19 3.89
CA VAL G 20 -28.83 -25.26 3.37
C VAL G 20 -30.19 -25.27 4.05
N LEU G 21 -30.18 -25.03 5.36
CA LEU G 21 -31.40 -25.02 6.15
C LEU G 21 -32.35 -23.91 5.74
N VAL G 22 -31.86 -22.67 5.67
CA VAL G 22 -32.71 -21.57 5.29
C VAL G 22 -33.04 -21.64 3.79
N SER G 23 -32.06 -22.06 3.00
CA SER G 23 -32.24 -22.18 1.56
C SER G 23 -33.46 -23.05 1.29
N ILE G 24 -33.64 -24.10 2.09
CA ILE G 24 -34.77 -25.00 1.91
C ILE G 24 -36.03 -24.41 2.53
N VAL G 25 -35.86 -23.57 3.54
CA VAL G 25 -37.00 -22.94 4.17
C VAL G 25 -37.72 -22.11 3.11
N ALA G 26 -36.94 -21.46 2.24
CA ALA G 26 -37.50 -20.64 1.18
C ALA G 26 -38.04 -21.46 0.00
N PHE G 27 -37.34 -22.54 -0.32
CA PHE G 27 -37.72 -23.43 -1.41
C PHE G 27 -39.12 -24.04 -1.38
N GLN G 28 -39.60 -24.40 -0.18
CA GLN G 28 -40.91 -25.02 -0.04
C GLN G 28 -42.06 -24.06 -0.31
N ILE G 29 -41.97 -22.86 0.27
CA ILE G 29 -43.02 -21.89 0.05
C ILE G 29 -43.16 -21.55 -1.43
N VAL G 30 -42.03 -21.38 -2.12
CA VAL G 30 -42.08 -21.07 -3.56
C VAL G 30 -42.64 -22.29 -4.26
N LEU G 31 -42.15 -23.46 -3.88
CA LEU G 31 -42.63 -24.69 -4.48
C LEU G 31 -44.03 -24.95 -3.93
N GLY G 32 -44.29 -24.35 -2.78
CA GLY G 32 -45.58 -24.49 -2.13
C GLY G 32 -46.59 -23.58 -2.78
N LEU G 33 -46.36 -22.28 -2.67
CA LEU G 33 -47.26 -21.29 -3.26
C LEU G 33 -47.49 -21.64 -4.73
N LEU G 34 -46.46 -22.20 -5.38
CA LEU G 34 -46.56 -22.58 -6.78
C LEU G 34 -47.49 -23.78 -7.01
N ILE G 35 -47.63 -24.62 -6.00
CA ILE G 35 -48.47 -25.81 -6.12
C ILE G 35 -49.96 -25.52 -6.06
N HIS G 36 -50.46 -25.10 -4.90
CA HIS G 36 -51.89 -24.84 -4.80
C HIS G 36 -52.31 -24.00 -6.00
N MET G 37 -51.38 -23.24 -6.58
CA MET G 37 -51.72 -22.43 -7.73
C MET G 37 -51.92 -23.34 -8.94
N ILE G 38 -50.85 -24.00 -9.35
CA ILE G 38 -50.90 -24.90 -10.50
C ILE G 38 -52.02 -25.93 -10.34
N VAL G 39 -52.37 -26.25 -9.11
CA VAL G 39 -53.45 -27.21 -8.85
C VAL G 39 -54.76 -26.44 -8.83
N LEU G 40 -54.82 -25.38 -8.03
CA LEU G 40 -56.03 -24.57 -7.95
C LEU G 40 -56.42 -24.07 -9.34
N SER G 41 -55.45 -23.50 -10.04
CA SER G 41 -55.64 -22.96 -11.38
C SER G 41 -56.65 -23.69 -12.25
N THR G 42 -56.15 -24.37 -13.28
CA THR G 42 -57.00 -25.12 -14.20
C THR G 42 -57.54 -26.39 -13.57
N ASP G 43 -56.72 -27.06 -12.77
CA ASP G 43 -57.13 -28.29 -12.11
C ASP G 43 -58.39 -28.09 -11.29
N LEU G 44 -58.92 -29.19 -10.76
CA LEU G 44 -60.12 -29.17 -9.95
C LEU G 44 -60.11 -28.09 -8.88
N ASN G 45 -60.55 -26.88 -9.25
CA ASN G 45 -60.61 -25.79 -8.29
C ASN G 45 -61.49 -26.31 -7.18
N TRP G 46 -61.29 -25.80 -5.97
CA TRP G 46 -62.10 -26.24 -4.85
C TRP G 46 -62.76 -25.04 -4.18
N LEU G 47 -62.08 -23.90 -4.21
CA LEU G 47 -62.61 -22.68 -3.61
C LEU G 47 -64.06 -22.30 -3.92
N ASP G 48 -64.39 -22.16 -5.20
CA ASP G 48 -65.74 -21.76 -5.59
C ASP G 48 -66.24 -22.39 -6.88
N ASP G 49 -65.55 -23.42 -7.36
CA ASP G 49 -65.96 -24.06 -8.60
C ASP G 49 -67.40 -24.56 -8.58
N ASN G 50 -67.75 -25.31 -7.55
CA ASN G 50 -69.08 -25.86 -7.44
C ASN G 50 -69.92 -25.36 -6.26
N ILE G 51 -69.75 -26.03 -5.13
CA ILE G 51 -70.43 -25.75 -3.90
C ILE G 51 -69.34 -25.61 -2.85
N PRO G 52 -69.52 -24.71 -1.87
CA PRO G 52 -70.67 -23.82 -1.67
C PRO G 52 -70.65 -22.55 -2.52
N VAL G 53 -70.45 -22.69 -3.83
CA VAL G 53 -70.45 -21.54 -4.72
C VAL G 53 -71.90 -21.12 -4.88
N SER G 54 -72.75 -21.70 -4.03
CA SER G 54 -74.18 -21.41 -4.03
C SER G 54 -74.47 -19.95 -3.70
N TYR G 55 -73.96 -19.47 -2.57
CA TYR G 55 -74.19 -18.09 -2.18
C TYR G 55 -73.30 -17.12 -2.94
N GLN G 56 -72.15 -17.61 -3.40
CA GLN G 56 -71.20 -16.81 -4.16
C GLN G 56 -71.84 -15.98 -5.27
N ALA G 57 -72.52 -16.66 -6.18
CA ALA G 57 -73.17 -16.02 -7.31
C ALA G 57 -74.68 -15.89 -7.16
N LEU G 58 -75.28 -16.75 -6.35
CA LEU G 58 -76.73 -16.71 -6.16
C LEU G 58 -77.15 -15.79 -5.03
N GLY G 59 -76.61 -16.04 -3.83
CA GLY G 59 -76.95 -15.21 -2.69
C GLY G 59 -76.99 -13.73 -3.04
N LYS G 60 -76.02 -13.29 -3.83
CA LYS G 60 -75.92 -11.89 -4.25
C LYS G 60 -77.26 -11.28 -4.63
N LYS G 61 -77.75 -11.65 -5.81
CA LYS G 61 -79.02 -11.12 -6.29
C LYS G 61 -80.17 -11.41 -5.34
N THR H 8 -19.66 -26.58 6.82
CA THR H 8 -18.39 -26.95 7.51
C THR H 8 -18.10 -26.00 8.68
N GLY H 9 -16.95 -26.19 9.31
CA GLY H 9 -16.59 -25.34 10.44
C GLY H 9 -16.97 -26.04 11.71
N LEU H 10 -17.04 -27.37 11.63
CA LEU H 10 -17.38 -28.22 12.77
C LEU H 10 -16.95 -29.65 12.48
N THR H 11 -16.61 -30.39 13.52
CA THR H 11 -16.18 -31.77 13.39
C THR H 11 -17.37 -32.70 13.36
N ASP H 12 -17.10 -33.99 13.21
CA ASP H 12 -18.16 -34.99 13.14
C ASP H 12 -19.00 -35.10 14.41
N ASP H 13 -18.60 -34.38 15.46
CA ASP H 13 -19.35 -34.42 16.71
C ASP H 13 -20.67 -33.65 16.64
N GLU H 14 -20.57 -32.36 16.30
CA GLU H 14 -21.76 -31.52 16.20
C GLU H 14 -22.29 -31.52 14.78
N ALA H 15 -21.71 -32.37 13.94
CA ALA H 15 -22.14 -32.49 12.55
C ALA H 15 -23.23 -33.56 12.51
N LYS H 16 -23.13 -34.51 13.45
CA LYS H 16 -24.11 -35.59 13.53
C LYS H 16 -25.24 -35.16 14.46
N GLU H 17 -24.89 -34.46 15.54
CA GLU H 17 -25.89 -33.96 16.49
C GLU H 17 -26.95 -33.13 15.73
N PHE H 18 -26.47 -32.18 14.92
CA PHE H 18 -27.37 -31.37 14.11
C PHE H 18 -28.11 -32.28 13.14
N HIS H 19 -27.36 -33.18 12.50
CA HIS H 19 -27.94 -34.11 11.54
C HIS H 19 -29.15 -34.84 12.16
N ALA H 20 -29.04 -35.13 13.45
CA ALA H 20 -30.13 -35.80 14.16
C ALA H 20 -31.38 -34.93 14.10
N ILE H 21 -31.28 -33.76 14.71
CA ILE H 21 -32.40 -32.82 14.71
C ILE H 21 -32.91 -32.56 13.31
N PHE H 22 -31.97 -32.28 12.40
CA PHE H 22 -32.29 -32.03 10.99
C PHE H 22 -33.07 -33.20 10.41
N MET H 23 -32.42 -34.34 10.32
CA MET H 23 -33.03 -35.54 9.76
C MET H 23 -34.39 -35.84 10.38
N GLN H 24 -34.42 -36.04 11.68
CA GLN H 24 -35.67 -36.35 12.32
C GLN H 24 -36.77 -35.39 11.90
N SER H 25 -36.65 -34.11 12.23
CA SER H 25 -37.66 -33.12 11.87
C SER H 25 -37.98 -33.16 10.38
N MET H 26 -36.99 -33.51 9.57
CA MET H 26 -37.17 -33.58 8.12
C MET H 26 -38.28 -34.58 7.82
N TYR H 27 -38.43 -35.57 8.68
CA TYR H 27 -39.47 -36.57 8.50
C TYR H 27 -40.79 -35.98 9.01
N ALA H 28 -40.69 -35.11 9.99
CA ALA H 28 -41.87 -34.46 10.57
C ALA H 28 -42.69 -33.84 9.46
N TRP H 29 -42.05 -33.52 8.34
CA TRP H 29 -42.73 -32.92 7.19
C TRP H 29 -43.14 -34.03 6.22
N PHE H 30 -42.21 -34.92 5.86
CA PHE H 30 -42.52 -36.01 4.94
C PHE H 30 -43.77 -36.73 5.43
N GLY H 31 -44.00 -36.67 6.73
CA GLY H 31 -45.17 -37.29 7.31
C GLY H 31 -46.36 -36.35 7.31
N LEU H 32 -46.18 -35.15 7.84
CA LEU H 32 -47.27 -34.18 7.88
C LEU H 32 -47.67 -33.78 6.47
N VAL H 33 -46.80 -34.05 5.51
CA VAL H 33 -47.08 -33.71 4.12
C VAL H 33 -47.77 -34.90 3.46
N VAL H 34 -47.56 -36.09 4.02
CA VAL H 34 -48.20 -37.28 3.48
C VAL H 34 -49.63 -37.32 3.99
N ILE H 35 -49.84 -36.88 5.22
CA ILE H 35 -51.18 -36.84 5.80
C ILE H 35 -51.96 -35.81 4.99
N ALA H 36 -51.22 -34.80 4.49
CA ALA H 36 -51.82 -33.75 3.69
C ALA H 36 -52.46 -34.32 2.42
N HIS H 37 -51.61 -34.85 1.55
CA HIS H 37 -52.03 -35.45 0.28
C HIS H 37 -53.07 -36.55 0.52
N LEU H 38 -52.82 -37.39 1.51
CA LEU H 38 -53.70 -38.51 1.83
C LEU H 38 -55.07 -37.96 2.22
N LEU H 39 -55.05 -36.85 2.96
CA LEU H 39 -56.28 -36.20 3.40
C LEU H 39 -57.03 -35.70 2.16
N ALA H 40 -56.28 -35.47 1.09
CA ALA H 40 -56.86 -34.99 -0.17
C ALA H 40 -57.39 -36.16 -0.98
N TRP H 41 -56.56 -37.20 -1.08
CA TRP H 41 -56.94 -38.40 -1.81
C TRP H 41 -58.29 -38.92 -1.33
N LEU H 42 -58.66 -38.58 -0.10
CA LEU H 42 -59.93 -39.00 0.48
C LEU H 42 -61.04 -37.99 0.22
N TYR H 43 -60.71 -36.70 0.27
CA TYR H 43 -61.70 -35.65 0.01
C TYR H 43 -61.87 -35.47 -1.49
N ARG H 44 -61.02 -34.63 -2.08
CA ARG H 44 -61.07 -34.40 -3.52
C ARG H 44 -59.94 -35.18 -4.17
N PRO H 45 -60.28 -36.31 -4.81
CA PRO H 45 -59.30 -37.17 -5.47
C PRO H 45 -58.77 -36.58 -6.75
N TRP H 46 -57.91 -37.33 -7.43
CA TRP H 46 -57.36 -36.84 -8.68
C TRP H 46 -56.89 -37.98 -9.56
N LEU H 47 -56.29 -37.57 -10.67
CA LEU H 47 -55.71 -38.46 -11.68
C LEU H 47 -55.62 -37.83 -13.05
N THR I 3 -17.28 -50.90 -15.83
CA THR I 3 -15.86 -51.24 -15.91
C THR I 3 -15.04 -50.02 -15.51
N MET I 4 -13.89 -50.26 -14.89
CA MET I 4 -13.02 -49.18 -14.42
C MET I 4 -13.68 -48.41 -13.30
N ASN I 5 -14.81 -48.91 -12.81
CA ASN I 5 -15.52 -48.24 -11.73
C ASN I 5 -14.58 -48.03 -10.56
N ALA I 6 -13.50 -48.82 -10.55
CA ALA I 6 -12.50 -48.73 -9.50
C ALA I 6 -11.67 -47.48 -9.73
N ASN I 7 -11.19 -47.32 -10.95
CA ASN I 7 -10.36 -46.17 -11.32
C ASN I 7 -11.12 -44.84 -11.30
N LEU I 8 -12.43 -44.89 -11.57
CA LEU I 8 -13.26 -43.67 -11.61
C LEU I 8 -13.35 -42.83 -10.35
N TYR I 9 -12.80 -43.33 -9.24
CA TYR I 9 -12.87 -42.60 -7.98
C TYR I 9 -12.01 -41.35 -7.95
N LYS I 10 -10.91 -41.42 -8.66
CA LYS I 10 -9.93 -40.37 -8.73
C LYS I 10 -10.45 -38.99 -9.21
N ILE I 11 -11.61 -38.98 -9.85
CA ILE I 11 -12.21 -37.75 -10.38
C ILE I 11 -12.20 -36.59 -9.40
N TRP I 12 -12.50 -36.86 -8.14
CA TRP I 12 -12.52 -35.83 -7.11
C TRP I 12 -11.21 -35.06 -7.03
N LEU I 13 -10.16 -35.62 -7.63
CA LEU I 13 -8.86 -34.97 -7.61
C LEU I 13 -8.77 -33.88 -8.67
N ILE I 14 -9.82 -33.76 -9.49
CA ILE I 14 -9.85 -32.75 -10.53
C ILE I 14 -11.12 -31.90 -10.44
N LEU I 15 -12.17 -32.46 -9.86
CA LEU I 15 -13.43 -31.72 -9.73
C LEU I 15 -13.91 -31.60 -8.29
N ASP I 16 -14.09 -30.36 -7.83
CA ASP I 16 -14.57 -30.11 -6.48
C ASP I 16 -15.87 -30.85 -6.24
N PRO I 17 -16.00 -31.49 -5.06
CA PRO I 17 -17.23 -32.22 -4.74
C PRO I 17 -18.38 -31.24 -4.55
N ARG I 18 -18.16 -30.21 -3.74
CA ARG I 18 -19.17 -29.21 -3.49
C ARG I 18 -19.62 -28.61 -4.82
N ARG I 19 -18.66 -28.41 -5.72
CA ARG I 19 -18.93 -27.84 -7.04
C ARG I 19 -19.95 -28.63 -7.84
N VAL I 20 -19.67 -29.92 -8.06
CA VAL I 20 -20.60 -30.77 -8.81
C VAL I 20 -21.67 -31.32 -7.88
N LEU I 21 -21.61 -30.92 -6.61
CA LEU I 21 -22.59 -31.38 -5.64
C LEU I 21 -23.90 -30.66 -5.83
N VAL I 22 -23.98 -29.44 -5.31
CA VAL I 22 -25.19 -28.64 -5.43
C VAL I 22 -25.61 -28.47 -6.89
N SER I 23 -24.65 -28.46 -7.80
CA SER I 23 -24.93 -28.29 -9.24
C SER I 23 -25.82 -29.41 -9.78
N ILE I 24 -25.91 -30.51 -9.04
CA ILE I 24 -26.75 -31.63 -9.44
C ILE I 24 -28.06 -31.41 -8.70
N VAL I 25 -27.95 -31.12 -7.41
CA VAL I 25 -29.10 -30.86 -6.56
C VAL I 25 -30.02 -29.88 -7.27
N ALA I 26 -29.43 -29.12 -8.19
CA ALA I 26 -30.19 -28.14 -8.97
C ALA I 26 -31.01 -28.88 -10.00
N PHE I 27 -30.32 -29.54 -10.93
CA PHE I 27 -30.95 -30.29 -12.00
C PHE I 27 -32.32 -30.83 -11.62
N GLN I 28 -32.39 -31.56 -10.51
CA GLN I 28 -33.65 -32.14 -10.06
C GLN I 28 -34.77 -31.11 -9.98
N ILE I 29 -34.45 -29.93 -9.46
CA ILE I 29 -35.46 -28.89 -9.37
C ILE I 29 -35.69 -28.36 -10.79
N VAL I 30 -34.63 -27.86 -11.42
CA VAL I 30 -34.75 -27.32 -12.78
C VAL I 30 -35.36 -28.32 -13.76
N LEU I 31 -34.97 -29.57 -13.66
CA LEU I 31 -35.49 -30.60 -14.56
C LEU I 31 -36.84 -31.13 -14.05
N GLY I 32 -36.95 -31.29 -12.73
CA GLY I 32 -38.17 -31.81 -12.12
C GLY I 32 -39.46 -31.08 -12.42
N LEU I 33 -39.49 -29.76 -12.21
CA LEU I 33 -40.70 -29.01 -12.48
C LEU I 33 -40.85 -28.93 -13.99
N LEU I 34 -39.70 -28.83 -14.67
CA LEU I 34 -39.66 -28.75 -16.14
C LEU I 34 -40.32 -29.96 -16.78
N ILE I 35 -40.06 -31.14 -16.25
CA ILE I 35 -40.66 -32.36 -16.80
C ILE I 35 -42.17 -32.33 -16.60
N HIS I 36 -42.60 -32.37 -15.34
CA HIS I 36 -44.03 -32.36 -15.05
C HIS I 36 -44.70 -31.32 -15.95
N MET I 37 -44.10 -30.14 -16.02
CA MET I 37 -44.61 -29.07 -16.86
C MET I 37 -44.66 -29.46 -18.34
N ILE I 38 -43.54 -29.94 -18.87
CA ILE I 38 -43.50 -30.32 -20.26
C ILE I 38 -44.50 -31.43 -20.57
N VAL I 39 -44.64 -32.38 -19.64
CA VAL I 39 -45.55 -33.52 -19.81
C VAL I 39 -47.04 -33.23 -19.76
N LEU I 40 -47.48 -32.46 -18.78
CA LEU I 40 -48.89 -32.14 -18.63
C LEU I 40 -49.62 -31.79 -19.94
N SER I 41 -49.11 -30.80 -20.68
CA SER I 41 -49.74 -30.40 -21.93
C SER I 41 -49.60 -31.46 -23.02
N THR I 42 -48.38 -31.96 -23.17
CA THR I 42 -48.09 -32.94 -24.20
C THR I 42 -48.75 -34.31 -24.06
N ASP I 43 -48.67 -34.92 -22.88
CA ASP I 43 -49.24 -36.26 -22.68
C ASP I 43 -49.94 -36.40 -21.34
N LEU I 44 -51.16 -36.93 -21.36
CA LEU I 44 -51.96 -37.13 -20.16
C LEU I 44 -51.98 -35.93 -19.21
N ASN I 45 -52.71 -34.89 -19.56
CA ASN I 45 -52.79 -33.69 -18.72
C ASN I 45 -53.50 -34.05 -17.40
N TRP I 46 -52.95 -35.05 -16.71
CA TRP I 46 -53.52 -35.55 -15.45
C TRP I 46 -54.34 -34.61 -14.57
N LEU I 47 -53.97 -33.33 -14.55
CA LEU I 47 -54.68 -32.35 -13.72
C LEU I 47 -56.15 -32.11 -14.04
N ASP I 48 -56.43 -31.51 -15.20
CA ASP I 48 -57.80 -31.19 -15.59
C ASP I 48 -58.40 -32.09 -16.68
N ASP I 49 -57.56 -32.86 -17.35
CA ASP I 49 -58.02 -33.72 -18.43
C ASP I 49 -59.09 -34.78 -18.10
N ASN I 50 -58.65 -35.94 -17.64
CA ASN I 50 -59.55 -37.05 -17.34
C ASN I 50 -60.22 -37.05 -15.97
N ILE I 51 -60.52 -38.26 -15.51
CA ILE I 51 -61.17 -38.52 -14.23
C ILE I 51 -60.42 -37.92 -13.04
N PRO I 52 -61.16 -37.50 -12.00
CA PRO I 52 -62.62 -37.55 -11.94
C PRO I 52 -63.22 -36.46 -12.83
N VAL I 53 -64.52 -36.56 -13.10
CA VAL I 53 -65.21 -35.57 -13.91
C VAL I 53 -65.28 -34.29 -13.09
N SER I 54 -65.26 -33.16 -13.77
CA SER I 54 -65.32 -31.86 -13.10
C SER I 54 -66.23 -31.88 -11.87
N TYR I 55 -65.71 -31.38 -10.76
CA TYR I 55 -66.49 -31.31 -9.52
C TYR I 55 -67.22 -29.99 -9.54
N GLN I 56 -66.67 -29.05 -10.31
CA GLN I 56 -67.23 -27.72 -10.45
C GLN I 56 -68.65 -27.80 -11.02
N ALA I 57 -68.78 -28.32 -12.25
CA ALA I 57 -70.07 -28.44 -12.91
C ALA I 57 -70.90 -29.63 -12.41
N LEU I 58 -70.28 -30.80 -12.30
CA LEU I 58 -70.98 -32.00 -11.85
C LEU I 58 -71.45 -31.90 -10.40
N GLY I 59 -70.64 -31.29 -9.56
CA GLY I 59 -71.00 -31.14 -8.15
C GLY I 59 -72.03 -30.06 -7.91
N LYS I 60 -71.76 -28.85 -8.41
CA LYS I 60 -72.67 -27.72 -8.24
C LYS I 60 -74.00 -27.99 -8.96
N LYS I 61 -73.93 -28.14 -10.27
CA LYS I 61 -75.12 -28.39 -11.07
C LYS I 61 -75.73 -29.75 -10.75
N THR J 8 -10.23 -31.40 -6.70
CA THR J 8 -8.80 -31.10 -6.40
C THR J 8 -8.73 -30.48 -5.02
N GLY J 9 -7.52 -30.34 -4.50
CA GLY J 9 -7.34 -29.76 -3.18
C GLY J 9 -7.68 -30.81 -2.13
N LEU J 10 -7.50 -32.07 -2.50
CA LEU J 10 -7.77 -33.20 -1.62
C LEU J 10 -7.03 -34.43 -2.12
N THR J 11 -6.43 -35.19 -1.20
CA THR J 11 -5.68 -36.38 -1.56
C THR J 11 -6.61 -37.51 -1.97
N ASP J 12 -6.05 -38.52 -2.63
CA ASP J 12 -6.81 -39.67 -3.10
C ASP J 12 -7.61 -40.35 -1.99
N ASP J 13 -7.19 -40.13 -0.75
CA ASP J 13 -7.85 -40.72 0.40
C ASP J 13 -9.27 -40.21 0.59
N GLU J 14 -9.39 -38.99 1.10
CA GLU J 14 -10.70 -38.37 1.31
C GLU J 14 -11.57 -38.48 0.06
N ALA J 15 -10.94 -38.38 -1.10
CA ALA J 15 -11.67 -38.46 -2.36
C ALA J 15 -12.34 -39.83 -2.48
N LYS J 16 -11.53 -40.87 -2.32
CA LYS J 16 -11.98 -42.26 -2.37
C LYS J 16 -13.13 -42.45 -1.40
N GLU J 17 -12.99 -41.79 -0.26
CA GLU J 17 -13.97 -41.91 0.81
C GLU J 17 -15.32 -41.31 0.40
N PHE J 18 -15.25 -40.09 -0.12
CA PHE J 18 -16.44 -39.39 -0.58
C PHE J 18 -17.03 -40.06 -1.82
N HIS J 19 -16.16 -40.31 -2.79
CA HIS J 19 -16.53 -40.96 -4.05
C HIS J 19 -17.49 -42.13 -3.80
N ALA J 20 -17.04 -43.04 -2.93
CA ALA J 20 -17.80 -44.23 -2.58
C ALA J 20 -19.14 -43.91 -1.96
N ILE J 21 -19.12 -43.37 -0.74
CA ILE J 21 -20.35 -43.03 -0.02
C ILE J 21 -21.34 -42.34 -0.96
N PHE J 22 -20.84 -41.46 -1.82
CA PHE J 22 -21.69 -40.75 -2.75
C PHE J 22 -22.18 -41.65 -3.87
N MET J 23 -21.25 -42.21 -4.62
CA MET J 23 -21.55 -43.10 -5.73
C MET J 23 -22.75 -43.99 -5.44
N GLN J 24 -22.67 -44.76 -4.38
CA GLN J 24 -23.78 -45.64 -4.01
C GLN J 24 -25.09 -44.87 -3.85
N SER J 25 -25.02 -43.76 -3.13
CA SER J 25 -26.23 -42.99 -2.88
C SER J 25 -26.88 -42.51 -4.17
N MET J 26 -26.06 -42.05 -5.10
CA MET J 26 -26.54 -41.59 -6.40
C MET J 26 -27.32 -42.74 -7.03
N TYR J 27 -27.07 -43.94 -6.51
CA TYR J 27 -27.76 -45.14 -6.99
C TYR J 27 -29.13 -45.17 -6.33
N ALA J 28 -29.23 -44.63 -5.15
CA ALA J 28 -30.45 -44.55 -4.35
C ALA J 28 -31.57 -43.88 -5.11
N TRP J 29 -31.19 -42.88 -5.90
CA TRP J 29 -32.11 -42.17 -6.74
C TRP J 29 -32.36 -43.02 -7.96
N PHE J 30 -31.31 -43.43 -8.67
CA PHE J 30 -31.46 -44.23 -9.89
C PHE J 30 -32.50 -45.32 -9.56
N GLY J 31 -32.56 -45.65 -8.28
CA GLY J 31 -33.49 -46.65 -7.77
C GLY J 31 -34.80 -45.97 -7.39
N LEU J 32 -34.73 -44.86 -6.66
CA LEU J 32 -35.93 -44.13 -6.24
C LEU J 32 -36.75 -43.69 -7.43
N VAL J 33 -36.11 -43.00 -8.36
CA VAL J 33 -36.78 -42.51 -9.55
C VAL J 33 -37.20 -43.65 -10.46
N VAL J 34 -36.48 -44.77 -10.41
CA VAL J 34 -36.83 -45.92 -11.23
C VAL J 34 -38.07 -46.62 -10.71
N ILE J 35 -38.40 -46.41 -9.43
CA ILE J 35 -39.60 -47.03 -8.88
C ILE J 35 -40.76 -46.14 -9.30
N ALA J 36 -40.44 -44.88 -9.60
CA ALA J 36 -41.43 -43.91 -10.01
C ALA J 36 -41.83 -44.13 -11.47
N HIS J 37 -40.85 -44.08 -12.38
CA HIS J 37 -41.07 -44.31 -13.81
C HIS J 37 -41.79 -45.64 -13.98
N LEU J 38 -41.33 -46.59 -13.19
CA LEU J 38 -41.82 -47.96 -13.14
C LEU J 38 -43.28 -48.01 -12.75
N LEU J 39 -43.60 -47.42 -11.62
CA LEU J 39 -44.96 -47.40 -11.09
C LEU J 39 -45.81 -46.44 -11.93
N ALA J 40 -45.13 -45.53 -12.61
CA ALA J 40 -45.81 -44.56 -13.46
C ALA J 40 -46.30 -45.28 -14.70
N TRP J 41 -45.48 -46.20 -15.20
CA TRP J 41 -45.83 -46.99 -16.38
C TRP J 41 -47.05 -47.82 -16.02
N LEU J 42 -47.13 -48.23 -14.76
CA LEU J 42 -48.23 -49.08 -14.25
C LEU J 42 -49.60 -48.42 -14.30
N TYR J 43 -49.71 -47.21 -13.73
CA TYR J 43 -50.97 -46.49 -13.72
C TYR J 43 -51.38 -46.13 -15.14
N ARG J 44 -50.48 -45.46 -15.84
CA ARG J 44 -50.76 -45.05 -17.21
C ARG J 44 -49.51 -45.14 -18.06
N PRO J 45 -49.39 -46.22 -18.86
CA PRO J 45 -48.20 -46.37 -19.70
C PRO J 45 -48.27 -45.37 -20.84
N TRP J 46 -47.27 -45.33 -21.70
CA TRP J 46 -47.30 -44.34 -22.76
C TRP J 46 -46.55 -44.85 -23.95
N LEU J 47 -45.64 -44.01 -24.40
CA LEU J 47 -44.79 -44.30 -25.53
C LEU J 47 -45.50 -43.79 -26.76
N THR K 3 -4.92 -49.03 -33.79
CA THR K 3 -3.59 -49.03 -33.19
C THR K 3 -3.27 -47.69 -32.56
N MET K 4 -3.72 -46.63 -33.22
CA MET K 4 -3.51 -45.26 -32.75
C MET K 4 -3.88 -45.07 -31.28
N ASN K 5 -4.55 -46.05 -30.69
CA ASN K 5 -4.98 -45.96 -29.29
C ASN K 5 -3.85 -45.63 -28.31
N ALA K 6 -2.71 -46.29 -28.46
CA ALA K 6 -1.57 -46.07 -27.57
C ALA K 6 -1.07 -44.62 -27.69
N ASN K 7 -1.11 -44.08 -28.91
CA ASN K 7 -0.68 -42.71 -29.20
C ASN K 7 -1.59 -41.61 -28.66
N LEU K 8 -2.89 -41.84 -28.77
CA LEU K 8 -3.93 -40.91 -28.36
C LEU K 8 -3.85 -40.33 -26.95
N TYR K 9 -3.21 -41.00 -26.00
CA TYR K 9 -3.18 -40.47 -24.63
C TYR K 9 -2.64 -39.06 -24.45
N LYS K 10 -1.60 -38.72 -25.21
CA LYS K 10 -1.00 -37.40 -25.08
C LYS K 10 -1.88 -36.19 -25.35
N ILE K 11 -3.11 -36.39 -25.85
CA ILE K 11 -3.99 -35.26 -26.14
C ILE K 11 -4.22 -34.41 -24.89
N TRP K 12 -4.10 -35.04 -23.73
CA TRP K 12 -4.28 -34.34 -22.46
C TRP K 12 -3.23 -33.26 -22.24
N LEU K 13 -2.06 -33.47 -22.83
CA LEU K 13 -0.94 -32.55 -22.68
C LEU K 13 -1.17 -31.15 -23.24
N ILE K 14 -2.29 -30.92 -23.89
CA ILE K 14 -2.60 -29.61 -24.45
C ILE K 14 -3.93 -29.12 -23.90
N LEU K 15 -4.81 -30.07 -23.59
CA LEU K 15 -6.11 -29.72 -23.09
C LEU K 15 -6.21 -29.71 -21.56
N ASP K 16 -6.55 -28.55 -20.99
CA ASP K 16 -6.71 -28.48 -19.56
C ASP K 16 -7.86 -29.39 -19.16
N PRO K 17 -7.74 -30.08 -18.01
CA PRO K 17 -8.80 -30.99 -17.56
C PRO K 17 -10.15 -30.28 -17.37
N ARG K 18 -10.15 -29.21 -16.57
CA ARG K 18 -11.32 -28.38 -16.24
C ARG K 18 -12.14 -27.93 -17.44
N ARG K 19 -11.51 -27.21 -18.36
CA ARG K 19 -12.24 -26.72 -19.51
C ARG K 19 -12.83 -27.79 -20.41
N VAL K 20 -12.06 -28.80 -20.82
CA VAL K 20 -12.62 -29.83 -21.70
C VAL K 20 -13.29 -31.01 -21.00
N LEU K 21 -12.91 -31.28 -19.76
CA LEU K 21 -13.50 -32.39 -19.06
C LEU K 21 -14.94 -32.15 -18.71
N VAL K 22 -15.26 -30.95 -18.22
CA VAL K 22 -16.65 -30.65 -17.87
C VAL K 22 -17.30 -29.97 -19.07
N SER K 23 -16.47 -29.50 -19.99
CA SER K 23 -16.95 -28.84 -21.18
C SER K 23 -17.88 -29.83 -21.84
N ILE K 24 -17.34 -31.02 -22.09
CA ILE K 24 -18.11 -32.05 -22.73
C ILE K 24 -19.32 -32.35 -21.89
N VAL K 25 -19.19 -32.18 -20.57
CA VAL K 25 -20.30 -32.40 -19.66
C VAL K 25 -21.41 -31.42 -20.04
N ALA K 26 -21.00 -30.22 -20.42
CA ALA K 26 -21.93 -29.17 -20.82
C ALA K 26 -22.54 -29.42 -22.18
N PHE K 27 -21.74 -29.88 -23.13
CA PHE K 27 -22.26 -30.14 -24.45
C PHE K 27 -23.19 -31.35 -24.44
N GLN K 28 -22.83 -32.39 -23.70
CA GLN K 28 -23.69 -33.56 -23.67
C GLN K 28 -25.04 -33.26 -23.10
N ILE K 29 -25.05 -32.39 -22.11
CA ILE K 29 -26.29 -32.05 -21.48
C ILE K 29 -27.20 -31.24 -22.40
N VAL K 30 -26.60 -30.37 -23.20
CA VAL K 30 -27.36 -29.52 -24.11
C VAL K 30 -27.97 -30.30 -25.26
N LEU K 31 -27.22 -31.24 -25.79
CA LEU K 31 -27.72 -32.01 -26.92
C LEU K 31 -28.89 -32.92 -26.55
N GLY K 32 -28.89 -33.46 -25.33
CA GLY K 32 -29.99 -34.32 -24.94
C GLY K 32 -31.28 -33.51 -24.85
N LEU K 33 -31.16 -32.29 -24.35
CA LEU K 33 -32.31 -31.41 -24.23
C LEU K 33 -32.80 -31.03 -25.63
N LEU K 34 -31.85 -30.75 -26.51
CA LEU K 34 -32.15 -30.40 -27.89
C LEU K 34 -32.78 -31.60 -28.58
N ILE K 35 -32.01 -32.68 -28.67
CA ILE K 35 -32.50 -33.89 -29.31
C ILE K 35 -33.86 -34.28 -28.76
N HIS K 36 -34.03 -34.52 -27.48
CA HIS K 36 -35.38 -34.92 -27.12
C HIS K 36 -36.39 -33.90 -27.67
N MET K 37 -35.89 -32.70 -27.99
CA MET K 37 -36.79 -31.62 -28.39
C MET K 37 -37.06 -31.60 -29.89
N ILE K 38 -36.11 -32.09 -30.68
CA ILE K 38 -36.31 -32.14 -32.13
C ILE K 38 -37.07 -33.41 -32.48
N VAL K 39 -36.85 -34.47 -31.71
CA VAL K 39 -37.49 -35.76 -31.91
C VAL K 39 -39.03 -35.65 -31.99
N LEU K 40 -39.66 -34.79 -31.19
CA LEU K 40 -41.14 -34.68 -31.22
C LEU K 40 -41.71 -34.10 -32.50
N SER K 41 -41.10 -33.04 -33.00
CA SER K 41 -41.58 -32.35 -34.20
C SER K 41 -41.87 -33.18 -35.44
N THR K 42 -40.96 -34.07 -35.83
CA THR K 42 -41.17 -34.85 -37.03
C THR K 42 -40.96 -36.32 -36.76
N ASP K 43 -39.96 -36.59 -35.93
CA ASP K 43 -39.63 -37.94 -35.58
C ASP K 43 -40.78 -38.73 -34.98
N LEU K 44 -41.45 -38.16 -33.99
CA LEU K 44 -42.57 -38.81 -33.31
C LEU K 44 -42.90 -38.18 -31.94
N ASN K 45 -44.10 -37.61 -31.80
CA ASN K 45 -44.47 -37.02 -30.52
C ASN K 45 -44.94 -38.15 -29.62
N TRP K 46 -44.05 -39.12 -29.42
CA TRP K 46 -44.31 -40.30 -28.59
C TRP K 46 -45.24 -40.06 -27.41
N LEU K 47 -45.11 -38.89 -26.78
CA LEU K 47 -45.95 -38.58 -25.63
C LEU K 47 -47.44 -38.59 -26.00
N ASP K 48 -47.85 -37.68 -26.88
CA ASP K 48 -49.26 -37.60 -27.26
C ASP K 48 -49.64 -38.08 -28.66
N ASP K 49 -48.70 -38.61 -29.42
CA ASP K 49 -49.02 -39.08 -30.76
C ASP K 49 -50.05 -40.21 -30.76
N ASN K 50 -49.61 -41.44 -30.54
CA ASN K 50 -50.52 -42.57 -30.58
C ASN K 50 -51.09 -43.14 -29.28
N ILE K 51 -50.38 -44.08 -28.66
CA ILE K 51 -50.88 -44.72 -27.45
C ILE K 51 -50.08 -44.53 -26.17
N PRO K 52 -50.75 -44.11 -25.09
CA PRO K 52 -52.19 -43.84 -25.10
C PRO K 52 -52.46 -42.33 -25.12
N VAL K 53 -53.48 -41.91 -25.86
CA VAL K 53 -53.82 -40.50 -25.95
C VAL K 53 -55.30 -40.32 -26.26
N SER K 54 -55.84 -39.17 -25.86
CA SER K 54 -57.25 -38.83 -26.09
C SER K 54 -58.20 -39.52 -25.12
N TYR K 55 -57.66 -40.32 -24.22
CA TYR K 55 -58.47 -41.04 -23.23
C TYR K 55 -59.09 -40.07 -22.22
N GLN K 56 -58.33 -39.05 -21.85
CA GLN K 56 -58.75 -38.04 -20.89
C GLN K 56 -60.05 -37.33 -21.29
N ALA K 57 -60.14 -36.98 -22.57
CA ALA K 57 -61.32 -36.30 -23.08
C ALA K 57 -62.55 -37.20 -23.04
N LEU K 58 -62.34 -38.49 -23.27
CA LEU K 58 -63.43 -39.46 -23.27
C LEU K 58 -63.90 -39.76 -21.85
N GLY K 59 -63.07 -39.41 -20.87
CA GLY K 59 -63.41 -39.66 -19.49
C GLY K 59 -63.68 -38.39 -18.70
N LYS K 60 -63.17 -37.26 -19.20
CA LYS K 60 -63.35 -35.97 -18.55
C LYS K 60 -64.81 -35.74 -18.16
N LYS K 61 -65.71 -35.93 -19.11
CA LYS K 61 -67.14 -35.74 -18.88
C LYS K 61 -67.89 -37.07 -19.04
N THR L 8 -2.22 -28.67 -21.01
CA THR L 8 -0.91 -28.70 -20.31
C THR L 8 -1.16 -28.64 -18.80
N GLY L 9 -0.12 -28.34 -18.04
CA GLY L 9 -0.27 -28.27 -16.60
C GLY L 9 -0.34 -29.69 -16.06
N LEU L 10 0.26 -30.61 -16.80
CA LEU L 10 0.27 -32.02 -16.43
C LEU L 10 1.55 -32.64 -16.96
N THR L 11 1.75 -33.92 -16.66
CA THR L 11 2.93 -34.64 -17.13
C THR L 11 2.46 -35.82 -17.95
N ASP L 12 3.31 -36.83 -18.06
CA ASP L 12 2.99 -38.01 -18.85
C ASP L 12 2.28 -39.12 -18.06
N ASP L 13 2.85 -39.51 -16.93
CA ASP L 13 2.27 -40.56 -16.10
C ASP L 13 0.86 -40.26 -15.60
N GLU L 14 0.48 -38.99 -15.64
CA GLU L 14 -0.85 -38.59 -15.21
C GLU L 14 -1.72 -38.59 -16.45
N ALA L 15 -1.23 -37.91 -17.48
CA ALA L 15 -1.96 -37.84 -18.74
C ALA L 15 -2.28 -39.25 -19.18
N LYS L 16 -1.25 -40.09 -19.23
CA LYS L 16 -1.42 -41.49 -19.63
C LYS L 16 -2.49 -42.15 -18.73
N GLU L 17 -2.26 -42.21 -17.44
CA GLU L 17 -3.21 -42.81 -16.49
C GLU L 17 -4.64 -42.24 -16.63
N PHE L 18 -4.80 -40.95 -16.33
CA PHE L 18 -6.12 -40.34 -16.46
C PHE L 18 -6.72 -40.69 -17.81
N HIS L 19 -5.96 -40.41 -18.86
CA HIS L 19 -6.38 -40.68 -20.22
C HIS L 19 -7.31 -41.88 -20.27
N ALA L 20 -6.86 -42.98 -19.64
CA ALA L 20 -7.61 -44.23 -19.59
C ALA L 20 -8.88 -44.09 -18.76
N ILE L 21 -8.74 -43.60 -17.53
CA ILE L 21 -9.91 -43.47 -16.68
C ILE L 21 -11.05 -42.77 -17.39
N PHE L 22 -10.79 -41.57 -17.91
CA PHE L 22 -11.83 -40.85 -18.66
C PHE L 22 -12.31 -41.76 -19.78
N MET L 23 -11.42 -42.02 -20.73
CA MET L 23 -11.73 -42.86 -21.89
C MET L 23 -12.73 -43.95 -21.55
N GLN L 24 -12.42 -44.77 -20.55
CA GLN L 24 -13.29 -45.85 -20.12
C GLN L 24 -14.74 -45.38 -19.97
N SER L 25 -14.92 -44.40 -19.10
CA SER L 25 -16.23 -43.84 -18.82
C SER L 25 -16.95 -43.39 -20.09
N MET L 26 -16.20 -42.78 -21.01
CA MET L 26 -16.75 -42.31 -22.27
C MET L 26 -17.53 -43.43 -22.97
N TYR L 27 -16.98 -44.63 -22.94
CA TYR L 27 -17.64 -45.76 -23.57
C TYR L 27 -18.86 -46.24 -22.79
N ALA L 28 -18.79 -46.14 -21.46
CA ALA L 28 -19.92 -46.55 -20.63
C ALA L 28 -21.13 -45.86 -21.25
N TRP L 29 -20.91 -44.63 -21.70
CA TRP L 29 -21.95 -43.83 -22.32
C TRP L 29 -22.31 -44.40 -23.69
N PHE L 30 -21.30 -44.65 -24.52
CA PHE L 30 -21.54 -45.20 -25.85
C PHE L 30 -22.44 -46.42 -25.74
N GLY L 31 -22.42 -47.03 -24.56
CA GLY L 31 -23.26 -48.20 -24.30
C GLY L 31 -24.61 -47.72 -23.84
N LEU L 32 -24.62 -46.94 -22.76
CA LEU L 32 -25.85 -46.40 -22.19
C LEU L 32 -26.69 -45.74 -23.27
N VAL L 33 -26.05 -44.91 -24.09
CA VAL L 33 -26.73 -44.22 -25.17
C VAL L 33 -27.13 -45.19 -26.26
N VAL L 34 -26.34 -46.26 -26.42
CA VAL L 34 -26.63 -47.25 -27.45
C VAL L 34 -27.84 -48.09 -27.04
N ILE L 35 -27.92 -48.48 -25.78
CA ILE L 35 -29.05 -49.27 -25.32
C ILE L 35 -30.29 -48.43 -25.58
N ALA L 36 -30.11 -47.12 -25.55
CA ALA L 36 -31.20 -46.19 -25.78
C ALA L 36 -31.57 -46.08 -27.26
N HIS L 37 -30.59 -45.82 -28.11
CA HIS L 37 -30.83 -45.71 -29.55
C HIS L 37 -31.31 -47.05 -30.11
N LEU L 38 -30.88 -48.13 -29.48
CA LEU L 38 -31.23 -49.47 -29.93
C LEU L 38 -32.61 -49.80 -29.40
N LEU L 39 -32.87 -49.44 -28.14
CA LEU L 39 -34.16 -49.69 -27.52
C LEU L 39 -35.20 -48.76 -28.13
N ALA L 40 -34.77 -47.54 -28.46
CA ALA L 40 -35.65 -46.56 -29.08
C ALA L 40 -36.06 -47.10 -30.43
N TRP L 41 -35.10 -47.64 -31.16
CA TRP L 41 -35.40 -48.19 -32.45
C TRP L 41 -36.26 -49.42 -32.21
N LEU L 42 -35.94 -50.16 -31.13
CA LEU L 42 -36.65 -51.38 -30.80
C LEU L 42 -38.14 -51.07 -30.65
N TYR L 43 -38.44 -49.97 -29.95
CA TYR L 43 -39.82 -49.55 -29.74
C TYR L 43 -40.38 -48.77 -30.91
N ARG L 44 -39.97 -47.51 -31.03
CA ARG L 44 -40.42 -46.65 -32.11
C ARG L 44 -39.29 -46.49 -33.11
N PRO L 45 -39.07 -47.52 -33.95
CA PRO L 45 -38.01 -47.45 -34.96
C PRO L 45 -38.12 -46.19 -35.80
N TRP L 46 -37.13 -45.96 -36.65
CA TRP L 46 -37.16 -44.77 -37.45
C TRP L 46 -36.48 -44.86 -38.81
N LEU L 47 -35.87 -43.72 -39.20
CA LEU L 47 -35.22 -43.56 -40.50
C LEU L 47 -36.25 -43.00 -41.46
N MET M 4 4.00 -36.81 -49.76
CA MET M 4 4.63 -35.51 -49.54
C MET M 4 4.52 -35.01 -48.09
N ASN M 5 3.77 -35.73 -47.28
CA ASN M 5 3.55 -35.39 -45.89
C ASN M 5 4.83 -35.29 -45.05
N ALA M 6 5.89 -35.98 -45.48
CA ALA M 6 7.15 -35.99 -44.75
C ALA M 6 7.61 -34.60 -44.31
N ASN M 7 7.51 -33.63 -45.21
CA ASN M 7 7.93 -32.26 -44.91
C ASN M 7 6.77 -31.40 -44.46
N LEU M 8 5.81 -32.03 -43.80
CA LEU M 8 4.63 -31.34 -43.33
C LEU M 8 4.53 -31.15 -41.82
N TYR M 9 5.38 -31.81 -41.05
CA TYR M 9 5.31 -31.65 -39.59
C TYR M 9 5.82 -30.26 -39.23
N LYS M 10 6.71 -29.75 -40.07
CA LYS M 10 7.30 -28.43 -39.89
C LYS M 10 6.23 -27.35 -39.71
N ILE M 11 5.00 -27.65 -40.11
CA ILE M 11 3.89 -26.71 -39.99
C ILE M 11 3.70 -26.20 -38.57
N TRP M 12 3.71 -27.12 -37.62
CA TRP M 12 3.51 -26.80 -36.21
C TRP M 12 4.47 -25.73 -35.70
N LEU M 13 5.50 -25.44 -36.49
CA LEU M 13 6.48 -24.42 -36.11
C LEU M 13 5.91 -23.03 -36.39
N ILE M 14 4.86 -22.97 -37.20
CA ILE M 14 4.22 -21.70 -37.54
C ILE M 14 2.82 -21.60 -36.96
N LEU M 15 2.09 -22.71 -36.98
CA LEU M 15 0.72 -22.72 -36.47
C LEU M 15 0.64 -23.52 -35.16
N ASP M 16 0.39 -22.81 -34.06
CA ASP M 16 0.28 -23.45 -32.75
C ASP M 16 -0.69 -24.63 -32.74
N PRO M 17 -0.20 -25.81 -32.36
CA PRO M 17 -1.01 -27.04 -32.31
C PRO M 17 -2.29 -26.89 -31.48
N ARG M 18 -2.18 -26.28 -30.31
CA ARG M 18 -3.34 -26.08 -29.45
C ARG M 18 -4.40 -25.20 -30.11
N ARG M 19 -3.99 -24.11 -30.76
CA ARG M 19 -4.94 -23.21 -31.42
C ARG M 19 -5.64 -23.84 -32.62
N VAL M 20 -4.89 -24.49 -33.51
CA VAL M 20 -5.50 -25.09 -34.69
C VAL M 20 -6.27 -26.36 -34.41
N LEU M 21 -5.81 -27.14 -33.42
CA LEU M 21 -6.47 -28.38 -33.07
C LEU M 21 -7.82 -28.14 -32.41
N VAL M 22 -7.83 -27.30 -31.39
CA VAL M 22 -9.08 -27.00 -30.69
C VAL M 22 -10.00 -26.27 -31.65
N SER M 23 -9.42 -25.41 -32.48
CA SER M 23 -10.22 -24.66 -33.44
C SER M 23 -11.06 -25.60 -34.28
N ILE M 24 -10.43 -26.68 -34.76
CA ILE M 24 -11.13 -27.66 -35.57
C ILE M 24 -12.36 -28.14 -34.81
N VAL M 25 -12.18 -28.41 -33.52
CA VAL M 25 -13.28 -28.86 -32.67
C VAL M 25 -14.53 -28.04 -32.90
N ALA M 26 -14.36 -26.74 -33.06
CA ALA M 26 -15.48 -25.84 -33.30
C ALA M 26 -15.98 -26.03 -34.72
N PHE M 27 -15.15 -25.63 -35.68
CA PHE M 27 -15.49 -25.75 -37.09
C PHE M 27 -16.21 -27.06 -37.42
N GLN M 28 -15.75 -28.16 -36.85
CA GLN M 28 -16.34 -29.47 -37.11
C GLN M 28 -17.66 -29.75 -36.38
N ILE M 29 -17.84 -29.16 -35.20
CA ILE M 29 -19.09 -29.38 -34.48
C ILE M 29 -20.17 -28.48 -35.07
N VAL M 30 -19.75 -27.36 -35.63
CA VAL M 30 -20.69 -26.41 -36.22
C VAL M 30 -21.22 -26.94 -37.55
N LEU M 31 -20.33 -27.54 -38.33
CA LEU M 31 -20.71 -28.05 -39.62
C LEU M 31 -21.55 -29.32 -39.53
N GLY M 32 -21.23 -30.20 -38.61
CA GLY M 32 -22.01 -31.42 -38.47
C GLY M 32 -23.46 -31.07 -38.20
N LEU M 33 -23.68 -30.09 -37.35
CA LEU M 33 -25.03 -29.65 -37.03
C LEU M 33 -25.60 -28.93 -38.24
N LEU M 34 -24.73 -28.15 -38.88
CA LEU M 34 -25.10 -27.38 -40.06
C LEU M 34 -25.44 -28.24 -41.27
N ILE M 35 -24.77 -29.37 -41.43
CA ILE M 35 -25.06 -30.25 -42.55
C ILE M 35 -26.39 -30.92 -42.28
N HIS M 36 -26.50 -31.54 -41.11
CA HIS M 36 -27.73 -32.19 -40.72
C HIS M 36 -28.88 -31.20 -40.84
N MET M 37 -28.55 -29.92 -40.77
CA MET M 37 -29.55 -28.85 -40.87
C MET M 37 -29.92 -28.63 -42.33
N ILE M 38 -28.92 -28.41 -43.18
CA ILE M 38 -29.13 -28.18 -44.59
C ILE M 38 -29.57 -29.45 -45.34
N VAL M 39 -29.68 -30.55 -44.60
CA VAL M 39 -30.10 -31.82 -45.18
C VAL M 39 -31.25 -32.41 -44.35
N LEU M 40 -31.55 -31.76 -43.24
CA LEU M 40 -32.62 -32.20 -42.35
C LEU M 40 -33.95 -32.29 -43.09
N SER M 41 -34.21 -31.32 -43.95
CA SER M 41 -35.47 -31.26 -44.67
C SER M 41 -35.36 -31.06 -46.18
N THR M 42 -34.33 -30.33 -46.58
CA THR M 42 -34.09 -30.02 -47.99
C THR M 42 -34.03 -31.24 -48.91
N ASP M 43 -33.28 -32.27 -48.52
CA ASP M 43 -33.20 -33.45 -49.37
C ASP M 43 -34.20 -34.50 -48.92
N LEU M 44 -33.85 -35.22 -47.86
CA LEU M 44 -34.71 -36.24 -47.31
C LEU M 44 -35.00 -35.94 -45.84
N ASN M 45 -36.26 -35.66 -45.54
CA ASN M 45 -36.67 -35.36 -44.17
C ASN M 45 -36.86 -36.68 -43.42
N TRP M 46 -35.80 -37.49 -43.39
CA TRP M 46 -35.81 -38.81 -42.76
C TRP M 46 -36.67 -38.98 -41.51
N LEU M 47 -36.90 -37.90 -40.76
CA LEU M 47 -37.72 -38.02 -39.57
C LEU M 47 -39.15 -38.43 -39.87
N ASP M 48 -39.73 -37.88 -40.94
CA ASP M 48 -41.10 -38.19 -41.31
C ASP M 48 -41.30 -38.35 -42.81
N ASP M 49 -40.20 -38.33 -43.55
CA ASP M 49 -40.25 -38.45 -44.99
C ASP M 49 -40.63 -39.82 -45.53
N ASN M 50 -40.05 -40.88 -44.95
CA ASN M 50 -40.32 -42.23 -45.44
C ASN M 50 -40.33 -43.31 -44.35
N ILE M 51 -40.18 -44.56 -44.79
CA ILE M 51 -40.18 -45.72 -43.91
C ILE M 51 -39.43 -45.52 -42.59
N PRO M 52 -40.13 -45.70 -41.45
CA PRO M 52 -41.55 -46.07 -41.39
C PRO M 52 -42.47 -44.93 -41.83
N VAL M 53 -43.51 -45.28 -42.58
CA VAL M 53 -44.48 -44.30 -43.07
C VAL M 53 -45.17 -43.52 -41.97
N SER M 54 -44.69 -42.30 -41.72
CA SER M 54 -45.26 -41.40 -40.72
C SER M 54 -45.93 -42.12 -39.55
N TYR M 55 -45.13 -42.81 -38.74
CA TYR M 55 -45.64 -43.53 -37.56
C TYR M 55 -46.09 -42.55 -36.48
N GLN M 56 -45.56 -41.34 -36.52
CA GLN M 56 -45.90 -40.30 -35.55
C GLN M 56 -47.26 -39.70 -35.83
N ALA M 57 -47.67 -39.74 -37.09
CA ALA M 57 -48.97 -39.19 -37.51
C ALA M 57 -49.97 -40.30 -37.81
N LEU M 58 -49.52 -41.31 -38.55
CA LEU M 58 -50.39 -42.43 -38.91
C LEU M 58 -50.57 -43.32 -37.68
N GLY M 59 -49.58 -43.34 -36.80
CA GLY M 59 -49.66 -44.14 -35.60
C GLY M 59 -50.61 -43.51 -34.61
N LYS M 60 -50.69 -42.18 -34.65
CA LYS M 60 -51.57 -41.43 -33.76
C LYS M 60 -53.02 -41.88 -33.89
N LYS M 61 -53.33 -42.59 -34.97
CA LYS M 61 -54.67 -43.07 -35.22
C LYS M 61 -55.08 -44.12 -34.19
N THR N 8 4.45 -21.19 -33.17
CA THR N 8 5.86 -21.52 -32.84
C THR N 8 6.02 -21.75 -31.35
N GLY N 9 7.25 -21.58 -30.87
CA GLY N 9 7.57 -21.77 -29.47
C GLY N 9 8.03 -23.20 -29.20
N LEU N 10 8.35 -23.92 -30.27
CA LEU N 10 8.78 -25.31 -30.17
C LEU N 10 9.84 -25.56 -31.25
N THR N 11 10.53 -26.69 -31.14
CA THR N 11 11.56 -27.09 -32.09
C THR N 11 10.96 -28.00 -33.15
N ASP N 12 11.81 -28.78 -33.81
CA ASP N 12 11.35 -29.67 -34.87
C ASP N 12 10.87 -31.05 -34.38
N ASP N 13 11.63 -31.69 -33.49
CA ASP N 13 11.23 -33.02 -33.01
C ASP N 13 9.87 -33.06 -32.29
N GLU N 14 9.47 -31.93 -31.73
CA GLU N 14 8.17 -31.88 -31.08
C GLU N 14 7.06 -31.50 -32.07
N ALA N 15 7.37 -30.60 -33.00
CA ALA N 15 6.38 -30.20 -34.01
C ALA N 15 6.09 -31.44 -34.86
N LYS N 16 7.06 -32.35 -34.89
CA LYS N 16 6.93 -33.58 -35.64
C LYS N 16 6.09 -34.52 -34.77
N GLU N 17 6.43 -34.58 -33.49
CA GLU N 17 5.74 -35.42 -32.53
C GLU N 17 4.22 -35.22 -32.60
N PHE N 18 3.79 -33.97 -32.67
CA PHE N 18 2.36 -33.64 -32.75
C PHE N 18 1.79 -34.00 -34.11
N HIS N 19 2.63 -33.88 -35.14
CA HIS N 19 2.22 -34.19 -36.50
C HIS N 19 1.85 -35.67 -36.55
N ALA N 20 2.62 -36.48 -35.83
CA ALA N 20 2.36 -37.91 -35.79
C ALA N 20 0.98 -38.20 -35.23
N ILE N 21 0.84 -38.07 -33.91
CA ILE N 21 -0.41 -38.34 -33.20
C ILE N 21 -1.61 -37.54 -33.75
N PHE N 22 -1.37 -36.32 -34.22
CA PHE N 22 -2.45 -35.50 -34.76
C PHE N 22 -2.84 -35.95 -36.16
N MET N 23 -1.87 -36.01 -37.06
CA MET N 23 -2.13 -36.42 -38.42
C MET N 23 -2.90 -37.74 -38.44
N GLN N 24 -2.29 -38.78 -37.90
CA GLN N 24 -2.94 -40.08 -37.85
C GLN N 24 -4.35 -39.98 -37.30
N SER N 25 -4.57 -39.18 -36.25
CA SER N 25 -5.91 -39.08 -35.66
C SER N 25 -6.89 -38.52 -36.69
N MET N 26 -6.38 -37.64 -37.53
CA MET N 26 -7.20 -37.03 -38.58
C MET N 26 -7.84 -38.10 -39.46
N TYR N 27 -7.08 -39.14 -39.75
CA TYR N 27 -7.58 -40.22 -40.58
C TYR N 27 -8.59 -41.07 -39.83
N ALA N 28 -8.42 -41.17 -38.51
CA ALA N 28 -9.33 -41.95 -37.69
C ALA N 28 -10.73 -41.46 -38.03
N TRP N 29 -10.80 -40.18 -38.38
CA TRP N 29 -12.07 -39.53 -38.72
C TRP N 29 -12.47 -39.79 -40.19
N PHE N 30 -11.53 -39.76 -41.15
CA PHE N 30 -11.90 -40.02 -42.53
C PHE N 30 -12.56 -41.38 -42.53
N GLY N 31 -12.13 -42.27 -41.65
CA GLY N 31 -12.80 -43.54 -41.52
C GLY N 31 -14.23 -43.37 -41.04
N LEU N 32 -14.44 -42.52 -40.04
CA LEU N 32 -15.78 -42.25 -39.52
C LEU N 32 -16.70 -41.53 -40.52
N VAL N 33 -16.17 -40.51 -41.18
CA VAL N 33 -16.91 -39.78 -42.20
C VAL N 33 -17.20 -40.68 -43.38
N VAL N 34 -16.20 -41.48 -43.71
CA VAL N 34 -16.24 -42.40 -44.83
C VAL N 34 -17.21 -43.54 -44.54
N ILE N 35 -17.26 -43.97 -43.28
CA ILE N 35 -18.16 -45.05 -42.89
C ILE N 35 -19.56 -44.48 -42.68
N ALA N 36 -19.63 -43.22 -42.26
CA ALA N 36 -20.92 -42.56 -42.02
C ALA N 36 -21.62 -42.22 -43.34
N HIS N 37 -20.86 -41.66 -44.27
CA HIS N 37 -21.37 -41.31 -45.59
C HIS N 37 -21.76 -42.62 -46.33
N LEU N 38 -21.16 -43.73 -45.92
CA LEU N 38 -21.33 -45.02 -46.57
C LEU N 38 -22.53 -45.73 -45.97
N LEU N 39 -22.60 -45.75 -44.64
CA LEU N 39 -23.73 -46.38 -43.97
C LEU N 39 -24.98 -45.60 -44.37
N ALA N 40 -24.79 -44.29 -44.57
CA ALA N 40 -25.88 -43.42 -44.97
C ALA N 40 -26.24 -43.74 -46.41
N TRP N 41 -25.23 -43.78 -47.27
CA TRP N 41 -25.46 -44.10 -48.66
C TRP N 41 -26.09 -45.46 -48.68
N LEU N 42 -25.62 -46.35 -47.79
CA LEU N 42 -26.15 -47.71 -47.71
C LEU N 42 -27.65 -47.68 -47.48
N TYR N 43 -28.10 -46.82 -46.58
CA TYR N 43 -29.53 -46.70 -46.29
C TYR N 43 -30.24 -45.99 -47.44
N ARG N 44 -29.81 -44.77 -47.73
CA ARG N 44 -30.41 -44.00 -48.82
C ARG N 44 -29.40 -43.15 -49.58
N PRO N 45 -28.88 -43.68 -50.70
CA PRO N 45 -27.91 -42.96 -51.52
C PRO N 45 -28.51 -41.64 -51.96
N TRP N 46 -27.65 -40.69 -52.34
CA TRP N 46 -28.11 -39.38 -52.78
C TRP N 46 -27.86 -39.18 -54.28
N LEU N 47 -27.67 -37.93 -54.68
CA LEU N 47 -27.42 -37.60 -56.06
C LEU N 47 -28.70 -37.67 -56.89
N THR O 3 6.71 -20.20 -66.76
CA THR O 3 7.78 -19.29 -67.16
C THR O 3 8.24 -18.33 -66.06
N MET O 4 7.28 -17.74 -65.35
CA MET O 4 7.54 -16.75 -64.29
C MET O 4 7.81 -17.26 -62.87
N ASN O 5 7.82 -18.58 -62.66
CA ASN O 5 8.00 -19.13 -61.32
C ASN O 5 9.26 -18.77 -60.49
N ALA O 6 10.43 -18.72 -61.11
CA ALA O 6 11.67 -18.45 -60.37
C ALA O 6 11.85 -17.14 -59.59
N ASN O 7 11.51 -16.02 -60.19
CA ASN O 7 11.65 -14.70 -59.56
C ASN O 7 10.83 -14.46 -58.29
N LEU O 8 9.63 -14.99 -58.28
CA LEU O 8 8.75 -14.78 -57.16
C LEU O 8 9.15 -15.24 -55.74
N TYR O 9 9.85 -16.36 -55.56
CA TYR O 9 10.21 -16.78 -54.19
C TYR O 9 10.74 -15.72 -53.21
N LYS O 10 11.40 -14.68 -53.70
CA LYS O 10 11.94 -13.67 -52.81
C LYS O 10 10.81 -12.99 -52.00
N ILE O 11 9.55 -13.19 -52.40
CA ILE O 11 8.41 -12.54 -51.75
C ILE O 11 8.22 -12.81 -50.26
N TRP O 12 8.46 -14.03 -49.82
CA TRP O 12 8.26 -14.37 -48.42
C TRP O 12 8.89 -13.42 -47.45
N LEU O 13 10.10 -12.97 -47.72
CA LEU O 13 10.67 -12.05 -46.76
C LEU O 13 9.72 -10.88 -46.66
N ILE O 14 9.30 -10.28 -47.77
CA ILE O 14 8.41 -9.12 -47.73
C ILE O 14 7.01 -9.30 -47.16
N LEU O 15 6.44 -10.50 -47.31
CA LEU O 15 5.10 -10.79 -46.82
C LEU O 15 5.15 -11.93 -45.79
N ASP O 16 4.55 -11.69 -44.63
CA ASP O 16 4.53 -12.69 -43.56
C ASP O 16 3.76 -13.92 -43.97
N PRO O 17 4.30 -15.11 -43.66
CA PRO O 17 3.63 -16.35 -44.01
C PRO O 17 2.32 -16.57 -43.27
N ARG O 18 2.33 -16.38 -41.95
CA ARG O 18 1.14 -16.58 -41.11
C ARG O 18 -0.08 -15.79 -41.57
N ARG O 19 0.09 -14.50 -41.80
CA ARG O 19 -1.04 -13.70 -42.23
C ARG O 19 -1.57 -14.16 -43.57
N VAL O 20 -0.67 -14.46 -44.48
CA VAL O 20 -1.04 -14.89 -45.78
C VAL O 20 -1.46 -16.35 -45.79
N LEU O 21 -0.91 -17.16 -44.90
CA LEU O 21 -1.26 -18.57 -44.88
C LEU O 21 -2.56 -18.91 -44.17
N VAL O 22 -2.74 -18.42 -42.96
CA VAL O 22 -3.95 -18.73 -42.22
C VAL O 22 -5.18 -18.00 -42.76
N SER O 23 -4.97 -16.79 -43.26
CA SER O 23 -6.07 -16.02 -43.84
C SER O 23 -6.57 -16.72 -45.09
N ILE O 24 -5.64 -17.25 -45.88
CA ILE O 24 -6.01 -17.96 -47.10
C ILE O 24 -6.77 -19.21 -46.68
N VAL O 25 -6.34 -19.82 -45.59
CA VAL O 25 -7.00 -21.01 -45.06
C VAL O 25 -8.49 -20.72 -45.04
N ALA O 26 -8.83 -19.50 -44.65
CA ALA O 26 -10.23 -19.07 -44.58
C ALA O 26 -10.73 -18.72 -45.98
N PHE O 27 -10.00 -17.85 -46.67
CA PHE O 27 -10.36 -17.46 -48.02
C PHE O 27 -10.76 -18.69 -48.83
N GLN O 28 -10.05 -19.80 -48.61
CA GLN O 28 -10.37 -21.02 -49.33
C GLN O 28 -11.62 -21.65 -48.78
N ILE O 29 -11.79 -21.62 -47.47
CA ILE O 29 -12.96 -22.22 -46.87
C ILE O 29 -14.24 -21.41 -47.11
N VAL O 30 -14.14 -20.09 -47.05
CA VAL O 30 -15.29 -19.21 -47.23
C VAL O 30 -15.90 -19.27 -48.62
N LEU O 31 -15.04 -19.26 -49.63
CA LEU O 31 -15.49 -19.29 -51.00
C LEU O 31 -16.16 -20.62 -51.36
N GLY O 32 -15.54 -21.72 -50.96
CA GLY O 32 -16.08 -23.03 -51.26
C GLY O 32 -17.43 -23.27 -50.59
N LEU O 33 -17.70 -22.54 -49.52
CA LEU O 33 -18.97 -22.69 -48.81
C LEU O 33 -20.01 -21.90 -49.59
N LEU O 34 -19.59 -20.73 -50.05
CA LEU O 34 -20.45 -19.84 -50.82
C LEU O 34 -20.47 -20.22 -52.30
N ILE O 35 -20.02 -21.43 -52.62
CA ILE O 35 -20.05 -21.89 -54.00
C ILE O 35 -21.19 -22.88 -54.05
N HIS O 36 -21.17 -23.85 -53.14
CA HIS O 36 -22.26 -24.80 -53.07
C HIS O 36 -23.47 -23.90 -52.82
N MET O 37 -23.22 -22.77 -52.17
CA MET O 37 -24.27 -21.81 -51.88
C MET O 37 -24.89 -21.26 -53.16
N ILE O 38 -24.07 -21.01 -54.17
CA ILE O 38 -24.59 -20.48 -55.43
C ILE O 38 -25.09 -21.58 -56.35
N VAL O 39 -24.36 -22.68 -56.43
CA VAL O 39 -24.77 -23.79 -57.29
C VAL O 39 -26.01 -24.46 -56.71
N LEU O 40 -26.02 -24.61 -55.39
CA LEU O 40 -27.14 -25.23 -54.70
C LEU O 40 -28.37 -24.32 -54.75
N SER O 41 -28.15 -23.02 -54.59
CA SER O 41 -29.25 -22.07 -54.61
C SER O 41 -29.91 -21.89 -55.97
N THR O 42 -29.13 -21.88 -57.05
CA THR O 42 -29.71 -21.67 -58.37
C THR O 42 -29.40 -22.67 -59.49
N ASP O 43 -28.11 -22.89 -59.74
CA ASP O 43 -27.66 -23.80 -60.81
C ASP O 43 -28.36 -25.16 -60.93
N LEU O 44 -28.43 -25.89 -59.82
CA LEU O 44 -29.05 -27.22 -59.84
C LEU O 44 -29.03 -27.74 -58.41
N ASN O 45 -30.05 -28.51 -58.04
CA ASN O 45 -30.10 -29.06 -56.69
C ASN O 45 -29.91 -30.57 -56.73
N TRP O 46 -28.67 -30.97 -57.01
CA TRP O 46 -28.31 -32.38 -57.13
C TRP O 46 -29.03 -33.32 -56.16
N LEU O 47 -29.58 -32.78 -55.07
CA LEU O 47 -30.31 -33.62 -54.12
C LEU O 47 -31.80 -33.84 -54.42
N ASP O 48 -32.54 -32.75 -54.58
CA ASP O 48 -33.98 -32.81 -54.85
C ASP O 48 -34.29 -32.63 -56.34
N ASP O 49 -33.24 -32.44 -57.12
CA ASP O 49 -33.34 -32.23 -58.57
C ASP O 49 -33.90 -33.41 -59.34
N ASN O 50 -32.96 -34.15 -59.96
CA ASN O 50 -33.24 -35.32 -60.78
C ASN O 50 -33.84 -36.52 -60.04
N ILE O 51 -32.96 -37.30 -59.44
CA ILE O 51 -33.31 -38.51 -58.70
C ILE O 51 -34.76 -38.49 -58.21
N PRO O 52 -35.45 -39.64 -58.33
CA PRO O 52 -36.85 -39.66 -57.89
C PRO O 52 -37.16 -38.75 -56.71
N VAL O 53 -37.67 -37.56 -57.01
CA VAL O 53 -38.01 -36.55 -56.01
C VAL O 53 -39.11 -37.14 -55.14
N SER O 54 -39.58 -38.31 -55.56
CA SER O 54 -40.62 -39.04 -54.85
C SER O 54 -40.04 -39.72 -53.61
N TYR O 55 -39.16 -39.00 -52.91
CA TYR O 55 -38.55 -39.54 -51.70
C TYR O 55 -39.60 -39.51 -50.59
N GLN O 56 -40.55 -38.59 -50.72
CA GLN O 56 -41.62 -38.44 -49.75
C GLN O 56 -42.94 -38.85 -50.41
N ALA O 57 -42.94 -38.85 -51.73
CA ALA O 57 -44.12 -39.25 -52.49
C ALA O 57 -44.21 -40.77 -52.40
N LEU O 58 -43.04 -41.40 -52.23
CA LEU O 58 -42.96 -42.84 -52.11
C LEU O 58 -42.51 -43.14 -50.67
N GLY O 59 -42.38 -42.09 -49.89
CA GLY O 59 -41.97 -42.23 -48.51
C GLY O 59 -43.10 -41.93 -47.55
N LYS O 60 -43.75 -40.79 -47.73
CA LYS O 60 -44.87 -40.39 -46.89
C LYS O 60 -46.01 -41.39 -47.08
N LYS O 61 -45.85 -42.27 -48.06
CA LYS O 61 -46.83 -43.30 -48.37
C LYS O 61 -46.23 -44.67 -48.09
N THR P 8 8.05 -8.64 -44.67
CA THR P 8 9.48 -8.77 -44.25
C THR P 8 9.61 -9.70 -43.06
N GLY P 9 10.48 -9.34 -42.11
CA GLY P 9 10.68 -10.17 -40.94
C GLY P 9 11.48 -11.42 -41.21
N LEU P 10 11.97 -11.55 -42.45
CA LEU P 10 12.75 -12.72 -42.83
C LEU P 10 14.00 -12.36 -43.60
N THR P 11 14.78 -13.37 -43.96
CA THR P 11 16.02 -13.18 -44.72
C THR P 11 15.84 -13.70 -46.14
N ASP P 12 16.89 -14.30 -46.70
CA ASP P 12 16.84 -14.84 -48.06
C ASP P 12 16.79 -16.36 -48.08
N ASP P 13 17.41 -17.03 -47.10
CA ASP P 13 17.38 -18.49 -47.10
C ASP P 13 16.11 -19.07 -46.49
N GLU P 14 15.98 -19.01 -45.17
CA GLU P 14 14.79 -19.55 -44.53
C GLU P 14 13.53 -19.08 -45.25
N ALA P 15 13.63 -17.91 -45.89
CA ALA P 15 12.50 -17.35 -46.63
C ALA P 15 12.06 -18.31 -47.72
N LYS P 16 12.91 -18.51 -48.71
CA LYS P 16 12.58 -19.41 -49.81
C LYS P 16 12.23 -20.80 -49.31
N GLU P 17 12.86 -21.23 -48.23
CA GLU P 17 12.56 -22.53 -47.68
C GLU P 17 11.04 -22.64 -47.64
N PHE P 18 10.39 -21.53 -47.28
CA PHE P 18 8.93 -21.50 -47.21
C PHE P 18 8.31 -21.46 -48.60
N HIS P 19 8.85 -20.59 -49.46
CA HIS P 19 8.32 -20.44 -50.82
C HIS P 19 7.96 -21.78 -51.44
N ALA P 20 8.93 -22.68 -51.40
CA ALA P 20 8.79 -24.02 -51.96
C ALA P 20 7.87 -24.87 -51.10
N ILE P 21 8.22 -24.96 -49.82
CA ILE P 21 7.47 -25.75 -48.83
C ILE P 21 5.98 -25.58 -48.99
N PHE P 22 5.53 -24.35 -49.13
CA PHE P 22 4.12 -24.18 -49.26
C PHE P 22 3.71 -24.29 -50.74
N MET P 23 4.38 -23.54 -51.62
CA MET P 23 4.04 -23.55 -53.05
C MET P 23 3.47 -24.89 -53.46
N GLN P 24 4.26 -25.93 -53.23
CA GLN P 24 3.90 -27.31 -53.53
C GLN P 24 2.60 -27.72 -52.85
N SER P 25 2.62 -27.80 -51.52
CA SER P 25 1.46 -28.16 -50.73
C SER P 25 0.21 -27.70 -51.44
N MET P 26 0.18 -26.40 -51.72
CA MET P 26 -0.95 -25.76 -52.40
C MET P 26 -1.39 -26.57 -53.59
N TYR P 27 -0.44 -26.96 -54.42
CA TYR P 27 -0.76 -27.76 -55.61
C TYR P 27 -1.50 -29.01 -55.21
N ALA P 28 -1.25 -29.49 -53.99
CA ALA P 28 -1.96 -30.67 -53.51
C ALA P 28 -3.42 -30.30 -53.68
N TRP P 29 -3.72 -29.06 -53.30
CA TRP P 29 -5.07 -28.55 -53.41
C TRP P 29 -5.50 -28.41 -54.87
N PHE P 30 -4.80 -27.54 -55.61
CA PHE P 30 -5.13 -27.29 -57.02
C PHE P 30 -5.42 -28.63 -57.68
N GLY P 31 -4.59 -29.61 -57.35
CA GLY P 31 -4.77 -30.97 -57.81
C GLY P 31 -6.01 -31.64 -57.26
N LEU P 32 -6.23 -31.46 -55.96
CA LEU P 32 -7.40 -32.01 -55.29
C LEU P 32 -8.63 -31.37 -55.87
N VAL P 33 -8.54 -30.06 -56.09
CA VAL P 33 -9.61 -29.30 -56.69
C VAL P 33 -9.87 -29.77 -58.11
N VAL P 34 -8.81 -30.10 -58.84
CA VAL P 34 -8.95 -30.44 -60.26
C VAL P 34 -9.59 -31.81 -60.40
N ILE P 35 -9.33 -32.67 -59.42
CA ILE P 35 -9.91 -34.01 -59.42
C ILE P 35 -11.40 -33.82 -59.13
N ALA P 36 -11.70 -32.80 -58.32
CA ALA P 36 -13.06 -32.48 -57.94
C ALA P 36 -13.86 -31.88 -59.11
N HIS P 37 -13.19 -31.03 -59.89
CA HIS P 37 -13.75 -30.33 -61.06
C HIS P 37 -13.86 -31.20 -62.30
N LEU P 38 -12.97 -32.17 -62.40
CA LEU P 38 -13.02 -33.18 -63.46
C LEU P 38 -13.96 -34.32 -63.14
N LEU P 39 -13.84 -34.89 -61.93
CA LEU P 39 -14.77 -35.96 -61.56
C LEU P 39 -16.21 -35.50 -61.63
N ALA P 40 -16.44 -34.21 -61.42
CA ALA P 40 -17.78 -33.65 -61.45
C ALA P 40 -18.27 -33.57 -62.89
N TRP P 41 -17.47 -32.89 -63.71
CA TRP P 41 -17.75 -32.69 -65.13
C TRP P 41 -18.25 -34.02 -65.75
N LEU P 42 -17.58 -35.11 -65.38
CA LEU P 42 -17.96 -36.43 -65.87
C LEU P 42 -19.38 -36.77 -65.44
N TYR P 43 -19.74 -36.36 -64.21
CA TYR P 43 -21.06 -36.63 -63.63
C TYR P 43 -22.23 -35.80 -64.15
N ARG P 44 -22.28 -34.52 -63.79
CA ARG P 44 -23.36 -33.64 -64.23
C ARG P 44 -22.76 -32.57 -65.12
N PRO P 45 -23.07 -32.61 -66.42
CA PRO P 45 -22.54 -31.63 -67.38
C PRO P 45 -23.20 -30.28 -67.14
N TRP P 46 -22.38 -29.31 -66.81
CA TRP P 46 -22.90 -27.99 -66.54
C TRP P 46 -22.66 -26.99 -67.64
N LEU P 47 -23.74 -26.26 -67.98
CA LEU P 47 -23.67 -25.22 -69.02
C LEU P 47 -24.98 -24.44 -69.04
N ASN Q 5 7.73 0.51 -70.64
CA ASN Q 5 8.14 -0.41 -69.57
C ASN Q 5 9.45 0.01 -68.90
N ALA Q 6 10.33 0.66 -69.66
CA ALA Q 6 11.62 1.10 -69.15
C ALA Q 6 11.54 1.93 -67.86
N ASN Q 7 10.98 3.13 -67.98
CA ASN Q 7 10.87 4.05 -66.84
C ASN Q 7 9.84 3.72 -65.76
N LEU Q 8 8.98 2.75 -66.01
CA LEU Q 8 7.95 2.39 -65.03
C LEU Q 8 8.46 1.98 -63.65
N TYR Q 9 9.70 1.52 -63.58
CA TYR Q 9 10.31 1.08 -62.32
C TYR Q 9 10.38 2.11 -61.20
N LYS Q 10 10.69 3.37 -61.53
CA LYS Q 10 10.83 4.43 -60.54
C LYS Q 10 9.67 4.65 -59.55
N ILE Q 11 8.49 4.11 -59.85
CA ILE Q 11 7.32 4.28 -58.99
C ILE Q 11 7.50 3.78 -57.55
N TRP Q 12 8.34 2.77 -57.39
CA TRP Q 12 8.60 2.15 -56.09
C TRP Q 12 9.38 3.00 -55.11
N LEU Q 13 9.90 4.13 -55.58
CA LEU Q 13 10.66 5.02 -54.72
C LEU Q 13 9.80 6.01 -53.94
N ILE Q 14 8.52 6.08 -54.27
CA ILE Q 14 7.63 7.01 -53.58
C ILE Q 14 6.43 6.32 -52.91
N LEU Q 15 5.92 5.26 -53.54
CA LEU Q 15 4.77 4.55 -53.00
C LEU Q 15 5.16 3.19 -52.43
N ASP Q 16 4.68 2.90 -51.20
CA ASP Q 16 4.97 1.64 -50.54
C ASP Q 16 4.43 0.47 -51.37
N PRO Q 17 5.33 -0.32 -51.96
CA PRO Q 17 4.93 -1.48 -52.78
C PRO Q 17 3.90 -2.37 -52.10
N ARG Q 18 4.12 -2.68 -50.83
CA ARG Q 18 3.19 -3.53 -50.09
C ARG Q 18 1.78 -2.98 -50.19
N ARG Q 19 1.65 -1.67 -50.08
CA ARG Q 19 0.36 -1.00 -50.17
C ARG Q 19 -0.35 -1.35 -51.47
N VAL Q 20 0.19 -0.86 -52.58
CA VAL Q 20 -0.39 -1.11 -53.90
C VAL Q 20 -0.68 -2.59 -54.10
N LEU Q 21 0.15 -3.45 -53.52
CA LEU Q 21 -0.03 -4.90 -53.64
C LEU Q 21 -1.37 -5.30 -53.02
N VAL Q 22 -1.45 -5.20 -51.68
CA VAL Q 22 -2.67 -5.55 -50.97
C VAL Q 22 -3.85 -4.79 -51.58
N SER Q 23 -3.57 -3.62 -52.13
CA SER Q 23 -4.60 -2.79 -52.75
C SER Q 23 -5.12 -3.50 -53.99
N ILE Q 24 -4.19 -3.97 -54.82
CA ILE Q 24 -4.54 -4.67 -56.04
C ILE Q 24 -5.24 -6.01 -55.77
N VAL Q 25 -4.70 -6.78 -54.82
CA VAL Q 25 -5.27 -8.08 -54.50
C VAL Q 25 -6.74 -7.98 -54.10
N ALA Q 26 -7.07 -6.97 -53.32
CA ALA Q 26 -8.45 -6.80 -52.88
C ALA Q 26 -9.32 -6.34 -54.04
N PHE Q 27 -8.73 -5.59 -54.95
CA PHE Q 27 -9.45 -5.08 -56.11
C PHE Q 27 -9.87 -6.18 -57.09
N GLN Q 28 -8.99 -7.16 -57.29
CA GLN Q 28 -9.27 -8.25 -58.22
C GLN Q 28 -10.13 -9.35 -57.61
N ILE Q 29 -10.30 -9.34 -56.29
CA ILE Q 29 -11.12 -10.35 -55.63
C ILE Q 29 -12.60 -10.01 -55.73
N VAL Q 30 -12.95 -8.75 -55.50
CA VAL Q 30 -14.33 -8.31 -55.54
C VAL Q 30 -14.81 -8.27 -56.99
N LEU Q 31 -14.01 -7.64 -57.84
CA LEU Q 31 -14.32 -7.53 -59.26
C LEU Q 31 -14.72 -8.88 -59.85
N GLY Q 32 -13.84 -9.86 -59.67
CA GLY Q 32 -14.12 -11.19 -60.19
C GLY Q 32 -15.40 -11.76 -59.62
N LEU Q 33 -15.60 -11.56 -58.32
CA LEU Q 33 -16.80 -12.04 -57.65
C LEU Q 33 -17.97 -11.24 -58.19
N LEU Q 34 -17.66 -10.03 -58.69
CA LEU Q 34 -18.66 -9.14 -59.26
C LEU Q 34 -19.00 -9.60 -60.67
N ILE Q 35 -18.00 -9.56 -61.54
CA ILE Q 35 -18.17 -9.95 -62.93
C ILE Q 35 -18.90 -11.26 -63.13
N HIS Q 36 -18.33 -12.35 -62.63
CA HIS Q 36 -18.97 -13.66 -62.75
C HIS Q 36 -20.45 -13.52 -62.40
N MET Q 37 -20.76 -12.59 -61.50
CA MET Q 37 -22.13 -12.35 -61.09
C MET Q 37 -22.85 -11.40 -62.05
N ILE Q 38 -22.26 -10.23 -62.25
CA ILE Q 38 -22.83 -9.22 -63.14
C ILE Q 38 -23.14 -9.80 -64.51
N VAL Q 39 -22.51 -10.92 -64.83
CA VAL Q 39 -22.71 -11.60 -66.11
C VAL Q 39 -23.64 -12.79 -65.92
N LEU Q 40 -23.28 -13.67 -65.00
CA LEU Q 40 -24.11 -14.85 -64.71
C LEU Q 40 -25.52 -14.41 -64.40
N SER Q 41 -25.68 -13.13 -64.03
CA SER Q 41 -27.00 -12.59 -63.73
C SER Q 41 -27.78 -12.27 -64.98
N THR Q 42 -27.06 -11.83 -65.99
CA THR Q 42 -27.71 -11.43 -67.22
C THR Q 42 -27.32 -12.08 -68.53
N ASP Q 43 -26.08 -11.91 -68.96
CA ASP Q 43 -25.60 -12.48 -70.23
C ASP Q 43 -26.04 -13.91 -70.54
N LEU Q 44 -25.45 -14.85 -69.82
CA LEU Q 44 -25.72 -16.25 -70.00
C LEU Q 44 -25.57 -16.91 -68.64
N ASN Q 45 -26.69 -17.30 -68.05
CA ASN Q 45 -26.68 -17.94 -66.73
C ASN Q 45 -26.26 -19.39 -66.88
N TRP Q 46 -25.17 -19.59 -67.61
CA TRP Q 46 -24.60 -20.91 -67.88
C TRP Q 46 -24.86 -21.97 -66.81
N LEU Q 47 -25.02 -21.54 -65.56
CA LEU Q 47 -25.26 -22.51 -64.51
C LEU Q 47 -26.63 -23.18 -64.65
N ASP Q 48 -27.70 -22.42 -64.41
CA ASP Q 48 -29.06 -22.97 -64.48
C ASP Q 48 -30.00 -22.30 -65.47
N ASP Q 49 -30.37 -23.01 -66.52
CA ASP Q 49 -31.31 -22.49 -67.53
C ASP Q 49 -31.29 -23.14 -68.92
N ASN Q 50 -30.13 -23.58 -69.41
CA ASN Q 50 -30.12 -24.15 -70.77
C ASN Q 50 -29.65 -25.59 -70.94
N ILE Q 51 -28.55 -25.94 -70.28
CA ILE Q 51 -28.00 -27.27 -70.40
C ILE Q 51 -27.98 -27.97 -69.06
N PRO Q 52 -27.71 -29.28 -69.04
CA PRO Q 52 -27.42 -30.14 -70.20
C PRO Q 52 -28.75 -30.59 -70.75
N VAL Q 53 -29.61 -30.98 -69.81
CA VAL Q 53 -30.96 -31.42 -70.07
C VAL Q 53 -31.64 -31.12 -68.74
N SER Q 54 -32.96 -31.20 -68.68
CA SER Q 54 -33.64 -30.94 -67.43
C SER Q 54 -33.88 -32.25 -66.73
N TYR Q 55 -32.95 -32.65 -65.86
CA TYR Q 55 -33.13 -33.91 -65.15
C TYR Q 55 -34.24 -33.70 -64.14
N GLN Q 56 -34.46 -32.44 -63.80
CA GLN Q 56 -35.49 -32.07 -62.83
C GLN Q 56 -36.85 -31.90 -63.51
N ALA Q 57 -36.85 -31.22 -64.66
CA ALA Q 57 -38.09 -31.00 -65.39
C ALA Q 57 -38.61 -32.31 -65.98
N LEU Q 58 -37.80 -32.91 -66.85
CA LEU Q 58 -38.17 -34.16 -67.51
C LEU Q 58 -38.00 -35.38 -66.61
N GLY Q 59 -37.38 -35.19 -65.45
CA GLY Q 59 -37.17 -36.29 -64.54
C GLY Q 59 -38.11 -36.33 -63.35
N LYS Q 60 -38.02 -35.30 -62.51
CA LYS Q 60 -38.88 -35.21 -61.33
C LYS Q 60 -40.33 -35.47 -61.70
N LYS Q 61 -40.75 -34.88 -62.83
CA LYS Q 61 -42.12 -35.05 -63.30
C LYS Q 61 -42.32 -36.47 -63.84
N THR R 8 8.51 5.04 -50.75
CA THR R 8 9.88 5.40 -50.30
C THR R 8 10.34 4.42 -49.23
N GLY R 9 11.50 4.69 -48.65
CA GLY R 9 12.06 3.81 -47.64
C GLY R 9 12.89 2.72 -48.30
N LEU R 10 13.22 2.95 -49.58
CA LEU R 10 14.01 2.02 -50.38
C LEU R 10 14.87 2.80 -51.36
N THR R 11 15.87 2.15 -51.95
CA THR R 11 16.73 2.81 -52.92
C THR R 11 16.41 2.27 -54.31
N ASP R 12 17.15 2.72 -55.32
CA ASP R 12 16.90 2.27 -56.69
C ASP R 12 17.19 0.79 -56.90
N ASP R 13 18.20 0.28 -56.20
CA ASP R 13 18.59 -1.12 -56.31
C ASP R 13 17.47 -2.08 -55.93
N GLU R 14 17.21 -2.20 -54.63
CA GLU R 14 16.17 -3.09 -54.13
C GLU R 14 14.85 -2.84 -54.85
N ALA R 15 14.59 -1.60 -55.22
CA ALA R 15 13.35 -1.21 -55.92
C ALA R 15 13.25 -1.89 -57.29
N LYS R 16 14.16 -1.52 -58.17
CA LYS R 16 14.24 -2.07 -59.52
C LYS R 16 13.91 -3.56 -59.54
N GLU R 17 14.62 -4.32 -58.72
CA GLU R 17 14.41 -5.77 -58.62
C GLU R 17 12.92 -6.08 -58.50
N PHE R 18 12.28 -5.47 -57.50
CA PHE R 18 10.86 -5.67 -57.26
C PHE R 18 10.03 -5.45 -58.52
N HIS R 19 10.43 -4.43 -59.30
CA HIS R 19 9.71 -4.06 -60.51
C HIS R 19 9.56 -5.15 -61.56
N ALA R 20 10.64 -5.90 -61.77
CA ALA R 20 10.62 -7.01 -62.72
C ALA R 20 9.93 -8.23 -62.13
N ILE R 21 10.40 -8.67 -60.96
CA ILE R 21 9.85 -9.85 -60.29
C ILE R 21 8.32 -9.86 -60.24
N PHE R 22 7.71 -8.75 -59.80
CA PHE R 22 6.27 -8.66 -59.71
C PHE R 22 5.67 -8.43 -61.08
N MET R 23 6.44 -7.77 -61.95
CA MET R 23 5.99 -7.49 -63.30
C MET R 23 5.74 -8.80 -64.02
N GLN R 24 6.63 -9.76 -63.81
CA GLN R 24 6.49 -11.11 -64.41
C GLN R 24 5.19 -11.72 -63.96
N SER R 25 4.94 -11.60 -62.66
CA SER R 25 3.71 -12.16 -62.10
C SER R 25 2.50 -11.30 -62.47
N MET R 26 2.73 -10.04 -62.77
CA MET R 26 1.63 -9.15 -63.16
C MET R 26 1.09 -9.58 -64.51
N TYR R 27 1.94 -9.54 -65.53
CA TYR R 27 1.53 -9.95 -66.87
C TYR R 27 0.98 -11.35 -66.70
N ALA R 28 1.55 -12.08 -65.76
CA ALA R 28 1.10 -13.43 -65.49
C ALA R 28 -0.42 -13.36 -65.43
N TRP R 29 -0.96 -12.29 -64.86
CA TRP R 29 -2.39 -12.16 -64.77
C TRP R 29 -2.98 -11.87 -66.15
N PHE R 30 -2.53 -10.79 -66.78
CA PHE R 30 -2.98 -10.40 -68.11
C PHE R 30 -3.02 -11.64 -69.00
N GLY R 31 -2.12 -12.58 -68.73
CA GLY R 31 -2.07 -13.81 -69.50
C GLY R 31 -3.07 -14.84 -68.99
N LEU R 32 -3.08 -15.07 -67.69
CA LEU R 32 -3.98 -16.03 -67.07
C LEU R 32 -5.45 -15.65 -67.34
N VAL R 33 -5.72 -14.36 -67.39
CA VAL R 33 -7.07 -13.90 -67.64
C VAL R 33 -7.36 -13.71 -69.13
N VAL R 34 -6.31 -13.57 -69.93
CA VAL R 34 -6.50 -13.46 -71.36
C VAL R 34 -6.88 -14.83 -71.91
N ILE R 35 -6.32 -15.88 -71.31
CA ILE R 35 -6.63 -17.24 -71.72
C ILE R 35 -8.05 -17.55 -71.23
N ALA R 36 -8.45 -16.84 -70.18
CA ALA R 36 -9.79 -17.02 -69.61
C ALA R 36 -10.89 -16.54 -70.55
N HIS R 37 -10.65 -15.38 -71.16
CA HIS R 37 -11.56 -14.76 -72.10
C HIS R 37 -11.54 -15.41 -73.49
N LEU R 38 -10.33 -15.47 -74.04
CA LEU R 38 -10.11 -16.02 -75.38
C LEU R 38 -10.76 -17.39 -75.51
N LEU R 39 -10.72 -18.17 -74.43
CA LEU R 39 -11.32 -19.49 -74.44
C LEU R 39 -12.82 -19.32 -74.14
N ALA R 40 -13.17 -18.16 -73.57
CA ALA R 40 -14.55 -17.85 -73.25
C ALA R 40 -15.29 -17.38 -74.50
N TRP R 41 -14.71 -16.40 -75.17
CA TRP R 41 -15.29 -15.86 -76.39
C TRP R 41 -15.53 -17.02 -77.37
N LEU R 42 -14.66 -18.01 -77.26
CA LEU R 42 -14.70 -19.20 -78.10
C LEU R 42 -15.97 -20.00 -77.81
N TYR R 43 -16.22 -20.18 -76.51
CA TYR R 43 -17.37 -20.93 -76.06
C TYR R 43 -18.68 -20.24 -76.45
N ARG R 44 -19.01 -19.17 -75.75
CA ARG R 44 -20.23 -18.42 -76.03
C ARG R 44 -19.88 -16.97 -76.41
N PRO R 45 -19.82 -16.67 -77.72
CA PRO R 45 -19.49 -15.32 -78.16
C PRO R 45 -20.46 -14.34 -77.54
N TRP R 46 -19.95 -13.20 -77.08
CA TRP R 46 -20.81 -12.22 -76.46
C TRP R 46 -21.12 -10.99 -77.31
N LEU R 47 -20.80 -9.82 -76.76
CA LEU R 47 -21.04 -8.53 -77.39
C LEU R 47 -22.54 -8.25 -77.33
N THR S 3 3.17 21.33 -75.49
CA THR S 3 2.87 22.68 -75.02
C THR S 3 2.91 22.84 -73.51
N MET S 4 1.91 22.27 -72.83
CA MET S 4 1.73 22.34 -71.38
C MET S 4 2.86 21.75 -70.51
N ASN S 5 3.33 20.56 -70.84
CA ASN S 5 4.38 19.82 -70.12
C ASN S 5 5.59 20.60 -69.55
N ALA S 6 6.25 21.43 -70.37
CA ALA S 6 7.42 22.18 -69.92
C ALA S 6 7.23 22.96 -68.61
N ASN S 7 6.14 23.72 -68.51
CA ASN S 7 5.87 24.48 -67.31
C ASN S 7 5.02 23.67 -66.32
N LEU S 8 4.67 22.44 -66.71
CA LEU S 8 3.84 21.63 -65.83
C LEU S 8 4.60 20.66 -64.93
N TYR S 9 5.93 20.73 -64.92
CA TYR S 9 6.70 19.85 -64.04
C TYR S 9 6.69 20.54 -62.70
N LYS S 10 6.61 21.87 -62.76
CA LYS S 10 6.57 22.72 -61.59
C LYS S 10 5.31 22.39 -60.79
N ILE S 11 4.38 21.68 -61.41
CA ILE S 11 3.13 21.31 -60.75
C ILE S 11 3.37 20.49 -59.51
N TRP S 12 4.17 19.44 -59.66
CA TRP S 12 4.51 18.53 -58.57
C TRP S 12 5.30 19.25 -57.49
N LEU S 13 5.60 20.52 -57.73
CA LEU S 13 6.34 21.33 -56.77
C LEU S 13 5.45 21.90 -55.68
N ILE S 14 4.14 21.72 -55.83
CA ILE S 14 3.17 22.17 -54.85
C ILE S 14 2.24 21.02 -54.55
N LEU S 15 2.02 20.18 -55.57
CA LEU S 15 1.15 19.02 -55.43
C LEU S 15 1.97 17.76 -55.25
N ASP S 16 1.71 17.07 -54.15
CA ASP S 16 2.40 15.83 -53.81
C ASP S 16 2.16 14.76 -54.85
N PRO S 17 3.20 13.95 -55.12
CA PRO S 17 3.04 12.88 -56.11
C PRO S 17 2.03 11.85 -55.63
N ARG S 18 2.05 11.57 -54.33
CA ARG S 18 1.13 10.59 -53.75
C ARG S 18 -0.35 10.97 -53.93
N ARG S 19 -0.71 12.23 -53.64
CA ARG S 19 -2.10 12.64 -53.80
C ARG S 19 -2.61 12.39 -55.21
N VAL S 20 -1.81 12.75 -56.22
CA VAL S 20 -2.23 12.54 -57.61
C VAL S 20 -2.29 11.06 -57.96
N LEU S 21 -1.29 10.32 -57.51
CA LEU S 21 -1.22 8.89 -57.75
C LEU S 21 -2.38 8.18 -57.08
N VAL S 22 -2.69 8.60 -55.86
CA VAL S 22 -3.78 7.97 -55.12
C VAL S 22 -5.17 8.41 -55.58
N SER S 23 -5.36 9.72 -55.75
CA SER S 23 -6.65 10.27 -56.16
C SER S 23 -7.09 9.81 -57.54
N ILE S 24 -6.15 9.75 -58.48
CA ILE S 24 -6.47 9.36 -59.84
C ILE S 24 -6.92 7.91 -59.99
N VAL S 25 -6.25 6.99 -59.31
CA VAL S 25 -6.62 5.59 -59.39
C VAL S 25 -8.06 5.48 -58.94
N ALA S 26 -8.35 6.05 -57.77
CA ALA S 26 -9.68 6.02 -57.20
C ALA S 26 -10.71 6.58 -58.18
N PHE S 27 -10.36 7.66 -58.86
CA PHE S 27 -11.28 8.29 -59.78
C PHE S 27 -11.46 7.51 -61.09
N GLN S 28 -10.38 7.02 -61.66
CA GLN S 28 -10.47 6.29 -62.91
C GLN S 28 -11.28 5.01 -62.80
N ILE S 29 -11.19 4.35 -61.67
CA ILE S 29 -11.91 3.08 -61.52
C ILE S 29 -13.38 3.22 -61.13
N VAL S 30 -13.65 4.07 -60.16
CA VAL S 30 -15.02 4.30 -59.72
C VAL S 30 -15.76 4.87 -60.93
N LEU S 31 -15.09 5.75 -61.66
CA LEU S 31 -15.67 6.36 -62.84
C LEU S 31 -15.84 5.34 -63.95
N GLY S 32 -14.82 4.51 -64.12
CA GLY S 32 -14.87 3.48 -65.13
C GLY S 32 -16.07 2.60 -64.83
N LEU S 33 -16.22 2.25 -63.55
CA LEU S 33 -17.33 1.42 -63.08
C LEU S 33 -18.71 2.04 -63.28
N LEU S 34 -18.80 3.34 -63.06
CA LEU S 34 -20.07 4.04 -63.20
C LEU S 34 -20.43 4.21 -64.68
N ILE S 35 -19.66 3.59 -65.55
CA ILE S 35 -19.90 3.68 -66.98
C ILE S 35 -20.56 2.41 -67.51
N HIS S 36 -19.78 1.35 -67.71
CA HIS S 36 -20.39 0.10 -68.19
C HIS S 36 -21.66 0.01 -67.39
N MET S 37 -21.54 0.33 -66.11
CA MET S 37 -22.65 0.30 -65.17
C MET S 37 -23.88 1.10 -65.60
N ILE S 38 -23.71 2.41 -65.78
CA ILE S 38 -24.84 3.25 -66.17
C ILE S 38 -25.21 2.96 -67.62
N VAL S 39 -24.27 2.37 -68.35
CA VAL S 39 -24.48 2.02 -69.75
C VAL S 39 -25.12 0.64 -69.84
N LEU S 40 -24.60 -0.29 -69.07
CA LEU S 40 -25.12 -1.65 -69.06
C LEU S 40 -26.63 -1.60 -68.89
N SER S 41 -27.07 -0.83 -67.91
CA SER S 41 -28.50 -0.70 -67.65
C SER S 41 -29.17 0.07 -68.79
N THR S 42 -28.36 0.56 -69.73
CA THR S 42 -28.88 1.30 -70.89
C THR S 42 -29.10 0.33 -72.06
N ASP S 43 -29.94 0.75 -73.00
CA ASP S 43 -30.28 -0.06 -74.16
C ASP S 43 -29.13 -0.86 -74.79
N LEU S 44 -27.98 -0.23 -75.02
CA LEU S 44 -26.87 -0.96 -75.61
C LEU S 44 -26.27 -1.98 -74.66
N ASN S 45 -27.13 -2.63 -73.91
CA ASN S 45 -26.75 -3.68 -72.97
C ASN S 45 -26.16 -4.75 -73.89
N TRP S 46 -25.28 -5.60 -73.37
CA TRP S 46 -24.68 -6.64 -74.22
C TRP S 46 -24.86 -8.04 -73.65
N LEU S 47 -24.87 -8.15 -72.33
CA LEU S 47 -25.04 -9.46 -71.73
C LEU S 47 -26.27 -10.27 -72.16
N ASP S 48 -27.47 -9.85 -71.76
CA ASP S 48 -28.69 -10.59 -72.11
C ASP S 48 -29.61 -9.91 -73.11
N ASP S 49 -29.13 -8.84 -73.75
CA ASP S 49 -29.95 -8.08 -74.71
C ASP S 49 -30.30 -8.75 -76.03
N ASN S 50 -29.29 -9.02 -76.87
CA ASN S 50 -29.48 -9.62 -78.18
C ASN S 50 -28.72 -10.92 -78.38
N ILE S 51 -27.99 -10.97 -79.49
CA ILE S 51 -27.19 -12.12 -79.90
C ILE S 51 -25.97 -12.40 -79.02
N PRO S 52 -25.19 -13.44 -79.35
CA PRO S 52 -25.35 -14.37 -80.48
C PRO S 52 -26.65 -15.16 -80.39
N VAL S 53 -26.96 -15.91 -81.45
CA VAL S 53 -28.17 -16.73 -81.51
C VAL S 53 -28.53 -17.22 -80.12
N SER S 54 -29.82 -17.13 -79.79
CA SER S 54 -30.33 -17.56 -78.50
C SER S 54 -29.95 -19.00 -78.22
N TYR S 55 -28.70 -19.20 -77.79
CA TYR S 55 -28.21 -20.53 -77.49
C TYR S 55 -28.89 -21.04 -76.23
N GLN S 56 -29.40 -20.09 -75.45
CA GLN S 56 -30.10 -20.40 -74.20
C GLN S 56 -31.53 -20.82 -74.52
N ALA S 57 -32.23 -19.98 -75.26
CA ALA S 57 -33.61 -20.26 -75.63
C ALA S 57 -33.70 -21.54 -76.47
N LEU S 58 -32.68 -21.77 -77.28
CA LEU S 58 -32.64 -22.96 -78.13
C LEU S 58 -32.29 -24.22 -77.35
N GLY S 59 -31.13 -24.19 -76.68
CA GLY S 59 -30.70 -25.34 -75.91
C GLY S 59 -31.60 -25.68 -74.75
N LYS S 60 -31.95 -24.68 -73.94
CA LYS S 60 -32.81 -24.88 -72.77
C LYS S 60 -34.01 -25.77 -73.10
N LYS S 61 -34.98 -25.20 -73.80
CA LYS S 61 -36.18 -25.94 -74.17
C LYS S 61 -35.86 -27.01 -75.21
N THR T 8 4.59 19.30 -52.96
CA THR T 8 5.91 19.87 -52.55
C THR T 8 6.85 18.78 -52.04
N GLY T 9 7.69 19.12 -51.08
CA GLY T 9 8.62 18.14 -50.52
C GLY T 9 9.78 17.81 -51.44
N LEU T 10 9.93 18.58 -52.51
CA LEU T 10 11.01 18.36 -53.47
C LEU T 10 11.51 19.68 -54.04
N THR T 11 12.53 19.60 -54.88
CA THR T 11 13.12 20.78 -55.50
C THR T 11 12.74 20.77 -56.99
N ASP T 12 13.37 21.62 -57.78
CA ASP T 12 13.07 21.69 -59.21
C ASP T 12 13.53 20.45 -59.98
N ASP T 13 14.74 19.99 -59.68
CA ASP T 13 15.30 18.82 -60.34
C ASP T 13 14.36 17.61 -60.35
N GLU T 14 14.22 16.96 -59.21
CA GLU T 14 13.36 15.80 -59.09
C GLU T 14 11.97 16.05 -59.65
N ALA T 15 11.54 17.31 -59.61
CA ALA T 15 10.22 17.70 -60.09
C ALA T 15 10.01 17.50 -61.59
N LYS T 16 10.87 18.09 -62.41
CA LYS T 16 10.74 17.98 -63.86
C LYS T 16 10.85 16.55 -64.36
N GLU T 17 11.69 15.75 -63.69
CA GLU T 17 11.88 14.36 -64.08
C GLU T 17 10.59 13.56 -63.94
N PHE T 18 9.90 13.76 -62.83
CA PHE T 18 8.64 13.08 -62.56
C PHE T 18 7.61 13.40 -63.63
N HIS T 19 7.37 14.71 -63.81
CA HIS T 19 6.41 15.25 -64.76
C HIS T 19 6.50 14.61 -66.14
N ALA T 20 7.73 14.45 -66.63
CA ALA T 20 8.02 13.83 -67.92
C ALA T 20 7.50 12.39 -67.98
N ILE T 21 8.11 11.51 -67.20
CA ILE T 21 7.71 10.11 -67.17
C ILE T 21 6.22 10.02 -66.84
N PHE T 22 5.77 10.89 -65.94
CA PHE T 22 4.37 10.91 -65.54
C PHE T 22 3.45 11.22 -66.72
N MET T 23 3.96 11.97 -67.70
CA MET T 23 3.16 12.31 -68.87
C MET T 23 3.02 11.13 -69.81
N GLN T 24 4.16 10.62 -70.24
CA GLN T 24 4.24 9.46 -71.14
C GLN T 24 3.33 8.34 -70.66
N SER T 25 3.08 8.32 -69.37
CA SER T 25 2.26 7.30 -68.73
C SER T 25 0.78 7.67 -68.86
N MET T 26 0.53 8.98 -68.97
CA MET T 26 -0.82 9.49 -69.12
C MET T 26 -1.28 9.32 -70.57
N TYR T 27 -0.37 9.56 -71.50
CA TYR T 27 -0.69 9.39 -72.92
C TYR T 27 -0.78 7.90 -73.14
N ALA T 28 -0.25 7.14 -72.20
CA ALA T 28 -0.30 5.70 -72.27
C ALA T 28 -1.77 5.35 -72.14
N TRP T 29 -2.46 6.03 -71.23
CA TRP T 29 -3.89 5.77 -71.02
C TRP T 29 -4.72 6.25 -72.20
N PHE T 30 -4.82 7.57 -72.38
CA PHE T 30 -5.60 8.18 -73.45
C PHE T 30 -5.55 7.36 -74.74
N GLY T 31 -4.35 6.92 -75.10
CA GLY T 31 -4.19 6.11 -76.29
C GLY T 31 -4.82 4.73 -76.13
N LEU T 32 -4.56 4.08 -75.01
CA LEU T 32 -5.12 2.75 -74.77
C LEU T 32 -6.63 2.80 -74.56
N VAL T 33 -7.12 3.96 -74.12
CA VAL T 33 -8.56 4.11 -73.89
C VAL T 33 -9.25 4.61 -75.15
N VAL T 34 -8.59 5.52 -75.88
CA VAL T 34 -9.19 6.04 -77.10
C VAL T 34 -9.29 4.88 -78.07
N ILE T 35 -8.25 4.06 -78.14
CA ILE T 35 -8.23 2.91 -79.02
C ILE T 35 -9.31 1.96 -78.52
N ALA T 36 -9.60 2.04 -77.22
CA ALA T 36 -10.61 1.19 -76.62
C ALA T 36 -12.00 1.56 -77.15
N HIS T 37 -12.32 2.85 -76.99
CA HIS T 37 -13.58 3.48 -77.41
C HIS T 37 -13.90 3.14 -78.88
N LEU T 38 -12.91 3.43 -79.70
CA LEU T 38 -12.91 3.22 -81.14
C LEU T 38 -13.27 1.78 -81.52
N LEU T 39 -12.69 0.81 -80.81
CA LEU T 39 -12.96 -0.60 -81.06
C LEU T 39 -14.43 -0.91 -80.77
N ALA T 40 -14.96 -0.27 -79.72
CA ALA T 40 -16.35 -0.45 -79.34
C ALA T 40 -17.23 0.35 -80.30
N TRP T 41 -16.73 1.54 -80.66
CA TRP T 41 -17.41 2.48 -81.57
C TRP T 41 -17.73 1.80 -82.90
N LEU T 42 -16.79 0.98 -83.35
CA LEU T 42 -16.99 0.21 -84.56
C LEU T 42 -18.04 -0.88 -84.36
N TYR T 43 -17.90 -1.62 -83.26
CA TYR T 43 -18.85 -2.68 -82.95
C TYR T 43 -20.26 -2.13 -82.68
N ARG T 44 -20.48 -1.65 -81.46
CA ARG T 44 -21.78 -1.10 -81.09
C ARG T 44 -21.75 0.42 -81.13
N PRO T 45 -22.41 1.02 -82.14
CA PRO T 45 -22.45 2.46 -82.26
C PRO T 45 -23.44 3.08 -81.28
N TRP T 46 -22.94 3.98 -80.46
CA TRP T 46 -23.79 4.64 -79.49
C TRP T 46 -24.53 5.80 -80.14
N LEU T 47 -24.50 6.95 -79.48
CA LEU T 47 -25.25 8.11 -79.97
C LEU T 47 -26.74 7.82 -79.80
N PHE U 2 -8.62 39.62 -69.44
CA PHE U 2 -8.25 39.91 -68.02
C PHE U 2 -7.74 41.33 -67.87
N THR U 3 -8.56 42.29 -68.27
CA THR U 3 -8.18 43.70 -68.17
C THR U 3 -7.97 44.12 -66.73
N MET U 4 -8.82 43.63 -65.84
CA MET U 4 -8.72 43.96 -64.42
C MET U 4 -8.07 42.86 -63.59
N ASN U 5 -8.37 41.61 -63.96
CA ASN U 5 -7.86 40.42 -63.29
C ASN U 5 -6.39 40.22 -63.63
N ALA U 6 -5.62 41.31 -63.51
CA ALA U 6 -4.20 41.29 -63.79
C ALA U 6 -3.50 41.80 -62.54
N ASN U 7 -4.27 42.52 -61.73
CA ASN U 7 -3.79 43.07 -60.48
C ASN U 7 -4.15 42.09 -59.37
N LEU U 8 -4.73 40.96 -59.74
CA LEU U 8 -5.13 39.95 -58.76
C LEU U 8 -3.97 39.24 -58.07
N TYR U 9 -2.83 39.18 -58.75
CA TYR U 9 -1.62 38.52 -58.25
C TYR U 9 -1.54 38.42 -56.73
N LYS U 10 -1.93 39.51 -56.09
CA LYS U 10 -1.93 39.62 -54.65
C LYS U 10 -2.60 38.44 -53.95
N ILE U 11 -3.85 38.14 -54.33
CA ILE U 11 -4.67 37.08 -53.72
C ILE U 11 -4.00 35.84 -53.15
N TRP U 12 -3.07 35.26 -53.90
CA TRP U 12 -2.40 34.04 -53.49
C TRP U 12 -1.90 33.90 -52.09
N LEU U 13 -1.44 34.97 -51.48
CA LEU U 13 -0.97 34.82 -50.13
C LEU U 13 -2.20 34.53 -49.24
N ILE U 14 -3.27 35.32 -49.31
CA ILE U 14 -4.44 35.03 -48.48
C ILE U 14 -5.14 33.73 -48.89
N LEU U 15 -5.11 33.41 -50.18
CA LEU U 15 -5.70 32.17 -50.65
C LEU U 15 -4.58 31.15 -50.85
N ASP U 16 -4.52 30.22 -49.90
CA ASP U 16 -3.52 29.16 -49.90
C ASP U 16 -3.60 28.40 -51.22
N PRO U 17 -2.44 28.14 -51.84
CA PRO U 17 -2.42 27.41 -53.11
C PRO U 17 -3.01 26.01 -52.98
N ARG U 18 -2.57 25.28 -51.97
CA ARG U 18 -3.06 23.92 -51.75
C ARG U 18 -4.57 23.91 -51.53
N ARG U 19 -5.05 24.82 -50.70
CA ARG U 19 -6.48 24.90 -50.40
C ARG U 19 -7.34 25.23 -51.62
N VAL U 20 -6.86 26.14 -52.45
CA VAL U 20 -7.60 26.56 -53.63
C VAL U 20 -7.40 25.66 -54.83
N LEU U 21 -6.20 25.13 -55.02
CA LEU U 21 -5.95 24.25 -56.15
C LEU U 21 -6.75 22.95 -56.05
N VAL U 22 -6.35 22.09 -55.12
CA VAL U 22 -7.02 20.81 -54.92
C VAL U 22 -8.55 20.90 -54.83
N SER U 23 -9.05 21.71 -53.90
CA SER U 23 -10.48 21.87 -53.68
C SER U 23 -11.33 22.19 -54.91
N ILE U 24 -10.76 22.93 -55.85
CA ILE U 24 -11.50 23.29 -57.05
C ILE U 24 -11.49 22.19 -58.10
N VAL U 25 -10.46 21.36 -58.06
CA VAL U 25 -10.33 20.25 -58.99
C VAL U 25 -11.36 19.18 -58.64
N ALA U 26 -11.92 19.28 -57.45
CA ALA U 26 -12.93 18.34 -56.99
C ALA U 26 -14.31 18.85 -57.40
N PHE U 27 -14.61 20.09 -57.02
CA PHE U 27 -15.89 20.68 -57.38
C PHE U 27 -16.18 20.42 -58.85
N GLN U 28 -15.13 20.34 -59.65
CA GLN U 28 -15.25 20.07 -61.08
C GLN U 28 -15.47 18.59 -61.32
N ILE U 29 -14.70 17.77 -60.62
CA ILE U 29 -14.78 16.33 -60.75
C ILE U 29 -16.19 15.83 -60.43
N VAL U 30 -16.91 16.57 -59.60
CA VAL U 30 -18.27 16.20 -59.24
C VAL U 30 -19.28 16.79 -60.22
N LEU U 31 -19.32 18.13 -60.30
CA LEU U 31 -20.23 18.81 -61.21
C LEU U 31 -20.15 18.18 -62.58
N GLY U 32 -18.97 17.66 -62.93
CA GLY U 32 -18.80 17.02 -64.21
C GLY U 32 -19.89 15.97 -64.31
N LEU U 33 -19.90 15.06 -63.35
CA LEU U 33 -20.91 14.01 -63.32
C LEU U 33 -22.29 14.61 -63.09
N LEU U 34 -22.38 15.56 -62.17
CA LEU U 34 -23.67 16.19 -61.88
C LEU U 34 -24.39 16.61 -63.15
N ILE U 35 -23.74 17.42 -63.97
CA ILE U 35 -24.34 17.89 -65.23
C ILE U 35 -24.75 16.73 -66.10
N HIS U 36 -23.76 16.00 -66.60
CA HIS U 36 -24.04 14.84 -67.46
C HIS U 36 -25.20 14.03 -66.93
N MET U 37 -25.39 14.00 -65.62
CA MET U 37 -26.51 13.28 -65.03
C MET U 37 -27.83 14.03 -65.12
N ILE U 38 -27.82 15.31 -64.76
CA ILE U 38 -29.03 16.13 -64.81
C ILE U 38 -29.50 16.32 -66.25
N VAL U 39 -28.56 16.35 -67.18
CA VAL U 39 -28.89 16.51 -68.59
C VAL U 39 -29.29 15.14 -69.16
N LEU U 40 -28.47 14.14 -68.86
CA LEU U 40 -28.71 12.78 -69.32
C LEU U 40 -30.08 12.29 -68.86
N SER U 41 -30.56 12.86 -67.74
CA SER U 41 -31.83 12.45 -67.16
C SER U 41 -33.11 12.80 -67.92
N THR U 42 -33.29 14.07 -68.27
CA THR U 42 -34.51 14.48 -68.96
C THR U 42 -34.36 15.07 -70.36
N ASP U 43 -33.50 16.07 -70.50
CA ASP U 43 -33.29 16.72 -71.79
C ASP U 43 -33.36 15.76 -72.96
N LEU U 44 -32.23 15.13 -73.24
CA LEU U 44 -32.13 14.16 -74.34
C LEU U 44 -31.22 13.05 -73.83
N ASN U 45 -31.52 11.81 -74.21
CA ASN U 45 -30.71 10.70 -73.75
C ASN U 45 -30.20 9.83 -74.89
N TRP U 46 -29.17 10.29 -75.58
CA TRP U 46 -28.57 9.57 -76.71
C TRP U 46 -28.42 8.07 -76.45
N LEU U 47 -28.29 7.71 -75.18
CA LEU U 47 -28.13 6.34 -74.73
C LEU U 47 -29.38 5.50 -74.94
N ASP U 48 -30.54 6.12 -74.73
CA ASP U 48 -31.79 5.40 -74.91
C ASP U 48 -32.82 6.29 -75.59
N ASP U 49 -32.35 7.40 -76.15
CA ASP U 49 -33.22 8.35 -76.82
C ASP U 49 -33.62 7.93 -78.22
N ASN U 50 -32.63 7.67 -79.07
CA ASN U 50 -32.93 7.32 -80.44
C ASN U 50 -31.94 6.30 -80.96
N ILE U 51 -32.14 5.87 -82.21
CA ILE U 51 -31.24 4.91 -82.82
C ILE U 51 -29.85 5.53 -82.77
N PRO U 52 -28.81 4.69 -82.72
CA PRO U 52 -28.85 3.23 -82.70
C PRO U 52 -29.41 2.65 -81.40
N VAL U 53 -30.59 2.05 -81.47
CA VAL U 53 -31.24 1.42 -80.32
C VAL U 53 -31.96 0.20 -80.85
N SER U 54 -31.68 -0.08 -82.12
CA SER U 54 -32.27 -1.19 -82.83
C SER U 54 -31.73 -2.53 -82.34
N TYR U 55 -30.41 -2.70 -82.40
CA TYR U 55 -29.80 -3.96 -81.95
C TYR U 55 -30.39 -4.48 -80.64
N GLN U 56 -30.78 -3.55 -79.76
CA GLN U 56 -31.36 -3.92 -78.47
C GLN U 56 -32.70 -4.64 -78.68
N ALA U 57 -33.60 -4.01 -79.42
CA ALA U 57 -34.92 -4.58 -79.67
C ALA U 57 -34.89 -5.51 -80.88
N LEU U 58 -34.49 -4.97 -82.03
CA LEU U 58 -34.42 -5.74 -83.27
C LEU U 58 -33.33 -6.81 -83.21
N GLY U 59 -32.17 -6.46 -82.66
CA GLY U 59 -31.08 -7.40 -82.57
C GLY U 59 -31.25 -8.47 -81.51
N LYS U 60 -31.97 -8.13 -80.44
CA LYS U 60 -32.21 -9.08 -79.36
C LYS U 60 -32.78 -10.39 -79.88
N LYS U 61 -34.06 -10.64 -79.59
CA LYS U 61 -34.72 -11.85 -80.02
C LYS U 61 -34.81 -11.91 -81.54
N THR V 8 -1.81 33.32 -45.15
CA THR V 8 -0.76 34.03 -45.94
C THR V 8 0.37 33.07 -46.32
N GLY V 9 1.58 33.36 -45.84
CA GLY V 9 2.63 32.36 -45.86
C GLY V 9 3.52 32.52 -47.07
N LEU V 10 3.11 33.38 -48.00
CA LEU V 10 3.87 33.65 -49.21
C LEU V 10 4.09 35.17 -49.33
N THR V 11 4.98 35.56 -50.23
CA THR V 11 5.29 36.96 -50.42
C THR V 11 4.92 37.43 -51.82
N ASP V 12 5.03 38.74 -52.05
CA ASP V 12 4.71 39.35 -53.33
C ASP V 12 5.38 38.68 -54.53
N ASP V 13 6.67 38.38 -54.40
CA ASP V 13 7.45 37.79 -55.49
C ASP V 13 6.94 36.49 -56.12
N GLU V 14 6.59 35.51 -55.30
CA GLU V 14 6.06 34.26 -55.85
C GLU V 14 4.55 34.38 -55.90
N ALA V 15 4.02 35.45 -55.32
CA ALA V 15 2.59 35.67 -55.33
C ALA V 15 2.16 35.75 -56.79
N LYS V 16 2.98 36.43 -57.60
CA LYS V 16 2.70 36.58 -59.01
C LYS V 16 2.97 35.28 -59.77
N GLU V 17 4.05 34.59 -59.41
CA GLU V 17 4.44 33.35 -60.07
C GLU V 17 3.37 32.26 -59.99
N PHE V 18 2.81 32.05 -58.80
CA PHE V 18 1.76 31.07 -58.63
C PHE V 18 0.54 31.62 -59.36
N HIS V 19 0.39 32.93 -59.28
CA HIS V 19 -0.72 33.64 -59.90
C HIS V 19 -0.75 33.40 -61.41
N ALA V 20 0.39 33.62 -62.06
CA ALA V 20 0.51 33.45 -63.50
C ALA V 20 0.37 32.02 -64.01
N ILE V 21 1.02 31.07 -63.33
CA ILE V 21 0.95 29.68 -63.75
C ILE V 21 -0.46 29.12 -63.69
N PHE V 22 -1.18 29.45 -62.62
CA PHE V 22 -2.54 29.00 -62.42
C PHE V 22 -3.58 29.70 -63.32
N MET V 23 -3.45 31.02 -63.47
CA MET V 23 -4.38 31.78 -64.30
C MET V 23 -4.41 31.21 -65.71
N GLN V 24 -3.22 31.00 -66.27
CA GLN V 24 -3.06 30.48 -67.62
C GLN V 24 -3.85 29.18 -67.80
N SER V 25 -3.45 28.13 -67.10
CA SER V 25 -4.13 26.84 -67.19
C SER V 25 -5.65 26.97 -67.16
N MET V 26 -6.15 27.80 -66.24
CA MET V 26 -7.58 28.02 -66.10
C MET V 26 -8.23 28.36 -67.43
N TYR V 27 -7.55 29.17 -68.22
CA TYR V 27 -8.06 29.58 -69.52
C TYR V 27 -7.93 28.47 -70.55
N ALA V 28 -7.06 27.50 -70.24
CA ALA V 28 -6.86 26.33 -71.13
C ALA V 28 -8.11 25.48 -71.11
N TRP V 29 -8.69 25.33 -69.92
CA TRP V 29 -9.97 24.60 -69.75
C TRP V 29 -11.17 25.38 -70.32
N PHE V 30 -11.17 26.70 -70.10
CA PHE V 30 -12.22 27.59 -70.59
C PHE V 30 -12.29 27.49 -72.11
N GLY V 31 -11.14 27.24 -72.73
CA GLY V 31 -11.09 27.10 -74.18
C GLY V 31 -11.43 25.67 -74.54
N LEU V 32 -11.00 24.76 -73.69
CA LEU V 32 -11.19 23.32 -73.80
C LEU V 32 -12.68 22.98 -73.76
N VAL V 33 -13.37 23.52 -72.75
CA VAL V 33 -14.80 23.28 -72.57
C VAL V 33 -15.68 24.15 -73.48
N VAL V 34 -15.27 25.39 -73.72
CA VAL V 34 -16.06 26.24 -74.60
C VAL V 34 -16.19 25.43 -75.89
N ILE V 35 -15.09 24.84 -76.27
CA ILE V 35 -15.06 24.00 -77.46
C ILE V 35 -15.97 22.80 -77.30
N ALA V 36 -16.04 22.29 -76.07
CA ALA V 36 -16.90 21.15 -75.78
C ALA V 36 -18.36 21.48 -76.07
N HIS V 37 -18.79 22.64 -75.58
CA HIS V 37 -20.14 23.17 -75.76
C HIS V 37 -20.35 23.54 -77.24
N LEU V 38 -19.27 23.57 -78.01
CA LEU V 38 -19.31 23.95 -79.42
C LEU V 38 -19.78 22.72 -80.19
N LEU V 39 -19.05 21.61 -80.04
CA LEU V 39 -19.40 20.36 -80.71
C LEU V 39 -20.73 19.88 -80.16
N ALA V 40 -21.07 20.37 -78.97
CA ALA V 40 -22.31 20.01 -78.31
C ALA V 40 -23.50 20.59 -79.08
N TRP V 41 -23.37 21.89 -79.36
CA TRP V 41 -24.36 22.65 -80.10
C TRP V 41 -24.48 22.14 -81.53
N LEU V 42 -23.36 21.67 -82.02
CA LEU V 42 -23.28 21.13 -83.38
C LEU V 42 -24.13 19.87 -83.51
N TYR V 43 -23.91 18.98 -82.54
CA TYR V 43 -24.65 17.71 -82.51
C TYR V 43 -26.14 17.94 -82.28
N ARG V 44 -26.54 18.07 -81.02
CA ARG V 44 -27.94 18.30 -80.67
C ARG V 44 -28.11 19.75 -80.20
N PRO V 45 -28.72 20.60 -81.03
CA PRO V 45 -28.90 21.99 -80.59
C PRO V 45 -29.89 21.99 -79.43
N TRP V 46 -29.67 22.90 -78.49
CA TRP V 46 -30.51 22.96 -77.32
C TRP V 46 -31.27 24.27 -77.09
N LEU V 47 -31.68 24.46 -75.83
CA LEU V 47 -32.46 25.58 -75.31
C LEU V 47 -33.82 24.98 -75.03
N PHE W 2 -22.66 54.76 -54.86
CA PHE W 2 -21.81 54.49 -53.66
C PHE W 2 -22.02 55.54 -52.57
N THR W 3 -23.26 55.68 -52.13
CA THR W 3 -23.62 56.64 -51.10
C THR W 3 -22.92 56.29 -49.79
N MET W 4 -22.85 55.00 -49.48
CA MET W 4 -22.21 54.54 -48.26
C MET W 4 -20.89 53.84 -48.54
N ASN W 5 -20.76 53.31 -49.75
CA ASN W 5 -19.55 52.60 -50.17
C ASN W 5 -18.27 53.43 -50.00
N ALA W 6 -18.44 54.71 -49.66
CA ALA W 6 -17.31 55.63 -49.47
C ALA W 6 -16.53 55.36 -48.19
N ASN W 7 -17.22 55.35 -47.05
CA ASN W 7 -16.59 55.09 -45.78
C ASN W 7 -16.65 53.60 -45.45
N LEU W 8 -17.41 52.87 -46.25
CA LEU W 8 -17.53 51.43 -46.04
C LEU W 8 -16.19 50.70 -46.03
N TYR W 9 -15.09 51.36 -46.40
CA TYR W 9 -13.82 50.63 -46.43
C TYR W 9 -13.39 50.00 -45.12
N LYS W 10 -13.68 50.70 -44.04
CA LYS W 10 -13.35 50.24 -42.70
C LYS W 10 -13.85 48.80 -42.50
N ILE W 11 -14.61 48.28 -43.47
CA ILE W 11 -15.19 46.95 -43.36
C ILE W 11 -14.20 45.80 -43.22
N TRP W 12 -13.07 45.88 -43.91
CA TRP W 12 -12.06 44.83 -43.81
C TRP W 12 -11.54 44.63 -42.41
N LEU W 13 -11.56 45.71 -41.64
CA LEU W 13 -11.06 45.71 -40.28
C LEU W 13 -11.79 44.81 -39.26
N ILE W 14 -13.11 44.85 -39.23
CA ILE W 14 -13.85 44.01 -38.28
C ILE W 14 -14.15 42.62 -38.82
N LEU W 15 -14.25 42.50 -40.14
CA LEU W 15 -14.52 41.22 -40.77
C LEU W 15 -13.23 40.61 -41.28
N ASP W 16 -13.02 39.35 -40.92
CA ASP W 16 -11.84 38.58 -41.30
C ASP W 16 -11.78 38.50 -42.80
N PRO W 17 -10.62 38.82 -43.40
CA PRO W 17 -10.51 38.77 -44.85
C PRO W 17 -10.72 37.36 -45.39
N ARG W 18 -10.06 36.40 -44.75
CA ARG W 18 -10.14 35.01 -45.13
C ARG W 18 -11.52 34.39 -44.91
N ARG W 19 -12.12 34.68 -43.76
CA ARG W 19 -13.45 34.12 -43.46
C ARG W 19 -14.51 34.62 -44.43
N VAL W 20 -14.49 35.91 -44.76
CA VAL W 20 -15.49 36.45 -45.67
C VAL W 20 -15.21 36.05 -47.12
N LEU W 21 -13.94 35.90 -47.45
CA LEU W 21 -13.58 35.52 -48.81
C LEU W 21 -13.98 34.10 -49.17
N VAL W 22 -13.74 33.14 -48.29
CA VAL W 22 -14.08 31.76 -48.59
C VAL W 22 -15.55 31.46 -48.41
N SER W 23 -16.25 32.34 -47.69
CA SER W 23 -17.66 32.16 -47.42
C SER W 23 -18.53 32.49 -48.64
N ILE W 24 -18.31 33.66 -49.23
CA ILE W 24 -19.08 34.06 -50.41
C ILE W 24 -18.75 33.03 -51.49
N VAL W 25 -17.54 32.51 -51.43
CA VAL W 25 -17.06 31.50 -52.38
C VAL W 25 -18.05 30.34 -52.49
N ALA W 26 -18.70 30.01 -51.38
CA ALA W 26 -19.66 28.92 -51.36
C ALA W 26 -21.08 29.42 -51.56
N PHE W 27 -21.50 30.38 -50.75
CA PHE W 27 -22.84 30.93 -50.87
C PHE W 27 -23.12 31.22 -52.35
N GLN W 28 -22.17 31.78 -53.07
CA GLN W 28 -22.39 32.06 -54.49
C GLN W 28 -22.35 30.75 -55.28
N ILE W 29 -21.45 29.87 -54.87
CA ILE W 29 -21.28 28.58 -55.51
C ILE W 29 -22.53 27.74 -55.32
N VAL W 30 -23.21 27.90 -54.18
CA VAL W 30 -24.40 27.14 -53.88
C VAL W 30 -25.66 27.84 -54.38
N LEU W 31 -25.79 29.13 -54.05
CA LEU W 31 -26.94 29.90 -54.49
C LEU W 31 -27.19 29.71 -55.98
N GLY W 32 -26.13 29.74 -56.77
CA GLY W 32 -26.26 29.58 -58.20
C GLY W 32 -26.66 28.19 -58.67
N LEU W 33 -26.18 27.16 -58.00
CA LEU W 33 -26.54 25.80 -58.39
C LEU W 33 -27.98 25.54 -57.99
N LEU W 34 -28.40 26.23 -56.94
CA LEU W 34 -29.75 26.13 -56.39
C LEU W 34 -30.74 26.81 -57.32
N ILE W 35 -30.39 28.01 -57.76
CA ILE W 35 -31.25 28.77 -58.64
C ILE W 35 -31.44 28.07 -59.98
N HIS W 36 -30.37 27.54 -60.56
CA HIS W 36 -30.55 26.86 -61.84
C HIS W 36 -31.30 25.55 -61.61
N MET W 37 -31.18 25.00 -60.40
CA MET W 37 -31.88 23.78 -60.05
C MET W 37 -33.37 24.07 -59.95
N ILE W 38 -33.72 25.09 -59.17
CA ILE W 38 -35.10 25.48 -58.95
C ILE W 38 -35.83 25.99 -60.19
N VAL W 39 -35.22 26.92 -60.92
CA VAL W 39 -35.87 27.45 -62.13
C VAL W 39 -36.07 26.31 -63.13
N LEU W 40 -34.97 25.62 -63.44
CA LEU W 40 -34.99 24.51 -64.39
C LEU W 40 -36.01 23.42 -64.02
N SER W 41 -36.45 23.40 -62.77
CA SER W 41 -37.39 22.39 -62.32
C SER W 41 -38.82 22.58 -62.82
N THR W 42 -39.34 23.80 -62.72
CA THR W 42 -40.70 24.08 -63.15
C THR W 42 -40.83 25.11 -64.27
N ASP W 43 -40.38 26.32 -64.04
CA ASP W 43 -40.45 27.39 -65.03
C ASP W 43 -40.17 26.91 -66.46
N LEU W 44 -38.90 26.92 -66.83
CA LEU W 44 -38.49 26.48 -68.16
C LEU W 44 -37.47 25.37 -68.07
N ASN W 45 -37.92 24.14 -68.29
CA ASN W 45 -37.03 22.99 -68.23
C ASN W 45 -36.51 22.71 -69.63
N TRP W 46 -35.84 23.71 -70.21
CA TRP W 46 -35.26 23.62 -71.55
C TRP W 46 -34.79 22.24 -71.96
N LEU W 47 -34.34 21.47 -70.96
CA LEU W 47 -33.86 20.11 -71.18
C LEU W 47 -34.94 19.23 -71.83
N ASP W 48 -35.84 18.71 -71.01
CA ASP W 48 -36.92 17.87 -71.53
C ASP W 48 -38.16 18.73 -71.64
N ASP W 49 -38.15 19.70 -72.55
CA ASP W 49 -39.30 20.58 -72.68
C ASP W 49 -39.84 20.84 -74.08
N ASN W 50 -38.98 21.11 -75.06
CA ASN W 50 -39.53 21.39 -76.37
C ASN W 50 -38.71 21.07 -77.64
N ILE W 51 -37.95 22.05 -78.10
CA ILE W 51 -37.16 21.93 -79.32
C ILE W 51 -35.65 21.89 -79.10
N PRO W 52 -34.87 21.89 -80.20
CA PRO W 52 -35.22 21.91 -81.62
C PRO W 52 -36.01 20.72 -82.16
N VAL W 53 -35.43 19.54 -82.09
CA VAL W 53 -36.11 18.33 -82.57
C VAL W 53 -36.41 17.38 -81.41
N SER W 54 -37.23 16.36 -81.68
CA SER W 54 -37.59 15.39 -80.65
C SER W 54 -36.66 14.18 -80.70
N TYR W 55 -35.43 14.37 -80.23
CA TYR W 55 -34.43 13.32 -80.20
C TYR W 55 -35.04 12.04 -79.65
N GLN W 56 -35.81 12.19 -78.57
CA GLN W 56 -36.49 11.06 -77.95
C GLN W 56 -37.67 10.63 -78.80
N ALA W 57 -38.72 11.46 -78.78
CA ALA W 57 -39.95 11.20 -79.52
C ALA W 57 -39.75 10.71 -80.95
N LEU W 58 -39.09 11.54 -81.77
CA LEU W 58 -38.85 11.21 -83.17
C LEU W 58 -37.77 10.15 -83.36
N GLY W 59 -36.77 10.16 -82.48
CA GLY W 59 -35.68 9.19 -82.60
C GLY W 59 -35.98 7.82 -82.03
N LYS W 60 -36.47 7.78 -80.80
CA LYS W 60 -36.80 6.52 -80.14
C LYS W 60 -37.73 5.70 -81.01
N LYS W 61 -38.91 6.24 -81.30
CA LYS W 61 -39.89 5.55 -82.13
C LYS W 61 -39.38 5.41 -83.55
N THR X 8 -10.07 41.78 -35.61
CA THR X 8 -8.95 42.57 -36.18
C THR X 8 -7.86 41.65 -36.71
N GLY X 9 -6.65 42.17 -36.87
CA GLY X 9 -5.56 41.37 -37.38
C GLY X 9 -4.85 42.14 -38.47
N LEU X 10 -5.29 43.38 -38.66
CA LEU X 10 -4.73 44.28 -39.67
C LEU X 10 -4.85 45.72 -39.19
N THR X 11 -4.34 46.67 -39.97
CA THR X 11 -4.38 48.07 -39.59
C THR X 11 -5.19 48.92 -40.58
N ASP X 12 -5.60 50.10 -40.13
CA ASP X 12 -6.40 51.02 -40.94
C ASP X 12 -5.93 51.07 -42.39
N ASP X 13 -4.62 51.14 -42.58
CA ASP X 13 -4.03 51.23 -43.92
C ASP X 13 -4.17 50.02 -44.85
N GLU X 14 -3.51 48.90 -44.54
CA GLU X 14 -3.62 47.75 -45.45
C GLU X 14 -5.07 47.33 -45.64
N ALA X 15 -5.84 47.33 -44.55
CA ALA X 15 -7.26 46.99 -44.67
C ALA X 15 -7.87 47.80 -45.80
N LYS X 16 -7.88 49.12 -45.63
CA LYS X 16 -8.40 50.02 -46.65
C LYS X 16 -7.85 49.59 -48.00
N GLU X 17 -6.53 49.41 -48.03
CA GLU X 17 -5.82 49.00 -49.23
C GLU X 17 -6.51 47.87 -49.98
N PHE X 18 -7.13 46.95 -49.26
CA PHE X 18 -7.80 45.84 -49.91
C PHE X 18 -9.29 46.07 -50.05
N HIS X 19 -9.86 46.94 -49.21
CA HIS X 19 -11.29 47.22 -49.31
C HIS X 19 -11.59 47.50 -50.78
N ALA X 20 -10.67 48.21 -51.42
CA ALA X 20 -10.81 48.56 -52.83
C ALA X 20 -10.53 47.38 -53.73
N ILE X 21 -9.38 46.74 -53.55
CA ILE X 21 -9.02 45.58 -54.36
C ILE X 21 -10.19 44.60 -54.38
N PHE X 22 -10.92 44.58 -53.27
CA PHE X 22 -12.08 43.70 -53.14
C PHE X 22 -13.32 44.36 -53.73
N MET X 23 -13.78 45.45 -53.11
CA MET X 23 -14.96 46.15 -53.58
C MET X 23 -14.96 46.14 -55.10
N GLN X 24 -13.79 46.35 -55.66
CA GLN X 24 -13.62 46.37 -57.10
C GLN X 24 -14.00 45.04 -57.68
N SER X 25 -13.31 43.98 -57.27
CA SER X 25 -13.55 42.63 -57.75
C SER X 25 -15.03 42.29 -57.79
N MET X 26 -15.73 42.66 -56.72
CA MET X 26 -17.16 42.42 -56.59
C MET X 26 -17.92 42.98 -57.79
N TYR X 27 -17.72 44.27 -58.06
CA TYR X 27 -18.40 44.92 -59.18
C TYR X 27 -18.20 44.14 -60.47
N ALA X 28 -17.04 43.49 -60.61
CA ALA X 28 -16.75 42.72 -61.81
C ALA X 28 -17.88 41.71 -61.94
N TRP X 29 -18.05 40.91 -60.89
CA TRP X 29 -19.06 39.88 -60.83
C TRP X 29 -20.45 40.39 -61.23
N PHE X 30 -20.95 41.38 -60.49
CA PHE X 30 -22.28 41.93 -60.77
C PHE X 30 -22.43 42.24 -62.25
N GLY X 31 -21.32 42.50 -62.92
CA GLY X 31 -21.36 42.78 -64.35
C GLY X 31 -21.45 41.48 -65.09
N LEU X 32 -20.72 40.47 -64.60
CA LEU X 32 -20.72 39.15 -65.20
C LEU X 32 -22.10 38.55 -65.00
N VAL X 33 -22.78 38.97 -63.94
CA VAL X 33 -24.11 38.47 -63.63
C VAL X 33 -25.19 39.28 -64.32
N VAL X 34 -25.10 40.60 -64.25
CA VAL X 34 -26.10 41.44 -64.90
C VAL X 34 -26.09 41.21 -66.40
N ILE X 35 -24.91 40.98 -66.97
CA ILE X 35 -24.80 40.74 -68.40
C ILE X 35 -25.43 39.37 -68.68
N ALA X 36 -25.11 38.39 -67.85
CA ALA X 36 -25.65 37.05 -68.02
C ALA X 36 -27.13 37.02 -67.61
N HIS X 37 -27.50 37.89 -66.69
CA HIS X 37 -28.86 37.92 -66.22
C HIS X 37 -29.73 38.63 -67.27
N LEU X 38 -29.18 39.71 -67.80
CA LEU X 38 -29.92 40.51 -68.78
C LEU X 38 -30.00 39.79 -70.11
N LEU X 39 -28.86 39.18 -70.47
CA LEU X 39 -28.78 38.42 -71.72
C LEU X 39 -29.81 37.31 -71.74
N ALA X 40 -29.88 36.55 -70.64
CA ALA X 40 -30.84 35.46 -70.53
C ALA X 40 -32.24 36.05 -70.70
N TRP X 41 -32.48 37.18 -70.06
CA TRP X 41 -33.78 37.80 -70.15
C TRP X 41 -34.17 38.02 -71.60
N LEU X 42 -33.18 38.09 -72.47
CA LEU X 42 -33.45 38.35 -73.89
C LEU X 42 -33.90 37.08 -74.60
N TYR X 43 -33.26 35.96 -74.27
CA TYR X 43 -33.59 34.68 -74.90
C TYR X 43 -35.04 34.26 -74.65
N ARG X 44 -35.43 34.18 -73.39
CA ARG X 44 -36.81 33.80 -73.08
C ARG X 44 -37.30 34.48 -71.81
N PRO X 45 -37.74 35.74 -71.97
CA PRO X 45 -38.26 36.59 -70.88
C PRO X 45 -39.21 35.80 -69.99
N TRP X 46 -38.86 35.74 -68.72
CA TRP X 46 -39.64 35.04 -67.73
C TRP X 46 -40.55 36.03 -67.00
N LEU X 47 -41.41 35.46 -66.15
CA LEU X 47 -42.39 36.17 -65.31
C LEU X 47 -43.47 35.15 -64.93
N PHE Y 2 -30.53 59.41 -38.61
CA PHE Y 2 -29.66 58.83 -37.54
C PHE Y 2 -29.69 59.64 -36.25
N THR Y 3 -30.88 60.09 -35.87
CA THR Y 3 -31.04 60.88 -34.64
C THR Y 3 -30.68 60.03 -33.44
N MET Y 4 -31.09 58.77 -33.48
CA MET Y 4 -30.83 57.83 -32.40
C MET Y 4 -29.33 57.85 -32.07
N ASN Y 5 -28.51 57.78 -33.12
CA ASN Y 5 -27.04 57.80 -33.07
C ASN Y 5 -26.50 58.58 -31.87
N ALA Y 6 -26.81 59.87 -31.84
CA ALA Y 6 -26.39 60.76 -30.76
C ALA Y 6 -26.46 60.02 -29.44
N ASN Y 7 -27.60 59.36 -29.23
CA ASN Y 7 -27.84 58.59 -28.02
C ASN Y 7 -27.63 57.11 -28.27
N LEU Y 8 -27.47 56.74 -29.54
CA LEU Y 8 -27.32 55.34 -29.90
C LEU Y 8 -25.90 54.77 -29.95
N TYR Y 9 -24.88 55.61 -29.91
CA TYR Y 9 -23.51 55.12 -30.00
C TYR Y 9 -23.17 54.04 -28.96
N LYS Y 10 -23.63 54.25 -27.74
CA LYS Y 10 -23.35 53.38 -26.61
C LYS Y 10 -23.65 51.88 -26.81
N ILE Y 11 -24.57 51.57 -27.71
CA ILE Y 11 -24.96 50.19 -27.96
C ILE Y 11 -23.78 49.23 -28.17
N TRP Y 12 -22.82 49.68 -28.95
CA TRP Y 12 -21.64 48.89 -29.30
C TRP Y 12 -20.66 48.47 -28.19
N LEU Y 13 -20.86 49.00 -26.98
CA LEU Y 13 -19.98 48.68 -25.83
C LEU Y 13 -20.45 47.41 -25.18
N ILE Y 14 -21.72 47.10 -25.42
CA ILE Y 14 -22.35 45.94 -24.83
C ILE Y 14 -22.56 44.85 -25.88
N LEU Y 15 -22.66 45.27 -27.13
CA LEU Y 15 -22.84 44.35 -28.24
C LEU Y 15 -21.56 44.27 -29.06
N ASP Y 16 -20.90 43.11 -28.98
CA ASP Y 16 -19.68 42.88 -29.72
C ASP Y 16 -19.97 43.09 -31.19
N PRO Y 17 -19.09 43.83 -31.87
CA PRO Y 17 -19.23 44.12 -33.30
C PRO Y 17 -19.26 42.83 -34.11
N ARG Y 18 -18.29 41.97 -33.90
CA ARG Y 18 -18.24 40.71 -34.64
C ARG Y 18 -19.47 39.83 -34.40
N ARG Y 19 -19.94 39.77 -33.14
CA ARG Y 19 -21.09 38.95 -32.81
C ARG Y 19 -22.39 39.41 -33.48
N VAL Y 20 -22.60 40.72 -33.57
CA VAL Y 20 -23.82 41.27 -34.18
C VAL Y 20 -23.70 41.53 -35.67
N LEU Y 21 -22.51 41.90 -36.13
CA LEU Y 21 -22.31 42.17 -37.55
C LEU Y 21 -22.54 40.93 -38.39
N VAL Y 22 -21.62 39.98 -38.28
CA VAL Y 22 -21.72 38.74 -39.04
C VAL Y 22 -23.02 38.00 -38.73
N SER Y 23 -23.53 38.16 -37.52
CA SER Y 23 -24.76 37.48 -37.12
C SER Y 23 -25.97 37.91 -37.95
N ILE Y 24 -26.15 39.22 -38.07
CA ILE Y 24 -27.28 39.75 -38.83
C ILE Y 24 -27.10 39.39 -40.30
N VAL Y 25 -25.85 39.26 -40.73
CA VAL Y 25 -25.54 38.89 -42.11
C VAL Y 25 -26.17 37.55 -42.47
N ALA Y 26 -26.28 36.66 -41.50
CA ALA Y 26 -26.89 35.37 -41.76
C ALA Y 26 -28.40 35.50 -41.72
N PHE Y 27 -28.86 36.35 -40.81
CA PHE Y 27 -30.27 36.61 -40.65
C PHE Y 27 -30.82 37.19 -41.96
N GLN Y 28 -30.14 38.19 -42.51
CA GLN Y 28 -30.63 38.79 -43.75
C GLN Y 28 -30.64 37.79 -44.88
N ILE Y 29 -29.63 36.93 -44.87
CA ILE Y 29 -29.47 35.93 -45.89
C ILE Y 29 -30.53 34.84 -45.88
N VAL Y 30 -30.94 34.42 -44.69
CA VAL Y 30 -31.96 33.38 -44.56
C VAL Y 30 -33.36 33.92 -44.81
N LEU Y 31 -33.84 34.74 -43.89
CA LEU Y 31 -35.17 35.34 -44.03
C LEU Y 31 -35.46 35.56 -45.51
N GLY Y 32 -34.55 36.28 -46.15
CA GLY Y 32 -34.68 36.55 -47.57
C GLY Y 32 -34.93 35.29 -48.36
N LEU Y 33 -33.95 34.39 -48.37
CA LEU Y 33 -34.10 33.13 -49.08
C LEU Y 33 -35.41 32.48 -48.67
N LEU Y 34 -35.70 32.55 -47.38
CA LEU Y 34 -36.92 31.97 -46.83
C LEU Y 34 -38.18 32.62 -47.38
N ILE Y 35 -38.17 33.94 -47.51
CA ILE Y 35 -39.34 34.65 -48.02
C ILE Y 35 -39.63 34.28 -49.46
N HIS Y 36 -38.67 34.43 -50.35
CA HIS Y 36 -38.92 34.09 -51.74
C HIS Y 36 -39.50 32.70 -51.67
N MET Y 37 -38.92 31.84 -50.83
CA MET Y 37 -39.40 30.47 -50.70
C MET Y 37 -40.89 30.44 -50.35
N ILE Y 38 -41.31 31.25 -49.39
CA ILE Y 38 -42.72 31.27 -49.02
C ILE Y 38 -43.59 31.95 -50.06
N VAL Y 39 -43.30 33.22 -50.37
CA VAL Y 39 -44.08 33.93 -51.37
C VAL Y 39 -44.15 33.11 -52.63
N LEU Y 40 -43.00 32.99 -53.30
CA LEU Y 40 -42.88 32.23 -54.53
C LEU Y 40 -43.70 30.95 -54.51
N SER Y 41 -43.43 30.09 -53.55
CA SER Y 41 -44.14 28.83 -53.43
C SER Y 41 -45.66 28.97 -53.40
N THR Y 42 -46.17 30.03 -52.76
CA THR Y 42 -47.61 30.22 -52.65
C THR Y 42 -48.24 31.41 -53.38
N ASP Y 43 -48.24 32.58 -52.73
CA ASP Y 43 -48.84 33.80 -53.29
C ASP Y 43 -49.01 33.71 -54.80
N LEU Y 44 -47.89 33.91 -55.47
CA LEU Y 44 -47.82 33.88 -56.92
C LEU Y 44 -46.47 33.24 -57.23
N ASN Y 45 -46.48 32.14 -57.96
CA ASN Y 45 -45.25 31.46 -58.30
C ASN Y 45 -44.75 32.00 -59.63
N TRP Y 46 -44.55 33.32 -59.68
CA TRP Y 46 -44.09 34.03 -60.88
C TRP Y 46 -43.31 33.18 -61.87
N LEU Y 47 -42.48 32.28 -61.35
CA LEU Y 47 -41.70 31.38 -62.21
C LEU Y 47 -42.54 30.43 -63.08
N ASP Y 48 -42.99 29.32 -62.54
CA ASP Y 48 -43.78 28.33 -63.29
C ASP Y 48 -45.28 28.60 -63.34
N ASP Y 49 -45.73 29.58 -62.55
CA ASP Y 49 -47.16 29.90 -62.43
C ASP Y 49 -47.97 30.35 -63.65
N ASN Y 50 -47.50 31.35 -64.37
CA ASN Y 50 -48.30 31.82 -65.50
C ASN Y 50 -47.68 32.36 -66.78
N ILE Y 51 -47.67 33.69 -66.89
CA ILE Y 51 -47.17 34.38 -68.07
C ILE Y 51 -45.65 34.57 -68.17
N PRO Y 52 -45.18 35.09 -69.32
CA PRO Y 52 -45.99 35.46 -70.48
C PRO Y 52 -46.87 34.32 -70.99
N VAL Y 53 -46.35 33.10 -70.88
CA VAL Y 53 -47.07 31.91 -71.30
C VAL Y 53 -46.12 30.72 -71.30
N SER Y 54 -46.67 29.51 -71.34
CA SER Y 54 -45.85 28.32 -71.36
C SER Y 54 -45.03 28.35 -72.65
N TYR Y 55 -43.75 28.05 -72.53
CA TYR Y 55 -42.86 28.04 -73.69
C TYR Y 55 -42.51 26.61 -74.02
N GLN Y 56 -42.24 25.83 -72.96
CA GLN Y 56 -41.88 24.45 -73.11
C GLN Y 56 -43.10 23.62 -73.51
N ALA Y 57 -44.29 24.09 -73.12
CA ALA Y 57 -45.51 23.37 -73.43
C ALA Y 57 -45.93 23.53 -74.88
N LEU Y 58 -45.84 24.75 -75.40
CA LEU Y 58 -46.21 25.06 -76.77
C LEU Y 58 -45.17 24.61 -77.78
N GLY Y 59 -43.90 24.59 -77.37
CA GLY Y 59 -42.85 24.17 -78.27
C GLY Y 59 -42.64 22.67 -78.27
N LYS Y 60 -43.06 22.02 -77.19
CA LYS Y 60 -42.93 20.57 -77.04
C LYS Y 60 -43.86 19.82 -77.98
N LYS Y 61 -45.15 19.96 -77.73
CA LYS Y 61 -46.19 19.31 -78.52
C LYS Y 61 -46.00 19.58 -80.02
N THR Z 8 -18.24 44.48 -25.61
CA THR Z 8 -17.23 45.33 -24.89
C THR Z 8 -15.84 45.13 -25.46
N GLY Z 9 -14.84 45.68 -24.76
CA GLY Z 9 -13.47 45.58 -25.22
C GLY Z 9 -13.09 46.91 -25.81
N LEU Z 10 -13.86 47.93 -25.48
CA LEU Z 10 -13.63 49.30 -25.97
C LEU Z 10 -14.13 50.31 -24.93
N THR Z 11 -14.29 51.55 -25.37
CA THR Z 11 -14.76 52.61 -24.48
C THR Z 11 -15.87 53.40 -25.17
N ASP Z 12 -16.24 54.53 -24.58
CA ASP Z 12 -17.30 55.38 -25.11
C ASP Z 12 -16.93 56.02 -26.45
N ASP Z 13 -15.78 56.67 -26.50
CA ASP Z 13 -15.32 57.35 -27.70
C ASP Z 13 -15.32 56.47 -28.95
N GLU Z 14 -14.45 55.46 -28.96
CA GLU Z 14 -14.33 54.56 -30.11
C GLU Z 14 -15.66 53.93 -30.48
N ALA Z 15 -16.48 53.65 -29.48
CA ALA Z 15 -17.79 53.05 -29.70
C ALA Z 15 -18.64 53.92 -30.62
N LYS Z 16 -18.58 55.22 -30.42
CA LYS Z 16 -19.33 56.16 -31.22
C LYS Z 16 -18.94 56.06 -32.69
N GLU Z 17 -17.64 55.96 -32.95
CA GLU Z 17 -17.12 55.87 -34.31
C GLU Z 17 -17.81 54.76 -35.09
N PHE Z 18 -17.81 53.56 -34.55
CA PHE Z 18 -18.43 52.42 -35.21
C PHE Z 18 -19.93 52.62 -35.43
N HIS Z 19 -20.62 53.13 -34.41
CA HIS Z 19 -22.07 53.37 -34.49
C HIS Z 19 -22.49 54.20 -35.68
N ALA Z 20 -21.61 55.12 -36.06
CA ALA Z 20 -21.86 55.98 -37.20
C ALA Z 20 -21.73 55.32 -38.56
N ILE Z 21 -20.60 54.66 -38.80
CA ILE Z 21 -20.36 54.01 -40.08
C ILE Z 21 -21.37 52.88 -40.25
N PHE Z 22 -21.60 52.11 -39.20
CA PHE Z 22 -22.53 50.99 -39.22
C PHE Z 22 -23.94 51.44 -39.54
N MET Z 23 -24.51 52.26 -38.65
CA MET Z 23 -25.87 52.77 -38.80
C MET Z 23 -26.17 53.21 -40.23
N GLN Z 24 -25.38 54.18 -40.71
CA GLN Z 24 -25.52 54.73 -42.05
C GLN Z 24 -25.72 53.68 -43.11
N SER Z 25 -24.68 52.88 -43.34
CA SER Z 25 -24.69 51.82 -44.35
C SER Z 25 -25.88 50.87 -44.18
N MET Z 26 -26.50 50.91 -43.01
CA MET Z 26 -27.64 50.05 -42.75
C MET Z 26 -28.82 50.54 -43.58
N TYR Z 27 -29.08 51.83 -43.49
CA TYR Z 27 -30.18 52.38 -44.26
C TYR Z 27 -29.92 51.99 -45.71
N ALA Z 28 -28.63 51.96 -46.08
CA ALA Z 28 -28.23 51.59 -47.43
C ALA Z 28 -29.04 50.38 -47.84
N TRP Z 29 -29.27 49.49 -46.87
CA TRP Z 29 -30.03 48.28 -47.12
C TRP Z 29 -31.52 48.57 -47.20
N PHE Z 30 -32.08 49.15 -46.14
CA PHE Z 30 -33.52 49.46 -46.13
C PHE Z 30 -33.88 50.26 -47.37
N GLY Z 31 -32.91 51.07 -47.80
CA GLY Z 31 -33.10 51.86 -49.00
C GLY Z 31 -33.18 50.92 -50.19
N LEU Z 32 -32.30 49.91 -50.16
CA LEU Z 32 -32.24 48.91 -51.22
C LEU Z 32 -33.47 48.01 -51.17
N VAL Z 33 -33.90 47.67 -49.95
CA VAL Z 33 -35.06 46.80 -49.77
C VAL Z 33 -36.31 47.47 -50.28
N VAL Z 34 -36.67 48.61 -49.68
CA VAL Z 34 -37.88 49.33 -50.04
C VAL Z 34 -38.05 49.51 -51.56
N ILE Z 35 -36.98 49.87 -52.25
CA ILE Z 35 -37.03 50.09 -53.69
C ILE Z 35 -37.41 48.83 -54.45
N ALA Z 36 -37.09 47.67 -53.91
CA ALA Z 36 -37.44 46.42 -54.56
C ALA Z 36 -38.86 46.04 -54.14
N HIS Z 37 -39.16 46.31 -52.87
CA HIS Z 37 -40.49 46.04 -52.33
C HIS Z 37 -41.45 46.88 -53.21
N LEU Z 38 -41.03 48.09 -53.53
CA LEU Z 38 -41.85 48.94 -54.38
C LEU Z 38 -41.78 48.60 -55.88
N LEU Z 39 -40.61 48.19 -56.37
CA LEU Z 39 -40.50 47.83 -57.79
C LEU Z 39 -41.31 46.54 -57.94
N ALA Z 40 -41.49 45.84 -56.84
CA ALA Z 40 -42.26 44.59 -56.84
C ALA Z 40 -43.72 44.96 -56.80
N TRP Z 41 -44.11 45.75 -55.79
CA TRP Z 41 -45.48 46.20 -55.66
C TRP Z 41 -45.96 46.83 -56.95
N LEU Z 42 -45.02 47.29 -57.77
CA LEU Z 42 -45.36 47.81 -59.08
C LEU Z 42 -45.93 46.71 -59.98
N TYR Z 43 -45.33 45.52 -59.90
CA TYR Z 43 -45.62 44.45 -60.84
C TYR Z 43 -46.81 43.58 -60.51
N ARG Z 44 -46.71 42.96 -59.34
CA ARG Z 44 -47.69 42.00 -58.90
C ARG Z 44 -47.96 42.47 -57.50
N PRO Z 45 -48.74 43.62 -57.43
CA PRO Z 45 -49.01 44.02 -56.03
C PRO Z 45 -49.73 42.90 -55.28
N TRP Z 46 -49.04 42.31 -54.32
CA TRP Z 46 -49.62 41.25 -53.51
C TRP Z 46 -50.78 41.82 -52.72
N LEU Z 47 -51.69 40.95 -52.30
CA LEU Z 47 -52.84 41.35 -51.48
C LEU Z 47 -53.88 40.23 -51.41
N MET AA 4 -43.97 54.44 -12.75
CA MET AA 4 -42.89 53.82 -12.00
C MET AA 4 -41.53 54.37 -12.42
N ASN AA 5 -41.49 55.08 -13.55
CA ASN AA 5 -40.25 55.65 -14.08
C ASN AA 5 -39.49 56.69 -13.24
N ALA AA 6 -40.15 57.34 -12.28
CA ALA AA 6 -39.49 58.36 -11.43
C ALA AA 6 -38.13 57.95 -10.87
N ASN AA 7 -38.07 56.72 -10.33
CA ASN AA 7 -36.81 56.17 -9.78
C ASN AA 7 -36.47 54.90 -10.56
N LEU AA 8 -37.05 54.81 -11.75
CA LEU AA 8 -36.94 53.71 -12.70
C LEU AA 8 -35.60 53.04 -13.05
N TYR AA 9 -34.55 53.83 -13.26
CA TYR AA 9 -33.24 53.32 -13.71
C TYR AA 9 -32.53 52.25 -12.91
N LYS AA 10 -32.98 52.10 -11.67
CA LYS AA 10 -32.45 51.13 -10.74
C LYS AA 10 -32.31 49.72 -11.29
N ILE AA 11 -33.22 49.35 -12.18
CA ILE AA 11 -33.27 47.99 -12.72
C ILE AA 11 -32.05 47.44 -13.39
N TRP AA 12 -31.38 48.31 -14.11
CA TRP AA 12 -30.20 47.95 -14.84
C TRP AA 12 -29.04 47.43 -14.00
N LEU AA 13 -28.84 48.04 -12.84
CA LEU AA 13 -27.76 47.63 -11.96
C LEU AA 13 -27.76 46.15 -11.62
N ILE AA 14 -28.92 45.57 -11.34
CA ILE AA 14 -28.96 44.13 -11.03
C ILE AA 14 -29.24 43.28 -12.26
N LEU AA 15 -29.98 43.84 -13.22
CA LEU AA 15 -30.28 43.14 -14.46
C LEU AA 15 -29.24 43.54 -15.50
N ASP AA 16 -28.32 42.62 -15.78
CA ASP AA 16 -27.26 42.85 -16.75
C ASP AA 16 -27.79 43.33 -18.10
N PRO AA 17 -27.15 44.35 -18.68
CA PRO AA 17 -27.57 44.89 -19.98
C PRO AA 17 -27.48 43.83 -21.09
N ARG AA 18 -26.34 43.16 -21.17
CA ARG AA 18 -26.11 42.13 -22.17
C ARG AA 18 -27.17 41.01 -22.12
N ARG AA 19 -27.53 40.54 -20.91
CA ARG AA 19 -28.53 39.48 -20.78
C ARG AA 19 -29.91 39.90 -21.27
N VAL AA 20 -30.28 41.16 -20.98
CA VAL AA 20 -31.58 41.68 -21.37
C VAL AA 20 -31.60 42.17 -22.82
N LEU AA 21 -30.51 42.78 -23.25
CA LEU AA 21 -30.41 43.30 -24.61
C LEU AA 21 -30.60 42.22 -25.67
N VAL AA 22 -29.75 41.20 -25.63
CA VAL AA 22 -29.81 40.11 -26.59
C VAL AA 22 -30.99 39.17 -26.31
N SER AA 23 -31.33 38.98 -25.04
CA SER AA 23 -32.43 38.09 -24.69
C SER AA 23 -33.73 38.55 -25.33
N ILE AA 24 -33.73 39.77 -25.87
CA ILE AA 24 -34.90 40.32 -26.53
C ILE AA 24 -34.68 40.23 -28.03
N VAL AA 25 -33.52 40.72 -28.48
CA VAL AA 25 -33.16 40.67 -29.89
C VAL AA 25 -33.37 39.23 -30.36
N ALA AA 26 -33.37 38.31 -29.40
CA ALA AA 26 -33.58 36.90 -29.66
C ALA AA 26 -35.04 36.53 -29.41
N PHE AA 27 -35.63 37.10 -28.37
CA PHE AA 27 -37.03 36.82 -28.06
C PHE AA 27 -37.97 37.44 -29.07
N GLN AA 28 -37.67 38.68 -29.48
CA GLN AA 28 -38.50 39.38 -30.44
C GLN AA 28 -38.51 38.68 -31.79
N ILE AA 29 -37.34 38.29 -32.26
CA ILE AA 29 -37.22 37.63 -33.55
C ILE AA 29 -38.12 36.41 -33.72
N VAL AA 30 -38.22 35.58 -32.67
CA VAL AA 30 -39.04 34.38 -32.76
C VAL AA 30 -40.55 34.66 -32.66
N LEU AA 31 -40.93 35.61 -31.82
CA LEU AA 31 -42.34 35.94 -31.67
C LEU AA 31 -42.88 36.58 -32.95
N GLY AA 32 -41.98 37.25 -33.67
CA GLY AA 32 -42.37 37.87 -34.91
C GLY AA 32 -42.56 36.80 -35.96
N LEU AA 33 -41.54 35.97 -36.13
CA LEU AA 33 -41.62 34.87 -37.09
C LEU AA 33 -42.68 33.90 -36.60
N LEU AA 34 -43.11 34.07 -35.36
CA LEU AA 34 -44.15 33.23 -34.78
C LEU AA 34 -45.53 33.80 -35.13
N ILE AA 35 -45.76 35.06 -34.75
CA ILE AA 35 -47.05 35.69 -35.03
C ILE AA 35 -47.36 35.59 -36.51
N HIS AA 36 -46.51 36.17 -37.33
CA HIS AA 36 -46.69 36.13 -38.78
C HIS AA 36 -47.02 34.74 -39.23
N MET AA 37 -46.33 33.74 -38.67
CA MET AA 37 -46.53 32.34 -39.02
C MET AA 37 -47.95 31.85 -38.78
N ILE AA 38 -48.49 32.16 -37.61
CA ILE AA 38 -49.84 31.74 -37.25
C ILE AA 38 -50.97 32.53 -37.92
N VAL AA 39 -50.98 33.85 -37.73
CA VAL AA 39 -52.03 34.66 -38.33
C VAL AA 39 -52.13 34.39 -39.83
N LEU AA 40 -50.98 34.24 -40.48
CA LEU AA 40 -50.95 33.97 -41.92
C LEU AA 40 -51.31 32.52 -42.22
N SER AA 41 -51.52 31.73 -41.16
CA SER AA 41 -51.87 30.34 -41.37
C SER AA 41 -53.38 30.11 -41.36
N THR AA 42 -54.11 30.85 -40.53
CA THR AA 42 -55.56 30.68 -40.43
C THR AA 42 -56.38 31.92 -40.78
N ASP AA 43 -56.39 32.90 -39.87
CA ASP AA 43 -57.14 34.14 -40.05
C ASP AA 43 -57.18 34.63 -41.49
N LEU AA 44 -56.12 35.31 -41.91
CA LEU AA 44 -56.03 35.85 -43.26
C LEU AA 44 -54.72 35.41 -43.92
N ASN AA 45 -54.82 34.64 -45.00
CA ASN AA 45 -53.61 34.22 -45.70
C ASN AA 45 -53.38 35.19 -46.86
N TRP AA 46 -53.33 36.47 -46.52
CA TRP AA 46 -53.15 37.55 -47.48
C TRP AA 46 -52.32 37.16 -48.70
N LEU AA 47 -51.15 36.54 -48.41
CA LEU AA 47 -50.18 36.11 -49.40
C LEU AA 47 -50.76 35.48 -50.67
N ASP AA 48 -51.27 34.25 -50.57
CA ASP AA 48 -51.80 33.55 -51.74
C ASP AA 48 -53.31 33.40 -51.88
N ASP AA 49 -54.09 34.22 -51.20
CA ASP AA 49 -55.54 34.08 -51.30
C ASP AA 49 -56.22 34.74 -52.49
N ASN AA 50 -55.89 35.99 -52.80
CA ASN AA 50 -56.55 36.64 -53.93
C ASN AA 50 -56.15 38.07 -54.29
N ILE AA 51 -57.02 39.00 -53.89
CA ILE AA 51 -56.93 40.42 -54.15
C ILE AA 51 -55.57 41.13 -54.14
N PRO AA 52 -55.52 42.33 -54.75
CA PRO AA 52 -56.67 42.98 -55.41
C PRO AA 52 -57.19 42.20 -56.61
N VAL AA 53 -56.29 41.51 -57.30
CA VAL AA 53 -56.63 40.72 -58.47
C VAL AA 53 -55.93 39.36 -58.43
N SER AA 54 -56.53 38.36 -59.07
CA SER AA 54 -55.96 37.00 -59.09
C SER AA 54 -54.69 36.96 -59.92
N TYR AA 55 -53.58 37.38 -59.33
CA TYR AA 55 -52.32 37.40 -60.04
C TYR AA 55 -52.03 36.07 -60.70
N GLN AA 56 -51.73 35.05 -59.92
CA GLN AA 56 -51.46 33.74 -60.49
C GLN AA 56 -52.51 33.22 -61.46
N ALA AA 57 -53.72 33.78 -61.39
CA ALA AA 57 -54.80 33.33 -62.26
C ALA AA 57 -54.39 33.18 -63.72
N LEU AA 58 -53.53 34.09 -64.19
CA LEU AA 58 -53.05 34.04 -65.56
C LEU AA 58 -52.37 32.70 -65.80
N GLY AA 59 -52.35 31.86 -64.76
CA GLY AA 59 -51.72 30.56 -64.85
C GLY AA 59 -52.38 29.67 -65.88
N LYS AA 60 -53.69 29.81 -66.02
CA LYS AA 60 -54.46 29.02 -66.98
C LYS AA 60 -53.88 29.18 -68.37
N LYS AA 61 -53.55 30.41 -68.75
CA LYS AA 61 -52.98 30.68 -70.07
C LYS AA 61 -51.68 29.90 -70.31
N THR BA 8 -25.47 42.54 -11.50
CA THR BA 8 -24.64 43.74 -11.19
C THR BA 8 -23.31 43.69 -11.94
N GLY BA 9 -22.38 44.59 -11.59
CA GLY BA 9 -21.10 44.61 -12.27
C GLY BA 9 -20.84 45.97 -12.88
N LEU BA 10 -21.49 47.00 -12.33
CA LEU BA 10 -21.37 48.39 -12.77
C LEU BA 10 -21.73 49.24 -11.56
N THR BA 11 -21.81 50.56 -11.75
CA THR BA 11 -22.17 51.45 -10.65
C THR BA 11 -23.34 52.35 -11.03
N ASP BA 12 -23.62 53.33 -10.18
CA ASP BA 12 -24.73 54.25 -10.41
C ASP BA 12 -24.56 55.09 -11.68
N ASP BA 13 -23.34 55.54 -11.93
CA ASP BA 13 -23.12 56.40 -13.08
C ASP BA 13 -23.51 55.76 -14.42
N GLU BA 14 -22.61 55.05 -15.08
CA GLU BA 14 -22.91 54.44 -16.37
C GLU BA 14 -24.28 53.74 -16.40
N ALA BA 15 -24.71 53.18 -15.28
CA ALA BA 15 -26.00 52.50 -15.21
C ALA BA 15 -27.13 53.44 -15.58
N LYS BA 16 -27.18 54.58 -14.91
CA LYS BA 16 -28.21 55.58 -15.15
C LYS BA 16 -28.21 56.02 -16.61
N GLU BA 17 -27.03 56.21 -17.17
CA GLU BA 17 -26.90 56.61 -18.57
C GLU BA 17 -27.50 55.55 -19.47
N PHE BA 18 -27.31 54.29 -19.10
CA PHE BA 18 -27.84 53.17 -19.86
C PHE BA 18 -29.36 53.19 -19.91
N HIS BA 19 -29.98 53.07 -18.74
CA HIS BA 19 -31.43 53.08 -18.65
C HIS BA 19 -32.06 54.09 -19.60
N ALA BA 20 -31.45 55.27 -19.69
CA ALA BA 20 -31.97 56.33 -20.56
C ALA BA 20 -31.93 55.92 -22.04
N ILE BA 21 -30.72 55.73 -22.56
CA ILE BA 21 -30.55 55.36 -23.97
C ILE BA 21 -31.48 54.21 -24.35
N PHE BA 22 -31.58 53.22 -23.47
CA PHE BA 22 -32.44 52.06 -23.71
C PHE BA 22 -33.91 52.45 -23.79
N MET BA 23 -34.51 52.78 -22.65
CA MET BA 23 -35.91 53.16 -22.59
C MET BA 23 -36.39 53.90 -23.83
N GLN BA 24 -35.68 54.96 -24.18
CA GLN BA 24 -36.04 55.76 -25.35
C GLN BA 24 -36.23 54.85 -26.56
N SER BA 25 -35.21 54.06 -26.88
CA SER BA 25 -35.26 53.15 -28.01
C SER BA 25 -36.31 52.06 -27.87
N MET BA 26 -36.66 51.70 -26.64
CA MET BA 26 -37.66 50.66 -26.42
C MET BA 26 -38.98 51.10 -27.02
N TYR BA 27 -39.47 52.25 -26.56
CA TYR BA 27 -40.73 52.76 -27.08
C TYR BA 27 -40.64 52.91 -28.58
N ALA BA 28 -39.45 53.25 -29.08
CA ALA BA 28 -39.24 53.38 -30.51
C ALA BA 28 -39.82 52.14 -31.20
N TRP BA 29 -39.66 51.00 -30.54
CA TRP BA 29 -40.19 49.75 -31.08
C TRP BA 29 -41.70 49.88 -31.08
N PHE BA 30 -42.25 50.20 -29.92
CA PHE BA 30 -43.69 50.37 -29.77
C PHE BA 30 -44.16 51.42 -30.75
N GLY BA 31 -43.21 52.19 -31.28
CA GLY BA 31 -43.53 53.23 -32.24
C GLY BA 31 -43.72 52.57 -33.59
N LEU BA 32 -42.73 51.77 -33.98
CA LEU BA 32 -42.78 51.06 -35.25
C LEU BA 32 -43.81 49.95 -35.15
N VAL BA 33 -44.10 49.52 -33.92
CA VAL BA 33 -45.07 48.46 -33.68
C VAL BA 33 -46.49 49.02 -33.63
N VAL BA 34 -46.64 50.23 -33.10
CA VAL BA 34 -47.96 50.83 -33.02
C VAL BA 34 -48.38 51.24 -34.43
N ILE BA 35 -47.43 51.76 -35.21
CA ILE BA 35 -47.71 52.17 -36.57
C ILE BA 35 -48.09 50.94 -37.40
N ALA BA 36 -47.55 49.79 -37.00
CA ALA BA 36 -47.82 48.53 -37.68
C ALA BA 36 -49.27 48.09 -37.50
N HIS BA 37 -49.69 47.91 -36.24
CA HIS BA 37 -51.06 47.47 -35.92
C HIS BA 37 -52.14 48.46 -36.32
N LEU BA 38 -51.80 49.73 -36.22
CA LEU BA 38 -52.72 50.79 -36.60
C LEU BA 38 -52.95 50.77 -38.10
N LEU BA 39 -51.88 50.49 -38.84
CA LEU BA 39 -51.93 50.43 -40.30
C LEU BA 39 -52.74 49.21 -40.74
N ALA BA 40 -52.47 48.07 -40.12
CA ALA BA 40 -53.18 46.83 -40.46
C ALA BA 40 -54.67 47.04 -40.23
N TRP BA 41 -54.98 47.83 -39.21
CA TRP BA 41 -56.34 48.13 -38.82
C TRP BA 41 -57.07 48.88 -39.93
N LEU BA 42 -56.31 49.59 -40.75
CA LEU BA 42 -56.86 50.33 -41.88
C LEU BA 42 -57.28 49.32 -42.95
N TYR BA 43 -56.48 48.25 -43.06
CA TYR BA 43 -56.68 47.18 -44.04
C TYR BA 43 -57.69 46.13 -43.63
N ARG BA 44 -57.19 45.06 -43.02
CA ARG BA 44 -58.02 43.95 -42.55
C ARG BA 44 -58.33 44.12 -41.07
N PRO BA 45 -59.48 44.71 -40.75
CA PRO BA 45 -59.89 44.92 -39.37
C PRO BA 45 -60.16 43.60 -38.65
N TRP BA 46 -59.09 43.01 -38.15
CA TRP BA 46 -59.15 41.75 -37.45
C TRP BA 46 -59.86 41.91 -36.11
N LEU BA 47 -60.81 41.01 -35.87
CA LEU BA 47 -61.59 40.99 -34.64
C LEU BA 47 -62.27 39.64 -34.59
N ASN CA 5 -48.53 47.17 1.85
CA ASN CA 5 -47.20 47.44 1.30
C ASN CA 5 -46.39 48.38 2.17
N ALA CA 6 -46.94 48.77 3.31
CA ALA CA 6 -46.25 49.68 4.23
C ALA CA 6 -45.15 48.95 5.00
N ASN CA 7 -45.42 47.72 5.41
CA ASN CA 7 -44.45 46.93 6.16
C ASN CA 7 -43.97 45.71 5.37
N LEU CA 8 -44.14 45.76 4.06
CA LEU CA 8 -43.73 44.65 3.19
C LEU CA 8 -42.39 44.90 2.49
N TYR CA 9 -41.62 45.87 2.98
CA TYR CA 9 -40.34 46.17 2.38
C TYR CA 9 -39.29 45.22 2.93
N LYS CA 10 -39.55 44.72 4.13
CA LYS CA 10 -38.64 43.82 4.82
C LYS CA 10 -38.44 42.46 4.14
N ILE CA 11 -39.36 42.08 3.26
CA ILE CA 11 -39.29 40.78 2.58
C ILE CA 11 -38.02 40.62 1.76
N TRP CA 12 -37.33 41.72 1.51
CA TRP CA 12 -36.14 41.73 0.68
C TRP CA 12 -34.81 41.23 1.22
N LEU CA 13 -34.66 41.17 2.53
CA LEU CA 13 -33.42 40.68 3.12
C LEU CA 13 -33.43 39.16 3.07
N ILE CA 14 -34.61 38.61 2.80
CA ILE CA 14 -34.82 37.17 2.72
C ILE CA 14 -34.81 36.67 1.29
N LEU CA 15 -35.73 37.18 0.47
CA LEU CA 15 -35.78 36.77 -0.92
C LEU CA 15 -34.71 37.53 -1.68
N ASP CA 16 -33.87 36.79 -2.40
CA ASP CA 16 -32.77 37.37 -3.17
C ASP CA 16 -33.25 38.27 -4.29
N PRO CA 17 -32.46 39.30 -4.62
CA PRO CA 17 -32.84 40.24 -5.68
C PRO CA 17 -32.99 39.61 -7.07
N ARG CA 18 -31.96 38.89 -7.49
CA ARG CA 18 -31.91 38.23 -8.81
C ARG CA 18 -32.91 37.09 -9.05
N ARG CA 19 -32.94 36.10 -8.16
CA ARG CA 19 -33.83 34.96 -8.34
C ARG CA 19 -35.32 35.26 -8.56
N VAL CA 20 -35.98 35.93 -7.62
CA VAL CA 20 -37.42 36.24 -7.76
C VAL CA 20 -37.79 37.17 -8.91
N LEU CA 21 -37.07 38.27 -8.99
CA LEU CA 21 -37.30 39.28 -10.00
C LEU CA 21 -37.45 38.73 -11.42
N VAL CA 22 -36.45 38.02 -11.92
CA VAL CA 22 -36.51 37.45 -13.27
C VAL CA 22 -37.17 36.07 -13.21
N SER CA 23 -37.38 35.59 -11.99
CA SER CA 23 -38.04 34.30 -11.77
C SER CA 23 -39.49 34.45 -12.06
N ILE CA 24 -39.99 35.67 -11.87
CA ILE CA 24 -41.39 35.93 -12.12
C ILE CA 24 -41.56 36.47 -13.53
N VAL CA 25 -40.56 37.23 -13.99
CA VAL CA 25 -40.60 37.77 -15.34
C VAL CA 25 -40.96 36.62 -16.26
N ALA CA 26 -40.35 35.47 -16.01
CA ALA CA 26 -40.60 34.27 -16.79
C ALA CA 26 -41.96 33.70 -16.44
N PHE CA 27 -42.29 33.71 -15.14
CA PHE CA 27 -43.58 33.20 -14.70
C PHE CA 27 -44.69 33.85 -15.51
N GLN CA 28 -44.52 35.13 -15.81
CA GLN CA 28 -45.50 35.88 -16.56
C GLN CA 28 -45.62 35.37 -17.99
N ILE CA 29 -44.52 35.50 -18.72
CA ILE CA 29 -44.49 35.09 -20.11
C ILE CA 29 -45.09 33.71 -20.38
N VAL CA 30 -44.84 32.76 -19.48
CA VAL CA 30 -45.39 31.41 -19.65
C VAL CA 30 -46.86 31.38 -19.32
N LEU CA 31 -47.30 32.25 -18.41
CA LEU CA 31 -48.70 32.32 -18.06
C LEU CA 31 -49.36 33.14 -19.16
N GLY CA 32 -48.61 34.08 -19.70
CA GLY CA 32 -49.12 34.95 -20.75
C GLY CA 32 -49.40 34.20 -22.03
N LEU CA 33 -48.42 33.40 -22.45
CA LEU CA 33 -48.57 32.60 -23.66
C LEU CA 33 -49.62 31.53 -23.37
N LEU CA 34 -49.60 31.00 -22.14
CA LEU CA 34 -50.54 29.98 -21.70
C LEU CA 34 -51.99 30.44 -21.72
N ILE CA 35 -52.25 31.64 -21.23
CA ILE CA 35 -53.62 32.14 -21.19
C ILE CA 35 -54.21 32.40 -22.57
N HIS CA 36 -53.57 33.28 -23.33
CA HIS CA 36 -54.07 33.56 -24.67
C HIS CA 36 -54.48 32.23 -25.30
N MET CA 37 -53.60 31.24 -25.15
CA MET CA 37 -53.82 29.91 -25.71
C MET CA 37 -55.00 29.11 -25.15
N ILE CA 38 -55.07 28.96 -23.83
CA ILE CA 38 -56.16 28.20 -23.25
C ILE CA 38 -57.54 28.68 -23.72
N VAL CA 39 -57.72 29.99 -23.76
CA VAL CA 39 -58.99 30.58 -24.16
C VAL CA 39 -59.29 30.42 -25.64
N LEU CA 40 -58.31 30.75 -26.48
CA LEU CA 40 -58.45 30.64 -27.92
C LEU CA 40 -59.01 29.30 -28.37
N SER CA 41 -58.55 28.23 -27.74
CA SER CA 41 -58.99 26.88 -28.09
C SER CA 41 -60.47 26.81 -28.40
N THR CA 42 -61.30 27.06 -27.38
CA THR CA 42 -62.75 27.02 -27.54
C THR CA 42 -63.43 28.38 -27.41
N ASP CA 43 -63.64 28.81 -26.16
CA ASP CA 43 -64.30 30.08 -25.85
C ASP CA 43 -64.44 31.03 -27.03
N LEU CA 44 -63.53 32.01 -27.06
CA LEU CA 44 -63.51 33.02 -28.10
C LEU CA 44 -62.29 32.82 -28.98
N ASN CA 45 -62.54 32.52 -30.24
CA ASN CA 45 -61.46 32.31 -31.19
C ASN CA 45 -61.47 33.50 -32.14
N TRP CA 46 -61.30 34.69 -31.57
CA TRP CA 46 -61.31 35.93 -32.31
C TRP CA 46 -60.58 35.84 -33.65
N LEU CA 47 -59.49 35.08 -33.67
CA LEU CA 47 -58.67 34.89 -34.86
C LEU CA 47 -59.47 34.53 -36.12
N ASP CA 48 -59.41 33.26 -36.51
CA ASP CA 48 -60.11 32.80 -37.70
C ASP CA 48 -61.53 32.36 -37.35
N ASP CA 49 -62.45 33.31 -37.17
CA ASP CA 49 -63.82 32.92 -36.82
C ASP CA 49 -64.99 33.79 -37.26
N ASN CA 50 -64.80 35.10 -37.41
CA ASN CA 50 -65.92 35.96 -37.81
C ASN CA 50 -65.56 37.23 -38.60
N ILE CA 51 -66.51 38.18 -38.65
CA ILE CA 51 -66.33 39.44 -39.38
C ILE CA 51 -66.03 40.58 -38.40
N PRO CA 52 -65.48 41.71 -38.91
CA PRO CA 52 -65.12 41.99 -40.31
C PRO CA 52 -64.03 41.03 -40.77
N VAL CA 53 -63.32 40.48 -39.79
CA VAL CA 53 -62.23 39.54 -40.01
C VAL CA 53 -62.50 38.35 -40.93
N SER CA 54 -63.76 38.18 -41.34
CA SER CA 54 -64.13 37.07 -42.21
C SER CA 54 -63.79 37.29 -43.68
N TYR CA 55 -62.51 37.24 -44.01
CA TYR CA 55 -62.05 37.46 -45.38
C TYR CA 55 -61.54 36.16 -45.97
N GLN CA 56 -61.56 35.10 -45.16
CA GLN CA 56 -61.11 33.80 -45.58
C GLN CA 56 -62.30 32.91 -45.94
N ALA CA 57 -63.26 32.83 -45.02
CA ALA CA 57 -64.45 32.03 -45.24
C ALA CA 57 -65.25 32.62 -46.40
N LEU CA 58 -65.34 33.93 -46.43
CA LEU CA 58 -66.08 34.64 -47.47
C LEU CA 58 -65.23 34.87 -48.72
N GLY CA 59 -63.99 35.32 -48.51
CA GLY CA 59 -63.10 35.58 -49.63
C GLY CA 59 -62.59 34.34 -50.35
N LYS CA 60 -61.87 33.49 -49.63
CA LYS CA 60 -61.32 32.27 -50.21
C LYS CA 60 -62.40 31.43 -50.87
N LYS CA 61 -63.59 31.42 -50.26
CA LYS CA 61 -64.71 30.66 -50.79
C LYS CA 61 -65.36 31.41 -51.95
N THR DA 8 -31.35 38.35 0.65
CA THR DA 8 -30.17 38.69 1.50
C THR DA 8 -28.98 39.09 0.64
N GLY DA 9 -27.93 39.58 1.28
CA GLY DA 9 -26.76 40.02 0.56
C GLY DA 9 -26.73 41.54 0.58
N LEU DA 10 -27.77 42.11 1.19
CA LEU DA 10 -27.92 43.56 1.32
C LEU DA 10 -28.49 43.90 2.69
N THR DA 11 -28.69 45.18 2.95
CA THR DA 11 -29.22 45.63 4.25
C THR DA 11 -30.67 46.13 4.07
N ASP DA 12 -31.03 47.17 4.82
CA ASP DA 12 -32.38 47.72 4.75
C ASP DA 12 -32.47 48.96 3.88
N ASP DA 13 -31.55 49.90 4.07
CA ASP DA 13 -31.54 51.14 3.30
C ASP DA 13 -31.78 50.86 1.82
N GLU DA 14 -31.00 49.94 1.26
CA GLU DA 14 -31.12 49.56 -0.13
C GLU DA 14 -32.35 48.67 -0.31
N ALA DA 15 -32.71 47.95 0.74
CA ALA DA 15 -33.87 47.07 0.69
C ALA DA 15 -35.12 47.86 0.33
N LYS DA 16 -35.57 48.72 1.25
CA LYS DA 16 -36.76 49.52 1.02
C LYS DA 16 -36.63 50.34 -0.26
N GLU DA 17 -35.41 50.77 -0.55
CA GLU DA 17 -35.18 51.50 -1.80
C GLU DA 17 -35.62 50.68 -3.00
N PHE DA 18 -35.28 49.39 -2.89
CA PHE DA 18 -35.63 48.41 -3.91
C PHE DA 18 -37.13 48.14 -3.91
N HIS DA 19 -37.69 47.86 -2.74
CA HIS DA 19 -39.12 47.60 -2.69
C HIS DA 19 -39.89 48.76 -3.29
N ALA DA 20 -39.50 49.99 -2.95
CA ALA DA 20 -40.21 51.16 -3.47
C ALA DA 20 -40.30 51.13 -4.98
N ILE DA 21 -39.14 51.15 -5.65
CA ILE DA 21 -39.09 51.13 -7.10
C ILE DA 21 -39.77 49.87 -7.65
N PHE DA 22 -39.58 48.75 -6.97
CA PHE DA 22 -40.17 47.49 -7.38
C PHE DA 22 -41.68 47.48 -7.29
N MET DA 23 -42.19 47.64 -6.06
CA MET DA 23 -43.63 47.63 -5.82
C MET DA 23 -44.44 48.46 -6.80
N GLN DA 24 -43.93 49.66 -7.10
CA GLN DA 24 -44.63 50.60 -8.01
C GLN DA 24 -44.54 50.21 -9.46
N SER DA 25 -43.43 49.56 -9.82
CA SER DA 25 -43.24 49.05 -11.17
C SER DA 25 -44.17 47.87 -11.39
N MET DA 26 -44.04 46.86 -10.53
CA MET DA 26 -44.87 45.68 -10.60
C MET DA 26 -46.34 46.06 -10.49
N TYR DA 27 -46.62 47.03 -9.63
CA TYR DA 27 -47.98 47.50 -9.42
C TYR DA 27 -48.50 48.19 -10.69
N ALA DA 28 -47.66 49.01 -11.30
CA ALA DA 28 -48.00 49.72 -12.52
C ALA DA 28 -48.64 48.79 -13.53
N TRP DA 29 -48.07 47.59 -13.63
CA TRP DA 29 -48.52 46.54 -14.52
C TRP DA 29 -49.88 46.03 -14.06
N PHE DA 30 -50.05 45.90 -12.73
CA PHE DA 30 -51.34 45.45 -12.22
C PHE DA 30 -52.48 46.31 -12.75
N GLY DA 31 -52.12 47.56 -13.00
CA GLY DA 31 -53.04 48.52 -13.57
C GLY DA 31 -52.94 48.50 -15.10
N LEU DA 32 -51.79 48.08 -15.62
CA LEU DA 32 -51.63 48.01 -17.06
C LEU DA 32 -52.52 46.89 -17.57
N VAL DA 33 -52.33 45.70 -17.01
CA VAL DA 33 -53.13 44.55 -17.40
C VAL DA 33 -54.62 44.84 -17.19
N VAL DA 34 -54.92 45.62 -16.15
CA VAL DA 34 -56.30 45.95 -15.86
C VAL DA 34 -56.91 46.75 -17.01
N ILE DA 35 -56.07 47.48 -17.72
CA ILE DA 35 -56.56 48.26 -18.85
C ILE DA 35 -56.99 47.28 -19.95
N ALA DA 36 -56.23 46.19 -20.07
CA ALA DA 36 -56.48 45.18 -21.07
C ALA DA 36 -57.77 44.39 -20.84
N HIS DA 37 -57.95 43.83 -19.66
CA HIS DA 37 -59.15 43.05 -19.37
C HIS DA 37 -60.43 43.90 -19.44
N LEU DA 38 -60.34 45.14 -18.95
CA LEU DA 38 -61.43 46.10 -19.00
C LEU DA 38 -61.83 46.40 -20.45
N LEU DA 39 -60.82 46.74 -21.24
CA LEU DA 39 -61.01 47.05 -22.65
C LEU DA 39 -61.53 45.82 -23.38
N ALA DA 40 -60.93 44.68 -23.11
CA ALA DA 40 -61.37 43.43 -23.73
C ALA DA 40 -62.77 43.13 -23.24
N TRP DA 41 -63.04 43.54 -22.00
CA TRP DA 41 -64.35 43.31 -21.38
C TRP DA 41 -65.38 44.12 -22.06
N LEU DA 42 -65.02 45.35 -22.38
CA LEU DA 42 -65.90 46.27 -23.07
C LEU DA 42 -66.29 45.65 -24.41
N TYR DA 43 -65.42 44.78 -24.94
CA TYR DA 43 -65.64 44.14 -26.23
C TYR DA 43 -66.42 42.82 -26.20
N ARG DA 44 -65.70 41.72 -26.04
CA ARG DA 44 -66.37 40.42 -25.98
C ARG DA 44 -66.72 40.11 -24.53
N PRO DA 45 -67.96 40.42 -24.12
CA PRO DA 45 -68.38 40.15 -22.75
C PRO DA 45 -68.09 38.69 -22.43
N TRP DA 46 -66.88 38.39 -21.99
CA TRP DA 46 -66.54 37.01 -21.67
C TRP DA 46 -67.29 36.53 -20.43
N LEU DA 47 -67.74 35.29 -20.49
CA LEU DA 47 -68.46 34.65 -19.41
C LEU DA 47 -68.65 33.21 -19.83
N MET EA 4 -54.36 27.59 17.97
CA MET EA 4 -53.00 27.07 17.87
C MET EA 4 -51.93 28.11 17.68
N ASN EA 5 -52.26 29.11 16.88
CA ASN EA 5 -51.33 30.18 16.54
C ASN EA 5 -50.76 30.93 17.73
N ALA EA 6 -51.47 30.90 18.85
CA ALA EA 6 -51.05 31.61 20.04
C ALA EA 6 -49.62 31.29 20.48
N ASN EA 7 -49.24 30.01 20.43
CA ASN EA 7 -47.89 29.61 20.82
C ASN EA 7 -47.02 29.27 19.60
N LEU EA 8 -47.57 29.47 18.41
CA LEU EA 8 -46.89 29.18 17.15
C LEU EA 8 -45.74 30.10 16.77
N TYR EA 9 -45.67 31.27 17.40
CA TYR EA 9 -44.62 32.25 17.11
C TYR EA 9 -43.24 31.60 17.03
N LYS EA 10 -43.03 30.63 17.89
CA LYS EA 10 -41.77 29.93 17.97
C LYS EA 10 -41.34 29.25 16.65
N ILE EA 11 -42.29 29.00 15.75
CA ILE EA 11 -42.03 28.35 14.46
C ILE EA 11 -40.70 28.72 13.80
N TRP EA 12 -40.51 30.01 13.57
CA TRP EA 12 -39.32 30.51 12.90
C TRP EA 12 -37.97 30.33 13.58
N LEU EA 13 -37.97 29.83 14.81
CA LEU EA 13 -36.73 29.61 15.52
C LEU EA 13 -36.03 28.38 14.96
N ILE EA 14 -36.82 27.44 14.43
CA ILE EA 14 -36.29 26.21 13.87
C ILE EA 14 -36.21 26.21 12.34
N LEU EA 15 -36.91 27.14 11.69
CA LEU EA 15 -36.91 27.21 10.23
C LEU EA 15 -36.38 28.54 9.70
N ASP EA 16 -35.73 28.50 8.54
CA ASP EA 16 -35.19 29.70 7.91
C ASP EA 16 -36.28 30.48 7.20
N PRO EA 17 -36.05 31.77 6.95
CA PRO EA 17 -37.07 32.57 6.28
C PRO EA 17 -37.42 32.12 4.87
N ARG EA 18 -36.41 31.88 4.02
CA ARG EA 18 -36.66 31.45 2.64
C ARG EA 18 -37.20 30.05 2.53
N ARG EA 19 -37.03 29.27 3.59
CA ARG EA 19 -37.48 27.89 3.64
C ARG EA 19 -38.97 27.63 3.40
N VAL EA 20 -39.82 28.14 4.28
CA VAL EA 20 -41.26 27.94 4.11
C VAL EA 20 -41.90 29.13 3.41
N LEU EA 21 -41.12 30.20 3.31
CA LEU EA 21 -41.56 31.45 2.69
C LEU EA 21 -41.97 31.37 1.23
N VAL EA 22 -41.15 30.72 0.42
CA VAL EA 22 -41.44 30.63 -1.01
C VAL EA 22 -41.95 29.25 -1.42
N SER EA 23 -41.69 28.24 -0.59
CA SER EA 23 -42.13 26.89 -0.89
C SER EA 23 -43.65 26.83 -0.94
N ILE EA 24 -44.29 27.52 -0.01
CA ILE EA 24 -45.75 27.55 0.04
C ILE EA 24 -46.29 28.35 -1.13
N VAL EA 25 -45.59 29.43 -1.47
CA VAL EA 25 -45.99 30.26 -2.59
C VAL EA 25 -45.99 29.38 -3.84
N ALA EA 26 -44.96 28.54 -3.95
CA ALA EA 26 -44.87 27.63 -5.07
C ALA EA 26 -46.03 26.64 -4.95
N PHE EA 27 -46.34 26.27 -3.71
CA PHE EA 27 -47.43 25.34 -3.47
C PHE EA 27 -48.78 25.95 -3.80
N GLN EA 28 -48.91 27.25 -3.56
CA GLN EA 28 -50.16 27.93 -3.85
C GLN EA 28 -50.32 28.08 -5.34
N ILE EA 29 -49.26 28.49 -6.05
CA ILE EA 29 -49.37 28.65 -7.49
C ILE EA 29 -49.69 27.31 -8.14
N VAL EA 30 -49.06 26.24 -7.68
CA VAL EA 30 -49.33 24.92 -8.24
C VAL EA 30 -50.76 24.52 -7.93
N LEU EA 31 -51.19 24.70 -6.70
CA LEU EA 31 -52.56 24.36 -6.36
C LEU EA 31 -53.47 25.44 -6.90
N GLY EA 32 -52.97 26.67 -6.91
CA GLY EA 32 -53.73 27.81 -7.38
C GLY EA 32 -54.30 27.63 -8.76
N LEU EA 33 -53.51 27.07 -9.67
CA LEU EA 33 -53.99 26.84 -11.03
C LEU EA 33 -54.41 25.38 -11.21
N LEU EA 34 -53.88 24.51 -10.35
CA LEU EA 34 -54.24 23.10 -10.42
C LEU EA 34 -55.74 23.00 -10.22
N ILE EA 35 -56.29 23.97 -9.49
CA ILE EA 35 -57.71 24.00 -9.19
C ILE EA 35 -58.54 24.69 -10.27
N HIS EA 36 -58.10 25.85 -10.73
CA HIS EA 36 -58.86 26.54 -11.76
C HIS EA 36 -59.22 25.55 -12.86
N MET EA 37 -58.23 24.77 -13.29
CA MET EA 37 -58.44 23.77 -14.34
C MET EA 37 -59.50 22.75 -13.97
N ILE EA 38 -59.29 22.01 -12.89
CA ILE EA 38 -60.23 20.99 -12.45
C ILE EA 38 -61.67 21.47 -12.27
N VAL EA 39 -61.84 22.75 -11.94
CA VAL EA 39 -63.17 23.32 -11.75
C VAL EA 39 -63.71 23.76 -13.09
N LEU EA 40 -62.85 24.36 -13.89
CA LEU EA 40 -63.22 24.84 -15.21
C LEU EA 40 -63.56 23.63 -16.07
N SER EA 41 -63.52 22.45 -15.47
CA SER EA 41 -63.80 21.21 -16.18
C SER EA 41 -65.23 20.64 -16.07
N THR EA 42 -65.81 20.64 -14.88
CA THR EA 42 -67.15 20.08 -14.72
C THR EA 42 -68.32 20.99 -14.31
N ASP EA 43 -68.22 21.66 -13.16
CA ASP EA 43 -69.31 22.51 -12.68
C ASP EA 43 -69.84 23.49 -13.70
N LEU EA 44 -68.94 24.25 -14.27
CA LEU EA 44 -69.30 25.25 -15.24
C LEU EA 44 -68.09 25.60 -16.09
N ASN EA 45 -68.04 24.98 -17.27
CA ASN EA 45 -66.96 25.22 -18.20
C ASN EA 45 -67.16 26.63 -18.77
N TRP EA 46 -67.44 27.56 -17.86
CA TRP EA 46 -67.71 28.95 -18.19
C TRP EA 46 -67.02 29.47 -19.46
N LEU EA 47 -65.76 29.04 -19.64
CA LEU EA 47 -64.95 29.46 -20.79
C LEU EA 47 -65.70 29.18 -22.10
N ASP EA 48 -66.28 28.00 -22.23
CA ASP EA 48 -67.04 27.63 -23.42
C ASP EA 48 -68.15 26.71 -22.95
N ASP EA 49 -69.18 27.30 -22.35
CA ASP EA 49 -70.29 26.54 -21.81
C ASP EA 49 -71.66 26.96 -22.29
N ASN EA 50 -71.97 28.25 -22.18
CA ASN EA 50 -73.29 28.74 -22.55
C ASN EA 50 -73.32 30.06 -23.30
N ILE EA 51 -73.60 31.13 -22.56
CA ILE EA 51 -73.70 32.47 -23.12
C ILE EA 51 -72.93 33.49 -22.28
N PRO EA 52 -72.87 34.74 -22.75
CA PRO EA 52 -73.47 35.23 -24.00
C PRO EA 52 -72.63 34.92 -25.23
N VAL EA 53 -72.94 33.81 -25.89
CA VAL EA 53 -72.20 33.40 -27.09
C VAL EA 53 -72.42 34.35 -28.27
N SER EA 54 -73.33 35.30 -28.11
CA SER EA 54 -73.65 36.27 -29.15
C SER EA 54 -72.49 36.57 -30.11
N TYR EA 55 -71.36 37.00 -29.55
CA TYR EA 55 -70.17 37.35 -30.33
C TYR EA 55 -69.43 36.15 -30.95
N GLN EA 56 -69.39 35.03 -30.24
CA GLN EA 56 -68.71 33.84 -30.75
C GLN EA 56 -69.61 33.09 -31.72
N ALA EA 57 -70.92 33.19 -31.48
CA ALA EA 57 -71.92 32.52 -32.32
C ALA EA 57 -72.48 33.49 -33.35
N LEU EA 58 -73.30 34.44 -32.90
CA LEU EA 58 -73.90 35.43 -33.79
C LEU EA 58 -72.81 36.20 -34.52
N GLY EA 59 -71.62 36.25 -33.93
CA GLY EA 59 -70.51 36.94 -34.55
C GLY EA 59 -70.01 36.12 -35.72
N THR FA 8 -33.57 27.58 11.98
CA THR FA 8 -32.59 28.35 12.80
C THR FA 8 -31.98 29.47 11.99
N GLY FA 9 -30.98 30.13 12.57
CA GLY FA 9 -30.32 31.24 11.90
C GLY FA 9 -31.05 32.53 12.25
N LEU FA 10 -32.00 32.41 13.18
CA LEU FA 10 -32.83 33.51 13.66
C LEU FA 10 -32.96 33.48 15.18
N THR FA 11 -33.26 34.63 15.79
CA THR FA 11 -33.41 34.76 17.24
C THR FA 11 -34.88 34.94 17.66
N ASP FA 12 -35.15 34.86 18.97
CA ASP FA 12 -36.51 35.02 19.49
C ASP FA 12 -37.03 36.42 19.20
N ASP FA 13 -36.16 37.41 19.36
CA ASP FA 13 -36.54 38.79 19.09
C ASP FA 13 -36.79 39.01 17.60
N GLU FA 14 -36.06 38.23 16.80
CA GLU FA 14 -36.20 38.28 15.35
C GLU FA 14 -37.41 37.47 14.90
N ALA FA 15 -37.52 36.24 15.42
CA ALA FA 15 -38.63 35.37 15.10
C ALA FA 15 -39.92 36.10 15.41
N LYS FA 16 -39.85 36.96 16.41
CA LYS FA 16 -40.99 37.77 16.84
C LYS FA 16 -41.38 38.72 15.71
N GLU FA 17 -40.43 39.54 15.27
CA GLU FA 17 -40.64 40.52 14.23
C GLU FA 17 -41.13 39.85 12.94
N PHE FA 18 -40.39 38.85 12.47
CA PHE FA 18 -40.72 38.13 11.23
C PHE FA 18 -42.08 37.44 11.22
N HIS FA 19 -42.35 36.65 12.25
CA HIS FA 19 -43.61 35.92 12.36
C HIS FA 19 -44.79 36.87 12.20
N ALA FA 20 -44.62 38.08 12.74
CA ALA FA 20 -45.66 39.10 12.67
C ALA FA 20 -45.89 39.54 11.23
N ILE FA 21 -44.86 40.05 10.59
CA ILE FA 21 -44.97 40.51 9.21
C ILE FA 21 -45.47 39.38 8.32
N PHE FA 22 -45.03 38.16 8.61
CA PHE FA 22 -45.44 36.99 7.84
C PHE FA 22 -46.92 36.66 8.08
N MET FA 23 -47.27 36.45 9.33
CA MET FA 23 -48.65 36.12 9.70
C MET FA 23 -49.67 37.07 9.10
N GLN FA 24 -49.39 38.37 9.16
CA GLN FA 24 -50.33 39.36 8.64
C GLN FA 24 -50.52 39.27 7.12
N SER FA 25 -49.42 39.38 6.39
CA SER FA 25 -49.49 39.30 4.93
C SER FA 25 -50.18 38.00 4.52
N MET FA 26 -49.87 36.93 5.23
CA MET FA 26 -50.46 35.63 4.96
C MET FA 26 -51.98 35.74 4.98
N TYR FA 27 -52.50 36.66 5.79
CA TYR FA 27 -53.93 36.87 5.87
C TYR FA 27 -54.39 37.81 4.76
N ALA FA 28 -53.47 38.64 4.28
CA ALA FA 28 -53.77 39.57 3.20
C ALA FA 28 -54.40 38.76 2.07
N TRP FA 29 -54.01 37.50 2.05
CA TRP FA 29 -54.44 36.49 1.08
C TRP FA 29 -55.76 35.89 1.51
N PHE FA 30 -55.73 35.31 2.71
CA PHE FA 30 -56.90 34.64 3.27
C PHE FA 30 -58.07 35.61 3.19
N GLY FA 31 -57.73 36.87 2.94
CA GLY FA 31 -58.73 37.91 2.80
C GLY FA 31 -59.02 38.10 1.32
N LEU FA 32 -58.01 37.90 0.49
CA LEU FA 32 -58.17 38.02 -0.96
C LEU FA 32 -58.85 36.76 -1.51
N VAL FA 33 -58.67 35.64 -0.82
CA VAL FA 33 -59.31 34.39 -1.22
C VAL FA 33 -60.73 34.43 -0.67
N VAL FA 34 -60.89 35.14 0.43
CA VAL FA 34 -62.21 35.27 1.03
C VAL FA 34 -63.06 36.06 0.04
N ILE FA 35 -62.56 37.22 -0.39
CA ILE FA 35 -63.29 38.03 -1.35
C ILE FA 35 -63.45 37.22 -2.65
N ALA FA 36 -62.54 36.28 -2.89
CA ALA FA 36 -62.55 35.44 -4.08
C ALA FA 36 -63.80 34.55 -4.18
N HIS FA 37 -64.01 33.74 -3.15
CA HIS FA 37 -65.16 32.84 -3.10
C HIS FA 37 -66.41 33.69 -2.85
N LEU FA 38 -66.25 34.74 -2.05
CA LEU FA 38 -67.35 35.60 -1.69
C LEU FA 38 -67.98 36.23 -2.93
N LEU FA 39 -67.17 36.85 -3.78
CA LEU FA 39 -67.66 37.46 -5.01
C LEU FA 39 -68.25 36.37 -5.88
N ALA FA 40 -67.55 35.24 -5.95
CA ALA FA 40 -67.99 34.11 -6.77
C ALA FA 40 -69.33 33.59 -6.29
N TRP FA 41 -69.47 33.44 -4.97
CA TRP FA 41 -70.70 32.95 -4.38
C TRP FA 41 -71.89 33.74 -4.88
N LEU FA 42 -71.68 35.04 -5.09
CA LEU FA 42 -72.74 35.92 -5.59
C LEU FA 42 -73.04 35.64 -7.07
N TYR FA 43 -71.98 35.57 -7.87
CA TYR FA 43 -72.09 35.32 -9.31
C TYR FA 43 -72.65 33.95 -9.65
N ARG FA 44 -71.86 32.91 -9.41
CA ARG FA 44 -72.33 31.58 -9.69
C ARG FA 44 -72.57 30.78 -8.43
N PRO FA 45 -73.84 30.56 -8.09
CA PRO FA 45 -74.21 29.79 -6.91
C PRO FA 45 -74.02 28.32 -7.24
N TRP FA 46 -73.61 27.50 -6.28
CA TRP FA 46 -73.39 26.10 -6.58
C TRP FA 46 -74.02 25.09 -5.62
N LEU FA 47 -73.32 24.71 -4.57
CA LEU FA 47 -73.82 23.71 -3.65
C LEU FA 47 -74.08 22.54 -4.55
N PHE GA 2 -55.88 12.28 27.07
CA PHE GA 2 -56.97 11.33 27.44
C PHE GA 2 -56.41 9.99 27.91
N THR GA 3 -56.75 8.93 27.20
CA THR GA 3 -56.28 7.59 27.54
C THR GA 3 -54.76 7.51 27.39
N MET GA 4 -54.28 7.79 26.19
CA MET GA 4 -52.86 7.75 25.89
C MET GA 4 -52.15 9.05 26.23
N ASN GA 5 -52.94 10.11 26.42
CA ASN GA 5 -52.38 11.43 26.71
C ASN GA 5 -51.44 11.58 27.90
N ALA GA 6 -51.74 10.91 29.02
CA ALA GA 6 -50.94 11.05 30.23
C ALA GA 6 -49.41 10.85 30.16
N ASN GA 7 -48.94 9.72 29.64
CA ASN GA 7 -47.50 9.52 29.54
C ASN GA 7 -46.96 9.47 28.12
N LEU GA 8 -47.81 9.80 27.15
CA LEU GA 8 -47.40 9.79 25.75
C LEU GA 8 -46.31 10.82 25.51
N TYR GA 9 -46.19 11.77 26.44
CA TYR GA 9 -45.21 12.85 26.34
C TYR GA 9 -43.78 12.39 26.05
N LYS GA 10 -43.41 11.21 26.57
CA LYS GA 10 -42.05 10.68 26.38
C LYS GA 10 -41.68 10.31 24.94
N ILE GA 11 -42.68 10.19 24.06
CA ILE GA 11 -42.41 9.79 22.67
C ILE GA 11 -41.62 10.82 21.88
N TRP GA 12 -41.62 12.07 22.35
CA TRP GA 12 -40.89 13.12 21.66
C TRP GA 12 -39.38 12.95 21.73
N LEU GA 13 -38.92 11.89 22.38
CA LEU GA 13 -37.49 11.61 22.47
C LEU GA 13 -37.13 10.67 21.34
N ILE GA 14 -38.16 10.25 20.58
CA ILE GA 14 -37.99 9.34 19.45
C ILE GA 14 -38.56 9.92 18.16
N LEU GA 15 -39.26 11.04 18.28
CA LEU GA 15 -39.87 11.67 17.12
C LEU GA 15 -39.52 13.15 17.10
N ASP GA 16 -38.41 13.49 16.47
CA ASP GA 16 -37.99 14.89 16.40
C ASP GA 16 -39.15 15.70 15.85
N PRO GA 17 -39.40 16.90 16.43
CA PRO GA 17 -40.51 17.76 15.99
C PRO GA 17 -40.47 18.16 14.52
N ARG GA 18 -39.45 18.94 14.17
CA ARG GA 18 -39.25 19.45 12.81
C ARG GA 18 -39.60 18.41 11.75
N ARG GA 19 -39.04 17.22 11.92
CA ARG GA 19 -39.24 16.12 10.99
C ARG GA 19 -40.63 15.48 11.01
N VAL GA 20 -41.19 15.32 12.20
CA VAL GA 20 -42.52 14.73 12.33
C VAL GA 20 -43.60 15.79 12.06
N LEU GA 21 -43.25 17.05 12.29
CA LEU GA 21 -44.18 18.14 12.10
C LEU GA 21 -44.37 18.50 10.62
N VAL GA 22 -43.29 18.97 9.98
CA VAL GA 22 -43.39 19.32 8.56
C VAL GA 22 -43.79 18.09 7.76
N SER GA 23 -43.30 16.91 8.20
CA SER GA 23 -43.62 15.66 7.53
C SER GA 23 -45.13 15.47 7.43
N ILE GA 24 -45.80 15.49 8.58
CA ILE GA 24 -47.24 15.31 8.61
C ILE GA 24 -47.95 16.34 7.73
N VAL GA 25 -47.42 17.55 7.70
CA VAL GA 25 -48.00 18.62 6.89
C VAL GA 25 -48.22 18.16 5.45
N ALA GA 26 -47.13 17.81 4.78
CA ALA GA 26 -47.18 17.39 3.38
C ALA GA 26 -48.02 16.14 3.13
N PHE GA 27 -47.94 15.16 4.04
CA PHE GA 27 -48.71 13.93 3.88
C PHE GA 27 -50.20 14.15 4.10
N GLN GA 28 -50.52 15.07 5.01
CA GLN GA 28 -51.92 15.37 5.31
C GLN GA 28 -52.56 16.17 4.18
N ILE GA 29 -51.90 17.23 3.75
CA ILE GA 29 -52.44 18.07 2.68
C ILE GA 29 -52.89 17.20 1.51
N VAL GA 30 -51.95 16.47 0.91
CA VAL GA 30 -52.29 15.58 -0.19
C VAL GA 30 -53.39 14.62 0.23
N LEU GA 31 -53.29 14.10 1.45
CA LEU GA 31 -54.28 13.16 1.98
C LEU GA 31 -55.68 13.71 1.85
N GLY GA 32 -55.78 15.04 1.89
CA GLY GA 32 -57.08 15.68 1.77
C GLY GA 32 -57.53 15.70 0.32
N LEU GA 33 -56.66 16.22 -0.55
CA LEU GA 33 -56.98 16.27 -1.97
C LEU GA 33 -57.37 14.89 -2.44
N LEU GA 34 -56.58 13.91 -2.02
CA LEU GA 34 -56.84 12.52 -2.39
C LEU GA 34 -58.25 12.14 -2.01
N ILE GA 35 -58.77 12.77 -0.96
CA ILE GA 35 -60.12 12.50 -0.48
C ILE GA 35 -61.15 13.22 -1.34
N HIS GA 36 -61.14 14.55 -1.31
CA HIS GA 36 -62.08 15.32 -2.12
C HIS GA 36 -62.15 14.58 -3.46
N MET GA 37 -60.99 14.43 -4.08
CA MET GA 37 -60.83 13.74 -5.35
C MET GA 37 -61.71 12.49 -5.39
N ILE GA 38 -61.38 11.51 -4.55
CA ILE GA 38 -62.14 10.27 -4.49
C ILE GA 38 -63.61 10.50 -4.16
N VAL GA 39 -63.87 11.43 -3.25
CA VAL GA 39 -65.23 11.74 -2.85
C VAL GA 39 -66.00 12.43 -3.97
N LEU GA 40 -65.40 13.48 -4.52
CA LEU GA 40 -65.97 14.28 -5.59
C LEU GA 40 -66.20 13.49 -6.88
N SER GA 41 -65.57 12.33 -6.99
CA SER GA 41 -65.71 11.51 -8.19
C SER GA 41 -67.14 11.05 -8.44
N THR GA 42 -67.70 10.27 -7.51
CA THR GA 42 -69.06 9.75 -7.64
C THR GA 42 -70.08 10.17 -6.59
N ASP GA 43 -69.72 10.01 -5.31
CA ASP GA 43 -70.63 10.37 -4.21
C ASP GA 43 -71.58 11.47 -4.63
N LEU GA 44 -71.03 12.67 -4.79
CA LEU GA 44 -71.81 13.83 -5.19
C LEU GA 44 -70.88 14.85 -5.80
N ASN GA 45 -70.96 15.01 -7.12
CA ASN GA 45 -70.12 15.98 -7.80
C ASN GA 45 -70.81 17.33 -7.71
N TRP GA 46 -70.97 17.81 -6.48
CA TRP GA 46 -71.64 19.08 -6.19
C TRP GA 46 -71.61 20.10 -7.31
N LEU GA 47 -70.47 20.24 -7.98
CA LEU GA 47 -70.35 21.17 -9.10
C LEU GA 47 -71.57 21.00 -9.99
N ASP GA 48 -71.62 19.88 -10.71
CA ASP GA 48 -72.77 19.58 -11.58
C ASP GA 48 -73.48 18.38 -10.95
N ASP GA 49 -74.60 18.63 -10.29
CA ASP GA 49 -75.31 17.56 -9.61
C ASP GA 49 -76.77 17.91 -9.31
N ASN GA 50 -76.96 19.05 -8.67
CA ASN GA 50 -78.28 19.51 -8.27
C ASN GA 50 -78.60 20.86 -8.91
N ILE GA 51 -78.26 21.92 -8.19
CA ILE GA 51 -78.51 23.28 -8.65
C ILE GA 51 -77.25 24.11 -8.45
N PRO GA 52 -77.16 25.27 -9.11
CA PRO GA 52 -78.14 25.87 -10.02
C PRO GA 52 -77.98 25.41 -11.46
N THR HA 8 -35.77 12.75 19.55
CA THR HA 8 -34.69 12.82 20.58
C THR HA 8 -34.04 14.21 20.59
N GLY HA 9 -32.76 14.26 20.94
CA GLY HA 9 -32.05 15.53 20.97
C GLY HA 9 -32.48 16.39 22.15
N LEU HA 10 -33.44 15.90 22.90
CA LEU HA 10 -33.96 16.61 24.07
C LEU HA 10 -34.00 15.73 25.33
N THR HA 11 -34.49 16.32 26.41
CA THR HA 11 -34.60 15.64 27.70
C THR HA 11 -36.05 15.70 28.17
N ASP HA 12 -36.40 14.90 29.17
CA ASP HA 12 -37.77 14.87 29.70
C ASP HA 12 -38.37 16.25 29.92
N ASP HA 13 -37.71 17.07 30.76
CA ASP HA 13 -38.17 18.42 31.07
C ASP HA 13 -38.50 19.24 29.83
N GLU HA 14 -37.56 19.26 28.89
CA GLU HA 14 -37.67 20.02 27.66
C GLU HA 14 -38.83 19.60 26.76
N ALA HA 15 -38.72 18.42 26.17
CA ALA HA 15 -39.72 17.87 25.27
C ALA HA 15 -41.13 17.94 25.85
N LYS HA 16 -41.21 17.87 27.18
CA LYS HA 16 -42.47 17.92 27.89
C LYS HA 16 -43.24 19.23 27.67
N GLU HA 17 -42.53 20.34 27.77
CA GLU HA 17 -43.11 21.67 27.60
C GLU HA 17 -43.64 21.88 26.19
N PHE HA 18 -43.09 21.15 25.24
CA PHE HA 18 -43.53 21.27 23.85
C PHE HA 18 -44.54 20.19 23.51
N HIS HA 19 -44.65 19.13 24.31
CA HIS HA 19 -45.62 18.08 24.00
C HIS HA 19 -46.95 18.74 24.03
N ALA HA 20 -47.18 19.49 25.11
CA ALA HA 20 -48.46 20.17 25.23
C ALA HA 20 -48.72 21.09 24.05
N ILE HA 21 -47.87 22.11 23.90
CA ILE HA 21 -48.06 23.06 22.81
C ILE HA 21 -48.47 22.37 21.51
N PHE HA 22 -47.70 21.36 21.09
CA PHE HA 22 -48.04 20.63 19.87
C PHE HA 22 -49.47 20.14 19.98
N MET HA 23 -49.65 19.13 20.84
CA MET HA 23 -50.93 18.50 21.06
C MET HA 23 -52.12 19.45 20.95
N GLN HA 24 -52.08 20.57 21.66
CA GLN HA 24 -53.18 21.52 21.60
C GLN HA 24 -53.52 21.83 20.15
N SER HA 25 -52.50 22.20 19.38
CA SER HA 25 -52.73 22.55 17.99
C SER HA 25 -53.36 21.44 17.15
N MET HA 26 -52.74 20.26 17.11
CA MET HA 26 -53.28 19.15 16.33
C MET HA 26 -54.79 19.04 16.56
N TYR HA 27 -55.21 19.33 17.79
CA TYR HA 27 -56.63 19.28 18.11
C TYR HA 27 -57.30 20.56 17.65
N ALA HA 28 -56.61 21.70 17.80
CA ALA HA 28 -57.15 22.96 17.31
C ALA HA 28 -57.61 22.70 15.88
N TRP HA 29 -56.85 21.87 15.15
CA TRP HA 29 -57.20 21.48 13.79
C TRP HA 29 -58.10 20.26 13.86
N PHE HA 30 -57.76 19.28 14.70
CA PHE HA 30 -58.65 18.12 14.75
C PHE HA 30 -60.09 18.55 15.00
N GLY HA 31 -60.16 19.79 15.53
CA GLY HA 31 -61.44 20.40 15.81
C GLY HA 31 -61.81 21.26 14.62
N LEU HA 32 -60.89 22.16 14.25
CA LEU HA 32 -61.10 23.00 13.07
C LEU HA 32 -61.71 22.19 11.93
N VAL HA 33 -61.32 20.90 11.93
CA VAL HA 33 -61.81 19.99 10.91
C VAL HA 33 -63.14 19.37 11.36
N VAL HA 34 -63.31 19.11 12.64
CA VAL HA 34 -64.57 18.56 13.08
C VAL HA 34 -65.63 19.52 12.54
N ILE HA 35 -65.43 20.83 12.71
CA ILE HA 35 -66.41 21.79 12.21
C ILE HA 35 -66.60 21.61 10.71
N ALA HA 36 -65.55 21.18 10.02
CA ALA HA 36 -65.64 20.97 8.57
C ALA HA 36 -66.68 19.89 8.27
N HIS HA 37 -66.46 18.71 8.82
CA HIS HA 37 -67.38 17.59 8.62
C HIS HA 37 -68.77 18.09 9.07
N LEU HA 38 -68.79 18.77 10.22
CA LEU HA 38 -69.98 19.33 10.82
C LEU HA 38 -70.87 20.09 9.84
N LEU HA 39 -70.39 21.24 9.34
CA LEU HA 39 -71.15 22.06 8.41
C LEU HA 39 -71.58 21.24 7.19
N ALA HA 40 -70.70 20.33 6.77
CA ALA HA 40 -70.99 19.51 5.61
C ALA HA 40 -72.23 18.64 5.83
N TRP HA 41 -72.13 17.71 6.77
CA TRP HA 41 -73.23 16.80 7.04
C TRP HA 41 -74.55 17.56 7.17
N LEU HA 42 -74.46 18.72 7.79
CA LEU HA 42 -75.64 19.56 7.92
C LEU HA 42 -76.23 19.88 6.56
N TYR HA 43 -75.42 20.53 5.73
CA TYR HA 43 -75.85 20.86 4.37
C TYR HA 43 -76.28 19.56 3.73
N ARG HA 44 -75.33 18.81 3.20
CA ARG HA 44 -75.65 17.53 2.59
C ARG HA 44 -75.27 16.38 3.51
N PRO HA 45 -76.10 15.33 3.55
CA PRO HA 45 -75.84 14.18 4.41
C PRO HA 45 -75.35 12.96 3.61
N TRP HA 46 -74.40 12.20 4.16
CA TRP HA 46 -73.88 11.05 3.44
C TRP HA 46 -74.02 9.73 4.20
N LEU HA 47 -73.75 8.65 3.45
CA LEU HA 47 -73.81 7.25 3.90
C LEU HA 47 -74.45 6.35 2.85
N PHE IA 2 -52.47 -10.56 28.66
CA PHE IA 2 -53.05 -11.93 28.52
C PHE IA 2 -52.03 -13.04 28.34
N THR IA 3 -52.38 -14.04 27.53
CA THR IA 3 -51.52 -15.18 27.26
C THR IA 3 -50.09 -14.85 26.85
N MET IA 4 -49.93 -14.17 25.73
CA MET IA 4 -48.59 -13.82 25.25
C MET IA 4 -47.97 -12.60 25.90
N ASN IA 5 -48.68 -11.97 26.83
CA ASN IA 5 -48.19 -10.79 27.50
C ASN IA 5 -46.95 -10.95 28.39
N ALA IA 6 -46.82 -12.12 29.01
CA ALA IA 6 -45.73 -12.46 29.93
C ALA IA 6 -44.29 -12.07 29.58
N ASN IA 7 -43.82 -12.38 28.37
CA ASN IA 7 -42.44 -12.08 28.00
C ASN IA 7 -42.26 -11.27 26.72
N LEU IA 8 -43.22 -10.42 26.40
CA LEU IA 8 -43.13 -9.63 25.19
C LEU IA 8 -42.34 -8.33 25.35
N TYR IA 9 -41.73 -8.14 26.52
CA TYR IA 9 -40.95 -6.93 26.76
C TYR IA 9 -39.54 -7.12 26.25
N LYS IA 10 -39.13 -8.38 26.19
CA LYS IA 10 -37.80 -8.76 25.75
C LYS IA 10 -37.54 -8.52 24.25
N ILE IA 11 -38.61 -8.56 23.45
CA ILE IA 11 -38.53 -8.37 22.00
C ILE IA 11 -37.82 -7.09 21.55
N TRP IA 12 -37.86 -6.07 22.39
CA TRP IA 12 -37.28 -4.77 22.06
C TRP IA 12 -35.79 -4.62 21.86
N LEU IA 13 -35.02 -5.66 22.14
CA LEU IA 13 -33.59 -5.59 21.89
C LEU IA 13 -33.45 -5.81 20.40
N ILE IA 14 -34.21 -6.78 19.89
CA ILE IA 14 -34.20 -7.09 18.47
C ILE IA 14 -34.81 -5.94 17.68
N LEU IA 15 -36.12 -5.75 17.85
CA LEU IA 15 -36.85 -4.70 17.16
C LEU IA 15 -36.56 -3.30 17.70
N ASP IA 16 -35.74 -2.56 16.95
CA ASP IA 16 -35.38 -1.21 17.31
C ASP IA 16 -36.58 -0.27 17.26
N PRO IA 17 -36.65 0.72 18.18
CA PRO IA 17 -37.79 1.64 18.17
C PRO IA 17 -37.83 2.47 16.89
N ARG IA 18 -36.72 3.08 16.52
CA ARG IA 18 -36.66 3.90 15.30
C ARG IA 18 -36.88 3.09 14.03
N ARG IA 19 -36.27 1.90 13.98
CA ARG IA 19 -36.35 1.00 12.84
C ARG IA 19 -37.74 0.46 12.53
N VAL IA 20 -38.48 0.09 13.57
CA VAL IA 20 -39.81 -0.47 13.36
C VAL IA 20 -40.99 0.31 13.91
N LEU IA 21 -40.74 1.49 14.49
CA LEU IA 21 -41.84 2.30 15.01
C LEU IA 21 -42.59 2.96 13.87
N VAL IA 22 -41.84 3.60 12.99
CA VAL IA 22 -42.41 4.28 11.85
C VAL IA 22 -42.82 3.31 10.75
N SER IA 23 -42.05 2.23 10.59
CA SER IA 23 -42.34 1.22 9.58
C SER IA 23 -43.80 0.81 9.66
N ILE IA 24 -44.31 0.68 10.88
CA ILE IA 24 -45.70 0.31 11.10
C ILE IA 24 -46.60 1.46 10.66
N VAL IA 25 -46.25 2.66 11.07
CA VAL IA 25 -47.01 3.85 10.72
C VAL IA 25 -47.21 3.89 9.20
N ALA IA 26 -46.24 3.35 8.48
CA ALA IA 26 -46.30 3.31 7.03
C ALA IA 26 -47.35 2.30 6.58
N PHE IA 27 -47.20 1.06 6.99
CA PHE IA 27 -48.14 0.00 6.63
C PHE IA 27 -49.57 0.42 6.94
N GLN IA 28 -49.79 0.87 8.17
CA GLN IA 28 -51.13 1.29 8.59
C GLN IA 28 -51.75 2.24 7.59
N ILE IA 29 -51.07 3.35 7.32
CA ILE IA 29 -51.57 4.35 6.39
C ILE IA 29 -51.84 3.75 5.00
N VAL IA 30 -50.96 2.86 4.55
CA VAL IA 30 -51.13 2.23 3.25
C VAL IA 30 -52.34 1.31 3.28
N LEU IA 31 -52.52 0.62 4.41
CA LEU IA 31 -53.64 -0.29 4.59
C LEU IA 31 -54.94 0.50 4.62
N GLY IA 32 -54.95 1.56 5.43
CA GLY IA 32 -56.14 2.39 5.55
C GLY IA 32 -56.80 2.69 4.23
N LEU IA 33 -56.08 3.39 3.36
CA LEU IA 33 -56.61 3.74 2.05
C LEU IA 33 -57.02 2.46 1.32
N LEU IA 34 -56.14 1.47 1.35
CA LEU IA 34 -56.40 0.19 0.70
C LEU IA 34 -57.77 -0.37 1.06
N ILE IA 35 -58.03 -0.46 2.37
CA ILE IA 35 -59.30 -0.99 2.86
C ILE IA 35 -60.50 -0.17 2.40
N HIS IA 36 -60.46 1.15 2.62
CA HIS IA 36 -61.56 2.00 2.19
C HIS IA 36 -61.74 1.87 0.68
N MET IA 37 -60.61 1.77 -0.03
CA MET IA 37 -60.59 1.69 -1.48
C MET IA 37 -61.26 0.41 -1.98
N ILE IA 38 -60.77 -0.73 -1.49
CA ILE IA 38 -61.30 -2.03 -1.88
C ILE IA 38 -62.76 -2.20 -1.49
N VAL IA 39 -63.14 -1.64 -0.35
CA VAL IA 39 -64.53 -1.74 0.11
C VAL IA 39 -65.46 -0.95 -0.78
N LEU IA 40 -64.98 0.22 -1.19
CA LEU IA 40 -65.75 1.12 -2.02
C LEU IA 40 -66.01 0.60 -3.44
N SER IA 41 -65.02 -0.09 -4.01
CA SER IA 41 -65.11 -0.64 -5.35
C SER IA 41 -66.27 -1.59 -5.65
N THR IA 42 -66.57 -2.52 -4.74
CA THR IA 42 -67.63 -3.48 -5.02
C THR IA 42 -68.79 -3.61 -4.02
N ASP IA 43 -68.48 -3.94 -2.77
CA ASP IA 43 -69.50 -4.11 -1.75
C ASP IA 43 -70.59 -3.06 -1.78
N LEU IA 44 -70.45 -2.06 -0.91
CA LEU IA 44 -71.41 -0.99 -0.81
C LEU IA 44 -70.74 0.35 -1.06
N ASN IA 45 -70.79 0.81 -2.31
CA ASN IA 45 -70.19 2.08 -2.68
C ASN IA 45 -71.05 3.14 -2.00
N TRP IA 46 -71.10 3.07 -0.68
CA TRP IA 46 -71.89 3.98 0.14
C TRP IA 46 -71.91 5.42 -0.35
N LEU IA 47 -70.75 5.87 -0.88
CA LEU IA 47 -70.55 7.24 -1.37
C LEU IA 47 -71.71 7.77 -2.23
N ASP IA 48 -71.98 7.11 -3.36
CA ASP IA 48 -73.05 7.54 -4.28
C ASP IA 48 -73.97 6.41 -4.75
N ASP IA 49 -74.60 5.70 -3.82
CA ASP IA 49 -75.46 4.61 -4.22
C ASP IA 49 -76.95 4.76 -3.96
N ASN IA 50 -77.33 5.04 -2.72
CA ASN IA 50 -78.75 5.14 -2.38
C ASN IA 50 -79.10 6.17 -1.32
N ILE IA 51 -78.12 6.59 -0.53
CA ILE IA 51 -78.41 7.55 0.51
C ILE IA 51 -77.34 8.59 0.73
N PRO IA 52 -77.70 9.67 1.42
CA PRO IA 52 -79.06 9.88 1.95
C PRO IA 52 -80.12 10.38 0.96
N VAL IA 53 -79.74 11.33 0.11
CA VAL IA 53 -80.68 11.92 -0.83
C VAL IA 53 -80.44 11.62 -2.29
N SER IA 54 -79.41 10.83 -2.59
CA SER IA 54 -79.14 10.49 -3.99
C SER IA 54 -79.38 11.70 -4.91
N TYR IA 55 -78.91 12.86 -4.48
CA TYR IA 55 -79.10 14.10 -5.21
C TYR IA 55 -78.56 14.17 -6.63
N GLN IA 56 -77.34 13.68 -6.87
CA GLN IA 56 -76.75 13.74 -8.20
C GLN IA 56 -77.74 13.30 -9.28
N ALA IA 57 -78.59 12.33 -8.95
CA ALA IA 57 -79.58 11.83 -9.91
C ALA IA 57 -80.72 12.81 -10.08
N LEU IA 58 -81.06 13.51 -9.00
CA LEU IA 58 -82.16 14.47 -9.02
C LEU IA 58 -81.87 15.68 -9.91
N GLY IA 59 -80.64 16.17 -9.88
CA GLY IA 59 -80.28 17.32 -10.69
C GLY IA 59 -79.94 16.95 -12.12
N LYS IA 60 -79.12 15.92 -12.29
CA LYS IA 60 -78.73 15.46 -13.62
C LYS IA 60 -80.00 15.18 -14.44
N LYS IA 61 -80.97 14.56 -13.77
CA LYS IA 61 -82.24 14.24 -14.40
C LYS IA 61 -83.20 15.41 -14.23
N THR JA 8 -29.03 -3.63 18.44
CA THR JA 8 -30.17 -2.94 19.11
C THR JA 8 -29.78 -1.47 19.45
N GLY JA 9 -30.07 -1.06 20.67
CA GLY JA 9 -29.75 0.29 21.11
C GLY JA 9 -30.42 0.64 22.43
N LEU JA 10 -30.55 -0.36 23.29
CA LEU JA 10 -31.17 -0.22 24.60
C LEU JA 10 -30.60 -1.33 25.49
N THR JA 11 -31.11 -1.45 26.71
CA THR JA 11 -30.71 -2.51 27.66
C THR JA 11 -32.05 -3.10 28.14
N ASP JA 12 -32.04 -3.94 29.17
CA ASP JA 12 -33.28 -4.54 29.64
C ASP JA 12 -34.27 -3.56 30.23
N ASP JA 13 -33.77 -2.63 31.04
CA ASP JA 13 -34.62 -1.63 31.67
C ASP JA 13 -35.38 -0.79 30.64
N GLU JA 14 -34.66 -0.01 29.85
CA GLU JA 14 -35.30 0.83 28.84
C GLU JA 14 -36.24 0.01 27.97
N ALA JA 15 -35.90 -1.24 27.71
CA ALA JA 15 -36.75 -2.11 26.91
C ALA JA 15 -38.10 -2.29 27.59
N LYS JA 16 -38.09 -2.35 28.91
CA LYS JA 16 -39.32 -2.53 29.68
C LYS JA 16 -40.13 -1.25 29.63
N GLU JA 17 -39.45 -0.15 29.95
CA GLU JA 17 -40.05 1.17 29.98
C GLU JA 17 -40.85 1.53 28.71
N PHE JA 18 -40.32 1.20 27.54
CA PHE JA 18 -40.97 1.50 26.29
C PHE JA 18 -42.10 0.49 26.03
N HIS JA 19 -41.80 -0.79 26.20
CA HIS JA 19 -42.80 -1.82 25.96
C HIS JA 19 -44.12 -1.47 26.61
N ALA JA 20 -44.05 -0.80 27.75
CA ALA JA 20 -45.27 -0.41 28.45
C ALA JA 20 -45.95 0.79 27.81
N ILE JA 21 -45.31 1.95 27.93
CA ILE JA 21 -45.83 3.21 27.40
C ILE JA 21 -46.48 3.04 26.01
N PHE JA 22 -45.77 2.39 25.10
CA PHE JA 22 -46.31 2.18 23.76
C PHE JA 22 -47.47 1.20 23.77
N MET JA 23 -47.30 0.10 24.49
CA MET JA 23 -48.35 -0.92 24.53
C MET JA 23 -49.70 -0.33 24.86
N GLN JA 24 -49.70 0.70 25.68
CA GLN JA 24 -50.92 1.36 26.05
C GLN JA 24 -51.39 2.19 24.85
N SER JA 25 -50.44 2.64 24.03
CA SER JA 25 -50.74 3.40 22.83
C SER JA 25 -51.24 2.51 21.68
N MET JA 26 -50.61 1.35 21.47
CA MET JA 26 -51.04 0.45 20.40
C MET JA 26 -52.52 0.12 20.58
N TYR JA 27 -52.86 -0.47 21.72
CA TYR JA 27 -54.27 -0.80 21.99
C TYR JA 27 -55.11 0.43 21.70
N ALA JA 28 -54.64 1.57 22.17
CA ALA JA 28 -55.34 2.83 21.96
C ALA JA 28 -55.97 2.86 20.57
N TRP JA 29 -55.14 2.72 19.57
CA TRP JA 29 -55.62 2.69 18.20
C TRP JA 29 -56.69 1.64 18.11
N PHE JA 30 -56.27 0.45 18.47
CA PHE JA 30 -57.12 -0.73 18.41
C PHE JA 30 -58.52 -0.50 18.96
N GLY JA 31 -58.61 -0.13 20.23
CA GLY JA 31 -59.92 0.13 20.81
C GLY JA 31 -60.62 1.08 19.86
N LEU JA 32 -59.94 2.20 19.58
CA LEU JA 32 -60.52 3.14 18.63
C LEU JA 32 -61.01 2.42 17.38
N VAL JA 33 -60.24 1.42 16.99
CA VAL JA 33 -60.60 0.65 15.81
C VAL JA 33 -61.96 -0.01 15.98
N VAL JA 34 -62.04 -0.94 16.91
CA VAL JA 34 -63.29 -1.65 17.14
C VAL JA 34 -64.54 -0.76 17.25
N ILE JA 35 -64.45 0.35 17.97
CA ILE JA 35 -65.62 1.23 18.11
C ILE JA 35 -66.10 1.70 16.77
N ALA JA 36 -65.16 1.93 15.86
CA ALA JA 36 -65.54 2.37 14.53
C ALA JA 36 -65.76 1.19 13.60
N HIS JA 37 -65.10 0.06 13.87
CA HIS JA 37 -65.32 -1.10 13.03
C HIS JA 37 -66.67 -1.65 13.43
N LEU JA 38 -67.01 -1.46 14.71
CA LEU JA 38 -68.28 -1.93 15.24
C LEU JA 38 -69.43 -1.05 14.75
N LEU JA 39 -69.27 0.26 15.02
CA LEU JA 39 -70.24 1.25 14.59
C LEU JA 39 -70.66 0.97 13.15
N ALA JA 40 -69.71 0.52 12.35
CA ALA JA 40 -69.96 0.20 10.96
C ALA JA 40 -70.86 -1.01 10.90
N TRP JA 41 -70.44 -2.09 11.55
CA TRP JA 41 -71.21 -3.33 11.59
C TRP JA 41 -72.66 -3.05 12.02
N LEU JA 42 -72.81 -2.26 13.08
CA LEU JA 42 -74.11 -1.90 13.62
C LEU JA 42 -74.96 -1.11 12.62
N TYR JA 43 -74.44 0.03 12.17
CA TYR JA 43 -75.12 0.89 11.21
C TYR JA 43 -75.43 0.18 9.88
N ARG JA 44 -74.39 -0.27 9.20
CA ARG JA 44 -74.56 -0.97 7.92
C ARG JA 44 -73.81 -2.28 7.92
N PRO JA 45 -74.51 -3.41 7.76
CA PRO JA 45 -73.83 -4.70 7.76
C PRO JA 45 -73.23 -5.11 6.43
N TRP JA 46 -72.01 -5.65 6.46
CA TRP JA 46 -71.36 -6.10 5.25
C TRP JA 46 -71.72 -7.57 5.11
N LEU JA 47 -70.76 -8.48 5.21
CA LEU JA 47 -71.03 -9.92 5.08
C LEU JA 47 -71.01 -10.42 3.64
N SER KA 17 49.28 -16.76 24.94
CA SER KA 17 48.26 -16.16 24.03
C SER KA 17 46.92 -16.91 24.06
N VAL KA 18 46.30 -17.04 25.22
CA VAL KA 18 45.03 -17.74 25.34
C VAL KA 18 44.38 -17.43 26.69
N MET KA 19 43.08 -17.69 26.78
CA MET KA 19 42.30 -17.46 27.98
C MET KA 19 42.60 -18.50 29.08
N LEU KA 20 42.52 -18.10 30.35
CA LEU KA 20 42.80 -19.02 31.46
C LEU KA 20 42.00 -18.79 32.74
N LEU KA 21 41.99 -19.85 33.54
CA LEU KA 21 41.35 -19.90 34.84
C LEU KA 21 42.38 -20.52 35.79
N GLY KA 22 42.63 -19.82 36.88
CA GLY KA 22 43.59 -20.26 37.90
C GLY KA 22 44.13 -21.69 37.90
N CYS KA 23 45.45 -21.82 37.96
CA CYS KA 23 46.05 -23.15 37.94
C CYS KA 23 46.30 -23.60 39.37
N GLU KA 24 45.60 -23.00 40.33
CA GLU KA 24 45.76 -23.36 41.74
C GLU KA 24 44.43 -23.70 42.41
N GLY KA 25 44.34 -24.92 42.93
CA GLY KA 25 43.13 -25.35 43.61
C GLY KA 25 42.97 -24.61 44.91
N PRO KA 26 41.75 -24.22 45.30
CA PRO KA 26 41.47 -23.49 46.55
C PRO KA 26 41.56 -24.43 47.74
N PRO KA 27 41.48 -23.90 48.96
CA PRO KA 27 41.34 -22.48 49.28
C PRO KA 27 42.72 -21.98 49.62
N PRO KA 28 42.99 -20.71 49.35
CA PRO KA 28 44.32 -20.20 49.67
C PRO KA 28 44.51 -19.59 51.07
N GLY KA 29 45.60 -18.81 51.20
CA GLY KA 29 45.94 -18.15 52.45
C GLY KA 29 44.97 -17.03 52.75
N THR KA 30 45.13 -16.36 53.87
CA THR KA 30 44.19 -15.32 54.25
C THR KA 30 44.67 -14.45 55.38
N GLU KA 31 45.48 -13.46 55.05
CA GLU KA 31 46.00 -12.55 56.06
C GLU KA 31 45.30 -11.20 55.89
N GLN KA 32 44.63 -10.73 56.94
CA GLN KA 32 43.93 -9.45 56.89
C GLN KA 32 44.82 -8.30 57.33
N ILE KA 33 45.52 -7.70 56.38
CA ILE KA 33 46.41 -6.59 56.71
C ILE KA 33 45.67 -5.33 57.11
N GLY KA 34 44.51 -5.08 56.51
CA GLY KA 34 43.76 -3.87 56.83
C GLY KA 34 42.46 -4.01 57.61
N TYR KA 35 41.78 -2.88 57.84
CA TYR KA 35 40.52 -2.84 58.57
C TYR KA 35 39.45 -3.72 57.92
N ARG KA 36 38.59 -4.35 58.71
CA ARG KA 36 37.54 -5.22 58.15
C ARG KA 36 36.97 -4.63 56.87
N GLY KA 37 37.32 -5.24 55.75
CA GLY KA 37 36.81 -4.78 54.47
C GLY KA 37 37.28 -3.42 54.00
N VAL KA 38 38.53 -3.33 53.59
CA VAL KA 38 39.02 -2.09 53.04
C VAL KA 38 39.95 -2.38 51.88
N GLY KA 39 40.64 -3.52 51.94
CA GLY KA 39 41.50 -3.86 50.83
C GLY KA 39 42.64 -4.84 51.02
N MET KA 40 43.79 -4.30 51.47
CA MET KA 40 45.04 -5.02 51.72
C MET KA 40 44.78 -6.35 52.35
N GLU KA 41 44.93 -7.44 51.56
CA GLU KA 41 44.73 -8.77 52.09
C GLU KA 41 45.84 -9.55 51.47
N ASN KA 42 45.99 -10.77 51.88
CA ASN KA 42 47.02 -11.57 51.26
C ASN KA 42 46.70 -13.05 51.14
N TYR KA 43 46.87 -13.52 49.93
CA TYR KA 43 46.50 -14.89 49.59
C TYR KA 43 47.70 -15.73 49.18
N TYR KA 44 47.84 -16.88 49.85
CA TYR KA 44 48.94 -17.82 49.60
C TYR KA 44 48.53 -19.27 49.51
N ASN KA 45 49.14 -19.99 48.57
CA ASN KA 45 48.85 -21.41 48.39
C ASN KA 45 49.46 -22.25 49.52
N LYS KA 46 48.63 -22.85 50.38
CA LYS KA 46 49.13 -23.67 51.47
C LYS KA 46 50.08 -24.72 50.92
N ARG KA 47 49.66 -25.44 49.89
CA ARG KA 47 50.48 -26.47 49.30
C ARG KA 47 51.84 -25.93 48.91
N GLN KA 48 52.05 -24.63 49.07
CA GLN KA 48 53.36 -24.07 48.74
C GLN KA 48 54.06 -23.59 50.01
N ARG KA 49 53.39 -22.70 50.73
CA ARG KA 49 53.90 -22.16 51.99
C ARG KA 49 54.39 -23.35 52.83
N ALA KA 50 53.94 -24.53 52.48
CA ALA KA 50 54.36 -25.73 53.19
C ALA KA 50 55.76 -26.10 52.73
N LEU KA 51 55.88 -26.65 51.52
CA LEU KA 51 57.20 -27.02 51.05
C LEU KA 51 58.23 -25.96 51.37
N SER KA 52 57.95 -24.74 50.92
CA SER KA 52 58.84 -23.59 51.11
C SER KA 52 59.35 -23.48 52.54
N ILE KA 53 58.59 -24.00 53.48
CA ILE KA 53 59.04 -23.99 54.87
C ILE KA 53 59.85 -25.27 55.01
N GLN KA 54 59.17 -26.39 54.89
CA GLN KA 54 59.80 -27.71 54.96
C GLN KA 54 61.11 -27.69 54.18
N ALA KA 55 61.30 -26.69 53.32
CA ALA KA 55 62.52 -26.63 52.55
C ALA KA 55 63.42 -25.47 52.98
N ASN KA 56 62.85 -24.36 53.40
CA ASN KA 56 63.69 -23.27 53.82
C ASN KA 56 63.97 -23.46 55.34
N GLN KA 57 64.59 -24.58 55.68
CA GLN KA 57 64.90 -24.90 57.08
C GLN KA 57 66.34 -24.59 57.51
N PRO KA 58 66.50 -24.04 58.74
CA PRO KA 58 67.78 -23.66 59.34
C PRO KA 58 68.50 -24.87 59.84
N VAL KA 59 69.83 -24.81 59.85
CA VAL KA 59 70.63 -25.93 60.33
C VAL KA 59 71.02 -25.65 61.79
N GLU KA 60 70.45 -26.43 62.70
CA GLU KA 60 70.67 -26.29 64.13
C GLU KA 60 72.11 -25.91 64.45
N SER KA 61 72.27 -24.93 65.33
CA SER KA 61 73.59 -24.46 65.71
C SER KA 61 74.42 -25.48 66.47
N LEU KA 62 75.72 -25.21 66.59
CA LEU KA 62 76.68 -26.09 67.26
C LEU KA 62 76.46 -26.20 68.76
N PRO KA 63 76.98 -27.29 69.37
CA PRO KA 63 76.82 -27.47 70.81
C PRO KA 63 77.36 -26.27 71.59
N ALA KA 64 76.97 -26.19 72.86
CA ALA KA 64 77.37 -25.10 73.75
C ALA KA 64 78.79 -24.61 73.57
N ALA KA 65 79.04 -23.39 74.06
CA ALA KA 65 80.35 -22.75 73.96
C ALA KA 65 81.24 -23.20 75.12
N ASP KA 66 82.55 -22.90 75.03
CA ASP KA 66 83.47 -23.28 76.11
C ASP KA 66 83.37 -22.29 77.26
N SER KA 67 83.33 -21.00 76.92
CA SER KA 67 83.25 -19.91 77.89
C SER KA 67 84.64 -19.70 78.50
N THR KA 68 85.40 -20.80 78.58
CA THR KA 68 86.75 -20.82 79.15
C THR KA 68 87.81 -20.30 78.17
N GLY KA 69 89.06 -20.34 78.60
CA GLY KA 69 90.15 -19.89 77.74
C GLY KA 69 90.39 -18.40 77.79
N PRO KA 70 91.49 -17.92 77.20
CA PRO KA 70 91.87 -16.50 77.16
C PRO KA 70 91.16 -15.79 76.01
N LYS KA 71 91.82 -15.69 74.86
CA LYS KA 71 91.26 -15.05 73.66
C LYS KA 71 91.66 -15.82 72.40
N ALA KA 72 92.01 -15.09 71.35
CA ALA KA 72 92.40 -15.72 70.11
C ALA KA 72 93.38 -14.80 69.42
N SER KA 73 93.24 -13.51 69.69
CA SER KA 73 94.13 -12.52 69.12
C SER KA 73 95.46 -12.93 69.69
N GLU KA 74 95.37 -13.49 70.90
CA GLU KA 74 96.47 -13.99 71.70
C GLU KA 74 97.17 -15.18 71.08
N VAL KA 75 96.57 -16.35 71.26
CA VAL KA 75 97.12 -17.59 70.75
C VAL KA 75 97.36 -17.65 69.25
N TYR KA 76 96.48 -17.06 68.46
CA TYR KA 76 96.60 -17.09 66.99
C TYR KA 76 97.36 -15.97 66.35
N GLN KA 77 98.26 -16.35 65.45
CA GLN KA 77 99.10 -15.39 64.75
C GLN KA 77 98.37 -14.15 64.27
N ASN KA 78 97.24 -14.38 63.62
CA ASN KA 78 96.45 -13.29 63.04
C ASN KA 78 94.94 -13.51 63.01
N VAL KA 79 94.26 -12.90 63.98
CA VAL KA 79 92.81 -13.02 64.13
C VAL KA 79 92.25 -11.65 64.52
N GLN KA 80 91.84 -10.86 63.51
CA GLN KA 80 91.32 -9.51 63.70
C GLN KA 80 89.82 -9.45 63.95
N VAL KA 81 89.05 -10.23 63.20
CA VAL KA 81 87.61 -10.17 63.37
C VAL KA 81 87.16 -10.85 64.65
N LEU KA 82 87.70 -12.04 64.89
CA LEU KA 82 87.33 -12.82 66.08
C LEU KA 82 88.47 -12.85 67.08
N LYS KA 83 88.87 -11.69 67.58
CA LYS KA 83 89.96 -11.63 68.52
C LYS KA 83 89.56 -11.82 69.97
N ASP KA 84 88.39 -11.31 70.34
CA ASP KA 84 87.95 -11.43 71.73
C ASP KA 84 87.42 -12.81 72.13
N LEU KA 85 87.11 -13.63 71.14
CA LEU KA 85 86.60 -14.95 71.45
C LEU KA 85 87.63 -15.95 71.98
N SER KA 86 87.20 -16.73 72.97
CA SER KA 86 88.05 -17.76 73.54
C SER KA 86 88.33 -18.74 72.42
N VAL KA 87 89.52 -19.33 72.39
CA VAL KA 87 89.86 -20.29 71.34
C VAL KA 87 88.69 -21.19 70.93
N GLY KA 88 88.16 -21.98 71.88
CA GLY KA 88 87.05 -22.86 71.56
C GLY KA 88 85.96 -22.19 70.75
N GLU KA 89 85.38 -21.14 71.35
CA GLU KA 89 84.33 -20.35 70.74
C GLU KA 89 84.84 -19.95 69.37
N PHE KA 90 86.01 -19.33 69.30
CA PHE KA 90 86.58 -18.95 68.01
C PHE KA 90 86.52 -20.15 67.09
N THR KA 91 86.87 -21.32 67.59
CA THR KA 91 86.84 -22.49 66.73
C THR KA 91 85.42 -22.81 66.25
N ARG KA 92 84.44 -22.79 67.15
CA ARG KA 92 83.07 -23.08 66.72
C ARG KA 92 82.85 -22.31 65.45
N THR KA 93 83.39 -21.11 65.41
CA THR KA 93 83.25 -20.26 64.28
C THR KA 93 83.91 -20.86 63.05
N MET KA 94 85.19 -21.17 63.07
CA MET KA 94 85.80 -21.76 61.87
C MET KA 94 84.93 -22.93 61.42
N VAL KA 95 84.33 -23.62 62.38
CA VAL KA 95 83.45 -24.74 62.11
C VAL KA 95 82.19 -24.26 61.39
N ALA KA 96 81.50 -23.31 62.01
CA ALA KA 96 80.29 -22.75 61.46
C ALA KA 96 80.63 -22.18 60.10
N VAL KA 97 81.61 -21.32 60.07
CA VAL KA 97 82.06 -20.69 58.87
C VAL KA 97 82.63 -21.76 57.95
N THR KA 98 81.99 -22.91 57.96
CA THR KA 98 82.43 -24.02 57.12
C THR KA 98 81.21 -24.73 56.56
N THR KA 99 80.37 -25.20 57.47
CA THR KA 99 79.14 -25.85 57.10
C THR KA 99 78.24 -24.80 56.42
N TRP KA 100 78.15 -23.62 57.04
CA TRP KA 100 77.36 -22.56 56.45
C TRP KA 100 77.95 -22.22 55.12
N VAL KA 101 79.23 -22.40 54.94
CA VAL KA 101 79.73 -22.02 53.67
C VAL KA 101 80.18 -23.10 52.73
N SER KA 102 81.30 -23.77 52.94
CA SER KA 102 81.68 -24.83 51.99
C SER KA 102 82.01 -26.18 52.57
N PRO KA 103 81.08 -26.78 53.31
CA PRO KA 103 81.29 -28.10 53.93
C PRO KA 103 81.42 -29.21 52.87
N LYS KA 104 81.83 -28.82 51.67
CA LYS KA 104 82.00 -29.79 50.60
C LYS KA 104 83.50 -29.88 50.36
N GLU KA 105 84.14 -28.73 50.38
CA GLU KA 105 85.57 -28.61 50.16
C GLU KA 105 86.37 -28.59 51.46
N GLY KA 106 85.66 -28.48 52.59
CA GLY KA 106 86.30 -28.46 53.89
C GLY KA 106 86.96 -27.15 54.27
N CYS KA 107 87.95 -27.22 55.15
CA CYS KA 107 88.61 -26.01 55.57
C CYS KA 107 89.44 -25.40 54.44
N ASN KA 108 90.23 -26.24 53.77
CA ASN KA 108 91.09 -25.82 52.67
C ASN KA 108 90.47 -24.82 51.70
N TYR KA 109 89.18 -24.52 51.87
CA TYR KA 109 88.52 -23.59 50.97
C TYR KA 109 88.96 -22.16 51.25
N CYS KA 110 89.36 -21.89 52.48
CA CYS KA 110 89.81 -20.56 52.86
C CYS KA 110 91.17 -20.67 53.54
N HIS KA 111 91.90 -21.74 53.24
CA HIS KA 111 93.20 -21.95 53.84
C HIS KA 111 94.12 -22.75 52.93
N VAL KA 112 95.40 -22.82 53.31
CA VAL KA 112 96.38 -23.57 52.54
C VAL KA 112 96.68 -24.82 53.34
N PRO KA 113 97.04 -25.92 52.66
CA PRO KA 113 97.34 -27.16 53.38
C PRO KA 113 98.36 -26.96 54.51
N GLY KA 114 97.84 -26.65 55.71
CA GLY KA 114 98.69 -26.41 56.87
C GLY KA 114 98.58 -24.96 57.31
N ASN KA 115 99.64 -24.19 57.11
CA ASN KA 115 99.70 -22.77 57.47
C ASN KA 115 98.32 -22.10 57.44
N TRP KA 116 97.75 -21.86 58.62
CA TRP KA 116 96.42 -21.25 58.71
C TRP KA 116 96.41 -19.74 58.86
N ALA KA 117 97.54 -19.14 59.18
CA ALA KA 117 97.55 -17.70 59.33
C ALA KA 117 97.68 -17.01 57.99
N SER KA 118 97.88 -17.80 56.94
CA SER KA 118 98.05 -17.23 55.61
C SER KA 118 96.85 -16.46 55.09
N ASP KA 119 97.14 -15.42 54.33
CA ASP KA 119 96.11 -14.61 53.70
C ASP KA 119 96.49 -14.64 52.23
N ASP KA 120 96.79 -15.84 51.75
CA ASP KA 120 97.14 -16.07 50.35
C ASP KA 120 95.90 -16.59 49.61
N ILE KA 121 94.73 -16.51 50.25
CA ILE KA 121 93.50 -16.98 49.61
C ILE KA 121 92.36 -15.97 49.63
N TYR KA 122 92.06 -15.43 48.44
CA TYR KA 122 91.00 -14.44 48.26
C TYR KA 122 89.70 -14.89 48.92
N THR KA 123 89.52 -16.18 49.11
CA THR KA 123 88.31 -16.61 49.75
C THR KA 123 88.41 -16.07 51.15
N LYS KA 124 89.51 -16.36 51.81
CA LYS KA 124 89.71 -15.88 53.17
C LYS KA 124 89.58 -14.35 53.19
N VAL KA 125 90.40 -13.65 52.42
CA VAL KA 125 90.37 -12.19 52.36
C VAL KA 125 88.96 -11.67 52.60
N VAL KA 126 88.08 -12.05 51.68
CA VAL KA 126 86.69 -11.64 51.74
C VAL KA 126 86.03 -12.31 52.92
N SER KA 127 86.24 -13.60 53.10
CA SER KA 127 85.63 -14.31 54.22
C SER KA 127 85.81 -13.42 55.43
N ARG KA 128 87.01 -12.89 55.54
CA ARG KA 128 87.38 -12.00 56.63
C ARG KA 128 86.43 -10.81 56.57
N ARG KA 129 86.39 -10.15 55.41
CA ARG KA 129 85.53 -9.00 55.23
C ARG KA 129 84.10 -9.42 55.54
N MET KA 130 83.70 -10.55 54.95
CA MET KA 130 82.36 -11.11 55.08
C MET KA 130 81.95 -11.18 56.53
N PHE KA 131 82.93 -11.18 57.40
CA PHE KA 131 82.67 -11.24 58.82
C PHE KA 131 82.30 -9.83 59.29
N GLU KA 132 83.02 -8.84 58.80
CA GLU KA 132 82.75 -7.45 59.19
C GLU KA 132 81.36 -7.12 58.68
N LEU KA 133 80.94 -7.86 57.67
CA LEU KA 133 79.63 -7.66 57.09
C LEU KA 133 78.58 -8.06 58.09
N VAL KA 134 78.44 -9.36 58.29
CA VAL KA 134 77.44 -9.88 59.19
C VAL KA 134 77.33 -9.16 60.51
N ARG KA 135 78.39 -9.25 61.29
CA ARG KA 135 78.41 -8.61 62.59
C ARG KA 135 77.92 -7.16 62.45
N ALA KA 136 78.72 -6.35 61.77
CA ALA KA 136 78.39 -4.96 61.56
C ALA KA 136 76.88 -4.87 61.39
N ALA KA 137 76.35 -5.81 60.64
CA ALA KA 137 74.92 -5.87 60.37
C ALA KA 137 74.13 -6.24 61.60
N ASN KA 138 74.26 -7.49 62.05
CA ASN KA 138 73.52 -7.95 63.21
C ASN KA 138 73.57 -6.97 64.36
N SER KA 139 74.50 -6.02 64.28
CA SER KA 139 74.70 -5.00 65.31
C SER KA 139 74.13 -3.62 65.01
N ASP KA 140 74.57 -3.04 63.90
CA ASP KA 140 74.15 -1.71 63.52
C ASP KA 140 72.86 -1.53 62.73
N TRP KA 141 72.37 -2.56 62.05
CA TRP KA 141 71.13 -2.41 61.30
C TRP KA 141 70.08 -3.33 61.89
N LYS KA 142 70.16 -3.56 63.19
CA LYS KA 142 69.21 -4.44 63.84
C LYS KA 142 67.79 -3.98 63.56
N ALA KA 143 67.66 -2.71 63.16
CA ALA KA 143 66.35 -2.15 62.84
C ALA KA 143 65.79 -2.78 61.57
N HIS KA 144 66.58 -3.63 60.93
CA HIS KA 144 66.15 -4.34 59.73
C HIS KA 144 66.31 -5.85 59.92
N VAL KA 145 67.49 -6.26 60.39
CA VAL KA 145 67.81 -7.67 60.61
C VAL KA 145 67.32 -8.13 61.98
N ALA KA 146 66.99 -7.15 62.82
CA ALA KA 146 66.50 -7.38 64.18
C ALA KA 146 67.26 -8.42 64.96
N GLU KA 147 66.53 -9.20 65.76
CA GLU KA 147 67.16 -10.21 66.58
C GLU KA 147 67.49 -11.49 65.86
N THR KA 148 66.92 -11.68 64.68
CA THR KA 148 67.22 -12.89 63.94
C THR KA 148 68.61 -12.75 63.34
N GLY KA 149 69.05 -11.51 63.18
CA GLY KA 149 70.36 -11.26 62.61
C GLY KA 149 70.57 -12.14 61.40
N VAL KA 150 71.80 -12.25 60.95
CA VAL KA 150 72.06 -13.08 59.80
C VAL KA 150 73.28 -13.92 60.02
N THR KA 151 73.35 -15.01 59.28
CA THR KA 151 74.48 -15.90 59.37
C THR KA 151 75.05 -15.99 57.98
N CYS KA 152 76.05 -16.83 57.82
CA CYS KA 152 76.66 -16.98 56.52
C CYS KA 152 75.74 -17.95 55.76
N TYR KA 153 74.86 -18.63 56.50
CA TYR KA 153 73.92 -19.59 55.88
C TYR KA 153 72.86 -18.88 55.07
N THR KA 154 72.57 -17.67 55.49
CA THR KA 154 71.59 -16.86 54.82
C THR KA 154 72.06 -16.67 53.38
N CYS KA 155 72.87 -15.66 53.10
CA CYS KA 155 73.33 -15.46 51.74
C CYS KA 155 73.97 -16.67 51.10
N HIS KA 156 74.56 -17.55 51.90
CA HIS KA 156 75.29 -18.71 51.38
C HIS KA 156 74.70 -20.10 51.51
N ARG KA 157 73.55 -20.20 52.17
CA ARG KA 157 72.85 -21.46 52.40
C ARG KA 157 73.54 -22.76 51.93
N GLY KA 158 74.57 -23.17 52.67
CA GLY KA 158 75.28 -24.41 52.35
C GLY KA 158 76.03 -24.42 51.03
N ASN KA 159 76.21 -23.25 50.45
CA ASN KA 159 76.89 -23.14 49.18
C ASN KA 159 77.91 -22.02 49.26
N PRO KA 160 79.08 -22.26 48.66
CA PRO KA 160 80.22 -21.35 48.60
C PRO KA 160 79.81 -20.00 48.03
N VAL KA 161 79.21 -20.06 46.84
CA VAL KA 161 78.71 -18.88 46.11
C VAL KA 161 77.21 -18.78 46.26
N PRO KA 162 76.72 -17.65 46.76
CA PRO KA 162 75.29 -17.45 46.96
C PRO KA 162 74.57 -17.45 45.62
N LYS KA 163 73.71 -18.45 45.45
CA LYS KA 163 72.95 -18.62 44.22
C LYS KA 163 72.10 -17.38 43.93
N TYR KA 164 72.03 -16.48 44.91
CA TYR KA 164 71.23 -15.28 44.81
C TYR KA 164 71.96 -13.94 44.71
N ALA KA 165 72.93 -13.84 43.80
CA ALA KA 165 73.68 -12.58 43.62
C ALA KA 165 73.17 -11.87 42.38
N TRP KA 166 73.82 -10.80 41.92
CA TRP KA 166 73.28 -10.12 40.74
C TRP KA 166 74.13 -9.10 40.01
N VAL KA 167 74.82 -9.55 38.97
CA VAL KA 167 75.65 -8.65 38.18
C VAL KA 167 74.72 -7.85 37.29
N THR KA 168 74.95 -6.53 37.25
CA THR KA 168 74.15 -5.65 36.40
C THR KA 168 73.83 -6.33 35.07
N ASP KA 169 72.54 -6.68 34.91
CA ASP KA 169 72.05 -7.35 33.71
C ASP KA 169 72.36 -6.59 32.44
N PRO KA 170 73.14 -7.21 31.54
CA PRO KA 170 73.56 -6.61 30.26
C PRO KA 170 72.35 -6.20 29.48
N GLY KA 171 71.36 -7.09 29.49
CA GLY KA 171 70.12 -6.85 28.77
C GLY KA 171 70.07 -7.84 27.63
N PRO KA 172 69.00 -7.83 26.83
CA PRO KA 172 68.88 -8.75 25.70
C PRO KA 172 69.76 -8.31 24.56
N LYS KA 173 70.12 -9.27 23.70
CA LYS KA 173 70.99 -8.99 22.57
C LYS KA 173 70.85 -7.62 21.95
N TYR KA 174 71.91 -7.17 21.30
CA TYR KA 174 71.94 -5.86 20.66
C TYR KA 174 71.84 -5.91 19.13
N PRO KA 175 70.84 -5.23 18.56
CA PRO KA 175 70.69 -5.22 17.11
C PRO KA 175 71.57 -4.19 16.43
N SER KA 176 72.61 -4.67 15.74
CA SER KA 176 73.56 -3.83 15.00
C SER KA 176 74.01 -2.54 15.71
N GLY KA 177 74.39 -2.68 16.98
CA GLY KA 177 74.84 -1.54 17.75
C GLY KA 177 73.65 -0.73 18.25
N LEU KA 178 72.44 -1.23 18.01
CA LEU KA 178 71.23 -0.53 18.40
C LEU KA 178 70.14 -1.20 19.26
N LYS KA 179 70.16 -0.93 20.56
CA LYS KA 179 69.16 -1.42 21.49
C LYS KA 179 69.26 -0.73 22.83
N PRO KA 180 69.01 0.58 22.85
CA PRO KA 180 69.09 1.32 24.10
C PRO KA 180 68.02 1.06 25.16
N THR KA 181 66.75 0.99 24.77
CA THR KA 181 65.66 0.77 25.73
C THR KA 181 65.88 -0.42 26.66
N GLY KA 182 65.62 -0.21 27.95
CA GLY KA 182 65.81 -1.28 28.92
C GLY KA 182 64.56 -1.59 29.73
N GLN KA 183 63.42 -1.55 29.07
CA GLN KA 183 62.16 -1.83 29.75
C GLN KA 183 61.52 -3.11 29.21
N ASN KA 184 61.29 -3.14 27.91
CA ASN KA 184 60.63 -4.25 27.27
C ASN KA 184 61.44 -5.53 27.15
N TYR KA 185 60.93 -6.58 27.80
CA TYR KA 185 61.50 -7.92 27.73
C TYR KA 185 60.77 -9.00 28.47
N GLY KA 186 60.76 -8.92 29.78
CA GLY KA 186 60.12 -9.95 30.55
C GLY KA 186 61.32 -10.70 31.04
N SER KA 187 61.56 -10.58 32.34
CA SER KA 187 62.70 -11.19 33.01
C SER KA 187 62.37 -11.38 34.48
N LYS KA 188 62.33 -12.65 34.90
CA LYS KA 188 62.01 -13.04 36.28
C LYS KA 188 62.40 -11.99 37.30
N THR KA 189 63.38 -11.19 36.95
CA THR KA 189 63.84 -10.11 37.81
C THR KA 189 62.64 -9.41 38.44
N VAL KA 190 61.62 -9.19 37.63
CA VAL KA 190 60.43 -8.48 38.08
C VAL KA 190 59.12 -9.25 38.08
N ALA KA 191 59.09 -10.40 38.74
CA ALA KA 191 57.88 -11.20 38.79
C ALA KA 191 57.34 -11.41 37.39
N TYR KA 192 58.17 -11.07 36.41
CA TYR KA 192 57.83 -11.24 35.00
C TYR KA 192 56.96 -10.12 34.45
N ALA KA 193 57.58 -9.17 33.75
CA ALA KA 193 56.86 -8.05 33.17
C ALA KA 193 57.76 -7.16 32.34
N SER KA 194 57.18 -6.43 31.41
CA SER KA 194 58.00 -5.56 30.59
C SER KA 194 58.35 -4.34 31.41
N LEU KA 195 59.46 -4.43 32.12
CA LEU KA 195 59.90 -3.32 32.95
C LEU KA 195 61.40 -3.15 32.84
N PRO KA 196 62.00 -2.25 33.62
CA PRO KA 196 63.45 -2.08 33.50
C PRO KA 196 64.28 -3.37 33.52
N PHE KA 197 63.71 -4.44 34.10
CA PHE KA 197 64.36 -5.74 34.25
C PHE KA 197 65.73 -5.67 34.94
N ASP KA 198 65.94 -4.58 35.67
CA ASP KA 198 67.16 -4.35 36.43
C ASP KA 198 67.08 -3.07 37.22
N PRO KA 199 66.07 -2.95 38.09
CA PRO KA 199 65.97 -1.72 38.88
C PRO KA 199 66.99 -1.74 39.99
N LEU KA 200 67.58 -2.92 40.19
CA LEU KA 200 68.59 -3.19 41.24
C LEU KA 200 69.87 -2.38 41.14
N THR KA 201 70.60 -2.59 40.06
CA THR KA 201 71.85 -1.89 39.87
C THR KA 201 71.72 -0.38 40.05
N PRO KA 202 70.61 0.22 39.60
CA PRO KA 202 70.45 1.66 39.74
C PRO KA 202 69.77 1.99 41.06
N PHE KA 203 69.53 0.95 41.84
CA PHE KA 203 68.87 1.13 43.12
C PHE KA 203 69.55 0.41 44.28
N LEU KA 204 69.48 -0.91 44.28
CA LEU KA 204 70.11 -1.64 45.36
C LEU KA 204 71.62 -1.38 45.42
N ASP KA 205 72.26 -1.27 44.27
CA ASP KA 205 73.69 -1.00 44.25
C ASP KA 205 73.88 0.50 44.50
N GLN KA 206 73.50 1.31 43.51
CA GLN KA 206 73.57 2.77 43.65
C GLN KA 206 72.48 3.20 44.61
N ALA KA 207 71.95 4.40 44.46
CA ALA KA 207 70.91 4.85 45.40
C ALA KA 207 69.92 5.88 44.87
N ASN KA 208 69.55 5.75 43.59
CA ASN KA 208 68.59 6.67 42.94
C ASN KA 208 67.32 6.84 43.76
N GLU KA 209 66.87 8.10 43.85
CA GLU KA 209 65.67 8.42 44.62
C GLU KA 209 64.52 7.44 44.30
N ILE KA 210 63.73 7.07 45.30
CA ILE KA 210 62.66 6.13 45.03
C ILE KA 210 61.28 6.70 45.23
N ARG KA 211 61.21 7.97 45.61
CA ARG KA 211 59.91 8.60 45.83
C ARG KA 211 59.39 9.28 44.56
N ILE KA 212 58.08 9.29 44.35
CA ILE KA 212 57.47 9.93 43.16
C ILE KA 212 56.10 10.57 43.41
N THR KA 213 55.36 10.10 44.41
CA THR KA 213 54.05 10.71 44.71
C THR KA 213 54.23 12.18 44.89
N GLY KA 214 53.34 12.96 44.29
CA GLY KA 214 53.44 14.40 44.48
C GLY KA 214 53.07 14.66 45.93
N ASN KA 215 53.86 15.49 46.60
CA ASN KA 215 53.61 15.83 48.00
C ASN KA 215 52.33 16.65 48.14
N ALA KA 216 52.08 17.51 47.17
CA ALA KA 216 50.89 18.37 47.15
C ALA KA 216 49.89 17.93 46.08
N ALA KA 217 48.60 18.15 46.39
CA ALA KA 217 47.51 17.79 45.51
C ALA KA 217 47.69 18.30 44.09
N LEU KA 218 47.74 19.62 43.96
CA LEU KA 218 47.91 20.29 42.67
C LEU KA 218 49.33 20.12 42.15
N ALA KA 219 49.63 20.79 41.04
CA ALA KA 219 50.96 20.70 40.45
C ALA KA 219 51.86 21.76 41.07
N GLY KA 220 53.05 21.91 40.50
CA GLY KA 220 54.01 22.88 41.01
C GLY KA 220 54.79 22.25 42.14
N SER KA 221 55.12 20.97 41.98
CA SER KA 221 55.82 20.25 43.01
C SER KA 221 56.70 19.15 42.40
N ASN KA 222 56.21 17.91 42.45
CA ASN KA 222 56.92 16.75 41.96
C ASN KA 222 57.05 16.75 40.43
N PRO KA 223 58.24 17.06 39.89
CA PRO KA 223 58.40 17.07 38.44
C PRO KA 223 58.99 15.79 37.91
N ALA KA 224 59.04 14.77 38.74
CA ALA KA 224 59.64 13.50 38.36
C ALA KA 224 59.02 12.92 37.08
N SER KA 225 59.84 12.57 36.11
CA SER KA 225 59.30 11.98 34.89
C SER KA 225 58.57 10.71 35.27
N LEU KA 226 57.43 10.50 34.65
CA LEU KA 226 56.66 9.30 34.90
C LEU KA 226 57.67 8.15 34.83
N LYS KA 227 58.45 8.13 33.75
CA LYS KA 227 59.46 7.09 33.53
C LYS KA 227 60.19 6.71 34.82
N GLN KA 228 60.37 7.70 35.69
CA GLN KA 228 61.04 7.49 36.96
C GLN KA 228 60.20 6.59 37.85
N ALA KA 229 58.95 6.97 38.06
CA ALA KA 229 58.09 6.13 38.86
C ALA KA 229 58.03 4.80 38.12
N GLU KA 230 58.11 4.84 36.79
CA GLU KA 230 58.05 3.62 36.00
C GLU KA 230 59.18 2.68 36.40
N TRP KA 231 60.23 3.23 37.01
CA TRP KA 231 61.36 2.41 37.45
C TRP KA 231 61.12 1.95 38.86
N THR KA 232 60.63 2.84 39.70
CA THR KA 232 60.31 2.47 41.07
C THR KA 232 59.58 1.12 41.00
N PHE KA 233 58.53 1.09 40.19
CA PHE KA 233 57.74 -0.11 40.04
C PHE KA 233 58.62 -1.34 40.11
N GLY KA 234 59.19 -1.70 38.96
CA GLY KA 234 60.07 -2.85 38.84
C GLY KA 234 60.71 -3.11 40.17
N LEU KA 235 61.29 -2.07 40.74
CA LEU KA 235 61.93 -2.21 42.03
C LEU KA 235 60.90 -2.69 43.05
N MET KA 236 59.96 -1.81 43.41
CA MET KA 236 58.90 -2.12 44.35
C MET KA 236 58.34 -3.51 44.03
N MET KA 237 58.56 -3.95 42.79
CA MET KA 237 58.10 -5.26 42.36
C MET KA 237 59.03 -6.28 42.97
N ASN KA 238 60.20 -6.40 42.37
CA ASN KA 238 61.22 -7.36 42.79
C ASN KA 238 61.25 -7.43 44.30
N ILE KA 239 61.26 -6.26 44.90
CA ILE KA 239 61.24 -6.18 46.34
C ILE KA 239 60.15 -7.14 46.74
N SER KA 240 58.92 -6.74 46.48
CA SER KA 240 57.74 -7.54 46.82
C SER KA 240 57.81 -9.01 46.43
N ASP KA 241 58.60 -9.30 45.40
CA ASP KA 241 58.76 -10.66 44.95
C ASP KA 241 59.81 -11.31 45.79
N SER KA 242 60.88 -10.58 46.06
CA SER KA 242 61.97 -11.10 46.86
C SER KA 242 61.37 -11.66 48.15
N LEU KA 243 60.76 -10.78 48.92
CA LEU KA 243 60.13 -11.20 50.18
C LEU KA 243 58.99 -12.15 49.89
N GLY KA 244 58.26 -11.89 48.80
CA GLY KA 244 57.13 -12.71 48.40
C GLY KA 244 55.81 -12.29 49.01
N VAL KA 245 55.50 -11.00 48.94
CA VAL KA 245 54.25 -10.47 49.49
C VAL KA 245 53.84 -9.23 48.73
N GLY KA 246 52.55 -9.22 48.34
CA GLY KA 246 51.98 -8.10 47.60
C GLY KA 246 52.02 -6.77 48.32
N CYS KA 247 51.97 -5.69 47.54
CA CYS KA 247 52.04 -4.37 48.12
C CYS KA 247 51.15 -4.21 49.32
N THR KA 248 50.02 -4.92 49.33
CA THR KA 248 49.10 -4.81 50.46
C THR KA 248 49.95 -4.83 51.72
N PHE KA 249 50.76 -5.88 51.82
CA PHE KA 249 51.67 -6.14 52.94
C PHE KA 249 52.34 -4.92 53.61
N CYS KA 250 52.67 -3.90 52.84
CA CYS KA 250 53.29 -2.70 53.42
C CYS KA 250 52.45 -1.49 53.14
N HIS KA 251 51.89 -1.45 51.94
CA HIS KA 251 51.10 -0.31 51.52
C HIS KA 251 49.60 -0.39 51.70
N ASN KA 252 49.02 0.79 51.61
CA ASN KA 252 47.59 0.99 51.63
C ASN KA 252 47.38 1.49 50.21
N THR KA 253 47.67 0.60 49.26
CA THR KA 253 47.69 0.88 47.83
C THR KA 253 47.40 2.30 47.39
N ARG KA 254 46.19 2.79 47.66
CA ARG KA 254 45.81 4.14 47.30
C ARG KA 254 46.84 5.11 47.89
N ALA KA 255 47.47 4.68 48.98
CA ALA KA 255 48.48 5.45 49.68
C ALA KA 255 49.84 4.75 49.62
N PHE KA 256 50.47 4.73 48.44
CA PHE KA 256 51.77 4.11 48.30
C PHE KA 256 52.77 5.03 48.94
N ASN KA 257 52.36 6.26 49.21
CA ASN KA 257 53.28 7.16 49.84
C ASN KA 257 52.90 7.53 51.27
N ASP KA 258 51.62 7.70 51.54
CA ASP KA 258 51.19 8.04 52.89
C ASP KA 258 51.62 7.01 53.94
N TRP KA 259 52.79 7.23 54.53
CA TRP KA 259 53.32 6.33 55.55
C TRP KA 259 52.31 6.19 56.66
N THR KA 260 51.79 7.33 57.08
CA THR KA 260 50.81 7.37 58.14
C THR KA 260 49.73 6.35 57.83
N GLN KA 261 49.75 5.87 56.59
CA GLN KA 261 48.77 4.91 56.14
C GLN KA 261 49.39 3.54 55.87
N SER KA 262 50.68 3.51 55.53
CA SER KA 262 51.33 2.25 55.25
C SER KA 262 51.21 1.31 56.45
N THR KA 263 52.16 0.40 56.60
CA THR KA 263 52.13 -0.50 57.74
C THR KA 263 53.54 -0.57 58.33
N PRO KA 264 53.67 -1.08 59.56
CA PRO KA 264 55.02 -1.15 60.11
C PRO KA 264 56.03 -1.61 59.07
N LYS KA 265 55.78 -2.81 58.58
CA LYS KA 265 56.65 -3.42 57.60
C LYS KA 265 57.36 -2.46 56.67
N ARG KA 266 56.60 -1.56 56.04
CA ARG KA 266 57.24 -0.64 55.13
C ARG KA 266 58.62 -0.09 55.66
N THR KA 267 58.60 0.88 56.58
CA THR KA 267 59.83 1.45 57.14
C THR KA 267 60.87 0.34 57.34
N THR KA 268 60.39 -0.74 57.92
CA THR KA 268 61.21 -1.89 58.20
C THR KA 268 61.92 -2.35 56.93
N ALA KA 269 61.50 -1.81 55.80
CA ALA KA 269 62.09 -2.17 54.54
C ALA KA 269 62.86 -1.00 54.04
N TRP KA 270 62.46 0.18 54.47
CA TRP KA 270 63.15 1.37 54.06
C TRP KA 270 64.64 1.14 54.24
N TYR KA 271 65.03 0.99 55.52
CA TYR KA 271 66.42 0.78 55.97
C TYR KA 271 67.07 -0.26 55.11
N ALA KA 272 66.52 -1.45 55.18
CA ALA KA 272 66.98 -2.57 54.40
C ALA KA 272 67.50 -2.14 53.04
N ILE KA 273 66.75 -1.26 52.40
CA ILE KA 273 67.11 -0.76 51.07
C ILE KA 273 68.30 0.16 51.19
N ARG KA 274 69.08 -0.01 52.25
CA ARG KA 274 70.20 0.87 52.46
C ARG KA 274 71.29 0.13 53.13
N HIS KA 275 70.88 -0.86 53.89
CA HIS KA 275 71.77 -1.73 54.61
C HIS KA 275 72.41 -2.55 53.50
N VAL KA 276 71.69 -2.56 52.38
CA VAL KA 276 72.09 -3.25 51.17
C VAL KA 276 72.97 -2.29 50.41
N ARG KA 277 72.52 -1.05 50.34
CA ARG KA 277 73.30 -0.01 49.70
C ARG KA 277 74.70 -0.22 50.27
N ASP KA 278 74.71 -0.33 51.59
CA ASP KA 278 75.89 -0.56 52.39
C ASP KA 278 76.57 -1.79 51.79
N ILE KA 279 76.08 -2.94 52.23
CA ILE KA 279 76.57 -4.24 51.83
C ILE KA 279 77.19 -4.33 50.44
N ASN KA 280 76.57 -3.67 49.48
CA ASN KA 280 77.07 -3.73 48.12
C ASN KA 280 78.18 -2.70 47.94
N GLN KA 281 77.83 -1.42 48.00
CA GLN KA 281 78.80 -0.35 47.82
C GLN KA 281 79.92 -0.27 48.90
N ASN KA 282 79.91 -1.18 49.85
CA ASN KA 282 80.92 -1.15 50.90
C ASN KA 282 81.67 -2.46 51.07
N TYR KA 283 80.99 -3.57 50.86
CA TYR KA 283 81.61 -4.85 51.07
C TYR KA 283 81.82 -5.67 49.81
N ILE KA 284 80.72 -6.20 49.28
CA ILE KA 284 80.78 -7.03 48.10
C ILE KA 284 81.40 -6.35 46.92
N TRP KA 285 81.35 -5.03 46.93
CA TRP KA 285 81.89 -4.28 45.83
C TRP KA 285 83.44 -4.25 45.83
N PRO KA 286 84.06 -3.68 46.88
CA PRO KA 286 85.53 -3.60 46.98
C PRO KA 286 86.21 -4.92 46.60
N LEU KA 287 85.81 -5.96 47.33
CA LEU KA 287 86.30 -7.31 47.17
C LEU KA 287 86.32 -7.86 45.75
N ASN KA 288 86.00 -7.03 44.76
CA ASN KA 288 85.99 -7.53 43.40
C ASN KA 288 87.38 -7.96 42.94
N ASP KA 289 88.38 -7.16 43.33
CA ASP KA 289 89.79 -7.41 42.99
C ASP KA 289 90.25 -8.82 43.29
N VAL KA 290 90.06 -9.22 44.53
CA VAL KA 290 90.45 -10.54 45.00
C VAL KA 290 89.62 -11.62 44.32
N LEU KA 291 88.48 -11.18 43.76
CA LEU KA 291 87.55 -12.07 43.06
C LEU KA 291 87.94 -12.28 41.62
N PRO KA 292 88.04 -13.56 41.21
CA PRO KA 292 88.41 -13.92 39.83
C PRO KA 292 87.32 -13.48 38.87
N ALA KA 293 87.31 -14.07 37.67
CA ALA KA 293 86.32 -13.72 36.66
C ALA KA 293 85.01 -14.47 36.88
N SER KA 294 85.11 -15.76 37.16
CA SER KA 294 83.95 -16.61 37.39
C SER KA 294 82.93 -16.05 38.36
N ARG KA 295 83.29 -15.00 39.08
CA ARG KA 295 82.36 -14.39 40.03
C ARG KA 295 82.14 -12.93 39.62
N LYS KA 296 82.76 -12.57 38.49
CA LYS KA 296 82.64 -11.24 37.95
C LYS KA 296 81.58 -11.26 36.86
N GLY KA 297 80.98 -10.10 36.60
CA GLY KA 297 79.96 -10.04 35.57
C GLY KA 297 80.48 -9.53 34.23
N PRO KA 298 79.64 -9.49 33.18
CA PRO KA 298 80.03 -9.02 31.85
C PRO KA 298 80.45 -7.54 31.89
N TYR KA 299 79.62 -6.70 32.50
CA TYR KA 299 79.94 -5.29 32.64
C TYR KA 299 81.08 -5.16 33.65
N GLY KA 300 81.76 -6.27 33.91
CA GLY KA 300 82.83 -6.29 34.88
C GLY KA 300 82.29 -5.92 36.24
N ASP KA 301 81.90 -6.92 37.02
CA ASP KA 301 81.37 -6.63 38.33
C ASP KA 301 81.28 -7.84 39.27
N PRO KA 302 80.97 -7.58 40.54
CA PRO KA 302 80.85 -8.61 41.56
C PRO KA 302 79.43 -8.95 41.87
N LEU KA 303 79.15 -10.22 42.04
CA LEU KA 303 77.82 -10.62 42.41
C LEU KA 303 77.50 -9.92 43.71
N ARG KA 304 76.70 -8.87 43.68
CA ARG KA 304 76.34 -8.12 44.87
C ARG KA 304 75.23 -8.82 45.62
N VAL KA 305 74.38 -8.03 46.28
CA VAL KA 305 73.30 -8.61 47.06
C VAL KA 305 71.87 -8.06 46.94
N SER KA 306 70.98 -8.88 46.39
CA SER KA 306 69.57 -8.51 46.24
C SER KA 306 68.78 -8.94 47.46
N CYS KA 307 67.68 -8.23 47.77
CA CYS KA 307 66.89 -8.63 48.92
C CYS KA 307 66.56 -10.08 48.75
N MET KA 308 66.35 -10.46 47.50
CA MET KA 308 66.03 -11.83 47.19
C MET KA 308 67.11 -12.72 47.82
N THR KA 309 68.36 -12.28 47.71
CA THR KA 309 69.47 -13.05 48.20
C THR KA 309 69.27 -13.69 49.56
N CYS KA 310 69.06 -12.89 50.58
CA CYS KA 310 68.85 -13.43 51.91
C CYS KA 310 67.44 -13.99 52.05
N HIS KA 311 66.46 -13.14 51.76
CA HIS KA 311 65.04 -13.46 51.85
C HIS KA 311 64.62 -14.69 51.08
N GLN KA 312 64.90 -14.70 49.79
CA GLN KA 312 64.53 -15.83 48.93
C GLN KA 312 63.05 -16.16 48.99
N ALA KA 313 62.25 -15.17 48.59
CA ALA KA 313 60.82 -15.30 48.57
C ALA KA 313 60.25 -15.70 49.92
N VAL KA 314 60.60 -14.92 50.94
CA VAL KA 314 60.07 -15.13 52.31
C VAL KA 314 60.26 -13.85 53.11
N ASN KA 315 59.55 -13.68 54.22
CA ASN KA 315 59.71 -12.43 54.94
C ASN KA 315 60.78 -12.33 56.01
N LYS KA 316 61.28 -13.49 56.46
CA LYS KA 316 62.36 -13.60 57.48
C LYS KA 316 63.12 -14.89 57.16
N PRO KA 317 64.03 -14.81 56.17
CA PRO KA 317 64.84 -15.96 55.72
C PRO KA 317 64.70 -17.11 56.66
N LEU KA 318 64.20 -18.21 56.12
CA LEU KA 318 63.96 -19.41 56.92
C LEU KA 318 62.86 -19.05 57.90
N TYR KA 319 61.95 -18.21 57.42
CA TYR KA 319 60.80 -17.77 58.17
C TYR KA 319 61.10 -17.55 59.64
N GLY KA 320 61.84 -16.48 59.92
CA GLY KA 320 62.15 -16.15 61.30
C GLY KA 320 63.15 -16.96 62.11
N ALA KA 321 63.55 -18.14 61.67
CA ALA KA 321 64.51 -18.88 62.47
C ALA KA 321 65.71 -17.95 62.63
N GLN KA 322 66.23 -17.86 63.86
CA GLN KA 322 67.39 -17.00 64.14
C GLN KA 322 68.61 -17.82 64.47
N MET KA 323 69.37 -18.18 63.46
CA MET KA 323 70.56 -18.97 63.71
C MET KA 323 71.63 -18.09 64.31
N ALA KA 324 71.90 -16.97 63.65
CA ALA KA 324 72.93 -16.06 64.12
C ALA KA 324 72.96 -15.80 65.63
N LYS KA 325 71.83 -15.92 66.30
CA LYS KA 325 71.78 -15.67 67.75
C LYS KA 325 72.65 -16.62 68.56
N ASP KA 326 72.85 -17.83 68.08
CA ASP KA 326 73.69 -18.75 68.82
C ASP KA 326 75.16 -18.62 68.40
N TYR KA 327 75.58 -17.42 68.03
CA TYR KA 327 76.96 -17.24 67.63
C TYR KA 327 77.44 -15.84 67.90
N PRO KA 328 77.98 -15.61 69.12
CA PRO KA 328 78.51 -14.36 69.65
C PRO KA 328 79.61 -13.70 68.86
N GLY KA 329 80.42 -14.47 68.17
CA GLY KA 329 81.48 -13.83 67.40
C GLY KA 329 80.92 -13.12 66.17
N LEU KA 330 79.61 -13.24 65.99
CA LEU KA 330 78.93 -12.66 64.83
C LEU KA 330 78.38 -11.26 65.08
N TYR KA 331 78.79 -10.59 66.15
CA TYR KA 331 78.24 -9.29 66.46
C TYR KA 331 79.33 -8.32 66.81
N LYS KA 332 79.40 -7.23 66.04
CA LYS KA 332 80.39 -6.17 66.17
C LYS KA 332 80.73 -5.84 67.61
N THR KA 333 81.99 -6.02 67.99
CA THR KA 333 82.44 -5.77 69.36
C THR KA 333 83.58 -4.77 69.44
N ALA LA 2 -1.05 4.97 35.51
CA ALA LA 2 -1.20 5.47 34.11
C ALA LA 2 -0.65 4.45 33.10
N MET LA 3 -0.85 4.74 31.82
CA MET LA 3 -0.38 3.87 30.74
C MET LA 3 0.17 4.70 29.58
N LEU LA 4 0.72 4.02 28.60
CA LEU LA 4 1.27 4.69 27.43
C LEU LA 4 0.15 4.83 26.39
N SER LA 5 0.37 5.73 25.43
CA SER LA 5 -0.59 5.99 24.37
C SER LA 5 -1.24 4.72 23.81
N PHE LA 6 -0.56 3.58 23.95
CA PHE LA 6 -1.06 2.31 23.44
C PHE LA 6 -0.94 1.17 24.44
N GLU LA 7 -0.29 1.44 25.58
CA GLU LA 7 -0.12 0.42 26.60
C GLU LA 7 -1.47 -0.04 27.15
N LYS LA 8 -2.47 0.80 26.97
CA LYS LA 8 -3.82 0.51 27.44
C LYS LA 8 -4.33 -0.83 26.92
N LYS LA 9 -3.81 -1.25 25.77
CA LYS LA 9 -4.24 -2.49 25.13
C LYS LA 9 -3.33 -3.71 25.29
N TYR LA 10 -2.56 -3.75 26.38
CA TYR LA 10 -1.64 -4.87 26.61
C TYR LA 10 -1.72 -5.53 27.98
N ARG LA 11 -2.10 -4.73 28.97
CA ARG LA 11 -2.21 -5.20 30.34
C ARG LA 11 -3.09 -6.42 30.60
N VAL LA 12 -2.77 -7.53 29.93
CA VAL LA 12 -3.54 -8.77 30.09
C VAL LA 12 -3.64 -9.12 31.57
N ARG LA 13 -4.39 -10.17 31.90
CA ARG LA 13 -4.52 -10.58 33.29
C ARG LA 13 -3.58 -11.74 33.61
N GLY LA 14 -2.55 -11.48 34.41
CA GLY LA 14 -1.63 -12.53 34.77
C GLY LA 14 -0.45 -12.73 33.84
N GLY LA 15 0.04 -13.98 33.81
CA GLY LA 15 1.20 -14.33 32.99
C GLY LA 15 2.34 -14.59 33.97
N THR LA 16 1.97 -14.56 35.26
CA THR LA 16 2.88 -14.76 36.37
C THR LA 16 3.63 -16.09 36.35
N LEU LA 17 4.68 -16.16 37.15
CA LEU LA 17 5.53 -17.34 37.26
C LEU LA 17 5.14 -18.18 38.48
N ILE LA 18 5.96 -18.10 39.53
CA ILE LA 18 5.66 -18.84 40.76
C ILE LA 18 4.56 -18.07 41.47
N GLY LA 19 3.35 -18.15 40.93
CA GLY LA 19 2.24 -17.44 41.52
C GLY LA 19 2.36 -15.96 41.23
N GLY LA 20 1.45 -15.18 41.80
CA GLY LA 20 1.47 -13.75 41.59
C GLY LA 20 0.18 -13.25 40.95
N ASP LA 21 -0.76 -14.17 40.74
CA ASP LA 21 -2.04 -13.84 40.13
C ASP LA 21 -2.89 -13.01 41.09
N LEU LA 22 -2.37 -12.81 42.30
CA LEU LA 22 -3.07 -12.02 43.31
C LEU LA 22 -2.70 -10.56 43.16
N PHE LA 23 -1.42 -10.29 43.31
CA PHE LA 23 -0.90 -8.94 43.19
C PHE LA 23 -0.66 -8.60 41.72
N ASP LA 24 -1.25 -9.41 40.84
CA ASP LA 24 -1.12 -9.17 39.41
C ASP LA 24 -1.81 -7.87 39.06
N PHE LA 25 -1.05 -6.79 39.13
CA PHE LA 25 -1.58 -5.47 38.82
C PHE LA 25 -0.42 -4.52 38.57
N TRP LA 26 -0.74 -3.26 38.31
CA TRP LA 26 0.28 -2.26 38.05
C TRP LA 26 0.22 -1.16 39.09
N VAL LA 27 1.25 -0.32 39.05
CA VAL LA 27 1.37 0.83 39.95
C VAL LA 27 2.20 1.80 39.12
N GLY LA 28 1.61 2.94 38.78
CA GLY LA 28 2.32 3.88 37.94
C GLY LA 28 2.55 3.11 36.66
N PRO LA 29 3.79 3.08 36.15
CA PRO LA 29 4.06 2.35 34.91
C PRO LA 29 4.58 0.93 35.15
N PHE LA 30 4.94 0.64 36.39
CA PHE LA 30 5.49 -0.67 36.77
C PHE LA 30 4.47 -1.77 37.05
N TYR LA 31 4.83 -3.00 36.70
CA TYR LA 31 3.99 -4.14 36.96
C TYR LA 31 4.50 -4.68 38.29
N VAL LA 32 3.59 -5.20 39.12
CA VAL LA 32 4.00 -5.73 40.42
C VAL LA 32 4.13 -7.26 40.39
N GLY LA 33 3.08 -7.96 40.82
CA GLY LA 33 3.13 -9.41 40.82
C GLY LA 33 3.78 -10.03 42.05
N PHE LA 34 4.34 -11.22 41.88
CA PHE LA 34 4.99 -11.95 42.97
C PHE LA 34 6.46 -11.58 43.20
N PHE LA 35 6.98 -10.72 42.34
CA PHE LA 35 8.37 -10.30 42.48
C PHE LA 35 8.51 -8.80 42.57
N GLY LA 36 7.56 -8.07 41.98
CA GLY LA 36 7.63 -6.63 42.07
C GLY LA 36 7.43 -6.26 43.52
N VAL LA 37 6.74 -7.14 44.24
CA VAL LA 37 6.45 -6.96 45.65
C VAL LA 37 7.69 -7.12 46.53
N VAL LA 38 8.21 -8.35 46.58
CA VAL LA 38 9.38 -8.67 47.38
C VAL LA 38 10.52 -7.66 47.23
N GLY LA 39 11.10 -7.60 46.04
CA GLY LA 39 12.19 -6.68 45.78
C GLY LA 39 12.06 -5.38 46.56
N PHE LA 40 10.84 -4.84 46.57
CA PHE LA 40 10.59 -3.59 47.29
C PHE LA 40 11.01 -3.75 48.74
N CYS LA 41 10.51 -4.80 49.38
CA CYS LA 41 10.85 -5.07 50.78
C CYS LA 41 12.34 -4.87 50.91
N PHE LA 42 13.11 -5.72 50.23
CA PHE LA 42 14.56 -5.65 50.24
C PHE LA 42 15.04 -4.23 50.02
N THR LA 43 14.41 -3.54 49.07
CA THR LA 43 14.79 -2.17 48.74
C THR LA 43 15.03 -1.32 49.99
N LEU LA 44 13.96 -0.93 50.66
CA LEU LA 44 14.10 -0.10 51.87
C LEU LA 44 14.91 -0.80 52.95
N LEU LA 45 14.63 -2.10 53.14
CA LEU LA 45 15.35 -2.91 54.12
C LEU LA 45 16.75 -3.12 53.54
N GLY LA 46 17.25 -2.06 52.93
CA GLY LA 46 18.56 -2.06 52.32
C GLY LA 46 18.92 -0.61 52.07
N VAL LA 47 18.25 0.00 51.08
CA VAL LA 47 18.47 1.40 50.74
C VAL LA 47 18.36 2.25 52.01
N LEU LA 48 17.46 1.84 52.90
CA LEU LA 48 17.26 2.57 54.14
C LEU LA 48 17.99 1.87 55.27
N LEU LA 49 18.07 0.55 55.21
CA LEU LA 49 18.76 -0.19 56.25
C LEU LA 49 20.22 0.25 56.21
N ILE LA 50 20.70 0.54 55.00
CA ILE LA 50 22.06 1.00 54.81
C ILE LA 50 22.20 2.40 55.42
N VAL LA 51 21.07 3.06 55.64
CA VAL LA 51 21.07 4.38 56.23
C VAL LA 51 21.46 4.29 57.69
N TRP LA 52 21.01 3.21 58.33
CA TRP LA 52 21.30 2.96 59.75
C TRP LA 52 22.82 3.07 59.90
N GLY LA 53 23.52 2.53 58.91
CA GLY LA 53 24.97 2.56 58.91
C GLY LA 53 25.46 3.94 58.53
N ALA LA 54 24.86 4.52 57.48
CA ALA LA 54 25.25 5.86 57.05
C ALA LA 54 25.27 6.69 58.33
N THR LA 55 24.41 6.29 59.26
CA THR LA 55 24.27 6.91 60.56
C THR LA 55 25.36 6.38 61.50
N ILE LA 56 25.26 5.09 61.83
CA ILE LA 56 26.23 4.45 62.73
C ILE LA 56 27.65 4.89 62.39
N GLY LA 57 28.11 4.57 61.19
CA GLY LA 57 29.44 4.96 60.77
C GLY LA 57 30.55 4.02 61.22
N PRO LA 58 31.82 4.47 61.14
CA PRO LA 58 32.99 3.68 61.54
C PRO LA 58 32.95 3.26 63.00
N THR LA 59 33.50 4.11 63.86
CA THR LA 59 33.53 3.84 65.29
C THR LA 59 32.10 3.70 65.77
N GLY LA 60 31.38 4.82 65.72
CA GLY LA 60 29.99 4.85 66.14
C GLY LA 60 29.33 6.08 65.54
N PRO LA 61 28.03 6.27 65.77
CA PRO LA 61 27.33 7.45 65.22
C PRO LA 61 27.88 8.77 65.76
N THR LA 62 28.89 8.68 66.62
CA THR LA 62 29.50 9.86 67.22
C THR LA 62 30.91 10.18 66.71
N SER LA 63 31.71 9.15 66.45
CA SER LA 63 33.07 9.35 65.97
C SER LA 63 33.12 10.43 64.90
N ASP LA 64 34.15 11.27 64.96
CA ASP LA 64 34.30 12.32 63.96
C ASP LA 64 34.55 11.63 62.62
N LEU LA 65 34.75 10.32 62.69
CA LEU LA 65 35.00 9.50 61.52
C LEU LA 65 33.67 9.24 60.79
N GLN LA 66 32.61 9.09 61.57
CA GLN LA 66 31.27 8.85 61.04
C GLN LA 66 30.78 10.10 60.32
N THR LA 67 30.49 9.98 59.03
CA THR LA 67 30.04 11.11 58.22
C THR LA 67 28.79 10.83 57.38
N TYR LA 68 28.31 11.90 56.74
CA TYR LA 68 27.12 11.85 55.88
C TYR LA 68 27.44 12.43 54.50
N ASN LA 69 28.51 11.94 53.89
CA ASN LA 69 28.91 12.40 52.56
C ASN LA 69 29.18 11.18 51.69
N LEU LA 70 28.23 10.89 50.81
CA LEU LA 70 28.33 9.75 49.91
C LEU LA 70 29.77 9.33 49.62
N TRP LA 71 30.57 10.28 49.14
CA TRP LA 71 31.96 10.02 48.81
C TRP LA 71 32.66 9.11 49.82
N ARG LA 72 32.44 9.38 51.11
CA ARG LA 72 33.08 8.61 52.15
C ARG LA 72 32.20 7.51 52.73
N ILE LA 73 30.92 7.82 52.95
CA ILE LA 73 29.99 6.85 53.51
C ILE LA 73 30.20 5.49 52.85
N SER LA 74 30.23 4.44 53.66
CA SER LA 74 30.43 3.09 53.16
C SER LA 74 30.27 2.05 54.25
N ILE LA 75 29.47 1.02 53.99
CA ILE LA 75 29.27 -0.05 54.96
C ILE LA 75 30.34 -1.09 54.68
N ALA LA 76 31.20 -1.34 55.67
CA ALA LA 76 32.28 -2.30 55.54
C ALA LA 76 31.88 -3.70 56.01
N PRO LA 77 32.31 -4.73 55.27
CA PRO LA 77 32.01 -6.11 55.61
C PRO LA 77 32.79 -6.50 56.87
N PRO LA 78 32.46 -7.66 57.46
CA PRO LA 78 33.18 -8.09 58.67
C PRO LA 78 34.62 -8.51 58.42
N ASP LA 79 35.40 -8.58 59.49
CA ASP LA 79 36.80 -8.98 59.43
C ASP LA 79 36.86 -10.43 58.96
N LEU LA 80 38.00 -10.83 58.39
CA LEU LA 80 38.17 -12.19 57.92
C LEU LA 80 37.94 -13.15 59.07
N SER LA 81 37.89 -12.60 60.29
CA SER LA 81 37.68 -13.37 61.50
C SER LA 81 36.47 -14.27 61.29
N TYR LA 82 35.28 -13.68 61.35
CA TYR LA 82 34.04 -14.41 61.14
C TYR LA 82 34.11 -14.93 59.71
N GLY LA 83 34.64 -16.14 59.55
CA GLY LA 83 34.76 -16.72 58.22
C GLY LA 83 33.45 -16.81 57.47
N LEU LA 84 32.76 -17.93 57.65
CA LEU LA 84 31.47 -18.15 57.01
C LEU LA 84 30.41 -18.12 58.10
N ARG LA 85 30.26 -16.97 58.74
CA ARG LA 85 29.29 -16.83 59.81
C ARG LA 85 28.76 -15.40 59.94
N MET LA 86 27.51 -15.29 60.40
CA MET LA 86 26.87 -14.01 60.59
C MET LA 86 27.65 -13.20 61.62
N ALA LA 87 28.03 -11.99 61.25
CA ALA LA 87 28.81 -11.14 62.15
C ALA LA 87 27.93 -10.10 62.83
N PRO LA 88 28.44 -9.48 63.91
CA PRO LA 88 27.70 -8.47 64.65
C PRO LA 88 27.46 -7.27 63.74
N LEU LA 89 26.19 -6.93 63.51
CA LEU LA 89 25.81 -5.82 62.65
C LEU LA 89 26.86 -4.72 62.64
N THR LA 90 27.12 -4.16 63.81
CA THR LA 90 28.10 -3.08 63.98
C THR LA 90 29.50 -3.50 63.55
N GLU LA 91 29.80 -4.79 63.69
CA GLU LA 91 31.11 -5.35 63.34
C GLU LA 91 31.17 -5.94 61.93
N GLY LA 92 30.02 -6.03 61.28
CA GLY LA 92 30.00 -6.58 59.94
C GLY LA 92 28.62 -7.02 59.49
N GLY LA 93 28.05 -7.99 60.22
CA GLY LA 93 26.73 -8.52 59.92
C GLY LA 93 25.85 -7.57 59.14
N LEU LA 94 25.62 -6.37 59.68
CA LEU LA 94 24.81 -5.38 59.00
C LEU LA 94 25.11 -5.44 57.51
N TRP LA 95 26.36 -5.17 57.16
CA TRP LA 95 26.81 -5.21 55.77
C TRP LA 95 26.28 -6.48 55.09
N GLN LA 96 26.48 -7.61 55.76
CA GLN LA 96 26.01 -8.89 55.23
C GLN LA 96 24.52 -8.85 54.96
N ILE LA 97 23.76 -8.42 55.96
CA ILE LA 97 22.30 -8.34 55.85
C ILE LA 97 21.93 -7.60 54.57
N ILE LA 98 22.44 -6.37 54.45
CA ILE LA 98 22.19 -5.59 53.27
C ILE LA 98 22.40 -6.49 52.06
N THR LA 99 23.63 -6.97 51.89
CA THR LA 99 23.97 -7.86 50.78
C THR LA 99 23.03 -9.05 50.70
N ILE LA 100 22.55 -9.52 51.84
CA ILE LA 100 21.62 -10.64 51.85
C ILE LA 100 20.46 -10.17 50.98
N CYS LA 101 19.87 -9.05 51.37
CA CYS LA 101 18.74 -8.45 50.66
C CYS LA 101 19.16 -8.16 49.22
N ALA LA 102 20.15 -7.29 49.05
CA ALA LA 102 20.67 -6.92 47.75
C ALA LA 102 20.54 -8.07 46.75
N ALA LA 103 20.98 -9.25 47.18
CA ALA LA 103 20.91 -10.45 46.34
C ALA LA 103 19.52 -10.60 45.76
N GLY LA 104 18.56 -10.94 46.61
CA GLY LA 104 17.18 -11.11 46.17
C GLY LA 104 16.66 -9.95 45.35
N ALA LA 105 16.96 -8.73 45.80
CA ALA LA 105 16.51 -7.54 45.09
C ALA LA 105 16.72 -7.70 43.58
N PHE LA 106 17.91 -8.09 43.18
CA PHE LA 106 18.20 -8.27 41.76
C PHE LA 106 17.71 -9.63 41.29
N ILE LA 107 17.49 -10.52 42.25
CA ILE LA 107 17.00 -11.85 41.92
C ILE LA 107 15.52 -11.77 41.58
N SER LA 108 14.80 -10.95 42.34
CA SER LA 108 13.37 -10.74 42.16
C SER LA 108 13.12 -9.90 40.91
N TRP LA 109 13.62 -8.66 40.92
CA TRP LA 109 13.48 -7.76 39.78
C TRP LA 109 13.78 -8.54 38.51
N ALA LA 110 14.80 -9.39 38.59
CA ALA LA 110 15.16 -10.20 37.45
C ALA LA 110 13.97 -11.08 37.08
N LEU LA 111 13.43 -11.78 38.07
CA LEU LA 111 12.28 -12.65 37.85
C LEU LA 111 11.07 -11.84 37.43
N ARG LA 112 10.86 -10.71 38.08
CA ARG LA 112 9.75 -9.85 37.73
C ARG LA 112 9.88 -9.62 36.24
N GLU LA 113 11.10 -9.33 35.79
CA GLU LA 113 11.34 -9.11 34.37
C GLU LA 113 10.72 -10.29 33.64
N VAL LA 114 10.94 -11.48 34.18
CA VAL LA 114 10.42 -12.70 33.57
C VAL LA 114 8.90 -12.64 33.37
N GLU LA 115 8.16 -12.55 34.47
CA GLU LA 115 6.70 -12.47 34.37
C GLU LA 115 6.31 -11.48 33.28
N ILE LA 116 6.92 -10.29 33.31
CA ILE LA 116 6.66 -9.28 32.30
C ILE LA 116 6.86 -9.88 30.92
N CYS LA 117 8.10 -10.27 30.62
CA CYS LA 117 8.43 -10.88 29.35
C CYS LA 117 7.27 -11.76 28.89
N ARG LA 118 6.66 -12.45 29.85
CA ARG LA 118 5.54 -13.33 29.56
C ARG LA 118 4.32 -12.51 29.12
N LYS LA 119 3.83 -11.66 30.02
CA LYS LA 119 2.68 -10.81 29.72
C LYS LA 119 2.88 -10.19 28.36
N LEU LA 120 3.84 -9.28 28.24
CA LEU LA 120 4.11 -8.65 26.97
C LEU LA 120 4.45 -9.65 25.84
N GLY LA 121 4.16 -10.93 26.08
CA GLY LA 121 4.42 -11.96 25.09
C GLY LA 121 5.61 -11.68 24.19
N ILE LA 122 6.77 -11.50 24.83
CA ILE LA 122 8.01 -11.19 24.12
C ILE LA 122 9.11 -12.24 24.22
N GLY LA 123 10.31 -11.84 23.78
CA GLY LA 123 11.45 -12.72 23.89
C GLY LA 123 11.97 -12.42 25.29
N PHE LA 124 12.83 -13.28 25.83
CA PHE LA 124 13.34 -13.06 27.18
C PHE LA 124 14.80 -12.62 27.24
N HIS LA 125 15.40 -12.44 26.07
CA HIS LA 125 16.79 -12.02 25.98
C HIS LA 125 17.25 -11.12 27.13
N VAL LA 126 16.44 -10.15 27.53
CA VAL LA 126 16.83 -9.26 28.61
C VAL LA 126 17.15 -9.95 29.92
N PRO LA 127 16.14 -10.43 30.66
CA PRO LA 127 16.46 -11.09 31.92
C PRO LA 127 17.73 -11.97 31.85
N PHE LA 128 17.69 -12.97 30.98
CA PHE LA 128 18.81 -13.88 30.78
C PHE LA 128 20.13 -13.13 30.72
N ALA LA 129 20.09 -11.91 30.21
CA ALA LA 129 21.28 -11.08 30.13
C ALA LA 129 21.52 -10.51 31.52
N PHE LA 130 20.48 -9.93 32.09
CA PHE LA 130 20.53 -9.35 33.43
C PHE LA 130 21.09 -10.37 34.41
N SER LA 131 20.92 -11.65 34.09
CA SER LA 131 21.43 -12.71 34.94
C SER LA 131 22.95 -12.62 34.99
N PHE LA 132 23.58 -12.58 33.82
CA PHE LA 132 25.03 -12.46 33.79
C PHE LA 132 25.40 -11.33 34.72
N ALA LA 133 24.84 -10.15 34.48
CA ALA LA 133 25.10 -9.01 35.34
C ALA LA 133 24.94 -9.46 36.79
N ILE LA 134 23.86 -10.19 37.06
CA ILE LA 134 23.60 -10.68 38.41
C ILE LA 134 24.76 -11.54 38.88
N GLY LA 135 24.96 -12.67 38.22
CA GLY LA 135 26.05 -13.58 38.59
C GLY LA 135 27.34 -12.85 38.90
N ALA LA 136 27.79 -12.03 37.97
CA ALA LA 136 29.02 -11.27 38.14
C ALA LA 136 29.10 -10.64 39.53
N TYR LA 137 27.96 -10.30 40.11
CA TYR LA 137 27.95 -9.72 41.44
C TYR LA 137 28.08 -10.80 42.50
N LEU LA 138 27.48 -11.96 42.23
CA LEU LA 138 27.57 -13.08 43.18
C LEU LA 138 29.00 -13.60 43.25
N VAL LA 139 29.51 -14.07 42.12
CA VAL LA 139 30.87 -14.57 42.06
C VAL LA 139 31.84 -13.44 42.39
N LEU LA 140 31.30 -12.32 42.85
CA LEU LA 140 32.11 -11.17 43.24
C LEU LA 140 31.61 -10.66 44.58
N VAL LA 141 31.31 -11.62 45.45
CA VAL LA 141 30.84 -11.35 46.81
C VAL LA 141 30.15 -12.60 47.37
N PHE LA 142 30.39 -13.72 46.72
CA PHE LA 142 29.82 -15.00 47.16
C PHE LA 142 30.69 -16.18 46.76
N VAL LA 143 30.72 -16.49 45.47
CA VAL LA 143 31.52 -17.61 44.98
C VAL LA 143 32.95 -17.48 45.50
N ARG LA 144 33.65 -16.43 45.06
CA ARG LA 144 35.02 -16.23 45.51
C ARG LA 144 35.07 -16.23 47.03
N PRO LA 145 34.47 -15.23 47.69
CA PRO LA 145 34.50 -15.22 49.16
C PRO LA 145 34.29 -16.58 49.82
N LEU LA 146 33.47 -17.44 49.22
CA LEU LA 146 33.25 -18.76 49.79
C LEU LA 146 34.56 -19.52 49.67
N LEU LA 147 35.14 -19.48 48.48
CA LEU LA 147 36.42 -20.14 48.23
C LEU LA 147 37.51 -19.28 48.85
N MET LA 148 37.18 -18.70 50.01
CA MET LA 148 38.06 -17.84 50.78
C MET LA 148 37.53 -17.92 52.20
N GLY LA 149 36.58 -18.84 52.38
CA GLY LA 149 35.95 -19.06 53.67
C GLY LA 149 35.59 -17.81 54.45
N ALA LA 150 35.61 -16.65 53.80
CA ALA LA 150 35.29 -15.42 54.50
C ALA LA 150 34.26 -14.51 53.78
N TRP LA 151 33.11 -14.32 54.41
CA TRP LA 151 32.08 -13.47 53.87
C TRP LA 151 32.65 -12.06 53.83
N GLY LA 152 33.09 -11.59 55.01
CA GLY LA 152 33.67 -10.27 55.12
C GLY LA 152 34.86 -10.13 54.21
N HIS LA 153 35.15 -11.18 53.47
CA HIS LA 153 36.27 -11.18 52.54
C HIS LA 153 35.87 -10.61 51.17
N GLY LA 154 34.57 -10.31 51.02
CA GLY LA 154 34.08 -9.75 49.77
C GLY LA 154 34.50 -8.31 49.63
N PHE LA 155 33.57 -7.43 49.26
CA PHE LA 155 33.89 -6.01 49.13
C PHE LA 155 32.88 -5.14 49.91
N PRO LA 156 33.17 -3.84 50.07
CA PRO LA 156 32.29 -2.91 50.79
C PRO LA 156 31.20 -2.34 49.89
N TYR LA 157 30.53 -1.31 50.38
CA TYR LA 157 29.48 -0.63 49.63
C TYR LA 157 29.70 0.87 49.74
N GLY LA 158 30.83 1.32 49.24
CA GLY LA 158 31.15 2.73 49.29
C GLY LA 158 31.00 3.40 47.95
N ILE LA 159 30.24 4.50 47.94
CA ILE LA 159 29.98 5.27 46.73
C ILE LA 159 31.23 5.34 45.87
N LEU LA 160 32.37 5.44 46.54
CA LEU LA 160 33.66 5.49 45.87
C LEU LA 160 34.65 4.74 46.75
N SER LA 161 34.22 4.47 47.97
CA SER LA 161 35.06 3.76 48.94
C SER LA 161 35.37 2.34 48.42
N HIS LA 162 34.48 1.82 47.59
CA HIS LA 162 34.66 0.49 47.03
C HIS LA 162 35.77 0.54 45.98
N LEU LA 163 36.22 1.75 45.68
CA LEU LA 163 37.27 1.94 44.69
C LEU LA 163 38.55 1.25 45.14
N ASP LA 164 39.02 1.66 46.31
CA ASP LA 164 40.25 1.17 46.92
C ASP LA 164 40.26 -0.34 47.04
N TRP LA 165 39.18 -0.90 47.61
CA TRP LA 165 39.05 -2.34 47.79
C TRP LA 165 39.56 -3.08 46.56
N VAL LA 166 39.60 -2.39 45.44
CA VAL LA 166 40.10 -2.96 44.20
C VAL LA 166 41.58 -2.63 44.11
N SER LA 167 41.94 -1.40 44.43
CA SER LA 167 43.34 -0.97 44.39
C SER LA 167 44.16 -2.06 45.08
N ASN LA 168 43.70 -2.41 46.28
CA ASN LA 168 44.32 -3.43 47.11
C ASN LA 168 44.26 -4.80 46.43
N VAL LA 169 43.15 -5.51 46.65
CA VAL LA 169 42.97 -6.83 46.08
C VAL LA 169 43.64 -6.95 44.74
N GLY LA 170 43.55 -5.88 43.98
CA GLY LA 170 44.16 -5.87 42.67
C GLY LA 170 45.68 -5.88 42.77
N TYR LA 171 46.21 -5.03 43.64
CA TYR LA 171 47.65 -4.95 43.83
C TYR LA 171 48.22 -6.16 44.56
N GLN LA 172 47.33 -6.92 45.21
CA GLN LA 172 47.72 -8.13 45.93
C GLN LA 172 48.35 -9.10 44.93
N PHE LA 173 48.40 -8.67 43.68
CA PHE LA 173 48.97 -9.45 42.59
C PHE LA 173 49.84 -8.49 41.79
N LEU LA 174 50.29 -7.45 42.47
CA LEU LA 174 51.15 -6.42 41.88
C LEU LA 174 50.55 -5.78 40.64
N HIS LA 175 50.91 -6.33 39.48
CA HIS LA 175 50.44 -5.84 38.19
C HIS LA 175 49.22 -6.67 37.82
N PHE LA 176 48.04 -6.25 38.27
CA PHE LA 176 46.80 -7.00 37.99
C PHE LA 176 46.48 -6.99 36.49
N HIS LA 177 46.91 -5.92 35.85
CA HIS LA 177 46.73 -5.72 34.42
C HIS LA 177 47.07 -6.91 33.54
N TYR LA 178 47.95 -7.80 34.00
CA TYR LA 178 48.32 -8.93 33.16
C TYR LA 178 47.39 -10.13 33.31
N ASN LA 179 46.40 -10.01 34.18
CA ASN LA 179 45.46 -11.10 34.37
C ASN LA 179 44.88 -11.45 33.01
N PRO LA 180 44.93 -12.73 32.60
CA PRO LA 180 44.40 -13.16 31.31
C PRO LA 180 42.93 -12.76 31.09
N ALA LA 181 42.05 -13.20 31.98
CA ALA LA 181 40.65 -12.85 31.88
C ALA LA 181 40.62 -11.33 31.81
N HIS LA 182 40.82 -10.67 32.95
CA HIS LA 182 40.82 -9.21 33.00
C HIS LA 182 41.33 -8.59 31.71
N MET LA 183 42.20 -9.27 30.99
CA MET LA 183 42.68 -8.72 29.72
C MET LA 183 41.54 -8.71 28.73
N LEU LA 184 41.09 -9.89 28.34
CA LEU LA 184 39.98 -10.03 27.41
C LEU LA 184 38.78 -9.26 27.94
N ALA LA 185 38.35 -9.61 29.15
CA ALA LA 185 37.21 -8.93 29.75
C ALA LA 185 37.32 -7.44 29.44
N ILE LA 186 38.48 -6.84 29.69
CA ILE LA 186 38.66 -5.43 29.39
C ILE LA 186 38.35 -5.20 27.91
N SER LA 187 39.07 -5.93 27.08
CA SER LA 187 38.90 -5.83 25.63
C SER LA 187 37.42 -5.71 25.26
N PHE LA 188 36.60 -6.55 25.88
CA PHE LA 188 35.18 -6.53 25.61
C PHE LA 188 34.57 -5.20 26.01
N PHE LA 189 34.65 -4.85 27.29
CA PHE LA 189 34.09 -3.58 27.76
C PHE LA 189 34.63 -2.40 26.98
N PHE LA 190 35.27 -2.71 25.86
CA PHE LA 190 35.82 -1.73 24.94
C PHE LA 190 35.13 -1.97 23.61
N THR LA 191 35.40 -3.13 23.02
CA THR LA 191 34.76 -3.49 21.76
C THR LA 191 33.32 -3.04 21.85
N ASN LA 192 32.63 -3.50 22.89
CA ASN LA 192 31.25 -3.14 23.13
C ASN LA 192 31.08 -1.64 22.95
N CYS LA 193 31.74 -0.87 23.80
CA CYS LA 193 31.65 0.58 23.75
C CYS LA 193 32.23 1.18 22.48
N LEU LA 194 32.26 0.40 21.40
CA LEU LA 194 32.74 0.87 20.11
C LEU LA 194 31.58 0.58 19.15
N ALA LA 195 31.19 -0.69 19.07
CA ALA LA 195 30.08 -1.07 18.22
C ALA LA 195 28.98 -0.09 18.60
N LEU LA 196 28.52 -0.16 19.83
CA LEU LA 196 27.48 0.75 20.31
C LEU LA 196 27.69 2.18 19.79
N SER LA 197 28.91 2.66 19.85
CA SER LA 197 29.17 4.01 19.37
C SER LA 197 29.28 3.93 17.86
N MET LA 198 28.40 3.13 17.27
CA MET LA 198 28.36 2.96 15.83
C MET LA 198 26.92 2.64 15.43
N HIS LA 199 26.35 1.58 16.01
CA HIS LA 199 24.97 1.24 15.71
C HIS LA 199 24.17 2.48 16.05
N GLY LA 200 24.36 2.98 17.26
CA GLY LA 200 23.67 4.19 17.67
C GLY LA 200 23.86 5.25 16.61
N SER LA 201 25.10 5.47 16.21
CA SER LA 201 25.43 6.48 15.19
C SER LA 201 24.65 6.27 13.89
N LEU LA 202 24.89 5.15 13.22
CA LEU LA 202 24.20 4.87 11.96
C LEU LA 202 22.70 5.10 12.04
N ILE LA 203 22.04 4.44 13.00
CA ILE LA 203 20.61 4.60 13.17
C ILE LA 203 20.26 6.08 13.14
N LEU LA 204 20.75 6.81 14.14
CA LEU LA 204 20.49 8.25 14.20
C LEU LA 204 21.18 8.96 13.05
N SER LA 205 21.64 8.20 12.06
CA SER LA 205 22.32 8.79 10.92
C SER LA 205 21.64 8.40 9.61
N VAL LA 206 20.72 7.42 9.69
CA VAL LA 206 19.98 6.97 8.51
C VAL LA 206 18.54 7.43 8.66
N THR LA 207 18.01 7.29 9.87
CA THR LA 207 16.65 7.68 10.15
C THR LA 207 16.51 9.20 10.07
N ASN LA 208 17.51 9.91 10.57
CA ASN LA 208 17.48 11.36 10.52
C ASN LA 208 18.67 11.80 9.69
N PRO LA 209 18.70 11.42 8.40
CA PRO LA 209 19.79 11.75 7.47
C PRO LA 209 19.89 13.19 7.01
N GLN LA 210 20.82 13.43 6.07
CA GLN LA 210 21.08 14.74 5.50
C GLN LA 210 19.84 15.60 5.39
N LYS LA 211 20.04 16.91 5.28
CA LYS LA 211 18.92 17.83 5.13
C LYS LA 211 18.31 17.62 3.75
N GLY LA 212 16.99 17.60 3.69
CA GLY LA 212 16.36 17.38 2.40
C GLY LA 212 16.85 16.05 1.87
N GLU LA 213 16.43 14.98 2.52
CA GLU LA 213 16.79 13.62 2.13
C GLU LA 213 15.81 12.66 2.77
N PRO LA 214 15.58 11.51 2.14
CA PRO LA 214 14.66 10.49 2.64
C PRO LA 214 15.25 9.60 3.72
N VAL LA 215 14.38 9.06 4.58
CA VAL LA 215 14.83 8.16 5.63
C VAL LA 215 15.46 6.96 4.90
N LYS LA 216 16.78 6.92 4.87
CA LYS LA 216 17.52 5.86 4.19
C LYS LA 216 17.13 4.46 4.69
N THR LA 217 17.51 3.42 3.94
CA THR LA 217 17.19 2.04 4.32
C THR LA 217 18.47 1.24 4.51
N SER LA 218 18.32 -0.04 4.86
CA SER LA 218 19.47 -0.90 5.05
C SER LA 218 20.29 -0.86 3.77
N GLU LA 219 19.60 -0.71 2.65
CA GLU LA 219 20.24 -0.65 1.34
C GLU LA 219 21.37 0.39 1.31
N HIS LA 220 21.54 1.10 2.42
CA HIS LA 220 22.60 2.10 2.55
C HIS LA 220 23.53 1.56 3.63
N GLU LA 221 22.98 1.50 4.84
CA GLU LA 221 23.66 1.00 6.02
C GLU LA 221 24.56 -0.16 5.62
N ASN LA 222 23.94 -1.26 5.20
CA ASN LA 222 24.62 -2.47 4.78
C ASN LA 222 25.77 -2.22 3.81
N THR LA 223 25.99 -0.96 3.46
CA THR LA 223 27.07 -0.59 2.54
C THR LA 223 27.96 0.47 3.18
N PHE LA 224 27.40 1.23 4.11
CA PHE LA 224 28.16 2.27 4.81
C PHE LA 224 29.54 1.74 5.19
N PHE LA 225 29.53 0.66 5.97
CA PHE LA 225 30.75 0.01 6.45
C PHE LA 225 31.34 -0.86 5.37
N ARG LA 226 30.48 -1.37 4.48
CA ARG LA 226 30.94 -2.21 3.38
C ARG LA 226 31.82 -1.36 2.47
N ASP LA 227 31.86 -0.07 2.75
CA ASP LA 227 32.64 0.90 1.99
C ASP LA 227 33.87 1.32 2.76
N ILE LA 228 33.69 1.57 4.05
CA ILE LA 228 34.78 1.99 4.94
C ILE LA 228 35.68 0.81 5.34
N VAL LA 229 35.14 -0.08 6.15
CA VAL LA 229 35.88 -1.24 6.62
C VAL LA 229 35.89 -2.36 5.57
N GLY LA 230 34.91 -2.34 4.68
CA GLY LA 230 34.85 -3.36 3.66
C GLY LA 230 33.66 -4.28 3.79
N TYR LA 231 33.39 -4.72 5.01
CA TYR LA 231 32.27 -5.61 5.26
C TYR LA 231 31.29 -5.02 6.28
N SER LA 232 30.11 -5.61 6.37
CA SER LA 232 29.08 -5.14 7.29
C SER LA 232 28.40 -6.33 8.00
N ILE LA 233 28.63 -6.43 9.30
CA ILE LA 233 28.05 -7.52 10.09
C ILE LA 233 26.56 -7.71 9.85
N GLY LA 234 25.92 -6.71 9.27
CA GLY LA 234 24.50 -6.80 9.03
C GLY LA 234 23.73 -5.99 10.05
N ALA LA 235 22.46 -5.77 9.79
CA ALA LA 235 21.62 -4.97 10.68
C ALA LA 235 21.13 -5.71 11.91
N LEU LA 236 20.72 -6.96 11.73
CA LEU LA 236 20.22 -7.72 12.88
C LEU LA 236 21.37 -8.03 13.82
N ALA LA 237 22.48 -8.50 13.24
CA ALA LA 237 23.68 -8.89 13.98
C ALA LA 237 24.09 -7.88 15.05
N ILE LA 238 24.21 -6.61 14.68
CA ILE LA 238 24.61 -5.60 15.65
C ILE LA 238 23.90 -5.85 16.98
N HIS LA 239 22.59 -6.12 16.93
CA HIS LA 239 21.82 -6.36 18.15
C HIS LA 239 22.01 -7.79 18.60
N ARG LA 240 23.21 -8.28 18.39
CA ARG LA 240 23.58 -9.62 18.79
C ARG LA 240 24.99 -9.44 19.37
N LEU LA 241 25.92 -9.10 18.46
CA LEU LA 241 27.30 -8.85 18.81
C LEU LA 241 27.31 -8.09 20.13
N GLY LA 242 26.53 -7.01 20.18
CA GLY LA 242 26.43 -6.22 21.38
C GLY LA 242 26.17 -7.08 22.60
N LEU LA 243 25.04 -7.78 22.63
CA LEU LA 243 24.71 -8.63 23.75
C LEU LA 243 25.92 -9.48 24.06
N PHE LA 244 26.47 -10.09 23.01
CA PHE LA 244 27.66 -10.92 23.12
C PHE LA 244 28.67 -10.12 23.92
N LEU LA 245 29.43 -9.27 23.23
CA LEU LA 245 30.42 -8.43 23.88
C LEU LA 245 30.09 -8.27 25.36
N ALA LA 246 29.08 -7.47 25.67
CA ALA LA 246 28.70 -7.23 27.06
C ALA LA 246 28.33 -8.50 27.83
N LEU LA 247 27.28 -9.20 27.41
CA LEU LA 247 26.90 -10.41 28.12
C LEU LA 247 28.05 -11.39 28.26
N SER LA 248 29.17 -11.05 27.61
CA SER LA 248 30.37 -11.87 27.64
C SER LA 248 31.36 -11.16 28.56
N ALA LA 249 31.77 -9.96 28.16
CA ALA LA 249 32.68 -9.17 28.99
C ALA LA 249 32.28 -9.44 30.43
N ALA LA 250 31.00 -9.27 30.71
CA ALA LA 250 30.51 -9.51 32.06
C ALA LA 250 31.01 -10.87 32.51
N PHE LA 251 30.51 -11.91 31.86
CA PHE LA 251 30.90 -13.27 32.19
C PHE LA 251 32.41 -13.40 32.28
N TRP LA 252 33.14 -12.61 31.48
CA TRP LA 252 34.58 -12.66 31.53
C TRP LA 252 34.96 -12.06 32.86
N SER LA 253 34.67 -10.78 33.03
CA SER LA 253 34.94 -10.11 34.28
C SER LA 253 34.73 -11.17 35.36
N ALA LA 254 33.50 -11.67 35.44
CA ALA LA 254 33.13 -12.68 36.43
C ALA LA 254 34.30 -13.62 36.70
N VAL LA 255 34.77 -14.29 35.64
CA VAL LA 255 35.90 -15.19 35.74
C VAL LA 255 37.06 -14.37 36.26
N CYS LA 256 37.49 -13.40 35.45
CA CYS LA 256 38.58 -12.50 35.76
C CYS LA 256 38.87 -12.19 37.24
N ILE LA 257 37.88 -12.32 38.11
CA ILE LA 257 38.11 -12.02 39.52
C ILE LA 257 37.82 -13.22 40.42
N LEU LA 258 37.19 -14.26 39.87
CA LEU LA 258 36.90 -15.43 40.69
C LEU LA 258 38.17 -16.21 40.87
N ILE LA 259 39.01 -16.22 39.83
CA ILE LA 259 40.27 -16.94 39.89
C ILE LA 259 41.34 -16.15 40.64
N SER LA 260 41.24 -14.83 40.58
CA SER LA 260 42.19 -13.98 41.29
C SER LA 260 42.12 -14.27 42.78
N GLY LA 261 42.88 -15.28 43.19
CA GLY LA 261 42.91 -15.68 44.58
C GLY LA 261 42.68 -17.18 44.66
N PRO LA 262 41.47 -17.62 44.99
CA PRO LA 262 41.08 -19.02 45.13
C PRO LA 262 41.51 -19.93 43.98
N PHE LA 263 42.10 -19.35 42.95
CA PHE LA 263 42.56 -20.14 41.81
C PHE LA 263 43.96 -19.72 41.37
N TRP LA 264 44.43 -18.61 41.94
CA TRP LA 264 45.76 -18.10 41.64
C TRP LA 264 46.24 -17.11 42.69
N THR LA 265 47.44 -17.33 43.20
CA THR LA 265 48.00 -16.49 44.26
C THR LA 265 49.25 -15.69 43.92
N ARG LA 266 50.11 -16.20 43.05
CA ARG LA 266 51.31 -15.47 42.69
C ARG LA 266 50.86 -14.24 41.93
N GLY LA 267 51.79 -13.33 41.67
CA GLY LA 267 51.43 -12.13 40.92
C GLY LA 267 51.08 -12.52 39.50
N TRP LA 268 49.93 -12.05 39.00
CA TRP LA 268 49.49 -12.37 37.64
C TRP LA 268 50.65 -12.42 36.65
N PRO LA 269 51.44 -11.33 36.58
CA PRO LA 269 52.57 -11.30 35.65
C PRO LA 269 53.26 -12.66 35.58
N GLU LA 270 53.19 -13.40 36.67
CA GLU LA 270 53.80 -14.72 36.74
C GLU LA 270 53.05 -15.76 35.92
N TRP LA 271 51.75 -15.92 36.16
CA TRP LA 271 50.99 -16.90 35.39
C TRP LA 271 51.56 -16.98 33.98
N TRP LA 272 51.71 -15.82 33.36
CA TRP LA 272 52.23 -15.73 32.00
C TRP LA 272 53.51 -16.52 31.77
N ASN LA 273 54.12 -16.99 32.85
CA ASN LA 273 55.36 -17.73 32.75
C ASN LA 273 55.19 -18.98 31.88
N TRP LA 274 54.13 -19.75 32.14
CA TRP LA 274 53.88 -20.97 31.38
C TRP LA 274 54.18 -20.78 29.91
N TRP LA 275 54.00 -19.55 29.43
CA TRP LA 275 54.26 -19.24 28.03
C TRP LA 275 55.76 -19.35 27.74
N LEU LA 276 56.56 -18.60 28.50
CA LEU LA 276 58.00 -18.58 28.32
C LEU LA 276 58.63 -19.96 28.41
N GLU LA 277 58.45 -20.60 29.56
CA GLU LA 277 59.01 -21.91 29.84
C GLU LA 277 58.77 -22.96 28.77
N LEU LA 278 57.80 -22.72 27.89
CA LEU LA 278 57.50 -23.68 26.84
C LEU LA 278 58.80 -24.18 26.19
N PRO LA 279 58.97 -25.51 26.11
CA PRO LA 279 60.18 -26.09 25.51
C PRO LA 279 60.23 -25.80 24.03
N LEU LA 280 60.41 -24.52 23.69
CA LEU LA 280 60.44 -24.11 22.29
C LEU LA 280 61.41 -22.98 22.00
N TRP LA 281 61.10 -21.81 22.55
CA TRP LA 281 61.90 -20.59 22.36
C TRP LA 281 62.79 -20.20 23.52
N PRO MA 2 11.30 -22.68 24.61
CA PRO MA 2 11.76 -23.59 23.52
C PRO MA 2 11.73 -22.88 22.17
N GLU MA 3 11.45 -21.59 22.20
CA GLU MA 3 11.37 -20.78 20.98
C GLU MA 3 12.73 -20.56 20.35
N TYR MA 4 12.72 -20.15 19.08
CA TYR MA 4 13.94 -19.89 18.34
C TYR MA 4 14.52 -18.55 18.76
N GLN MA 5 15.39 -18.57 19.77
CA GLN MA 5 16.02 -17.35 20.22
C GLN MA 5 16.98 -17.03 19.09
N ASN MA 6 16.84 -15.85 18.49
CA ASN MA 6 17.68 -15.45 17.38
C ASN MA 6 19.16 -15.53 17.68
N ILE MA 7 19.66 -16.76 17.74
CA ILE MA 7 21.06 -17.04 18.00
C ILE MA 7 21.84 -16.98 16.69
N PHE MA 8 21.97 -18.11 16.01
CA PHE MA 8 22.69 -18.12 14.75
C PHE MA 8 21.67 -18.39 13.66
N THR MA 9 21.55 -17.46 12.72
CA THR MA 9 20.61 -17.60 11.61
C THR MA 9 20.54 -19.04 11.13
N ALA MA 10 19.59 -19.79 11.67
CA ALA MA 10 19.39 -21.19 11.33
C ALA MA 10 19.69 -21.48 9.86
N VAL MA 11 18.68 -21.35 9.00
CA VAL MA 11 18.86 -21.59 7.57
C VAL MA 11 19.06 -20.27 6.83
N GLN MA 12 20.11 -20.21 6.04
CA GLN MA 12 20.44 -18.99 5.28
C GLN MA 12 20.04 -19.11 3.82
N VAL MA 13 20.25 -18.01 3.09
CA VAL MA 13 19.94 -17.91 1.67
C VAL MA 13 20.83 -16.85 1.03
N ARG MA 14 21.04 -16.94 -0.28
CA ARG MA 14 21.90 -15.98 -0.96
C ARG MA 14 21.34 -15.38 -2.26
N ALA MA 15 21.94 -14.26 -2.65
CA ALA MA 15 21.57 -13.54 -3.86
C ALA MA 15 22.77 -12.67 -4.23
N PRO MA 16 23.02 -12.52 -5.54
CA PRO MA 16 24.13 -11.73 -6.12
C PRO MA 16 24.76 -10.63 -5.26
N ALA MA 17 26.04 -10.38 -5.52
CA ALA MA 17 26.83 -9.39 -4.80
C ALA MA 17 26.30 -7.97 -4.96
N TYR MA 18 25.77 -7.41 -3.88
CA TYR MA 18 25.26 -6.05 -3.92
C TYR MA 18 26.34 -5.01 -3.58
N PRO MA 19 26.85 -4.30 -4.58
CA PRO MA 19 27.88 -3.28 -4.39
C PRO MA 19 27.37 -1.94 -3.88
N GLY MA 20 26.46 -1.99 -2.92
CA GLY MA 20 25.89 -0.78 -2.33
C GLY MA 20 25.31 0.20 -3.32
N VAL MA 21 24.64 1.23 -2.81
CA VAL MA 21 24.05 2.24 -3.67
C VAL MA 21 25.18 2.95 -4.43
N PRO MA 22 24.95 3.32 -5.69
CA PRO MA 22 26.00 4.00 -6.45
C PRO MA 22 26.36 5.35 -5.86
N LEU MA 23 27.58 5.80 -6.14
CA LEU MA 23 28.05 7.08 -5.63
C LEU MA 23 28.26 8.10 -6.73
N PRO MA 24 28.00 9.38 -6.42
CA PRO MA 24 28.11 10.57 -7.28
C PRO MA 24 29.35 10.70 -8.17
N LYS MA 25 29.64 11.95 -8.51
CA LYS MA 25 30.78 12.29 -9.34
C LYS MA 25 31.95 12.67 -8.44
N GLY MA 26 32.93 11.78 -8.35
CA GLY MA 26 34.08 12.03 -7.50
C GLY MA 26 34.42 10.81 -6.67
N ASN MA 27 33.40 10.05 -6.29
CA ASN MA 27 33.59 8.85 -5.51
C ASN MA 27 34.04 7.76 -6.47
N LEU MA 28 35.33 7.50 -6.47
CA LEU MA 28 35.93 6.48 -7.34
C LEU MA 28 35.16 5.15 -7.33
N PRO MA 29 35.52 4.23 -8.23
CA PRO MA 29 34.82 2.95 -8.26
C PRO MA 29 35.00 2.17 -6.98
N ARG MA 30 34.00 1.35 -6.65
CA ARG MA 30 34.11 0.52 -5.47
C ARG MA 30 35.07 -0.57 -5.94
N ILE MA 31 35.64 -1.32 -5.00
CA ILE MA 31 36.57 -2.36 -5.38
C ILE MA 31 36.45 -3.64 -4.55
N GLY MA 32 36.60 -4.76 -5.24
CA GLY MA 32 36.52 -6.06 -4.60
C GLY MA 32 35.42 -6.93 -5.18
N ARG MA 33 35.66 -8.23 -5.22
CA ARG MA 33 34.68 -9.19 -5.76
C ARG MA 33 34.05 -9.96 -4.59
N PRO MA 34 33.18 -9.29 -3.82
CA PRO MA 34 32.48 -9.86 -2.67
C PRO MA 34 32.45 -11.38 -2.62
N ILE MA 35 32.65 -11.91 -1.43
CA ILE MA 35 32.65 -13.35 -1.23
C ILE MA 35 31.64 -13.76 -0.17
N PHE MA 36 31.45 -15.07 -0.03
CA PHE MA 36 30.49 -15.59 0.93
C PHE MA 36 31.10 -16.54 1.96
N SER MA 37 30.74 -16.34 3.22
CA SER MA 37 31.22 -17.19 4.31
C SER MA 37 30.01 -17.71 5.07
N TYR MA 38 29.72 -19.00 4.87
CA TYR MA 38 28.59 -19.62 5.55
C TYR MA 38 28.69 -19.34 7.04
N TRP MA 39 29.84 -19.66 7.61
CA TRP MA 39 30.07 -19.46 9.04
C TRP MA 39 29.85 -18.02 9.45
N LEU MA 40 30.66 -17.13 8.91
CA LEU MA 40 30.55 -15.72 9.23
C LEU MA 40 29.07 -15.38 9.16
N GLY MA 41 28.43 -15.83 8.08
CA GLY MA 41 27.03 -15.57 7.86
C GLY MA 41 26.08 -16.25 8.81
N LYS MA 42 26.59 -17.16 9.63
CA LYS MA 42 25.74 -17.86 10.57
C LYS MA 42 25.55 -16.97 11.80
N ILE MA 43 26.11 -15.78 11.70
CA ILE MA 43 26.02 -14.78 12.76
C ILE MA 43 25.44 -13.51 12.17
N GLY MA 44 25.87 -13.18 10.95
CA GLY MA 44 25.39 -11.98 10.28
C GLY MA 44 25.43 -12.05 8.76
N ASP MA 45 25.45 -10.89 8.11
CA ASP MA 45 25.47 -10.84 6.66
C ASP MA 45 26.66 -11.59 6.10
N ALA MA 46 26.43 -12.84 5.73
CA ALA MA 46 27.47 -13.70 5.18
C ALA MA 46 28.28 -13.09 4.04
N GLN MA 47 27.76 -12.03 3.40
CA GLN MA 47 28.49 -11.43 2.30
C GLN MA 47 29.71 -10.66 2.76
N ILE MA 48 30.76 -10.71 1.94
CA ILE MA 48 31.99 -10.02 2.23
C ILE MA 48 32.22 -8.92 1.22
N GLY MA 49 32.55 -7.73 1.71
CA GLY MA 49 32.80 -6.61 0.82
C GLY MA 49 31.72 -6.35 -0.22
N PRO MA 50 32.07 -5.69 -1.34
CA PRO MA 50 33.42 -5.21 -1.61
C PRO MA 50 33.62 -3.96 -0.78
N ILE MA 51 34.76 -3.30 -0.93
CA ILE MA 51 35.02 -2.10 -0.13
C ILE MA 51 35.50 -0.91 -0.95
N TYR MA 52 35.23 0.29 -0.43
CA TYR MA 52 35.62 1.51 -1.11
C TYR MA 52 37.05 1.88 -0.74
N LEU MA 53 37.69 2.67 -1.60
CA LEU MA 53 39.06 3.12 -1.38
C LEU MA 53 39.31 4.35 -2.22
N GLY MA 54 39.13 5.52 -1.61
CA GLY MA 54 39.34 6.76 -2.33
C GLY MA 54 40.74 7.33 -2.21
N LEU MA 55 40.83 8.53 -1.66
CA LEU MA 55 42.11 9.20 -1.48
C LEU MA 55 42.54 9.00 -0.04
N THR MA 56 41.84 9.64 0.89
CA THR MA 56 42.17 9.46 2.30
C THR MA 56 42.14 7.96 2.55
N GLY MA 57 41.32 7.26 1.78
CA GLY MA 57 41.23 5.82 1.91
C GLY MA 57 42.63 5.26 1.75
N THR MA 58 43.15 5.28 0.52
CA THR MA 58 44.50 4.79 0.27
C THR MA 58 45.48 5.49 1.21
N LEU MA 59 45.45 6.81 1.19
CA LEU MA 59 46.31 7.65 2.02
C LEU MA 59 46.36 7.19 3.48
N SER MA 60 45.21 7.31 4.16
CA SER MA 60 45.09 6.92 5.56
C SER MA 60 45.62 5.53 5.84
N ILE MA 61 45.23 4.56 5.03
CA ILE MA 61 45.72 3.20 5.24
C ILE MA 61 47.23 3.16 4.97
N PHE MA 62 47.68 3.89 3.95
CA PHE MA 62 49.11 3.96 3.63
C PHE MA 62 49.81 4.47 4.87
N PHE MA 63 49.21 5.49 5.48
CA PHE MA 63 49.75 6.11 6.69
C PHE MA 63 49.59 5.13 7.85
N GLY MA 64 48.92 4.02 7.58
CA GLY MA 64 48.70 3.02 8.61
C GLY MA 64 49.80 1.99 8.62
N LEU MA 65 49.84 1.15 7.59
CA LEU MA 65 50.85 0.10 7.48
C LEU MA 65 52.28 0.64 7.38
N VAL MA 66 52.53 1.76 8.04
CA VAL MA 66 53.86 2.37 8.07
C VAL MA 66 54.31 2.31 9.52
N ALA MA 67 53.54 2.94 10.39
CA ALA MA 67 53.84 2.93 11.82
C ALA MA 67 54.00 1.48 12.22
N ILE MA 68 53.07 0.65 11.76
CA ILE MA 68 53.10 -0.78 12.03
C ILE MA 68 54.43 -1.35 11.55
N SER MA 69 54.85 -0.91 10.36
CA SER MA 69 56.11 -1.36 9.77
C SER MA 69 57.27 -0.78 10.57
N ILE MA 70 56.97 0.15 11.47
CA ILE MA 70 57.99 0.76 12.33
C ILE MA 70 57.90 0.08 13.69
N ILE MA 71 56.88 0.44 14.44
CA ILE MA 71 56.65 -0.13 15.77
C ILE MA 71 56.82 -1.64 15.68
N GLY MA 72 56.59 -2.17 14.48
CA GLY MA 72 56.73 -3.60 14.28
C GLY MA 72 58.18 -3.99 14.13
N PHE MA 73 58.90 -3.30 13.26
CA PHE MA 73 60.31 -3.59 13.04
C PHE MA 73 61.10 -3.46 14.32
N ASN MA 74 61.22 -2.23 14.81
CA ASN MA 74 61.94 -1.95 16.04
C ASN MA 74 61.69 -3.05 17.06
N MET MA 75 60.43 -3.45 17.17
CA MET MA 75 60.04 -4.49 18.11
C MET MA 75 60.71 -5.83 17.83
N LEU MA 76 60.99 -6.13 16.57
CA LEU MA 76 61.65 -7.38 16.25
C LEU MA 76 63.14 -7.23 16.49
N ALA MA 77 63.71 -6.11 16.06
CA ALA MA 77 65.12 -5.86 16.26
C ALA MA 77 65.38 -6.17 17.73
N SER MA 78 64.70 -5.42 18.60
CA SER MA 78 64.82 -5.61 20.05
C SER MA 78 65.44 -6.96 20.35
N VAL MA 79 64.66 -8.02 20.18
CA VAL MA 79 65.14 -9.37 20.41
C VAL MA 79 66.00 -9.75 19.20
N HIS MA 80 67.12 -9.02 19.08
CA HIS MA 80 68.08 -9.18 17.99
C HIS MA 80 67.61 -10.08 16.84
N TRP MA 81 66.63 -9.55 16.10
CA TRP MA 81 66.04 -10.21 14.94
C TRP MA 81 65.86 -11.72 15.04
N ASP MA 82 65.78 -12.26 16.25
CA ASP MA 82 65.58 -13.70 16.41
C ASP MA 82 64.10 -13.92 16.73
N VAL MA 83 63.29 -13.88 15.67
CA VAL MA 83 61.84 -14.06 15.76
C VAL MA 83 61.42 -15.07 16.81
N PHE MA 84 62.15 -16.18 16.87
CA PHE MA 84 61.88 -17.24 17.82
C PHE MA 84 61.48 -16.64 19.16
N GLN MA 85 62.34 -15.80 19.70
CA GLN MA 85 62.08 -15.15 20.98
C GLN MA 85 61.01 -14.09 20.76
N PHE MA 86 61.11 -13.39 19.63
CA PHE MA 86 60.16 -12.36 19.26
C PHE MA 86 58.78 -12.93 19.55
N LEU MA 87 58.60 -14.19 19.15
CA LEU MA 87 57.35 -14.92 19.37
C LEU MA 87 57.11 -15.01 20.86
N LYS MA 88 58.12 -15.50 21.56
CA LYS MA 88 58.06 -15.67 23.01
C LYS MA 88 57.76 -14.36 23.74
N HIS MA 89 58.74 -13.46 23.73
CA HIS MA 89 58.65 -12.17 24.41
C HIS MA 89 57.77 -11.17 23.67
N PHE MA 90 56.90 -11.65 22.78
CA PHE MA 90 56.02 -10.76 22.04
C PHE MA 90 55.19 -9.87 22.96
N PHE MA 91 54.21 -10.45 23.63
CA PHE MA 91 53.33 -9.70 24.52
C PHE MA 91 54.09 -8.78 25.48
N TRP MA 92 55.41 -8.89 25.48
CA TRP MA 92 56.23 -8.07 26.36
C TRP MA 92 56.93 -6.98 25.57
N LEU MA 93 57.41 -7.34 24.37
CA LEU MA 93 58.13 -6.40 23.51
C LEU MA 93 57.40 -5.06 23.29
N GLY MA 94 57.94 -4.26 22.36
CA GLY MA 94 57.35 -2.98 22.06
C GLY MA 94 58.36 -1.99 21.48
N LEU MA 95 58.09 -0.70 21.70
CA LEU MA 95 58.95 0.39 21.23
C LEU MA 95 58.69 1.61 22.10
N GLU MA 96 59.67 1.94 22.94
CA GLU MA 96 59.56 3.06 23.86
C GLU MA 96 59.80 4.43 23.24
N PRO MA 97 59.23 5.48 23.86
CA PRO MA 97 59.34 6.88 23.45
C PRO MA 97 60.71 7.50 23.72
N PRO MA 98 60.88 8.79 23.39
CA PRO MA 98 62.15 9.51 23.60
C PRO MA 98 62.47 9.82 25.06
N PRO MA 99 63.76 9.78 25.43
CA PRO MA 99 64.25 10.04 26.79
C PRO MA 99 63.88 11.44 27.29
N PRO MA 100 63.55 11.55 28.58
CA PRO MA 100 63.17 12.83 29.21
C PRO MA 100 64.00 14.02 28.77
N GLN MA 101 65.21 13.75 28.28
CA GLN MA 101 66.10 14.81 27.80
C GLN MA 101 65.47 15.57 26.64
N TYR MA 102 65.27 14.86 25.53
CA TYR MA 102 64.69 15.43 24.33
C TYR MA 102 63.18 15.64 24.51
N GLY MA 103 62.78 15.98 25.74
CA GLY MA 103 61.39 16.21 26.08
C GLY MA 103 60.45 16.48 24.93
N LEU MA 104 60.89 17.34 24.01
CA LEU MA 104 60.08 17.69 22.84
C LEU MA 104 60.93 17.58 21.59
N ARG MA 105 62.23 17.84 21.73
CA ARG MA 105 63.14 17.77 20.61
C ARG MA 105 63.00 16.46 19.85
N ILE MA 106 63.33 16.50 18.56
CA ILE MA 106 63.26 15.33 17.72
C ILE MA 106 64.32 14.33 18.15
N PRO MA 107 63.93 13.28 18.89
CA PRO MA 107 64.89 12.29 19.35
C PRO MA 107 65.72 11.72 18.20
N PRO MA 108 66.98 11.33 18.50
CA PRO MA 108 67.86 10.78 17.47
C PRO MA 108 67.28 9.51 16.87
N LEU MA 109 67.81 9.10 15.73
CA LEU MA 109 67.35 7.90 15.04
C LEU MA 109 67.17 6.71 15.98
N SER MA 110 67.86 6.73 17.12
CA SER MA 110 67.77 5.63 18.08
C SER MA 110 66.89 5.93 19.28
N GLU MA 111 67.50 6.45 20.35
CA GLU MA 111 66.78 6.78 21.58
C GLU MA 111 65.37 7.31 21.37
N GLY MA 112 64.38 6.42 21.53
CA GLY MA 112 62.98 6.80 21.37
C GLY MA 112 62.57 7.43 20.05
N GLY MA 113 63.49 7.44 19.09
CA GLY MA 113 63.20 8.03 17.79
C GLY MA 113 62.07 7.39 17.01
N TRP MA 114 62.25 6.13 16.62
CA TRP MA 114 61.24 5.40 15.86
C TRP MA 114 59.82 5.57 16.42
N TRP MA 115 59.70 5.70 17.73
CA TRP MA 115 58.40 5.85 18.36
C TRP MA 115 57.76 7.16 17.94
N LEU MA 116 58.54 8.23 17.91
CA LEU MA 116 58.01 9.53 17.50
C LEU MA 116 57.73 9.47 16.02
N MET MA 117 58.64 8.86 15.28
CA MET MA 117 58.47 8.70 13.84
C MET MA 117 57.16 7.99 13.59
N ALA MA 118 57.05 6.77 14.11
CA ALA MA 118 55.85 5.98 13.95
C ALA MA 118 54.66 6.65 14.61
N GLY MA 119 54.89 7.26 15.77
CA GLY MA 119 53.83 7.92 16.51
C GLY MA 119 52.98 8.84 15.65
N LEU MA 120 53.61 9.80 15.00
CA LEU MA 120 52.90 10.75 14.14
C LEU MA 120 52.09 10.04 13.06
N PHE MA 121 52.71 9.05 12.41
CA PHE MA 121 52.06 8.31 11.36
C PHE MA 121 50.89 7.46 11.85
N LEU MA 122 50.60 7.54 13.14
CA LEU MA 122 49.46 6.84 13.70
C LEU MA 122 48.66 7.95 14.32
N THR MA 123 49.11 9.16 14.04
CA THR MA 123 48.47 10.36 14.53
C THR MA 123 47.74 11.01 13.37
N LEU MA 124 48.20 10.74 12.15
CA LEU MA 124 47.56 11.27 10.97
C LEU MA 124 46.68 10.17 10.38
N SER MA 125 47.26 9.02 10.07
CA SER MA 125 46.49 7.90 9.55
C SER MA 125 45.22 7.70 10.38
N ILE MA 126 45.35 7.81 11.68
CA ILE MA 126 44.22 7.67 12.57
C ILE MA 126 43.29 8.86 12.37
N LEU MA 127 43.90 10.02 12.17
CA LEU MA 127 43.15 11.26 11.96
C LEU MA 127 42.74 11.38 10.49
N LEU MA 128 43.33 10.53 9.66
CA LEU MA 128 43.06 10.52 8.24
C LEU MA 128 41.90 9.57 7.97
N TRP MA 129 41.75 8.58 8.86
CA TRP MA 129 40.68 7.61 8.72
C TRP MA 129 39.43 8.17 9.40
N TRP MA 130 39.56 9.38 9.93
CA TRP MA 130 38.42 10.06 10.55
C TRP MA 130 37.73 10.73 9.37
N VAL MA 131 38.53 11.04 8.36
CA VAL MA 131 38.06 11.64 7.13
C VAL MA 131 37.43 10.54 6.30
N ARG MA 132 38.17 9.45 6.11
CA ARG MA 132 37.70 8.31 5.35
C ARG MA 132 36.30 7.92 5.82
N THR MA 133 35.84 8.59 6.88
CA THR MA 133 34.50 8.35 7.37
C THR MA 133 33.64 9.50 6.84
N TYR MA 134 33.72 10.65 7.51
CA TYR MA 134 32.95 11.84 7.12
C TYR MA 134 32.87 11.96 5.61
N LYS MA 135 33.96 11.62 4.94
CA LYS MA 135 34.02 11.66 3.49
C LYS MA 135 32.99 10.66 2.95
N ARG MA 136 33.33 9.38 3.02
CA ARG MA 136 32.46 8.33 2.54
C ARG MA 136 31.11 8.35 3.24
N ALA MA 137 31.06 9.02 4.38
CA ALA MA 137 29.86 9.10 5.19
C ALA MA 137 28.64 9.79 4.59
N GLU MA 138 28.76 11.08 4.29
CA GLU MA 138 27.65 11.84 3.72
C GLU MA 138 27.45 11.68 2.22
N ALA MA 139 28.49 11.27 1.50
CA ALA MA 139 28.36 11.07 0.07
C ALA MA 139 27.45 9.87 -0.16
N LEU MA 140 26.86 9.40 0.94
CA LEU MA 140 25.94 8.28 0.94
C LEU MA 140 24.60 8.91 1.29
N GLY MA 141 24.60 10.25 1.32
CA GLY MA 141 23.40 10.99 1.68
C GLY MA 141 23.18 10.92 3.17
N MET MA 142 24.14 10.28 3.85
CA MET MA 142 24.10 10.09 5.30
C MET MA 142 24.56 11.30 6.09
N SER MA 143 23.94 11.49 7.25
CA SER MA 143 24.31 12.59 8.12
C SER MA 143 25.70 12.29 8.66
N GLN MA 144 26.04 12.87 9.81
CA GLN MA 144 27.36 12.65 10.42
C GLN MA 144 27.23 12.44 11.93
N HIS MA 145 27.38 11.19 12.37
CA HIS MA 145 27.29 10.86 13.77
C HIS MA 145 28.44 9.96 14.19
N LEU MA 146 28.94 9.20 13.23
CA LEU MA 146 30.08 8.33 13.49
C LEU MA 146 31.25 9.29 13.51
N SER MA 147 31.40 10.04 12.42
CA SER MA 147 32.46 11.04 12.29
C SER MA 147 32.51 11.92 13.54
N TRP MA 148 31.43 11.92 14.31
CA TRP MA 148 31.36 12.70 15.53
C TRP MA 148 32.02 11.93 16.66
N ALA MA 149 31.51 10.73 16.93
CA ALA MA 149 32.07 9.90 18.00
C ALA MA 149 33.55 9.64 17.74
N PHE MA 150 33.86 9.19 16.52
CA PHE MA 150 35.23 8.90 16.11
C PHE MA 150 36.15 9.97 16.69
N ALA MA 151 35.68 11.21 16.69
CA ALA MA 151 36.47 12.31 17.22
C ALA MA 151 36.58 12.18 18.73
N ALA MA 152 35.45 12.16 19.42
CA ALA MA 152 35.46 12.02 20.87
C ALA MA 152 36.47 10.94 21.28
N ALA MA 153 36.59 9.91 20.45
CA ALA MA 153 37.52 8.82 20.71
C ALA MA 153 38.92 9.20 20.21
N ILE MA 154 38.99 9.98 19.14
CA ILE MA 154 40.26 10.42 18.60
C ILE MA 154 40.67 11.70 19.34
N PHE MA 155 39.82 12.10 20.27
CA PHE MA 155 40.07 13.28 21.10
C PHE MA 155 40.95 12.73 22.20
N PHE MA 156 40.44 11.67 22.81
CA PHE MA 156 41.12 10.96 23.88
C PHE MA 156 42.47 10.48 23.35
N TYR MA 157 42.47 10.01 22.11
CA TYR MA 157 43.70 9.55 21.48
C TYR MA 157 44.71 10.67 21.46
N LEU MA 158 44.23 11.91 21.54
CA LEU MA 158 45.16 13.02 21.56
C LEU MA 158 45.43 13.50 22.97
N VAL MA 159 44.55 13.12 23.90
CA VAL MA 159 44.74 13.49 25.29
C VAL MA 159 45.90 12.62 25.80
N LEU MA 160 46.23 11.61 25.01
CA LEU MA 160 47.32 10.70 25.31
C LEU MA 160 48.33 10.94 24.21
N GLY MA 161 48.58 12.22 23.93
CA GLY MA 161 49.52 12.57 22.88
C GLY MA 161 49.69 14.05 22.60
N PHE MA 162 49.63 14.41 21.32
CA PHE MA 162 49.78 15.79 20.89
C PHE MA 162 49.25 16.85 21.84
N ILE MA 163 48.26 16.50 22.67
CA ILE MA 163 47.69 17.50 23.59
C ILE MA 163 48.20 17.51 25.04
N ARG MA 164 48.76 16.40 25.52
CA ARG MA 164 49.27 16.36 26.89
C ARG MA 164 50.77 16.02 26.94
N PRO MA 165 51.16 14.87 26.36
CA PRO MA 165 52.57 14.50 26.37
C PRO MA 165 53.43 15.61 25.78
N VAL MA 166 52.84 16.41 24.92
CA VAL MA 166 53.55 17.54 24.31
C VAL MA 166 53.16 18.79 25.07
N MET MA 167 52.21 18.63 25.98
CA MET MA 167 51.72 19.73 26.79
C MET MA 167 52.54 19.84 28.08
N MET MA 168 53.24 18.77 28.43
CA MET MA 168 54.08 18.74 29.62
C MET MA 168 55.55 18.60 29.23
N GLY MA 169 55.82 18.73 27.93
CA GLY MA 169 57.18 18.62 27.44
C GLY MA 169 57.85 17.31 27.83
N SER MA 170 57.23 16.19 27.48
CA SER MA 170 57.79 14.89 27.84
C SER MA 170 57.57 13.79 26.82
N TRP MA 171 58.53 13.60 25.92
CA TRP MA 171 58.44 12.54 24.92
C TRP MA 171 58.55 11.22 25.69
N ALA MA 172 58.05 11.27 26.92
CA ALA MA 172 58.03 10.12 27.82
C ALA MA 172 56.62 10.00 28.37
N LYS MA 173 56.02 11.15 28.67
CA LYS MA 173 54.66 11.18 29.21
C LYS MA 173 53.64 10.62 28.21
N ALA MA 174 54.13 10.20 27.06
CA ALA MA 174 53.30 9.65 25.99
C ALA MA 174 53.43 8.13 25.92
N VAL MA 175 52.37 7.44 26.31
CA VAL MA 175 52.30 5.98 26.31
C VAL MA 175 53.29 5.27 25.39
N PRO MA 176 53.77 4.09 25.80
CA PRO MA 176 54.74 3.32 25.00
C PRO MA 176 54.12 2.82 23.70
N PHE MA 177 54.45 1.59 23.34
CA PHE MA 177 53.90 1.02 22.12
C PHE MA 177 53.95 -0.49 22.07
N GLY MA 178 53.28 -1.11 23.05
CA GLY MA 178 53.22 -2.56 23.14
C GLY MA 178 52.12 -2.96 24.08
N ILE MA 179 51.57 -4.16 23.92
CA ILE MA 179 50.49 -4.63 24.78
C ILE MA 179 50.88 -4.48 26.25
N PHE MA 180 51.77 -5.35 26.71
CA PHE MA 180 52.20 -5.28 28.10
C PHE MA 180 52.74 -3.89 28.41
N PRO MA 181 53.82 -3.47 27.72
CA PRO MA 181 54.32 -2.13 28.03
C PRO MA 181 53.22 -1.06 28.09
N HIS MA 182 52.35 -1.02 27.09
CA HIS MA 182 51.27 -0.04 27.10
C HIS MA 182 50.37 -0.42 28.26
N LEU MA 183 50.23 -1.72 28.46
CA LEU MA 183 49.41 -2.25 29.54
C LEU MA 183 49.95 -1.72 30.85
N ASP MA 184 51.21 -1.30 30.83
CA ASP MA 184 51.86 -0.76 32.02
C ASP MA 184 51.69 0.74 32.16
N TRP MA 185 51.91 1.47 31.06
CA TRP MA 185 51.79 2.92 31.06
C TRP MA 185 50.62 3.34 31.93
N THR MA 186 49.49 2.69 31.70
CA THR MA 186 48.29 2.97 32.47
C THR MA 186 48.67 2.81 33.93
N ALA MA 187 49.10 1.61 34.30
CA ALA MA 187 49.53 1.34 35.67
C ALA MA 187 50.48 2.45 36.11
N ALA MA 188 51.52 2.66 35.32
CA ALA MA 188 52.51 3.68 35.61
C ALA MA 188 51.85 5.01 35.94
N PHE MA 189 51.04 5.51 35.02
CA PHE MA 189 50.35 6.79 35.18
C PHE MA 189 49.68 6.96 36.54
N SER MA 190 48.67 6.14 36.82
CA SER MA 190 47.94 6.22 38.09
C SER MA 190 48.87 6.57 39.22
N ILE MA 191 49.98 5.86 39.28
CA ILE MA 191 50.98 6.06 40.32
C ILE MA 191 51.55 7.47 40.29
N ARG MA 192 52.44 7.69 39.35
CA ARG MA 192 53.11 8.97 39.17
C ARG MA 192 52.26 10.12 39.63
N TYR MA 193 50.96 10.06 39.32
CA TYR MA 193 50.05 11.11 39.74
C TYR MA 193 49.00 10.52 40.67
N GLY MA 194 49.13 10.83 41.97
CA GLY MA 194 48.19 10.32 42.95
C GLY MA 194 47.66 8.95 42.57
N ASN MA 195 46.35 8.82 42.63
CA ASN MA 195 45.67 7.57 42.28
C ASN MA 195 44.46 7.96 41.43
N LEU MA 196 44.45 7.51 40.17
CA LEU MA 196 43.36 7.84 39.28
C LEU MA 196 41.99 7.56 39.88
N TYR MA 197 41.91 6.56 40.75
CA TYR MA 197 40.63 6.25 41.40
C TYR MA 197 40.11 7.47 42.15
N TYR MA 198 40.92 8.52 42.20
CA TYR MA 198 40.52 9.73 42.89
C TYR MA 198 40.35 10.94 41.98
N ASN MA 199 40.55 10.72 40.70
CA ASN MA 199 40.36 11.76 39.70
C ASN MA 199 38.92 11.57 39.23
N PRO MA 200 38.07 12.60 39.38
CA PRO MA 200 36.68 12.47 38.96
C PRO MA 200 36.52 12.02 37.52
N PHE MA 201 37.12 12.79 36.61
CA PHE MA 201 37.01 12.49 35.18
C PHE MA 201 37.37 11.08 34.69
N HIS MA 202 37.94 10.24 35.55
CA HIS MA 202 38.25 8.86 35.14
C HIS MA 202 37.22 8.02 35.86
N MET MA 203 37.04 8.31 37.15
CA MET MA 203 36.08 7.58 37.96
C MET MA 203 34.74 7.78 37.30
N LEU MA 204 34.71 8.72 36.35
CA LEU MA 204 33.51 9.07 35.60
C LEU MA 204 33.50 8.30 34.29
N SER MA 205 34.50 8.54 33.44
CA SER MA 205 34.63 7.87 32.16
C SER MA 205 34.40 6.38 32.35
N ILE MA 206 34.42 5.96 33.61
CA ILE MA 206 34.20 4.58 33.94
C ILE MA 206 32.71 4.32 33.84
N ALA MA 207 31.96 5.01 34.71
CA ALA MA 207 30.51 4.88 34.75
C ALA MA 207 29.98 4.73 33.32
N PHE MA 208 30.57 5.48 32.40
CA PHE MA 208 30.21 5.46 30.98
C PHE MA 208 30.64 4.16 30.31
N LEU MA 209 31.94 3.88 30.35
CA LEU MA 209 32.45 2.66 29.77
C LEU MA 209 31.68 1.49 30.38
N TYR MA 210 30.87 1.82 31.39
CA TYR MA 210 30.04 0.83 32.07
C TYR MA 210 28.65 0.84 31.44
N GLY MA 211 28.09 2.04 31.30
CA GLY MA 211 26.77 2.18 30.70
C GLY MA 211 26.74 1.57 29.32
N SER MA 212 27.69 1.95 28.48
CA SER MA 212 27.74 1.42 27.12
C SER MA 212 27.82 -0.11 27.22
N ALA MA 213 28.33 -0.57 28.34
CA ALA MA 213 28.46 -2.00 28.55
C ALA MA 213 27.15 -2.51 29.12
N LEU MA 214 26.32 -1.56 29.54
CA LEU MA 214 25.01 -1.83 30.13
C LEU MA 214 23.93 -1.81 29.04
N LEU MA 215 23.76 -0.64 28.44
CA LEU MA 215 22.75 -0.43 27.41
C LEU MA 215 22.87 -1.27 26.15
N PHE MA 216 23.87 -1.00 25.31
CA PHE MA 216 24.02 -1.74 24.06
C PHE MA 216 24.03 -3.24 24.30
N ALA MA 217 23.79 -3.63 25.54
CA ALA MA 217 23.74 -5.03 25.92
C ALA MA 217 22.30 -5.42 26.28
N MET MA 218 21.48 -4.41 26.57
CA MET MA 218 20.07 -4.60 26.89
C MET MA 218 19.32 -4.40 25.58
N HIS MA 219 19.45 -3.20 25.04
CA HIS MA 219 18.80 -2.86 23.78
C HIS MA 219 19.08 -3.98 22.80
N GLY MA 220 20.27 -4.56 22.88
CA GLY MA 220 20.64 -5.66 21.99
C GLY MA 220 19.69 -6.82 22.20
N ALA MA 221 19.31 -7.06 23.46
CA ALA MA 221 18.38 -8.13 23.82
C ALA MA 221 17.00 -7.61 23.47
N THR MA 222 16.64 -6.48 24.08
CA THR MA 222 15.35 -5.84 23.85
C THR MA 222 14.99 -5.99 22.37
N ILE MA 223 15.93 -5.60 21.52
CA ILE MA 223 15.71 -5.77 20.10
C ILE MA 223 15.36 -7.24 19.92
N LEU MA 224 16.38 -8.08 19.98
CA LEU MA 224 16.21 -9.52 19.83
C LEU MA 224 14.93 -10.05 20.47
N SER MA 225 14.73 -9.73 21.74
CA SER MA 225 13.55 -10.17 22.48
C SER MA 225 12.33 -10.06 21.59
N VAL MA 226 12.25 -8.93 20.91
CA VAL MA 226 11.16 -8.63 19.99
C VAL MA 226 11.79 -8.45 18.60
N SER MA 227 12.52 -9.48 18.18
CA SER MA 227 13.19 -9.46 16.89
C SER MA 227 12.35 -10.26 15.91
N ARG MA 228 11.29 -10.86 16.45
CA ARG MA 228 10.37 -11.64 15.65
C ARG MA 228 9.45 -10.58 15.01
N PHE MA 229 9.06 -9.63 15.83
CA PHE MA 229 8.20 -8.54 15.45
C PHE MA 229 9.03 -7.46 14.78
N GLY MA 230 9.80 -7.88 13.77
CA GLY MA 230 10.66 -6.97 13.02
C GLY MA 230 11.43 -5.90 13.78
N GLY MA 231 11.54 -6.06 15.10
CA GLY MA 231 12.26 -5.10 15.92
C GLY MA 231 13.63 -4.75 15.38
N ASP MA 232 14.34 -5.76 14.89
CA ASP MA 232 15.66 -5.55 14.35
C ASP MA 232 15.64 -4.51 13.24
N ARG MA 233 14.60 -4.54 12.43
CA ARG MA 233 14.45 -3.61 11.32
C ARG MA 233 14.14 -2.22 11.84
N GLU MA 234 14.89 -1.77 12.82
CA GLU MA 234 14.68 -0.46 13.42
C GLU MA 234 14.35 0.66 12.42
N ILE MA 235 15.18 0.81 11.39
CA ILE MA 235 14.98 1.84 10.37
C ILE MA 235 13.53 2.29 10.32
N ASP MA 236 12.66 1.41 9.85
CA ASP MA 236 11.25 1.74 9.74
C ASP MA 236 10.60 1.99 11.09
N GLN MA 237 10.92 1.15 12.07
CA GLN MA 237 10.36 1.30 13.41
C GLN MA 237 10.62 2.71 13.92
N ILE MA 238 11.68 3.33 13.40
CA ILE MA 238 12.05 4.69 13.80
C ILE MA 238 11.01 5.64 13.23
N THR MA 239 10.47 5.26 12.08
CA THR MA 239 9.46 6.06 11.38
C THR MA 239 8.06 5.51 11.65
N HIS MA 240 7.77 4.33 11.10
CA HIS MA 240 6.46 3.69 11.26
C HIS MA 240 6.44 2.70 12.42
N ARG MA 241 6.21 3.23 13.62
CA ARG MA 241 6.14 2.43 14.83
C ARG MA 241 5.26 1.21 14.63
N GLY MA 242 5.42 0.23 15.51
CA GLY MA 242 4.62 -0.98 15.40
C GLY MA 242 4.51 -1.73 16.71
N THR MA 243 4.25 -3.04 16.64
CA THR MA 243 4.13 -3.85 17.83
C THR MA 243 5.53 -4.04 18.40
N ALA MA 244 6.54 -3.94 17.53
CA ALA MA 244 7.92 -4.07 17.98
C ALA MA 244 8.12 -3.01 19.06
N ALA MA 245 8.40 -1.78 18.63
CA ALA MA 245 8.62 -0.67 19.56
C ALA MA 245 7.44 -0.50 20.51
N GLU MA 246 6.49 -1.42 20.43
CA GLU MA 246 5.31 -1.36 21.28
C GLU MA 246 5.66 -2.20 22.51
N ARG MA 247 5.73 -3.50 22.28
CA ARG MA 247 6.04 -4.46 23.33
C ARG MA 247 7.36 -4.05 23.99
N ALA MA 248 8.30 -3.59 23.15
CA ALA MA 248 9.62 -3.17 23.62
C ALA MA 248 9.50 -2.14 24.72
N ALA MA 249 9.71 -0.87 24.38
CA ALA MA 249 9.65 0.21 25.36
C ALA MA 249 8.67 -0.07 26.48
N LEU MA 250 7.57 -0.75 26.14
CA LEU MA 250 6.56 -1.08 27.13
C LEU MA 250 7.27 -1.80 28.28
N PHE MA 251 8.03 -2.83 27.93
CA PHE MA 251 8.79 -3.62 28.90
C PHE MA 251 9.35 -2.72 30.00
N TRP MA 252 10.25 -1.83 29.58
CA TRP MA 252 10.91 -0.89 30.48
C TRP MA 252 9.93 0.10 31.12
N ARG MA 253 8.70 0.08 30.63
CA ARG MA 253 7.68 0.95 31.19
C ARG MA 253 7.16 0.22 32.41
N TRP MA 254 7.10 -1.10 32.29
CA TRP MA 254 6.61 -1.97 33.35
C TRP MA 254 7.76 -2.43 34.24
N THR MA 255 8.99 -2.04 33.88
CA THR MA 255 10.16 -2.42 34.65
C THR MA 255 10.71 -1.25 35.45
N MET MA 256 11.51 -0.42 34.79
CA MET MA 256 12.11 0.75 35.42
C MET MA 256 11.20 1.96 35.26
N GLY MA 257 9.91 1.71 35.08
CA GLY MA 257 8.96 2.80 34.92
C GLY MA 257 9.18 3.47 33.58
N PHE MA 258 9.68 4.70 33.60
CA PHE MA 258 9.93 5.42 32.37
C PHE MA 258 10.65 4.53 31.35
N ASN MA 259 10.55 4.92 30.08
CA ASN MA 259 11.16 4.21 28.96
C ASN MA 259 11.25 5.20 27.82
N VAL MA 260 11.67 4.76 26.64
CA VAL MA 260 11.79 5.71 25.55
C VAL MA 260 11.20 5.31 24.19
N THR MA 261 12.02 5.36 23.14
CA THR MA 261 11.58 5.05 21.78
C THR MA 261 12.67 4.42 20.93
N MET MA 262 12.25 3.50 20.06
CA MET MA 262 13.18 2.83 19.16
C MET MA 262 14.16 3.82 18.54
N GLU MA 263 13.88 5.10 18.67
CA GLU MA 263 14.82 6.08 18.14
C GLU MA 263 15.65 6.60 19.29
N SER MA 264 14.98 7.21 20.26
CA SER MA 264 15.62 7.77 21.45
C SER MA 264 16.76 6.89 22.02
N ILE MA 265 16.46 5.62 22.26
CA ILE MA 265 17.44 4.69 22.77
C ILE MA 265 18.78 4.91 22.07
N HIS MA 266 18.79 4.82 20.74
CA HIS MA 266 20.03 4.99 20.00
C HIS MA 266 20.77 6.28 20.24
N ARG MA 267 20.20 7.13 21.08
CA ARG MA 267 20.84 8.40 21.41
C ARG MA 267 21.64 8.24 22.69
N TRP MA 268 21.01 7.71 23.73
CA TRP MA 268 21.72 7.47 24.98
C TRP MA 268 22.90 6.61 24.54
N ALA MA 269 22.60 5.66 23.65
CA ALA MA 269 23.61 4.78 23.10
C ALA MA 269 24.73 5.65 22.55
N TRP MA 270 24.45 6.34 21.45
CA TRP MA 270 25.46 7.21 20.83
C TRP MA 270 26.12 8.12 21.86
N TRP MA 271 25.36 8.55 22.86
CA TRP MA 271 25.90 9.43 23.88
C TRP MA 271 26.86 8.77 24.86
N CYS MA 272 26.34 7.94 25.76
CA CYS MA 272 27.18 7.27 26.74
C CYS MA 272 28.50 6.80 26.14
N ALA MA 273 28.46 6.38 24.88
CA ALA MA 273 29.64 5.92 24.17
C ALA MA 273 30.55 7.11 23.89
N VAL MA 274 30.00 8.16 23.31
CA VAL MA 274 30.78 9.35 23.01
C VAL MA 274 31.19 10.03 24.31
N LEU MA 275 30.25 10.13 25.24
CA LEU MA 275 30.54 10.76 26.52
C LEU MA 275 31.57 9.98 27.32
N THR MA 276 31.98 8.82 26.79
CA THR MA 276 33.00 8.01 27.45
C THR MA 276 34.35 8.64 27.14
N VAL MA 277 34.87 8.38 25.94
CA VAL MA 277 36.15 8.94 25.50
C VAL MA 277 36.23 10.44 25.75
N ILE MA 278 35.10 11.02 26.17
CA ILE MA 278 35.03 12.45 26.46
C ILE MA 278 35.70 12.70 27.80
N THR MA 279 35.14 12.13 28.87
CA THR MA 279 35.73 12.30 30.20
C THR MA 279 37.06 11.57 30.26
N ALA MA 280 37.18 10.52 29.46
CA ALA MA 280 38.41 9.76 29.41
C ALA MA 280 39.50 10.76 29.07
N GLY MA 281 39.29 11.52 28.02
CA GLY MA 281 40.28 12.51 27.64
C GLY MA 281 40.37 13.65 28.64
N ILE MA 282 39.40 13.75 29.55
CA ILE MA 282 39.45 14.84 30.53
C ILE MA 282 40.40 14.53 31.66
N GLY MA 283 40.09 13.49 32.45
CA GLY MA 283 40.95 13.11 33.55
C GLY MA 283 42.39 13.15 33.08
N ILE MA 284 42.68 12.39 32.03
CA ILE MA 284 44.01 12.34 31.44
C ILE MA 284 44.56 13.71 31.06
N LEU MA 285 43.68 14.64 30.71
CA LEU MA 285 44.14 15.97 30.33
C LEU MA 285 44.33 16.85 31.56
N LEU MA 286 43.53 16.60 32.60
CA LEU MA 286 43.68 17.34 33.84
C LEU MA 286 44.89 16.75 34.57
N SER MA 287 44.81 15.46 34.88
CA SER MA 287 45.86 14.73 35.56
C SER MA 287 47.19 14.89 34.82
N GLY MA 288 47.98 15.85 35.25
CA GLY MA 288 49.27 16.10 34.62
C GLY MA 288 49.66 17.54 34.86
N THR MA 289 49.30 18.41 33.93
CA THR MA 289 49.61 19.84 34.04
C THR MA 289 48.74 20.44 35.13
N VAL MA 290 47.71 19.72 35.53
CA VAL MA 290 46.79 20.18 36.56
C VAL MA 290 47.12 19.50 37.87
N VAL MA 291 46.10 18.94 38.53
CA VAL MA 291 46.32 18.23 39.79
C VAL MA 291 47.39 17.16 39.57
N ASP MA 292 48.30 17.01 40.54
CA ASP MA 292 49.36 16.01 40.42
C ASP MA 292 49.03 14.73 41.20
N ASN MA 293 48.46 14.88 42.38
CA ASN MA 293 48.07 13.73 43.18
C ASN MA 293 46.57 13.76 43.36
N TRP MA 294 45.87 12.89 42.65
CA TRP MA 294 44.42 12.86 42.74
C TRP MA 294 43.88 12.37 44.07
N TYR MA 295 44.68 11.57 44.78
CA TYR MA 295 44.24 11.09 46.07
C TYR MA 295 44.13 12.29 47.01
N LEU MA 296 45.15 13.15 46.95
CA LEU MA 296 45.18 14.34 47.80
C LEU MA 296 44.05 15.27 47.42
N TRP MA 297 43.98 15.61 46.13
CA TRP MA 297 42.95 16.49 45.60
C TRP MA 297 41.59 16.17 46.22
N ALA MA 298 41.18 14.91 46.09
CA ALA MA 298 39.90 14.43 46.60
C ALA MA 298 39.63 14.79 48.06
N VAL MA 299 40.43 14.23 48.97
CA VAL MA 299 40.28 14.49 50.39
C VAL MA 299 40.32 15.98 50.70
N LYS MA 300 41.25 16.68 50.03
CA LYS MA 300 41.39 18.11 50.24
C LYS MA 300 40.09 18.79 49.85
N HIS MA 301 39.24 18.05 49.11
CA HIS MA 301 37.95 18.54 48.66
C HIS MA 301 36.82 17.94 49.49
N GLY MA 302 37.18 17.12 50.47
CA GLY MA 302 36.19 16.49 51.32
C GLY MA 302 35.69 15.19 50.72
N MET MA 303 36.33 14.78 49.64
CA MET MA 303 35.97 13.55 48.95
C MET MA 303 36.52 12.32 49.66
N ALA MA 304 37.80 12.03 49.38
CA ALA MA 304 38.50 10.87 49.95
C ALA MA 304 38.00 10.44 51.33
N PRO MA 305 37.49 9.20 51.42
CA PRO MA 305 36.96 8.63 52.66
C PRO MA 305 37.99 8.49 53.77
N ALA MA 306 37.51 8.07 54.94
CA ALA MA 306 38.38 7.88 56.09
C ALA MA 306 37.92 6.65 56.85
N TYR MA 307 38.84 5.70 56.99
CA TYR MA 307 38.58 4.44 57.70
C TYR MA 307 39.36 4.51 59.01
N PRO MA 308 39.22 3.50 59.87
CA PRO MA 308 39.97 3.53 61.13
C PRO MA 308 41.47 3.49 60.86
N GLU MA 309 42.20 2.67 61.62
CA GLU MA 309 43.64 2.53 61.42
C GLU MA 309 44.18 1.43 62.30
N VAL MA 310 44.26 0.22 61.74
CA VAL MA 310 44.78 -0.94 62.47
C VAL MA 310 46.25 -1.09 62.15
N VAL MA 311 46.73 -0.28 61.22
CA VAL MA 311 48.14 -0.31 60.83
C VAL MA 311 48.60 1.06 60.36
N THR MA 312 49.87 1.35 60.64
CA THR MA 312 50.50 2.60 60.26
C THR MA 312 52.00 2.34 60.29
N ALA MA 313 52.80 3.29 59.86
CA ALA MA 313 54.24 3.07 59.84
C ALA MA 313 55.05 4.13 60.56
N VAL MA 314 56.26 4.32 60.07
CA VAL MA 314 57.20 5.30 60.61
C VAL MA 314 57.61 6.15 59.43
N ASN MA 315 58.58 7.04 59.63
CA ASN MA 315 59.03 7.90 58.54
C ASN MA 315 60.49 8.24 58.71
N PRO MA 316 61.38 7.46 58.05
CA PRO MA 316 62.82 7.70 58.14
C PRO MA 316 63.21 9.16 57.92
N TYR MA 317 62.71 9.74 56.83
CA TYR MA 317 63.01 11.12 56.49
C TYR MA 317 62.83 12.11 57.64
N GLU MA 318 62.08 11.72 58.67
CA GLU MA 318 61.85 12.61 59.82
C GLU MA 318 62.64 12.21 61.07
N THR MA 319 62.31 11.06 61.63
CA THR MA 319 62.99 10.58 62.83
C THR MA 319 64.48 10.47 62.58
N ALA MA 320 64.85 10.20 61.33
CA ALA MA 320 66.25 10.07 60.95
C ALA MA 320 66.64 11.14 59.92
N SER NA 2 32.05 18.19 49.62
CA SER NA 2 31.02 17.97 48.56
C SER NA 2 29.63 18.00 49.19
N ALA NA 3 29.21 16.85 49.70
CA ALA NA 3 27.89 16.73 50.34
C ALA NA 3 27.77 17.77 51.44
N GLY NA 4 28.91 18.19 51.98
CA GLY NA 4 28.91 19.19 53.04
C GLY NA 4 28.53 20.56 52.51
N ILE NA 5 29.30 21.57 52.86
CA ILE NA 5 29.04 22.94 52.43
C ILE NA 5 29.86 23.25 51.18
N THR NA 6 31.12 23.57 51.43
CA THR NA 6 32.11 23.92 50.42
C THR NA 6 33.45 23.82 51.14
N HIS NA 7 34.48 23.34 50.45
CA HIS NA 7 35.77 23.20 51.11
C HIS NA 7 36.92 23.76 50.27
N TYR NA 8 37.63 22.88 49.59
CA TYR NA 8 38.77 23.27 48.77
C TYR NA 8 38.34 24.24 47.66
N ILE NA 9 39.31 24.80 46.95
CA ILE NA 9 39.05 25.74 45.87
C ILE NA 9 40.21 25.82 44.89
N ASP NA 10 40.03 25.24 43.71
CA ASP NA 10 41.08 25.23 42.71
C ASP NA 10 40.60 25.41 41.27
N ALA NA 11 41.31 24.79 40.33
CA ALA NA 11 40.99 24.87 38.91
C ALA NA 11 40.20 23.69 38.35
N ALA NA 12 40.81 22.51 38.32
CA ALA NA 12 40.17 21.30 37.79
C ALA NA 12 38.76 21.09 38.32
N GLN NA 13 38.61 21.13 39.64
CA GLN NA 13 37.32 20.91 40.29
C GLN NA 13 36.23 21.83 39.73
N ILE NA 14 36.64 22.83 38.96
CA ILE NA 14 35.67 23.74 38.37
C ILE NA 14 35.01 23.00 37.22
N THR NA 15 35.84 22.56 36.28
CA THR NA 15 35.36 21.83 35.10
C THR NA 15 34.54 20.61 35.47
N ILE NA 16 34.92 19.89 36.52
CA ILE NA 16 34.16 18.70 36.92
C ILE NA 16 32.70 19.12 37.03
N TRP NA 17 32.47 20.37 37.42
CA TRP NA 17 31.12 20.89 37.51
C TRP NA 17 30.57 21.00 36.09
N ALA NA 18 31.33 21.67 35.23
CA ALA NA 18 30.96 21.86 33.84
C ALA NA 18 30.32 20.61 33.28
N PHE NA 19 31.13 19.59 32.98
CA PHE NA 19 30.57 18.36 32.46
C PHE NA 19 29.41 17.87 33.32
N TRP NA 20 29.66 17.70 34.61
CA TRP NA 20 28.63 17.21 35.51
C TRP NA 20 27.58 18.29 35.76
N LEU NA 21 27.25 18.98 34.67
CA LEU NA 21 26.25 20.04 34.65
C LEU NA 21 25.61 19.84 33.28
N PHE NA 22 26.44 20.01 32.25
CA PHE NA 22 26.03 19.81 30.87
C PHE NA 22 25.33 18.48 30.78
N PHE NA 23 25.73 17.55 31.64
CA PHE NA 23 25.12 16.24 31.68
C PHE NA 23 23.66 16.39 32.08
N PHE NA 24 23.44 16.97 33.25
CA PHE NA 24 22.08 17.18 33.75
C PHE NA 24 21.27 18.07 32.83
N GLY NA 25 21.79 18.26 31.62
CA GLY NA 25 21.12 19.05 30.60
C GLY NA 25 20.86 18.09 29.47
N LEU NA 26 21.93 17.48 28.97
CA LEU NA 26 21.83 16.50 27.90
C LEU NA 26 20.91 15.38 28.32
N ILE NA 27 20.73 15.23 29.64
CA ILE NA 27 19.86 14.18 30.14
C ILE NA 27 18.43 14.55 29.75
N ILE NA 28 18.09 15.83 29.92
CA ILE NA 28 16.76 16.31 29.56
C ILE NA 28 16.59 16.15 28.04
N TYR NA 29 17.52 16.71 27.28
CA TYR NA 29 17.48 16.62 25.83
C TYR NA 29 17.03 15.23 25.47
N LEU NA 30 17.66 14.25 26.10
CA LEU NA 30 17.30 12.87 25.85
C LEU NA 30 15.86 12.66 26.31
N ARG NA 31 15.59 12.97 27.57
CA ARG NA 31 14.24 12.82 28.11
C ARG NA 31 13.19 13.18 27.07
N ARG NA 32 13.26 14.40 26.54
CA ARG NA 32 12.31 14.84 25.53
C ARG NA 32 12.31 13.89 24.34
N GLU NA 33 13.44 13.78 23.64
CA GLU NA 33 13.54 12.90 22.48
C GLU NA 33 13.03 11.52 22.81
N ASP NA 34 12.92 11.20 24.09
CA ASP NA 34 12.44 9.89 24.52
C ASP NA 34 10.93 9.86 24.47
N LYS NA 35 10.31 11.04 24.49
CA LYS NA 35 8.86 11.16 24.49
C LYS NA 35 8.19 11.26 23.13
N ARG NA 36 8.96 11.55 22.08
CA ARG NA 36 8.44 11.66 20.73
C ARG NA 36 7.09 10.96 20.60
N GLU NA 37 7.13 9.64 20.41
CA GLU NA 37 5.90 8.87 20.26
C GLU NA 37 5.32 8.43 21.60
N GLY NA 38 4.34 7.53 21.52
CA GLY NA 38 3.66 7.00 22.70
C GLY NA 38 3.15 8.05 23.67
N TYR NA 39 3.46 9.31 23.41
CA TYR NA 39 3.07 10.42 24.27
C TYR NA 39 1.97 11.30 23.68
N PRO NA 40 1.13 11.89 24.53
CA PRO NA 40 1.14 11.78 26.00
C PRO NA 40 0.48 10.51 26.51
N LEU NA 41 0.59 10.28 27.82
CA LEU NA 41 0.01 9.09 28.43
C LEU NA 41 -1.51 9.09 28.36
N ASP NA 42 -2.08 7.95 28.70
CA ASP NA 42 -3.52 7.73 28.62
C ASP NA 42 -4.41 8.00 29.84
N SER NA 43 -4.35 7.10 30.83
CA SER NA 43 -5.22 7.22 32.00
C SER NA 43 -4.66 7.77 33.31
N ASP NA 44 -5.47 7.63 34.36
CA ASP NA 44 -5.15 8.10 35.70
C ASP NA 44 -4.90 6.95 36.68
N ARG NA 45 -4.51 5.78 36.17
CA ARG NA 45 -4.24 4.62 37.02
C ARG NA 45 -3.32 5.07 38.15
N THR NA 46 -2.41 5.97 37.81
CA THR NA 46 -1.46 6.54 38.74
C THR NA 46 -0.83 7.70 37.99
N GLU NA 47 -0.57 8.79 38.71
CA GLU NA 47 -0.02 10.00 38.11
C GLU NA 47 1.48 9.96 37.85
N ARG NA 48 1.91 10.79 36.90
CA ARG NA 48 3.32 10.89 36.53
C ARG NA 48 4.21 10.86 37.77
N SER NA 49 5.04 9.84 37.88
CA SER NA 49 5.93 9.71 39.04
C SER NA 49 7.34 10.24 38.79
N GLY NA 50 7.86 10.98 39.76
CA GLY NA 50 9.19 11.55 39.64
C GLY NA 50 9.47 12.54 40.77
N GLY NA 51 10.74 12.90 40.95
CA GLY NA 51 11.11 13.84 42.00
C GLY NA 51 10.14 15.00 42.07
N ARG NA 52 9.72 15.45 40.89
CA ARG NA 52 8.78 16.54 40.76
C ARG NA 52 7.63 16.07 39.88
N VAL NA 53 6.59 15.54 40.52
CA VAL NA 53 5.41 15.03 39.83
C VAL NA 53 4.84 16.12 38.93
N LYS NA 54 5.42 16.25 37.75
CA LYS NA 54 5.00 17.25 36.77
C LYS NA 54 3.75 16.80 36.03
N VAL NA 55 3.01 17.76 35.49
CA VAL NA 55 1.80 17.46 34.74
C VAL NA 55 1.99 16.14 33.98
N VAL NA 56 2.80 16.18 32.91
CA VAL NA 56 3.10 15.00 32.10
C VAL NA 56 4.58 15.01 31.70
N GLY NA 57 5.42 14.46 32.58
CA GLY NA 57 6.85 14.43 32.33
C GLY NA 57 7.45 15.81 32.52
N PHE NA 58 8.57 15.89 33.23
CA PHE NA 58 9.21 17.19 33.45
C PHE NA 58 9.65 17.91 32.18
N PRO NA 59 10.24 17.16 31.22
CA PRO NA 59 10.69 17.79 29.99
C PRO NA 59 9.53 18.05 29.02
N ASP NA 60 9.10 19.29 28.93
CA ASP NA 60 7.99 19.66 28.04
C ASP NA 60 8.08 18.84 26.76
N LEU NA 61 6.96 18.27 26.32
CA LEU NA 61 6.99 17.48 25.10
C LEU NA 61 7.73 18.23 24.01
N PRO NA 62 8.63 17.54 23.30
CA PRO NA 62 9.40 18.19 22.24
C PRO NA 62 8.48 18.72 21.18
N ASP NA 63 9.08 19.24 20.12
CA ASP NA 63 8.32 19.79 19.01
C ASP NA 63 8.15 18.69 17.97
N PRO NA 64 7.29 18.94 16.97
CA PRO NA 64 7.09 17.93 15.93
C PRO NA 64 8.37 17.71 15.11
N LYS NA 65 8.64 16.45 14.80
CA LYS NA 65 9.80 16.06 14.03
C LYS NA 65 9.23 15.71 12.66
N THR NA 66 9.92 16.08 11.59
CA THR NA 66 9.41 15.81 10.26
C THR NA 66 10.19 14.74 9.49
N PHE NA 67 9.64 13.53 9.45
CA PHE NA 67 10.27 12.41 8.77
C PHE NA 67 9.99 12.34 7.28
N VAL NA 68 10.97 12.75 6.48
CA VAL NA 68 10.82 12.72 5.03
C VAL NA 68 11.04 11.28 4.58
N LEU NA 69 9.95 10.55 4.38
CA LEU NA 69 10.07 9.16 3.97
C LEU NA 69 10.72 8.94 2.61
N PRO NA 70 10.84 7.67 2.19
CA PRO NA 70 11.47 7.36 0.91
C PRO NA 70 10.60 7.77 -0.26
N HIS NA 71 11.11 7.52 -1.47
CA HIS NA 71 10.37 7.88 -2.67
C HIS NA 71 8.95 7.32 -2.64
N ASN NA 72 8.01 8.12 -3.13
CA ASN NA 72 6.61 7.75 -3.16
C ASN NA 72 6.13 7.38 -1.76
N GLY NA 73 6.56 8.17 -0.78
CA GLY NA 73 6.16 7.89 0.58
C GLY NA 73 5.71 9.12 1.34
N GLY NA 74 4.51 9.04 1.93
CA GLY NA 74 4.00 10.13 2.70
C GLY NA 74 5.04 10.57 3.71
N THR NA 75 4.80 11.69 4.37
CA THR NA 75 5.76 12.19 5.35
C THR NA 75 5.21 12.02 6.78
N VAL NA 76 6.07 11.56 7.69
CA VAL NA 76 5.63 11.36 9.06
C VAL NA 76 6.28 12.34 10.02
N VAL NA 77 5.61 12.60 11.13
CA VAL NA 77 6.11 13.53 12.12
C VAL NA 77 6.00 12.97 13.53
N ALA NA 78 6.66 13.63 14.47
CA ALA NA 78 6.63 13.23 15.86
C ALA NA 78 7.10 14.38 16.74
N PRO NA 79 6.35 14.67 17.81
CA PRO NA 79 5.15 13.92 18.14
C PRO NA 79 4.10 14.12 17.05
N ARG NA 80 2.95 13.45 17.20
CA ARG NA 80 1.87 13.56 16.23
C ARG NA 80 0.65 12.90 16.86
N VAL NA 81 -0.33 13.72 17.22
CA VAL NA 81 -1.53 13.21 17.86
C VAL NA 81 -1.99 11.93 17.20
N GLU NA 82 -2.48 11.00 18.01
CA GLU NA 82 -2.95 9.72 17.50
C GLU NA 82 -4.40 9.50 17.90
N ALA NA 83 -5.14 8.78 17.07
CA ALA NA 83 -6.54 8.51 17.32
C ALA NA 83 -6.73 7.34 18.28
N PRO NA 84 -7.46 7.58 19.39
CA PRO NA 84 -7.71 6.54 20.37
C PRO NA 84 -8.14 5.22 19.72
N VAL NA 85 -7.70 4.12 20.33
CA VAL NA 85 -8.01 2.79 19.81
C VAL NA 85 -9.07 2.11 20.66
N ALA NA 86 -9.39 0.87 20.31
CA ALA NA 86 -10.40 0.11 21.02
C ALA NA 86 -9.75 -0.77 22.07
N VAL NA 87 -10.49 -1.11 23.10
CA VAL NA 87 -9.99 -1.96 24.17
C VAL NA 87 -10.85 -3.21 24.27
N ASN NA 88 -10.58 -4.17 23.39
CA ASN NA 88 -11.34 -5.41 23.40
C ASN NA 88 -11.04 -6.26 24.63
N ALA NA 89 -11.38 -5.71 25.80
CA ALA NA 89 -11.15 -6.41 27.06
C ALA NA 89 -11.92 -5.74 28.19
N THR NA 90 -12.07 -6.46 29.30
CA THR NA 90 -12.77 -5.93 30.46
C THR NA 90 -11.87 -6.01 31.69
N PRO NA 91 -11.75 -4.90 32.43
CA PRO NA 91 -10.91 -4.87 33.62
C PRO NA 91 -11.34 -5.87 34.68
N PHE NA 92 -10.43 -6.78 35.04
CA PHE NA 92 -10.73 -7.79 36.05
C PHE NA 92 -11.16 -7.04 37.31
N SER NA 93 -10.47 -5.94 37.56
CA SER NA 93 -10.78 -5.11 38.71
C SER NA 93 -10.76 -3.66 38.27
N PRO NA 94 -11.75 -2.87 38.72
CA PRO NA 94 -11.84 -1.45 38.38
C PRO NA 94 -10.72 -0.62 39.01
N ALA NA 95 -9.94 -1.25 39.87
CA ALA NA 95 -8.82 -0.60 40.54
C ALA NA 95 -7.77 -0.10 39.56
N PRO NA 96 -7.21 1.09 39.80
CA PRO NA 96 -6.20 1.60 38.88
C PRO NA 96 -5.04 0.62 38.80
N GLY NA 97 -4.67 0.21 37.59
CA GLY NA 97 -3.57 -0.71 37.44
C GLY NA 97 -3.96 -2.17 37.35
N SER NA 98 -5.26 -2.46 37.37
CA SER NA 98 -5.69 -3.85 37.27
C SER NA 98 -5.71 -4.28 35.81
N PRO NA 99 -5.51 -5.58 35.55
CA PRO NA 99 -5.49 -6.15 34.20
C PRO NA 99 -6.84 -6.15 33.48
N LEU NA 100 -6.78 -6.31 32.16
CA LEU NA 100 -7.99 -6.35 31.33
C LEU NA 100 -8.11 -7.73 30.68
N VAL NA 101 -9.24 -8.39 30.87
CA VAL NA 101 -9.47 -9.71 30.30
C VAL NA 101 -9.84 -9.62 28.83
N PRO NA 102 -9.20 -10.43 27.97
CA PRO NA 102 -9.45 -10.45 26.53
C PRO NA 102 -10.81 -11.06 26.15
N ASN NA 103 -11.84 -10.22 26.12
CA ASN NA 103 -13.20 -10.65 25.79
C ASN NA 103 -13.24 -11.68 24.67
N GLY NA 104 -14.17 -12.62 24.79
CA GLY NA 104 -14.32 -13.65 23.77
C GLY NA 104 -13.06 -14.47 23.59
N ASP NA 105 -12.75 -14.81 22.35
CA ASP NA 105 -11.56 -15.59 22.06
C ASP NA 105 -10.37 -14.63 22.02
N PRO NA 106 -9.52 -14.68 23.05
CA PRO NA 106 -8.33 -13.83 23.16
C PRO NA 106 -7.34 -14.08 22.03
N MET NA 107 -7.16 -15.35 21.70
CA MET NA 107 -6.26 -15.76 20.63
C MET NA 107 -6.31 -14.77 19.46
N LEU NA 108 -7.47 -14.16 19.26
CA LEU NA 108 -7.65 -13.19 18.19
C LEU NA 108 -8.33 -11.95 18.72
N SER NA 109 -8.66 -11.97 20.02
CA SER NA 109 -9.31 -10.83 20.64
C SER NA 109 -8.45 -9.60 20.36
N GLY NA 110 -7.23 -9.85 19.92
CA GLY NA 110 -6.31 -8.77 19.63
C GLY NA 110 -6.03 -7.94 20.87
N PHE NA 111 -5.40 -8.56 21.86
CA PHE NA 111 -5.10 -7.87 23.11
C PHE NA 111 -3.77 -8.30 23.74
N GLY NA 112 -3.11 -7.32 24.36
CA GLY NA 112 -1.84 -7.56 25.03
C GLY NA 112 -0.92 -8.58 24.39
N PRO NA 113 -0.95 -9.82 24.87
CA PRO NA 113 -0.14 -10.93 24.37
C PRO NA 113 -0.27 -11.12 22.86
N ALA NA 114 -1.36 -10.63 22.29
CA ALA NA 114 -1.60 -10.76 20.86
C ALA NA 114 -2.16 -9.48 20.26
N ALA NA 115 -1.85 -8.35 20.90
CA ALA NA 115 -2.30 -7.04 20.43
C ALA NA 115 -1.32 -6.52 19.40
N SER NA 116 -1.63 -5.39 18.78
CA SER NA 116 -0.75 -4.81 17.77
C SER NA 116 -1.31 -3.50 17.23
N PRO NA 117 -0.42 -2.60 16.77
CA PRO NA 117 -0.83 -1.32 16.21
C PRO NA 117 -1.15 -1.47 14.72
N ASP NA 118 -1.75 -0.44 14.14
CA ASP NA 118 -2.13 -0.47 12.72
C ASP NA 118 -1.10 0.23 11.82
N ARG NA 119 0.04 -0.41 11.61
CA ARG NA 119 1.06 0.18 10.76
C ARG NA 119 0.55 0.33 9.34
N PRO NA 120 1.14 1.26 8.58
CA PRO NA 120 0.76 1.54 7.20
C PRO NA 120 0.48 0.29 6.38
N LYS NA 121 -0.57 0.38 5.56
CA LYS NA 121 -1.01 -0.70 4.69
C LYS NA 121 -0.30 -0.55 3.34
N HIS NA 122 1.03 -0.43 3.39
CA HIS NA 122 1.85 -0.28 2.19
C HIS NA 122 3.13 -1.08 2.32
N CYS NA 123 3.23 -2.15 1.54
CA CYS NA 123 4.39 -3.03 1.55
C CYS NA 123 5.69 -2.22 1.58
N ASP NA 124 6.57 -2.52 2.54
CA ASP NA 124 7.82 -1.79 2.61
C ASP NA 124 8.70 -2.24 1.48
N LEU NA 125 9.06 -1.29 0.62
CA LEU NA 125 9.88 -1.60 -0.54
C LEU NA 125 11.37 -1.62 -0.31
N THR NA 126 12.11 -1.95 -1.38
CA THR NA 126 13.55 -2.02 -1.34
C THR NA 126 14.11 -0.65 -1.67
N PHE NA 127 15.37 -0.59 -2.07
CA PHE NA 127 15.99 0.68 -2.38
C PHE NA 127 15.31 1.49 -3.47
N GLU NA 128 15.34 0.97 -4.68
CA GLU NA 128 14.76 1.62 -5.84
C GLU NA 128 13.23 1.61 -5.88
N GLY NA 129 12.62 0.45 -5.69
CA GLY NA 129 11.18 0.38 -5.74
C GLY NA 129 10.52 -0.90 -5.25
N LEU NA 130 10.80 -2.03 -5.91
CA LEU NA 130 10.19 -3.29 -5.50
C LEU NA 130 10.15 -3.42 -3.98
N PRO NA 131 9.16 -4.16 -3.45
CA PRO NA 131 9.01 -4.36 -2.00
C PRO NA 131 10.01 -5.35 -1.38
N LYS NA 132 10.68 -4.90 -0.32
CA LYS NA 132 11.68 -5.68 0.42
C LYS NA 132 11.27 -7.14 0.66
N ILE NA 133 10.35 -7.32 1.60
CA ILE NA 133 9.86 -8.64 1.98
C ILE NA 133 8.88 -9.24 0.96
N VAL NA 134 9.30 -10.34 0.32
CA VAL NA 134 8.48 -11.01 -0.67
C VAL NA 134 8.74 -12.51 -0.58
N PRO NA 135 7.86 -13.34 -1.15
CA PRO NA 135 8.10 -14.78 -1.08
C PRO NA 135 9.14 -15.20 -2.12
N MET NA 136 9.64 -16.42 -1.99
CA MET NA 136 10.64 -16.92 -2.92
C MET NA 136 10.12 -17.06 -4.34
N ARG NA 137 8.90 -16.59 -4.56
CA ARG NA 137 8.25 -16.65 -5.87
C ARG NA 137 8.94 -15.64 -6.79
N VAL NA 138 8.76 -14.37 -6.46
CA VAL NA 138 9.36 -13.28 -7.21
C VAL NA 138 10.81 -13.28 -6.77
N ALA NA 139 11.04 -13.85 -5.59
CA ALA NA 139 12.37 -13.96 -5.02
C ALA NA 139 13.03 -15.16 -5.69
N LYS NA 140 12.92 -15.21 -7.02
CA LYS NA 140 13.50 -16.30 -7.79
C LYS NA 140 15.00 -16.13 -7.99
N GLU NA 141 15.47 -14.88 -7.96
CA GLU NA 141 16.88 -14.60 -8.15
C GLU NA 141 17.70 -15.03 -6.93
N PHE NA 142 17.02 -15.63 -5.96
CA PHE NA 142 17.68 -16.10 -4.74
C PHE NA 142 18.08 -17.57 -4.78
N SER NA 143 18.69 -18.02 -3.70
CA SER NA 143 19.15 -19.40 -3.59
C SER NA 143 19.45 -19.76 -2.14
N ILE NA 144 18.96 -20.92 -1.72
CA ILE NA 144 19.20 -21.39 -0.36
C ILE NA 144 20.69 -21.35 -0.06
N ALA NA 145 21.05 -21.08 1.19
CA ALA NA 145 22.45 -21.02 1.59
C ALA NA 145 23.13 -22.34 1.26
N GLU NA 146 24.10 -22.29 0.36
CA GLU NA 146 24.82 -23.49 -0.07
C GLU NA 146 25.23 -24.30 1.17
N GLY NA 147 24.38 -25.25 1.56
CA GLY NA 147 24.68 -26.06 2.72
C GLY NA 147 23.47 -26.20 3.63
N ASP NA 148 22.95 -25.07 4.11
CA ASP NA 148 21.78 -25.11 4.98
C ASP NA 148 20.66 -25.89 4.29
N PRO NA 149 20.07 -26.86 5.01
CA PRO NA 149 18.98 -27.68 4.46
C PRO NA 149 17.76 -26.86 4.11
N ASP NA 150 17.42 -26.91 2.82
CA ASP NA 150 16.28 -26.18 2.25
C ASP NA 150 14.98 -26.37 3.03
N PRO NA 151 14.41 -25.27 3.55
CA PRO NA 151 13.17 -25.38 4.30
C PRO NA 151 11.94 -25.66 3.43
N ARG NA 152 12.07 -25.40 2.13
CA ARG NA 152 10.96 -25.62 1.20
C ARG NA 152 10.57 -27.10 1.13
N GLY NA 153 9.56 -27.46 1.92
CA GLY NA 153 9.10 -28.85 1.94
C GLY NA 153 9.07 -29.38 3.35
N MET NA 154 9.40 -28.51 4.29
CA MET NA 154 9.42 -28.90 5.69
C MET NA 154 8.03 -28.81 6.30
N THR NA 155 7.63 -29.90 6.96
CA THR NA 155 6.32 -29.99 7.56
C THR NA 155 6.23 -29.33 8.93
N VAL NA 156 5.54 -28.19 9.00
CA VAL NA 156 5.39 -27.50 10.27
C VAL NA 156 4.66 -28.41 11.26
N VAL NA 157 4.81 -28.14 12.55
CA VAL NA 157 4.15 -28.96 13.55
C VAL NA 157 3.79 -28.18 14.81
N GLY NA 158 2.49 -28.15 15.11
CA GLY NA 158 2.01 -27.42 16.27
C GLY NA 158 2.82 -27.64 17.52
N LEU NA 159 2.67 -26.73 18.46
CA LEU NA 159 3.36 -26.83 19.74
C LEU NA 159 2.75 -28.02 20.45
N ASP NA 160 1.61 -28.46 19.95
CA ASP NA 160 0.94 -29.62 20.50
C ASP NA 160 1.65 -30.84 19.94
N GLY NA 161 2.46 -30.60 18.91
CA GLY NA 161 3.20 -31.67 18.28
C GLY NA 161 2.57 -32.10 16.96
N GLU NA 162 1.30 -32.50 17.03
CA GLU NA 162 0.55 -32.94 15.85
C GLU NA 162 0.79 -31.97 14.71
N VAL NA 163 0.95 -32.50 13.51
CA VAL NA 163 1.18 -31.69 12.32
C VAL NA 163 0.18 -30.53 12.22
N ALA NA 164 0.48 -29.57 11.35
CA ALA NA 164 -0.37 -28.41 11.14
C ALA NA 164 0.04 -27.76 9.84
N GLY NA 165 -0.28 -28.41 8.74
CA GLY NA 165 0.07 -27.89 7.43
C GLY NA 165 1.54 -28.14 7.16
N THR NA 166 2.09 -27.42 6.17
CA THR NA 166 3.49 -27.56 5.82
C THR NA 166 4.00 -26.19 5.41
N VAL NA 167 5.00 -26.15 4.56
CA VAL NA 167 5.57 -24.90 4.09
C VAL NA 167 5.43 -24.73 2.59
N SER NA 168 5.88 -23.57 2.10
CA SER NA 168 5.85 -23.25 0.69
C SER NA 168 7.08 -22.41 0.40
N ASP NA 169 6.88 -21.13 0.05
CA ASP NA 169 8.00 -20.25 -0.24
C ASP NA 169 8.47 -19.53 1.03
N VAL NA 170 9.78 -19.42 1.20
CA VAL NA 170 10.35 -18.77 2.36
C VAL NA 170 10.74 -17.34 2.02
N TRP NA 171 9.82 -16.43 2.30
CA TRP NA 171 10.00 -15.01 2.03
C TRP NA 171 11.36 -14.42 2.41
N VAL NA 172 12.20 -14.24 1.39
CA VAL NA 172 13.53 -13.69 1.56
C VAL NA 172 13.43 -12.17 1.51
N ASP NA 173 14.56 -11.52 1.26
CA ASP NA 173 14.62 -10.07 1.16
C ASP NA 173 15.75 -9.61 0.25
N ARG NA 174 15.48 -8.60 -0.57
CA ARG NA 174 16.47 -8.08 -1.51
C ARG NA 174 17.50 -7.20 -0.79
N SER NA 175 17.18 -6.83 0.44
CA SER NA 175 18.07 -5.99 1.24
C SER NA 175 19.15 -6.77 1.97
N GLU NA 176 18.77 -7.89 2.58
CA GLU NA 176 19.71 -8.74 3.32
C GLU NA 176 19.33 -10.20 3.16
N PRO NA 177 20.12 -10.96 2.37
CA PRO NA 177 19.89 -12.39 2.12
C PRO NA 177 19.62 -13.21 3.37
N GLN NA 178 18.52 -12.86 4.06
CA GLN NA 178 18.13 -13.55 5.27
C GLN NA 178 16.65 -13.89 5.18
N ILE NA 179 16.30 -15.12 5.53
CA ILE NA 179 14.90 -15.54 5.49
C ILE NA 179 14.12 -14.89 6.62
N ARG NA 180 13.03 -14.20 6.28
CA ARG NA 180 12.20 -13.54 7.27
C ARG NA 180 10.81 -14.15 7.42
N TYR NA 181 10.40 -14.95 6.44
CA TYR NA 181 9.10 -15.61 6.47
C TYR NA 181 9.08 -16.88 5.66
N LEU NA 182 8.19 -17.80 6.04
CA LEU NA 182 8.05 -19.06 5.32
C LEU NA 182 6.56 -19.31 5.07
N GLU NA 183 6.19 -19.51 3.80
CA GLU NA 183 4.80 -19.76 3.46
C GLU NA 183 4.35 -21.09 4.06
N VAL NA 184 3.20 -21.06 4.73
CA VAL NA 184 2.68 -22.27 5.35
C VAL NA 184 1.27 -22.61 4.87
N GLU NA 185 1.20 -23.43 3.83
CA GLU NA 185 -0.07 -23.87 3.30
C GLU NA 185 -0.66 -24.80 4.36
N VAL NA 186 -1.53 -24.24 5.20
CA VAL NA 186 -2.15 -24.98 6.29
C VAL NA 186 -2.75 -26.31 5.85
N ALA NA 187 -3.25 -27.08 6.82
CA ALA NA 187 -3.85 -28.38 6.53
C ALA NA 187 -5.38 -28.34 6.44
N ALA NA 188 -6.01 -27.63 7.37
CA ALA NA 188 -7.46 -27.51 7.38
C ALA NA 188 -7.92 -26.43 6.41
N ASN NA 189 -7.28 -25.26 6.48
CA ASN NA 189 -7.65 -24.15 5.61
C ASN NA 189 -7.16 -24.32 4.18
N LYS NA 190 -6.12 -25.14 4.00
CA LYS NA 190 -5.57 -25.35 2.67
C LYS NA 190 -5.24 -23.98 2.07
N LYS NA 191 -5.07 -23.00 2.96
CA LYS NA 191 -4.76 -21.64 2.59
C LYS NA 191 -3.27 -21.33 2.72
N LYS NA 192 -2.97 -20.04 2.90
CA LYS NA 192 -1.61 -19.58 3.05
C LYS NA 192 -1.48 -18.70 4.31
N VAL NA 193 -0.67 -19.16 5.26
CA VAL NA 193 -0.44 -18.41 6.49
C VAL NA 193 1.07 -18.20 6.65
N LEU NA 194 1.48 -16.94 6.54
CA LEU NA 194 2.88 -16.58 6.67
C LEU NA 194 3.46 -17.04 7.99
N LEU NA 195 4.64 -17.66 7.93
CA LEU NA 195 5.31 -18.11 9.14
C LEU NA 195 6.46 -17.17 9.44
N PRO NA 196 6.41 -16.54 10.62
CA PRO NA 196 7.44 -15.60 11.09
C PRO NA 196 8.65 -16.40 11.60
N ILE NA 197 9.65 -16.56 10.74
CA ILE NA 197 10.85 -17.32 11.09
C ILE NA 197 11.21 -17.08 12.56
N GLY NA 198 11.17 -15.81 12.96
CA GLY NA 198 11.49 -15.44 14.33
C GLY NA 198 10.74 -16.30 15.33
N PHE NA 199 9.66 -16.92 14.90
CA PHE NA 199 8.89 -17.78 15.78
C PHE NA 199 9.04 -19.24 15.39
N SER NA 200 9.75 -19.48 14.29
CA SER NA 200 9.95 -20.84 13.81
C SER NA 200 11.26 -21.47 14.23
N ARG NA 201 11.19 -22.60 14.93
CA ARG NA 201 12.37 -23.31 15.38
C ARG NA 201 12.69 -24.48 14.44
N PHE NA 202 13.85 -24.42 13.78
CA PHE NA 202 14.25 -25.45 12.85
C PHE NA 202 14.64 -26.76 13.52
N ASP NA 203 14.40 -27.87 12.81
CA ASP NA 203 14.74 -29.21 13.28
C ASP NA 203 15.31 -29.99 12.09
N LYS NA 204 16.39 -29.46 11.51
CA LYS NA 204 17.02 -30.07 10.34
C LYS NA 204 17.08 -31.60 10.36
N LYS NA 205 16.86 -32.20 11.52
CA LYS NA 205 16.92 -33.64 11.63
C LYS NA 205 15.75 -34.38 11.01
N ALA NA 206 14.53 -33.89 11.25
CA ALA NA 206 13.33 -34.55 10.73
C ALA NA 206 12.56 -33.70 9.73
N ARG NA 207 13.27 -32.81 9.03
CA ARG NA 207 12.64 -31.94 8.06
C ARG NA 207 11.55 -31.09 8.69
N LYS NA 208 11.27 -31.31 9.97
CA LYS NA 208 10.24 -30.55 10.66
C LYS NA 208 10.63 -29.12 10.97
N VAL NA 209 9.67 -28.38 11.52
CA VAL NA 209 9.85 -26.99 11.91
C VAL NA 209 8.80 -26.75 12.98
N LYS NA 210 9.16 -27.03 14.22
CA LYS NA 210 8.24 -26.87 15.33
C LYS NA 210 8.11 -25.43 15.80
N VAL NA 211 6.90 -25.03 16.17
CA VAL NA 211 6.65 -23.68 16.65
C VAL NA 211 5.86 -23.66 17.96
N ASP NA 212 6.58 -23.59 19.07
CA ASP NA 212 5.95 -23.55 20.39
C ASP NA 212 5.31 -22.18 20.55
N ALA NA 213 4.29 -21.90 19.74
CA ALA NA 213 3.62 -20.62 19.82
C ALA NA 213 2.10 -20.74 19.83
N ILE NA 214 1.56 -21.54 18.92
CA ILE NA 214 0.11 -21.73 18.81
C ILE NA 214 -0.22 -23.17 18.43
N LYS NA 215 -1.33 -23.69 18.93
CA LYS NA 215 -1.72 -25.05 18.60
C LYS NA 215 -1.87 -25.18 17.08
N ALA NA 216 -1.74 -26.42 16.59
CA ALA NA 216 -1.86 -26.70 15.17
C ALA NA 216 -3.09 -26.06 14.52
N ALA NA 217 -4.21 -26.08 15.24
CA ALA NA 217 -5.46 -25.52 14.75
C ALA NA 217 -5.40 -24.01 14.51
N HIS NA 218 -4.73 -23.30 15.41
CA HIS NA 218 -4.60 -21.85 15.32
C HIS NA 218 -4.08 -21.37 13.99
N PHE NA 219 -3.50 -22.28 13.20
CA PHE NA 219 -2.98 -21.92 11.89
C PHE NA 219 -4.14 -21.54 10.97
N ALA NA 220 -5.35 -21.77 11.46
CA ALA NA 220 -6.58 -21.47 10.73
C ALA NA 220 -6.98 -20.02 10.90
N ASN NA 221 -6.97 -19.54 12.14
CA ASN NA 221 -7.36 -18.16 12.42
C ASN NA 221 -6.23 -17.17 12.20
N VAL NA 222 -5.09 -17.66 11.72
CA VAL NA 222 -3.94 -16.80 11.44
C VAL NA 222 -4.40 -15.72 10.46
N PRO NA 223 -4.18 -14.43 10.80
CA PRO NA 223 -4.60 -13.38 9.88
C PRO NA 223 -4.13 -13.74 8.47
N THR NA 224 -5.07 -13.74 7.54
CA THR NA 224 -4.80 -14.08 6.15
C THR NA 224 -4.13 -12.93 5.39
N LEU NA 225 -3.13 -13.27 4.60
CA LEU NA 225 -2.42 -12.27 3.81
C LEU NA 225 -3.28 -11.80 2.66
N SER NA 226 -3.43 -10.48 2.51
CA SER NA 226 -4.24 -9.92 1.44
C SER NA 226 -3.73 -10.36 0.07
N ASN NA 227 -2.43 -10.22 -0.16
CA ASN NA 227 -1.83 -10.60 -1.43
C ASN NA 227 -0.65 -11.50 -1.14
N PRO NA 228 -0.51 -12.62 -1.88
CA PRO NA 228 0.60 -13.56 -1.68
C PRO NA 228 1.97 -13.10 -2.17
N ASP NA 229 1.98 -12.26 -3.19
CA ASP NA 229 3.24 -11.80 -3.76
C ASP NA 229 3.96 -10.72 -2.97
N GLN NA 230 3.40 -10.33 -1.83
CA GLN NA 230 4.02 -9.31 -0.99
C GLN NA 230 3.17 -8.94 0.21
N VAL NA 231 3.83 -8.57 1.31
CA VAL NA 231 3.10 -8.21 2.52
C VAL NA 231 3.49 -6.83 3.00
N THR NA 232 2.49 -6.02 3.34
CA THR NA 232 2.70 -4.64 3.79
C THR NA 232 2.83 -4.44 5.28
N LEU NA 233 3.57 -3.40 5.65
CA LEU NA 233 3.82 -3.01 7.04
C LEU NA 233 2.63 -3.32 7.95
N TYR NA 234 1.45 -2.86 7.55
CA TYR NA 234 0.25 -3.09 8.31
C TYR NA 234 0.22 -4.56 8.74
N GLU NA 235 0.22 -5.45 7.76
CA GLU NA 235 0.18 -6.89 8.01
C GLU NA 235 1.48 -7.47 8.56
N GLU NA 236 2.58 -6.78 8.28
CA GLU NA 236 3.88 -7.22 8.75
C GLU NA 236 3.78 -7.45 10.26
N ASP NA 237 3.06 -6.55 10.94
CA ASP NA 237 2.86 -6.65 12.38
C ASP NA 237 1.71 -7.57 12.68
N LYS NA 238 0.73 -7.55 11.79
CA LYS NA 238 -0.48 -8.34 11.93
C LYS NA 238 -0.30 -9.84 12.12
N VAL NA 239 0.42 -10.47 11.21
CA VAL NA 239 0.66 -11.91 11.27
C VAL NA 239 1.34 -12.28 12.57
N CYS NA 240 2.48 -11.66 12.80
CA CYS NA 240 3.30 -11.88 13.97
C CYS NA 240 2.51 -11.79 15.26
N ALA NA 241 2.01 -10.61 15.59
CA ALA NA 241 1.24 -10.41 16.81
C ALA NA 241 0.34 -11.60 17.15
N TYR NA 242 -0.21 -12.26 16.13
CA TYR NA 242 -1.08 -13.40 16.37
C TYR NA 242 -0.28 -14.46 17.12
N TYR NA 243 0.60 -15.16 16.40
CA TYR NA 243 1.42 -16.20 17.03
C TYR NA 243 1.80 -15.72 18.42
N ALA NA 244 2.22 -14.46 18.49
CA ALA NA 244 2.63 -13.84 19.75
C ALA NA 244 1.67 -14.21 20.89
N GLY NA 245 0.38 -13.99 20.68
CA GLY NA 245 -0.57 -14.33 21.71
C GLY NA 245 -0.39 -15.74 22.19
N GLY NA 246 -0.23 -16.66 21.24
CA GLY NA 246 -0.05 -18.06 21.57
C GLY NA 246 0.82 -18.28 22.77
N LYS NA 247 1.81 -17.41 22.93
CA LYS NA 247 2.73 -17.48 24.07
C LYS NA 247 1.95 -17.43 25.38
N LEU NA 248 0.87 -16.65 25.42
CA LEU NA 248 0.09 -16.53 26.64
C LEU NA 248 -1.37 -16.98 26.46
N TYR NA 249 -1.66 -17.70 25.39
CA TYR NA 249 -3.02 -18.14 25.13
C TYR NA 249 -3.17 -19.61 24.73
N ALA NA 250 -2.39 -20.04 23.75
CA ALA NA 250 -2.43 -21.42 23.24
C ALA NA 250 -2.82 -22.51 24.25
N THR NA 251 -2.75 -22.20 25.55
CA THR NA 251 -3.11 -23.16 26.58
C THR NA 251 -3.44 -22.42 27.86
N ALA NA 252 -4.41 -22.93 28.62
CA ALA NA 252 -4.80 -22.30 29.88
C ALA NA 252 -3.59 -22.30 30.82
N GLU NA 253 -2.77 -23.33 30.69
CA GLU NA 253 -1.57 -23.46 31.50
C GLU NA 253 -0.78 -22.16 31.39
N ARG NA 254 -0.05 -22.02 30.29
CA ARG NA 254 0.78 -20.84 30.02
C ARG NA 254 0.41 -19.59 30.80
N ALA NA 255 -0.68 -18.93 30.42
CA ALA NA 255 -1.09 -17.70 31.09
C ALA NA 255 -1.17 -17.73 32.61
N GLY NA 256 -1.69 -18.81 33.17
CA GLY NA 256 -1.82 -18.91 34.62
C GLY NA 256 -0.54 -19.30 35.33
N PRO NA 257 -0.25 -18.71 36.52
CA PRO NA 257 0.96 -19.02 37.28
C PRO NA 257 1.16 -20.50 37.54
N LEU NA 258 2.39 -20.87 37.89
CA LEU NA 258 2.76 -22.26 38.15
C LEU NA 258 2.82 -22.59 39.65
N LEU NA 259 3.22 -21.62 40.45
CA LEU NA 259 3.32 -21.83 41.90
C LEU NA 259 3.01 -20.56 42.67
N PHE OA 2 -7.07 30.46 60.77
CA PHE OA 2 -7.35 30.12 59.34
C PHE OA 2 -7.83 31.34 58.55
N THR OA 3 -7.22 32.48 58.80
CA THR OA 3 -7.58 33.73 58.12
C THR OA 3 -7.47 33.58 56.60
N MET OA 4 -6.33 33.08 56.15
CA MET OA 4 -6.07 32.92 54.72
C MET OA 4 -6.72 31.69 54.09
N ASN OA 5 -6.26 30.51 54.52
CA ASN OA 5 -6.74 29.23 54.00
C ASN OA 5 -8.22 29.08 53.66
N ALA OA 6 -9.10 29.87 54.26
CA ALA OA 6 -10.52 29.75 53.96
C ALA OA 6 -10.91 30.59 52.75
N ASN OA 7 -10.09 30.51 51.70
CA ASN OA 7 -10.35 31.26 50.47
C ASN OA 7 -9.59 30.66 49.27
N LEU OA 8 -9.36 29.35 49.31
CA LEU OA 8 -8.64 28.69 48.24
C LEU OA 8 -9.07 27.25 47.96
N TYR OA 9 -10.04 26.75 48.73
CA TYR OA 9 -10.53 25.38 48.58
C TYR OA 9 -10.81 25.00 47.14
N LYS OA 10 -10.96 26.01 46.29
CA LYS OA 10 -11.24 25.80 44.88
C LYS OA 10 -9.99 25.30 44.16
N ILE OA 11 -8.95 24.99 44.92
CA ILE OA 11 -7.70 24.53 44.35
C ILE OA 11 -7.72 23.06 43.94
N TRP OA 12 -8.59 22.28 44.59
CA TRP OA 12 -8.70 20.87 44.26
C TRP OA 12 -9.36 20.68 42.90
N LEU OA 13 -9.49 21.78 42.17
CA LEU OA 13 -10.09 21.74 40.85
C LEU OA 13 -9.03 21.43 39.80
N ILE OA 14 -7.77 21.63 40.17
CA ILE OA 14 -6.66 21.36 39.25
C ILE OA 14 -5.76 20.22 39.74
N LEU OA 15 -5.74 20.01 41.05
CA LEU OA 15 -4.94 18.93 41.62
C LEU OA 15 -5.85 17.82 42.14
N ASP OA 16 -6.26 16.92 41.24
CA ASP OA 16 -7.13 15.82 41.64
C ASP OA 16 -6.59 15.27 42.96
N PRO OA 17 -7.50 14.78 43.82
CA PRO OA 17 -7.08 14.25 45.12
C PRO OA 17 -6.02 13.15 45.16
N ARG OA 18 -6.19 12.08 44.40
CA ARG OA 18 -5.22 10.97 44.42
C ARG OA 18 -3.80 11.37 44.02
N ARG OA 19 -3.70 12.21 43.00
CA ARG OA 19 -2.41 12.66 42.46
C ARG OA 19 -1.49 13.28 43.49
N VAL OA 20 -2.05 14.16 44.31
CA VAL OA 20 -1.28 14.84 45.34
C VAL OA 20 -1.71 14.41 46.74
N LEU OA 21 -2.67 13.51 46.82
CA LEU OA 21 -3.13 13.00 48.10
C LEU OA 21 -2.04 12.08 48.62
N VAL OA 22 -1.62 11.15 47.77
CA VAL OA 22 -0.59 10.20 48.12
C VAL OA 22 0.81 10.80 47.97
N SER OA 23 0.93 11.81 47.11
CA SER OA 23 2.21 12.47 46.89
C SER OA 23 2.69 13.09 48.19
N ILE OA 24 1.87 12.97 49.22
CA ILE OA 24 2.19 13.50 50.54
C ILE OA 24 2.08 12.37 51.57
N VAL OA 25 1.46 11.28 51.15
CA VAL OA 25 1.31 10.11 52.03
C VAL OA 25 2.69 9.47 52.16
N ALA OA 26 3.38 9.36 51.04
CA ALA OA 26 4.70 8.78 51.01
C ALA OA 26 5.73 9.83 51.38
N PHE OA 27 5.57 11.05 50.88
CA PHE OA 27 6.51 12.11 51.21
C PHE OA 27 6.68 12.24 52.73
N GLN OA 28 5.64 11.90 53.46
CA GLN OA 28 5.69 11.95 54.91
C GLN OA 28 6.65 10.87 55.36
N ILE OA 29 6.41 9.65 54.89
CA ILE OA 29 7.25 8.52 55.25
C ILE OA 29 8.69 8.72 54.77
N VAL OA 30 8.85 9.35 53.60
CA VAL OA 30 10.19 9.59 53.05
C VAL OA 30 10.82 10.76 53.78
N LEU OA 31 10.18 11.18 54.87
CA LEU OA 31 10.69 12.27 55.68
C LEU OA 31 10.82 11.82 57.13
N GLY OA 32 9.88 10.98 57.55
CA GLY OA 32 9.89 10.46 58.90
C GLY OA 32 11.20 9.75 59.15
N LEU OA 33 11.35 8.59 58.54
CA LEU OA 33 12.57 7.80 58.68
C LEU OA 33 13.76 8.75 58.55
N LEU OA 34 13.80 9.47 57.43
CA LEU OA 34 14.87 10.43 57.18
C LEU OA 34 15.20 11.24 58.43
N ILE OA 35 14.18 11.88 58.99
CA ILE OA 35 14.34 12.69 60.19
C ILE OA 35 14.82 11.88 61.39
N HIS OA 36 13.96 11.03 61.92
CA HIS OA 36 14.32 10.19 63.06
C HIS OA 36 15.76 9.70 62.90
N MET OA 37 16.18 9.53 61.65
CA MET OA 37 17.53 9.04 61.33
C MET OA 37 18.61 10.09 61.48
N ILE OA 38 18.35 11.29 60.99
CA ILE OA 38 19.33 12.37 61.08
C ILE OA 38 19.42 12.89 62.50
N VAL OA 39 18.30 12.79 63.23
CA VAL OA 39 18.26 13.23 64.63
C VAL OA 39 18.99 12.18 65.45
N LEU OA 40 18.44 10.98 65.45
CA LEU OA 40 19.04 9.86 66.17
C LEU OA 40 20.47 9.69 65.71
N SER OA 41 20.82 10.40 64.63
CA SER OA 41 22.17 10.34 64.09
C SER OA 41 23.18 11.14 64.90
N THR OA 42 23.14 12.46 64.72
CA THR OA 42 24.08 13.35 65.38
C THR OA 42 23.59 13.95 66.70
N ASP OA 43 22.39 14.54 66.67
CA ASP OA 43 21.81 15.17 67.84
C ASP OA 43 22.02 14.34 69.10
N LEU OA 44 21.18 13.33 69.28
CA LEU OA 44 21.23 12.46 70.44
C LEU OA 44 20.96 11.02 70.01
N ASN OA 45 21.50 10.07 70.74
CA ASN OA 45 21.27 8.66 70.45
C ASN OA 45 20.56 8.11 71.67
N TRP OA 46 19.27 8.40 71.75
CA TRP OA 46 18.47 7.97 72.88
C TRP OA 46 18.65 6.50 73.26
N LEU OA 47 19.16 5.68 72.36
CA LEU OA 47 19.35 4.27 72.60
C LEU OA 47 20.25 3.90 73.76
N ASP OA 48 21.50 4.39 73.70
CA ASP OA 48 22.48 4.10 74.74
C ASP OA 48 23.25 5.35 75.19
N ASP OA 49 22.81 6.52 74.73
CA ASP OA 49 23.50 7.77 75.05
C ASP OA 49 23.57 8.15 76.53
N ASN OA 50 22.43 8.09 77.23
CA ASN OA 50 22.43 8.49 78.62
C ASN OA 50 21.71 7.55 79.60
N ILE OA 51 20.54 7.04 79.22
CA ILE OA 51 19.81 6.17 80.13
C ILE OA 51 19.19 4.97 79.42
N PRO OA 52 18.77 3.97 80.19
CA PRO OA 52 18.83 3.89 81.66
C PRO OA 52 20.25 3.72 82.21
N VAL OA 53 21.05 2.87 81.59
CA VAL OA 53 22.40 2.65 82.07
C VAL OA 53 23.39 2.13 81.01
N SER OA 54 22.96 2.04 79.76
CA SER OA 54 23.83 1.55 78.70
C SER OA 54 24.32 0.18 79.16
N TYR OA 55 23.39 -0.63 79.66
CA TYR OA 55 23.70 -1.97 80.16
C TYR OA 55 24.71 -2.81 79.36
N GLN OA 56 24.87 -2.54 78.06
CA GLN OA 56 25.80 -3.31 77.23
C GLN OA 56 27.18 -3.42 77.88
N THR PA 8 -12.76 11.74 35.30
CA THR PA 8 -12.05 13.05 35.46
C THR PA 8 -13.06 14.19 35.57
N GLY PA 9 -12.61 15.35 36.03
CA GLY PA 9 -13.52 16.47 36.16
C GLY PA 9 -13.72 16.80 37.62
N LEU PA 10 -13.97 18.08 37.90
CA LEU PA 10 -14.15 18.51 39.29
C LEU PA 10 -15.08 19.72 39.38
N THR PA 11 -16.01 19.68 40.33
CA THR PA 11 -16.96 20.76 40.53
C THR PA 11 -17.12 21.12 42.00
N ASP PA 12 -17.14 22.42 42.28
CA ASP PA 12 -17.27 22.94 43.64
C ASP PA 12 -18.18 22.09 44.53
N ASP PA 13 -19.31 21.64 43.98
CA ASP PA 13 -20.25 20.82 44.74
C ASP PA 13 -19.51 19.63 45.33
N GLU PA 14 -18.98 18.77 44.46
CA GLU PA 14 -18.26 17.59 44.89
C GLU PA 14 -16.88 17.98 45.44
N ALA PA 15 -16.29 19.01 44.87
CA ALA PA 15 -14.97 19.49 45.29
C ALA PA 15 -14.99 19.89 46.76
N LYS PA 16 -15.84 20.85 47.11
CA LYS PA 16 -15.94 21.32 48.49
C LYS PA 16 -16.05 20.13 49.45
N GLU PA 17 -17.06 19.29 49.22
CA GLU PA 17 -17.30 18.13 50.07
C GLU PA 17 -15.99 17.51 50.57
N PHE PA 18 -15.14 17.13 49.64
CA PHE PA 18 -13.86 16.53 49.96
C PHE PA 18 -12.93 17.45 50.76
N HIS PA 19 -12.81 18.70 50.35
CA HIS PA 19 -11.92 19.59 51.07
C HIS PA 19 -12.23 19.59 52.56
N ALA PA 20 -13.52 19.65 52.87
CA ALA PA 20 -13.93 19.64 54.27
C ALA PA 20 -13.33 18.45 55.02
N ILE PA 21 -13.63 17.25 54.56
CA ILE PA 21 -13.14 16.04 55.20
C ILE PA 21 -11.60 16.01 55.23
N PHE PA 22 -10.98 16.43 54.14
CA PHE PA 22 -9.52 16.44 54.05
C PHE PA 22 -8.87 17.41 55.03
N MET PA 23 -9.22 18.68 54.90
CA MET PA 23 -8.65 19.73 55.75
C MET PA 23 -8.67 19.38 57.24
N GLN PA 24 -9.85 18.94 57.74
CA GLN PA 24 -10.06 18.55 59.17
C GLN PA 24 -9.18 17.37 59.54
N SER PA 25 -8.71 16.63 58.54
CA SER PA 25 -7.78 15.53 58.75
C SER PA 25 -6.34 16.04 58.75
N MET PA 26 -6.12 17.15 58.06
CA MET PA 26 -4.78 17.73 57.98
C MET PA 26 -4.31 18.20 59.35
N TYR PA 27 -5.13 19.01 60.03
CA TYR PA 27 -4.78 19.50 61.35
C TYR PA 27 -4.61 18.28 62.24
N ALA PA 28 -5.45 17.28 62.03
CA ALA PA 28 -5.41 16.05 62.81
C ALA PA 28 -3.97 15.61 63.00
N TRP PA 29 -3.22 15.53 61.91
CA TRP PA 29 -1.82 15.13 61.97
C TRP PA 29 -1.02 16.22 62.67
N PHE PA 30 -1.22 17.44 62.23
CA PHE PA 30 -0.49 18.56 62.80
C PHE PA 30 -0.60 18.54 64.32
N GLY PA 31 -1.78 18.19 64.82
CA GLY PA 31 -1.98 18.12 66.26
C GLY PA 31 -1.16 16.98 66.82
N LEU PA 32 -0.87 16.01 65.98
CA LEU PA 32 -0.07 14.84 66.37
C LEU PA 32 1.40 15.23 66.36
N VAL PA 33 1.72 16.28 65.61
CA VAL PA 33 3.10 16.72 65.52
C VAL PA 33 3.44 17.73 66.62
N VAL PA 34 2.46 18.50 67.06
CA VAL PA 34 2.71 19.47 68.14
C VAL PA 34 2.90 18.69 69.43
N ILE PA 35 2.04 17.68 69.65
CA ILE PA 35 2.12 16.86 70.84
C ILE PA 35 3.40 16.04 70.83
N ALA PA 36 3.85 15.68 69.64
CA ALA PA 36 5.06 14.89 69.47
C ALA PA 36 6.31 15.62 69.94
N HIS PA 37 6.71 16.67 69.22
CA HIS PA 37 7.90 17.43 69.58
C HIS PA 37 7.78 18.12 70.95
N LEU PA 38 6.67 18.81 71.17
CA LEU PA 38 6.46 19.49 72.44
C LEU PA 38 6.76 18.54 73.60
N LEU PA 39 6.21 17.33 73.52
CA LEU PA 39 6.43 16.34 74.57
C LEU PA 39 7.92 16.01 74.65
N ALA PA 40 8.58 16.03 73.50
CA ALA PA 40 10.01 15.75 73.45
C ALA PA 40 10.79 16.91 74.05
N TRP PA 41 10.24 18.11 73.92
CA TRP PA 41 10.88 19.31 74.46
C TRP PA 41 11.01 19.11 75.97
N LEU PA 42 10.11 18.31 76.53
CA LEU PA 42 10.09 18.02 77.97
C LEU PA 42 11.07 16.91 78.39
N TYR PA 43 11.05 15.79 77.68
CA TYR PA 43 11.93 14.66 77.98
C TYR PA 43 13.41 15.02 77.79
N ARG PA 44 13.79 15.33 76.56
CA ARG PA 44 15.16 15.73 76.30
C ARG PA 44 15.13 16.96 75.43
N PRO PA 45 15.83 18.01 75.87
CA PRO PA 45 15.82 19.25 75.08
C PRO PA 45 16.71 19.09 73.85
N TRP PA 46 16.67 20.08 72.97
CA TRP PA 46 17.49 20.03 71.77
C TRP PA 46 17.66 21.45 71.26
N LEU PA 47 18.55 21.61 70.28
CA LEU PA 47 18.88 22.88 69.65
C LEU PA 47 20.32 23.12 69.97
N LEU QA 8 -1.33 40.67 37.12
CA LEU QA 8 -0.55 39.75 36.26
C LEU QA 8 -1.34 38.51 35.87
N TYR QA 9 -2.63 38.46 36.21
CA TYR QA 9 -3.45 37.30 35.87
C TYR QA 9 -3.15 36.90 34.43
N LYS QA 10 -2.51 37.80 33.70
CA LYS QA 10 -2.14 37.57 32.30
C LYS QA 10 -1.16 36.42 32.12
N ILE QA 11 -0.22 36.30 33.05
CA ILE QA 11 0.80 35.25 32.98
C ILE QA 11 0.24 33.83 32.96
N TRP QA 12 -0.95 33.65 33.52
CA TRP QA 12 -1.58 32.33 33.59
C TRP QA 12 -2.12 31.80 32.28
N LEU QA 13 -1.70 32.41 31.17
CA LEU QA 13 -2.14 31.97 29.84
C LEU QA 13 -0.98 31.31 29.13
N ILE QA 14 0.20 31.43 29.70
CA ILE QA 14 1.42 30.87 29.13
C ILE QA 14 1.93 29.72 29.98
N LEU QA 15 1.68 29.80 31.28
CA LEU QA 15 2.12 28.76 32.20
C LEU QA 15 0.94 28.04 32.83
N ASP QA 16 0.85 26.74 32.53
CA ASP QA 16 -0.24 25.90 33.08
C ASP QA 16 -0.28 26.05 34.60
N PRO QA 17 -1.49 26.16 35.17
CA PRO QA 17 -1.72 26.30 36.61
C PRO QA 17 -1.39 25.11 37.50
N ARG QA 18 -1.86 23.93 37.14
CA ARG QA 18 -1.57 22.73 37.93
C ARG QA 18 -0.07 22.45 37.86
N ARG QA 19 0.49 22.66 36.67
CA ARG QA 19 1.91 22.44 36.43
C ARG QA 19 2.75 23.38 37.28
N VAL QA 20 2.80 24.65 36.87
CA VAL QA 20 3.57 25.66 37.60
C VAL QA 20 3.23 25.62 39.09
N LEU QA 21 2.09 25.05 39.43
CA LEU QA 21 1.70 24.95 40.83
C LEU QA 21 2.45 23.82 41.52
N VAL QA 22 2.26 22.59 41.04
CA VAL QA 22 2.93 21.44 41.62
C VAL QA 22 4.42 21.51 41.32
N SER QA 23 4.76 22.13 40.20
CA SER QA 23 6.15 22.27 39.79
C SER QA 23 6.91 23.05 40.84
N ILE QA 24 6.18 23.90 41.56
CA ILE QA 24 6.80 24.71 42.60
C ILE QA 24 6.70 24.01 43.95
N VAL QA 25 5.72 23.12 44.08
CA VAL QA 25 5.58 22.39 45.34
C VAL QA 25 6.87 21.61 45.51
N ALA QA 26 7.42 21.14 44.39
CA ALA QA 26 8.64 20.37 44.39
C ALA QA 26 9.89 21.19 44.72
N PHE QA 27 9.96 22.41 44.20
CA PHE QA 27 11.12 23.25 44.45
C PHE QA 27 11.30 23.56 45.95
N GLN QA 28 10.19 23.77 46.66
CA GLN QA 28 10.27 24.09 48.08
C GLN QA 28 10.74 22.89 48.89
N ILE QA 29 10.30 21.71 48.50
CA ILE QA 29 10.70 20.51 49.19
C ILE QA 29 12.20 20.31 49.09
N VAL QA 30 12.72 20.50 47.89
CA VAL QA 30 14.14 20.32 47.65
C VAL QA 30 15.00 21.35 48.35
N LEU QA 31 14.59 22.62 48.27
CA LEU QA 31 15.37 23.65 48.90
C LEU QA 31 15.25 23.57 50.41
N GLY QA 32 14.08 23.27 50.91
CA GLY QA 32 13.93 23.14 52.36
C GLY QA 32 14.75 21.95 52.79
N LEU QA 33 14.73 20.93 51.93
CA LEU QA 33 15.47 19.73 52.20
C LEU QA 33 16.92 20.06 52.02
N LEU QA 34 17.23 20.91 51.05
CA LEU QA 34 18.62 21.31 50.78
C LEU QA 34 19.18 22.37 51.76
N ILE QA 35 18.33 23.29 52.18
CA ILE QA 35 18.71 24.39 53.07
C ILE QA 35 19.16 24.02 54.48
N HIS QA 36 18.31 23.34 55.24
CA HIS QA 36 18.69 22.98 56.59
C HIS QA 36 19.96 22.13 56.48
N MET QA 37 20.04 21.36 55.40
CA MET QA 37 21.20 20.51 55.22
C MET QA 37 22.39 21.40 55.15
N ILE QA 38 22.44 22.19 54.08
CA ILE QA 38 23.58 23.06 53.85
C ILE QA 38 23.84 24.02 55.01
N VAL QA 39 22.86 24.17 55.88
CA VAL QA 39 23.02 25.05 57.04
C VAL QA 39 23.45 24.22 58.25
N LEU QA 40 22.79 23.09 58.46
CA LEU QA 40 23.11 22.22 59.59
C LEU QA 40 24.51 21.62 59.51
N SER QA 41 24.91 21.20 58.30
CA SER QA 41 26.22 20.56 58.10
C SER QA 41 27.51 21.27 58.52
N THR QA 42 27.71 22.53 58.13
CA THR QA 42 28.93 23.23 58.50
C THR QA 42 28.61 24.38 59.46
N ASP QA 43 27.64 25.18 59.07
CA ASP QA 43 27.20 26.32 59.87
C ASP QA 43 26.94 25.86 61.27
N LEU QA 44 26.71 26.81 62.18
CA LEU QA 44 26.43 26.46 63.57
C LEU QA 44 25.33 25.41 63.67
N ASN QA 45 25.74 24.14 63.64
CA ASN QA 45 24.79 23.04 63.77
C ASN QA 45 24.01 23.42 65.01
N TRP QA 46 22.76 23.02 65.10
CA TRP QA 46 21.98 23.36 66.28
C TRP QA 46 21.51 22.10 66.99
N LEU QA 47 21.48 21.00 66.25
CA LEU QA 47 21.04 19.73 66.79
C LEU QA 47 21.83 19.32 68.02
N ASP QA 48 23.07 18.91 67.80
CA ASP QA 48 23.93 18.44 68.89
C ASP QA 48 25.26 19.19 68.92
N ASP QA 49 25.31 20.37 68.33
CA ASP QA 49 26.54 21.16 68.30
C ASP QA 49 27.00 21.57 69.69
N ASN QA 50 26.06 22.03 70.51
CA ASN QA 50 26.36 22.47 71.86
C ASN QA 50 25.28 21.98 72.81
N ILE QA 51 24.64 22.91 73.50
CA ILE QA 51 23.56 22.59 74.42
C ILE QA 51 22.32 22.36 73.56
N PRO QA 52 21.40 21.47 74.02
CA PRO QA 52 21.51 20.73 75.27
C PRO QA 52 22.10 19.33 75.09
N THR RA 8 -2.75 27.87 30.19
CA THR RA 8 -3.81 28.37 29.27
C THR RA 8 -5.03 27.45 29.28
N GLY RA 9 -6.00 27.74 28.42
CA GLY RA 9 -7.21 26.94 28.37
C GLY RA 9 -8.27 27.60 29.22
N LEU RA 10 -8.13 28.91 29.38
CA LEU RA 10 -9.06 29.71 30.16
C LEU RA 10 -8.88 31.18 29.79
N THR RA 11 -9.96 31.95 29.88
CA THR RA 11 -9.93 33.37 29.55
C THR RA 11 -9.47 34.18 30.76
N ASP RA 12 -9.39 35.49 30.58
CA ASP RA 12 -8.94 36.38 31.64
C ASP RA 12 -9.88 36.40 32.86
N ASP RA 13 -11.01 35.73 32.77
CA ASP RA 13 -11.96 35.69 33.88
C ASP RA 13 -11.48 34.79 35.02
N GLU RA 14 -11.24 33.52 34.70
CA GLU RA 14 -10.78 32.55 35.70
C GLU RA 14 -9.27 32.51 35.74
N ALA RA 15 -8.63 33.41 35.00
CA ALA RA 15 -7.18 33.49 34.97
C ALA RA 15 -6.76 34.45 36.08
N LYS RA 16 -7.63 35.40 36.38
CA LYS RA 16 -7.36 36.38 37.43
C LYS RA 16 -7.89 35.83 38.76
N GLU RA 17 -9.05 35.16 38.71
CA GLU RA 17 -9.64 34.57 39.92
C GLU RA 17 -8.60 33.64 40.58
N PHE RA 18 -8.01 32.74 39.78
CA PHE RA 18 -6.98 31.85 40.29
C PHE RA 18 -5.81 32.69 40.75
N HIS RA 19 -5.41 33.66 39.93
CA HIS RA 19 -4.29 34.52 40.25
C HIS RA 19 -4.46 35.14 41.66
N ALA RA 20 -5.70 35.43 42.01
CA ALA RA 20 -5.99 35.98 43.32
C ALA RA 20 -5.57 34.99 44.39
N ILE RA 21 -6.21 33.83 44.38
CA ILE RA 21 -5.88 32.79 45.35
C ILE RA 21 -4.39 32.48 45.35
N PHE RA 22 -3.85 32.29 44.14
CA PHE RA 22 -2.43 32.02 43.96
C PHE RA 22 -1.58 33.11 44.61
N MET RA 23 -1.68 34.31 44.07
CA MET RA 23 -0.91 35.44 44.58
C MET RA 23 -1.04 35.60 46.09
N GLN RA 24 -2.26 35.78 46.56
CA GLN RA 24 -2.45 35.97 47.98
C GLN RA 24 -1.72 34.92 48.79
N SER RA 25 -2.12 33.65 48.65
CA SER RA 25 -1.48 32.57 49.40
C SER RA 25 0.03 32.58 49.22
N MET RA 26 0.48 33.02 48.05
CA MET RA 26 1.92 33.08 47.76
C MET RA 26 2.61 33.96 48.80
N TYR RA 27 1.87 34.94 49.31
CA TYR RA 27 2.41 35.82 50.33
C TYR RA 27 2.33 35.11 51.68
N ALA RA 28 1.35 34.24 51.82
CA ALA RA 28 1.16 33.49 53.06
C ALA RA 28 2.46 32.77 53.41
N TRP RA 29 3.31 32.53 52.41
CA TRP RA 29 4.58 31.86 52.63
C TRP RA 29 5.68 32.92 52.80
N PHE RA 30 5.74 33.90 51.89
CA PHE RA 30 6.74 34.95 51.98
C PHE RA 30 6.72 35.55 53.39
N GLY RA 31 5.55 35.46 54.02
CA GLY RA 31 5.39 35.97 55.37
C GLY RA 31 5.76 34.91 56.40
N LEU RA 32 5.16 33.73 56.29
CA LEU RA 32 5.44 32.66 57.22
C LEU RA 32 6.90 32.22 57.12
N VAL RA 33 7.53 32.58 56.01
CA VAL RA 33 8.92 32.22 55.79
C VAL RA 33 9.81 33.34 56.33
N VAL RA 34 9.24 34.54 56.43
CA VAL RA 34 10.01 35.66 56.97
C VAL RA 34 9.99 35.55 58.49
N ILE RA 35 8.88 35.09 59.04
CA ILE RA 35 8.77 34.93 60.49
C ILE RA 35 9.75 33.81 60.86
N ALA RA 36 9.96 32.89 59.90
CA ALA RA 36 10.87 31.78 60.11
C ALA RA 36 12.29 32.29 60.36
N HIS RA 37 12.84 32.95 59.33
CA HIS RA 37 14.19 33.51 59.32
C HIS RA 37 14.39 34.52 60.46
N LEU RA 38 13.37 35.31 60.68
CA LEU RA 38 13.40 36.34 61.72
C LEU RA 38 13.45 35.64 63.08
N LEU RA 39 12.71 34.54 63.20
CA LEU RA 39 12.69 33.78 64.44
C LEU RA 39 14.07 33.21 64.70
N ALA RA 40 14.84 33.04 63.62
CA ALA RA 40 16.19 32.51 63.70
C ALA RA 40 17.16 33.64 64.05
N TRP RA 41 17.03 34.74 63.35
CA TRP RA 41 17.88 35.91 63.57
C TRP RA 41 17.89 36.29 65.05
N LEU RA 42 16.83 35.90 65.76
CA LEU RA 42 16.70 36.19 67.20
C LEU RA 42 17.28 35.08 68.06
N TYR RA 43 17.09 33.83 67.63
CA TYR RA 43 17.61 32.69 68.38
C TYR RA 43 19.08 32.49 68.03
N ARG RA 44 19.34 31.75 66.96
CA ARG RA 44 20.71 31.51 66.52
C ARG RA 44 20.99 32.40 65.31
N PRO RA 45 21.73 33.49 65.54
CA PRO RA 45 22.07 34.44 64.49
C PRO RA 45 23.09 33.90 63.51
N TRP RA 46 23.52 34.74 62.58
CA TRP RA 46 24.50 34.32 61.60
C TRP RA 46 25.09 35.47 60.80
N LEU RA 47 26.12 35.15 60.01
CA LEU RA 47 26.83 36.07 59.12
C LEU RA 47 28.12 35.38 58.69
N MET SA 4 16.26 51.44 22.20
CA MET SA 4 15.86 50.68 21.02
C MET SA 4 14.85 49.64 21.38
N ASN SA 5 14.06 49.98 22.39
CA ASN SA 5 13.02 49.12 22.86
C ASN SA 5 11.82 49.42 21.98
N ALA SA 6 11.89 50.55 21.27
CA ALA SA 6 10.80 50.94 20.38
C ALA SA 6 10.72 49.98 19.21
N ASN SA 7 11.88 49.50 18.78
CA ASN SA 7 11.96 48.58 17.66
C ASN SA 7 12.21 47.14 18.09
N LEU SA 8 12.75 46.97 19.29
CA LEU SA 8 13.06 45.63 19.81
C LEU SA 8 11.87 44.76 20.22
N TYR SA 9 10.66 45.32 20.17
CA TYR SA 9 9.47 44.57 20.58
C TYR SA 9 9.13 43.40 19.66
N LYS SA 10 9.40 43.61 18.38
CA LYS SA 10 9.13 42.65 17.33
C LYS SA 10 9.67 41.22 17.54
N ILE SA 11 10.70 41.09 18.37
CA ILE SA 11 11.36 39.81 18.65
C ILE SA 11 10.45 38.60 18.79
N TRP SA 12 9.36 38.76 19.55
CA TRP SA 12 8.42 37.68 19.76
C TRP SA 12 7.94 37.01 18.49
N LEU SA 13 8.08 37.69 17.36
CA LEU SA 13 7.65 37.15 16.09
C LEU SA 13 8.55 36.04 15.55
N ILE SA 14 9.71 35.85 16.17
CA ILE SA 14 10.63 34.80 15.73
C ILE SA 14 10.80 33.75 16.83
N LEU SA 15 10.89 34.21 18.08
CA LEU SA 15 11.03 33.30 19.21
C LEU SA 15 9.73 33.25 19.98
N ASP SA 16 9.38 32.07 20.47
CA ASP SA 16 8.14 31.90 21.23
C ASP SA 16 8.30 32.45 22.64
N PRO SA 17 7.20 32.94 23.23
CA PRO SA 17 7.21 33.50 24.58
C PRO SA 17 7.37 32.42 25.65
N ARG SA 18 6.66 31.31 25.47
CA ARG SA 18 6.69 30.20 26.42
C ARG SA 18 8.07 29.53 26.53
N ARG SA 19 8.71 29.30 25.38
CA ARG SA 19 10.04 28.67 25.35
C ARG SA 19 11.08 29.49 26.14
N VAL SA 20 11.11 30.80 25.91
CA VAL SA 20 12.06 31.69 26.57
C VAL SA 20 11.80 32.00 28.05
N LEU SA 21 10.55 32.35 28.37
CA LEU SA 21 10.14 32.72 29.72
C LEU SA 21 10.53 31.74 30.83
N VAL SA 22 10.15 30.47 30.68
CA VAL SA 22 10.47 29.49 31.72
C VAL SA 22 11.94 29.11 31.74
N SER SA 23 12.57 29.09 30.56
CA SER SA 23 13.98 28.75 30.46
C SER SA 23 14.77 29.79 31.25
N ILE SA 24 14.36 31.05 31.17
CA ILE SA 24 15.04 32.09 31.94
C ILE SA 24 14.84 31.75 33.39
N VAL SA 25 13.59 31.44 33.73
CA VAL SA 25 13.21 31.05 35.08
C VAL SA 25 14.15 29.94 35.52
N ALA SA 26 14.77 29.29 34.55
CA ALA SA 26 15.71 28.21 34.82
C ALA SA 26 17.13 28.74 34.96
N PHE SA 27 17.71 29.20 33.85
CA PHE SA 27 19.07 29.74 33.87
C PHE SA 27 19.37 30.56 35.13
N GLN SA 28 18.39 31.36 35.54
CA GLN SA 28 18.52 32.21 36.72
C GLN SA 28 18.40 31.42 38.02
N ILE SA 29 17.40 30.58 38.11
CA ILE SA 29 17.18 29.79 39.30
C ILE SA 29 18.38 28.90 39.64
N VAL SA 30 18.97 28.28 38.62
CA VAL SA 30 20.11 27.41 38.82
C VAL SA 30 21.38 28.20 39.15
N LEU SA 31 21.68 29.21 38.34
CA LEU SA 31 22.84 30.05 38.55
C LEU SA 31 22.86 30.56 39.99
N GLY SA 32 21.68 30.75 40.56
CA GLY SA 32 21.59 31.22 41.93
C GLY SA 32 22.38 30.35 42.88
N LEU SA 33 21.87 29.15 43.14
CA LEU SA 33 22.55 28.21 44.03
C LEU SA 33 24.00 28.14 43.58
N LEU SA 34 24.19 28.01 42.26
CA LEU SA 34 25.51 27.94 41.66
C LEU SA 34 26.41 29.06 42.19
N ILE SA 35 25.83 30.25 42.32
CA ILE SA 35 26.58 31.41 42.81
C ILE SA 35 26.88 31.22 44.29
N HIS SA 36 25.83 31.25 45.11
CA HIS SA 36 26.01 31.08 46.54
C HIS SA 36 27.02 29.96 46.78
N MET SA 37 26.81 28.86 46.08
CA MET SA 37 27.70 27.74 46.21
C MET SA 37 29.12 28.17 45.86
N ILE SA 38 29.31 28.72 44.65
CA ILE SA 38 30.63 29.12 44.19
C ILE SA 38 31.23 30.23 45.04
N VAL SA 39 30.41 30.86 45.88
CA VAL SA 39 30.89 31.95 46.73
C VAL SA 39 30.81 31.54 48.19
N LEU SA 40 30.17 30.41 48.43
CA LEU SA 40 30.06 29.91 49.78
C LEU SA 40 31.44 29.53 50.32
N SER SA 41 32.34 29.08 49.45
CA SER SA 41 33.67 28.66 49.87
C SER SA 41 34.84 29.59 49.60
N THR SA 42 34.88 30.18 48.41
CA THR SA 42 36.01 31.04 48.08
C THR SA 42 36.10 32.40 48.77
N ASP SA 43 35.04 33.19 48.73
CA ASP SA 43 35.05 34.51 49.35
C ASP SA 43 34.01 34.60 50.47
N LEU SA 44 34.45 34.97 51.66
CA LEU SA 44 33.56 35.13 52.80
C LEU SA 44 32.61 33.93 52.97
N ASN SA 45 33.13 32.83 53.50
CA ASN SA 45 32.31 31.65 53.73
C ASN SA 45 31.36 31.97 54.89
N TRP SA 46 30.46 32.93 54.66
CA TRP SA 46 29.49 33.42 55.66
C TRP SA 46 28.83 32.39 56.58
N LEU SA 47 28.93 31.12 56.20
CA LEU SA 47 28.38 30.05 57.04
C LEU SA 47 29.25 29.60 58.22
N ASP SA 48 30.56 29.60 58.02
CA ASP SA 48 31.49 29.20 59.05
C ASP SA 48 32.71 30.13 59.11
N ASP SA 49 33.03 30.75 57.98
CA ASP SA 49 34.18 31.65 57.88
C ASP SA 49 34.21 32.79 58.89
N ASN SA 50 33.09 33.47 59.09
CA ASN SA 50 33.06 34.58 60.03
C ASN SA 50 31.98 34.49 61.10
N ILE SA 51 31.92 35.55 61.90
CA ILE SA 51 30.97 35.69 62.98
C ILE SA 51 29.58 35.41 62.41
N PRO SA 52 28.66 34.91 63.25
CA PRO SA 52 28.72 34.54 64.67
C PRO SA 52 29.87 33.64 65.07
N VAL SA 53 30.44 33.92 66.24
CA VAL SA 53 31.53 33.10 66.77
C VAL SA 53 30.93 31.71 66.91
N SER SA 54 31.74 30.67 66.81
CA SER SA 54 31.23 29.32 66.91
C SER SA 54 30.31 29.19 68.12
N TYR SA 55 29.25 28.42 67.97
CA TYR SA 55 28.30 28.22 69.06
C TYR SA 55 28.66 26.93 69.77
N GLN SA 56 29.36 26.06 69.06
CA GLN SA 56 29.78 24.78 69.59
C GLN SA 56 30.80 24.98 70.70
N ALA SA 57 31.73 25.90 70.48
CA ALA SA 57 32.74 26.19 71.48
C ALA SA 57 32.20 27.26 72.43
N LEU SA 58 31.57 28.27 71.86
CA LEU SA 58 31.00 29.36 72.66
C LEU SA 58 29.86 28.89 73.55
N GLY SA 59 28.82 28.34 72.93
CA GLY SA 59 27.65 27.88 73.67
C GLY SA 59 27.89 26.70 74.61
N THR TA 8 7.15 33.55 17.36
CA THR TA 8 6.40 33.41 16.09
C THR TA 8 5.05 32.78 16.42
N GLY TA 9 4.16 32.75 15.43
CA GLY TA 9 2.83 32.19 15.65
C GLY TA 9 1.99 33.20 16.40
N LEU TA 10 2.31 34.47 16.23
CA LEU TA 10 1.60 35.57 16.89
C LEU TA 10 1.88 36.87 16.13
N THR TA 11 0.84 37.68 15.95
CA THR TA 11 0.96 38.95 15.24
C THR TA 11 1.69 39.98 16.09
N ASP TA 12 2.16 41.04 15.45
CA ASP TA 12 2.89 42.11 16.11
C ASP TA 12 2.12 42.71 17.29
N ASP TA 13 0.80 42.52 17.28
CA ASP TA 13 -0.06 43.05 18.33
C ASP TA 13 0.22 42.39 19.68
N GLU TA 14 -0.26 41.16 19.85
CA GLU TA 14 -0.06 40.42 21.09
C GLU TA 14 1.41 40.44 21.51
N ALA TA 15 2.30 40.41 20.53
CA ALA TA 15 3.74 40.42 20.80
C ALA TA 15 4.09 41.72 21.52
N LYS TA 16 3.73 42.83 20.91
CA LYS TA 16 3.96 44.17 21.46
C LYS TA 16 3.42 44.24 22.87
N GLU TA 17 2.28 43.60 23.05
CA GLU TA 17 1.58 43.61 24.33
C GLU TA 17 2.40 42.89 25.40
N PHE TA 18 2.83 41.68 25.06
CA PHE TA 18 3.62 40.87 25.97
C PHE TA 18 5.00 41.48 26.17
N HIS TA 19 5.65 41.82 25.07
CA HIS TA 19 6.99 42.43 25.07
C HIS TA 19 7.09 43.50 26.15
N ALA TA 20 6.15 44.44 26.11
CA ALA TA 20 6.10 45.55 27.04
C ALA TA 20 5.94 45.10 28.48
N ILE TA 21 4.77 44.57 28.81
CA ILE TA 21 4.48 44.10 30.17
C ILE TA 21 5.67 43.32 30.73
N PHE TA 22 6.28 42.50 29.89
CA PHE TA 22 7.43 41.70 30.32
C PHE TA 22 8.68 42.55 30.51
N MET TA 23 9.10 43.21 29.42
CA MET TA 23 10.28 44.06 29.43
C MET TA 23 10.42 44.83 30.74
N GLN TA 24 9.41 45.60 31.09
CA GLN TA 24 9.44 46.37 32.33
C GLN TA 24 9.70 45.47 33.55
N SER TA 25 8.97 44.37 33.60
CA SER TA 25 9.08 43.49 34.75
C SER TA 25 10.51 42.95 34.90
N MET TA 26 11.11 42.57 33.78
CA MET TA 26 12.48 42.07 33.78
C MET TA 26 13.37 43.14 34.40
N TYR TA 27 12.83 44.35 34.45
CA TYR TA 27 13.54 45.49 35.05
C TYR TA 27 13.36 45.37 36.56
N ALA TA 28 12.26 44.83 36.99
CA ALA TA 28 11.91 44.61 38.40
C ALA TA 28 12.96 43.84 39.14
N TRP TA 29 13.55 42.89 38.43
CA TRP TA 29 14.63 42.09 38.94
C TRP TA 29 15.89 42.91 38.87
N PHE TA 30 16.20 43.47 37.69
CA PHE TA 30 17.48 44.21 37.56
C PHE TA 30 17.53 45.21 38.71
N GLY TA 31 16.34 45.51 39.20
CA GLY TA 31 16.18 46.41 40.33
C GLY TA 31 16.23 45.61 41.63
N LEU TA 32 15.49 44.52 41.70
CA LEU TA 32 15.46 43.67 42.89
C LEU TA 32 16.84 43.14 43.23
N VAL TA 33 17.48 42.52 42.26
CA VAL TA 33 18.82 41.97 42.45
C VAL TA 33 19.85 43.07 42.67
N VAL TA 34 19.59 44.26 42.11
CA VAL TA 34 20.52 45.36 42.28
C VAL TA 34 20.45 45.93 43.69
N ILE TA 35 19.35 45.69 44.39
CA ILE TA 35 19.23 46.19 45.77
C ILE TA 35 19.99 45.18 46.63
N ALA TA 36 20.11 43.97 46.11
CA ALA TA 36 20.81 42.90 46.82
C ALA TA 36 22.33 43.09 46.72
N HIS TA 37 22.85 43.17 45.49
CA HIS TA 37 24.27 43.40 45.18
C HIS TA 37 24.78 44.68 45.85
N LEU TA 38 23.85 45.60 45.93
CA LEU TA 38 24.01 46.91 46.54
C LEU TA 38 24.12 46.82 48.05
N LEU TA 39 23.14 46.19 48.67
CA LEU TA 39 23.08 46.03 50.11
C LEU TA 39 24.12 45.00 50.54
N ALA TA 40 24.51 44.15 49.60
CA ALA TA 40 25.50 43.12 49.86
C ALA TA 40 26.87 43.80 49.99
N TRP TA 41 27.09 44.79 49.14
CA TRP TA 41 28.36 45.54 49.16
C TRP TA 41 28.44 46.25 50.50
N LEU TA 42 27.27 46.66 51.03
CA LEU TA 42 27.18 47.38 52.31
C LEU TA 42 27.65 46.59 53.53
N TYR TA 43 27.12 45.38 53.70
CA TYR TA 43 27.49 44.54 54.82
C TYR TA 43 28.96 44.15 54.70
N ARG TA 44 29.31 43.57 53.57
CA ARG TA 44 30.68 43.14 53.34
C ARG TA 44 31.08 43.36 51.89
N PRO TA 45 31.83 44.44 51.62
CA PRO TA 45 32.25 44.71 50.25
C PRO TA 45 33.11 43.57 49.76
N TRP TA 46 33.59 43.66 48.53
CA TRP TA 46 34.44 42.60 48.01
C TRP TA 46 35.45 43.04 46.97
N LEU TA 47 35.74 42.12 46.05
CA LEU TA 47 36.70 42.31 44.97
C LEU TA 47 38.05 41.82 45.43
N ASN UA 7 24.23 47.03 2.65
CA ASN UA 7 24.39 45.76 1.95
C ASN UA 7 24.61 44.57 2.87
N LEU UA 8 24.58 44.79 4.17
CA LEU UA 8 24.79 43.71 5.12
C LEU UA 8 23.53 42.88 5.33
N TYR UA 9 22.36 43.53 5.30
CA TYR UA 9 21.09 42.86 5.50
C TYR UA 9 20.99 41.56 4.72
N LYS UA 10 21.68 41.52 3.60
CA LYS UA 10 21.68 40.34 2.74
C LYS UA 10 22.07 39.07 3.50
N ILE UA 11 22.89 39.22 4.54
CA ILE UA 11 23.36 38.07 5.33
C ILE UA 11 22.24 37.16 5.79
N TRP UA 12 21.17 37.78 6.28
CA TRP UA 12 20.02 37.04 6.78
C TRP UA 12 19.35 36.16 5.73
N LEU UA 13 19.85 36.23 4.50
CA LEU UA 13 19.28 35.46 3.41
C LEU UA 13 19.79 34.01 3.34
N ILE UA 14 20.73 33.67 4.22
CA ILE UA 14 21.28 32.32 4.25
C ILE UA 14 21.21 31.73 5.66
N LEU UA 15 21.43 32.56 6.67
CA LEU UA 15 21.39 32.12 8.06
C LEU UA 15 19.99 32.34 8.63
N ASP UA 16 19.38 31.25 9.10
CA ASP UA 16 18.04 31.32 9.66
C ASP UA 16 17.98 32.23 10.88
N PRO UA 17 16.80 32.78 11.16
CA PRO UA 17 16.64 33.66 12.31
C PRO UA 17 16.85 32.82 13.57
N ARG UA 18 16.27 31.63 13.57
CA ARG UA 18 16.37 30.72 14.70
C ARG UA 18 17.73 30.04 14.83
N ARG UA 19 18.28 29.62 13.69
CA ARG UA 19 19.54 28.90 13.65
C ARG UA 19 20.74 29.66 14.22
N VAL UA 20 20.86 30.94 13.89
CA VAL UA 20 22.00 31.72 14.35
C VAL UA 20 21.69 32.83 15.35
N LEU UA 21 20.41 33.08 15.59
CA LEU UA 21 20.03 34.12 16.55
C LEU UA 21 20.36 33.63 17.95
N VAL UA 22 19.58 32.66 18.41
CA VAL UA 22 19.77 32.11 19.74
C VAL UA 22 21.08 31.32 19.79
N SER UA 23 21.61 30.97 18.62
CA SER UA 23 22.87 30.23 18.57
C SER UA 23 23.91 31.09 19.28
N ILE UA 24 23.84 32.39 19.06
CA ILE UA 24 24.76 33.33 19.68
C ILE UA 24 24.30 33.61 21.11
N VAL UA 25 22.99 33.53 21.32
CA VAL UA 25 22.43 33.73 22.65
C VAL UA 25 23.04 32.67 23.57
N ALA UA 26 23.62 31.65 22.96
CA ALA UA 26 24.24 30.56 23.69
C ALA UA 26 25.77 30.81 23.77
N PHE UA 27 26.47 30.62 22.67
CA PHE UA 27 27.92 30.84 22.66
C PHE UA 27 28.33 32.01 23.55
N GLN UA 28 27.55 33.10 23.56
CA GLN UA 28 27.92 34.21 24.42
C GLN UA 28 27.86 33.79 25.86
N ILE UA 29 26.83 33.03 26.20
CA ILE UA 29 26.66 32.59 27.57
C ILE UA 29 27.73 31.60 28.03
N VAL UA 30 28.07 30.63 27.17
CA VAL UA 30 29.07 29.62 27.52
C VAL UA 30 30.45 30.25 27.69
N LEU UA 31 30.78 31.18 26.80
CA LEU UA 31 32.07 31.87 26.86
C LEU UA 31 32.05 32.85 28.02
N GLY UA 32 30.87 33.09 28.58
CA GLY UA 32 30.73 34.00 29.69
C GLY UA 32 31.26 33.38 30.96
N LEU UA 33 30.52 32.39 31.47
CA LEU UA 33 30.93 31.71 32.69
C LEU UA 33 32.35 31.18 32.56
N LEU UA 34 32.74 30.79 31.35
CA LEU UA 34 34.09 30.29 31.11
C LEU UA 34 35.09 31.37 31.50
N ILE UA 35 34.92 32.55 30.93
CA ILE UA 35 35.81 33.67 31.22
C ILE UA 35 35.78 33.97 32.73
N HIS UA 36 34.58 34.15 33.28
CA HIS UA 36 34.46 34.42 34.69
C HIS UA 36 35.10 33.28 35.48
N MET UA 37 35.47 32.22 34.78
CA MET UA 37 36.11 31.09 35.41
C MET UA 37 37.58 31.08 35.17
N ILE UA 38 37.97 31.49 33.98
CA ILE UA 38 39.38 31.55 33.65
C ILE UA 38 40.06 32.72 34.36
N VAL UA 39 39.29 33.79 34.59
CA VAL UA 39 39.82 34.95 35.29
C VAL UA 39 39.79 34.71 36.79
N LEU UA 40 38.73 34.08 37.28
CA LEU UA 40 38.60 33.76 38.69
C LEU UA 40 39.75 32.87 39.12
N SER UA 41 40.57 32.45 38.16
CA SER UA 41 41.69 31.59 38.44
C SER UA 41 43.06 32.28 38.45
N THR UA 42 43.89 31.93 37.47
CA THR UA 42 45.25 32.45 37.34
C THR UA 42 45.38 33.96 37.50
N ASP UA 43 44.61 34.70 36.71
CA ASP UA 43 44.65 36.17 36.74
C ASP UA 43 44.58 36.78 38.14
N LEU UA 44 43.36 36.98 38.62
CA LEU UA 44 43.11 37.59 39.92
C LEU UA 44 41.89 36.95 40.57
N ASN UA 45 42.08 36.34 41.73
CA ASN UA 45 40.95 35.72 42.42
C ASN UA 45 40.26 36.79 43.25
N TRP UA 46 39.89 37.87 42.57
CA TRP UA 46 39.22 39.02 43.18
C TRP UA 46 38.36 38.68 44.40
N LEU UA 47 37.71 37.53 44.37
CA LEU UA 47 36.84 37.10 45.47
C LEU UA 47 37.52 36.81 46.80
N ASP UA 48 38.60 36.01 46.76
CA ASP UA 48 39.34 35.70 47.97
C ASP UA 48 40.82 36.07 47.81
N ASP UA 49 41.18 36.67 46.67
CA ASP UA 49 42.58 36.99 46.43
C ASP UA 49 43.30 37.90 47.40
N ASN UA 50 42.94 39.19 47.43
CA ASN UA 50 43.60 40.14 48.31
C ASN UA 50 42.66 40.73 49.36
N ILE UA 51 42.10 41.89 49.02
CA ILE UA 51 41.20 42.60 49.91
C ILE UA 51 39.74 42.36 49.53
N PRO UA 52 38.86 42.20 50.52
CA PRO UA 52 39.21 42.25 51.94
C PRO UA 52 39.44 40.85 52.52
N VAL UA 53 39.49 39.85 51.64
CA VAL UA 53 39.70 38.46 52.02
C VAL UA 53 40.55 38.29 53.28
N SER UA 54 40.28 37.24 54.05
CA SER UA 54 40.99 36.92 55.29
C SER UA 54 40.52 37.72 56.50
N TYR UA 55 39.53 38.58 56.30
CA TYR UA 55 38.98 39.39 57.40
C TYR UA 55 38.47 38.47 58.51
N GLN UA 56 37.90 37.34 58.09
CA GLN UA 56 37.35 36.35 59.01
C GLN UA 56 38.29 36.06 60.17
N THR VA 8 17.99 31.58 4.95
CA THR VA 8 16.90 31.74 3.95
C THR VA 8 15.56 31.65 4.67
N GLY VA 9 14.50 31.46 3.91
CA GLY VA 9 13.17 31.39 4.52
C GLY VA 9 12.74 32.77 4.89
N LEU VA 10 13.27 33.75 4.17
CA LEU VA 10 12.96 35.16 4.40
C LEU VA 10 13.07 35.90 3.08
N THR VA 11 12.77 37.19 3.11
CA THR VA 11 12.85 38.02 1.92
C THR VA 11 13.81 39.16 2.20
N ASP VA 12 13.68 40.24 1.45
CA ASP VA 12 14.56 41.38 1.61
C ASP VA 12 14.09 42.41 2.62
N ASP VA 13 12.84 42.86 2.49
CA ASP VA 13 12.28 43.85 3.41
C ASP VA 13 12.25 43.42 4.87
N GLU VA 14 12.37 42.11 5.11
CA GLU VA 14 12.38 41.60 6.46
C GLU VA 14 13.83 41.49 6.88
N ALA VA 15 14.64 40.87 6.02
CA ALA VA 15 16.05 40.72 6.29
C ALA VA 15 16.63 42.11 6.58
N LYS VA 16 16.36 43.05 5.67
CA LYS VA 16 16.85 44.42 5.83
C LYS VA 16 16.36 44.96 7.17
N GLU VA 17 15.06 45.06 7.39
CA GLU VA 17 14.50 45.56 8.65
C GLU VA 17 15.08 44.84 9.89
N PHE VA 18 14.80 43.55 10.03
CA PHE VA 18 15.32 42.81 11.17
C PHE VA 18 16.81 43.11 11.34
N HIS VA 19 17.55 42.91 10.24
CA HIS VA 19 18.98 43.12 10.23
C HIS VA 19 19.36 44.23 11.20
N ALA VA 20 18.66 45.37 11.08
CA ALA VA 20 18.90 46.53 11.91
C ALA VA 20 18.52 46.27 13.36
N ILE VA 21 17.30 45.82 13.59
CA ILE VA 21 16.86 45.57 14.95
C ILE VA 21 17.89 44.75 15.73
N PHE VA 22 18.26 43.59 15.20
CA PHE VA 22 19.26 42.77 15.87
C PHE VA 22 20.51 43.64 16.05
N MET VA 23 21.14 43.97 14.93
CA MET VA 23 22.36 44.77 14.91
C MET VA 23 22.41 45.76 16.07
N GLN VA 24 21.38 46.60 16.18
CA GLN VA 24 21.30 47.60 17.24
C GLN VA 24 21.60 47.00 18.60
N SER VA 25 20.81 46.00 18.96
CA SER VA 25 20.96 45.31 20.24
C SER VA 25 22.38 44.80 20.46
N MET VA 26 22.97 44.27 19.40
CA MET VA 26 24.34 43.74 19.46
C MET VA 26 25.28 44.77 20.08
N TYR VA 27 25.12 46.03 19.68
CA TYR VA 27 25.96 47.10 20.20
C TYR VA 27 25.62 47.44 21.64
N ALA VA 28 24.35 47.36 22.00
CA ALA VA 28 23.94 47.64 23.37
C ALA VA 28 24.90 46.85 24.25
N TRP VA 29 25.21 45.66 23.78
CA TRP VA 29 26.11 44.74 24.48
C TRP VA 29 27.55 45.27 24.42
N PHE VA 30 28.01 45.62 23.23
CA PHE VA 30 29.37 46.14 23.08
C PHE VA 30 29.58 47.27 24.07
N GLY VA 31 28.48 47.89 24.50
CA GLY VA 31 28.56 48.96 25.47
C GLY VA 31 28.54 48.36 26.85
N LEU VA 32 27.50 47.59 27.13
CA LEU VA 32 27.33 46.92 28.43
C LEU VA 32 28.60 46.19 28.81
N VAL VA 33 29.14 45.42 27.86
CA VAL VA 33 30.37 44.66 28.09
C VAL VA 33 31.56 45.60 28.19
N VAL VA 34 31.49 46.73 27.51
CA VAL VA 34 32.58 47.69 27.53
C VAL VA 34 32.62 48.40 28.88
N ILE VA 35 31.47 48.79 29.39
CA ILE VA 35 31.43 49.46 30.69
C ILE VA 35 32.05 48.52 31.69
N ALA VA 36 31.93 47.22 31.41
CA ALA VA 36 32.46 46.19 32.28
C ALA VA 36 33.98 46.05 32.14
N HIS VA 37 34.46 45.90 30.91
CA HIS VA 37 35.92 45.76 30.65
C HIS VA 37 36.64 47.04 31.04
N LEU VA 38 35.91 48.14 30.95
CA LEU VA 38 36.49 49.44 31.26
C LEU VA 38 36.45 49.65 32.77
N LEU VA 39 35.33 49.26 33.38
CA LEU VA 39 35.17 49.38 34.82
C LEU VA 39 36.06 48.36 35.51
N ALA VA 40 36.19 47.19 34.88
CA ALA VA 40 37.02 46.13 35.43
C ALA VA 40 38.46 46.62 35.43
N TRP VA 41 38.85 47.25 34.34
CA TRP VA 41 40.20 47.77 34.24
C TRP VA 41 40.28 48.90 35.24
N LEU VA 42 39.18 49.67 35.36
CA LEU VA 42 39.14 50.82 36.25
C LEU VA 42 39.47 50.37 37.67
N TYR VA 43 38.87 49.25 38.09
CA TYR VA 43 39.10 48.70 39.42
C TYR VA 43 40.37 47.86 39.48
N ARG VA 44 40.30 46.64 38.95
CA ARG VA 44 41.44 45.75 38.94
C ARG VA 44 42.02 45.69 37.53
N PRO VA 45 42.78 46.73 37.14
CA PRO VA 45 43.38 46.77 35.80
C PRO VA 45 44.18 45.51 35.53
N TRP VA 46 44.65 45.37 34.30
CA TRP VA 46 45.38 44.19 33.96
C TRP VA 46 46.44 44.34 32.88
N LEU VA 47 46.58 43.27 32.08
CA LEU VA 47 47.59 43.17 31.02
C LEU VA 47 48.81 42.50 31.63
N PHE WA 2 42.72 41.68 -3.95
CA PHE WA 2 41.46 42.02 -4.67
C PHE WA 2 41.71 41.94 -6.18
N THR WA 3 42.96 41.65 -6.55
CA THR WA 3 43.32 41.54 -7.96
C THR WA 3 42.54 40.41 -8.63
N MET WA 4 42.82 39.17 -8.23
CA MET WA 4 42.15 38.01 -8.79
C MET WA 4 40.63 38.08 -8.62
N ASN WA 5 40.19 38.92 -7.68
CA ASN WA 5 38.76 39.09 -7.40
C ASN WA 5 37.92 39.11 -8.68
N ALA WA 6 38.52 39.55 -9.77
CA ALA WA 6 37.83 39.62 -11.05
C ALA WA 6 37.22 38.28 -11.45
N ASN WA 7 38.05 37.25 -11.55
CA ASN WA 7 37.59 35.92 -11.93
C ASN WA 7 37.17 35.05 -10.74
N LEU WA 8 37.53 35.49 -9.54
CA LEU WA 8 37.21 34.74 -8.33
C LEU WA 8 35.72 34.70 -7.97
N TYR WA 9 34.93 35.55 -8.62
CA TYR WA 9 33.51 35.59 -8.31
C TYR WA 9 32.81 34.29 -8.74
N LYS WA 10 33.26 33.71 -9.84
CA LYS WA 10 32.68 32.48 -10.36
C LYS WA 10 32.78 31.32 -9.36
N ILE WA 11 33.68 31.46 -8.39
CA ILE WA 11 33.91 30.42 -7.38
C ILE WA 11 32.63 29.87 -6.73
N TRP WA 12 31.73 30.75 -6.36
CA TRP WA 12 30.48 30.34 -5.72
C TRP WA 12 29.66 29.35 -6.52
N LEU WA 13 30.05 29.14 -7.78
CA LEU WA 13 29.34 28.21 -8.64
C LEU WA 13 29.70 26.78 -8.28
N ILE WA 14 30.88 26.59 -7.69
CA ILE WA 14 31.34 25.25 -7.30
C ILE WA 14 31.18 25.03 -5.79
N LEU WA 15 31.62 25.99 -4.99
CA LEU WA 15 31.53 25.88 -3.54
C LEU WA 15 30.35 26.68 -3.01
N ASP WA 16 29.46 25.99 -2.29
CA ASP WA 16 28.27 26.63 -1.73
C ASP WA 16 28.60 27.71 -0.70
N PRO WA 17 28.03 28.91 -0.88
CA PRO WA 17 28.23 30.06 0.01
C PRO WA 17 27.77 29.85 1.44
N ARG WA 18 26.79 28.96 1.64
CA ARG WA 18 26.27 28.71 2.99
C ARG WA 18 27.16 27.79 3.79
N ARG WA 19 27.93 26.95 3.12
CA ARG WA 19 28.84 26.04 3.80
C ARG WA 19 30.16 26.73 4.08
N VAL WA 20 30.85 27.13 3.02
CA VAL WA 20 32.14 27.80 3.13
C VAL WA 20 32.07 29.04 4.03
N LEU WA 21 30.88 29.59 4.18
CA LEU WA 21 30.69 30.78 5.02
C LEU WA 21 30.65 30.39 6.50
N VAL WA 22 29.62 29.66 6.89
CA VAL WA 22 29.46 29.23 8.27
C VAL WA 22 30.64 28.34 8.70
N SER WA 23 31.18 27.57 7.76
CA SER WA 23 32.31 26.71 8.05
C SER WA 23 33.41 27.56 8.67
N ILE WA 24 33.63 28.73 8.08
CA ILE WA 24 34.65 29.65 8.56
C ILE WA 24 34.33 30.06 9.99
N VAL WA 25 33.05 30.22 10.29
CA VAL WA 25 32.63 30.59 11.64
C VAL WA 25 33.25 29.63 12.64
N ALA WA 26 33.27 28.35 12.28
CA ALA WA 26 33.84 27.32 13.13
C ALA WA 26 35.36 27.43 13.15
N PHE WA 27 35.98 27.18 12.00
CA PHE WA 27 37.43 27.24 11.89
C PHE WA 27 38.00 28.46 12.61
N GLN WA 28 37.31 29.58 12.52
CA GLN WA 28 37.77 30.81 13.17
C GLN WA 28 37.51 30.82 14.66
N ILE WA 29 36.40 30.25 15.09
CA ILE WA 29 36.07 30.22 16.51
C ILE WA 29 36.97 29.22 17.22
N VAL WA 30 37.18 28.07 16.60
CA VAL WA 30 38.00 27.01 17.18
C VAL WA 30 39.48 27.38 17.19
N LEU WA 31 39.99 27.87 16.06
CA LEU WA 31 41.39 28.26 15.98
C LEU WA 31 41.64 29.49 16.84
N GLY WA 32 40.70 30.42 16.82
CA GLY WA 32 40.84 31.64 17.60
C GLY WA 32 41.19 31.40 19.05
N LEU WA 33 40.38 30.61 19.75
CA LEU WA 33 40.65 30.30 21.15
C LEU WA 33 41.89 29.45 21.26
N LEU WA 34 42.18 28.70 20.20
CA LEU WA 34 43.35 27.83 20.17
C LEU WA 34 44.61 28.69 20.21
N ILE WA 35 44.55 29.85 19.56
CA ILE WA 35 45.68 30.76 19.53
C ILE WA 35 45.90 31.29 20.94
N HIS WA 36 44.89 31.97 21.47
CA HIS WA 36 45.00 32.50 22.84
C HIS WA 36 45.46 31.35 23.77
N MET WA 37 45.15 30.11 23.36
CA MET WA 37 45.52 28.92 24.13
C MET WA 37 47.02 28.69 24.08
N ILE WA 38 47.55 28.52 22.87
CA ILE WA 38 48.96 28.29 22.69
C ILE WA 38 49.71 29.43 23.38
N VAL WA 39 49.16 30.65 23.28
CA VAL WA 39 49.79 31.83 23.87
C VAL WA 39 49.38 32.14 25.32
N LEU WA 40 48.46 31.36 25.90
CA LEU WA 40 48.04 31.62 27.27
C LEU WA 40 49.20 31.66 28.26
N SER WA 41 50.15 30.74 28.12
CA SER WA 41 51.29 30.66 29.03
C SER WA 41 52.65 30.55 28.33
N THR WA 42 52.67 29.91 27.17
CA THR WA 42 53.90 29.70 26.40
C THR WA 42 54.78 30.93 26.17
N ASP WA 43 54.22 31.98 25.60
CA ASP WA 43 55.02 33.20 25.33
C ASP WA 43 54.94 34.15 26.52
N LEU WA 44 53.87 34.93 26.56
CA LEU WA 44 53.65 35.87 27.64
C LEU WA 44 52.34 35.51 28.34
N ASN WA 45 52.42 35.16 29.62
CA ASN WA 45 51.23 34.80 30.37
C ASN WA 45 50.61 36.10 30.92
N TRP WA 46 50.32 37.03 30.02
CA TRP WA 46 49.78 38.34 30.37
C TRP WA 46 48.90 38.41 31.63
N LEU WA 47 48.17 37.33 31.93
CA LEU WA 47 47.27 37.30 33.07
C LEU WA 47 48.08 37.52 34.35
N ASP WA 48 49.04 36.64 34.61
CA ASP WA 48 49.90 36.77 35.79
C ASP WA 48 51.39 36.90 35.41
N ASP WA 49 51.67 36.94 34.11
CA ASP WA 49 53.04 37.03 33.61
C ASP WA 49 53.84 38.26 34.00
N ASN WA 50 53.26 39.45 33.82
CA ASN WA 50 53.94 40.69 34.17
C ASN WA 50 52.96 41.61 34.88
N ILE WA 51 53.47 42.71 35.42
CA ILE WA 51 52.64 43.67 36.14
C ILE WA 51 51.34 43.99 35.42
N PRO WA 52 50.39 44.65 36.10
CA PRO WA 52 50.38 45.15 37.49
C PRO WA 52 51.07 44.29 38.53
N VAL WA 53 51.83 44.94 39.40
CA VAL WA 53 52.54 44.26 40.46
C VAL WA 53 51.63 43.26 41.16
N SER WA 54 52.19 42.11 41.51
CA SER WA 54 51.45 41.02 42.17
C SER WA 54 50.69 41.49 43.41
N TYR WA 55 49.59 42.21 43.18
CA TYR WA 55 48.77 42.72 44.26
C TYR WA 55 48.03 41.63 45.01
N GLN WA 56 47.76 40.50 44.36
CA GLN WA 56 47.06 39.41 45.02
C GLN WA 56 48.00 38.75 46.03
N ALA WA 57 49.26 38.60 45.64
CA ALA WA 57 50.26 37.99 46.50
C ALA WA 57 50.79 39.00 47.53
N LEU WA 58 50.83 40.26 47.14
CA LEU WA 58 51.31 41.32 48.02
C LEU WA 58 50.22 41.93 48.88
N GLY WA 59 49.04 42.11 48.27
CA GLY WA 59 47.91 42.69 49.00
C GLY WA 59 47.22 41.71 49.92
N LYS WA 60 47.06 40.48 49.47
CA LYS WA 60 46.40 39.45 50.27
C LYS WA 60 47.14 39.25 51.59
N LYS WA 61 48.34 38.69 51.49
CA LYS WA 61 49.16 38.45 52.66
C LYS WA 61 49.45 39.75 53.41
N THR XA 8 27.11 24.77 -6.05
CA THR XA 8 26.35 25.24 -7.24
C THR XA 8 24.89 25.48 -6.87
N GLY XA 9 24.03 25.44 -7.89
CA GLY XA 9 22.60 25.65 -7.70
C GLY XA 9 22.25 27.12 -7.92
N LEU XA 10 23.18 27.87 -8.50
CA LEU XA 10 22.98 29.29 -8.75
C LEU XA 10 23.66 29.66 -10.06
N THR XA 11 23.36 30.85 -10.56
CA THR XA 11 23.94 31.35 -11.82
C THR XA 11 25.16 32.21 -11.51
N ASP XA 12 25.54 33.06 -12.45
CA ASP XA 12 26.70 33.91 -12.28
C ASP XA 12 26.43 35.23 -11.53
N ASP XA 13 25.37 35.95 -11.91
CA ASP XA 13 25.09 37.22 -11.23
C ASP XA 13 24.85 37.13 -9.73
N GLU XA 14 24.42 35.96 -9.25
CA GLU XA 14 24.23 35.77 -7.83
C GLU XA 14 25.52 35.29 -7.16
N ALA XA 15 26.27 34.43 -7.83
CA ALA XA 15 27.53 33.95 -7.27
C ALA XA 15 28.46 35.15 -7.15
N LYS XA 16 28.20 36.15 -7.99
CA LYS XA 16 28.99 37.36 -8.00
C LYS XA 16 28.47 38.20 -6.84
N GLU XA 17 27.16 38.29 -6.72
CA GLU XA 17 26.49 39.06 -5.68
C GLU XA 17 27.06 38.71 -4.31
N PHE XA 18 27.22 37.42 -4.04
CA PHE XA 18 27.76 36.95 -2.75
C PHE XA 18 29.23 37.27 -2.63
N HIS XA 19 29.93 37.22 -3.76
CA HIS XA 19 31.35 37.50 -3.80
C HIS XA 19 31.56 38.93 -3.33
N ALA XA 20 30.66 39.82 -3.73
CA ALA XA 20 30.74 41.22 -3.35
C ALA XA 20 30.68 41.37 -1.82
N ILE XA 21 29.47 41.21 -1.28
CA ILE XA 21 29.23 41.34 0.15
C ILE XA 21 30.10 40.44 1.03
N PHE XA 22 30.43 39.25 0.53
CA PHE XA 22 31.27 38.33 1.30
C PHE XA 22 32.73 38.74 1.24
N MET XA 23 33.27 38.91 0.04
CA MET XA 23 34.66 39.30 -0.12
C MET XA 23 34.97 40.52 0.72
N GLN XA 24 34.28 41.62 0.43
CA GLN XA 24 34.50 42.85 1.17
C GLN XA 24 34.42 42.61 2.68
N SER XA 25 33.48 41.79 3.14
CA SER XA 25 33.38 41.55 4.59
C SER XA 25 34.64 40.91 5.12
N MET XA 26 35.24 40.08 4.27
CA MET XA 26 36.48 39.40 4.64
C MET XA 26 37.55 40.40 5.06
N TYR XA 27 37.61 41.51 4.35
CA TYR XA 27 38.60 42.54 4.66
C TYR XA 27 38.24 43.29 5.93
N ALA XA 28 36.94 43.38 6.21
CA ALA XA 28 36.48 44.07 7.42
C ALA XA 28 37.24 43.45 8.57
N TRP XA 29 37.56 42.17 8.40
CA TRP XA 29 38.27 41.39 9.40
C TRP XA 29 39.81 41.62 9.33
N PHE XA 30 40.41 41.70 8.13
CA PHE XA 30 41.84 41.91 8.06
C PHE XA 30 42.09 43.21 8.80
N GLY XA 31 41.11 44.10 8.78
CA GLY XA 31 41.25 45.34 9.50
C GLY XA 31 41.39 44.90 10.94
N LEU XA 32 40.43 44.10 11.40
CA LEU XA 32 40.37 43.71 12.81
C LEU XA 32 41.57 42.89 13.30
N VAL XA 33 41.99 41.93 12.50
CA VAL XA 33 43.17 41.13 12.81
C VAL XA 33 44.39 42.04 12.81
N VAL XA 34 44.41 42.94 11.84
CA VAL XA 34 45.49 43.86 11.60
C VAL XA 34 45.56 44.89 12.72
N ILE XA 35 44.41 45.31 13.22
CA ILE XA 35 44.36 46.29 14.30
C ILE XA 35 44.61 45.58 15.63
N ALA XA 36 44.20 44.32 15.72
CA ALA XA 36 44.39 43.54 16.94
C ALA XA 36 45.84 43.14 17.13
N HIS XA 37 46.53 42.68 16.06
CA HIS XA 37 47.98 42.27 16.11
C HIS XA 37 48.83 43.56 16.24
N LEU XA 38 48.16 44.69 16.00
CA LEU XA 38 48.88 45.96 16.06
C LEU XA 38 48.72 46.54 17.45
N LEU XA 39 47.49 46.55 17.97
CA LEU XA 39 47.24 47.07 19.30
C LEU XA 39 48.00 46.16 20.27
N ALA XA 40 48.11 44.89 19.91
CA ALA XA 40 48.80 43.91 20.72
C ALA XA 40 50.30 44.20 20.61
N TRP XA 41 50.78 44.34 19.38
CA TRP XA 41 52.18 44.64 19.17
C TRP XA 41 52.44 45.94 19.89
N LEU XA 42 51.48 46.85 19.82
CA LEU XA 42 51.60 48.16 20.47
C LEU XA 42 51.88 47.98 21.97
N TYR XA 43 51.15 47.08 22.61
CA TYR XA 43 51.34 46.81 24.03
C TYR XA 43 52.64 46.05 24.25
N ARG XA 44 52.74 44.88 23.63
CA ARG XA 44 53.93 44.05 23.77
C ARG XA 44 54.30 43.32 22.49
N PRO XA 45 55.21 43.90 21.68
CA PRO XA 45 55.64 43.28 20.43
C PRO XA 45 56.21 41.89 20.73
N TRP XA 46 56.27 41.05 19.71
CA TRP XA 46 56.80 39.70 19.86
C TRP XA 46 58.12 39.53 19.12
N LEU XA 47 58.38 38.31 18.66
CA LEU XA 47 59.61 38.03 17.93
C LEU XA 47 60.80 37.90 18.87
N THR YA 3 57.25 21.82 -19.43
CA THR YA 3 57.23 21.51 -20.85
C THR YA 3 55.82 21.04 -21.30
N MET YA 4 55.22 20.09 -20.58
CA MET YA 4 53.88 19.58 -20.94
C MET YA 4 52.84 20.60 -20.57
N ASN YA 5 53.27 21.80 -20.31
CA ASN YA 5 52.33 22.83 -19.94
C ASN YA 5 51.24 23.02 -20.99
N ALA YA 6 51.62 22.86 -22.25
CA ALA YA 6 50.69 23.05 -23.34
C ALA YA 6 49.56 22.02 -23.40
N ASN YA 7 49.65 20.98 -22.57
CA ASN YA 7 48.63 19.93 -22.61
C ASN YA 7 47.94 19.56 -21.30
N LEU YA 8 48.57 19.88 -20.18
CA LEU YA 8 48.02 19.50 -18.89
C LEU YA 8 46.62 19.95 -18.51
N TYR YA 9 45.98 20.81 -19.29
CA TYR YA 9 44.63 21.27 -18.95
C TYR YA 9 43.61 20.17 -18.83
N LYS YA 10 43.75 19.16 -19.67
CA LYS YA 10 42.82 18.04 -19.71
C LYS YA 10 42.65 17.33 -18.36
N ILE YA 11 43.51 17.65 -17.40
CA ILE YA 11 43.46 17.03 -16.07
C ILE YA 11 42.08 17.15 -15.44
N TRP YA 12 41.25 18.03 -15.98
CA TRP YA 12 39.93 18.26 -15.44
C TRP YA 12 38.80 17.50 -16.12
N LEU YA 13 39.16 16.55 -16.98
CA LEU YA 13 38.16 15.74 -17.66
C LEU YA 13 38.16 14.37 -17.00
N ILE YA 14 39.05 14.18 -16.03
CA ILE YA 14 39.14 12.91 -15.33
C ILE YA 14 39.14 13.06 -13.80
N LEU YA 15 39.52 14.24 -13.33
CA LEU YA 15 39.55 14.50 -11.89
C LEU YA 15 38.60 15.62 -11.51
N ASP YA 16 37.47 15.25 -10.90
CA ASP YA 16 36.47 16.23 -10.47
C ASP YA 16 37.14 17.33 -9.62
N PRO YA 17 36.95 18.60 -10.00
CA PRO YA 17 37.49 19.80 -9.36
C PRO YA 17 37.05 19.99 -7.89
N ARG YA 18 35.75 19.92 -7.64
CA ARG YA 18 35.18 20.10 -6.30
C ARG YA 18 35.87 19.23 -5.24
N ARG YA 19 35.99 17.94 -5.52
CA ARG YA 19 36.62 17.05 -4.58
C ARG YA 19 38.05 17.47 -4.35
N VAL YA 20 38.72 17.86 -5.41
CA VAL YA 20 40.10 18.28 -5.29
C VAL YA 20 40.16 19.61 -4.50
N LEU YA 21 39.52 20.66 -5.02
CA LEU YA 21 39.59 22.00 -4.40
C LEU YA 21 39.40 22.23 -2.91
N VAL YA 22 38.25 21.91 -2.32
CA VAL YA 22 38.12 22.20 -0.88
C VAL YA 22 38.94 21.28 0.01
N SER YA 23 39.12 20.05 -0.43
CA SER YA 23 39.90 19.10 0.33
C SER YA 23 41.37 19.48 0.22
N ILE YA 24 41.78 19.95 -0.97
CA ILE YA 24 43.16 20.37 -1.20
C ILE YA 24 43.51 21.51 -0.27
N VAL YA 25 42.55 22.39 -0.02
CA VAL YA 25 42.80 23.52 0.89
C VAL YA 25 43.11 22.99 2.28
N ALA YA 26 42.39 21.93 2.65
CA ALA YA 26 42.60 21.29 3.93
C ALA YA 26 43.98 20.67 3.95
N PHE YA 27 44.38 20.11 2.81
CA PHE YA 27 45.70 19.51 2.66
C PHE YA 27 46.76 20.44 3.23
N GLN YA 28 46.74 21.68 2.76
CA GLN YA 28 47.69 22.71 3.19
C GLN YA 28 47.46 23.12 4.64
N ILE YA 29 46.20 23.32 5.01
CA ILE YA 29 45.88 23.76 6.36
C ILE YA 29 46.38 22.83 7.46
N VAL YA 30 46.20 21.52 7.28
CA VAL YA 30 46.67 20.58 8.28
C VAL YA 30 48.20 20.61 8.31
N LEU YA 31 48.78 20.72 7.12
CA LEU YA 31 50.22 20.76 6.95
C LEU YA 31 50.81 22.04 7.51
N GLY YA 32 50.29 23.18 7.07
CA GLY YA 32 50.78 24.46 7.55
C GLY YA 32 50.64 24.61 9.05
N LEU YA 33 49.72 23.83 9.61
CA LEU YA 33 49.49 23.85 11.04
C LEU YA 33 50.50 22.92 11.69
N LEU YA 34 50.80 21.82 11.00
CA LEU YA 34 51.75 20.84 11.51
C LEU YA 34 53.18 21.26 11.18
N ILE YA 35 53.34 22.46 10.61
CA ILE YA 35 54.65 22.97 10.28
C ILE YA 35 55.13 23.81 11.45
N HIS YA 36 54.27 24.77 11.82
CA HIS YA 36 54.52 25.64 12.97
C HIS YA 36 54.71 24.68 14.14
N MET YA 37 54.06 23.54 13.96
CA MET YA 37 54.06 22.47 14.96
C MET YA 37 55.45 21.85 15.11
N ILE YA 38 56.14 21.67 13.99
CA ILE YA 38 57.48 21.08 14.02
C ILE YA 38 58.55 22.12 14.31
N VAL YA 39 58.52 23.20 13.54
CA VAL YA 39 59.50 24.28 13.69
C VAL YA 39 59.40 24.98 15.05
N LEU YA 40 58.20 25.21 15.53
CA LEU YA 40 58.06 25.85 16.84
C LEU YA 40 58.47 24.87 17.96
N SER YA 41 58.08 23.62 17.79
CA SER YA 41 58.35 22.57 18.78
C SER YA 41 59.81 22.21 19.01
N THR YA 42 60.60 22.09 17.95
CA THR YA 42 61.99 21.71 18.13
C THR YA 42 63.06 22.69 17.66
N ASP YA 43 62.99 23.05 16.37
CA ASP YA 43 63.99 23.94 15.79
C ASP YA 43 64.24 25.27 16.47
N LEU YA 44 63.17 25.98 16.78
CA LEU YA 44 63.33 27.26 17.42
C LEU YA 44 61.99 27.62 18.00
N ASN YA 45 61.98 28.60 18.88
CA ASN YA 45 60.76 29.09 19.52
C ASN YA 45 60.88 30.61 19.47
N TRP YA 46 60.58 31.15 18.29
CA TRP YA 46 60.66 32.58 18.02
C TRP YA 46 60.02 33.48 19.06
N LEU YA 47 59.16 32.94 19.91
CA LEU YA 47 58.52 33.72 20.98
C LEU YA 47 59.29 33.81 22.29
N ASP YA 48 59.73 32.64 22.75
CA ASP YA 48 60.44 32.47 24.02
C ASP YA 48 61.96 32.32 23.95
N ASP YA 49 62.47 31.95 22.78
CA ASP YA 49 63.89 31.75 22.60
C ASP YA 49 64.69 33.01 22.82
N ASN YA 50 64.68 33.93 21.86
CA ASN YA 50 65.43 35.16 22.00
C ASN YA 50 64.69 36.36 22.58
N ILE YA 51 64.12 37.19 21.71
CA ILE YA 51 63.41 38.37 22.14
C ILE YA 51 61.89 38.23 22.09
N PRO YA 52 61.17 39.14 22.76
CA PRO YA 52 61.70 40.27 23.53
C PRO YA 52 62.27 39.75 24.85
N VAL YA 53 63.52 40.09 25.16
CA VAL YA 53 64.16 39.63 26.39
C VAL YA 53 63.53 40.26 27.62
N SER YA 54 62.91 41.41 27.45
CA SER YA 54 62.28 42.14 28.56
C SER YA 54 61.10 41.40 29.19
N TYR YA 55 60.28 40.77 28.36
CA TYR YA 55 59.09 40.06 28.84
C TYR YA 55 59.46 38.89 29.75
N GLN YA 56 60.55 38.19 29.41
CA GLN YA 56 61.02 37.05 30.19
C GLN YA 56 61.93 37.48 31.33
N ALA YA 57 62.55 38.64 31.18
CA ALA YA 57 63.44 39.19 32.20
C ALA YA 57 62.66 40.10 33.15
N LEU YA 58 61.87 41.00 32.59
CA LEU YA 58 61.08 41.94 33.40
C LEU YA 58 59.68 41.43 33.70
N GLY YA 59 59.36 40.24 33.21
CA GLY YA 59 58.03 39.68 33.43
C GLY YA 59 58.04 38.68 34.57
N LYS YA 60 58.88 37.65 34.43
CA LYS YA 60 59.00 36.60 35.43
C LYS YA 60 59.53 37.19 36.74
N LYS YA 61 59.98 38.44 36.70
CA LYS YA 61 60.52 39.10 37.88
C LYS YA 61 59.60 40.23 38.33
N THR ZA 8 36.39 12.60 -14.37
CA THR ZA 8 35.54 12.87 -15.56
C THR ZA 8 34.38 13.80 -15.20
N GLY ZA 9 33.19 13.53 -15.74
CA GLY ZA 9 32.05 14.37 -15.46
C GLY ZA 9 32.09 15.70 -16.18
N LEU ZA 10 33.10 15.89 -17.03
CA LEU ZA 10 33.24 17.13 -17.78
C LEU ZA 10 33.54 16.90 -19.25
N THR ZA 11 33.66 17.99 -20.00
CA THR ZA 11 33.96 17.93 -21.43
C THR ZA 11 35.38 18.44 -21.68
N ASP ZA 12 35.58 19.14 -22.78
CA ASP ZA 12 36.90 19.67 -23.13
C ASP ZA 12 36.98 21.18 -22.95
N ASP ZA 13 35.87 21.90 -23.14
CA ASP ZA 13 35.93 23.35 -22.97
C ASP ZA 13 35.78 23.80 -21.52
N GLU ZA 14 34.58 23.73 -20.97
CA GLU ZA 14 34.38 24.13 -19.58
C GLU ZA 14 35.46 23.54 -18.69
N ALA ZA 15 35.99 22.40 -19.11
CA ALA ZA 15 37.03 21.72 -18.35
C ALA ZA 15 38.23 22.63 -18.19
N LYS ZA 16 38.91 22.92 -19.30
CA LYS ZA 16 40.08 23.79 -19.27
C LYS ZA 16 39.77 25.14 -18.64
N GLU ZA 17 38.54 25.62 -18.83
CA GLU ZA 17 38.17 26.90 -18.24
C GLU ZA 17 38.62 26.84 -16.78
N PHE ZA 18 38.47 25.67 -16.16
CA PHE ZA 18 38.88 25.48 -14.77
C PHE ZA 18 40.40 25.38 -14.65
N HIS ZA 19 41.01 24.58 -15.53
CA HIS ZA 19 42.46 24.39 -15.50
C HIS ZA 19 43.20 25.68 -15.23
N ALA ZA 20 42.88 26.69 -16.04
CA ALA ZA 20 43.47 28.00 -15.95
C ALA ZA 20 43.00 28.75 -14.73
N ILE ZA 21 41.67 28.88 -14.62
CA ILE ZA 21 41.02 29.57 -13.53
C ILE ZA 21 41.64 29.25 -12.19
N PHE ZA 22 41.90 27.99 -11.94
CA PHE ZA 22 42.48 27.67 -10.68
C PHE ZA 22 44.00 27.75 -10.77
N MET ZA 23 44.60 27.07 -11.75
CA MET ZA 23 46.06 27.06 -11.91
C MET ZA 23 46.67 28.33 -11.36
N GLN ZA 24 46.22 29.45 -11.93
CA GLN ZA 24 46.67 30.78 -11.55
C GLN ZA 24 46.46 31.05 -10.07
N SER ZA 25 45.20 31.13 -9.66
CA SER ZA 25 44.85 31.37 -8.26
C SER ZA 25 45.92 30.78 -7.37
N MET ZA 26 46.15 29.48 -7.55
CA MET ZA 26 47.14 28.74 -6.78
C MET ZA 26 48.44 29.50 -6.68
N TYR ZA 27 48.93 30.00 -7.81
CA TYR ZA 27 50.17 30.76 -7.83
C TYR ZA 27 50.07 31.93 -6.86
N ALA ZA 28 48.85 32.43 -6.66
CA ALA ZA 28 48.67 33.52 -5.72
C ALA ZA 28 49.29 33.01 -4.44
N TRP ZA 29 49.00 31.75 -4.16
CA TRP ZA 29 49.53 31.10 -2.98
C TRP ZA 29 51.04 30.92 -3.06
N PHE ZA 30 51.49 30.13 -4.05
CA PHE ZA 30 52.91 29.87 -4.22
C PHE ZA 30 53.68 31.16 -4.04
N GLY ZA 31 53.05 32.24 -4.49
CA GLY ZA 31 53.63 33.55 -4.34
C GLY ZA 31 53.44 33.94 -2.90
N LEU ZA 32 52.17 34.12 -2.48
CA LEU ZA 32 51.85 34.47 -1.09
C LEU ZA 32 52.75 33.75 -0.11
N VAL ZA 33 53.18 32.55 -0.49
CA VAL ZA 33 54.04 31.73 0.35
C VAL ZA 33 55.51 32.08 0.14
N VAL ZA 34 55.92 32.27 -1.10
CA VAL ZA 34 57.33 32.60 -1.40
C VAL ZA 34 57.70 33.91 -0.71
N ILE ZA 35 56.73 34.79 -0.54
CA ILE ZA 35 56.95 36.07 0.13
C ILE ZA 35 57.17 35.72 1.60
N ALA ZA 36 56.46 34.68 2.05
CA ALA ZA 36 56.54 34.21 3.42
C ALA ZA 36 57.89 33.55 3.74
N HIS ZA 37 58.38 32.71 2.82
CA HIS ZA 37 59.68 31.98 2.95
C HIS ZA 37 60.89 32.93 2.70
N LEU ZA 38 60.71 33.95 1.85
CA LEU ZA 38 61.76 34.95 1.63
C LEU ZA 38 61.80 35.98 2.73
N LEU ZA 39 60.64 36.55 3.08
CA LEU ZA 39 60.61 37.51 4.17
C LEU ZA 39 61.15 36.91 5.47
N ALA ZA 40 60.98 35.61 5.63
CA ALA ZA 40 61.43 34.91 6.82
C ALA ZA 40 62.95 34.79 6.79
N TRP ZA 41 63.44 34.19 5.70
CA TRP ZA 41 64.87 33.99 5.49
C TRP ZA 41 65.66 35.25 5.88
N LEU ZA 42 65.12 36.40 5.49
CA LEU ZA 42 65.75 37.67 5.80
C LEU ZA 42 65.82 37.87 7.33
N TYR ZA 43 64.77 37.42 8.02
CA TYR ZA 43 64.67 37.56 9.47
C TYR ZA 43 65.50 36.62 10.33
N ARG ZA 44 65.14 35.33 10.36
CA ARG ZA 44 65.89 34.34 11.15
C ARG ZA 44 66.50 33.35 10.18
N PRO ZA 45 67.82 33.39 10.02
CA PRO ZA 45 68.52 32.48 9.11
C PRO ZA 45 68.45 31.05 9.65
N TRP ZA 46 67.86 30.16 8.87
CA TRP ZA 46 67.73 28.78 9.29
C TRP ZA 46 68.44 27.81 8.36
N LEU ZA 47 69.31 26.98 8.92
CA LEU ZA 47 70.05 25.97 8.19
C LEU ZA 47 70.69 25.07 9.24
N PHE AB 2 62.50 8.11 -21.65
CA PHE AB 2 61.15 7.86 -22.24
C PHE AB 2 61.25 7.06 -23.54
N THR AB 3 62.37 6.36 -23.72
CA THR AB 3 62.58 5.56 -24.92
C THR AB 3 61.69 4.32 -24.88
N MET AB 4 61.88 3.49 -23.86
CA MET AB 4 61.10 2.27 -23.70
C MET AB 4 59.61 2.58 -23.63
N ASN AB 5 59.30 3.85 -23.42
CA ASN AB 5 57.93 4.34 -23.34
C ASN AB 5 57.02 3.76 -24.41
N ALA AB 6 57.60 3.46 -25.57
CA ALA AB 6 56.86 2.91 -26.70
C ALA AB 6 55.97 1.72 -26.36
N ASN AB 7 56.59 0.63 -25.89
CA ASN AB 7 55.85 -0.57 -25.55
C ASN AB 7 55.20 -0.50 -24.16
N LEU AB 8 55.44 0.60 -23.46
CA LEU AB 8 54.90 0.80 -22.12
C LEU AB 8 53.47 1.31 -22.11
N TYR AB 9 53.15 2.22 -23.01
CA TYR AB 9 51.82 2.82 -23.11
C TYR AB 9 50.65 1.83 -22.99
N LYS AB 10 50.89 0.58 -23.40
CA LYS AB 10 49.85 -0.44 -23.37
C LYS AB 10 49.28 -0.75 -21.98
N ILE AB 11 49.98 -0.32 -20.93
CA ILE AB 11 49.54 -0.56 -19.56
C ILE AB 11 48.17 0.04 -19.25
N TRP AB 12 47.93 1.23 -19.78
CA TRP AB 12 46.68 1.95 -19.56
C TRP AB 12 45.45 1.22 -20.05
N LEU AB 13 45.65 0.18 -20.86
CA LEU AB 13 44.54 -0.60 -21.39
C LEU AB 13 44.06 -1.66 -20.40
N ILE AB 14 44.87 -1.93 -19.37
CA ILE AB 14 44.51 -2.93 -18.38
C ILE AB 14 44.28 -2.38 -16.98
N LEU AB 15 45.08 -1.39 -16.58
CA LEU AB 15 44.94 -0.80 -15.26
C LEU AB 15 44.32 0.59 -15.30
N ASP AB 16 43.35 0.83 -14.42
CA ASP AB 16 42.67 2.12 -14.36
C ASP AB 16 43.66 3.22 -13.98
N PRO AB 17 43.99 4.10 -14.93
CA PRO AB 17 44.92 5.20 -14.69
C PRO AB 17 44.63 5.99 -13.42
N ARG AB 18 43.36 6.33 -13.20
CA ARG AB 18 42.96 7.07 -12.01
C ARG AB 18 43.50 6.40 -10.76
N ARG AB 19 43.45 5.08 -10.75
CA ARG AB 19 43.93 4.29 -9.61
C ARG AB 19 45.41 4.59 -9.35
N VAL AB 20 46.25 4.15 -10.26
CA VAL AB 20 47.69 4.36 -10.14
C VAL AB 20 48.04 5.81 -9.82
N LEU AB 21 47.17 6.73 -10.22
CA LEU AB 21 47.39 8.15 -9.96
C LEU AB 21 47.20 8.43 -8.47
N VAL AB 22 45.99 8.17 -7.98
CA VAL AB 22 45.67 8.39 -6.57
C VAL AB 22 46.59 7.55 -5.69
N SER AB 23 47.08 6.44 -6.25
CA SER AB 23 47.98 5.55 -5.53
C SER AB 23 49.35 6.23 -5.37
N ILE AB 24 49.87 6.73 -6.49
CA ILE AB 24 51.16 7.40 -6.51
C ILE AB 24 51.13 8.69 -5.70
N VAL AB 25 50.08 9.49 -5.86
CA VAL AB 25 49.98 10.75 -5.14
C VAL AB 25 50.00 10.54 -3.63
N ALA AB 26 49.32 9.49 -3.16
CA ALA AB 26 49.26 9.19 -1.73
C ALA AB 26 50.63 8.70 -1.25
N PHE AB 27 51.31 7.96 -2.11
CA PHE AB 27 52.61 7.40 -1.80
C PHE AB 27 53.70 8.46 -1.63
N GLN AB 28 53.68 9.49 -2.47
CA GLN AB 28 54.70 10.55 -2.40
C GLN AB 28 54.48 11.54 -1.26
N ILE AB 29 53.27 11.56 -0.72
CA ILE AB 29 52.95 12.49 0.37
C ILE AB 29 53.47 11.97 1.70
N VAL AB 30 53.45 10.66 1.89
CA VAL AB 30 53.91 10.05 3.14
C VAL AB 30 55.43 9.97 3.15
N LEU AB 31 55.99 9.51 2.04
CA LEU AB 31 57.43 9.37 1.89
C LEU AB 31 58.14 10.68 2.21
N GLY AB 32 57.71 11.75 1.57
CA GLY AB 32 58.31 13.06 1.80
C GLY AB 32 58.17 13.46 3.26
N LEU AB 33 56.99 13.22 3.81
CA LEU AB 33 56.73 13.55 5.21
C LEU AB 33 57.59 12.63 6.05
N LEU AB 34 57.97 11.49 5.47
CA LEU AB 34 58.82 10.50 6.12
C LEU AB 34 60.28 10.93 6.04
N ILE AB 35 60.78 11.01 4.81
CA ILE AB 35 62.17 11.39 4.59
C ILE AB 35 62.57 12.62 5.39
N HIS AB 36 61.95 13.77 5.08
CA HIS AB 36 62.29 15.01 5.79
C HIS AB 36 62.34 14.73 7.32
N MET AB 37 61.64 13.72 7.75
CA MET AB 37 61.65 13.35 9.16
C MET AB 37 62.76 12.35 9.42
N ILE AB 38 62.75 11.25 8.66
CA ILE AB 38 63.76 10.22 8.81
C ILE AB 38 65.17 10.79 8.72
N VAL AB 39 65.28 11.98 8.12
CA VAL AB 39 66.57 12.65 7.97
C VAL AB 39 66.76 13.75 9.01
N LEU AB 40 65.88 14.74 8.99
CA LEU AB 40 65.93 15.86 9.93
C LEU AB 40 66.20 15.36 11.33
N SER AB 41 65.62 14.22 11.67
CA SER AB 41 65.80 13.64 12.99
C SER AB 41 67.22 13.13 13.19
N THR AB 42 67.84 12.66 12.12
CA THR AB 42 69.17 12.07 12.24
C THR AB 42 70.39 12.76 11.61
N ASP AB 43 70.60 12.54 10.31
CA ASP AB 43 71.73 13.11 9.57
C ASP AB 43 72.13 14.54 9.91
N LEU AB 44 71.22 15.47 9.66
CA LEU AB 44 71.46 16.88 9.96
C LEU AB 44 70.16 17.54 10.33
N ASN AB 45 69.96 17.80 11.62
CA ASN AB 45 68.75 18.45 12.09
C ASN AB 45 68.97 19.94 11.85
N TRP AB 46 69.11 20.29 10.57
CA TRP AB 46 69.37 21.65 10.15
C TRP AB 46 68.49 22.69 10.86
N LEU AB 47 67.21 22.37 11.04
CA LEU AB 47 66.31 23.31 11.69
C LEU AB 47 66.73 23.61 13.12
N ASP AB 48 67.20 22.59 13.84
CA ASP AB 48 67.61 22.81 15.22
C ASP AB 48 68.63 21.93 15.92
N ASP AB 49 69.84 21.87 15.40
CA ASP AB 49 70.88 21.11 16.06
C ASP AB 49 72.11 22.00 16.17
N ASN AB 50 72.65 22.40 15.03
CA ASN AB 50 73.82 23.26 15.03
C ASN AB 50 73.52 24.71 14.65
N ILE AB 51 74.17 25.12 13.57
CA ILE AB 51 74.10 26.47 13.03
C ILE AB 51 72.72 26.74 12.44
N PRO AB 52 72.27 28.00 12.44
CA PRO AB 52 72.98 29.16 12.98
C PRO AB 52 73.26 29.07 14.47
N VAL AB 53 74.33 29.76 14.89
CA VAL AB 53 74.75 29.80 16.29
C VAL AB 53 73.54 29.74 17.21
N SER AB 54 73.45 28.66 17.98
CA SER AB 54 72.36 28.43 18.92
C SER AB 54 71.51 29.69 19.13
N TYR AB 55 70.22 29.59 18.82
CA TYR AB 55 69.33 30.73 19.00
C TYR AB 55 69.10 30.88 20.49
N GLN AB 56 69.26 29.76 21.19
CA GLN AB 56 69.09 29.71 22.63
C GLN AB 56 70.14 30.60 23.31
N ALA AB 57 71.39 30.46 22.90
CA ALA AB 57 72.48 31.25 23.48
C ALA AB 57 72.30 32.75 23.26
N LEU AB 58 72.54 33.20 22.03
CA LEU AB 58 72.40 34.61 21.68
C LEU AB 58 71.04 35.14 22.10
N GLY AB 59 70.02 34.30 21.93
CA GLY AB 59 68.66 34.68 22.28
C GLY AB 59 68.37 34.84 23.75
N LYS AB 60 68.81 33.89 24.56
CA LYS AB 60 68.57 33.93 26.00
C LYS AB 60 69.04 35.26 26.59
N THR BB 8 41.46 -0.95 -17.98
CA THR BB 8 40.57 -1.16 -19.15
C THR BB 8 39.44 -0.14 -19.16
N GLY BB 9 38.51 -0.29 -20.09
CA GLY BB 9 37.41 0.64 -20.21
C GLY BB 9 37.81 1.80 -21.10
N LEU BB 10 38.89 1.60 -21.84
CA LEU BB 10 39.44 2.61 -22.76
C LEU BB 10 40.05 1.90 -23.97
N THR BB 11 40.31 2.65 -25.04
CA THR BB 11 40.93 2.08 -26.23
C THR BB 11 42.37 2.58 -26.32
N ASP BB 12 43.07 2.20 -27.39
CA ASP BB 12 44.46 2.61 -27.56
C ASP BB 12 44.61 4.12 -27.76
N ASP BB 13 43.63 4.72 -28.43
CA ASP BB 13 43.67 6.15 -28.72
C ASP BB 13 43.71 7.00 -27.44
N GLU BB 14 42.56 7.11 -26.77
CA GLU BB 14 42.45 7.89 -25.54
C GLU BB 14 43.56 7.52 -24.55
N ALA BB 15 43.94 6.24 -24.55
CA ALA BB 15 45.00 5.73 -23.64
C ALA BB 15 46.35 6.39 -23.93
N LYS BB 16 46.88 6.11 -25.11
CA LYS BB 16 48.15 6.67 -25.58
C LYS BB 16 48.32 8.11 -25.13
N GLU BB 17 47.34 8.96 -25.46
CA GLU BB 17 47.37 10.36 -25.11
C GLU BB 17 47.74 10.53 -23.64
N PHE BB 18 46.99 9.87 -22.77
CA PHE BB 18 47.22 9.92 -21.34
C PHE BB 18 48.67 9.61 -20.98
N HIS BB 19 49.25 8.65 -21.69
CA HIS BB 19 50.62 8.19 -21.45
C HIS BB 19 51.69 9.26 -21.56
N ALA BB 20 51.57 10.12 -22.57
CA ALA BB 20 52.51 11.22 -22.75
C ALA BB 20 52.21 12.37 -21.80
N ILE BB 21 50.97 12.85 -21.81
CA ILE BB 21 50.57 13.97 -20.98
C ILE BB 21 51.00 13.83 -19.51
N PHE BB 22 50.74 12.67 -18.91
CA PHE BB 22 51.12 12.44 -17.53
C PHE BB 22 52.61 12.15 -17.44
N MET BB 23 53.15 11.56 -18.50
CA MET BB 23 54.57 11.23 -18.54
C MET BB 23 55.38 12.52 -18.41
N GLN BB 24 54.93 13.57 -19.10
CA GLN BB 24 55.59 14.89 -19.05
C GLN BB 24 55.60 15.38 -17.61
N SER BB 25 54.45 15.24 -16.96
CA SER BB 25 54.33 15.67 -15.58
C SER BB 25 55.06 14.70 -14.63
N MET BB 26 55.21 13.45 -15.06
CA MET BB 26 55.90 12.47 -14.24
C MET BB 26 57.37 12.84 -14.13
N TYR BB 27 58.06 12.88 -15.26
CA TYR BB 27 59.47 13.24 -15.27
C TYR BB 27 59.54 14.58 -14.58
N ALA BB 28 58.48 15.37 -14.74
CA ALA BB 28 58.43 16.67 -14.10
C ALA BB 28 58.85 16.44 -12.65
N TRP BB 29 58.45 15.33 -12.07
CA TRP BB 29 58.83 15.05 -10.70
C TRP BB 29 60.32 14.71 -10.63
N PHE BB 30 60.72 13.67 -11.35
CA PHE BB 30 62.12 13.24 -11.40
C PHE BB 30 63.02 14.47 -11.53
N GLY BB 31 62.50 15.49 -12.20
CA GLY BB 31 63.25 16.72 -12.38
C GLY BB 31 63.14 17.65 -11.18
N LEU BB 32 61.91 17.87 -10.73
CA LEU BB 32 61.66 18.74 -9.59
C LEU BB 32 62.36 18.23 -8.33
N VAL BB 33 62.46 16.91 -8.22
CA VAL BB 33 63.12 16.32 -7.06
C VAL BB 33 64.61 16.10 -7.29
N VAL BB 34 65.02 16.06 -8.56
CA VAL BB 34 66.45 15.92 -8.86
C VAL BB 34 67.13 17.26 -8.55
N ILE BB 35 66.41 18.36 -8.78
CA ILE BB 35 66.95 19.68 -8.49
C ILE BB 35 66.96 19.85 -6.98
N ALA BB 36 66.07 19.11 -6.32
CA ALA BB 36 65.96 19.16 -4.86
C ALA BB 36 67.19 18.56 -4.17
N HIS BB 37 67.69 17.45 -4.72
CA HIS BB 37 68.86 16.70 -4.21
C HIS BB 37 70.20 17.28 -4.65
N LEU BB 38 70.28 17.55 -5.94
CA LEU BB 38 71.49 18.10 -6.52
C LEU BB 38 71.88 19.42 -5.83
N LEU BB 39 70.87 20.19 -5.45
CA LEU BB 39 71.12 21.45 -4.76
C LEU BB 39 71.32 21.12 -3.27
N ALA BB 40 70.85 19.95 -2.86
CA ALA BB 40 70.97 19.50 -1.48
C ALA BB 40 72.37 18.96 -1.23
N TRP BB 41 72.80 18.04 -2.09
CA TRP BB 41 74.12 17.45 -1.99
C TRP BB 41 75.16 18.56 -1.97
N LEU BB 42 74.82 19.64 -2.68
CA LEU BB 42 75.66 20.82 -2.79
C LEU BB 42 75.82 21.49 -1.44
N TYR BB 43 74.69 21.65 -0.76
CA TYR BB 43 74.65 22.29 0.54
C TYR BB 43 75.42 21.47 1.57
N ARG BB 44 74.83 20.38 2.02
CA ARG BB 44 75.46 19.50 3.01
C ARG BB 44 75.65 18.10 2.42
N PRO BB 45 76.86 17.80 1.92
CA PRO BB 45 77.12 16.49 1.34
C PRO BB 45 76.83 15.41 2.36
N TRP BB 46 76.18 14.34 1.93
CA TRP BB 46 75.83 13.27 2.86
C TRP BB 46 76.69 12.02 2.75
N LEU BB 47 76.03 10.86 2.78
CA LEU BB 47 76.67 9.56 2.73
C LEU BB 47 77.09 9.19 4.15
N THR CB 3 65.79 -23.14 -19.76
CA THR CB 3 64.84 -24.11 -20.32
C THR CB 3 63.41 -23.59 -20.40
N MET CB 4 62.77 -23.42 -19.25
CA MET CB 4 61.39 -22.95 -19.21
C MET CB 4 61.22 -21.54 -19.76
N ASN CB 5 62.27 -20.73 -19.61
CA ASN CB 5 62.24 -19.34 -20.08
C ASN CB 5 61.86 -19.20 -21.54
N ALA CB 6 61.71 -20.34 -22.22
CA ALA CB 6 61.35 -20.36 -23.64
C ALA CB 6 59.94 -19.86 -23.89
N ASN CB 7 58.96 -20.56 -23.33
CA ASN CB 7 57.56 -20.19 -23.51
C ASN CB 7 56.93 -19.69 -22.21
N LEU CB 8 57.69 -18.91 -21.45
CA LEU CB 8 57.19 -18.38 -20.19
C LEU CB 8 55.96 -17.49 -20.37
N TYR CB 9 55.67 -17.11 -21.61
CA TYR CB 9 54.54 -16.24 -21.88
C TYR CB 9 53.21 -16.86 -21.46
N LYS CB 10 53.10 -18.17 -21.63
CA LYS CB 10 51.88 -18.91 -21.31
C LYS CB 10 51.44 -18.72 -19.85
N ILE CB 11 52.31 -18.14 -19.04
CA ILE CB 11 52.00 -17.92 -17.62
C ILE CB 11 50.80 -17.03 -17.39
N TRP CB 12 50.76 -15.91 -18.11
CA TRP CB 12 49.69 -14.94 -17.99
C TRP CB 12 48.34 -15.52 -18.40
N LEU CB 13 48.35 -16.76 -18.91
CA LEU CB 13 47.13 -17.42 -19.33
C LEU CB 13 46.41 -18.11 -18.18
N ILE CB 14 47.01 -18.03 -16.99
CA ILE CB 14 46.42 -18.62 -15.79
C ILE CB 14 46.58 -17.64 -14.63
N LEU CB 15 47.55 -16.74 -14.76
CA LEU CB 15 47.81 -15.74 -13.74
C LEU CB 15 47.44 -14.37 -14.29
N ASP CB 16 46.35 -13.81 -13.79
CA ASP CB 16 45.87 -12.51 -14.23
C ASP CB 16 46.92 -11.43 -14.06
N PRO CB 17 47.08 -10.56 -15.07
CA PRO CB 17 48.05 -9.48 -15.01
C PRO CB 17 47.69 -8.45 -13.94
N ARG CB 18 46.46 -8.53 -13.44
CA ARG CB 18 46.00 -7.62 -12.41
C ARG CB 18 46.77 -7.91 -11.11
N ARG CB 19 46.91 -9.19 -10.79
CA ARG CB 19 47.61 -9.61 -9.57
C ARG CB 19 49.11 -9.33 -9.60
N VAL CB 20 49.79 -9.74 -10.66
CA VAL CB 20 51.23 -9.53 -10.77
C VAL CB 20 51.62 -8.06 -10.73
N LEU CB 21 50.90 -7.21 -11.46
CA LEU CB 21 51.24 -5.79 -11.47
C LEU CB 21 51.00 -5.11 -10.12
N VAL CB 22 49.89 -5.44 -9.47
CA VAL CB 22 49.55 -4.84 -8.19
C VAL CB 22 50.34 -5.44 -7.02
N SER CB 23 50.44 -6.76 -6.99
CA SER CB 23 51.16 -7.43 -5.93
C SER CB 23 52.65 -7.09 -5.96
N ILE CB 24 53.22 -7.03 -7.16
CA ILE CB 24 54.64 -6.72 -7.31
C ILE CB 24 54.99 -5.36 -6.71
N VAL CB 25 54.23 -4.34 -7.09
CA VAL CB 25 54.45 -2.99 -6.59
C VAL CB 25 54.44 -2.98 -5.07
N ALA CB 26 53.51 -3.73 -4.49
CA ALA CB 26 53.38 -3.82 -3.04
C ALA CB 26 54.56 -4.50 -2.38
N PHE CB 27 55.12 -5.51 -3.06
CA PHE CB 27 56.26 -6.24 -2.50
C PHE CB 27 57.52 -5.41 -2.68
N GLN CB 28 57.76 -4.96 -3.91
CA GLN CB 28 58.94 -4.16 -4.21
C GLN CB 28 58.94 -2.84 -3.42
N ILE CB 29 57.78 -2.39 -2.98
CA ILE CB 29 57.69 -1.15 -2.22
C ILE CB 29 58.08 -1.41 -0.77
N VAL CB 30 57.38 -2.33 -0.12
CA VAL CB 30 57.66 -2.66 1.28
C VAL CB 30 59.07 -3.23 1.40
N LEU CB 31 59.37 -4.24 0.60
CA LEU CB 31 60.68 -4.87 0.61
C LEU CB 31 61.77 -3.81 0.58
N GLY CB 32 61.64 -2.88 -0.36
CA GLY CB 32 62.61 -1.81 -0.48
C GLY CB 32 62.75 -1.04 0.82
N LEU CB 33 61.62 -0.57 1.34
CA LEU CB 33 61.63 0.19 2.59
C LEU CB 33 62.28 -0.59 3.74
N LEU CB 34 62.21 -1.91 3.67
CA LEU CB 34 62.76 -2.74 4.73
C LEU CB 34 64.28 -2.71 4.67
N ILE CB 35 64.83 -2.76 3.47
CA ILE CB 35 66.27 -2.74 3.27
C ILE CB 35 66.98 -1.49 3.77
N HIS CB 36 66.58 -0.32 3.32
CA HIS CB 36 67.26 0.87 3.81
C HIS CB 36 67.13 0.92 5.36
N MET CB 37 65.89 0.81 5.86
CA MET CB 37 65.53 0.90 7.27
C MET CB 37 66.28 -0.09 8.15
N ILE CB 38 66.27 -1.35 7.74
CA ILE CB 38 66.97 -2.38 8.49
C ILE CB 38 68.47 -2.13 8.44
N VAL CB 39 68.93 -1.70 7.27
CA VAL CB 39 70.34 -1.41 7.06
C VAL CB 39 70.71 -0.07 7.70
N LEU CB 40 69.76 0.86 7.72
CA LEU CB 40 69.99 2.17 8.31
C LEU CB 40 70.32 1.98 9.78
N SER CB 41 69.48 1.22 10.47
CA SER CB 41 69.67 0.95 11.89
C SER CB 41 71.00 0.21 12.09
N THR CB 42 71.57 -0.25 10.98
CA THR CB 42 72.84 -0.97 11.02
C THR CB 42 74.02 0.00 11.01
N ASP CB 43 75.20 -0.52 11.29
CA ASP CB 43 76.42 0.29 11.33
C ASP CB 43 76.63 1.22 10.12
N LEU CB 44 76.43 0.70 8.92
CA LEU CB 44 76.61 1.52 7.74
C LEU CB 44 75.45 2.49 7.60
N ASN CB 45 75.15 3.21 8.69
CA ASN CB 45 74.11 4.22 8.67
C ASN CB 45 74.82 5.35 7.94
N TRP CB 46 74.09 6.26 7.32
CA TRP CB 46 74.75 7.33 6.59
C TRP CB 46 74.39 8.72 7.10
N LEU CB 47 73.18 8.85 7.62
CA LEU CB 47 72.65 10.10 8.16
C LEU CB 47 73.43 10.65 9.34
N ASP CB 48 73.48 9.92 10.45
CA ASP CB 48 74.16 10.39 11.65
C ASP CB 48 75.25 9.45 12.18
N ASP CB 49 75.47 8.34 11.49
CA ASP CB 49 76.45 7.34 11.91
C ASP CB 49 77.85 7.91 12.16
N ASN CB 50 78.39 8.59 11.15
CA ASN CB 50 79.72 9.18 11.21
C ASN CB 50 79.73 10.59 10.65
N ILE CB 51 79.73 10.68 9.32
CA ILE CB 51 79.72 11.96 8.61
C ILE CB 51 78.36 12.08 7.92
N PRO CB 52 78.02 13.27 7.39
CA PRO CB 52 78.76 14.53 7.35
C PRO CB 52 79.54 14.86 8.61
N VAL CB 53 80.78 15.29 8.41
CA VAL CB 53 81.67 15.66 9.50
C VAL CB 53 80.84 16.45 10.50
N SER CB 54 81.10 16.25 11.79
CA SER CB 54 80.35 16.93 12.85
C SER CB 54 80.45 18.45 12.80
N TYR CB 55 80.12 19.04 11.65
CA TYR CB 55 80.13 20.48 11.50
C TYR CB 55 79.07 20.98 12.48
N GLN CB 56 78.11 20.10 12.73
CA GLN CB 56 77.01 20.38 13.65
C GLN CB 56 77.65 20.66 15.01
N ALA CB 57 78.57 19.79 15.40
CA ALA CB 57 79.27 19.94 16.67
C ALA CB 57 80.09 21.21 16.66
N LEU CB 58 80.60 21.57 15.49
CA LEU CB 58 81.42 22.77 15.32
C LEU CB 58 80.58 24.03 15.39
N GLY CB 59 79.68 24.19 14.42
CA GLY CB 59 78.83 25.37 14.37
C GLY CB 59 77.91 25.55 15.57
N LYS CB 60 77.20 24.49 15.94
CA LYS CB 60 76.27 24.54 17.07
C LYS CB 60 76.87 25.28 18.25
N LYS CB 61 77.80 24.61 18.95
CA LYS CB 61 78.45 25.21 20.11
C LYS CB 61 79.41 26.31 19.69
N THR DB 8 44.39 -15.63 -16.38
CA THR DB 8 43.56 -16.07 -17.53
C THR DB 8 42.80 -14.89 -18.14
N GLY DB 9 41.60 -15.14 -18.64
CA GLY DB 9 40.80 -14.08 -19.24
C GLY DB 9 41.29 -13.62 -20.60
N LEU DB 10 42.25 -14.36 -21.17
CA LEU DB 10 42.80 -14.02 -22.47
C LEU DB 10 43.13 -15.29 -23.26
N THR DB 11 43.59 -15.09 -24.49
CA THR DB 11 43.96 -16.20 -25.37
C THR DB 11 45.49 -16.21 -25.50
N ASP DB 12 46.00 -17.01 -26.43
CA ASP DB 12 47.44 -17.09 -26.63
C ASP DB 12 48.05 -15.81 -27.19
N ASP DB 13 47.39 -15.23 -28.18
CA ASP DB 13 47.88 -13.99 -28.81
C ASP DB 13 48.23 -12.89 -27.81
N GLU DB 14 47.21 -12.27 -27.23
CA GLU DB 14 47.41 -11.19 -26.27
C GLU DB 14 48.39 -11.60 -25.17
N ALA DB 15 48.45 -12.89 -24.88
CA ALA DB 15 49.33 -13.41 -23.84
C ALA DB 15 50.82 -13.24 -24.11
N LYS DB 16 51.29 -13.72 -25.26
CA LYS DB 16 52.71 -13.62 -25.59
C LYS DB 16 53.19 -12.17 -25.73
N GLU DB 17 52.31 -11.30 -26.20
CA GLU DB 17 52.65 -9.89 -26.38
C GLU DB 17 52.97 -9.24 -25.03
N PHE DB 18 52.14 -9.52 -24.04
CA PHE DB 18 52.31 -8.97 -22.70
C PHE DB 18 53.65 -9.39 -22.11
N HIS DB 19 53.87 -10.72 -22.08
CA HIS DB 19 55.06 -11.35 -21.55
C HIS DB 19 56.35 -10.70 -22.02
N ALA DB 20 56.42 -10.41 -23.33
CA ALA DB 20 57.56 -9.76 -23.96
C ALA DB 20 57.82 -8.38 -23.34
N ILE DB 21 56.92 -7.44 -23.56
CA ILE DB 21 57.06 -6.09 -23.04
C ILE DB 21 57.24 -6.16 -21.53
N PHE DB 22 56.51 -7.08 -20.89
CA PHE DB 22 56.59 -7.25 -19.45
C PHE DB 22 58.00 -7.64 -19.01
N MET DB 23 58.73 -8.33 -19.89
CA MET DB 23 60.09 -8.75 -19.56
C MET DB 23 61.06 -7.59 -19.61
N GLN DB 24 61.11 -6.95 -20.76
CA GLN DB 24 61.97 -5.80 -21.03
C GLN DB 24 61.84 -4.77 -19.90
N SER DB 25 60.70 -4.79 -19.24
CA SER DB 25 60.40 -3.87 -18.15
C SER DB 25 61.00 -4.39 -16.85
N MET DB 26 61.15 -5.70 -16.78
CA MET DB 26 61.72 -6.36 -15.60
C MET DB 26 63.23 -6.23 -15.63
N TYR DB 27 63.82 -6.37 -16.82
CA TYR DB 27 65.25 -6.23 -16.98
C TYR DB 27 65.55 -4.75 -16.80
N ALA DB 28 64.50 -3.94 -16.92
CA ALA DB 28 64.63 -2.52 -16.76
C ALA DB 28 65.00 -2.32 -15.29
N TRP DB 29 64.34 -3.09 -14.41
CA TRP DB 29 64.62 -2.98 -12.99
C TRP DB 29 66.00 -3.53 -12.63
N PHE DB 30 66.15 -4.85 -12.73
CA PHE DB 30 67.41 -5.54 -12.43
C PHE DB 30 68.64 -4.71 -12.80
N GLY DB 31 68.59 -4.14 -14.00
CA GLY DB 31 69.68 -3.31 -14.47
C GLY DB 31 69.79 -2.01 -13.67
N LEU DB 32 68.65 -1.33 -13.49
CA LEU DB 32 68.66 -0.08 -12.75
C LEU DB 32 68.94 -0.30 -11.27
N VAL DB 33 68.66 -1.50 -10.78
CA VAL DB 33 68.90 -1.80 -9.38
C VAL DB 33 70.31 -2.37 -9.19
N VAL DB 34 70.76 -3.19 -10.13
CA VAL DB 34 72.09 -3.76 -10.02
C VAL DB 34 73.08 -2.62 -10.14
N ILE DB 35 72.81 -1.69 -11.05
CA ILE DB 35 73.69 -0.54 -11.23
C ILE DB 35 73.59 0.29 -9.96
N ALA DB 36 72.45 0.17 -9.28
CA ALA DB 36 72.24 0.90 -8.04
C ALA DB 36 73.19 0.39 -6.95
N HIS DB 37 73.11 -0.93 -6.71
CA HIS DB 37 73.90 -1.71 -5.72
C HIS DB 37 75.44 -1.45 -5.88
N LEU DB 38 75.84 -1.55 -7.12
CA LEU DB 38 77.21 -1.32 -7.58
C LEU DB 38 77.73 0.06 -7.22
N LEU DB 39 76.90 1.08 -7.43
CA LEU DB 39 77.26 2.46 -7.11
C LEU DB 39 77.47 2.61 -5.60
N ALA DB 40 76.64 1.92 -4.84
CA ALA DB 40 76.75 1.96 -3.39
C ALA DB 40 77.91 1.08 -2.96
N TRP DB 41 78.06 -0.06 -3.66
CA TRP DB 41 79.11 -1.07 -3.42
C TRP DB 41 80.49 -0.41 -3.48
N LEU DB 42 80.63 0.50 -4.44
CA LEU DB 42 81.86 1.26 -4.57
C LEU DB 42 82.05 2.22 -3.40
N TYR DB 43 80.99 2.96 -3.10
CA TYR DB 43 81.04 3.92 -2.00
C TYR DB 43 81.22 3.23 -0.64
N ARG DB 44 80.14 2.72 -0.08
CA ARG DB 44 80.19 2.03 1.20
C ARG DB 44 80.18 0.53 1.01
N PRO DB 45 81.33 -0.13 1.25
CA PRO DB 45 81.42 -1.58 1.09
C PRO DB 45 80.80 -2.29 2.28
N TRP DB 46 79.83 -3.14 2.00
CA TRP DB 46 79.17 -3.90 3.04
C TRP DB 46 79.99 -5.12 3.40
N LEU DB 47 79.33 -6.27 3.48
CA LEU DB 47 79.99 -7.49 3.91
C LEU DB 47 80.34 -7.37 5.39
N PHE EB 2 62.37 -34.16 -12.70
CA PHE EB 2 61.06 -34.49 -13.34
C PHE EB 2 61.02 -35.92 -13.86
N THR EB 3 61.99 -36.74 -13.42
CA THR EB 3 62.08 -38.13 -13.84
C THR EB 3 60.83 -38.95 -13.50
N MET EB 4 60.59 -39.19 -12.22
CA MET EB 4 59.43 -39.95 -11.78
C MET EB 4 58.23 -39.03 -11.72
N ASN EB 5 58.50 -37.74 -11.77
CA ASN EB 5 57.46 -36.72 -11.71
C ASN EB 5 56.53 -36.70 -12.91
N ALA EB 6 56.71 -37.66 -13.81
CA ALA EB 6 55.87 -37.74 -15.00
C ALA EB 6 54.50 -38.34 -14.68
N ASN EB 7 54.49 -39.32 -13.78
CA ASN EB 7 53.26 -39.97 -13.38
C ASN EB 7 52.41 -39.04 -12.52
N LEU EB 8 53.06 -38.04 -11.94
CA LEU EB 8 52.38 -37.08 -11.08
C LEU EB 8 51.47 -36.15 -11.86
N TYR EB 9 51.56 -36.19 -13.19
CA TYR EB 9 50.73 -35.33 -14.03
C TYR EB 9 49.32 -35.22 -13.47
N LYS EB 10 48.88 -36.33 -12.86
CA LYS EB 10 47.50 -36.56 -12.44
C LYS EB 10 46.95 -35.59 -11.39
N ILE EB 11 47.82 -35.17 -10.46
CA ILE EB 11 47.41 -34.45 -9.28
C ILE EB 11 46.75 -33.11 -9.58
N TRP EB 12 47.04 -32.55 -10.75
CA TRP EB 12 46.64 -31.18 -11.06
C TRP EB 12 45.13 -30.93 -11.05
N LEU EB 13 44.33 -31.86 -11.58
CA LEU EB 13 42.90 -31.64 -11.54
C LEU EB 13 42.47 -31.39 -10.10
N ILE EB 14 42.84 -32.25 -9.15
CA ILE EB 14 42.46 -32.04 -7.76
C ILE EB 14 43.15 -30.81 -7.13
N LEU EB 15 44.42 -30.62 -7.44
CA LEU EB 15 45.15 -29.47 -6.91
C LEU EB 15 45.00 -28.30 -7.88
N ASP EB 16 44.12 -27.36 -7.56
CA ASP EB 16 43.84 -26.26 -8.48
C ASP EB 16 45.10 -25.45 -8.77
N PRO EB 17 45.29 -25.10 -10.12
CA PRO EB 17 46.56 -24.39 -10.36
C PRO EB 17 46.65 -23.03 -9.68
N ARG EB 18 45.56 -22.26 -9.70
CA ARG EB 18 45.56 -20.92 -9.14
C ARG EB 18 45.83 -20.95 -7.64
N ARG EB 19 45.22 -21.91 -6.96
CA ARG EB 19 45.40 -22.08 -5.52
C ARG EB 19 46.84 -22.43 -5.17
N VAL EB 20 47.39 -23.42 -5.86
CA VAL EB 20 48.76 -23.85 -5.58
C VAL EB 20 49.87 -22.86 -5.96
N LEU EB 21 49.80 -22.32 -7.18
CA LEU EB 21 50.89 -21.49 -7.67
C LEU EB 21 51.07 -20.14 -6.97
N VAL EB 22 49.96 -19.41 -6.82
CA VAL EB 22 49.99 -18.13 -6.11
C VAL EB 22 50.24 -18.29 -4.61
N SER EB 23 49.59 -19.29 -4.02
CA SER EB 23 49.71 -19.56 -2.60
C SER EB 23 51.13 -19.93 -2.23
N ILE EB 24 51.76 -20.73 -3.10
CA ILE EB 24 53.14 -21.15 -2.89
C ILE EB 24 54.12 -20.00 -3.13
N VAL EB 25 53.81 -19.17 -4.12
CA VAL EB 25 54.67 -18.03 -4.42
C VAL EB 25 54.79 -17.15 -3.19
N ALA EB 26 53.75 -17.16 -2.37
CA ALA EB 26 53.73 -16.37 -1.13
C ALA EB 26 54.60 -17.01 -0.07
N PHE EB 27 54.31 -18.27 0.27
CA PHE EB 27 55.09 -18.97 1.29
C PHE EB 27 56.58 -18.73 1.11
N GLN EB 28 57.00 -18.53 -0.14
CA GLN EB 28 58.40 -18.28 -0.46
C GLN EB 28 58.76 -16.83 -0.19
N ILE EB 29 57.86 -15.92 -0.53
CA ILE EB 29 58.10 -14.49 -0.32
C ILE EB 29 58.36 -14.21 1.15
N VAL EB 30 57.66 -14.91 2.03
CA VAL EB 30 57.82 -14.70 3.47
C VAL EB 30 59.00 -15.47 4.03
N LEU EB 31 59.02 -16.78 3.83
CA LEU EB 31 60.10 -17.62 4.32
C LEU EB 31 61.42 -16.99 3.93
N GLY EB 32 61.43 -16.28 2.80
CA GLY EB 32 62.64 -15.63 2.34
C GLY EB 32 63.13 -14.64 3.37
N LEU EB 33 62.29 -13.67 3.72
CA LEU EB 33 62.64 -12.68 4.71
C LEU EB 33 62.87 -13.38 6.04
N LEU EB 34 62.05 -14.39 6.32
CA LEU EB 34 62.14 -15.15 7.56
C LEU EB 34 63.56 -15.67 7.76
N ILE EB 35 64.01 -16.52 6.83
CA ILE EB 35 65.34 -17.10 6.91
C ILE EB 35 66.38 -16.01 7.13
N HIS EB 36 66.54 -15.15 6.13
CA HIS EB 36 67.50 -14.06 6.24
C HIS EB 36 67.43 -13.40 7.62
N MET EB 37 66.22 -13.32 8.16
CA MET EB 37 66.06 -12.71 9.46
C MET EB 37 66.57 -13.56 10.56
N ILE EB 38 66.23 -14.84 10.50
CA ILE EB 38 66.66 -15.79 11.53
C ILE EB 38 68.16 -16.00 11.53
N VAL EB 39 68.77 -15.96 10.35
CA VAL EB 39 70.21 -16.14 10.23
C VAL EB 39 70.91 -14.84 10.60
N LEU EB 40 70.38 -13.74 10.07
CA LEU EB 40 70.93 -12.41 10.31
C LEU EB 40 70.81 -11.98 11.78
N SER EB 41 70.04 -12.75 12.54
CA SER EB 41 69.84 -12.42 13.96
C SER EB 41 70.97 -12.88 14.88
N THR EB 42 71.34 -14.15 14.80
CA THR EB 42 72.38 -14.70 15.68
C THR EB 42 73.64 -15.28 15.02
N ASP EB 43 73.45 -16.14 14.03
CA ASP EB 43 74.57 -16.76 13.33
C ASP EB 43 75.75 -15.83 13.11
N LEU EB 44 75.64 -15.02 12.08
CA LEU EB 44 76.68 -14.07 11.72
C LEU EB 44 75.97 -12.87 11.12
N ASN EB 45 76.42 -11.66 11.45
CA ASN EB 45 75.77 -10.48 10.90
C ASN EB 45 76.76 -9.59 10.15
N TRP EB 46 77.02 -9.94 8.90
CA TRP EB 46 77.93 -9.17 8.05
C TRP EB 46 77.66 -7.68 8.17
N LEU EB 47 76.42 -7.34 8.50
CA LEU EB 47 75.98 -5.96 8.67
C LEU EB 47 76.56 -5.28 9.94
N ASP EB 48 76.63 -6.02 11.05
CA ASP EB 48 77.18 -5.48 12.28
C ASP EB 48 77.97 -6.56 12.99
N ASP EB 49 79.06 -6.97 12.35
CA ASP EB 49 79.90 -8.02 12.89
C ASP EB 49 81.38 -7.68 12.89
N ASN EB 50 81.96 -7.70 11.69
CA ASN EB 50 83.38 -7.45 11.49
C ASN EB 50 83.58 -6.31 10.50
N ILE EB 51 84.56 -6.50 9.62
CA ILE EB 51 84.89 -5.53 8.59
C ILE EB 51 84.09 -5.93 7.34
N PRO EB 52 84.28 -5.23 6.22
CA PRO EB 52 85.18 -4.10 5.96
C PRO EB 52 84.80 -2.89 6.82
N VAL EB 53 83.58 -2.91 7.33
CA VAL EB 53 83.07 -1.82 8.15
C VAL EB 53 84.01 -1.38 9.25
N SER EB 54 84.29 -0.08 9.25
CA SER EB 54 85.15 0.55 10.23
C SER EB 54 84.61 1.97 10.38
N TYR EB 55 84.04 2.46 9.29
CA TYR EB 55 83.46 3.80 9.22
C TYR EB 55 82.41 4.05 10.30
N GLN EB 56 81.78 3.00 10.79
CA GLN EB 56 80.76 3.16 11.83
C GLN EB 56 81.39 3.36 13.20
N ALA EB 57 82.22 2.40 13.61
CA ALA EB 57 82.87 2.49 14.91
C ALA EB 57 83.90 3.62 14.86
N LEU EB 58 84.87 3.48 13.97
CA LEU EB 58 85.93 4.48 13.82
C LEU EB 58 85.38 5.82 13.37
N GLY EB 59 84.50 5.80 12.36
CA GLY EB 59 83.93 7.04 11.86
C GLY EB 59 83.05 7.74 12.87
N THR FB 8 38.95 -30.30 -9.09
CA THR FB 8 39.38 -30.63 -10.49
C THR FB 8 39.07 -29.49 -11.44
N GLY FB 9 38.22 -29.76 -12.43
CA GLY FB 9 37.85 -28.72 -13.38
C GLY FB 9 38.70 -28.80 -14.64
N LEU FB 10 39.68 -29.69 -14.63
CA LEU FB 10 40.57 -29.90 -15.77
C LEU FB 10 40.57 -31.37 -16.15
N THR FB 11 41.12 -31.68 -17.32
CA THR FB 11 41.15 -33.04 -17.80
C THR FB 11 42.58 -33.55 -17.96
N ASP FB 12 42.71 -34.84 -18.26
CA ASP FB 12 44.00 -35.48 -18.43
C ASP FB 12 44.94 -34.74 -19.40
N ASP FB 13 44.41 -34.32 -20.54
CA ASP FB 13 45.21 -33.66 -21.57
C ASP FB 13 46.01 -32.41 -21.18
N GLU FB 14 45.38 -31.47 -20.48
CA GLU FB 14 46.11 -30.28 -20.05
C GLU FB 14 46.65 -30.55 -18.66
N ALA FB 15 46.24 -31.67 -18.07
CA ALA FB 15 46.71 -32.03 -16.75
C ALA FB 15 48.22 -32.16 -16.83
N LYS FB 16 48.70 -32.74 -17.92
CA LYS FB 16 50.13 -32.92 -18.13
C LYS FB 16 50.80 -31.60 -18.51
N GLU FB 17 50.13 -30.81 -19.35
CA GLU FB 17 50.66 -29.53 -19.81
C GLU FB 17 50.97 -28.56 -18.68
N PHE FB 18 50.03 -28.41 -17.75
CA PHE FB 18 50.25 -27.53 -16.61
C PHE FB 18 51.31 -28.20 -15.75
N HIS FB 19 51.24 -29.52 -15.70
CA HIS FB 19 52.17 -30.33 -14.94
C HIS FB 19 53.61 -30.10 -15.38
N ALA FB 20 53.84 -30.21 -16.69
CA ALA FB 20 55.17 -30.03 -17.25
C ALA FB 20 55.74 -28.62 -17.14
N ILE FB 21 54.93 -27.61 -17.44
CA ILE FB 21 55.39 -26.23 -17.40
C ILE FB 21 55.82 -25.82 -15.99
N PHE FB 22 55.02 -26.21 -15.00
CA PHE FB 22 55.29 -25.90 -13.60
C PHE FB 22 56.46 -26.71 -12.99
N MET FB 23 56.51 -28.00 -13.29
CA MET FB 23 57.57 -28.86 -12.77
C MET FB 23 58.93 -28.29 -13.14
N GLN FB 24 59.09 -27.97 -14.42
CA GLN FB 24 60.33 -27.43 -14.95
C GLN FB 24 60.81 -26.22 -14.15
N SER FB 25 60.04 -25.13 -14.19
CA SER FB 25 60.39 -23.91 -13.48
C SER FB 25 60.84 -24.19 -12.04
N MET FB 26 60.11 -25.07 -11.36
CA MET FB 26 60.43 -25.44 -9.98
C MET FB 26 61.90 -25.83 -9.83
N TYR FB 27 62.40 -26.58 -10.80
CA TYR FB 27 63.79 -27.03 -10.79
C TYR FB 27 64.75 -25.91 -11.16
N ALA FB 28 64.20 -24.86 -11.77
CA ALA FB 28 65.01 -23.68 -12.16
C ALA FB 28 65.43 -22.96 -10.88
N TRP FB 29 64.50 -22.88 -9.92
CA TRP FB 29 64.77 -22.27 -8.60
C TRP FB 29 65.69 -23.17 -7.73
N PHE FB 30 65.43 -24.47 -7.78
CA PHE FB 30 66.21 -25.46 -7.05
C PHE FB 30 67.67 -25.37 -7.47
N GLY FB 31 67.89 -25.01 -8.73
CA GLY FB 31 69.24 -24.87 -9.23
C GLY FB 31 69.75 -23.49 -8.90
N LEU FB 32 68.83 -22.53 -8.93
CA LEU FB 32 69.05 -21.12 -8.65
C LEU FB 32 69.51 -20.93 -7.21
N VAL FB 33 68.76 -21.53 -6.29
CA VAL FB 33 69.06 -21.44 -4.86
C VAL FB 33 70.17 -22.39 -4.42
N VAL FB 34 70.23 -23.58 -5.00
CA VAL FB 34 71.29 -24.51 -4.61
C VAL FB 34 72.57 -23.72 -4.84
N ILE FB 35 72.59 -23.02 -5.94
CA ILE FB 35 73.74 -22.18 -6.28
C ILE FB 35 73.92 -21.07 -5.25
N ALA FB 36 72.79 -20.57 -4.74
CA ALA FB 36 72.84 -19.53 -3.73
C ALA FB 36 73.59 -20.00 -2.48
N HIS FB 37 73.22 -21.20 -2.03
CA HIS FB 37 73.80 -21.87 -0.86
C HIS FB 37 75.27 -22.23 -1.18
N LEU FB 38 75.65 -22.18 -2.45
CA LEU FB 38 76.98 -22.54 -2.91
C LEU FB 38 77.91 -21.37 -2.61
N LEU FB 39 77.55 -20.20 -3.14
CA LEU FB 39 78.34 -18.99 -2.91
C LEU FB 39 78.26 -18.64 -1.43
N ALA FB 40 77.23 -19.17 -0.77
CA ALA FB 40 77.03 -18.92 0.64
C ALA FB 40 78.12 -19.62 1.45
N TRP FB 41 78.30 -20.91 1.12
CA TRP FB 41 79.30 -21.77 1.75
C TRP FB 41 80.70 -21.27 1.44
N LEU FB 42 80.82 -20.68 0.25
CA LEU FB 42 82.10 -20.15 -0.20
C LEU FB 42 82.54 -18.98 0.66
N TYR FB 43 81.63 -18.01 0.85
CA TYR FB 43 81.90 -16.84 1.72
C TYR FB 43 82.05 -17.00 3.24
N ARG FB 44 81.05 -17.58 3.89
CA ARG FB 44 81.14 -17.81 5.33
C ARG FB 44 80.69 -19.25 5.53
N PRO FB 45 81.66 -20.15 5.74
CA PRO FB 45 81.26 -21.56 5.91
C PRO FB 45 80.49 -21.66 7.22
N TRP FB 46 79.50 -22.54 7.23
CA TRP FB 46 78.66 -22.68 8.40
C TRP FB 46 78.64 -24.05 9.07
N LEU FB 47 77.58 -24.28 9.85
CA LEU FB 47 77.31 -25.48 10.65
C LEU FB 47 77.51 -25.02 12.08
N MET GB 4 50.03 -53.62 5.89
CA MET GB 4 48.58 -53.50 5.93
C MET GB 4 48.04 -52.62 4.82
N ASN GB 5 48.89 -51.71 4.34
CA ASN GB 5 48.52 -50.80 3.27
C ASN GB 5 47.92 -51.52 2.06
N ALA GB 6 47.74 -52.82 2.18
CA ALA GB 6 47.16 -53.61 1.09
C ALA GB 6 45.70 -53.26 0.86
N ASN GB 7 44.86 -53.55 1.84
CA ASN GB 7 43.43 -53.27 1.74
C ASN GB 7 43.06 -51.86 2.19
N LEU GB 8 44.00 -51.16 2.81
CA LEU GB 8 43.76 -49.80 3.27
C LEU GB 8 43.25 -48.93 2.13
N TYR GB 9 43.39 -49.42 0.90
CA TYR GB 9 42.96 -48.69 -0.28
C TYR GB 9 41.63 -47.99 -0.08
N LYS GB 10 40.77 -48.63 0.69
CA LYS GB 10 39.45 -48.11 0.96
C LYS GB 10 39.42 -46.73 1.62
N ILE GB 11 40.58 -46.25 2.10
CA ILE GB 11 40.64 -44.95 2.77
C ILE GB 11 40.13 -43.80 1.92
N TRP GB 12 40.48 -43.81 0.64
CA TRP GB 12 40.07 -42.76 -0.27
C TRP GB 12 38.58 -42.80 -0.57
N LEU GB 13 37.82 -43.52 0.25
CA LEU GB 13 36.38 -43.63 0.06
C LEU GB 13 35.58 -42.88 1.11
N ILE GB 14 36.14 -42.72 2.31
CA ILE GB 14 35.47 -41.99 3.38
C ILE GB 14 36.06 -40.61 3.58
N LEU GB 15 37.39 -40.52 3.51
CA LEU GB 15 38.08 -39.24 3.69
C LEU GB 15 38.10 -38.45 2.38
N ASP GB 16 38.11 -37.12 2.49
CA ASP GB 16 38.16 -36.27 1.30
C ASP GB 16 39.61 -36.04 0.89
N PRO GB 17 40.03 -36.66 -0.21
CA PRO GB 17 41.39 -36.54 -0.73
C PRO GB 17 41.90 -35.11 -0.80
N ARG GB 18 41.13 -34.22 -1.43
CA ARG GB 18 41.55 -32.84 -1.53
C ARG GB 18 41.90 -32.29 -0.15
N ARG GB 19 41.07 -32.55 0.85
CA ARG GB 19 41.32 -32.06 2.20
C ARG GB 19 42.53 -32.72 2.87
N VAL GB 20 42.51 -34.05 2.98
CA VAL GB 20 43.60 -34.79 3.60
C VAL GB 20 44.93 -34.38 3.00
N LEU GB 21 44.90 -33.93 1.75
CA LEU GB 21 46.10 -33.51 1.06
C LEU GB 21 46.51 -32.10 1.51
N VAL GB 22 45.67 -31.10 1.22
CA VAL GB 22 45.98 -29.73 1.62
C VAL GB 22 46.30 -29.63 3.10
N SER GB 23 45.62 -30.44 3.91
CA SER GB 23 45.86 -30.43 5.34
C SER GB 23 47.31 -30.78 5.61
N ILE GB 24 47.70 -31.99 5.22
CA ILE GB 24 49.07 -32.45 5.40
C ILE GB 24 50.01 -31.45 4.75
N VAL GB 25 49.57 -30.86 3.64
CA VAL GB 25 50.38 -29.87 2.94
C VAL GB 25 50.86 -28.86 3.97
N ALA GB 26 49.96 -28.50 4.88
CA ALA GB 26 50.27 -27.54 5.92
C ALA GB 26 50.88 -28.18 7.16
N PHE GB 27 50.26 -29.23 7.66
CA PHE GB 27 50.78 -29.88 8.86
C PHE GB 27 52.30 -30.08 8.81
N GLN GB 28 52.79 -30.71 7.76
CA GLN GB 28 54.22 -30.91 7.62
C GLN GB 28 54.91 -29.57 7.38
N ILE GB 29 54.25 -28.68 6.66
CA ILE GB 29 54.83 -27.35 6.39
C ILE GB 29 55.11 -26.67 7.72
N VAL GB 30 54.17 -26.78 8.66
CA VAL GB 30 54.33 -26.17 9.97
C VAL GB 30 55.18 -27.04 10.89
N LEU GB 31 54.87 -28.33 10.97
CA LEU GB 31 55.64 -29.23 11.82
C LEU GB 31 57.13 -29.04 11.55
N GLY GB 32 57.47 -28.89 10.27
CA GLY GB 32 58.85 -28.71 9.87
C GLY GB 32 59.51 -27.41 10.31
N LEU GB 33 58.85 -26.28 10.03
CA LEU GB 33 59.39 -25.00 10.42
C LEU GB 33 59.49 -24.95 11.93
N LEU GB 34 58.53 -25.61 12.57
CA LEU GB 34 58.46 -25.70 14.02
C LEU GB 34 59.71 -26.33 14.60
N ILE GB 35 59.96 -27.59 14.23
CA ILE GB 35 61.11 -28.32 14.73
C ILE GB 35 62.42 -27.56 14.57
N HIS GB 36 62.82 -27.30 13.33
CA HIS GB 36 64.05 -26.56 13.11
C HIS GB 36 64.11 -25.45 14.14
N MET GB 37 62.97 -24.79 14.32
CA MET GB 37 62.86 -23.68 15.26
C MET GB 37 63.14 -24.04 16.69
N ILE GB 38 62.49 -25.09 17.18
CA ILE GB 38 62.73 -25.56 18.54
C ILE GB 38 64.10 -26.19 18.74
N VAL GB 39 64.56 -26.98 17.78
CA VAL GB 39 65.88 -27.60 17.90
C VAL GB 39 66.93 -26.49 17.85
N LEU GB 40 66.85 -25.67 16.81
CA LEU GB 40 67.79 -24.56 16.64
C LEU GB 40 67.81 -23.61 17.83
N SER GB 41 66.81 -23.72 18.71
CA SER GB 41 66.76 -22.84 19.87
C SER GB 41 67.78 -23.23 20.93
N THR GB 42 67.58 -24.40 21.55
CA THR GB 42 68.48 -24.85 22.60
C THR GB 42 69.54 -25.87 22.22
N ASP GB 43 69.13 -27.02 21.69
CA ASP GB 43 70.06 -28.09 21.31
C ASP GB 43 71.32 -27.57 20.61
N LEU GB 44 71.24 -27.43 19.30
CA LEU GB 44 72.38 -26.95 18.52
C LEU GB 44 72.01 -25.72 17.71
N ASN GB 45 72.42 -24.56 18.19
CA ASN GB 45 72.14 -23.31 17.49
C ASN GB 45 73.37 -23.04 16.63
N TRP GB 46 73.54 -23.83 15.58
CA TRP GB 46 74.67 -23.72 14.66
C TRP GB 46 74.91 -22.31 14.16
N LEU GB 47 73.89 -21.46 14.28
CA LEU GB 47 73.98 -20.08 13.86
C LEU GB 47 74.90 -19.17 14.66
N ASP GB 48 74.62 -19.04 15.95
CA ASP GB 48 75.44 -18.21 16.84
C ASP GB 48 76.14 -19.07 17.89
N ASP GB 49 76.07 -20.39 17.74
CA ASP GB 49 76.70 -21.30 18.71
C ASP GB 49 78.17 -21.56 18.44
N ASN GB 50 78.46 -22.43 17.48
CA ASN GB 50 79.81 -22.84 17.18
C ASN GB 50 80.40 -22.51 15.84
N ILE GB 51 81.56 -23.12 15.66
CA ILE GB 51 82.36 -23.02 14.47
C ILE GB 51 81.51 -23.57 13.33
N PRO GB 52 82.12 -23.89 12.17
CA PRO GB 52 83.52 -23.83 11.72
C PRO GB 52 84.28 -22.53 12.04
N VAL GB 53 83.69 -21.37 11.76
CA VAL GB 53 84.39 -20.12 12.07
C VAL GB 53 83.48 -19.12 12.76
N SER GB 54 83.97 -18.49 13.81
CA SER GB 54 83.18 -17.49 14.53
C SER GB 54 83.36 -16.15 13.84
N TYR GB 55 82.73 -16.01 12.67
CA TYR GB 55 82.80 -14.78 11.88
C TYR GB 55 82.74 -13.55 12.79
N GLN GB 56 82.07 -13.70 13.93
CA GLN GB 56 81.94 -12.63 14.91
C GLN GB 56 83.18 -12.62 15.81
N ALA GB 57 83.32 -13.67 16.61
CA ALA GB 57 84.45 -13.78 17.52
C ALA GB 57 85.78 -13.71 16.79
N LEU GB 58 85.89 -14.45 15.69
CA LEU GB 58 87.13 -14.48 14.90
C LEU GB 58 87.20 -13.37 13.87
N GLY GB 59 86.05 -13.03 13.28
CA GLY GB 59 86.04 -11.99 12.28
C GLY GB 59 86.01 -10.57 12.81
N LYS GB 60 85.14 -10.31 13.78
CA LYS GB 60 85.02 -8.99 14.37
C LYS GB 60 86.31 -8.55 15.06
N LYS GB 61 86.86 -9.43 15.88
CA LYS GB 61 88.09 -9.14 16.59
C LYS GB 61 89.29 -9.21 15.66
N THR HB 8 31.94 -39.43 1.06
CA THR HB 8 32.09 -40.09 -0.27
C THR HB 8 32.26 -39.05 -1.36
N GLY HB 9 32.00 -39.44 -2.61
CA GLY HB 9 32.15 -38.53 -3.72
C GLY HB 9 32.94 -39.22 -4.82
N LEU HB 10 33.22 -40.50 -4.60
CA LEU HB 10 33.96 -41.33 -5.54
C LEU HB 10 33.49 -42.78 -5.41
N THR HB 11 34.04 -43.66 -6.25
CA THR HB 11 33.66 -45.07 -6.22
C THR HB 11 34.83 -45.99 -5.86
N ASP HB 12 34.50 -47.22 -5.45
CA ASP HB 12 35.50 -48.21 -5.05
C ASP HB 12 36.73 -48.20 -5.98
N ASP HB 13 36.48 -48.13 -7.28
CA ASP HB 13 37.55 -48.15 -8.27
C ASP HB 13 38.50 -46.96 -8.33
N GLU HB 14 38.03 -45.79 -8.73
CA GLU HB 14 38.95 -44.65 -8.81
C GLU HB 14 39.62 -44.39 -7.47
N ALA HB 15 38.85 -44.46 -6.39
CA ALA HB 15 39.42 -44.27 -5.06
C ALA HB 15 40.67 -45.13 -4.94
N LYS HB 16 40.47 -46.45 -5.00
CA LYS HB 16 41.58 -47.40 -4.93
C LYS HB 16 42.69 -46.90 -5.86
N GLU HB 17 42.30 -46.59 -7.09
CA GLU HB 17 43.22 -46.11 -8.11
C GLU HB 17 44.18 -45.05 -7.60
N PHE HB 18 43.73 -44.20 -6.69
CA PHE HB 18 44.61 -43.17 -6.16
C PHE HB 18 45.21 -43.55 -4.81
N HIS HB 19 44.57 -44.48 -4.10
CA HIS HB 19 45.12 -44.90 -2.82
C HIS HB 19 46.59 -45.20 -3.04
N ALA HB 20 46.88 -45.81 -4.19
CA ALA HB 20 48.24 -46.18 -4.55
C ALA HB 20 49.04 -44.95 -4.98
N ILE HB 21 48.52 -44.21 -5.95
CA ILE HB 21 49.22 -43.02 -6.44
C ILE HB 21 49.63 -42.17 -5.24
N PHE HB 22 48.83 -42.22 -4.19
CA PHE HB 22 49.10 -41.47 -2.97
C PHE HB 22 50.04 -42.25 -2.07
N MET HB 23 49.58 -43.38 -1.54
CA MET HB 23 50.38 -44.20 -0.64
C MET HB 23 51.82 -44.20 -1.14
N GLN HB 24 51.97 -44.28 -2.46
CA GLN HB 24 53.26 -44.27 -3.09
C GLN HB 24 53.98 -42.98 -2.78
N SER HB 25 53.40 -41.86 -3.20
CA SER HB 25 53.97 -40.53 -2.99
C SER HB 25 54.49 -40.36 -1.57
N MET HB 26 53.71 -40.81 -0.60
CA MET HB 26 54.06 -40.70 0.80
C MET HB 26 55.41 -41.34 1.08
N TYR HB 27 55.58 -42.59 0.66
CA TYR HB 27 56.83 -43.30 0.87
C TYR HB 27 58.00 -42.51 0.34
N ALA HB 28 57.78 -41.75 -0.73
CA ALA HB 28 58.84 -40.94 -1.31
C ALA HB 28 59.36 -40.06 -0.20
N TRP HB 29 58.45 -39.29 0.38
CA TRP HB 29 58.76 -38.37 1.46
C TRP HB 29 59.56 -39.02 2.59
N PHE HB 30 59.00 -40.04 3.21
CA PHE HB 30 59.69 -40.74 4.30
C PHE HB 30 61.13 -41.06 3.93
N GLY HB 31 61.39 -41.19 2.65
CA GLY HB 31 62.73 -41.47 2.18
C GLY HB 31 63.51 -40.18 2.16
N LEU HB 32 62.84 -39.12 1.74
CA LEU HB 32 63.45 -37.79 1.67
C LEU HB 32 63.73 -37.33 3.09
N VAL HB 33 62.92 -37.83 4.03
CA VAL HB 33 63.07 -37.48 5.43
C VAL HB 33 64.06 -38.39 6.14
N VAL HB 34 63.93 -39.70 5.94
CA VAL HB 34 64.84 -40.63 6.60
C VAL HB 34 66.27 -40.40 6.12
N ILE HB 35 66.43 -40.09 4.84
CA ILE HB 35 67.77 -39.80 4.33
C ILE HB 35 68.33 -38.54 5.00
N ALA HB 36 67.51 -37.50 5.09
CA ALA HB 36 67.91 -36.27 5.77
C ALA HB 36 68.11 -36.48 7.27
N HIS HB 37 67.18 -37.20 7.89
CA HIS HB 37 67.25 -37.49 9.32
C HIS HB 37 68.48 -38.33 9.61
N LEU HB 38 68.68 -39.35 8.78
CA LEU HB 38 69.82 -40.25 8.90
C LEU HB 38 71.12 -39.51 8.61
N LEU HB 39 71.08 -38.65 7.60
CA LEU HB 39 72.24 -37.89 7.18
C LEU HB 39 72.64 -36.89 8.27
N ALA HB 40 71.65 -36.15 8.76
CA ALA HB 40 71.89 -35.17 9.81
C ALA HB 40 72.48 -35.89 11.01
N TRP HB 41 71.93 -37.05 11.34
CA TRP HB 41 72.41 -37.79 12.47
C TRP HB 41 73.90 -38.05 12.34
N LEU HB 42 74.41 -38.01 11.11
CA LEU HB 42 75.81 -38.29 10.88
C LEU HB 42 76.67 -37.07 11.19
N TYR HB 43 76.18 -35.89 10.81
CA TYR HB 43 76.93 -34.66 11.05
C TYR HB 43 77.19 -34.39 12.53
N ARG HB 44 76.12 -34.35 13.32
CA ARG HB 44 76.28 -34.11 14.76
C ARG HB 44 75.24 -34.86 15.56
N PRO HB 45 75.47 -36.16 15.80
CA PRO HB 45 74.59 -37.05 16.56
C PRO HB 45 74.08 -36.37 17.82
N TRP HB 46 72.77 -36.27 17.89
CA TRP HB 46 72.07 -35.66 19.01
C TRP HB 46 71.70 -36.72 20.06
N LEU HB 47 71.11 -36.23 21.14
CA LEU HB 47 70.70 -37.04 22.30
C LEU HB 47 70.57 -36.16 23.53
N LEU IB 8 31.57 -55.92 18.23
CA LEU IB 8 31.62 -54.43 18.29
C LEU IB 8 31.35 -53.76 16.94
N TYR IB 9 31.10 -54.54 15.90
CA TYR IB 9 30.86 -53.97 14.57
C TYR IB 9 29.75 -52.91 14.59
N LYS IB 10 28.70 -53.20 15.33
CA LYS IB 10 27.54 -52.33 15.44
C LYS IB 10 27.86 -50.86 15.75
N ILE IB 11 29.02 -50.63 16.35
CA ILE IB 11 29.45 -49.29 16.73
C ILE IB 11 29.31 -48.21 15.66
N TRP IB 12 29.55 -48.56 14.41
CA TRP IB 12 29.50 -47.60 13.32
C TRP IB 12 28.13 -47.10 12.83
N LEU IB 13 27.06 -47.76 13.25
CA LEU IB 13 25.73 -47.35 12.82
C LEU IB 13 25.25 -46.10 13.56
N ILE IB 14 25.81 -45.88 14.74
CA ILE IB 14 25.46 -44.71 15.55
C ILE IB 14 26.55 -43.66 15.41
N LEU IB 15 27.79 -44.12 15.40
CA LEU IB 15 28.93 -43.22 15.25
C LEU IB 15 29.24 -42.95 13.79
N ASP IB 16 29.01 -41.71 13.36
CA ASP IB 16 29.27 -41.32 11.99
C ASP IB 16 30.76 -41.51 11.73
N PRO IB 17 31.12 -42.54 10.95
CA PRO IB 17 32.52 -42.82 10.63
C PRO IB 17 33.30 -41.62 10.13
N ARG IB 18 32.74 -40.94 9.13
CA ARG IB 18 33.37 -39.78 8.55
C ARG IB 18 33.80 -38.74 9.58
N ARG IB 19 33.24 -38.83 10.79
CA ARG IB 19 33.59 -37.90 11.86
C ARG IB 19 34.63 -38.50 12.78
N VAL IB 20 34.21 -39.46 13.61
CA VAL IB 20 35.11 -40.11 14.55
C VAL IB 20 36.48 -40.35 13.93
N LEU IB 21 36.49 -40.66 12.65
CA LEU IB 21 37.75 -40.89 11.94
C LEU IB 21 38.62 -39.66 12.01
N VAL IB 22 38.27 -38.64 11.22
CA VAL IB 22 39.05 -37.41 11.18
C VAL IB 22 39.24 -36.80 12.57
N SER IB 23 38.21 -36.85 13.41
CA SER IB 23 38.30 -36.29 14.75
C SER IB 23 39.46 -36.88 15.54
N ILE IB 24 39.53 -38.21 15.58
CA ILE IB 24 40.59 -38.90 16.30
C ILE IB 24 41.95 -38.55 15.70
N VAL IB 25 41.97 -38.31 14.40
CA VAL IB 25 43.21 -37.95 13.72
C VAL IB 25 43.78 -36.69 14.35
N ALA IB 26 42.89 -35.74 14.66
CA ALA IB 26 43.30 -34.48 15.27
C ALA IB 26 43.65 -34.66 16.74
N PHE IB 27 43.12 -35.71 17.35
CA PHE IB 27 43.40 -35.99 18.76
C PHE IB 27 44.87 -36.36 18.91
N GLN IB 28 45.19 -37.59 18.49
CA GLN IB 28 46.55 -38.11 18.55
C GLN IB 28 47.52 -37.10 17.96
N ILE IB 29 47.03 -36.30 17.02
CA ILE IB 29 47.87 -35.31 16.36
C ILE IB 29 48.29 -34.24 17.37
N VAL IB 30 47.48 -34.05 18.40
CA VAL IB 30 47.77 -33.07 19.45
C VAL IB 30 48.42 -33.74 20.64
N LEU IB 31 47.68 -34.65 21.28
CA LEU IB 31 48.19 -35.38 22.44
C LEU IB 31 49.66 -35.66 22.21
N GLY IB 32 49.96 -36.28 21.08
CA GLY IB 32 51.33 -36.60 20.74
C GLY IB 32 52.23 -35.39 20.78
N LEU IB 33 51.85 -34.34 20.05
CA LEU IB 33 52.65 -33.13 20.05
C LEU IB 33 52.68 -32.53 21.45
N LEU IB 34 51.65 -32.83 22.22
CA LEU IB 34 51.53 -32.32 23.59
C LEU IB 34 52.39 -33.13 24.55
N ILE IB 35 52.59 -34.41 24.25
CA ILE IB 35 53.40 -35.28 25.09
C ILE IB 35 54.86 -34.89 24.97
N HIS IB 36 55.42 -35.02 23.77
CA HIS IB 36 56.80 -34.66 23.56
C HIS IB 36 57.06 -33.33 24.25
N MET IB 37 56.00 -32.52 24.29
CA MET IB 37 56.07 -31.21 24.91
C MET IB 37 56.35 -31.34 26.37
N ILE IB 38 55.41 -31.99 27.04
CA ILE IB 38 55.49 -32.11 28.49
C ILE IB 38 56.66 -32.95 28.98
N VAL IB 39 57.05 -33.95 28.20
CA VAL IB 39 58.18 -34.80 28.57
C VAL IB 39 59.48 -34.06 28.31
N LEU IB 40 59.75 -33.81 27.04
CA LEU IB 40 60.96 -33.10 26.64
C LEU IB 40 61.19 -31.87 27.50
N SER IB 41 60.12 -31.13 27.77
CA SER IB 41 60.20 -29.91 28.56
C SER IB 41 60.60 -30.12 30.02
N THR IB 42 60.32 -31.31 30.55
CA THR IB 42 60.65 -31.59 31.94
C THR IB 42 61.49 -32.85 32.16
N ASP IB 43 60.82 -33.99 32.32
CA ASP IB 43 61.47 -35.28 32.53
C ASP IB 43 62.95 -35.23 32.17
N LEU IB 44 63.19 -35.25 30.87
CA LEU IB 44 64.53 -35.21 30.30
C LEU IB 44 64.41 -34.48 28.98
N ASN IB 45 65.12 -33.37 28.85
CA ASN IB 45 65.06 -32.59 27.62
C ASN IB 45 66.15 -33.09 26.68
N TRP IB 46 66.16 -34.40 26.42
CA TRP IB 46 67.15 -35.03 25.56
C TRP IB 46 67.87 -34.10 24.57
N LEU IB 47 67.11 -33.24 23.90
CA LEU IB 47 67.69 -32.32 22.92
C LEU IB 47 68.63 -31.37 23.63
N ASP IB 48 68.21 -30.88 24.78
CA ASP IB 48 69.03 -30.03 25.61
C ASP IB 48 68.98 -30.65 26.99
N ASP IB 49 70.14 -31.05 27.50
CA ASP IB 49 70.18 -31.67 28.82
C ASP IB 49 71.46 -32.41 29.15
N ASN IB 50 71.88 -33.33 28.28
CA ASN IB 50 73.08 -34.09 28.57
C ASN IB 50 73.87 -34.60 27.37
N ILE IB 51 74.05 -35.91 27.35
CA ILE IB 51 74.78 -36.60 26.29
C ILE IB 51 74.19 -36.37 24.92
N PRO IB 52 74.89 -36.79 23.85
CA PRO IB 52 76.18 -37.48 23.88
C PRO IB 52 77.21 -36.72 24.70
N VAL IB 53 77.11 -35.40 24.61
CA VAL IB 53 77.98 -34.47 25.31
C VAL IB 53 77.60 -33.06 24.89
N SER IB 54 78.14 -32.05 25.56
CA SER IB 54 77.82 -30.67 25.22
C SER IB 54 78.41 -30.28 23.87
N TYR IB 55 78.41 -31.22 22.93
CA TYR IB 55 78.96 -31.01 21.60
C TYR IB 55 78.99 -29.55 21.16
N GLN IB 56 77.81 -28.93 21.03
CA GLN IB 56 77.73 -27.54 20.62
C GLN IB 56 78.58 -26.64 21.52
N ALA IB 57 78.35 -26.72 22.83
CA ALA IB 57 79.08 -25.92 23.79
C ALA IB 57 80.60 -26.11 23.65
N LEU IB 58 81.01 -27.36 23.45
CA LEU IB 58 82.43 -27.68 23.31
C LEU IB 58 83.02 -27.02 22.07
N GLY IB 59 82.26 -27.03 20.97
CA GLY IB 59 82.74 -26.44 19.74
C GLY IB 59 82.94 -24.94 19.86
N LYS IB 60 82.04 -24.27 20.56
CA LYS IB 60 82.11 -22.82 20.75
C LYS IB 60 83.35 -22.42 21.56
N LYS IB 61 83.67 -23.21 22.57
CA LYS IB 61 84.82 -22.94 23.42
C LYS IB 61 85.70 -24.18 23.55
N THR JB 8 25.05 -42.82 11.74
CA THR JB 8 24.03 -43.56 10.94
C THR JB 8 24.12 -43.22 9.47
N GLY JB 9 23.13 -43.66 8.71
CA GLY JB 9 23.11 -43.43 7.28
C GLY JB 9 23.51 -44.71 6.60
N LEU JB 10 23.41 -45.81 7.34
CA LEU JB 10 23.75 -47.14 6.83
C LEU JB 10 22.91 -48.20 7.54
N THR JB 11 23.33 -49.46 7.43
CA THR JB 11 22.61 -50.56 8.06
C THR JB 11 23.59 -51.45 8.81
N ASP JB 12 23.11 -52.61 9.25
CA ASP JB 12 23.94 -53.56 9.98
C ASP JB 12 25.06 -54.17 9.14
N ASP JB 13 24.71 -54.70 7.97
CA ASP JB 13 25.68 -55.33 7.08
C ASP JB 13 26.88 -54.45 6.76
N GLU JB 14 26.65 -53.36 6.04
CA GLU JB 14 27.72 -52.45 5.64
C GLU JB 14 28.53 -51.97 6.83
N ALA JB 15 27.85 -51.76 7.95
CA ALA JB 15 28.50 -51.29 9.17
C ALA JB 15 29.64 -52.24 9.59
N LYS JB 16 29.37 -53.53 9.48
CA LYS JB 16 30.35 -54.54 9.83
C LYS JB 16 31.62 -54.41 8.99
N GLU JB 17 31.44 -54.18 7.69
CA GLU JB 17 32.55 -54.03 6.77
C GLU JB 17 33.56 -53.00 7.28
N PHE JB 18 33.08 -51.80 7.56
CA PHE JB 18 33.94 -50.73 8.05
C PHE JB 18 34.63 -51.07 9.36
N HIS JB 19 33.88 -51.66 10.29
CA HIS JB 19 34.41 -52.04 11.60
C HIS JB 19 35.65 -52.91 11.53
N ALA JB 20 35.69 -53.73 10.49
CA ALA JB 20 36.82 -54.63 10.28
C ALA JB 20 38.09 -53.95 9.78
N ILE JB 21 37.96 -53.19 8.69
CA ILE JB 21 39.12 -52.51 8.11
C ILE JB 21 39.66 -51.48 9.12
N PHE JB 22 38.75 -50.74 9.74
CA PHE JB 22 39.11 -49.71 10.72
C PHE JB 22 39.86 -50.31 11.91
N MET JB 23 39.17 -51.17 12.65
CA MET JB 23 39.73 -51.82 13.82
C MET JB 23 41.17 -52.29 13.61
N GLN JB 24 41.34 -53.17 12.62
CA GLN JB 24 42.64 -53.73 12.26
C GLN JB 24 43.73 -52.71 12.20
N SER JB 25 43.65 -51.81 11.22
CA SER JB 25 44.63 -50.76 11.00
C SER JB 25 44.90 -49.94 12.26
N MET JB 26 43.99 -50.04 13.22
CA MET JB 26 44.14 -49.30 14.46
C MET JB 26 45.28 -49.89 15.27
N TYR JB 27 45.25 -51.20 15.41
CA TYR JB 27 46.31 -51.86 16.14
C TYR JB 27 47.60 -51.45 15.46
N ALA JB 28 47.54 -51.30 14.13
CA ALA JB 28 48.70 -50.89 13.35
C ALA JB 28 49.40 -49.76 14.09
N TRP JB 29 48.58 -48.91 14.71
CA TRP JB 29 49.09 -47.77 15.46
C TRP JB 29 49.65 -48.20 16.82
N PHE JB 30 48.81 -48.85 17.63
CA PHE JB 30 49.25 -49.30 18.96
C PHE JB 30 50.52 -50.13 18.80
N GLY JB 31 50.59 -50.84 17.68
CA GLY JB 31 51.76 -51.65 17.39
C GLY JB 31 52.93 -50.71 17.16
N LEU JB 32 52.66 -49.62 16.46
CA LEU JB 32 53.66 -48.61 16.15
C LEU JB 32 54.05 -47.84 17.40
N VAL JB 33 53.06 -47.55 18.23
CA VAL JB 33 53.29 -46.80 19.46
C VAL JB 33 54.15 -47.60 20.43
N VAL JB 34 53.66 -48.76 20.84
CA VAL JB 34 54.38 -49.60 21.79
C VAL JB 34 55.85 -49.80 21.44
N ILE JB 35 56.15 -50.06 20.17
CA ILE JB 35 57.52 -50.26 19.72
C ILE JB 35 58.41 -49.06 19.97
N ALA JB 36 57.83 -47.87 19.94
CA ALA JB 36 58.60 -46.66 20.18
C ALA JB 36 58.67 -46.43 21.69
N HIS JB 37 57.56 -46.68 22.38
CA HIS JB 37 57.56 -46.54 23.84
C HIS JB 37 58.65 -47.51 24.35
N LEU JB 38 58.74 -48.68 23.74
CA LEU JB 38 59.78 -49.61 24.16
C LEU JB 38 61.18 -49.27 23.63
N LEU JB 39 61.27 -48.74 22.41
CA LEU JB 39 62.60 -48.37 21.88
C LEU JB 39 63.05 -47.17 22.71
N ALA JB 40 62.08 -46.48 23.30
CA ALA JB 40 62.36 -45.33 24.14
C ALA JB 40 62.79 -45.85 25.50
N TRP JB 41 61.94 -46.67 26.11
CA TRP JB 41 62.24 -47.24 27.42
C TRP JB 41 63.60 -47.92 27.38
N LEU JB 42 64.06 -48.28 26.18
CA LEU JB 42 65.35 -48.93 26.03
C LEU JB 42 66.46 -47.91 26.29
N TYR JB 43 66.37 -46.77 25.61
CA TYR JB 43 67.35 -45.71 25.75
C TYR JB 43 67.32 -45.08 27.13
N ARG JB 44 66.23 -44.39 27.44
CA ARG JB 44 66.06 -43.73 28.72
C ARG JB 44 64.80 -44.18 29.43
N PRO JB 45 64.88 -45.24 30.25
CA PRO JB 45 63.67 -45.69 30.94
C PRO JB 45 63.07 -44.52 31.70
N TRP JB 46 61.76 -44.32 31.54
CA TRP JB 46 61.06 -43.24 32.22
C TRP JB 46 60.43 -43.71 33.52
N LEU JB 47 60.81 -43.08 34.62
CA LEU JB 47 60.28 -43.44 35.93
C LEU JB 47 60.14 -42.22 36.84
N LEU KB 8 17.55 -55.02 31.66
CA LEU KB 8 18.10 -53.70 31.88
C LEU KB 8 18.26 -52.93 30.58
N TYR KB 9 18.10 -53.61 29.45
CA TYR KB 9 18.23 -52.96 28.15
C TYR KB 9 17.37 -51.70 28.15
N LYS KB 10 16.37 -51.72 29.02
CA LYS KB 10 15.43 -50.63 29.20
C LYS KB 10 16.07 -49.25 29.02
N ILE KB 11 17.18 -49.03 29.72
CA ILE KB 11 17.91 -47.77 29.68
C ILE KB 11 17.96 -47.15 28.30
N TRP KB 12 18.30 -47.97 27.32
CA TRP KB 12 18.45 -47.54 25.93
C TRP KB 12 17.17 -47.32 25.14
N LEU KB 13 16.04 -47.25 25.84
CA LEU KB 13 14.77 -46.99 25.18
C LEU KB 13 14.46 -45.51 25.29
N ILE KB 14 14.90 -44.89 26.38
CA ILE KB 14 14.66 -43.47 26.61
C ILE KB 14 15.95 -42.66 26.50
N LEU KB 15 17.08 -43.26 26.88
CA LEU KB 15 18.36 -42.59 26.79
C LEU KB 15 18.98 -42.93 25.44
N ASP KB 16 18.99 -41.94 24.54
CA ASP KB 16 19.55 -42.11 23.21
C ASP KB 16 20.99 -42.60 23.30
N PRO KB 17 21.36 -43.58 22.46
CA PRO KB 17 22.73 -44.12 22.47
C PRO KB 17 23.81 -43.08 22.16
N ARG KB 18 23.64 -42.30 21.11
CA ARG KB 18 24.62 -41.29 20.72
C ARG KB 18 24.96 -40.28 21.82
N ARG KB 19 23.95 -39.76 22.50
CA ARG KB 19 24.19 -38.80 23.57
C ARG KB 19 25.01 -39.47 24.66
N VAL KB 20 24.63 -40.69 25.03
CA VAL KB 20 25.33 -41.44 26.05
C VAL KB 20 26.72 -41.88 25.61
N LEU KB 21 26.83 -42.28 24.35
CA LEU KB 21 28.09 -42.75 23.78
C LEU KB 21 29.13 -41.65 23.66
N VAL KB 22 28.85 -40.65 22.82
CA VAL KB 22 29.80 -39.55 22.62
C VAL KB 22 29.99 -38.72 23.88
N SER KB 23 28.97 -38.65 24.73
CA SER KB 23 29.06 -37.88 25.97
C SER KB 23 30.13 -38.49 26.86
N ILE KB 24 30.39 -39.77 26.68
CA ILE KB 24 31.39 -40.45 27.48
C ILE KB 24 32.74 -40.27 26.82
N VAL KB 25 32.80 -40.55 25.52
CA VAL KB 25 34.02 -40.40 24.76
C VAL KB 25 34.57 -39.00 24.99
N ALA KB 26 33.69 -38.08 25.37
CA ALA KB 26 34.05 -36.70 25.62
C ALA KB 26 34.28 -36.42 27.11
N PHE KB 27 33.63 -37.20 27.97
CA PHE KB 27 33.79 -37.01 29.41
C PHE KB 27 35.07 -37.66 29.90
N GLN KB 28 35.30 -38.90 29.49
CA GLN KB 28 36.48 -39.64 29.89
C GLN KB 28 37.77 -38.95 29.44
N ILE KB 29 37.78 -38.48 28.20
CA ILE KB 29 38.96 -37.80 27.66
C ILE KB 29 39.44 -36.68 28.57
N VAL KB 30 38.52 -35.84 29.03
CA VAL KB 30 38.88 -34.72 29.89
C VAL KB 30 39.27 -35.16 31.30
N LEU KB 31 38.52 -36.11 31.87
CA LEU KB 31 38.83 -36.59 33.20
C LEU KB 31 40.21 -37.23 33.19
N GLY KB 32 40.51 -37.96 32.12
CA GLY KB 32 41.81 -38.60 32.00
C GLY KB 32 42.93 -37.57 32.02
N LEU KB 33 42.94 -36.70 31.01
CA LEU KB 33 43.96 -35.67 30.92
C LEU KB 33 43.95 -34.76 32.14
N LEU KB 34 42.91 -34.89 32.96
CA LEU KB 34 42.78 -34.09 34.17
C LEU KB 34 43.50 -34.77 35.32
N ILE KB 35 43.10 -36.01 35.63
CA ILE KB 35 43.72 -36.77 36.70
C ILE KB 35 45.23 -36.77 36.53
N HIS KB 36 45.70 -37.25 35.39
CA HIS KB 36 47.13 -37.28 35.12
C HIS KB 36 47.74 -35.91 35.43
N MET KB 37 47.03 -34.89 35.00
CA MET KB 37 47.50 -33.54 35.21
C MET KB 37 47.70 -33.18 36.68
N ILE KB 38 46.71 -33.51 37.50
CA ILE KB 38 46.76 -33.22 38.94
C ILE KB 38 47.73 -34.13 39.70
N VAL KB 39 47.52 -35.43 39.62
CA VAL KB 39 48.38 -36.39 40.32
C VAL KB 39 49.84 -36.11 40.01
N LEU KB 40 50.12 -35.79 38.75
CA LEU KB 40 51.48 -35.51 38.29
C LEU KB 40 51.97 -34.12 38.68
N SER KB 41 51.07 -33.27 39.17
CA SER KB 41 51.44 -31.91 39.55
C SER KB 41 51.90 -31.80 41.00
N THR KB 42 51.48 -32.73 41.84
CA THR KB 42 51.86 -32.69 43.25
C THR KB 42 52.36 -34.02 43.80
N ASP KB 43 51.44 -34.96 44.01
CA ASP KB 43 51.77 -36.28 44.54
C ASP KB 43 53.10 -36.79 44.01
N LEU KB 44 53.08 -37.37 42.81
CA LEU KB 44 54.27 -37.91 42.18
C LEU KB 44 54.47 -37.37 40.78
N ASN KB 45 55.57 -36.66 40.56
CA ASN KB 45 55.86 -36.11 39.25
C ASN KB 45 56.90 -37.03 38.61
N TRP KB 46 56.53 -38.30 38.47
CA TRP KB 46 57.41 -39.31 37.90
C TRP KB 46 58.23 -38.79 36.72
N LEU KB 47 57.57 -38.06 35.82
CA LEU KB 47 58.20 -37.51 34.63
C LEU KB 47 59.56 -36.93 34.96
N ASP KB 48 59.59 -35.89 35.80
CA ASP KB 48 60.86 -35.28 36.18
C ASP KB 48 60.90 -34.94 37.65
N ASP KB 49 61.80 -35.60 38.38
CA ASP KB 49 61.92 -35.33 39.80
C ASP KB 49 62.93 -36.25 40.47
N ASN KB 50 63.00 -37.51 40.02
CA ASN KB 50 63.90 -38.45 40.65
C ASN KB 50 64.23 -39.72 39.88
N ILE KB 51 64.15 -40.83 40.60
CA ILE KB 51 64.43 -42.17 40.12
C ILE KB 51 63.83 -42.52 38.77
N PRO KB 52 64.57 -43.28 37.95
CA PRO KB 52 65.91 -43.76 38.32
C PRO KB 52 66.93 -42.63 38.37
N VAL KB 53 68.21 -42.98 38.26
CA VAL KB 53 69.28 -42.00 38.30
C VAL KB 53 68.88 -40.76 37.49
N SER KB 54 68.68 -39.65 38.20
CA SER KB 54 68.28 -38.38 37.58
C SER KB 54 68.65 -38.31 36.11
N TYR KB 55 67.78 -38.86 35.27
CA TYR KB 55 67.98 -38.89 33.83
C TYR KB 55 68.59 -37.61 33.32
N GLN KB 56 68.28 -36.52 34.00
CA GLN KB 56 68.81 -35.23 33.64
C GLN KB 56 70.17 -35.08 34.31
N ALA KB 57 70.14 -34.63 35.55
CA ALA KB 57 71.35 -34.40 36.35
C ALA KB 57 72.40 -35.49 36.18
N LEU KB 58 71.98 -36.75 36.30
CA LEU KB 58 72.91 -37.87 36.19
C LEU KB 58 73.75 -37.86 34.90
N GLY KB 59 73.07 -37.98 33.76
CA GLY KB 59 73.78 -37.97 32.48
C GLY KB 59 74.09 -36.54 32.07
N LYS KB 60 73.29 -35.62 32.61
CA LYS KB 60 73.37 -34.18 32.38
C LYS KB 60 74.61 -33.60 31.72
N LYS KB 61 75.77 -33.84 32.31
CA LYS KB 61 76.99 -33.29 31.75
C LYS KB 61 77.81 -34.35 31.01
N THR LB 8 14.16 -41.55 23.27
CA THR LB 8 13.54 -42.68 22.49
C THR LB 8 13.82 -42.50 20.99
N GLY LB 9 13.17 -43.30 20.16
CA GLY LB 9 13.39 -43.20 18.73
C GLY LB 9 13.84 -44.53 18.16
N LEU LB 10 13.50 -45.61 18.86
CA LEU LB 10 13.82 -46.98 18.48
C LEU LB 10 12.77 -47.87 19.12
N THR LB 11 12.93 -49.19 19.01
CA THR LB 11 11.97 -50.10 19.64
C THR LB 11 12.67 -51.12 20.53
N ASP LB 12 11.96 -52.14 20.97
CA ASP LB 12 12.58 -53.14 21.84
C ASP LB 12 13.72 -53.95 21.19
N ASP LB 13 13.52 -54.40 19.95
CA ASP LB 13 14.48 -55.32 19.31
C ASP LB 13 15.88 -54.78 19.01
N GLU LB 14 15.97 -53.58 18.42
CA GLU LB 14 17.25 -52.95 18.15
C GLU LB 14 17.95 -52.57 19.45
N ALA LB 15 17.11 -52.09 20.36
CA ALA LB 15 17.49 -51.53 21.65
C ALA LB 15 18.18 -52.58 22.52
N LYS LB 16 17.51 -53.72 22.68
CA LYS LB 16 18.04 -54.81 23.48
C LYS LB 16 19.41 -55.25 22.96
N GLU LB 17 19.55 -55.34 21.65
CA GLU LB 17 20.81 -55.73 21.03
C GLU LB 17 21.90 -54.73 21.40
N PHE LB 18 21.52 -53.46 21.46
CA PHE LB 18 22.46 -52.39 21.81
C PHE LB 18 23.00 -52.57 23.22
N HIS LB 19 22.10 -52.51 24.20
CA HIS LB 19 22.48 -52.65 25.60
C HIS LB 19 23.56 -53.72 25.78
N ALA LB 20 23.40 -54.85 25.08
CA ALA LB 20 24.35 -55.94 25.18
C ALA LB 20 25.74 -55.54 24.70
N ILE LB 21 25.86 -55.24 23.41
CA ILE LB 21 27.15 -54.85 22.82
C ILE LB 21 27.84 -53.80 23.68
N PHE LB 22 27.08 -52.82 24.15
CA PHE LB 22 27.63 -51.75 24.99
C PHE LB 22 28.17 -52.29 26.30
N MET LB 23 27.27 -52.67 27.21
CA MET LB 23 27.66 -53.18 28.53
C MET LB 23 28.96 -53.97 28.49
N GLN LB 24 29.02 -54.96 27.61
CA GLN LB 24 30.21 -55.79 27.50
C GLN LB 24 31.46 -54.90 27.38
N SER LB 25 31.45 -54.03 26.38
CA SER LB 25 32.58 -53.13 26.14
C SER LB 25 32.82 -52.14 27.28
N MET LB 26 31.77 -51.81 28.04
CA MET LB 26 31.93 -50.88 29.14
C MET LB 26 32.90 -51.45 30.15
N TYR LB 27 32.60 -52.64 30.66
CA TYR LB 27 33.47 -53.27 31.62
C TYR LB 27 34.86 -53.42 31.04
N ALA LB 28 34.94 -53.64 29.72
CA ALA LB 28 36.23 -53.74 29.04
C ALA LB 28 37.10 -52.57 29.47
N TRP LB 29 36.47 -51.42 29.66
CA TRP LB 29 37.19 -50.23 30.08
C TRP LB 29 37.68 -50.52 31.48
N PHE LB 30 36.74 -50.87 32.36
CA PHE LB 30 37.06 -51.17 33.75
C PHE LB 30 38.11 -52.28 33.77
N GLY LB 31 38.27 -52.96 32.64
CA GLY LB 31 39.25 -54.02 32.53
C GLY LB 31 40.61 -53.39 32.33
N LEU LB 32 40.68 -52.50 31.34
CA LEU LB 32 41.93 -51.80 31.04
C LEU LB 32 42.21 -50.79 32.15
N VAL LB 33 41.15 -50.40 32.86
CA VAL LB 33 41.28 -49.44 33.95
C VAL LB 33 41.67 -50.13 35.24
N VAL LB 34 41.16 -51.35 35.45
CA VAL LB 34 41.50 -52.08 36.66
C VAL LB 34 42.96 -52.53 36.56
N ILE LB 35 43.36 -52.95 35.37
CA ILE LB 35 44.73 -53.38 35.14
C ILE LB 35 45.68 -52.20 35.35
N ALA LB 36 45.17 -51.01 35.08
CA ALA LB 36 45.94 -49.78 35.23
C ALA LB 36 46.27 -49.48 36.69
N HIS LB 37 45.23 -49.33 37.53
CA HIS LB 37 45.43 -48.99 38.97
C HIS LB 37 46.08 -50.14 39.76
N LEU LB 38 45.81 -51.36 39.34
CA LEU LB 38 46.44 -52.50 39.98
C LEU LB 38 47.94 -52.51 39.71
N LEU LB 39 48.30 -52.12 38.49
CA LEU LB 39 49.68 -52.07 38.06
C LEU LB 39 50.42 -50.94 38.79
N ALA LB 40 49.78 -49.78 38.84
CA ALA LB 40 50.36 -48.62 39.51
C ALA LB 40 50.63 -48.97 40.97
N TRP LB 41 49.73 -49.78 41.53
CA TRP LB 41 49.80 -50.21 42.91
C TRP LB 41 51.06 -51.03 43.16
N LEU LB 42 51.56 -51.68 42.12
CA LEU LB 42 52.79 -52.47 42.20
C LEU LB 42 53.96 -51.51 42.33
N TYR LB 43 53.85 -50.36 41.65
CA TYR LB 43 54.88 -49.33 41.60
C TYR LB 43 54.86 -48.37 42.79
N ARG LB 44 54.15 -47.25 42.62
CA ARG LB 44 54.01 -46.24 43.65
C ARG LB 44 52.71 -46.42 44.41
N PRO LB 45 52.77 -47.10 45.55
CA PRO LB 45 51.58 -47.35 46.38
C PRO LB 45 51.06 -46.07 47.02
N TRP LB 46 50.23 -45.32 46.28
CA TRP LB 46 49.66 -44.09 46.80
C TRP LB 46 48.73 -44.35 47.97
N LEU LB 47 48.77 -43.46 48.96
CA LEU LB 47 47.93 -43.59 50.14
C LEU LB 47 48.08 -42.39 51.07
N PHE MB 2 9.77 -52.22 51.95
CA PHE MB 2 8.78 -51.70 52.93
C PHE MB 2 7.57 -51.10 52.22
N THR MB 3 6.53 -50.78 53.00
CA THR MB 3 5.30 -50.18 52.49
C THR MB 3 5.55 -49.16 51.39
N MET MB 4 5.39 -47.89 51.74
CA MET MB 4 5.61 -46.73 50.88
C MET MB 4 6.20 -46.95 49.47
N ASN MB 5 7.44 -47.42 49.38
CA ASN MB 5 8.09 -47.67 48.09
C ASN MB 5 7.25 -48.59 47.21
N ALA MB 6 6.34 -49.33 47.83
CA ALA MB 6 5.47 -50.27 47.14
C ALA MB 6 4.61 -49.65 46.04
N ASN MB 7 3.93 -48.55 46.36
CA ASN MB 7 3.09 -47.88 45.37
C ASN MB 7 3.84 -46.67 44.82
N LEU MB 8 5.06 -46.49 45.30
CA LEU MB 8 5.88 -45.38 44.86
C LEU MB 8 6.14 -45.39 43.35
N TYR MB 9 5.66 -46.42 42.67
CA TYR MB 9 5.84 -46.51 41.22
C TYR MB 9 5.00 -45.41 40.61
N LYS MB 10 3.89 -45.10 41.28
CA LYS MB 10 2.94 -44.09 40.84
C LYS MB 10 3.58 -42.72 40.57
N ILE MB 11 4.75 -42.44 41.14
CA ILE MB 11 5.39 -41.13 40.98
C ILE MB 11 5.73 -40.83 39.53
N TRP MB 12 5.75 -41.88 38.73
CA TRP MB 12 6.10 -41.79 37.32
C TRP MB 12 5.08 -41.20 36.36
N LEU MB 13 3.82 -41.10 36.77
CA LEU MB 13 2.80 -40.53 35.90
C LEU MB 13 2.86 -39.02 35.96
N ILE MB 14 3.72 -38.52 36.84
CA ILE MB 14 3.90 -37.09 37.03
C ILE MB 14 5.29 -36.66 36.58
N LEU MB 15 6.31 -37.19 37.24
CA LEU MB 15 7.69 -36.87 36.88
C LEU MB 15 8.08 -37.57 35.60
N ASP MB 16 8.53 -36.79 34.61
CA ASP MB 16 8.97 -37.35 33.34
C ASP MB 16 10.22 -38.17 33.67
N PRO MB 17 10.36 -39.34 33.05
CA PRO MB 17 11.53 -40.17 33.34
C PRO MB 17 12.94 -39.65 33.07
N ARG MB 18 13.24 -39.30 31.83
CA ARG MB 18 14.59 -38.84 31.48
C ARG MB 18 15.05 -37.52 32.11
N ARG MB 19 14.21 -36.49 32.09
CA ARG MB 19 14.61 -35.22 32.69
C ARG MB 19 15.21 -35.45 34.06
N VAL MB 20 14.44 -36.03 34.98
CA VAL MB 20 14.94 -36.27 36.34
C VAL MB 20 16.05 -37.31 36.31
N LEU MB 21 15.85 -38.31 35.48
CA LEU MB 21 16.79 -39.41 35.31
C LEU MB 21 18.17 -38.89 34.96
N VAL MB 22 18.27 -38.02 33.95
CA VAL MB 22 19.54 -37.45 33.55
C VAL MB 22 19.77 -36.16 34.34
N SER MB 23 18.68 -35.59 34.87
CA SER MB 23 18.74 -34.37 35.68
C SER MB 23 19.49 -34.70 36.94
N ILE MB 24 19.50 -35.97 37.29
CA ILE MB 24 20.19 -36.42 38.49
C ILE MB 24 21.58 -36.91 38.13
N VAL MB 25 21.69 -37.56 36.98
CA VAL MB 25 22.98 -38.08 36.53
C VAL MB 25 24.02 -36.96 36.63
N ALA MB 26 23.55 -35.72 36.49
CA ALA MB 26 24.42 -34.56 36.59
C ALA MB 26 24.68 -34.29 38.07
N PHE MB 27 23.66 -34.49 38.89
CA PHE MB 27 23.77 -34.27 40.32
C PHE MB 27 24.78 -35.22 40.93
N GLN MB 28 24.78 -36.46 40.46
CA GLN MB 28 25.70 -37.45 40.99
C GLN MB 28 27.15 -37.10 40.68
N ILE MB 29 27.39 -36.51 39.52
CA ILE MB 29 28.74 -36.14 39.14
C ILE MB 29 29.19 -34.84 39.80
N VAL MB 30 28.36 -33.81 39.74
CA VAL MB 30 28.70 -32.52 40.34
C VAL MB 30 28.89 -32.64 41.85
N LEU MB 31 28.05 -33.45 42.49
CA LEU MB 31 28.16 -33.65 43.92
C LEU MB 31 29.40 -34.49 44.18
N GLY MB 32 29.75 -35.33 43.21
CA GLY MB 32 30.91 -36.19 43.34
C GLY MB 32 32.18 -35.39 43.44
N LEU MB 33 32.61 -34.87 42.29
CA LEU MB 33 33.81 -34.04 42.20
C LEU MB 33 33.80 -33.00 43.32
N LEU MB 34 32.60 -32.69 43.81
CA LEU MB 34 32.45 -31.70 44.87
C LEU MB 34 32.83 -32.26 46.23
N ILE MB 35 32.44 -33.51 46.49
CA ILE MB 35 32.73 -34.14 47.76
C ILE MB 35 34.21 -34.50 47.84
N HIS MB 36 34.78 -35.02 46.76
CA HIS MB 36 36.20 -35.35 46.76
C HIS MB 36 36.98 -34.08 47.05
N MET MB 37 36.62 -32.99 46.38
CA MET MB 37 37.28 -31.72 46.57
C MET MB 37 37.23 -31.22 48.00
N ILE MB 38 36.04 -30.87 48.47
CA ILE MB 38 35.84 -30.34 49.82
C ILE MB 38 36.77 -30.98 50.85
N VAL MB 39 36.83 -32.30 50.87
CA VAL MB 39 37.68 -33.00 51.83
C VAL MB 39 39.15 -32.79 51.47
N LEU MB 40 39.48 -33.03 50.20
CA LEU MB 40 40.85 -32.86 49.71
C LEU MB 40 41.50 -31.62 50.28
N SER MB 41 40.72 -30.55 50.37
CA SER MB 41 41.21 -29.27 50.89
C SER MB 41 42.01 -29.40 52.17
N THR MB 42 41.32 -29.75 53.26
CA THR MB 42 41.97 -29.87 54.56
C THR MB 42 41.97 -31.28 55.14
N ASP MB 43 40.86 -31.68 55.74
CA ASP MB 43 40.68 -33.00 56.37
C ASP MB 43 41.78 -33.98 56.02
N LEU MB 44 41.51 -34.81 55.02
CA LEU MB 44 42.45 -35.82 54.58
C LEU MB 44 42.90 -35.49 53.16
N ASN MB 45 44.20 -35.30 52.98
CA ASN MB 45 44.76 -35.00 51.68
C ASN MB 45 45.63 -36.17 51.29
N TRP MB 46 45.00 -37.34 51.17
CA TRP MB 46 45.68 -38.59 50.83
C TRP MB 46 46.71 -38.41 49.72
N LEU MB 47 46.46 -37.46 48.82
CA LEU MB 47 47.39 -37.21 47.74
C LEU MB 47 48.79 -36.93 48.27
N ASP MB 48 48.97 -35.80 48.95
CA ASP MB 48 50.30 -35.47 49.47
C ASP MB 48 50.27 -35.03 50.92
N ASP MB 49 49.94 -35.97 51.79
CA ASP MB 49 49.82 -35.70 53.22
C ASP MB 49 50.64 -36.66 54.07
N ASN MB 50 50.91 -37.86 53.54
CA ASN MB 50 51.62 -38.83 54.35
C ASN MB 50 52.17 -40.03 53.60
N ILE MB 51 52.35 -41.12 54.34
CA ILE MB 51 52.86 -42.38 53.83
C ILE MB 51 51.77 -43.15 53.10
N PRO MB 52 52.15 -44.19 52.33
CA PRO MB 52 53.50 -44.70 52.09
C PRO MB 52 54.20 -43.91 50.99
N VAL MB 53 54.15 -42.59 51.10
CA VAL MB 53 54.76 -41.71 50.11
C VAL MB 53 56.27 -41.67 50.21
N SER MB 54 56.82 -40.45 50.23
CA SER MB 54 58.26 -40.25 50.31
C SER MB 54 58.85 -40.46 48.92
N TYR MB 55 57.98 -40.47 47.91
CA TYR MB 55 58.39 -40.67 46.52
C TYR MB 55 59.23 -39.49 46.02
N GLN MB 56 58.82 -38.28 46.38
CA GLN MB 56 59.51 -37.08 45.97
C GLN MB 56 60.50 -36.60 47.04
N ALA MB 57 60.03 -36.56 48.28
CA ALA MB 57 60.86 -36.14 49.41
C ALA MB 57 62.14 -36.96 49.46
N LEU MB 58 61.99 -38.28 49.37
CA LEU MB 58 63.13 -39.18 49.43
C LEU MB 58 63.61 -39.56 48.02
N GLY MB 59 62.66 -39.75 47.11
CA GLY MB 59 63.00 -40.11 45.75
C GLY MB 59 63.82 -39.05 45.04
N LYS MB 60 63.28 -37.84 44.95
CA LYS MB 60 63.96 -36.74 44.29
C LYS MB 60 65.33 -36.49 44.92
N LYS MB 61 65.38 -36.57 46.25
CA LYS MB 61 66.64 -36.34 46.96
C LYS MB 61 67.52 -37.58 46.84
N THR NB 8 4.67 -37.96 33.19
CA THR NB 8 3.47 -38.18 32.33
C THR NB 8 3.90 -38.47 30.90
N GLY NB 9 2.92 -38.83 30.07
CA GLY NB 9 3.21 -39.16 28.69
C GLY NB 9 3.14 -40.67 28.53
N LEU NB 10 2.89 -41.35 29.65
CA LEU NB 10 2.77 -42.79 29.69
C LEU NB 10 1.65 -43.19 30.64
N THR NB 11 1.41 -44.50 30.79
CA THR NB 11 0.36 -45.00 31.67
C THR NB 11 0.97 -45.64 32.93
N ASP NB 12 0.35 -46.70 33.41
CA ASP NB 12 0.84 -47.40 34.61
C ASP NB 12 1.65 -48.64 34.29
N ASP NB 13 1.14 -49.48 33.40
CA ASP NB 13 1.84 -50.71 33.02
C ASP NB 13 3.32 -50.45 32.79
N GLU NB 14 3.62 -49.45 31.97
CA GLU NB 14 5.00 -49.09 31.66
C GLU NB 14 5.59 -48.33 32.84
N ALA NB 15 4.73 -47.64 33.59
CA ALA NB 15 5.18 -46.89 34.74
C ALA NB 15 5.90 -47.80 35.74
N LYS NB 16 5.15 -48.69 36.37
CA LYS NB 16 5.72 -49.62 37.34
C LYS NB 16 6.87 -50.42 36.73
N GLU NB 17 6.74 -50.72 35.44
CA GLU NB 17 7.82 -51.42 34.75
C GLU NB 17 9.13 -50.65 34.85
N PHE NB 18 8.96 -49.33 34.69
CA PHE NB 18 10.07 -48.40 34.78
C PHE NB 18 10.55 -48.26 36.21
N HIS NB 19 9.64 -48.06 37.16
CA HIS NB 19 10.06 -47.94 38.54
C HIS NB 19 10.84 -49.16 38.96
N ALA NB 20 10.37 -50.35 38.58
CA ALA NB 20 11.04 -51.59 38.97
C ALA NB 20 12.51 -51.56 38.56
N ILE NB 21 12.76 -51.46 37.25
CA ILE NB 21 14.12 -51.44 36.74
C ILE NB 21 14.89 -50.26 37.32
N PHE NB 22 14.22 -49.12 37.47
CA PHE NB 22 14.85 -47.92 38.00
C PHE NB 22 15.24 -48.06 39.47
N MET NB 23 14.24 -48.27 40.32
CA MET NB 23 14.48 -48.40 41.76
C MET NB 23 15.64 -49.31 42.11
N GLN NB 24 15.73 -50.46 41.43
CA GLN NB 24 16.79 -51.45 41.71
C GLN NB 24 18.15 -51.06 41.18
N SER NB 25 18.15 -50.30 40.09
CA SER NB 25 19.38 -49.77 39.51
C SER NB 25 19.92 -48.69 40.42
N MET NB 26 19.09 -47.67 40.67
CA MET NB 26 19.46 -46.58 41.55
C MET NB 26 19.83 -47.12 42.93
N TYR NB 27 19.08 -48.11 43.38
CA TYR NB 27 19.31 -48.72 44.68
C TYR NB 27 20.65 -49.44 44.71
N ALA NB 28 20.94 -50.17 43.62
CA ALA NB 28 22.18 -50.92 43.48
C ALA NB 28 23.36 -50.05 43.85
N TRP NB 29 23.30 -48.80 43.39
CA TRP NB 29 24.33 -47.80 43.62
C TRP NB 29 24.36 -47.43 45.11
N PHE NB 30 23.15 -47.32 45.72
CA PHE NB 30 23.10 -47.00 47.14
C PHE NB 30 23.94 -47.97 47.95
N GLY NB 31 24.03 -49.18 47.41
CA GLY NB 31 24.84 -50.22 48.00
C GLY NB 31 26.25 -50.19 47.42
N LEU NB 32 26.38 -49.66 46.20
CA LEU NB 32 27.70 -49.57 45.58
C LEU NB 32 28.50 -48.54 46.36
N VAL NB 33 27.95 -47.34 46.48
CA VAL NB 33 28.62 -46.28 47.22
C VAL NB 33 28.88 -46.71 48.65
N VAL NB 34 27.97 -47.52 49.20
CA VAL NB 34 28.14 -47.98 50.57
C VAL NB 34 29.39 -48.84 50.69
N ILE NB 35 29.77 -49.49 49.60
CA ILE NB 35 30.98 -50.31 49.61
C ILE NB 35 32.18 -49.38 49.76
N ALA NB 36 32.08 -48.22 49.11
CA ALA NB 36 33.15 -47.23 49.11
C ALA NB 36 33.38 -46.58 50.48
N HIS NB 37 32.32 -46.05 51.09
CA HIS NB 37 32.45 -45.40 52.38
C HIS NB 37 32.91 -46.36 53.48
N LEU NB 38 32.40 -47.58 53.43
CA LEU NB 38 32.76 -48.64 54.35
C LEU NB 38 34.25 -48.97 54.23
N LEU NB 39 34.66 -49.22 52.98
CA LEU NB 39 36.05 -49.54 52.67
C LEU NB 39 36.95 -48.38 53.05
N ALA NB 40 36.53 -47.17 52.68
CA ALA NB 40 37.29 -45.97 53.00
C ALA NB 40 37.30 -45.81 54.51
N TRP NB 41 36.21 -46.25 55.13
CA TRP NB 41 36.05 -46.15 56.59
C TRP NB 41 37.00 -47.07 57.26
N LEU NB 42 37.15 -48.24 56.69
CA LEU NB 42 38.05 -49.25 57.22
C LEU NB 42 39.47 -48.67 57.20
N TYR NB 43 39.72 -47.72 56.30
CA TYR NB 43 41.04 -47.09 56.14
C TYR NB 43 41.29 -45.86 57.01
N ARG NB 44 40.96 -44.69 56.50
CA ARG NB 44 41.15 -43.47 57.28
C ARG NB 44 39.86 -43.30 58.07
N PRO NB 45 39.93 -43.52 59.40
CA PRO NB 45 38.75 -43.41 60.23
C PRO NB 45 38.39 -41.94 60.21
N TRP NB 46 37.59 -41.51 59.24
CA TRP NB 46 37.23 -40.10 59.16
C TRP NB 46 36.32 -39.70 60.31
N LEU NB 47 36.56 -38.51 60.82
CA LEU NB 47 35.78 -37.95 61.92
C LEU NB 47 36.29 -36.53 62.10
N PHE OB 2 -2.10 -35.20 63.90
CA PHE OB 2 -2.79 -35.03 62.59
C PHE OB 2 -3.86 -33.96 62.67
N THR OB 3 -3.53 -32.83 63.29
CA THR OB 3 -4.45 -31.72 63.45
C THR OB 3 -4.88 -31.10 62.12
N MET OB 4 -4.13 -30.09 61.69
CA MET OB 4 -4.41 -29.38 60.45
C MET OB 4 -4.50 -30.29 59.22
N ASN OB 5 -3.73 -31.39 59.20
CA ASN OB 5 -3.74 -32.29 58.05
C ASN OB 5 -5.08 -32.94 57.66
N ALA OB 6 -6.01 -33.06 58.61
CA ALA OB 6 -7.32 -33.68 58.38
C ALA OB 6 -8.04 -33.08 57.17
N ASN OB 7 -8.03 -31.76 57.07
CA ASN OB 7 -8.68 -31.11 55.94
C ASN OB 7 -7.68 -30.79 54.83
N LEU OB 8 -6.44 -31.25 55.00
CA LEU OB 8 -5.41 -31.00 54.02
C LEU OB 8 -5.54 -31.83 52.76
N TYR OB 9 -6.49 -32.75 52.73
CA TYR OB 9 -6.67 -33.61 51.57
C TYR OB 9 -6.95 -32.78 50.33
N LYS OB 10 -7.64 -31.66 50.54
CA LYS OB 10 -8.01 -30.79 49.43
C LYS OB 10 -6.89 -30.04 48.70
N ILE OB 11 -5.72 -29.92 49.33
CA ILE OB 11 -4.58 -29.19 48.73
C ILE OB 11 -4.38 -29.37 47.23
N TRP OB 12 -4.28 -30.62 46.79
CA TRP OB 12 -4.04 -30.95 45.39
C TRP OB 12 -5.15 -30.66 44.41
N LEU OB 13 -6.22 -30.02 44.87
CA LEU OB 13 -7.33 -29.68 43.99
C LEU OB 13 -7.05 -28.39 43.23
N ILE OB 14 -6.21 -27.54 43.80
CA ILE OB 14 -5.86 -26.27 43.18
C ILE OB 14 -4.40 -26.25 42.72
N LEU OB 15 -3.66 -27.30 43.05
CA LEU OB 15 -2.26 -27.39 42.67
C LEU OB 15 -2.00 -28.65 41.84
N ASP OB 16 -1.14 -28.53 40.83
CA ASP OB 16 -0.81 -29.65 39.96
C ASP OB 16 0.19 -30.57 40.66
N PRO OB 17 0.42 -31.77 40.11
CA PRO OB 17 1.37 -32.69 40.72
C PRO OB 17 2.82 -32.19 40.67
N ARG OB 18 3.22 -31.62 39.53
CA ARG OB 18 4.59 -31.10 39.30
C ARG OB 18 4.99 -29.88 40.16
N ARG OB 19 4.06 -28.94 40.25
CA ARG OB 19 4.19 -27.68 40.97
C ARG OB 19 4.99 -27.71 42.28
N VAL OB 20 4.50 -28.42 43.28
CA VAL OB 20 5.18 -28.49 44.57
C VAL OB 20 5.89 -29.81 44.86
N LEU OB 21 5.70 -30.77 43.97
CA LEU OB 21 6.33 -32.07 44.11
C LEU OB 21 7.83 -31.89 44.07
N VAL OB 22 8.35 -31.55 42.89
CA VAL OB 22 9.77 -31.33 42.73
C VAL OB 22 10.17 -29.97 43.28
N SER OB 23 9.19 -29.08 43.41
CA SER OB 23 9.43 -27.74 43.93
C SER OB 23 10.17 -27.81 45.27
N ILE OB 24 9.55 -28.47 46.24
CA ILE OB 24 10.16 -28.61 47.55
C ILE OB 24 11.43 -29.42 47.43
N VAL OB 25 11.42 -30.43 46.56
CA VAL OB 25 12.58 -31.27 46.34
C VAL OB 25 13.82 -30.42 46.09
N ALA OB 26 13.67 -29.39 45.27
CA ALA OB 26 14.77 -28.49 44.97
C ALA OB 26 15.12 -27.68 46.21
N PHE OB 27 14.09 -27.21 46.91
CA PHE OB 27 14.30 -26.42 48.12
C PHE OB 27 15.01 -27.25 49.18
N GLN OB 28 14.85 -28.56 49.12
CA GLN OB 28 15.49 -29.45 50.08
C GLN OB 28 16.98 -29.65 49.83
N ILE OB 29 17.36 -29.83 48.57
CA ILE OB 29 18.78 -30.02 48.25
C ILE OB 29 19.57 -28.78 48.64
N VAL OB 30 19.09 -27.61 48.22
CA VAL OB 30 19.76 -26.35 48.53
C VAL OB 30 19.92 -26.24 50.04
N LEU OB 31 18.81 -26.05 50.75
CA LEU OB 31 18.85 -25.93 52.20
C LEU OB 31 19.57 -27.14 52.75
N GLY OB 32 19.37 -28.28 52.11
CA GLY OB 32 20.01 -29.51 52.54
C GLY OB 32 21.50 -29.31 52.72
N LEU OB 33 22.20 -29.05 51.61
CA LEU OB 33 23.64 -28.84 51.68
C LEU OB 33 23.95 -27.44 52.20
N LEU OB 34 22.94 -26.57 52.20
CA LEU OB 34 23.10 -25.21 52.70
C LEU OB 34 23.33 -25.25 54.19
N ILE OB 35 22.80 -26.30 54.83
CA ILE OB 35 22.92 -26.46 56.26
C ILE OB 35 24.22 -27.16 56.63
N HIS OB 36 24.53 -28.27 55.95
CA HIS OB 36 25.76 -28.99 56.24
C HIS OB 36 26.92 -28.00 56.23
N MET OB 37 26.91 -27.11 55.24
CA MET OB 37 27.95 -26.10 55.09
C MET OB 37 28.09 -25.28 56.36
N ILE OB 38 27.07 -24.46 56.63
CA ILE OB 38 27.05 -23.59 57.80
C ILE OB 38 27.33 -24.29 59.13
N VAL OB 39 26.89 -25.54 59.26
CA VAL OB 39 27.13 -26.29 60.49
C VAL OB 39 28.57 -26.77 60.53
N LEU OB 40 29.10 -27.11 59.36
CA LEU OB 40 30.47 -27.58 59.24
C LEU OB 40 31.39 -26.36 59.19
N SER OB 41 30.81 -25.19 59.42
CA SER OB 41 31.57 -23.94 59.38
C SER OB 41 32.41 -23.61 60.60
N THR OB 42 31.80 -23.58 61.78
CA THR OB 42 32.55 -23.20 62.97
C THR OB 42 32.60 -24.21 64.12
N ASP OB 43 31.46 -24.58 64.65
CA ASP OB 43 31.43 -25.48 65.78
C ASP OB 43 32.14 -26.82 65.66
N LEU OB 44 31.63 -27.70 64.81
CA LEU OB 44 32.21 -29.02 64.64
C LEU OB 44 32.73 -29.25 63.23
N ASN OB 45 33.86 -28.62 62.92
CA ASN OB 45 34.47 -28.77 61.61
C ASN OB 45 35.11 -30.16 61.53
N TRP OB 46 34.40 -31.16 62.06
CA TRP OB 46 34.83 -32.56 62.11
C TRP OB 46 35.87 -32.92 61.05
N LEU OB 47 35.66 -32.35 59.86
CA LEU OB 47 36.52 -32.53 58.70
C LEU OB 47 37.97 -32.43 59.15
N ASP OB 48 38.47 -31.20 59.29
CA ASP OB 48 39.85 -30.99 59.75
C ASP OB 48 39.80 -30.40 61.16
N ASP OB 49 38.81 -30.85 61.94
CA ASP OB 49 38.63 -30.35 63.29
C ASP OB 49 39.55 -30.99 64.32
N ASN OB 50 39.53 -32.32 64.37
CA ASN OB 50 40.32 -33.05 65.35
C ASN OB 50 40.71 -34.44 64.88
N ILE OB 51 40.42 -35.40 65.77
CA ILE OB 51 40.70 -36.82 65.59
C ILE OB 51 39.65 -37.54 64.76
N PRO OB 52 40.06 -38.60 64.03
CA PRO OB 52 41.45 -39.06 64.00
C PRO OB 52 42.41 -38.10 63.30
N THR PB 8 -4.98 -27.43 39.99
CA THR PB 8 -6.09 -28.09 39.26
C THR PB 8 -5.56 -29.15 38.31
N GLY PB 9 -6.45 -29.71 37.51
CA GLY PB 9 -6.06 -30.74 36.56
C GLY PB 9 -6.19 -32.09 37.24
N LEU PB 10 -6.76 -32.07 38.45
CA LEU PB 10 -6.97 -33.25 39.27
C LEU PB 10 -8.37 -33.24 39.90
N THR PB 11 -8.89 -34.42 40.25
CA THR PB 11 -10.21 -34.57 40.87
C THR PB 11 -10.15 -34.90 42.37
N ASP PB 12 -11.29 -34.85 43.05
CA ASP PB 12 -11.34 -35.15 44.49
C ASP PB 12 -10.94 -36.59 44.75
N ASP PB 13 -11.40 -37.49 43.90
CA ASP PB 13 -11.07 -38.91 44.03
C ASP PB 13 -9.58 -39.14 43.76
N GLU PB 14 -9.04 -38.28 42.88
CA GLU PB 14 -7.63 -38.34 42.54
C GLU PB 14 -6.77 -37.67 43.61
N ALA PB 15 -7.20 -36.45 43.98
CA ALA PB 15 -6.51 -35.68 45.02
C ALA PB 15 -6.40 -36.55 46.27
N LYS PB 16 -7.41 -37.40 46.44
CA LYS PB 16 -7.46 -38.32 47.58
C LYS PB 16 -6.30 -39.30 47.48
N GLU PB 17 -6.22 -40.02 46.37
CA GLU PB 17 -5.18 -41.01 46.14
C GLU PB 17 -3.79 -40.39 46.24
N PHE PB 18 -3.56 -39.32 45.49
CA PHE PB 18 -2.25 -38.64 45.46
C PHE PB 18 -1.78 -38.08 46.80
N HIS PB 19 -2.65 -37.33 47.47
CA HIS PB 19 -2.32 -36.72 48.76
C HIS PB 19 -1.83 -37.79 49.72
N ALA PB 20 -2.42 -38.97 49.62
CA ALA PB 20 -2.05 -40.10 50.47
C ALA PB 20 -0.62 -40.55 50.19
N ILE PB 21 -0.36 -40.95 48.95
CA ILE PB 21 0.96 -41.42 48.56
C ILE PB 21 2.00 -40.34 48.86
N PHE PB 22 1.62 -39.08 48.65
CA PHE PB 22 2.51 -37.96 48.91
C PHE PB 22 2.78 -37.79 50.40
N MET PB 23 1.71 -37.62 51.17
CA MET PB 23 1.83 -37.42 52.61
C MET PB 23 2.70 -38.48 53.28
N GLN PB 24 2.51 -39.73 52.91
CA GLN PB 24 3.27 -40.80 53.53
C GLN PB 24 4.77 -40.74 53.22
N SER PB 25 5.11 -40.73 51.94
CA SER PB 25 6.51 -40.66 51.54
C SER PB 25 7.16 -39.44 52.19
N MET PB 26 6.42 -38.34 52.22
CA MET PB 26 6.92 -37.10 52.81
C MET PB 26 7.38 -37.37 54.24
N TYR PB 27 6.75 -38.34 54.90
CA TYR PB 27 7.14 -38.69 56.26
C TYR PB 27 8.31 -39.67 56.24
N ALA PB 28 8.45 -40.39 55.13
CA ALA PB 28 9.55 -41.35 54.97
C ALA PB 28 10.83 -40.61 55.28
N TRP PB 29 10.76 -39.30 55.02
CA TRP PB 29 11.85 -38.35 55.21
C TRP PB 29 11.89 -37.87 56.65
N PHE PB 30 10.76 -37.31 57.07
CA PHE PB 30 10.63 -36.75 58.40
C PHE PB 30 11.05 -37.83 59.39
N GLY PB 31 11.14 -39.06 58.87
CA GLY PB 31 11.57 -40.19 59.67
C GLY PB 31 13.06 -40.40 59.44
N LEU PB 32 13.53 -40.10 58.24
CA LEU PB 32 14.94 -40.24 57.91
C LEU PB 32 15.71 -39.05 58.49
N VAL PB 33 15.04 -37.92 58.64
CA VAL PB 33 15.67 -36.73 59.23
C VAL PB 33 15.61 -36.92 60.74
N VAL PB 34 14.59 -37.64 61.20
CA VAL PB 34 14.46 -37.91 62.62
C VAL PB 34 15.63 -38.77 63.01
N ILE PB 35 15.85 -39.88 62.30
CA ILE PB 35 16.98 -40.75 62.58
C ILE PB 35 18.28 -39.97 62.38
N ALA PB 36 18.23 -38.94 61.55
CA ALA PB 36 19.39 -38.09 61.26
C ALA PB 36 19.92 -37.33 62.47
N HIS PB 37 19.05 -36.54 63.09
CA HIS PB 37 19.39 -35.77 64.27
C HIS PB 37 19.53 -36.73 65.45
N LEU PB 38 18.69 -37.76 65.46
CA LEU PB 38 18.68 -38.75 66.53
C LEU PB 38 20.05 -39.42 66.66
N LEU PB 39 20.56 -39.96 65.55
CA LEU PB 39 21.86 -40.61 65.56
C LEU PB 39 22.92 -39.58 65.93
N ALA PB 40 22.79 -38.38 65.36
CA ALA PB 40 23.73 -37.30 65.61
C ALA PB 40 23.73 -36.92 67.08
N TRP PB 41 22.55 -36.80 67.66
CA TRP PB 41 22.40 -36.42 69.06
C TRP PB 41 23.23 -37.34 69.94
N LEU PB 42 23.33 -38.60 69.55
CA LEU PB 42 24.11 -39.58 70.29
C LEU PB 42 25.61 -39.34 70.12
N TYR PB 43 26.04 -39.15 68.87
CA TYR PB 43 27.44 -38.92 68.53
C TYR PB 43 27.98 -37.61 69.08
N ARG PB 44 27.50 -36.49 68.53
CA ARG PB 44 27.97 -35.20 69.02
C ARG PB 44 26.83 -34.38 69.60
N PRO PB 45 26.99 -33.93 70.86
CA PRO PB 45 25.97 -33.14 71.51
C PRO PB 45 26.04 -31.67 71.11
N TRP PB 46 24.90 -31.02 70.95
CA TRP PB 46 24.93 -29.63 70.55
C TRP PB 46 24.32 -28.67 71.55
N LEU PB 47 23.08 -28.24 71.33
CA LEU PB 47 22.47 -27.31 72.26
C LEU PB 47 23.55 -26.25 72.43
N LEU QB 8 -13.89 -10.72 59.77
CA LEU QB 8 -12.66 -10.86 58.93
C LEU QB 8 -12.91 -11.87 57.81
N TYR QB 9 -13.96 -12.67 57.95
CA TYR QB 9 -14.29 -13.68 56.95
C TYR QB 9 -14.46 -13.11 55.55
N LYS QB 10 -15.04 -11.93 55.47
CA LYS QB 10 -15.29 -11.28 54.18
C LYS QB 10 -14.03 -10.94 53.39
N ILE QB 11 -12.87 -10.93 54.06
CA ILE QB 11 -11.61 -10.57 53.40
C ILE QB 11 -11.15 -11.52 52.32
N TRP QB 12 -11.65 -12.75 52.35
CA TRP QB 12 -11.27 -13.74 51.35
C TRP QB 12 -11.76 -13.39 49.96
N LEU QB 13 -12.58 -12.35 49.87
CA LEU QB 13 -13.11 -11.90 48.59
C LEU QB 13 -12.14 -10.97 47.90
N ILE QB 14 -11.16 -10.46 48.64
CA ILE QB 14 -10.17 -9.57 48.06
C ILE QB 14 -8.83 -10.30 48.03
N LEU QB 15 -8.73 -11.35 48.85
CA LEU QB 15 -7.52 -12.15 48.94
C LEU QB 15 -7.77 -13.54 48.36
N ASP QB 16 -6.98 -13.89 47.35
CA ASP QB 16 -7.10 -15.21 46.72
C ASP QB 16 -6.34 -16.23 47.55
N PRO QB 17 -6.99 -17.36 47.89
CA PRO QB 17 -6.36 -18.42 48.70
C PRO QB 17 -4.99 -18.88 48.20
N ARG QB 18 -4.91 -19.31 46.96
CA ARG QB 18 -3.65 -19.81 46.42
C ARG QB 18 -2.54 -18.77 46.52
N ARG QB 19 -2.83 -17.55 46.12
CA ARG QB 19 -1.84 -16.49 46.13
C ARG QB 19 -1.46 -16.05 47.54
N VAL QB 20 -2.43 -15.90 48.42
CA VAL QB 20 -2.15 -15.48 49.79
C VAL QB 20 -1.45 -16.58 50.58
N LEU QB 21 -1.85 -17.83 50.36
CA LEU QB 21 -1.29 -18.97 51.08
C LEU QB 21 0.13 -19.34 50.68
N VAL QB 22 0.34 -19.74 49.43
CA VAL QB 22 1.68 -20.11 48.98
C VAL QB 22 2.64 -18.93 49.13
N SER QB 23 2.13 -17.73 48.89
CA SER QB 23 2.94 -16.52 49.00
C SER QB 23 3.51 -16.45 50.40
N ILE QB 24 2.65 -16.64 51.39
CA ILE QB 24 3.06 -16.61 52.80
C ILE QB 24 4.12 -17.66 53.08
N VAL QB 25 3.88 -18.88 52.59
CA VAL QB 25 4.82 -19.97 52.79
C VAL QB 25 6.23 -19.48 52.49
N ALA QB 26 6.41 -18.94 51.29
CA ALA QB 26 7.70 -18.42 50.86
C ALA QB 26 8.28 -17.40 51.83
N PHE QB 27 7.55 -16.30 52.06
CA PHE QB 27 8.06 -15.28 52.97
C PHE QB 27 8.22 -15.79 54.39
N GLN QB 28 7.27 -16.59 54.85
CA GLN QB 28 7.32 -17.13 56.20
C GLN QB 28 8.59 -17.95 56.38
N ILE QB 29 8.90 -18.83 55.43
CA ILE QB 29 10.08 -19.64 55.59
C ILE QB 29 11.39 -18.83 55.67
N VAL QB 30 11.67 -18.02 54.65
CA VAL QB 30 12.90 -17.22 54.65
C VAL QB 30 13.04 -16.42 55.94
N LEU QB 31 11.92 -15.84 56.37
CA LEU QB 31 11.87 -15.05 57.59
C LEU QB 31 12.48 -15.78 58.79
N GLY QB 32 12.18 -17.07 58.90
CA GLY QB 32 12.68 -17.87 59.99
C GLY QB 32 14.18 -18.07 59.92
N LEU QB 33 14.67 -18.47 58.74
CA LEU QB 33 16.10 -18.68 58.54
C LEU QB 33 16.81 -17.37 58.84
N LEU QB 34 16.19 -16.28 58.40
CA LEU QB 34 16.72 -14.95 58.60
C LEU QB 34 16.80 -14.66 60.09
N ILE QB 35 15.92 -15.31 60.85
CA ILE QB 35 15.89 -15.15 62.30
C ILE QB 35 17.03 -15.94 62.92
N HIS QB 36 16.98 -17.27 62.77
CA HIS QB 36 18.02 -18.11 63.31
C HIS QB 36 19.35 -17.43 63.01
N MET QB 37 19.52 -17.06 61.74
CA MET QB 37 20.71 -16.39 61.26
C MET QB 37 21.10 -15.21 62.15
N ILE QB 38 20.20 -14.25 62.27
CA ILE QB 38 20.44 -13.06 63.08
C ILE QB 38 20.61 -13.37 64.57
N VAL QB 39 19.91 -14.39 65.04
CA VAL QB 39 20.00 -14.79 66.44
C VAL QB 39 21.26 -15.60 66.69
N LEU QB 40 21.38 -16.69 65.94
CA LEU QB 40 22.53 -17.59 66.04
C LEU QB 40 23.85 -16.84 65.97
N SER QB 41 23.80 -15.61 65.44
CA SER QB 41 25.00 -14.81 65.29
C SER QB 41 25.69 -14.51 66.62
N THR QB 42 25.13 -13.56 67.36
CA THR QB 42 25.71 -13.15 68.62
C THR QB 42 24.99 -13.66 69.87
N ASP QB 43 23.69 -13.46 69.95
CA ASP QB 43 22.90 -13.90 71.11
C ASP QB 43 23.52 -15.11 71.78
N LEU QB 44 23.51 -16.21 71.06
CA LEU QB 44 24.08 -17.45 71.56
C LEU QB 44 24.33 -18.40 70.39
N ASN QB 45 25.60 -18.65 70.13
CA ASN QB 45 25.97 -19.55 69.04
C ASN QB 45 26.08 -20.94 69.64
N TRP QB 46 24.95 -21.47 70.10
CA TRP QB 46 24.85 -22.78 70.72
C TRP QB 46 25.83 -23.82 70.19
N LEU QB 47 26.13 -23.75 68.91
CA LEU QB 47 27.03 -24.73 68.31
C LEU QB 47 28.42 -24.62 68.92
N ASP QB 48 28.86 -23.39 69.17
CA ASP QB 48 30.17 -23.16 69.78
C ASP QB 48 30.05 -22.11 70.88
N ASP QB 49 29.64 -22.56 72.06
CA ASP QB 49 29.47 -21.65 73.18
C ASP QB 49 29.53 -22.43 74.50
N ASN QB 50 28.90 -23.60 74.53
CA ASN QB 50 28.88 -24.44 75.72
C ASN QB 50 29.61 -25.75 75.46
N ILE QB 51 29.98 -26.44 76.53
CA ILE QB 51 30.69 -27.71 76.45
C ILE QB 51 29.93 -28.83 75.71
N PRO QB 52 30.61 -29.52 74.78
CA PRO QB 52 31.98 -29.35 74.34
C PRO QB 52 32.01 -28.70 72.95
N VAL QB 53 32.49 -27.46 72.87
CA VAL QB 53 32.53 -26.74 71.60
C VAL QB 53 33.95 -26.40 71.16
N SER QB 54 34.92 -26.71 72.01
CA SER QB 54 36.33 -26.44 71.70
C SER QB 54 36.93 -27.64 70.99
N TYR QB 55 36.10 -28.35 70.23
CA TYR QB 55 36.54 -29.52 69.47
C TYR QB 55 37.88 -29.24 68.80
N GLN QB 56 38.00 -28.08 68.18
CA GLN QB 56 39.23 -27.70 67.48
C GLN QB 56 40.34 -27.27 68.43
N ALA QB 57 40.00 -26.37 69.35
CA ALA QB 57 40.96 -25.87 70.32
C ALA QB 57 41.54 -26.98 71.18
N LEU QB 58 40.78 -28.06 71.34
CA LEU QB 58 41.21 -29.19 72.14
C LEU QB 58 41.73 -30.32 71.27
N GLY QB 59 41.19 -30.44 70.06
CA GLY QB 59 41.61 -31.49 69.16
C GLY QB 59 42.84 -31.13 68.34
N LYS QB 60 42.79 -29.98 67.67
CA LYS QB 60 43.91 -29.51 66.85
C LYS QB 60 45.21 -29.49 67.64
N LYS QB 61 45.15 -28.97 68.87
CA LYS QB 61 46.32 -28.88 69.72
C LYS QB 61 46.78 -30.27 70.17
N THR RB 8 -10.87 -12.93 45.85
CA THR RB 8 -12.20 -12.89 45.17
C THR RB 8 -12.45 -14.21 44.43
N GLY RB 9 -13.21 -14.14 43.34
CA GLY RB 9 -13.51 -15.33 42.57
C GLY RB 9 -14.52 -16.22 43.27
N LEU RB 10 -14.90 -15.82 44.47
CA LEU RB 10 -15.86 -16.58 45.28
C LEU RB 10 -17.00 -15.70 45.80
N THR RB 11 -17.90 -16.33 46.56
CA THR RB 11 -19.06 -15.66 47.14
C THR RB 11 -19.03 -15.84 48.67
N ASP RB 12 -19.83 -15.08 49.39
CA ASP RB 12 -19.89 -15.18 50.85
C ASP RB 12 -19.96 -16.62 51.36
N ASP RB 13 -20.98 -17.36 50.94
CA ASP RB 13 -21.18 -18.75 51.37
C ASP RB 13 -19.92 -19.61 51.20
N GLU RB 14 -19.35 -19.54 50.00
CA GLU RB 14 -18.17 -20.31 49.63
C GLU RB 14 -16.93 -20.01 50.47
N ALA RB 15 -16.38 -18.82 50.27
CA ALA RB 15 -15.17 -18.38 50.98
C ALA RB 15 -15.28 -18.59 52.49
N LYS RB 16 -16.50 -18.51 53.00
CA LYS RB 16 -16.76 -18.67 54.42
C LYS RB 16 -16.35 -20.06 54.95
N GLU RB 17 -16.72 -21.11 54.21
CA GLU RB 17 -16.42 -22.48 54.59
C GLU RB 17 -14.93 -22.76 54.60
N PHE RB 18 -14.17 -21.97 53.84
CA PHE RB 18 -12.73 -22.15 53.79
C PHE RB 18 -12.03 -21.17 54.72
N HIS RB 19 -12.72 -20.11 55.18
CA HIS RB 19 -12.07 -19.17 56.10
C HIS RB 19 -11.69 -19.95 57.30
N ALA RB 20 -12.66 -20.72 57.80
CA ALA RB 20 -12.39 -21.53 58.98
C ALA RB 20 -11.22 -22.48 58.75
N ILE RB 21 -11.39 -23.40 57.82
CA ILE RB 21 -10.33 -24.38 57.55
C ILE RB 21 -8.94 -23.72 57.57
N PHE RB 22 -8.76 -22.65 56.81
CA PHE RB 22 -7.47 -21.97 56.78
C PHE RB 22 -7.10 -21.61 58.22
N MET RB 23 -7.81 -20.63 58.75
CA MET RB 23 -7.59 -20.12 60.10
C MET RB 23 -7.12 -21.18 61.09
N GLN RB 24 -7.85 -22.28 61.18
CA GLN RB 24 -7.47 -23.35 62.12
C GLN RB 24 -6.00 -23.69 61.93
N SER RB 25 -5.63 -23.96 60.70
CA SER RB 25 -4.25 -24.35 60.42
C SER RB 25 -3.20 -23.31 60.84
N MET RB 26 -3.33 -22.07 60.34
CA MET RB 26 -2.36 -21.02 60.70
C MET RB 26 -2.10 -21.05 62.20
N TYR RB 27 -3.13 -21.38 62.98
CA TYR RB 27 -2.97 -21.46 64.42
C TYR RB 27 -2.37 -22.81 64.78
N ALA RB 28 -2.77 -23.87 64.09
CA ALA RB 28 -2.19 -25.18 64.32
C ALA RB 28 -0.68 -24.97 64.31
N TRP RB 29 -0.21 -24.08 63.44
CA TRP RB 29 1.22 -23.73 63.34
C TRP RB 29 1.49 -22.61 64.32
N PHE RB 30 0.61 -21.58 64.37
CA PHE RB 30 0.89 -20.52 65.32
C PHE RB 30 1.12 -21.09 66.73
N GLY RB 31 0.60 -22.33 66.86
CA GLY RB 31 0.71 -23.06 68.10
C GLY RB 31 1.93 -23.95 67.98
N LEU RB 32 1.95 -24.76 66.91
CA LEU RB 32 3.10 -25.62 66.66
C LEU RB 32 4.40 -24.88 66.92
N VAL RB 33 4.33 -23.56 66.67
CA VAL RB 33 5.49 -22.70 66.89
C VAL RB 33 5.52 -22.21 68.34
N VAL RB 34 4.37 -21.97 68.94
CA VAL RB 34 4.38 -21.54 70.31
C VAL RB 34 5.21 -22.60 71.05
N ILE RB 35 4.93 -23.88 70.80
CA ILE RB 35 5.68 -24.94 71.47
C ILE RB 35 7.17 -24.78 71.17
N ALA RB 36 7.50 -24.27 70.00
CA ALA RB 36 8.90 -24.07 69.64
C ALA RB 36 9.56 -23.10 70.61
N HIS RB 37 9.02 -21.89 70.68
CA HIS RB 37 9.54 -20.87 71.59
C HIS RB 37 9.55 -21.51 72.99
N LEU RB 38 8.45 -22.17 73.33
CA LEU RB 38 8.24 -22.86 74.60
C LEU RB 38 9.44 -23.70 75.05
N LEU RB 39 9.70 -24.78 74.33
CA LEU RB 39 10.81 -25.68 74.67
C LEU RB 39 12.12 -24.92 74.74
N ALA RB 40 12.27 -23.93 73.86
CA ALA RB 40 13.49 -23.15 73.84
C ALA RB 40 13.72 -22.40 75.15
N TRP RB 41 12.82 -21.46 75.44
CA TRP RB 41 12.96 -20.66 76.66
C TRP RB 41 13.24 -21.54 77.86
N LEU RB 42 12.58 -22.70 77.88
CA LEU RB 42 12.82 -23.64 78.96
C LEU RB 42 14.29 -24.02 79.05
N TYR RB 43 14.78 -24.60 77.95
CA TYR RB 43 16.19 -24.97 77.88
C TYR RB 43 16.99 -23.72 78.20
N ARG RB 44 17.21 -22.88 77.19
CA ARG RB 44 17.93 -21.64 77.42
C ARG RB 44 16.97 -20.46 77.45
N PRO RB 45 17.25 -19.50 78.34
CA PRO RB 45 16.40 -18.32 78.48
C PRO RB 45 17.04 -17.06 77.87
N TRP RB 46 16.24 -16.22 77.23
CA TRP RB 46 16.78 -15.02 76.61
C TRP RB 46 16.17 -13.72 77.11
N LEU RB 47 16.83 -12.62 76.71
CA LEU RB 47 16.47 -11.23 77.03
C LEU RB 47 17.70 -10.40 77.36
N PHE SB 2 -11.67 6.87 67.69
CA PHE SB 2 -12.02 6.91 66.24
C PHE SB 2 -12.57 8.29 65.82
N THR SB 3 -11.97 9.34 66.38
CA THR SB 3 -12.37 10.72 66.10
C THR SB 3 -12.27 11.13 64.64
N MET SB 4 -11.04 11.21 64.14
CA MET SB 4 -10.79 11.64 62.78
C MET SB 4 -11.28 10.67 61.70
N ASN SB 5 -11.59 9.44 62.09
CA ASN SB 5 -12.05 8.43 61.15
C ASN SB 5 -13.48 8.66 60.69
N ALA SB 6 -14.29 9.20 61.59
CA ALA SB 6 -15.69 9.50 61.31
C ALA SB 6 -15.97 9.72 59.82
N ASN SB 7 -15.54 10.87 59.30
CA ASN SB 7 -15.77 11.20 57.90
C ASN SB 7 -14.76 10.61 56.92
N LEU SB 8 -13.98 9.63 57.37
CA LEU SB 8 -12.97 9.01 56.52
C LEU SB 8 -13.45 7.82 55.69
N TYR SB 9 -14.67 7.35 55.94
CA TYR SB 9 -15.22 6.21 55.20
C TYR SB 9 -15.22 6.48 53.70
N LYS SB 10 -15.28 7.77 53.36
CA LYS SB 10 -15.32 8.21 51.97
C LYS SB 10 -14.02 8.03 51.19
N ILE SB 11 -12.89 8.05 51.90
CA ILE SB 11 -11.56 7.91 51.28
C ILE SB 11 -11.42 6.77 50.27
N TRP SB 12 -12.18 5.70 50.48
CA TRP SB 12 -12.11 4.51 49.64
C TRP SB 12 -12.28 4.64 48.13
N LEU SB 13 -13.05 5.61 47.67
CA LEU SB 13 -13.22 5.78 46.23
C LEU SB 13 -11.86 6.13 45.62
N ILE SB 14 -10.99 6.71 46.42
CA ILE SB 14 -9.65 7.07 45.96
C ILE SB 14 -8.73 5.87 46.12
N LEU SB 15 -8.50 5.48 47.37
CA LEU SB 15 -7.65 4.35 47.68
C LEU SB 15 -8.40 3.04 47.48
N ASP SB 16 -7.96 2.27 46.50
CA ASP SB 16 -8.57 0.99 46.18
C ASP SB 16 -8.20 -0.10 47.17
N PRO SB 17 -9.11 -1.08 47.36
CA PRO SB 17 -8.76 -2.14 48.31
C PRO SB 17 -7.53 -2.95 47.89
N ARG SB 18 -7.49 -3.41 46.65
CA ARG SB 18 -6.38 -4.20 46.15
C ARG SB 18 -5.04 -3.44 46.06
N ARG SB 19 -5.07 -2.24 45.50
CA ARG SB 19 -3.85 -1.44 45.34
C ARG SB 19 -3.12 -1.03 46.62
N VAL SB 20 -3.86 -0.55 47.62
CA VAL SB 20 -3.23 -0.09 48.85
C VAL SB 20 -3.38 -1.00 50.07
N LEU SB 21 -4.10 -2.11 49.92
CA LEU SB 21 -4.27 -3.04 51.03
C LEU SB 21 -2.95 -3.73 51.34
N VAL SB 22 -2.38 -4.38 50.32
CA VAL SB 22 -1.13 -5.09 50.48
C VAL SB 22 0.05 -4.13 50.59
N SER SB 23 0.00 -3.03 49.85
CA SER SB 23 1.07 -2.04 49.87
C SER SB 23 1.47 -1.78 51.32
N ILE SB 24 0.48 -1.72 52.20
CA ILE SB 24 0.73 -1.50 53.62
C ILE SB 24 1.42 -2.73 54.20
N VAL SB 25 0.79 -3.89 54.00
CA VAL SB 25 1.36 -5.14 54.50
C VAL SB 25 2.85 -5.18 54.20
N ALA SB 26 3.23 -4.55 53.08
CA ALA SB 26 4.63 -4.50 52.67
C ALA SB 26 5.43 -3.57 53.57
N PHE SB 27 5.02 -2.30 53.64
CA PHE SB 27 5.75 -1.35 54.47
C PHE SB 27 5.96 -1.88 55.88
N GLN SB 28 4.88 -2.31 56.51
CA GLN SB 28 4.92 -2.83 57.89
C GLN SB 28 5.91 -3.98 58.04
N ILE SB 29 5.89 -4.92 57.10
CA ILE SB 29 6.81 -6.04 57.19
C ILE SB 29 8.24 -5.53 57.09
N VAL SB 30 8.46 -4.56 56.22
CA VAL SB 30 9.78 -3.96 56.03
C VAL SB 30 10.17 -3.18 57.27
N LEU SB 31 9.21 -2.45 57.82
CA LEU SB 31 9.45 -1.66 59.03
C LEU SB 31 9.82 -2.56 60.20
N GLY SB 32 9.11 -3.69 60.30
CA GLY SB 32 9.38 -4.63 61.38
C GLY SB 32 10.84 -4.94 61.56
N LEU SB 33 11.41 -5.65 60.59
CA LEU SB 33 12.80 -6.04 60.64
C LEU SB 33 13.72 -4.87 60.96
N LEU SB 34 13.44 -3.70 60.39
CA LEU SB 34 14.26 -2.53 60.63
C LEU SB 34 14.18 -2.12 62.09
N ILE SB 35 12.97 -2.19 62.65
CA ILE SB 35 12.76 -1.81 64.05
C ILE SB 35 13.56 -2.69 65.00
N HIS SB 36 13.60 -3.99 64.72
CA HIS SB 36 14.37 -4.90 65.57
C HIS SB 36 15.85 -4.70 65.27
N MET SB 37 16.15 -4.59 63.98
CA MET SB 37 17.51 -4.41 63.49
C MET SB 37 18.18 -3.19 64.10
N ILE SB 38 17.69 -2.00 63.73
CA ILE SB 38 18.26 -0.76 64.23
C ILE SB 38 18.36 -0.71 65.75
N VAL SB 39 17.41 -1.35 66.43
CA VAL SB 39 17.41 -1.38 67.89
C VAL SB 39 18.44 -2.37 68.40
N LEU SB 40 18.27 -3.63 68.01
CA LEU SB 40 19.17 -4.69 68.41
C LEU SB 40 20.63 -4.35 68.14
N SER SB 41 20.86 -3.27 67.42
CA SER SB 41 22.22 -2.86 67.09
C SER SB 41 22.93 -2.06 68.18
N THR SB 42 22.54 -0.79 68.35
CA THR SB 42 23.18 0.08 69.32
C THR SB 42 22.63 0.12 70.74
N ASP SB 43 21.35 0.46 70.89
CA ASP SB 43 20.73 0.55 72.21
C ASP SB 43 21.08 -0.60 73.14
N LEU SB 44 20.19 -1.58 73.19
CA LEU SB 44 20.37 -2.74 74.04
C LEU SB 44 20.33 -4.01 73.21
N ASN SB 45 21.51 -4.48 72.82
CA ASN SB 45 21.62 -5.69 72.04
C ASN SB 45 21.23 -6.84 72.96
N TRP SB 46 19.99 -6.77 73.45
CA TRP SB 46 19.44 -7.75 74.38
C TRP SB 46 19.83 -9.20 74.07
N LEU SB 47 19.95 -9.51 72.78
CA LEU SB 47 20.30 -10.84 72.28
C LEU SB 47 21.47 -11.47 73.02
N ASP SB 48 22.66 -10.92 72.80
CA ASP SB 48 23.86 -11.42 73.43
C ASP SB 48 24.55 -10.25 74.08
N ASP SB 49 24.17 -9.99 75.32
CA ASP SB 49 24.80 -8.91 76.06
C ASP SB 49 24.75 -9.27 77.51
N ASN SB 50 23.69 -9.93 77.96
CA ASN SB 50 23.57 -10.27 79.37
C ASN SB 50 22.71 -11.45 79.66
N ILE SB 51 22.06 -11.38 80.80
CA ILE SB 51 21.17 -12.44 81.19
C ILE SB 51 20.16 -12.56 80.03
N PRO SB 52 19.27 -13.57 80.13
CA PRO SB 52 19.20 -14.53 81.26
C PRO SB 52 20.27 -15.60 81.42
N THR TB 8 -11.44 4.12 40.79
CA THR TB 8 -11.91 3.28 41.89
C THR TB 8 -12.71 2.09 41.36
N GLY TB 9 -13.11 1.20 42.27
CA GLY TB 9 -13.88 0.03 41.90
C GLY TB 9 -14.92 -0.33 42.94
N LEU TB 10 -15.66 0.68 43.40
CA LEU TB 10 -16.70 0.47 44.40
C LEU TB 10 -17.68 1.64 44.25
N THR TB 11 -18.67 1.71 45.15
CA THR TB 11 -19.66 2.80 45.18
C THR TB 11 -19.66 3.26 46.65
N ASP TB 12 -20.61 4.10 47.05
CA ASP TB 12 -20.64 4.57 48.43
C ASP TB 12 -20.90 3.51 49.47
N ASP TB 13 -21.86 2.63 49.18
CA ASP TB 13 -22.21 1.55 50.09
C ASP TB 13 -21.03 0.64 50.39
N GLU TB 14 -20.54 -0.07 49.38
CA GLU TB 14 -19.41 -0.96 49.58
C GLU TB 14 -18.24 -0.25 50.26
N ALA TB 15 -18.08 1.03 49.96
CA ALA TB 15 -17.00 1.81 50.57
C ALA TB 15 -17.21 1.85 52.09
N LYS TB 16 -18.46 1.92 52.52
CA LYS TB 16 -18.78 1.98 53.94
C LYS TB 16 -18.52 0.62 54.57
N GLU TB 17 -19.08 -0.40 53.94
CA GLU TB 17 -18.95 -1.78 54.37
C GLU TB 17 -17.51 -2.22 54.70
N PHE TB 18 -16.57 -1.84 53.84
CA PHE TB 18 -15.17 -2.20 54.01
C PHE TB 18 -14.53 -1.31 55.08
N HIS TB 19 -14.75 -0.01 54.98
CA HIS TB 19 -14.16 0.92 55.94
C HIS TB 19 -14.36 0.44 57.35
N ALA TB 20 -15.49 -0.22 57.60
CA ALA TB 20 -15.76 -0.72 58.94
C ALA TB 20 -14.98 -1.99 59.26
N ILE TB 21 -15.34 -3.08 58.59
CA ILE TB 21 -14.71 -4.39 58.79
C ILE TB 21 -13.19 -4.28 58.96
N PHE TB 22 -12.52 -3.56 58.06
CA PHE TB 22 -11.08 -3.41 58.15
C PHE TB 22 -10.69 -2.56 59.35
N MET TB 23 -11.37 -1.43 59.52
CA MET TB 23 -11.04 -0.53 60.60
C MET TB 23 -10.93 -1.24 61.93
N GLN TB 24 -11.74 -2.27 62.09
CA GLN TB 24 -11.72 -3.04 63.31
C GLN TB 24 -10.46 -3.92 63.28
N SER TB 25 -10.01 -4.27 62.08
CA SER TB 25 -8.81 -5.06 61.91
C SER TB 25 -7.53 -4.22 62.09
N MET TB 26 -7.49 -3.01 61.54
CA MET TB 26 -6.31 -2.16 61.67
C MET TB 26 -6.00 -1.98 63.15
N TYR TB 27 -6.94 -1.43 63.90
CA TYR TB 27 -6.72 -1.23 65.33
C TYR TB 27 -6.22 -2.54 65.93
N ALA TB 28 -6.86 -3.63 65.53
CA ALA TB 28 -6.47 -4.96 66.00
C ALA TB 28 -4.96 -5.05 66.14
N TRP TB 29 -4.27 -4.83 65.04
CA TRP TB 29 -2.82 -4.85 65.05
C TRP TB 29 -2.36 -3.90 66.13
N PHE TB 30 -2.78 -2.67 65.95
CA PHE TB 30 -2.41 -1.58 66.84
C PHE TB 30 -2.48 -1.95 68.32
N GLY TB 31 -3.68 -2.34 68.79
CA GLY TB 31 -3.82 -2.73 70.18
C GLY TB 31 -2.72 -3.75 70.45
N LEU TB 32 -2.72 -4.78 69.61
CA LEU TB 32 -1.66 -5.78 69.76
C LEU TB 32 -0.30 -5.12 69.88
N VAL TB 33 -0.15 -4.04 69.13
CA VAL TB 33 1.11 -3.31 69.15
C VAL TB 33 1.42 -2.79 70.55
N VAL TB 34 0.61 -1.87 71.01
CA VAL TB 34 0.80 -1.29 72.33
C VAL TB 34 1.08 -2.30 73.46
N ILE TB 35 0.34 -3.39 73.51
CA ILE TB 35 0.55 -4.38 74.56
C ILE TB 35 1.96 -4.90 74.53
N ALA TB 36 2.50 -5.04 73.33
CA ALA TB 36 3.87 -5.52 73.22
C ALA TB 36 4.85 -4.36 73.24
N HIS TB 37 4.43 -3.18 72.80
CA HIS TB 37 5.34 -2.04 72.84
C HIS TB 37 5.41 -1.63 74.30
N LEU TB 38 4.31 -1.85 75.02
CA LEU TB 38 4.24 -1.51 76.42
C LEU TB 38 5.04 -2.50 77.27
N LEU TB 39 4.69 -3.78 77.08
CA LEU TB 39 5.37 -4.87 77.77
C LEU TB 39 6.88 -4.63 77.72
N ALA TB 40 7.34 -4.09 76.61
CA ALA TB 40 8.75 -3.80 76.41
C ALA TB 40 9.14 -2.68 77.37
N TRP TB 41 8.42 -1.57 77.27
CA TRP TB 41 8.68 -0.41 78.13
C TRP TB 41 8.73 -0.83 79.60
N LEU TB 42 7.75 -1.63 80.01
CA LEU TB 42 7.65 -2.12 81.39
C LEU TB 42 8.85 -2.99 81.78
N TYR TB 43 9.06 -4.07 81.04
CA TYR TB 43 10.16 -5.00 81.29
C TYR TB 43 11.53 -4.33 81.22
N ARG TB 44 11.87 -3.78 80.05
CA ARG TB 44 13.15 -3.10 79.87
C ARG TB 44 12.96 -1.72 79.28
N PRO TB 45 13.38 -0.66 80.00
CA PRO TB 45 13.20 0.69 79.48
C PRO TB 45 14.28 1.16 78.51
N TRP TB 46 13.86 1.73 77.39
CA TRP TB 46 14.81 2.25 76.42
C TRP TB 46 15.04 3.71 76.79
N LEU TB 47 14.61 4.63 75.93
CA LEU TB 47 14.80 6.06 76.21
C LEU TB 47 16.18 6.53 75.86
#